data_1ZY8
#
_entry.id   1ZY8
#
_cell.length_a   168.790
_cell.length_b   186.910
_cell.length_c   217.540
_cell.angle_alpha   90.00
_cell.angle_beta   90.00
_cell.angle_gamma   90.00
#
_symmetry.space_group_name_H-M   'P 21 21 21'
#
loop_
_entity.id
_entity.type
_entity.pdbx_description
1 polymer 'Dihydrolipoyl dehydrogenase, mitochondrial'
2 polymer 'Pyruvate dehydrogenase protein X component, mitochondrial'
3 non-polymer 'FLAVIN-ADENINE DINUCLEOTIDE'
4 water water
#
loop_
_entity_poly.entity_id
_entity_poly.type
_entity_poly.pdbx_seq_one_letter_code
_entity_poly.pdbx_strand_id
1 'polypeptide(L)'
;ADQPIDADVTVIGSGPGGYVAAIKAAQLGFKTVCIEKNETLGGTCLNVGCIPSKALLNNSHYYHMAHGKDFASRGIEMSE
VRLNLDKMMEQKSTAVKALTGGIAHLFKQNKVVHVNGYGKITGKNQVTATKADGGTQVIDTKNILIATGSEVTPFPGITI
DEDTIVSSTGALSLKKVPEKMVVIGAGVIGVELGSVWQRLGADVTAVEFLGHVGGVGIDMEISKNFQRILQKQGFKFKLN
TKVTGATKKSDGKIDVSIEAASGGKAEVITCDVLLVCIGRRPFTKNLGLEELGIELDPRGRIPVNTRFQTKIPNIYAIGD
VVAGPMLAHKAEDEGIICVEGMAGGAVHIDYNCVPSVIYTHPEVAWVGKSEEQLKEEGIEYKVGKFPFAANSRAKTNADT
DGMVKILGQKSTDRVLGAHILGPGAGEMVNEAALALEYGASCEDIARVCHAHPTLSEAFREANLAASFGKSINF
;
A,B,C,D,E,F,G,H,I,J
2 'polypeptide(L)'
;GDPIKILMPSLSPTMEEGNIVKWLKKEGEAVSAGDALCEIETDKAVVTLDASDDGILAKIVVEEGSKNIRLGSLIGLIVE
EGEDWKHVEIPKDVGPPPPVSKPSEPRPSPEPQISIPVKKEHIPGTLRFRLSPAARNILEKHSLDASQGTATGPRGIFTK
EDALKLVQLKQTGKITESRPTPAPTATPTAPSPLQATSGPSYPRPVIPPVSTPGQPNAVGTLEHHHHHH
;
K,L,M,N,O
#
loop_
_chem_comp.id
_chem_comp.type
_chem_comp.name
_chem_comp.formula
FAD non-polymer 'FLAVIN-ADENINE DINUCLEOTIDE' 'C27 H33 N9 O15 P2'
#
# COMPACT_ATOMS: atom_id res chain seq x y z
N ALA A 1 76.29 12.32 24.33
CA ALA A 1 77.80 12.29 24.37
C ALA A 1 78.50 13.14 23.28
N ASP A 2 79.19 12.43 22.38
CA ASP A 2 80.02 13.02 21.31
C ASP A 2 79.39 14.24 20.63
N GLN A 3 78.52 13.93 19.65
CA GLN A 3 77.93 14.89 18.70
C GLN A 3 76.45 14.57 18.40
N PRO A 4 75.54 15.33 18.99
CA PRO A 4 74.08 15.16 18.81
C PRO A 4 73.58 15.00 17.37
N ILE A 5 72.79 13.96 17.15
CA ILE A 5 72.17 13.58 15.87
C ILE A 5 70.84 14.34 15.60
N ASP A 6 70.49 14.56 14.34
CA ASP A 6 69.28 15.30 13.94
C ASP A 6 68.26 14.42 13.21
N ALA A 7 67.00 14.37 13.71
CA ALA A 7 65.97 13.52 13.07
C ALA A 7 64.53 14.08 12.93
N ASP A 8 63.81 13.65 11.89
CA ASP A 8 62.37 13.86 11.81
C ASP A 8 61.73 12.81 12.70
N VAL A 9 61.94 11.55 12.39
CA VAL A 9 61.25 10.47 13.11
C VAL A 9 62.24 9.56 13.83
N THR A 10 62.06 9.39 15.12
CA THR A 10 62.94 8.48 15.83
C THR A 10 62.10 7.31 16.27
N VAL A 11 62.42 6.14 15.76
CA VAL A 11 61.66 4.98 16.10
C VAL A 11 62.33 4.13 17.16
N ILE A 12 61.69 3.97 18.29
CA ILE A 12 62.28 3.12 19.32
C ILE A 12 61.82 1.63 19.27
N GLY A 13 62.76 0.73 19.03
CA GLY A 13 62.49 -0.68 18.90
C GLY A 13 62.59 -1.02 17.42
N SER A 14 63.03 -2.24 17.11
CA SER A 14 63.32 -2.64 15.73
C SER A 14 62.55 -3.87 15.30
N GLY A 15 61.64 -4.33 16.12
CA GLY A 15 60.72 -5.33 15.62
C GLY A 15 59.77 -4.92 14.49
N PRO A 16 58.90 -5.88 14.13
CA PRO A 16 57.96 -5.72 13.01
C PRO A 16 57.31 -4.35 12.93
N GLY A 17 56.79 -3.85 14.04
CA GLY A 17 56.21 -2.52 13.97
C GLY A 17 57.27 -1.50 13.59
N GLY A 18 58.33 -1.46 14.40
CA GLY A 18 59.36 -0.46 14.30
C GLY A 18 60.15 -0.42 13.00
N TYR A 19 60.62 -1.55 12.53
CA TYR A 19 61.43 -1.52 11.33
C TYR A 19 60.66 -1.13 10.06
N VAL A 20 59.38 -1.49 9.92
CA VAL A 20 58.62 -0.98 8.77
C VAL A 20 58.21 0.48 8.87
N ALA A 21 58.00 0.95 10.08
CA ALA A 21 57.59 2.32 10.23
C ALA A 21 58.81 3.19 9.86
N ALA A 22 59.98 2.71 10.30
CA ALA A 22 61.18 3.43 10.02
C ALA A 22 61.44 3.53 8.48
N ILE A 23 61.41 2.38 7.81
CA ILE A 23 61.55 2.32 6.40
C ILE A 23 60.45 3.08 5.71
N LYS A 24 59.21 3.01 6.20
CA LYS A 24 58.18 3.73 5.52
C LYS A 24 58.44 5.21 5.70
N ALA A 25 58.96 5.55 6.86
CA ALA A 25 59.09 6.97 7.16
C ALA A 25 60.15 7.45 6.18
N ALA A 26 61.19 6.63 6.05
CA ALA A 26 62.23 6.83 5.06
C ALA A 26 61.69 6.98 3.63
N GLN A 27 60.96 5.99 3.14
CA GLN A 27 60.37 6.01 1.82
C GLN A 27 59.63 7.29 1.62
N LEU A 28 59.18 7.90 2.71
CA LEU A 28 58.43 9.15 2.57
C LEU A 28 59.29 10.42 2.66
N GLY A 29 60.58 10.30 2.85
CA GLY A 29 61.42 11.47 2.97
C GLY A 29 61.45 12.03 4.38
N PHE A 30 61.71 11.18 5.36
CA PHE A 30 61.90 11.62 6.73
C PHE A 30 63.30 11.21 7.14
N LYS A 31 64.05 12.11 7.76
CA LYS A 31 65.33 11.73 8.37
C LYS A 31 64.88 10.84 9.53
N THR A 32 64.92 9.54 9.30
CA THR A 32 64.47 8.56 10.25
C THR A 32 65.67 7.99 10.92
N VAL A 33 65.59 7.76 12.22
CA VAL A 33 66.56 6.89 12.85
C VAL A 33 65.79 5.82 13.61
N CYS A 34 66.33 4.62 13.67
CA CYS A 34 65.73 3.58 14.46
C CYS A 34 66.75 3.06 15.45
N ILE A 35 66.41 3.08 16.73
CA ILE A 35 67.22 2.59 17.84
C ILE A 35 66.81 1.18 18.24
N GLU A 36 67.72 0.26 18.40
CA GLU A 36 67.29 -0.99 18.95
C GLU A 36 68.32 -1.32 19.97
N LYS A 37 67.87 -1.80 21.13
CA LYS A 37 68.80 -2.19 22.19
C LYS A 37 69.62 -3.45 21.88
N ASN A 38 69.05 -4.40 21.14
CA ASN A 38 69.77 -5.65 20.89
C ASN A 38 70.79 -5.61 19.81
N GLU A 39 71.59 -6.68 19.79
CA GLU A 39 72.68 -6.84 18.81
C GLU A 39 72.08 -6.88 17.39
N THR A 40 71.19 -7.83 17.12
CA THR A 40 70.54 -7.88 15.82
C THR A 40 69.16 -7.23 15.84
N LEU A 41 68.63 -6.90 14.66
CA LEU A 41 67.29 -6.30 14.52
C LEU A 41 66.19 -7.35 14.42
N GLY A 42 64.98 -6.88 14.16
CA GLY A 42 63.90 -7.77 13.91
C GLY A 42 63.02 -7.92 15.13
N GLY A 43 63.44 -7.32 16.25
CA GLY A 43 62.67 -7.48 17.48
C GLY A 43 62.28 -8.94 17.79
N THR A 44 61.14 -9.15 18.43
CA THR A 44 60.93 -10.47 18.98
C THR A 44 60.39 -11.41 17.93
N CYS A 45 59.69 -10.84 16.93
CA CYS A 45 59.06 -11.68 15.89
C CYS A 45 60.04 -12.59 15.24
N LEU A 46 61.12 -11.93 14.84
CA LEU A 46 62.18 -12.50 14.03
C LEU A 46 63.20 -13.27 14.85
N ASN A 47 63.45 -12.87 16.08
CA ASN A 47 64.58 -13.39 16.80
C ASN A 47 64.23 -14.41 17.83
N VAL A 48 63.06 -14.29 18.45
CA VAL A 48 62.63 -15.31 19.42
C VAL A 48 61.14 -15.67 19.34
N GLY A 49 60.48 -15.41 18.23
CA GLY A 49 59.05 -15.66 18.11
C GLY A 49 58.58 -16.34 16.85
N CYS A 50 57.70 -15.65 16.15
CA CYS A 50 57.25 -16.02 14.83
C CYS A 50 58.23 -16.94 14.05
N ILE A 51 59.26 -16.32 13.46
CA ILE A 51 60.13 -16.99 12.51
C ILE A 51 60.83 -18.28 13.01
N PRO A 52 61.44 -18.23 14.18
CA PRO A 52 61.97 -19.45 14.77
C PRO A 52 60.88 -20.44 14.98
N SER A 53 59.78 -20.06 15.59
CA SER A 53 58.92 -21.17 16.04
C SER A 53 58.33 -21.76 14.81
N LYS A 54 58.27 -20.96 13.74
CA LYS A 54 57.71 -21.40 12.45
C LYS A 54 58.71 -22.31 11.77
N ALA A 55 59.95 -21.82 11.60
CA ALA A 55 61.01 -22.66 11.06
C ALA A 55 61.04 -23.98 11.83
N LEU A 56 60.94 -23.91 13.14
CA LEU A 56 60.83 -25.16 13.91
C LEU A 56 59.62 -26.13 13.73
N LEU A 57 58.41 -25.60 13.57
CA LEU A 57 57.24 -26.45 13.37
C LEU A 57 57.34 -27.05 11.99
N ASN A 58 57.99 -26.33 11.06
CA ASN A 58 58.06 -26.81 9.69
C ASN A 58 58.92 -28.06 9.71
N ASN A 59 60.12 -27.91 10.25
CA ASN A 59 61.00 -29.06 10.41
C ASN A 59 60.40 -30.18 11.22
N SER A 60 59.84 -29.87 12.39
CA SER A 60 59.30 -30.92 13.27
C SER A 60 58.16 -31.66 12.57
N HIS A 61 57.47 -30.96 11.70
CA HIS A 61 56.42 -31.55 10.91
C HIS A 61 56.92 -32.62 9.96
N TYR A 62 57.88 -32.30 9.10
CA TYR A 62 58.44 -33.26 8.18
C TYR A 62 58.99 -34.45 8.91
N TYR A 63 59.47 -34.27 10.13
CA TYR A 63 60.07 -35.37 10.85
C TYR A 63 59.07 -36.47 11.13
N HIS A 64 57.94 -36.04 11.68
CA HIS A 64 56.87 -36.95 12.12
C HIS A 64 56.33 -37.63 10.88
N MET A 65 56.48 -36.94 9.77
CA MET A 65 56.02 -37.49 8.52
C MET A 65 56.93 -38.65 8.13
N ALA A 66 58.23 -38.41 8.28
CA ALA A 66 59.21 -39.37 7.86
C ALA A 66 59.35 -40.54 8.86
N HIS A 67 59.06 -40.25 10.13
CA HIS A 67 59.23 -41.22 11.21
C HIS A 67 57.93 -41.97 11.37
N GLY A 68 56.82 -41.32 11.07
CA GLY A 68 55.52 -41.93 11.22
C GLY A 68 55.10 -42.84 10.07
N LYS A 69 53.79 -42.90 9.84
CA LYS A 69 53.17 -43.87 8.95
C LYS A 69 52.92 -43.24 7.61
N ASP A 70 52.98 -41.91 7.57
CA ASP A 70 52.68 -41.13 6.38
C ASP A 70 53.58 -41.60 5.29
N PHE A 71 54.90 -41.51 5.48
CA PHE A 71 55.83 -41.82 4.38
C PHE A 71 55.75 -43.29 3.93
N ALA A 72 56.05 -44.22 4.83
CA ALA A 72 55.93 -45.66 4.52
C ALA A 72 54.63 -46.01 3.76
N SER A 73 53.56 -45.24 3.98
CA SER A 73 52.29 -45.54 3.37
C SER A 73 52.15 -44.86 2.03
N ARG A 74 53.12 -44.06 1.63
CA ARG A 74 53.07 -43.48 0.30
C ARG A 74 54.28 -43.87 -0.57
N GLY A 75 54.85 -45.03 -0.31
CA GLY A 75 55.94 -45.48 -1.13
C GLY A 75 57.36 -45.12 -0.70
N ILE A 76 57.54 -44.04 0.07
CA ILE A 76 58.86 -43.61 0.48
C ILE A 76 59.31 -44.41 1.70
N GLU A 77 60.32 -45.26 1.58
CA GLU A 77 60.69 -46.06 2.76
C GLU A 77 62.12 -46.03 3.20
N MET A 78 62.28 -45.69 4.47
CA MET A 78 63.56 -45.45 5.02
C MET A 78 63.94 -46.61 5.92
N SER A 79 65.24 -46.91 5.97
CA SER A 79 65.77 -47.85 6.95
C SER A 79 65.42 -47.42 8.38
N GLU A 80 66.15 -46.48 8.96
CA GLU A 80 65.74 -45.89 10.22
C GLU A 80 65.73 -44.39 10.03
N VAL A 81 65.07 -43.69 10.93
CA VAL A 81 65.04 -42.24 10.84
C VAL A 81 65.41 -41.64 12.18
N ARG A 82 66.66 -41.26 12.31
CA ARG A 82 67.07 -40.57 13.52
C ARG A 82 66.88 -39.06 13.36
N LEU A 83 66.83 -38.36 14.50
CA LEU A 83 66.78 -36.90 14.50
C LEU A 83 68.08 -36.24 15.00
N ASN A 84 68.63 -35.37 14.19
CA ASN A 84 69.81 -34.61 14.57
C ASN A 84 69.36 -33.25 14.99
N LEU A 85 69.00 -33.11 16.26
CA LEU A 85 68.51 -31.86 16.80
C LEU A 85 69.43 -30.64 16.58
N ASP A 86 70.74 -30.82 16.60
CA ASP A 86 71.61 -29.66 16.43
C ASP A 86 71.57 -29.20 14.97
N LYS A 87 71.53 -30.14 14.03
CA LYS A 87 71.39 -29.82 12.63
C LYS A 87 70.03 -29.17 12.43
N MET A 88 68.97 -29.72 13.02
CA MET A 88 67.66 -29.08 12.92
C MET A 88 67.67 -27.66 13.41
N MET A 89 68.26 -27.44 14.59
CA MET A 89 68.28 -26.13 15.20
C MET A 89 69.07 -25.14 14.32
N GLU A 90 70.16 -25.64 13.74
CA GLU A 90 71.01 -24.82 12.91
C GLU A 90 70.21 -24.32 11.71
N GLN A 91 69.27 -25.13 11.22
CA GLN A 91 68.48 -24.73 10.08
C GLN A 91 67.74 -23.46 10.46
N LYS A 92 66.96 -23.58 11.54
CA LYS A 92 66.22 -22.44 12.07
C LYS A 92 67.08 -21.15 12.15
N SER A 93 68.25 -21.26 12.76
CA SER A 93 69.09 -20.09 12.98
C SER A 93 69.63 -19.47 11.69
N THR A 94 69.99 -20.33 10.73
CA THR A 94 70.46 -19.83 9.47
C THR A 94 69.40 -18.95 8.85
N ALA A 95 68.15 -19.37 9.01
CA ALA A 95 67.02 -18.61 8.47
C ALA A 95 66.91 -17.24 9.16
N VAL A 96 67.00 -17.27 10.49
CA VAL A 96 66.85 -16.10 11.29
C VAL A 96 67.98 -15.17 10.97
N LYS A 97 69.20 -15.72 11.01
CA LYS A 97 70.41 -14.96 10.76
C LYS A 97 70.29 -14.26 9.40
N ALA A 98 69.81 -14.98 8.40
CA ALA A 98 69.68 -14.44 7.06
C ALA A 98 68.71 -13.30 6.97
N LEU A 99 67.60 -13.39 7.73
CA LEU A 99 66.50 -12.44 7.67
C LEU A 99 66.90 -11.17 8.34
N THR A 100 67.51 -11.34 9.53
CA THR A 100 68.01 -10.21 10.34
C THR A 100 69.06 -9.41 9.54
N GLY A 101 69.88 -10.11 8.75
CA GLY A 101 70.79 -9.41 7.84
C GLY A 101 70.02 -8.57 6.83
N GLY A 102 69.00 -9.17 6.27
CA GLY A 102 68.14 -8.45 5.39
C GLY A 102 67.65 -7.12 5.95
N ILE A 103 67.23 -7.09 7.21
CA ILE A 103 66.51 -5.91 7.69
C ILE A 103 67.51 -4.76 7.69
N ALA A 104 68.69 -5.10 8.20
CA ALA A 104 69.81 -4.21 8.25
C ALA A 104 70.10 -3.69 6.82
N HIS A 105 70.02 -4.61 5.88
CA HIS A 105 70.29 -4.25 4.52
C HIS A 105 69.16 -3.36 3.99
N LEU A 106 67.95 -3.58 4.49
CA LEU A 106 66.83 -2.80 4.03
C LEU A 106 67.00 -1.37 4.51
N PHE A 107 67.53 -1.25 5.73
CA PHE A 107 67.84 0.05 6.30
C PHE A 107 68.81 0.86 5.48
N LYS A 108 69.97 0.30 5.09
CA LYS A 108 70.92 1.03 4.23
C LYS A 108 70.23 1.48 2.95
N GLN A 109 69.61 0.56 2.22
CA GLN A 109 68.88 0.88 1.01
C GLN A 109 68.05 2.10 1.20
N ASN A 110 67.33 2.26 2.31
CA ASN A 110 66.44 3.43 2.45
C ASN A 110 67.07 4.64 3.19
N LYS A 111 68.27 4.46 3.71
CA LYS A 111 68.95 5.51 4.43
C LYS A 111 68.29 5.73 5.78
N VAL A 112 67.95 4.62 6.42
CA VAL A 112 67.44 4.63 7.80
C VAL A 112 68.69 4.61 8.66
N VAL A 113 68.69 5.27 9.81
CA VAL A 113 69.89 5.29 10.62
C VAL A 113 69.74 4.41 11.82
N HIS A 114 70.58 3.38 11.94
CA HIS A 114 70.43 2.40 13.01
C HIS A 114 71.34 2.86 14.07
N VAL A 115 70.80 3.18 15.24
CA VAL A 115 71.58 3.47 16.43
C VAL A 115 71.43 2.33 17.41
N ASN A 116 72.53 1.81 17.93
CA ASN A 116 72.40 0.69 18.84
C ASN A 116 72.49 1.16 20.27
N GLY A 117 71.61 0.65 21.12
CA GLY A 117 71.59 1.05 22.51
C GLY A 117 70.18 1.13 23.12
N TYR A 118 70.09 1.25 24.45
CA TYR A 118 68.85 1.17 25.14
C TYR A 118 68.36 2.57 25.24
N GLY A 119 67.48 2.92 24.30
CA GLY A 119 66.95 4.24 24.14
C GLY A 119 65.98 4.63 25.22
N LYS A 120 65.78 5.93 25.35
CA LYS A 120 64.94 6.44 26.41
C LYS A 120 64.67 7.90 26.20
N ILE A 121 63.38 8.27 26.16
CA ILE A 121 62.95 9.65 26.00
C ILE A 121 63.40 10.59 27.11
N THR A 122 64.16 11.62 26.75
CA THR A 122 64.73 12.52 27.75
C THR A 122 64.31 13.89 27.39
N GLY A 123 63.31 14.02 26.54
CA GLY A 123 62.78 15.32 26.18
C GLY A 123 61.53 15.13 25.35
N LYS A 124 60.82 16.22 25.06
CA LYS A 124 59.68 16.11 24.16
C LYS A 124 60.21 15.98 22.77
N ASN A 125 61.53 16.08 22.61
CA ASN A 125 62.15 15.90 21.29
C ASN A 125 63.53 15.36 21.37
N GLN A 126 63.69 14.30 22.16
CA GLN A 126 65.01 13.79 22.41
C GLN A 126 64.98 12.43 23.06
N VAL A 127 65.86 11.57 22.56
CA VAL A 127 66.06 10.30 23.19
C VAL A 127 67.54 10.03 23.32
N THR A 128 67.89 9.43 24.45
CA THR A 128 69.24 9.06 24.76
C THR A 128 69.35 7.55 24.64
N ALA A 129 70.39 7.15 23.91
CA ALA A 129 70.66 5.78 23.61
C ALA A 129 71.97 5.47 24.25
N THR A 130 71.95 4.52 25.16
CA THR A 130 73.13 4.19 25.93
C THR A 130 73.59 2.73 25.78
N LYS A 131 74.79 2.53 25.21
CA LYS A 131 75.42 1.19 25.15
C LYS A 131 75.93 0.81 26.55
N ALA A 132 76.16 -0.48 26.79
CA ALA A 132 76.50 -0.99 28.15
C ALA A 132 77.95 -0.69 28.59
N ASP A 133 78.81 -0.34 27.65
CA ASP A 133 80.15 0.10 27.97
C ASP A 133 80.08 1.59 28.35
N GLY A 134 78.85 2.08 28.58
CA GLY A 134 78.63 3.45 29.02
C GLY A 134 78.59 4.47 27.91
N GLY A 135 78.83 4.05 26.68
CA GLY A 135 78.72 4.96 25.55
C GLY A 135 77.32 5.54 25.44
N THR A 136 77.18 6.70 24.81
CA THR A 136 75.86 7.32 24.65
C THR A 136 75.67 8.18 23.35
N GLN A 137 74.42 8.28 22.88
CA GLN A 137 74.09 8.93 21.62
C GLN A 137 72.79 9.65 21.80
N VAL A 138 72.75 10.94 21.54
CA VAL A 138 71.52 11.71 21.72
C VAL A 138 70.91 12.07 20.38
N ILE A 139 69.63 11.75 20.16
CA ILE A 139 69.00 12.22 18.95
C ILE A 139 67.97 13.25 19.30
N ASP A 140 68.13 14.44 18.69
CA ASP A 140 67.22 15.59 18.72
C ASP A 140 66.17 15.43 17.61
N THR A 141 64.94 15.07 17.94
CA THR A 141 64.03 14.69 16.86
C THR A 141 62.70 15.38 16.88
N LYS A 142 62.03 15.37 15.73
CA LYS A 142 60.75 16.02 15.61
C LYS A 142 59.59 15.19 16.15
N ASN A 143 59.61 13.89 15.88
CA ASN A 143 58.60 12.98 16.45
C ASN A 143 59.25 11.75 17.00
N ILE A 144 58.60 11.14 17.95
CA ILE A 144 59.17 9.94 18.49
C ILE A 144 58.11 8.91 18.30
N LEU A 145 58.48 7.75 17.78
CA LEU A 145 57.55 6.64 17.66
C LEU A 145 57.91 5.46 18.55
N ILE A 146 57.10 5.11 19.52
CA ILE A 146 57.49 3.94 20.32
C ILE A 146 57.02 2.53 19.81
N ALA A 147 57.94 1.56 19.73
CA ALA A 147 57.62 0.15 19.34
C ALA A 147 58.44 -0.82 20.20
N THR A 148 58.36 -0.64 21.52
CA THR A 148 59.20 -1.39 22.40
C THR A 148 58.69 -2.80 22.60
N GLY A 149 57.57 -3.08 21.97
CA GLY A 149 57.05 -4.43 21.91
C GLY A 149 56.68 -5.03 23.23
N SER A 150 57.09 -6.25 23.48
CA SER A 150 56.50 -7.00 24.59
C SER A 150 57.55 -7.83 25.26
N GLU A 151 57.13 -8.64 26.23
CA GLU A 151 58.02 -9.55 26.95
C GLU A 151 57.14 -10.69 27.42
N VAL A 152 57.74 -11.75 27.91
CA VAL A 152 57.00 -12.80 28.57
C VAL A 152 56.33 -12.28 29.86
N THR A 153 55.03 -12.56 30.02
CA THR A 153 54.34 -12.39 31.29
C THR A 153 54.88 -13.51 32.17
N PRO A 154 55.46 -13.22 33.31
CA PRO A 154 56.12 -14.27 34.06
C PRO A 154 55.10 -14.80 35.00
N PHE A 155 55.31 -16.06 35.41
CA PHE A 155 54.40 -16.73 36.32
C PHE A 155 54.93 -16.58 37.76
N PRO A 156 54.16 -15.90 38.61
CA PRO A 156 54.54 -15.62 40.01
C PRO A 156 54.72 -16.88 40.85
N GLY A 157 55.89 -17.07 41.45
CA GLY A 157 56.09 -18.29 42.20
C GLY A 157 56.91 -19.30 41.43
N ILE A 158 56.88 -19.24 40.10
CA ILE A 158 57.73 -20.13 39.30
C ILE A 158 58.77 -19.38 38.50
N THR A 159 60.01 -19.65 38.86
CA THR A 159 61.09 -18.83 38.35
C THR A 159 61.68 -19.50 37.12
N ILE A 160 61.67 -18.75 36.00
CA ILE A 160 62.19 -19.28 34.76
C ILE A 160 63.70 -19.13 34.73
N ASP A 161 64.41 -20.26 34.69
CA ASP A 161 65.87 -20.27 34.63
C ASP A 161 66.34 -20.42 33.17
N GLU A 162 65.41 -20.64 32.28
CA GLU A 162 65.76 -20.92 30.89
C GLU A 162 66.57 -22.21 30.66
N ASP A 163 66.54 -23.16 31.60
CA ASP A 163 67.19 -24.46 31.42
C ASP A 163 66.18 -25.60 31.43
N THR A 164 65.77 -26.06 32.62
CA THR A 164 64.68 -27.04 32.75
C THR A 164 63.33 -26.33 32.94
N ILE A 165 63.36 -25.07 33.34
CA ILE A 165 62.15 -24.28 33.34
C ILE A 165 62.33 -23.14 32.38
N VAL A 166 61.50 -23.13 31.33
CA VAL A 166 61.67 -22.23 30.22
C VAL A 166 60.45 -21.44 29.77
N SER A 167 60.71 -20.41 28.98
CA SER A 167 59.69 -19.65 28.29
C SER A 167 59.79 -19.94 26.80
N SER A 168 58.94 -19.29 26.01
CA SER A 168 59.00 -19.42 24.57
C SER A 168 60.46 -19.61 24.14
N THR A 169 61.29 -18.64 24.52
CA THR A 169 62.60 -18.53 23.92
C THR A 169 63.60 -19.62 24.31
N GLY A 170 63.30 -20.36 25.37
CA GLY A 170 64.18 -21.46 25.78
C GLY A 170 63.74 -22.80 25.17
N ALA A 171 62.43 -22.92 25.07
CA ALA A 171 61.82 -23.97 24.32
C ALA A 171 62.20 -23.90 22.83
N LEU A 172 62.66 -22.76 22.33
CA LEU A 172 63.11 -22.76 20.95
C LEU A 172 64.54 -23.25 20.78
N SER A 173 65.22 -23.46 21.89
CA SER A 173 66.59 -23.87 21.80
C SER A 173 66.87 -25.10 22.67
N LEU A 174 65.85 -25.77 23.16
CA LEU A 174 66.12 -27.00 23.88
C LEU A 174 67.38 -27.69 23.30
N LYS A 175 68.32 -28.10 24.15
CA LYS A 175 69.53 -28.73 23.64
C LYS A 175 69.25 -30.20 23.40
N LYS A 176 68.08 -30.68 23.85
CA LYS A 176 67.63 -32.09 23.69
C LYS A 176 66.10 -32.28 23.82
N VAL A 177 65.57 -33.39 23.34
CA VAL A 177 64.13 -33.59 23.47
C VAL A 177 63.79 -34.18 24.84
N PRO A 178 62.92 -33.50 25.58
CA PRO A 178 62.55 -33.92 26.93
C PRO A 178 61.69 -35.14 26.83
N GLU A 179 61.66 -35.99 27.87
CA GLU A 179 60.84 -37.18 27.81
C GLU A 179 59.36 -36.83 28.00
N LYS A 180 59.07 -36.22 29.15
CA LYS A 180 57.76 -35.73 29.51
C LYS A 180 57.95 -34.23 29.49
N MET A 181 56.86 -33.48 29.47
CA MET A 181 56.91 -32.03 29.31
C MET A 181 55.55 -31.46 29.52
N VAL A 182 55.44 -30.44 30.41
CA VAL A 182 54.20 -29.66 30.62
C VAL A 182 54.24 -28.22 30.20
N VAL A 183 53.10 -27.73 29.74
CA VAL A 183 52.97 -26.37 29.20
C VAL A 183 51.88 -25.57 29.94
N ILE A 184 52.25 -24.62 30.78
CA ILE A 184 51.20 -23.89 31.39
C ILE A 184 50.64 -22.90 30.38
N GLY A 185 49.43 -23.17 29.92
CA GLY A 185 48.79 -22.29 28.94
C GLY A 185 48.57 -22.95 27.57
N ALA A 186 47.34 -22.93 27.07
CA ALA A 186 47.10 -23.50 25.74
C ALA A 186 46.73 -22.36 24.76
N GLY A 187 47.57 -21.32 24.67
CA GLY A 187 47.29 -20.28 23.72
C GLY A 187 48.00 -20.66 22.45
N VAL A 188 48.00 -19.77 21.47
CA VAL A 188 48.68 -20.07 20.23
C VAL A 188 50.13 -20.40 20.57
N ILE A 189 50.77 -19.63 21.45
CA ILE A 189 52.18 -19.84 21.58
C ILE A 189 52.36 -21.23 22.17
N GLY A 190 51.70 -21.52 23.28
CA GLY A 190 51.94 -22.76 23.98
C GLY A 190 51.68 -23.91 23.05
N VAL A 191 50.48 -23.96 22.50
CA VAL A 191 50.06 -25.09 21.67
C VAL A 191 51.06 -25.41 20.57
N GLU A 192 51.47 -24.41 19.82
CA GLU A 192 52.48 -24.49 18.78
C GLU A 192 53.74 -25.18 19.27
N LEU A 193 54.29 -24.63 20.36
CA LEU A 193 55.60 -25.04 20.85
C LEU A 193 55.49 -26.44 21.38
N GLY A 194 54.35 -26.74 21.99
CA GLY A 194 54.21 -28.03 22.60
C GLY A 194 54.23 -29.04 21.50
N SER A 195 53.58 -28.66 20.40
CA SER A 195 53.36 -29.53 19.25
C SER A 195 54.68 -29.88 18.64
N VAL A 196 55.57 -28.89 18.58
CA VAL A 196 56.89 -29.15 18.06
C VAL A 196 57.57 -30.28 18.77
N TRP A 197 57.68 -30.22 20.08
CA TRP A 197 58.41 -31.26 20.83
C TRP A 197 57.64 -32.51 20.95
N GLN A 198 56.34 -32.37 20.91
CA GLN A 198 55.54 -33.55 20.82
C GLN A 198 55.97 -34.28 19.56
N ARG A 199 55.92 -33.59 18.43
CA ARG A 199 56.15 -34.27 17.16
C ARG A 199 57.48 -34.98 17.17
N LEU A 200 58.33 -34.63 18.12
CA LEU A 200 59.73 -35.00 18.04
C LEU A 200 59.94 -36.20 18.93
N GLY A 201 59.07 -36.37 19.90
CA GLY A 201 59.12 -37.59 20.68
C GLY A 201 58.82 -37.34 22.12
N ALA A 202 58.50 -36.10 22.46
CA ALA A 202 58.18 -35.70 23.83
C ALA A 202 56.74 -36.03 24.11
N ASP A 203 56.46 -36.46 25.33
CA ASP A 203 55.12 -36.68 25.76
C ASP A 203 54.72 -35.33 26.34
N VAL A 204 53.76 -34.64 25.72
CA VAL A 204 53.47 -33.24 26.06
C VAL A 204 52.10 -33.08 26.63
N THR A 205 51.96 -32.37 27.74
CA THR A 205 50.67 -32.13 28.41
C THR A 205 50.59 -30.63 28.65
N ALA A 206 49.53 -30.00 28.18
CA ALA A 206 49.28 -28.57 28.43
C ALA A 206 48.23 -28.50 29.52
N VAL A 207 48.33 -27.45 30.36
CA VAL A 207 47.39 -27.17 31.45
C VAL A 207 46.85 -25.77 31.24
N GLU A 208 45.54 -25.66 31.17
CA GLU A 208 45.00 -24.34 30.97
C GLU A 208 43.90 -24.04 31.96
N PHE A 209 43.87 -22.80 32.42
CA PHE A 209 42.83 -22.34 33.31
C PHE A 209 41.47 -22.31 32.64
N LEU A 210 41.38 -21.71 31.45
CA LEU A 210 40.13 -21.65 30.69
C LEU A 210 39.56 -23.04 30.21
N GLY A 211 38.38 -23.03 29.61
CA GLY A 211 37.80 -24.25 29.09
C GLY A 211 38.04 -24.63 27.62
N HIS A 212 38.98 -23.95 26.97
CA HIS A 212 39.22 -24.26 25.58
C HIS A 212 40.67 -24.07 25.14
N VAL A 213 41.05 -24.66 24.02
CA VAL A 213 42.39 -24.45 23.48
C VAL A 213 42.44 -23.39 22.35
N GLY A 214 43.62 -22.86 22.08
CA GLY A 214 43.76 -21.81 21.08
C GLY A 214 43.55 -20.55 21.85
N GLY A 215 43.77 -19.39 21.28
CA GLY A 215 43.65 -18.24 22.16
C GLY A 215 42.27 -17.67 22.59
N VAL A 216 42.18 -16.34 22.56
CA VAL A 216 40.90 -15.67 22.72
C VAL A 216 40.39 -15.31 21.35
N GLY A 217 39.10 -15.15 21.22
CA GLY A 217 38.52 -14.82 19.93
C GLY A 217 38.45 -15.95 18.95
N ILE A 218 38.95 -17.15 19.32
CA ILE A 218 38.74 -18.36 18.51
C ILE A 218 37.30 -18.93 18.64
N ASP A 219 36.75 -19.45 17.54
CA ASP A 219 35.47 -20.13 17.59
C ASP A 219 35.51 -21.36 18.47
N MET A 220 34.47 -21.55 19.25
CA MET A 220 34.48 -22.59 20.25
C MET A 220 34.31 -23.90 19.52
N GLU A 221 33.53 -23.90 18.45
CA GLU A 221 33.40 -25.13 17.67
C GLU A 221 34.76 -25.52 17.08
N ILE A 222 35.43 -24.64 16.33
CA ILE A 222 36.72 -25.01 15.73
C ILE A 222 37.78 -25.17 16.80
N SER A 223 37.60 -24.55 17.96
CA SER A 223 38.56 -24.77 19.03
C SER A 223 38.48 -26.17 19.52
N LYS A 224 37.26 -26.65 19.67
CA LYS A 224 37.04 -27.99 20.22
C LYS A 224 37.45 -29.04 19.23
N ASN A 225 37.22 -28.81 17.94
CA ASN A 225 37.60 -29.84 17.00
C ASN A 225 39.06 -29.80 16.95
N PHE A 226 39.61 -28.60 17.05
CA PHE A 226 41.05 -28.42 16.99
C PHE A 226 41.69 -29.22 18.10
N GLN A 227 41.19 -29.06 19.32
CA GLN A 227 41.78 -29.71 20.51
C GLN A 227 41.72 -31.18 20.26
N ARG A 228 40.55 -31.63 19.87
CA ARG A 228 40.32 -33.05 19.60
C ARG A 228 41.37 -33.63 18.66
N ILE A 229 41.72 -32.89 17.61
CA ILE A 229 42.70 -33.40 16.66
C ILE A 229 44.09 -33.56 17.33
N LEU A 230 44.39 -32.63 18.24
CA LEU A 230 45.70 -32.67 18.86
C LEU A 230 45.73 -33.84 19.78
N GLN A 231 44.60 -34.10 20.42
CA GLN A 231 44.49 -35.16 21.37
C GLN A 231 44.82 -36.50 20.71
N LYS A 232 44.53 -36.59 19.41
CA LYS A 232 44.69 -37.82 18.65
C LYS A 232 46.15 -38.01 18.34
N GLN A 233 46.81 -36.92 18.00
CA GLN A 233 48.22 -36.98 17.70
C GLN A 233 49.11 -37.38 18.89
N GLY A 234 48.66 -37.11 20.11
CA GLY A 234 49.37 -37.57 21.28
C GLY A 234 49.36 -36.51 22.33
N PHE A 235 49.12 -35.27 21.92
CA PHE A 235 48.99 -34.15 22.84
C PHE A 235 47.92 -34.48 23.89
N LYS A 236 48.18 -34.20 25.17
CA LYS A 236 47.16 -34.33 26.23
C LYS A 236 46.91 -32.97 26.87
N PHE A 237 45.67 -32.68 27.24
CA PHE A 237 45.35 -31.35 27.78
C PHE A 237 44.62 -31.54 29.06
N LYS A 238 44.77 -30.57 29.94
CA LYS A 238 44.18 -30.58 31.26
C LYS A 238 43.60 -29.20 31.34
N LEU A 239 42.37 -29.06 30.84
CA LEU A 239 41.65 -27.78 30.80
C LEU A 239 40.86 -27.49 32.08
N ASN A 240 40.54 -26.21 32.26
CA ASN A 240 39.92 -25.71 33.48
C ASN A 240 40.74 -26.14 34.68
N THR A 241 42.03 -25.82 34.66
CA THR A 241 42.94 -26.30 35.68
C THR A 241 44.04 -25.27 35.97
N LYS A 242 44.31 -25.07 37.25
CA LYS A 242 45.24 -24.05 37.67
C LYS A 242 46.42 -24.72 38.31
N VAL A 243 47.57 -24.09 38.23
CA VAL A 243 48.70 -24.65 38.95
C VAL A 243 48.92 -23.94 40.30
N THR A 244 49.13 -24.73 41.36
CA THR A 244 49.44 -24.20 42.70
C THR A 244 50.89 -23.76 42.85
N GLY A 245 51.76 -24.45 42.13
CA GLY A 245 53.19 -24.23 42.18
C GLY A 245 53.79 -25.47 41.56
N ALA A 246 55.08 -25.43 41.31
CA ALA A 246 55.78 -26.55 40.72
C ALA A 246 57.13 -26.59 41.37
N THR A 247 57.65 -27.79 41.56
CA THR A 247 58.86 -27.96 42.35
C THR A 247 59.94 -28.80 41.70
N LYS A 248 61.17 -28.30 41.75
CA LYS A 248 62.30 -29.01 41.18
C LYS A 248 62.81 -30.02 42.20
N LYS A 249 63.40 -31.12 41.76
CA LYS A 249 63.73 -32.13 42.74
C LYS A 249 65.03 -32.88 42.50
N SER A 250 65.36 -33.74 43.46
CA SER A 250 66.62 -34.48 43.49
C SER A 250 67.13 -34.86 42.10
N ASP A 251 66.37 -35.72 41.43
CA ASP A 251 66.77 -36.32 40.16
C ASP A 251 66.55 -35.43 38.94
N GLY A 252 66.17 -34.18 39.15
CA GLY A 252 65.95 -33.26 38.05
C GLY A 252 64.49 -33.04 37.70
N LYS A 253 63.70 -34.11 37.75
CA LYS A 253 62.32 -34.03 37.36
C LYS A 253 61.60 -32.84 38.02
N ILE A 254 60.66 -32.22 37.30
CA ILE A 254 59.83 -31.13 37.85
C ILE A 254 58.46 -31.66 38.17
N ASP A 255 57.92 -31.16 39.27
CA ASP A 255 56.63 -31.60 39.77
C ASP A 255 55.67 -30.43 39.83
N VAL A 256 54.74 -30.41 38.91
CA VAL A 256 53.78 -29.34 38.87
C VAL A 256 52.60 -29.79 39.66
N SER A 257 51.90 -28.84 40.26
CA SER A 257 50.80 -29.14 41.17
C SER A 257 49.50 -28.60 40.64
N ILE A 258 48.67 -29.48 40.12
CA ILE A 258 47.48 -29.03 39.45
C ILE A 258 46.27 -29.23 40.35
N GLU A 259 45.18 -28.60 39.97
CA GLU A 259 43.96 -28.62 40.75
C GLU A 259 42.89 -27.90 39.94
N ALA A 260 41.66 -28.38 40.03
CA ALA A 260 40.51 -27.81 39.31
C ALA A 260 40.38 -26.31 39.49
N ALA A 261 40.13 -25.59 38.41
CA ALA A 261 40.14 -24.12 38.44
C ALA A 261 39.15 -23.56 39.42
N SER A 262 38.12 -24.38 39.66
CA SER A 262 37.01 -24.05 40.56
C SER A 262 37.17 -24.89 41.83
N GLY A 263 36.59 -26.11 41.81
CA GLY A 263 36.73 -27.11 42.88
C GLY A 263 38.17 -27.44 43.31
N GLY A 264 38.50 -28.73 43.43
CA GLY A 264 39.85 -29.09 43.78
C GLY A 264 40.26 -30.54 43.65
N LYS A 265 40.52 -31.05 42.46
CA LYS A 265 41.04 -32.41 42.32
C LYS A 265 42.57 -32.41 42.40
N ALA A 266 43.14 -31.83 43.47
CA ALA A 266 44.59 -31.73 43.59
C ALA A 266 45.31 -32.94 42.99
N GLU A 267 46.15 -32.71 41.99
CA GLU A 267 46.95 -33.77 41.40
C GLU A 267 48.38 -33.30 41.27
N VAL A 268 49.25 -34.16 40.75
CA VAL A 268 50.66 -33.78 40.58
C VAL A 268 51.30 -34.41 39.35
N ILE A 269 51.50 -33.65 38.27
CA ILE A 269 52.24 -34.10 37.10
C ILE A 269 53.72 -33.83 37.25
N THR A 270 54.50 -34.72 36.67
CA THR A 270 55.93 -34.70 36.91
C THR A 270 56.58 -34.81 35.53
N CYS A 271 57.38 -33.83 35.17
CA CYS A 271 57.93 -33.76 33.82
C CYS A 271 59.44 -33.54 33.83
N ASP A 272 60.06 -33.29 32.67
CA ASP A 272 61.50 -33.01 32.57
C ASP A 272 61.77 -31.59 32.14
N VAL A 273 60.76 -30.98 31.54
CA VAL A 273 60.81 -29.59 31.17
C VAL A 273 59.45 -28.97 31.43
N LEU A 274 59.48 -27.72 31.89
CA LEU A 274 58.26 -26.99 32.13
C LEU A 274 58.24 -25.62 31.42
N LEU A 275 57.56 -25.60 30.29
CA LEU A 275 57.33 -24.40 29.50
C LEU A 275 56.29 -23.53 30.12
N VAL A 276 56.58 -22.27 30.42
CA VAL A 276 55.54 -21.44 31.00
C VAL A 276 55.00 -20.50 29.96
N CYS A 277 53.75 -20.71 29.54
CA CYS A 277 53.20 -19.93 28.41
C CYS A 277 51.89 -19.21 28.70
N ILE A 278 51.92 -18.35 29.70
CA ILE A 278 50.72 -17.85 30.30
C ILE A 278 50.30 -16.49 29.71
N GLY A 279 51.15 -15.85 28.91
CA GLY A 279 50.78 -14.59 28.28
C GLY A 279 52.02 -13.82 27.86
N ARG A 280 51.83 -12.58 27.37
CA ARG A 280 52.96 -11.70 27.06
C ARG A 280 52.53 -10.26 27.27
N ARG A 281 53.36 -9.41 27.89
CA ARG A 281 52.93 -8.07 28.23
C ARG A 281 53.76 -6.98 27.54
N PRO A 282 53.20 -5.78 27.49
CA PRO A 282 53.83 -4.69 26.79
C PRO A 282 55.10 -4.40 27.53
N PHE A 283 56.03 -3.71 26.90
CA PHE A 283 57.30 -3.49 27.51
C PHE A 283 57.69 -2.05 27.37
N THR A 284 57.82 -1.36 28.50
CA THR A 284 58.08 0.06 28.54
C THR A 284 59.15 0.39 29.52
N LYS A 285 59.75 -0.64 30.11
CA LYS A 285 60.75 -0.43 31.14
C LYS A 285 61.79 0.60 30.74
N ASN A 286 62.01 1.59 31.61
CA ASN A 286 63.05 2.61 31.39
C ASN A 286 63.01 3.42 30.06
N LEU A 287 61.83 3.73 29.58
CA LEU A 287 61.65 4.47 28.37
C LEU A 287 61.66 5.91 28.75
N GLY A 288 61.25 6.15 29.98
CA GLY A 288 61.22 7.49 30.53
C GLY A 288 59.84 8.12 30.50
N LEU A 289 58.79 7.30 30.52
CA LEU A 289 57.41 7.78 30.37
C LEU A 289 56.86 8.29 31.66
N GLU A 290 57.20 7.62 32.75
CA GLU A 290 56.75 8.06 34.05
C GLU A 290 57.02 9.56 34.14
N GLU A 291 58.25 9.97 33.84
CA GLU A 291 58.66 11.39 33.87
C GLU A 291 58.06 12.37 32.82
N LEU A 292 57.53 11.86 31.71
CA LEU A 292 56.86 12.74 30.77
C LEU A 292 55.38 12.80 31.08
N GLY A 293 54.96 12.13 32.15
CA GLY A 293 53.57 12.18 32.58
C GLY A 293 52.63 11.32 31.74
N ILE A 294 53.18 10.29 31.11
CA ILE A 294 52.36 9.36 30.34
C ILE A 294 51.96 8.17 31.19
N GLU A 295 50.68 8.09 31.52
CA GLU A 295 50.14 6.98 32.30
C GLU A 295 49.93 5.78 31.38
N LEU A 296 50.09 4.59 31.96
CA LEU A 296 49.79 3.35 31.25
C LEU A 296 48.35 2.83 31.45
N ASP A 297 47.86 2.07 30.46
CA ASP A 297 46.71 1.19 30.59
C ASP A 297 46.87 0.43 31.89
N PRO A 298 45.79 -0.01 32.50
CA PRO A 298 45.94 -0.90 33.65
C PRO A 298 46.56 -2.25 33.25
N ARG A 299 46.77 -2.51 31.95
CA ARG A 299 47.41 -3.77 31.56
C ARG A 299 48.81 -3.53 31.05
N GLY A 300 49.30 -2.32 31.32
CA GLY A 300 50.66 -1.98 30.96
C GLY A 300 50.90 -1.36 29.61
N ARG A 301 49.81 -1.01 28.90
CA ARG A 301 49.85 -0.52 27.51
C ARG A 301 49.84 1.00 27.40
N ILE A 302 50.18 1.51 26.23
CA ILE A 302 50.15 2.94 26.08
C ILE A 302 48.87 3.36 25.41
N PRO A 303 48.14 4.23 26.10
CA PRO A 303 46.93 4.87 25.59
C PRO A 303 47.27 5.83 24.44
N VAL A 304 46.91 5.39 23.25
CA VAL A 304 47.09 6.24 22.12
C VAL A 304 45.72 6.44 21.46
N ASN A 305 45.49 7.63 20.93
CA ASN A 305 44.27 7.94 20.22
C ASN A 305 44.18 7.32 18.85
N THR A 306 43.32 7.89 18.03
CA THR A 306 43.11 7.40 16.68
C THR A 306 44.28 7.48 15.75
N ARG A 307 45.01 8.60 15.73
CA ARG A 307 46.18 8.67 14.88
C ARG A 307 47.44 8.06 15.52
N PHE A 308 47.25 7.34 16.61
CA PHE A 308 48.33 6.66 17.36
C PHE A 308 49.17 7.59 18.22
N GLN A 309 48.57 8.74 18.59
CA GLN A 309 49.21 9.76 19.41
C GLN A 309 49.06 9.52 20.89
N THR A 310 50.13 9.63 21.66
CA THR A 310 49.97 9.53 23.11
C THR A 310 49.48 10.82 23.66
N LYS A 311 49.49 10.91 24.99
CA LYS A 311 49.09 12.14 25.63
C LYS A 311 49.94 13.32 25.11
N ILE A 312 51.22 13.05 24.81
CA ILE A 312 52.06 14.03 24.17
C ILE A 312 51.96 13.84 22.66
N PRO A 313 51.51 14.89 22.02
CA PRO A 313 51.06 14.80 20.62
C PRO A 313 52.16 14.29 19.63
N ASN A 314 53.40 14.75 19.76
CA ASN A 314 54.42 14.34 18.80
C ASN A 314 55.01 12.96 19.17
N ILE A 315 54.44 12.28 20.15
CA ILE A 315 55.02 11.01 20.53
C ILE A 315 53.98 9.97 20.32
N TYR A 316 54.22 9.02 19.41
CA TYR A 316 53.28 7.95 19.12
C TYR A 316 53.77 6.66 19.66
N ALA A 317 52.88 5.68 19.64
CA ALA A 317 53.18 4.31 20.03
C ALA A 317 52.35 3.33 19.17
N ILE A 318 52.89 2.15 18.85
CA ILE A 318 52.24 1.19 17.93
C ILE A 318 52.77 -0.25 18.23
N GLY A 319 52.05 -1.29 17.82
CA GLY A 319 52.51 -2.63 18.04
C GLY A 319 52.17 -3.20 19.40
N ASP A 320 52.89 -4.24 19.79
CA ASP A 320 52.57 -4.99 21.01
C ASP A 320 52.34 -4.14 22.27
N VAL A 321 52.81 -2.89 22.25
CA VAL A 321 52.88 -2.09 23.45
C VAL A 321 51.64 -1.24 23.56
N VAL A 322 50.78 -1.34 22.55
CA VAL A 322 49.57 -0.54 22.44
C VAL A 322 48.37 -1.49 22.25
N ALA A 323 47.15 -1.07 22.55
CA ALA A 323 46.01 -2.00 22.40
C ALA A 323 45.70 -2.57 20.99
N GLY A 324 45.06 -3.74 21.02
CA GLY A 324 44.78 -4.52 19.83
C GLY A 324 45.47 -5.87 19.95
N PRO A 325 45.32 -6.75 18.95
CA PRO A 325 45.95 -8.08 19.00
C PRO A 325 47.47 -8.01 18.94
N MET A 326 48.15 -8.84 19.71
CA MET A 326 49.62 -8.80 19.68
C MET A 326 50.19 -9.65 18.56
N LEU A 327 49.92 -9.23 17.33
CA LEU A 327 50.37 -9.91 16.14
C LEU A 327 51.35 -9.08 15.31
N ALA A 328 52.09 -9.77 14.45
CA ALA A 328 53.19 -9.10 13.81
C ALA A 328 52.65 -8.29 12.69
N HIS A 329 51.71 -8.88 11.96
CA HIS A 329 51.22 -8.18 10.81
C HIS A 329 50.46 -7.03 11.34
N LYS A 330 49.87 -7.20 12.51
CA LYS A 330 49.08 -6.15 13.16
C LYS A 330 49.94 -4.96 13.49
N ALA A 331 51.16 -5.24 13.95
CA ALA A 331 52.05 -4.14 14.27
C ALA A 331 52.53 -3.49 13.01
N GLU A 332 52.92 -4.27 12.00
CA GLU A 332 53.43 -3.70 10.78
C GLU A 332 52.43 -2.72 10.27
N ASP A 333 51.17 -3.10 10.38
CA ASP A 333 50.06 -2.31 9.87
C ASP A 333 49.98 -0.98 10.61
N GLU A 334 49.89 -1.00 11.95
CA GLU A 334 49.85 0.25 12.71
C GLU A 334 51.10 1.08 12.44
N GLY A 335 52.20 0.36 12.20
CA GLY A 335 53.46 1.02 11.95
C GLY A 335 53.30 1.89 10.73
N ILE A 336 52.99 1.25 9.60
CA ILE A 336 52.86 1.99 8.36
C ILE A 336 51.88 3.14 8.49
N ILE A 337 50.74 2.81 9.08
CA ILE A 337 49.63 3.68 9.06
C ILE A 337 49.99 4.88 9.90
N CYS A 338 50.53 4.63 11.07
CA CYS A 338 50.88 5.72 11.95
C CYS A 338 51.75 6.74 11.22
N VAL A 339 52.83 6.29 10.60
CA VAL A 339 53.70 7.15 9.79
C VAL A 339 53.02 7.91 8.64
N GLU A 340 52.25 7.21 7.82
CA GLU A 340 51.54 7.85 6.75
C GLU A 340 50.72 8.91 7.39
N GLY A 341 50.28 8.69 8.61
CA GLY A 341 49.61 9.76 9.35
C GLY A 341 50.47 11.01 9.60
N MET A 342 51.72 10.86 10.10
CA MET A 342 52.61 11.98 10.38
C MET A 342 52.68 12.65 9.06
N ALA A 343 52.90 11.86 8.02
CA ALA A 343 52.98 12.40 6.66
C ALA A 343 51.79 13.28 6.27
N GLY A 344 50.75 13.33 7.08
CA GLY A 344 49.52 14.02 6.70
C GLY A 344 48.44 13.22 5.97
N GLY A 345 48.44 11.90 6.16
CA GLY A 345 47.46 11.05 5.53
C GLY A 345 46.45 10.51 6.52
N ALA A 346 45.48 9.76 6.00
CA ALA A 346 44.38 9.24 6.80
C ALA A 346 44.77 7.99 7.48
N VAL A 347 44.30 7.85 8.71
CA VAL A 347 44.65 6.69 9.48
C VAL A 347 43.42 5.87 9.80
N HIS A 348 43.01 5.03 8.87
CA HIS A 348 41.98 4.05 9.21
C HIS A 348 42.62 2.66 9.33
N ILE A 349 42.28 1.96 10.40
CA ILE A 349 42.57 0.54 10.45
C ILE A 349 41.33 -0.25 10.92
N ASP A 350 40.98 -1.32 10.19
CA ASP A 350 39.80 -2.11 10.56
C ASP A 350 40.25 -3.33 11.33
N TYR A 351 40.06 -3.32 12.63
CA TYR A 351 40.62 -4.41 13.41
C TYR A 351 39.82 -5.69 13.26
N ASN A 352 38.63 -5.59 12.67
CA ASN A 352 37.91 -6.80 12.42
C ASN A 352 38.53 -7.66 11.33
N CYS A 353 39.17 -7.03 10.35
CA CYS A 353 39.79 -7.81 9.27
C CYS A 353 41.25 -8.21 9.46
N VAL A 354 41.63 -8.56 10.69
CA VAL A 354 42.99 -8.95 10.97
C VAL A 354 43.12 -10.47 11.28
N PRO A 355 43.70 -11.19 10.35
CA PRO A 355 43.58 -12.62 10.38
C PRO A 355 44.32 -13.09 11.61
N SER A 356 43.93 -14.23 12.18
CA SER A 356 44.63 -14.83 13.30
C SER A 356 44.96 -16.17 12.79
N VAL A 357 46.15 -16.64 13.13
CA VAL A 357 46.60 -17.94 12.63
C VAL A 357 47.36 -18.71 13.69
N ILE A 358 47.05 -20.00 13.86
CA ILE A 358 47.93 -20.91 14.60
C ILE A 358 48.57 -21.91 13.59
N TYR A 359 49.90 -22.01 13.51
CA TYR A 359 50.53 -22.84 12.50
C TYR A 359 50.85 -24.29 12.92
N THR A 360 50.03 -24.93 13.71
CA THR A 360 50.35 -26.31 13.93
C THR A 360 50.03 -27.04 12.62
N HIS A 361 49.91 -28.36 12.71
CA HIS A 361 49.34 -29.14 11.62
C HIS A 361 48.36 -30.06 12.21
N PRO A 362 47.09 -29.88 11.89
CA PRO A 362 46.60 -28.87 10.93
C PRO A 362 46.61 -27.43 11.39
N GLU A 363 46.68 -26.46 10.47
CA GLU A 363 46.64 -25.02 10.79
C GLU A 363 45.22 -24.58 11.26
N VAL A 364 45.16 -23.46 11.94
CA VAL A 364 43.89 -22.90 12.34
C VAL A 364 44.05 -21.45 12.03
N ALA A 365 43.16 -20.91 11.24
CA ALA A 365 43.20 -19.52 10.94
C ALA A 365 41.75 -19.03 10.90
N TRP A 366 41.53 -17.79 11.33
CA TRP A 366 40.21 -17.15 11.29
C TRP A 366 40.24 -15.62 11.12
N VAL A 367 39.13 -15.07 10.70
CA VAL A 367 39.09 -13.63 10.61
C VAL A 367 37.61 -13.22 10.78
N GLY A 368 37.36 -12.06 11.41
CA GLY A 368 36.01 -11.56 11.60
C GLY A 368 35.54 -12.12 12.91
N LYS A 369 34.22 -12.20 13.12
CA LYS A 369 33.58 -12.66 14.36
C LYS A 369 33.45 -14.17 14.47
N SER A 370 33.47 -14.68 15.69
CA SER A 370 33.17 -16.08 15.92
C SER A 370 31.70 -16.19 16.24
N GLU A 371 31.19 -17.40 16.39
CA GLU A 371 29.79 -17.57 16.73
C GLU A 371 29.42 -16.91 18.08
N GLU A 372 30.34 -16.97 19.04
CA GLU A 372 30.05 -16.50 20.38
C GLU A 372 30.04 -15.02 20.37
N GLN A 373 30.96 -14.42 19.66
CA GLN A 373 30.88 -12.99 19.56
C GLN A 373 29.65 -12.57 18.79
N LEU A 374 29.22 -13.32 17.78
CA LEU A 374 28.04 -12.89 17.08
C LEU A 374 26.76 -12.98 17.92
N LYS A 375 26.69 -13.93 18.86
CA LYS A 375 25.54 -14.01 19.76
C LYS A 375 25.64 -12.89 20.74
N GLU A 376 26.78 -12.74 21.39
CA GLU A 376 26.83 -11.77 22.44
C GLU A 376 26.42 -10.46 21.87
N GLU A 377 26.51 -10.30 20.55
CA GLU A 377 26.33 -9.03 19.91
C GLU A 377 24.90 -8.78 19.52
N GLY A 378 24.19 -9.86 19.25
CA GLY A 378 22.76 -9.79 18.98
C GLY A 378 22.50 -9.85 17.50
N ILE A 379 23.42 -10.48 16.80
CA ILE A 379 23.37 -10.54 15.37
C ILE A 379 22.86 -11.85 14.83
N GLU A 380 21.85 -11.73 14.01
CA GLU A 380 21.19 -12.83 13.37
C GLU A 380 22.03 -13.40 12.21
N TYR A 381 22.62 -14.58 12.38
CA TYR A 381 23.50 -15.14 11.35
C TYR A 381 23.17 -16.57 10.92
N LYS A 382 23.82 -17.02 9.85
CA LYS A 382 23.68 -18.38 9.40
C LYS A 382 25.08 -18.91 9.14
N VAL A 383 25.21 -20.24 9.15
CA VAL A 383 26.52 -20.83 8.98
C VAL A 383 26.58 -21.90 7.90
N GLY A 384 27.63 -21.91 7.10
CA GLY A 384 27.79 -22.96 6.11
C GLY A 384 29.13 -23.56 6.44
N LYS A 385 29.25 -24.89 6.28
CA LYS A 385 30.47 -25.66 6.61
C LYS A 385 30.86 -26.67 5.52
N PHE A 386 32.15 -26.75 5.22
CA PHE A 386 32.62 -27.70 4.26
C PHE A 386 33.85 -28.34 4.80
N PRO A 387 33.81 -29.65 5.01
CA PRO A 387 34.93 -30.36 5.59
C PRO A 387 35.97 -30.70 4.53
N PHE A 388 37.23 -30.81 4.98
CA PHE A 388 38.32 -31.16 4.08
C PHE A 388 38.23 -32.63 3.69
N ALA A 389 37.59 -33.47 4.49
CA ALA A 389 37.45 -34.86 3.98
C ALA A 389 36.81 -34.88 2.59
N ALA A 390 35.97 -33.87 2.27
CA ALA A 390 35.35 -33.75 0.93
C ALA A 390 36.13 -32.94 -0.10
N ASN A 391 37.21 -32.22 0.30
CA ASN A 391 38.04 -31.43 -0.63
C ASN A 391 38.96 -32.29 -1.47
N SER A 392 38.95 -32.15 -2.78
CA SER A 392 39.79 -33.05 -3.58
C SER A 392 41.26 -32.95 -3.29
N ARG A 393 41.86 -31.78 -3.50
CA ARG A 393 43.26 -31.58 -3.15
C ARG A 393 43.57 -32.23 -1.84
N ALA A 394 42.69 -32.11 -0.87
CA ALA A 394 42.99 -32.62 0.45
C ALA A 394 42.94 -34.13 0.42
N LYS A 395 41.91 -34.71 -0.17
CA LYS A 395 41.76 -36.15 -0.13
C LYS A 395 42.94 -36.77 -0.88
N THR A 396 43.37 -36.08 -1.95
CA THR A 396 44.42 -36.58 -2.84
C THR A 396 45.75 -36.60 -2.15
N ASN A 397 45.94 -35.77 -1.13
CA ASN A 397 47.21 -35.76 -0.38
C ASN A 397 47.11 -36.54 0.94
N ALA A 398 45.97 -37.20 1.14
CA ALA A 398 45.71 -37.97 2.38
C ALA A 398 46.01 -37.08 3.57
N ASP A 399 45.28 -35.98 3.67
CA ASP A 399 45.38 -34.97 4.70
C ASP A 399 44.01 -34.33 4.82
N THR A 400 43.10 -34.96 5.56
CA THR A 400 41.70 -34.56 5.45
C THR A 400 41.10 -34.04 6.72
N ASP A 401 41.87 -33.24 7.43
CA ASP A 401 41.47 -32.82 8.75
C ASP A 401 40.80 -31.49 8.67
N GLY A 402 39.63 -31.41 9.31
CA GLY A 402 39.03 -30.15 9.67
C GLY A 402 37.94 -29.70 8.72
N MET A 403 37.50 -28.46 8.83
CA MET A 403 36.46 -27.93 7.98
C MET A 403 36.73 -26.46 7.80
N VAL A 404 35.97 -25.81 6.95
CA VAL A 404 35.95 -24.35 6.88
C VAL A 404 34.57 -23.89 7.31
N LYS A 405 34.49 -23.06 8.35
CA LYS A 405 33.19 -22.53 8.82
C LYS A 405 32.97 -21.06 8.43
N ILE A 406 31.87 -20.78 7.72
CA ILE A 406 31.65 -19.42 7.32
C ILE A 406 30.43 -18.94 8.07
N LEU A 407 30.47 -17.67 8.49
CA LEU A 407 29.35 -17.07 9.19
C LEU A 407 28.83 -15.94 8.35
N GLY A 408 27.61 -16.08 7.84
CA GLY A 408 27.09 -14.99 7.06
C GLY A 408 25.85 -14.46 7.75
N GLN A 409 25.65 -13.15 7.59
CA GLN A 409 24.56 -12.52 8.25
C GLN A 409 23.35 -13.04 7.59
N LYS A 410 22.35 -13.35 8.40
CA LYS A 410 21.16 -14.09 7.95
C LYS A 410 20.40 -13.34 6.90
N SER A 411 20.35 -12.04 7.01
CA SER A 411 19.57 -11.33 6.04
C SER A 411 20.36 -10.85 4.81
N THR A 412 21.41 -10.04 4.98
CA THR A 412 22.20 -9.54 3.83
C THR A 412 23.22 -10.51 3.29
N ASP A 413 23.27 -11.71 3.85
CA ASP A 413 24.29 -12.71 3.45
C ASP A 413 25.75 -12.18 3.47
N ARG A 414 25.97 -11.04 4.14
CA ARG A 414 27.32 -10.51 4.38
C ARG A 414 28.16 -11.48 5.22
N VAL A 415 29.33 -11.81 4.75
CA VAL A 415 30.20 -12.66 5.48
C VAL A 415 30.58 -11.94 6.78
N LEU A 416 30.34 -12.59 7.93
CA LEU A 416 30.73 -11.98 9.19
C LEU A 416 31.91 -12.61 9.89
N GLY A 417 32.44 -13.69 9.35
CA GLY A 417 33.49 -14.42 10.03
C GLY A 417 33.83 -15.67 9.23
N ALA A 418 35.12 -15.99 9.09
CA ALA A 418 35.51 -17.14 8.32
C ALA A 418 36.41 -17.91 9.23
N HIS A 419 36.25 -19.20 9.41
CA HIS A 419 37.20 -19.92 10.25
C HIS A 419 37.73 -21.25 9.66
N ILE A 420 39.04 -21.43 9.49
CA ILE A 420 39.52 -22.62 8.79
C ILE A 420 40.33 -23.45 9.71
N LEU A 421 39.91 -24.68 9.96
CA LEU A 421 40.73 -25.66 10.63
C LEU A 421 41.14 -26.70 9.60
N GLY A 422 42.44 -26.78 9.32
CA GLY A 422 42.89 -27.69 8.27
C GLY A 422 44.19 -27.33 7.54
N PRO A 423 44.52 -28.08 6.50
CA PRO A 423 45.74 -27.77 5.74
C PRO A 423 45.58 -26.43 5.06
N GLY A 424 46.69 -25.70 4.99
CA GLY A 424 46.68 -24.46 4.23
C GLY A 424 45.75 -23.38 4.75
N ALA A 425 45.32 -23.49 6.02
CA ALA A 425 44.55 -22.42 6.65
C ALA A 425 45.23 -21.04 6.72
N GLY A 426 46.53 -21.01 6.97
CA GLY A 426 47.19 -19.72 7.09
C GLY A 426 47.12 -18.90 5.79
N GLU A 427 47.22 -19.57 4.66
CA GLU A 427 47.26 -18.82 3.43
C GLU A 427 45.83 -18.58 2.96
N MET A 428 44.93 -19.52 3.27
CA MET A 428 43.49 -19.35 2.98
C MET A 428 42.91 -18.15 3.67
N VAL A 429 43.03 -18.09 4.97
CA VAL A 429 42.56 -16.90 5.68
C VAL A 429 42.86 -15.52 5.01
N ASN A 430 43.81 -15.40 4.08
CA ASN A 430 44.02 -14.07 3.45
C ASN A 430 43.05 -13.75 2.37
N GLU A 431 42.82 -14.65 1.43
CA GLU A 431 41.62 -14.57 0.60
C GLU A 431 40.36 -14.10 1.39
N ALA A 432 40.02 -14.78 2.51
CA ALA A 432 38.92 -14.36 3.40
C ALA A 432 39.02 -12.88 3.77
N ALA A 433 40.03 -12.58 4.55
CA ALA A 433 40.44 -11.19 4.83
C ALA A 433 40.13 -10.21 3.72
N LEU A 434 40.47 -10.58 2.51
CA LEU A 434 40.23 -9.71 1.40
C LEU A 434 38.75 -9.51 1.24
N ALA A 435 38.00 -10.62 1.25
CA ALA A 435 36.59 -10.64 0.90
C ALA A 435 35.85 -9.81 1.90
N LEU A 436 36.29 -9.96 3.12
CA LEU A 436 35.76 -9.28 4.26
C LEU A 436 35.95 -7.74 4.20
N GLU A 437 37.12 -7.29 3.75
CA GLU A 437 37.35 -5.84 3.52
C GLU A 437 36.52 -5.30 2.37
N TYR A 438 35.95 -6.22 1.62
CA TYR A 438 35.07 -5.85 0.53
C TYR A 438 33.59 -5.89 0.94
N GLY A 439 33.30 -6.31 2.16
CA GLY A 439 31.94 -6.54 2.49
C GLY A 439 31.37 -7.56 1.52
N ALA A 440 32.16 -8.58 1.26
CA ALA A 440 31.70 -9.68 0.46
C ALA A 440 30.47 -10.29 1.11
N SER A 441 29.68 -10.98 0.29
CA SER A 441 28.61 -11.85 0.79
C SER A 441 29.01 -13.26 0.46
N CYS A 442 28.56 -14.25 1.24
CA CYS A 442 28.82 -15.64 0.87
C CYS A 442 28.45 -15.98 -0.57
N GLU A 443 27.51 -15.25 -1.13
CA GLU A 443 27.19 -15.43 -2.53
C GLU A 443 28.32 -14.97 -3.41
N ASP A 444 28.82 -13.75 -3.22
CA ASP A 444 29.91 -13.19 -4.02
C ASP A 444 31.08 -14.13 -4.10
N ILE A 445 31.47 -14.65 -2.94
CA ILE A 445 32.68 -15.40 -2.87
C ILE A 445 32.43 -16.72 -3.54
N ALA A 446 31.24 -17.27 -3.36
CA ALA A 446 30.87 -18.49 -4.14
C ALA A 446 30.89 -18.36 -5.69
N ARG A 447 30.43 -17.25 -6.24
CA ARG A 447 30.59 -17.02 -7.69
C ARG A 447 32.01 -16.70 -8.18
N VAL A 448 33.02 -16.82 -7.34
CA VAL A 448 34.38 -16.56 -7.83
C VAL A 448 35.02 -17.88 -8.31
N CYS A 449 35.71 -17.84 -9.45
CA CYS A 449 36.20 -19.08 -10.00
C CYS A 449 37.47 -19.64 -9.31
N HIS A 450 37.33 -20.55 -8.34
CA HIS A 450 38.53 -20.99 -7.65
C HIS A 450 39.06 -22.17 -8.37
N ALA A 451 40.37 -22.25 -8.50
CA ALA A 451 40.97 -23.22 -9.38
C ALA A 451 40.90 -24.58 -8.75
N HIS A 452 40.81 -25.58 -9.62
CA HIS A 452 40.75 -26.97 -9.22
C HIS A 452 42.06 -27.71 -9.47
N PRO A 453 42.34 -28.70 -8.61
CA PRO A 453 41.72 -28.80 -7.29
C PRO A 453 42.55 -28.10 -6.24
N THR A 454 41.91 -27.27 -5.42
CA THR A 454 42.67 -26.58 -4.39
C THR A 454 42.01 -26.66 -3.03
N LEU A 455 42.81 -26.47 -1.98
CA LEU A 455 42.31 -26.29 -0.60
C LEU A 455 41.23 -25.22 -0.60
N SER A 456 41.52 -24.13 -1.31
CA SER A 456 40.64 -23.00 -1.49
C SER A 456 39.24 -23.34 -1.85
N GLU A 457 39.10 -24.42 -2.59
CA GLU A 457 37.81 -24.71 -3.14
C GLU A 457 36.82 -24.98 -1.97
N ALA A 458 37.31 -25.54 -0.87
CA ALA A 458 36.46 -25.74 0.30
C ALA A 458 36.05 -24.41 0.99
N PHE A 459 36.84 -23.38 0.78
CA PHE A 459 36.46 -22.05 1.25
C PHE A 459 35.32 -21.56 0.42
N ARG A 460 35.35 -21.93 -0.86
CA ARG A 460 34.27 -21.55 -1.76
C ARG A 460 33.01 -22.35 -1.43
N GLU A 461 33.20 -23.64 -1.20
CA GLU A 461 32.05 -24.50 -0.91
C GLU A 461 31.32 -24.23 0.40
N ALA A 462 32.01 -23.62 1.36
CA ALA A 462 31.39 -23.25 2.62
C ALA A 462 30.55 -22.00 2.45
N ASN A 463 30.84 -21.15 1.50
CA ASN A 463 29.96 -20.01 1.32
C ASN A 463 28.81 -20.34 0.45
N LEU A 464 29.08 -21.13 -0.57
CA LEU A 464 28.05 -21.82 -1.32
C LEU A 464 27.00 -22.52 -0.36
N ALA A 465 27.46 -22.98 0.78
CA ALA A 465 26.59 -23.66 1.70
C ALA A 465 25.80 -22.66 2.55
N ALA A 466 26.41 -21.50 2.78
CA ALA A 466 25.83 -20.51 3.64
C ALA A 466 24.89 -19.61 2.85
N SER A 467 24.86 -19.70 1.55
CA SER A 467 24.07 -18.67 0.88
C SER A 467 23.03 -19.24 -0.02
N PHE A 468 22.89 -20.56 -0.01
CA PHE A 468 22.06 -21.25 -0.97
C PHE A 468 21.58 -22.40 -0.14
N GLY A 469 22.30 -22.77 0.92
CA GLY A 469 21.81 -23.80 1.81
C GLY A 469 22.44 -25.17 1.80
N LYS A 470 23.32 -25.40 0.82
CA LYS A 470 24.03 -26.68 0.68
C LYS A 470 25.02 -26.55 -0.47
N SER A 471 26.10 -27.34 -0.45
CA SER A 471 27.07 -27.20 -1.53
C SER A 471 26.91 -28.36 -2.53
N ILE A 472 27.73 -28.43 -3.58
CA ILE A 472 27.65 -29.59 -4.45
C ILE A 472 28.39 -30.81 -3.90
N ASN A 473 29.62 -30.65 -3.45
CA ASN A 473 30.38 -31.83 -3.04
C ASN A 473 30.07 -32.33 -1.62
N PHE A 474 29.31 -31.56 -0.87
CA PHE A 474 28.94 -31.98 0.44
C PHE A 474 27.58 -31.41 0.83
N ALA B 1 12.90 -54.88 -17.74
CA ALA B 1 13.67 -53.82 -17.01
C ALA B 1 14.03 -52.62 -17.91
N ASP B 2 14.92 -52.83 -18.90
CA ASP B 2 15.32 -51.81 -19.89
C ASP B 2 14.08 -51.08 -20.47
N GLN B 3 13.66 -50.01 -19.79
CA GLN B 3 12.35 -49.41 -20.05
C GLN B 3 12.39 -47.89 -19.90
N PRO B 4 11.61 -47.15 -20.70
CA PRO B 4 11.74 -45.69 -20.77
C PRO B 4 11.76 -45.01 -19.38
N ILE B 5 12.46 -43.87 -19.24
CA ILE B 5 12.31 -42.97 -18.12
C ILE B 5 12.26 -41.58 -18.67
N ASP B 6 11.89 -40.62 -17.83
CA ASP B 6 11.87 -39.24 -18.26
C ASP B 6 12.45 -38.36 -17.21
N ALA B 7 12.89 -37.21 -17.67
CA ALA B 7 13.59 -36.30 -16.86
C ALA B 7 13.43 -34.92 -17.49
N ASP B 8 13.84 -33.94 -16.71
CA ASP B 8 13.81 -32.55 -17.09
C ASP B 8 15.13 -32.25 -17.77
N VAL B 9 16.23 -32.66 -17.11
CA VAL B 9 17.56 -32.63 -17.70
C VAL B 9 18.22 -34.00 -17.63
N THR B 10 18.83 -34.39 -18.74
CA THR B 10 19.64 -35.57 -18.82
C THR B 10 20.99 -35.09 -19.22
N VAL B 11 21.97 -35.44 -18.42
CA VAL B 11 23.35 -35.04 -18.65
C VAL B 11 24.25 -36.18 -19.13
N ILE B 12 24.93 -35.94 -20.24
CA ILE B 12 25.87 -36.94 -20.76
C ILE B 12 27.35 -36.72 -20.26
N GLY B 13 27.86 -37.66 -19.44
CA GLY B 13 29.20 -37.53 -18.86
C GLY B 13 29.10 -37.26 -17.37
N SER B 14 30.11 -37.63 -16.61
CA SER B 14 30.06 -37.37 -15.16
C SER B 14 31.47 -37.00 -14.77
N GLY B 15 32.04 -36.10 -15.60
CA GLY B 15 33.34 -35.54 -15.39
C GLY B 15 32.99 -34.38 -14.53
N PRO B 16 33.94 -33.49 -14.30
CA PRO B 16 33.61 -32.25 -13.61
C PRO B 16 32.55 -31.53 -14.45
N GLY B 17 31.69 -30.76 -13.84
CA GLY B 17 30.82 -30.04 -14.73
C GLY B 17 29.71 -30.88 -15.35
N GLY B 18 29.98 -32.16 -15.57
CA GLY B 18 28.92 -33.03 -16.04
C GLY B 18 28.18 -33.44 -14.78
N TYR B 19 28.90 -33.81 -13.76
CA TYR B 19 28.19 -34.35 -12.65
C TYR B 19 27.81 -33.27 -11.66
N VAL B 20 28.54 -32.17 -11.72
CA VAL B 20 28.27 -31.03 -10.89
C VAL B 20 26.97 -30.38 -11.43
N ALA B 21 26.84 -30.21 -12.75
CA ALA B 21 25.56 -29.75 -13.27
C ALA B 21 24.42 -30.70 -12.91
N ALA B 22 24.71 -32.00 -12.87
CA ALA B 22 23.71 -33.03 -12.54
C ALA B 22 23.23 -32.79 -11.15
N ILE B 23 24.11 -32.93 -10.19
CA ILE B 23 23.80 -32.44 -8.85
C ILE B 23 23.13 -31.07 -8.75
N LYS B 24 23.73 -30.02 -9.30
CA LYS B 24 23.09 -28.71 -9.23
C LYS B 24 21.64 -28.76 -9.72
N ALA B 25 21.43 -29.24 -10.93
CA ALA B 25 20.11 -29.33 -11.52
C ALA B 25 19.13 -30.00 -10.55
N ALA B 26 19.55 -31.15 -9.98
CA ALA B 26 18.73 -31.92 -9.04
C ALA B 26 18.35 -31.03 -7.88
N GLN B 27 19.31 -30.26 -7.38
CA GLN B 27 18.98 -29.45 -6.26
C GLN B 27 18.13 -28.25 -6.57
N LEU B 28 17.95 -27.90 -7.84
CA LEU B 28 17.01 -26.81 -8.17
C LEU B 28 15.64 -27.43 -8.43
N GLY B 29 15.58 -28.75 -8.42
CA GLY B 29 14.33 -29.43 -8.57
C GLY B 29 13.95 -29.88 -9.96
N PHE B 30 14.97 -30.16 -10.78
CA PHE B 30 14.77 -30.90 -12.01
C PHE B 30 14.92 -32.37 -11.68
N LYS B 31 14.07 -33.22 -12.24
CA LYS B 31 14.31 -34.67 -12.23
C LYS B 31 15.46 -34.93 -13.20
N THR B 32 16.67 -35.23 -12.70
CA THR B 32 17.81 -35.35 -13.58
C THR B 32 18.35 -36.77 -13.63
N VAL B 33 19.05 -37.06 -14.71
CA VAL B 33 19.57 -38.36 -15.06
C VAL B 33 20.97 -38.11 -15.62
N CYS B 34 21.97 -38.81 -15.12
CA CYS B 34 23.31 -38.65 -15.64
C CYS B 34 23.78 -39.92 -16.29
N ILE B 35 24.10 -39.93 -17.57
CA ILE B 35 24.55 -41.16 -18.17
C ILE B 35 26.06 -41.12 -18.24
N GLU B 36 26.71 -42.23 -17.97
CA GLU B 36 28.16 -42.27 -18.07
C GLU B 36 28.60 -43.64 -18.65
N LYS B 37 29.41 -43.64 -19.71
CA LYS B 37 29.90 -44.92 -20.25
C LYS B 37 30.91 -45.73 -19.44
N ASN B 38 31.84 -45.09 -18.76
CA ASN B 38 32.81 -45.82 -17.97
C ASN B 38 32.27 -46.48 -16.76
N GLU B 39 33.06 -47.41 -16.26
CA GLU B 39 32.72 -48.16 -15.06
C GLU B 39 32.71 -47.24 -13.81
N THR B 40 33.43 -46.12 -13.83
CA THR B 40 33.39 -45.29 -12.65
C THR B 40 32.93 -43.91 -13.05
N LEU B 41 32.53 -43.09 -12.09
CA LEU B 41 32.24 -41.67 -12.35
C LEU B 41 33.44 -40.75 -12.12
N GLY B 42 33.34 -39.51 -12.59
CA GLY B 42 34.35 -38.52 -12.33
C GLY B 42 35.00 -37.89 -13.55
N GLY B 43 34.87 -38.55 -14.68
CA GLY B 43 35.54 -38.14 -15.92
C GLY B 43 37.04 -38.31 -15.98
N THR B 44 37.70 -37.50 -16.81
CA THR B 44 39.12 -37.69 -16.92
C THR B 44 39.86 -37.05 -15.78
N CYS B 45 39.38 -35.91 -15.35
CA CYS B 45 39.94 -35.25 -14.20
C CYS B 45 40.18 -36.18 -13.01
N LEU B 46 39.14 -36.89 -12.59
CA LEU B 46 39.26 -37.76 -11.44
C LEU B 46 39.93 -39.11 -11.73
N ASN B 47 39.74 -39.69 -12.91
CA ASN B 47 40.29 -41.03 -13.19
C ASN B 47 41.71 -41.09 -13.79
N VAL B 48 41.91 -40.36 -14.88
CA VAL B 48 43.21 -40.38 -15.47
C VAL B 48 43.87 -38.97 -15.63
N GLY B 49 43.60 -38.03 -14.71
CA GLY B 49 43.99 -36.65 -14.98
C GLY B 49 44.46 -35.91 -13.75
N CYS B 50 43.81 -34.77 -13.50
CA CYS B 50 43.98 -33.96 -12.29
C CYS B 50 44.31 -34.72 -11.02
N ILE B 51 43.35 -35.44 -10.45
CA ILE B 51 43.56 -36.16 -9.18
C ILE B 51 44.77 -37.11 -9.18
N PRO B 52 44.77 -38.09 -10.05
CA PRO B 52 45.85 -39.08 -10.07
C PRO B 52 47.20 -38.42 -10.24
N SER B 53 47.27 -37.35 -10.99
CA SER B 53 48.56 -36.75 -11.29
C SER B 53 49.04 -35.91 -10.10
N LYS B 54 48.08 -35.33 -9.38
CA LYS B 54 48.35 -34.60 -8.17
C LYS B 54 48.84 -35.57 -7.10
N ALA B 55 48.24 -36.75 -7.04
CA ALA B 55 48.68 -37.77 -6.11
C ALA B 55 50.18 -38.11 -6.29
N LEU B 56 50.62 -38.31 -7.54
CA LEU B 56 52.03 -38.54 -7.82
C LEU B 56 52.93 -37.35 -7.68
N LEU B 57 52.48 -36.14 -8.03
CA LEU B 57 53.36 -34.94 -7.94
C LEU B 57 53.67 -34.72 -6.48
N ASN B 58 52.71 -35.07 -5.65
CA ASN B 58 52.84 -34.86 -4.24
C ASN B 58 53.64 -35.99 -3.67
N ASN B 59 53.37 -37.21 -4.09
CA ASN B 59 54.18 -38.25 -3.51
C ASN B 59 55.65 -38.17 -3.93
N SER B 60 55.91 -38.00 -5.22
CA SER B 60 57.29 -37.87 -5.72
C SER B 60 58.01 -36.64 -5.20
N HIS B 61 57.27 -35.59 -4.86
CA HIS B 61 57.94 -34.46 -4.18
C HIS B 61 58.48 -34.80 -2.77
N TYR B 62 57.78 -35.61 -2.00
CA TYR B 62 58.26 -36.06 -0.72
C TYR B 62 59.42 -37.00 -0.85
N TYR B 63 59.53 -37.68 -1.99
CA TYR B 63 60.73 -38.45 -2.31
C TYR B 63 61.92 -37.51 -2.54
N HIS B 64 61.74 -36.55 -3.44
CA HIS B 64 62.85 -35.71 -3.82
C HIS B 64 63.39 -34.98 -2.59
N MET B 65 62.58 -34.93 -1.56
CA MET B 65 63.00 -34.32 -0.31
C MET B 65 63.69 -35.28 0.61
N ALA B 66 63.20 -36.52 0.71
CA ALA B 66 63.79 -37.44 1.64
C ALA B 66 65.03 -38.07 1.04
N HIS B 67 65.12 -38.03 -0.29
CA HIS B 67 66.18 -38.74 -0.96
C HIS B 67 67.19 -37.75 -1.48
N GLY B 68 67.20 -36.57 -0.90
CA GLY B 68 68.12 -35.57 -1.34
C GLY B 68 68.63 -34.85 -0.13
N LYS B 69 69.05 -33.63 -0.37
CA LYS B 69 69.66 -32.84 0.66
C LYS B 69 68.68 -32.18 1.62
N ASP B 70 67.37 -32.12 1.31
CA ASP B 70 66.39 -31.33 2.10
C ASP B 70 66.30 -31.81 3.52
N PHE B 71 65.67 -32.98 3.65
CA PHE B 71 65.57 -33.61 4.94
C PHE B 71 66.91 -33.57 5.65
N ALA B 72 67.95 -34.08 5.03
CA ALA B 72 69.29 -34.00 5.64
C ALA B 72 69.66 -32.61 6.25
N SER B 73 69.28 -31.50 5.58
CA SER B 73 69.62 -30.15 6.04
C SER B 73 68.64 -29.65 7.13
N ARG B 74 67.54 -30.40 7.32
CA ARG B 74 66.56 -30.14 8.38
C ARG B 74 66.89 -30.99 9.58
N GLY B 75 67.96 -31.76 9.51
CA GLY B 75 68.27 -32.62 10.63
C GLY B 75 67.44 -33.90 10.71
N ILE B 76 66.78 -34.27 9.62
CA ILE B 76 66.17 -35.58 9.53
C ILE B 76 67.13 -36.54 8.83
N GLU B 77 68.00 -37.18 9.59
CA GLU B 77 68.93 -38.14 9.00
C GLU B 77 68.25 -39.46 8.79
N MET B 78 68.51 -40.06 7.64
CA MET B 78 67.96 -41.38 7.39
C MET B 78 68.97 -42.37 6.76
N SER B 79 68.97 -43.62 7.25
CA SER B 79 69.79 -44.66 6.66
C SER B 79 69.60 -44.67 5.15
N GLU B 80 68.66 -45.46 4.64
CA GLU B 80 68.50 -45.60 3.19
C GLU B 80 67.13 -45.12 2.77
N VAL B 81 67.04 -44.38 1.66
CA VAL B 81 65.72 -43.98 1.13
C VAL B 81 65.42 -44.74 -0.15
N ARG B 82 64.68 -45.81 0.03
CA ARG B 82 64.36 -46.78 -1.00
C ARG B 82 62.97 -46.39 -1.53
N LEU B 83 62.76 -46.49 -2.83
CA LEU B 83 61.43 -46.28 -3.41
C LEU B 83 60.62 -47.60 -3.58
N ASN B 84 59.33 -47.58 -3.31
CA ASN B 84 58.49 -48.74 -3.52
C ASN B 84 57.34 -48.31 -4.43
N LEU B 85 57.59 -48.25 -5.74
CA LEU B 85 56.61 -47.72 -6.66
C LEU B 85 55.26 -48.40 -6.52
N ASP B 86 55.24 -49.69 -6.28
CA ASP B 86 53.95 -50.33 -6.17
C ASP B 86 53.08 -49.60 -5.16
N LYS B 87 53.68 -49.23 -4.03
CA LYS B 87 52.96 -48.68 -2.90
C LYS B 87 52.61 -47.24 -3.11
N MET B 88 53.46 -46.49 -3.81
CA MET B 88 53.13 -45.10 -4.07
C MET B 88 51.99 -45.00 -5.08
N MET B 89 51.98 -45.97 -6.00
CA MET B 89 50.91 -46.08 -6.97
C MET B 89 49.66 -46.56 -6.26
N GLU B 90 49.87 -47.35 -5.21
CA GLU B 90 48.77 -47.87 -4.43
C GLU B 90 48.12 -46.82 -3.58
N GLN B 91 48.77 -45.68 -3.33
CA GLN B 91 48.03 -44.65 -2.61
C GLN B 91 47.32 -43.76 -3.58
N LYS B 92 47.73 -43.77 -4.82
CA LYS B 92 47.05 -42.88 -5.75
C LYS B 92 45.74 -43.53 -6.11
N SER B 93 45.77 -44.84 -6.28
CA SER B 93 44.54 -45.52 -6.70
C SER B 93 43.53 -45.40 -5.59
N THR B 94 44.02 -45.61 -4.39
CA THR B 94 43.29 -45.24 -3.20
C THR B 94 42.53 -43.92 -3.27
N ALA B 95 43.21 -42.79 -3.43
CA ALA B 95 42.55 -41.48 -3.56
C ALA B 95 41.43 -41.51 -4.59
N VAL B 96 41.81 -41.85 -5.82
CA VAL B 96 40.83 -41.92 -6.90
C VAL B 96 39.63 -42.77 -6.58
N LYS B 97 39.88 -43.96 -6.02
CA LYS B 97 38.78 -44.86 -5.76
C LYS B 97 37.87 -44.24 -4.74
N ALA B 98 38.47 -43.71 -3.68
CA ALA B 98 37.66 -43.10 -2.63
C ALA B 98 36.88 -41.97 -3.23
N LEU B 99 37.53 -41.11 -4.03
CA LEU B 99 36.86 -39.94 -4.59
C LEU B 99 35.69 -40.34 -5.52
N THR B 100 35.92 -41.21 -6.52
CA THR B 100 34.82 -41.64 -7.38
C THR B 100 33.68 -42.30 -6.62
N GLY B 101 34.03 -42.96 -5.52
CA GLY B 101 33.04 -43.47 -4.60
C GLY B 101 32.13 -42.35 -4.19
N GLY B 102 32.72 -41.28 -3.61
CA GLY B 102 32.03 -40.03 -3.26
C GLY B 102 30.99 -39.45 -4.25
N ILE B 103 31.31 -39.53 -5.53
CA ILE B 103 30.41 -38.99 -6.51
C ILE B 103 29.20 -39.83 -6.56
N ALA B 104 29.39 -41.16 -6.50
CA ALA B 104 28.28 -42.13 -6.61
C ALA B 104 27.31 -41.89 -5.48
N HIS B 105 27.90 -41.70 -4.31
CA HIS B 105 27.19 -41.29 -3.12
C HIS B 105 26.53 -39.89 -3.23
N LEU B 106 27.17 -38.87 -3.78
CA LEU B 106 26.44 -37.60 -3.94
C LEU B 106 25.28 -37.74 -4.85
N PHE B 107 25.46 -38.49 -5.90
CA PHE B 107 24.39 -38.65 -6.79
C PHE B 107 23.24 -39.30 -6.02
N LYS B 108 23.50 -40.16 -5.04
CA LYS B 108 22.36 -40.73 -4.31
C LYS B 108 21.66 -39.70 -3.40
N GLN B 109 22.40 -38.89 -2.65
CA GLN B 109 21.68 -37.96 -1.80
C GLN B 109 20.91 -36.85 -2.53
N ASN B 110 21.36 -36.47 -3.72
CA ASN B 110 20.66 -35.45 -4.49
C ASN B 110 19.69 -36.09 -5.45
N LYS B 111 19.43 -37.36 -5.19
CA LYS B 111 18.49 -38.18 -5.93
C LYS B 111 18.74 -38.19 -7.46
N VAL B 112 19.97 -38.02 -7.90
CA VAL B 112 20.32 -38.02 -9.34
C VAL B 112 20.33 -39.44 -9.88
N VAL B 113 19.62 -39.64 -10.99
CA VAL B 113 19.49 -40.99 -11.51
C VAL B 113 20.72 -41.31 -12.31
N HIS B 114 21.41 -42.39 -11.93
CA HIS B 114 22.63 -42.81 -12.64
C HIS B 114 22.34 -43.88 -13.72
N VAL B 115 22.60 -43.59 -15.00
CA VAL B 115 22.52 -44.58 -16.05
C VAL B 115 23.88 -44.88 -16.66
N ASN B 116 24.26 -46.13 -16.57
CA ASN B 116 25.52 -46.53 -17.12
C ASN B 116 25.36 -46.85 -18.60
N GLY B 117 26.29 -46.40 -19.42
CA GLY B 117 26.18 -46.71 -20.82
C GLY B 117 26.62 -45.57 -21.70
N TYR B 118 26.75 -45.86 -22.98
CA TYR B 118 27.19 -44.91 -23.96
C TYR B 118 25.88 -44.28 -24.44
N GLY B 119 25.80 -42.95 -24.33
CA GLY B 119 24.58 -42.25 -24.67
C GLY B 119 24.68 -41.69 -26.06
N LYS B 120 23.60 -41.82 -26.82
CA LYS B 120 23.44 -41.24 -28.16
C LYS B 120 22.21 -40.38 -28.13
N ILE B 121 22.23 -39.23 -28.77
CA ILE B 121 21.00 -38.44 -28.80
C ILE B 121 20.13 -38.87 -29.96
N THR B 122 19.16 -39.71 -29.68
CA THR B 122 18.35 -40.24 -30.76
C THR B 122 17.33 -39.26 -31.31
N GLY B 123 17.14 -38.11 -30.64
CA GLY B 123 16.13 -37.13 -31.01
C GLY B 123 16.08 -35.93 -30.08
N LYS B 124 15.49 -34.81 -30.49
CA LYS B 124 15.65 -33.60 -29.66
C LYS B 124 15.17 -33.77 -28.25
N ASN B 125 14.48 -34.86 -27.96
CA ASN B 125 13.97 -35.05 -26.63
C ASN B 125 14.26 -36.45 -26.16
N GLN B 126 15.18 -37.12 -26.84
CA GLN B 126 15.51 -38.50 -26.48
C GLN B 126 17.00 -38.83 -26.48
N VAL B 127 17.46 -39.51 -25.44
CA VAL B 127 18.79 -40.05 -25.41
C VAL B 127 18.71 -41.55 -25.22
N THR B 128 19.58 -42.26 -25.91
CA THR B 128 19.56 -43.70 -25.81
C THR B 128 20.91 -44.15 -25.32
N ALA B 129 20.92 -44.76 -24.13
CA ALA B 129 22.14 -45.31 -23.53
C ALA B 129 22.31 -46.80 -23.83
N THR B 130 23.46 -47.17 -24.42
CA THR B 130 23.73 -48.58 -24.73
C THR B 130 24.81 -49.11 -23.81
N LYS B 131 24.46 -50.15 -23.04
CA LYS B 131 25.33 -50.72 -22.02
C LYS B 131 26.44 -51.55 -22.69
N ALA B 132 27.33 -52.10 -21.86
CA ALA B 132 28.44 -52.95 -22.32
C ALA B 132 27.98 -54.07 -23.29
N ASP B 133 26.87 -54.71 -22.91
CA ASP B 133 26.28 -55.82 -23.62
C ASP B 133 24.99 -55.48 -24.36
N GLY B 134 25.05 -54.65 -25.39
CA GLY B 134 23.84 -54.28 -26.12
C GLY B 134 22.63 -53.77 -25.30
N GLY B 135 22.47 -54.25 -24.05
CA GLY B 135 21.37 -53.82 -23.18
C GLY B 135 21.15 -52.32 -23.36
N THR B 136 19.92 -51.92 -23.71
CA THR B 136 19.63 -50.52 -23.99
C THR B 136 18.80 -49.82 -22.88
N GLN B 137 18.77 -48.48 -22.83
CA GLN B 137 17.96 -47.72 -21.84
C GLN B 137 17.53 -46.38 -22.42
N VAL B 138 16.23 -46.15 -22.61
CA VAL B 138 15.82 -44.90 -23.28
C VAL B 138 15.45 -43.78 -22.31
N ILE B 139 15.85 -42.57 -22.63
CA ILE B 139 15.46 -41.43 -21.81
C ILE B 139 14.78 -40.29 -22.56
N ASP B 140 13.47 -40.11 -22.34
CA ASP B 140 12.72 -38.94 -22.84
C ASP B 140 12.92 -37.79 -21.86
N THR B 141 13.46 -36.70 -22.36
CA THR B 141 13.90 -35.62 -21.51
C THR B 141 13.59 -34.26 -22.12
N LYS B 142 13.32 -33.31 -21.24
CA LYS B 142 13.04 -31.93 -21.59
C LYS B 142 14.31 -31.32 -22.16
N ASN B 143 15.34 -31.22 -21.34
CA ASN B 143 16.65 -30.76 -21.84
C ASN B 143 17.67 -31.85 -21.89
N ILE B 144 18.55 -31.83 -22.88
CA ILE B 144 19.66 -32.75 -22.76
C ILE B 144 20.96 -31.92 -22.67
N LEU B 145 21.85 -32.25 -21.75
CA LEU B 145 23.04 -31.45 -21.59
C LEU B 145 24.30 -32.24 -21.87
N ILE B 146 25.04 -31.82 -22.89
CA ILE B 146 26.26 -32.48 -23.38
C ILE B 146 27.53 -32.07 -22.59
N ALA B 147 28.15 -33.04 -21.92
CA ALA B 147 29.40 -32.79 -21.29
C ALA B 147 30.38 -33.99 -21.54
N THR B 148 30.51 -34.42 -22.80
CA THR B 148 31.30 -35.63 -23.09
C THR B 148 32.82 -35.49 -22.99
N GLY B 149 33.29 -34.35 -22.49
CA GLY B 149 34.71 -34.15 -22.27
C GLY B 149 35.67 -34.10 -23.43
N SER B 150 36.91 -34.54 -23.21
CA SER B 150 37.98 -34.45 -24.21
C SER B 150 38.73 -35.75 -24.20
N GLU B 151 39.64 -35.89 -25.16
CA GLU B 151 40.44 -37.11 -25.31
C GLU B 151 41.84 -36.68 -25.72
N VAL B 152 42.80 -37.60 -25.82
CA VAL B 152 44.17 -37.25 -26.18
C VAL B 152 44.28 -36.78 -27.63
N THR B 153 45.01 -35.70 -27.91
CA THR B 153 45.38 -35.41 -29.29
C THR B 153 46.50 -36.35 -29.81
N PRO B 154 46.29 -37.21 -30.81
CA PRO B 154 47.39 -38.12 -31.16
C PRO B 154 48.41 -37.44 -32.08
N PHE B 155 49.65 -37.95 -32.06
CA PHE B 155 50.78 -37.32 -32.74
C PHE B 155 50.97 -37.97 -34.09
N PRO B 156 51.05 -37.15 -35.15
CA PRO B 156 51.30 -37.60 -36.53
C PRO B 156 52.26 -38.82 -36.66
N GLY B 157 51.80 -39.91 -37.23
CA GLY B 157 52.66 -41.07 -37.37
C GLY B 157 53.42 -41.57 -36.16
N ILE B 158 52.76 -41.68 -35.00
CA ILE B 158 53.28 -42.35 -33.77
C ILE B 158 52.08 -42.95 -33.05
N THR B 159 52.15 -44.16 -32.56
CA THR B 159 50.91 -44.73 -32.03
C THR B 159 51.04 -45.00 -30.56
N ILE B 160 50.19 -44.39 -29.72
CA ILE B 160 50.20 -44.69 -28.27
C ILE B 160 49.73 -46.13 -27.97
N ASP B 161 50.58 -46.98 -27.45
CA ASP B 161 50.08 -48.30 -27.07
C ASP B 161 49.87 -48.42 -25.58
N GLU B 162 50.20 -47.33 -24.91
CA GLU B 162 50.08 -47.23 -23.46
C GLU B 162 50.95 -48.24 -22.70
N ASP B 163 52.04 -48.65 -23.30
CA ASP B 163 52.87 -49.63 -22.65
C ASP B 163 54.25 -49.07 -22.65
N THR B 164 54.73 -48.66 -23.83
CA THR B 164 56.06 -48.07 -23.91
C THR B 164 55.93 -46.74 -24.66
N ILE B 165 54.84 -46.54 -25.34
CA ILE B 165 54.60 -45.26 -25.91
C ILE B 165 53.27 -44.97 -25.31
N VAL B 166 53.27 -44.02 -24.41
CA VAL B 166 52.18 -43.79 -23.52
C VAL B 166 51.74 -42.37 -23.75
N SER B 167 50.55 -42.09 -23.25
CA SER B 167 50.02 -40.78 -23.18
C SER B 167 49.91 -40.52 -21.68
N SER B 168 49.22 -39.44 -21.35
CA SER B 168 49.12 -39.05 -19.97
C SER B 168 48.63 -40.25 -19.17
N THR B 169 47.56 -40.91 -19.61
CA THR B 169 47.07 -42.13 -18.94
C THR B 169 48.14 -43.12 -18.59
N GLY B 170 48.85 -43.56 -19.62
CA GLY B 170 49.82 -44.60 -19.45
C GLY B 170 50.81 -44.10 -18.44
N ALA B 171 51.28 -42.88 -18.70
CA ALA B 171 52.26 -42.24 -17.85
C ALA B 171 51.96 -42.36 -16.37
N LEU B 172 50.72 -42.12 -15.97
CA LEU B 172 50.36 -42.21 -14.56
C LEU B 172 50.38 -43.69 -14.00
N SER B 173 50.77 -44.66 -14.81
CA SER B 173 50.75 -46.04 -14.33
C SER B 173 51.99 -46.84 -14.77
N LEU B 174 53.12 -46.16 -14.92
CA LEU B 174 54.31 -46.84 -15.27
C LEU B 174 54.62 -47.88 -14.23
N LYS B 175 55.28 -48.94 -14.64
CA LYS B 175 55.49 -50.10 -13.75
C LYS B 175 56.85 -50.05 -13.06
N LYS B 176 57.75 -49.23 -13.59
CA LYS B 176 58.97 -48.89 -12.91
C LYS B 176 59.37 -47.54 -13.43
N VAL B 177 60.23 -46.86 -12.69
CA VAL B 177 60.84 -45.63 -13.16
C VAL B 177 61.67 -45.89 -14.43
N PRO B 178 61.26 -45.32 -15.56
CA PRO B 178 61.97 -45.55 -16.82
C PRO B 178 63.35 -44.91 -16.80
N GLU B 179 64.41 -45.61 -17.18
CA GLU B 179 65.73 -45.04 -17.11
C GLU B 179 65.84 -43.69 -17.88
N LYS B 180 65.50 -43.66 -19.15
CA LYS B 180 65.45 -42.45 -19.93
C LYS B 180 64.03 -42.20 -20.40
N MET B 181 63.56 -40.97 -20.26
CA MET B 181 62.22 -40.64 -20.74
C MET B 181 62.21 -39.40 -21.63
N VAL B 182 61.46 -39.50 -22.72
CA VAL B 182 61.28 -38.40 -23.61
C VAL B 182 59.85 -37.98 -23.54
N VAL B 183 59.62 -36.67 -23.56
CA VAL B 183 58.27 -36.10 -23.54
C VAL B 183 58.06 -35.23 -24.75
N ILE B 184 56.99 -35.51 -25.49
CA ILE B 184 56.70 -34.68 -26.64
C ILE B 184 55.69 -33.67 -26.17
N GLY B 185 56.14 -32.42 -26.10
CA GLY B 185 55.33 -31.26 -25.73
C GLY B 185 55.59 -30.72 -24.32
N ALA B 186 56.02 -29.45 -24.21
CA ALA B 186 56.24 -28.87 -22.88
C ALA B 186 55.06 -28.01 -22.37
N GLY B 187 53.84 -28.50 -22.56
CA GLY B 187 52.72 -27.82 -21.98
C GLY B 187 52.60 -28.22 -20.51
N VAL B 188 51.56 -27.72 -19.89
CA VAL B 188 51.23 -28.14 -18.54
C VAL B 188 51.31 -29.61 -18.26
N ILE B 189 50.43 -30.41 -18.86
CA ILE B 189 50.45 -31.87 -18.59
C ILE B 189 51.89 -32.41 -18.64
N GLY B 190 52.66 -31.76 -19.54
CA GLY B 190 53.99 -32.18 -19.94
C GLY B 190 55.01 -32.01 -18.84
N VAL B 191 55.37 -30.78 -18.56
CA VAL B 191 56.26 -30.53 -17.43
C VAL B 191 55.70 -31.27 -16.19
N GLU B 192 54.41 -31.26 -15.98
CA GLU B 192 53.87 -31.92 -14.80
C GLU B 192 54.34 -33.39 -14.66
N LEU B 193 53.98 -34.21 -15.65
CA LEU B 193 54.28 -35.64 -15.65
C LEU B 193 55.75 -35.94 -15.82
N GLY B 194 56.47 -35.06 -16.51
CA GLY B 194 57.85 -35.27 -16.78
C GLY B 194 58.54 -35.08 -15.45
N SER B 195 58.02 -34.13 -14.70
CA SER B 195 58.66 -33.80 -13.45
C SER B 195 58.47 -34.88 -12.38
N VAL B 196 57.42 -35.64 -12.50
CA VAL B 196 57.17 -36.66 -11.53
C VAL B 196 58.27 -37.69 -11.73
N TRP B 197 58.54 -38.09 -12.97
CA TRP B 197 59.44 -39.21 -13.17
C TRP B 197 60.88 -38.78 -13.10
N GLN B 198 61.14 -37.51 -13.40
CA GLN B 198 62.45 -36.95 -13.27
C GLN B 198 62.79 -36.94 -11.80
N ARG B 199 61.84 -36.59 -10.94
CA ARG B 199 62.10 -36.72 -9.51
C ARG B 199 62.27 -38.17 -9.02
N LEU B 200 61.74 -39.16 -9.70
CA LEU B 200 61.77 -40.52 -9.15
C LEU B 200 62.99 -41.29 -9.66
N GLY B 201 63.77 -40.67 -10.53
CA GLY B 201 65.03 -41.28 -10.93
C GLY B 201 65.24 -41.26 -12.43
N ALA B 202 64.14 -41.05 -13.17
CA ALA B 202 64.26 -40.97 -14.62
C ALA B 202 65.02 -39.74 -15.19
N ASP B 203 65.39 -39.92 -16.44
CA ASP B 203 66.12 -38.94 -17.20
C ASP B 203 65.22 -38.37 -18.27
N VAL B 204 64.54 -37.28 -17.96
CA VAL B 204 63.60 -36.80 -18.93
C VAL B 204 64.03 -35.59 -19.71
N THR B 205 63.76 -35.70 -21.00
CA THR B 205 63.93 -34.58 -21.92
C THR B 205 62.59 -34.29 -22.53
N ALA B 206 62.28 -33.00 -22.62
CA ALA B 206 61.02 -32.58 -23.17
C ALA B 206 61.20 -31.72 -24.41
N VAL B 207 60.70 -32.20 -25.54
CA VAL B 207 60.89 -31.54 -26.83
C VAL B 207 59.61 -30.82 -27.16
N GLU B 208 59.70 -29.59 -27.65
CA GLU B 208 58.53 -28.73 -27.77
C GLU B 208 58.68 -27.80 -28.98
N PHE B 209 57.61 -27.61 -29.76
CA PHE B 209 57.70 -26.88 -31.01
C PHE B 209 57.86 -25.40 -30.73
N LEU B 210 57.18 -24.94 -29.71
CA LEU B 210 57.19 -23.53 -29.39
C LEU B 210 58.47 -23.15 -28.62
N GLY B 211 58.73 -21.84 -28.52
CA GLY B 211 59.88 -21.35 -27.74
C GLY B 211 59.75 -21.19 -26.23
N HIS B 212 58.75 -21.80 -25.63
CA HIS B 212 58.57 -21.62 -24.20
C HIS B 212 57.91 -22.79 -23.53
N VAL B 213 58.29 -23.12 -22.31
CA VAL B 213 57.62 -24.23 -21.62
C VAL B 213 56.39 -23.67 -20.93
N GLY B 214 55.44 -24.54 -20.58
CA GLY B 214 54.18 -24.15 -19.91
C GLY B 214 53.22 -23.82 -21.01
N GLY B 215 51.93 -23.88 -20.83
CA GLY B 215 51.13 -23.93 -22.06
C GLY B 215 50.91 -22.65 -22.87
N VAL B 216 49.66 -22.37 -23.20
CA VAL B 216 49.32 -21.08 -23.79
C VAL B 216 48.89 -20.12 -22.67
N GLY B 217 48.99 -18.81 -22.92
CA GLY B 217 48.70 -17.82 -21.87
C GLY B 217 49.67 -17.60 -20.70
N ILE B 218 50.54 -18.56 -20.45
CA ILE B 218 51.62 -18.43 -19.49
C ILE B 218 52.43 -17.23 -19.91
N ASP B 219 52.98 -16.54 -18.92
CA ASP B 219 53.65 -15.29 -19.16
C ASP B 219 55.09 -15.58 -19.54
N MET B 220 55.58 -14.90 -20.57
CA MET B 220 56.92 -15.14 -21.07
C MET B 220 57.99 -15.13 -20.00
N GLU B 221 58.07 -14.06 -19.22
CA GLU B 221 59.14 -13.96 -18.22
C GLU B 221 59.02 -15.02 -17.10
N ILE B 222 57.80 -15.38 -16.73
CA ILE B 222 57.77 -16.41 -15.75
C ILE B 222 57.96 -17.77 -16.37
N SER B 223 57.75 -17.88 -17.69
CA SER B 223 57.99 -19.16 -18.34
C SER B 223 59.47 -19.40 -18.42
N LYS B 224 60.20 -18.39 -18.82
CA LYS B 224 61.64 -18.46 -18.86
C LYS B 224 62.16 -18.79 -17.49
N ASN B 225 61.67 -18.12 -16.45
CA ASN B 225 62.16 -18.44 -15.10
C ASN B 225 61.78 -19.84 -14.62
N PHE B 226 60.61 -20.30 -15.05
CA PHE B 226 60.10 -21.62 -14.67
C PHE B 226 61.01 -22.66 -15.30
N GLN B 227 61.26 -22.48 -16.59
CA GLN B 227 62.19 -23.32 -17.30
C GLN B 227 63.51 -23.35 -16.53
N ARG B 228 64.18 -22.20 -16.46
CA ARG B 228 65.45 -22.11 -15.72
C ARG B 228 65.52 -22.97 -14.44
N ILE B 229 64.43 -22.99 -13.69
CA ILE B 229 64.44 -23.70 -12.45
C ILE B 229 64.37 -25.15 -12.72
N LEU B 230 63.37 -25.56 -13.45
CA LEU B 230 63.20 -26.98 -13.72
C LEU B 230 64.51 -27.51 -14.34
N GLN B 231 65.27 -26.64 -15.00
CA GLN B 231 66.53 -27.15 -15.54
C GLN B 231 67.47 -27.56 -14.39
N LYS B 232 67.70 -26.67 -13.43
CA LYS B 232 68.61 -26.94 -12.31
C LYS B 232 68.21 -28.19 -11.51
N GLN B 233 66.91 -28.51 -11.53
CA GLN B 233 66.47 -29.74 -10.91
C GLN B 233 66.85 -30.97 -11.73
N GLY B 234 67.11 -30.84 -13.03
CA GLY B 234 67.51 -31.97 -13.86
C GLY B 234 66.61 -32.17 -15.08
N PHE B 235 65.53 -31.41 -15.14
CA PHE B 235 64.63 -31.51 -16.29
C PHE B 235 65.25 -30.86 -17.55
N LYS B 236 65.39 -31.67 -18.58
CA LYS B 236 66.06 -31.24 -19.80
C LYS B 236 65.02 -30.87 -20.87
N PHE B 237 65.23 -29.74 -21.56
CA PHE B 237 64.29 -29.26 -22.56
C PHE B 237 64.86 -29.02 -23.90
N LYS B 238 64.03 -29.21 -24.89
CA LYS B 238 64.45 -28.97 -26.23
C LYS B 238 63.35 -28.15 -26.85
N LEU B 239 63.60 -26.85 -26.90
CA LEU B 239 62.68 -25.85 -27.43
C LEU B 239 62.87 -25.63 -28.91
N ASN B 240 61.91 -24.97 -29.57
CA ASN B 240 61.94 -24.92 -31.04
C ASN B 240 62.52 -26.15 -31.73
N THR B 241 62.06 -27.30 -31.31
CA THR B 241 62.43 -28.54 -31.94
C THR B 241 61.17 -29.17 -32.41
N LYS B 242 61.23 -30.02 -33.42
CA LYS B 242 60.04 -30.75 -33.83
C LYS B 242 60.31 -32.22 -33.94
N VAL B 243 59.38 -33.07 -33.51
CA VAL B 243 59.65 -34.49 -33.59
C VAL B 243 59.13 -34.88 -34.94
N THR B 244 59.98 -35.53 -35.74
CA THR B 244 59.67 -35.99 -37.11
C THR B 244 59.23 -37.42 -37.09
N GLY B 245 59.60 -38.17 -36.07
CA GLY B 245 58.98 -39.48 -35.99
C GLY B 245 59.65 -40.36 -35.01
N ALA B 246 59.06 -41.50 -34.74
CA ALA B 246 59.71 -42.34 -33.78
C ALA B 246 59.70 -43.71 -34.32
N THR B 247 60.74 -44.44 -33.99
CA THR B 247 60.83 -45.82 -34.38
C THR B 247 61.21 -46.69 -33.16
N LYS B 248 60.52 -47.81 -33.04
CA LYS B 248 60.64 -48.70 -31.88
C LYS B 248 61.70 -49.79 -32.14
N LYS B 249 62.80 -49.72 -31.42
CA LYS B 249 63.95 -50.59 -31.67
C LYS B 249 63.78 -52.06 -31.28
N SER B 250 64.77 -52.89 -31.60
CA SER B 250 64.67 -54.35 -31.45
C SER B 250 64.74 -54.85 -30.01
N ASP B 251 65.72 -54.34 -29.28
CA ASP B 251 65.93 -54.69 -27.88
C ASP B 251 64.88 -54.16 -26.88
N GLY B 252 63.93 -53.35 -27.35
CA GLY B 252 62.96 -52.69 -26.48
C GLY B 252 62.90 -51.15 -26.46
N LYS B 253 64.04 -50.47 -26.70
CA LYS B 253 64.14 -48.99 -26.69
C LYS B 253 63.33 -48.33 -27.79
N ILE B 254 63.25 -47.00 -27.77
CA ILE B 254 62.51 -46.24 -28.78
C ILE B 254 63.38 -45.13 -29.27
N ASP B 255 63.31 -44.86 -30.57
CA ASP B 255 64.19 -43.86 -31.16
C ASP B 255 63.39 -42.72 -31.70
N VAL B 256 63.55 -41.53 -31.13
CA VAL B 256 62.81 -40.41 -31.68
C VAL B 256 63.69 -39.62 -32.59
N SER B 257 63.21 -39.33 -33.78
CA SER B 257 63.89 -38.35 -34.64
C SER B 257 63.38 -36.95 -34.36
N ILE B 258 64.30 -36.07 -33.94
CA ILE B 258 63.93 -34.70 -33.66
C ILE B 258 64.63 -33.79 -34.64
N GLU B 259 64.43 -32.50 -34.56
CA GLU B 259 64.94 -31.60 -35.60
C GLU B 259 64.51 -30.15 -35.35
N ALA B 260 65.29 -29.16 -35.77
CA ALA B 260 64.91 -27.76 -35.54
C ALA B 260 63.62 -27.46 -36.26
N ALA B 261 62.64 -27.00 -35.51
CA ALA B 261 61.41 -26.56 -36.11
C ALA B 261 61.69 -25.60 -37.32
N SER B 262 62.38 -24.50 -37.04
CA SER B 262 62.86 -23.52 -38.01
C SER B 262 63.47 -24.13 -39.29
N GLY B 263 64.75 -24.48 -39.26
CA GLY B 263 65.39 -25.25 -40.33
C GLY B 263 65.26 -26.77 -40.16
N GLY B 264 66.38 -27.50 -40.06
CA GLY B 264 66.32 -28.92 -39.84
C GLY B 264 67.63 -29.59 -39.46
N LYS B 265 68.24 -29.19 -38.34
CA LYS B 265 69.47 -29.84 -37.84
C LYS B 265 69.08 -31.12 -37.14
N ALA B 266 68.97 -32.18 -37.96
CA ALA B 266 68.36 -33.45 -37.56
C ALA B 266 69.19 -34.12 -36.50
N GLU B 267 68.60 -35.08 -35.75
CA GLU B 267 69.31 -35.80 -34.69
C GLU B 267 68.39 -36.77 -34.01
N VAL B 268 68.93 -37.85 -33.47
CA VAL B 268 68.11 -38.87 -32.80
C VAL B 268 68.24 -38.91 -31.27
N ILE B 269 67.18 -39.33 -30.58
CA ILE B 269 67.25 -39.55 -29.15
C ILE B 269 66.58 -40.88 -28.83
N THR B 270 67.40 -41.79 -28.35
CA THR B 270 66.93 -43.04 -27.84
C THR B 270 66.29 -42.77 -26.48
N CYS B 271 65.46 -43.70 -25.99
CA CYS B 271 64.86 -43.54 -24.67
C CYS B 271 64.02 -44.76 -24.39
N ASP B 272 63.69 -45.03 -23.16
CA ASP B 272 63.01 -46.28 -22.85
C ASP B 272 61.52 -46.14 -22.94
N VAL B 273 61.04 -44.91 -22.73
CA VAL B 273 59.61 -44.52 -22.70
C VAL B 273 59.33 -43.15 -23.34
N LEU B 274 58.35 -43.12 -24.23
CA LEU B 274 57.93 -41.91 -24.85
C LEU B 274 56.59 -41.50 -24.29
N LEU B 275 56.47 -40.27 -23.79
CA LEU B 275 55.19 -39.72 -23.34
C LEU B 275 54.65 -38.76 -24.31
N VAL B 276 53.58 -39.15 -25.00
CA VAL B 276 53.02 -38.29 -26.00
C VAL B 276 51.94 -37.43 -25.41
N CYS B 277 52.20 -36.14 -25.28
CA CYS B 277 51.18 -35.16 -24.91
C CYS B 277 51.44 -33.84 -25.65
N ILE B 278 50.84 -33.71 -26.83
CA ILE B 278 50.90 -32.45 -27.55
C ILE B 278 49.61 -31.69 -27.40
N GLY B 279 48.61 -32.32 -26.81
CA GLY B 279 47.33 -31.65 -26.57
C GLY B 279 46.13 -32.56 -26.32
N ARG B 280 45.00 -31.93 -26.02
CA ARG B 280 43.72 -32.63 -25.88
C ARG B 280 42.64 -32.07 -26.86
N ARG B 281 41.68 -32.90 -27.20
CA ARG B 281 40.69 -32.42 -28.13
C ARG B 281 39.35 -32.83 -27.64
N PRO B 282 38.33 -32.09 -28.04
CA PRO B 282 36.97 -32.31 -27.60
C PRO B 282 36.53 -33.66 -28.05
N PHE B 283 35.98 -34.49 -27.17
CA PHE B 283 35.57 -35.82 -27.58
C PHE B 283 34.09 -35.84 -27.74
N THR B 284 33.61 -36.34 -28.86
CA THR B 284 32.19 -36.15 -29.20
C THR B 284 31.68 -37.22 -30.16
N LYS B 285 32.22 -38.42 -30.05
CA LYS B 285 31.93 -39.48 -31.02
C LYS B 285 30.75 -40.33 -30.57
N ASN B 286 29.97 -40.81 -31.55
CA ASN B 286 28.77 -41.64 -31.31
C ASN B 286 27.67 -40.90 -30.60
N LEU B 287 27.63 -39.59 -30.76
CA LEU B 287 26.73 -38.77 -29.99
C LEU B 287 25.50 -38.47 -30.82
N GLY B 288 25.62 -38.68 -32.13
CA GLY B 288 24.53 -38.43 -33.04
C GLY B 288 24.38 -36.94 -33.39
N LEU B 289 25.46 -36.20 -33.28
CA LEU B 289 25.37 -34.78 -33.52
C LEU B 289 25.05 -34.51 -34.95
N GLU B 290 25.56 -35.36 -35.85
CA GLU B 290 25.46 -35.14 -37.29
C GLU B 290 24.03 -35.18 -37.71
N GLU B 291 23.38 -36.34 -37.51
CA GLU B 291 21.98 -36.54 -37.86
C GLU B 291 21.04 -35.58 -37.17
N LEU B 292 21.58 -34.54 -36.56
CA LEU B 292 20.83 -33.59 -35.79
C LEU B 292 21.14 -32.23 -36.32
N GLY B 293 22.10 -32.11 -37.19
CA GLY B 293 22.40 -30.80 -37.73
C GLY B 293 23.06 -29.87 -36.72
N ILE B 294 23.71 -30.41 -35.68
CA ILE B 294 24.70 -29.58 -35.01
C ILE B 294 26.04 -29.80 -35.67
N GLU B 295 26.53 -28.83 -36.43
CA GLU B 295 27.91 -28.88 -36.89
C GLU B 295 28.91 -28.62 -35.73
N LEU B 296 30.09 -29.25 -35.76
CA LEU B 296 31.16 -28.75 -34.88
C LEU B 296 31.96 -27.61 -35.49
N ASP B 297 32.71 -26.91 -34.67
CA ASP B 297 33.57 -25.88 -35.19
C ASP B 297 34.88 -26.55 -35.62
N PRO B 298 35.75 -25.86 -36.41
CA PRO B 298 36.98 -26.48 -36.94
C PRO B 298 37.90 -27.15 -35.93
N ARG B 299 38.02 -26.65 -34.70
CA ARG B 299 38.82 -27.35 -33.70
C ARG B 299 38.02 -28.52 -33.16
N GLY B 300 36.80 -28.71 -33.66
CA GLY B 300 35.98 -29.79 -33.20
C GLY B 300 35.07 -29.60 -31.97
N ARG B 301 35.04 -28.42 -31.40
CA ARG B 301 34.19 -28.12 -30.24
C ARG B 301 32.78 -27.77 -30.68
N ILE B 302 31.78 -28.02 -29.81
CA ILE B 302 30.37 -27.71 -30.11
C ILE B 302 30.10 -26.21 -29.98
N PRO B 303 29.71 -25.48 -31.03
CA PRO B 303 29.49 -24.04 -30.84
C PRO B 303 28.13 -23.76 -30.16
N VAL B 304 28.20 -23.08 -29.00
CA VAL B 304 27.06 -22.86 -28.14
C VAL B 304 26.91 -21.36 -28.00
N ASN B 305 25.75 -20.90 -27.57
CA ASN B 305 25.60 -19.48 -27.37
C ASN B 305 25.88 -19.10 -25.94
N THR B 306 25.20 -18.08 -25.48
CA THR B 306 25.46 -17.43 -24.23
C THR B 306 24.81 -18.16 -23.12
N ARG B 307 23.87 -19.02 -23.43
CA ARG B 307 23.25 -19.77 -22.35
C ARG B 307 23.73 -21.25 -22.39
N PHE B 308 24.71 -21.49 -23.25
CA PHE B 308 25.27 -22.79 -23.54
C PHE B 308 24.38 -23.66 -24.43
N GLN B 309 23.41 -23.04 -25.09
CA GLN B 309 22.62 -23.81 -26.02
C GLN B 309 23.24 -23.97 -27.40
N THR B 310 23.15 -25.16 -27.97
CA THR B 310 23.47 -25.36 -29.39
C THR B 310 22.43 -24.79 -30.35
N LYS B 311 22.56 -25.09 -31.64
CA LYS B 311 21.61 -24.69 -32.68
C LYS B 311 20.24 -25.27 -32.27
N ILE B 312 20.25 -26.34 -31.48
CA ILE B 312 18.99 -26.86 -30.98
C ILE B 312 18.81 -26.40 -29.53
N PRO B 313 17.87 -25.47 -29.37
CA PRO B 313 17.60 -24.74 -28.11
C PRO B 313 17.53 -25.52 -26.80
N ASN B 314 16.99 -26.71 -26.80
CA ASN B 314 16.92 -27.48 -25.55
C ASN B 314 18.12 -28.43 -25.31
N ILE B 315 19.12 -28.35 -26.20
CA ILE B 315 20.38 -29.12 -26.16
C ILE B 315 21.60 -28.25 -25.82
N TYR B 316 22.15 -28.41 -24.63
CA TYR B 316 23.23 -27.56 -24.18
C TYR B 316 24.55 -28.33 -24.13
N ALA B 317 25.66 -27.67 -24.44
CA ALA B 317 26.98 -28.27 -24.26
C ALA B 317 27.78 -27.40 -23.37
N ILE B 318 28.41 -28.00 -22.37
CA ILE B 318 29.38 -27.34 -21.53
C ILE B 318 30.57 -28.24 -21.25
N GLY B 319 31.59 -27.67 -20.63
CA GLY B 319 32.80 -28.39 -20.28
C GLY B 319 33.89 -28.26 -21.32
N ASP B 320 34.83 -29.18 -21.41
CA ASP B 320 35.78 -28.96 -22.48
C ASP B 320 35.40 -29.56 -23.83
N VAL B 321 34.13 -29.64 -24.13
CA VAL B 321 33.70 -29.99 -25.45
C VAL B 321 33.32 -28.66 -26.14
N VAL B 322 33.55 -27.56 -25.43
CA VAL B 322 33.25 -26.29 -26.02
C VAL B 322 34.35 -25.30 -25.70
N ALA B 323 34.30 -24.12 -26.32
CA ALA B 323 35.41 -23.18 -26.25
C ALA B 323 35.82 -22.69 -24.87
N GLY B 324 37.07 -22.26 -24.70
CA GLY B 324 37.54 -21.73 -23.44
C GLY B 324 38.50 -22.74 -22.82
N PRO B 325 39.25 -22.32 -21.81
CA PRO B 325 40.32 -23.18 -21.27
C PRO B 325 39.85 -24.60 -21.03
N MET B 326 40.62 -25.62 -21.38
CA MET B 326 40.16 -26.97 -21.04
C MET B 326 40.62 -27.26 -19.64
N LEU B 327 39.87 -26.80 -18.66
CA LEU B 327 40.24 -26.91 -17.29
C LEU B 327 39.06 -27.44 -16.48
N ALA B 328 39.34 -28.08 -15.35
CA ALA B 328 38.26 -28.64 -14.57
C ALA B 328 37.38 -27.58 -13.84
N HIS B 329 38.02 -26.57 -13.28
CA HIS B 329 37.23 -25.51 -12.69
C HIS B 329 36.39 -24.75 -13.67
N LYS B 330 36.84 -24.62 -14.93
CA LYS B 330 36.01 -24.04 -15.99
C LYS B 330 34.87 -24.96 -16.34
N ALA B 331 35.07 -26.28 -16.37
CA ALA B 331 33.92 -27.15 -16.63
C ALA B 331 32.91 -26.97 -15.56
N GLU B 332 33.33 -26.97 -14.30
CA GLU B 332 32.35 -27.01 -13.21
C GLU B 332 31.43 -25.80 -13.19
N ASP B 333 31.99 -24.61 -13.38
CA ASP B 333 31.22 -23.36 -13.45
C ASP B 333 30.24 -23.31 -14.61
N GLU B 334 30.66 -23.69 -15.80
CA GLU B 334 29.70 -23.75 -16.88
C GLU B 334 28.60 -24.72 -16.58
N GLY B 335 28.95 -25.82 -15.90
CA GLY B 335 27.97 -26.79 -15.45
C GLY B 335 26.96 -26.16 -14.54
N ILE B 336 27.43 -25.58 -13.42
CA ILE B 336 26.59 -24.76 -12.56
C ILE B 336 25.75 -23.73 -13.33
N ILE B 337 26.33 -22.83 -14.12
CA ILE B 337 25.49 -21.71 -14.50
C ILE B 337 24.68 -22.08 -15.72
N CYS B 338 25.01 -23.23 -16.30
CA CYS B 338 24.25 -23.67 -17.45
C CYS B 338 22.89 -24.05 -16.97
N VAL B 339 22.87 -24.95 -15.96
CA VAL B 339 21.62 -25.39 -15.32
C VAL B 339 20.89 -24.22 -14.66
N GLU B 340 21.59 -23.38 -13.92
CA GLU B 340 20.90 -22.21 -13.38
C GLU B 340 20.15 -21.46 -14.46
N GLY B 341 20.72 -21.34 -15.67
CA GLY B 341 20.04 -20.68 -16.78
C GLY B 341 18.83 -21.45 -17.30
N MET B 342 18.96 -22.77 -17.40
CA MET B 342 17.82 -23.58 -17.73
C MET B 342 16.75 -23.39 -16.67
N ALA B 343 17.14 -23.11 -15.44
CA ALA B 343 16.14 -22.82 -14.42
C ALA B 343 15.85 -21.34 -14.33
N GLY B 344 15.89 -20.60 -15.42
CA GLY B 344 15.42 -19.23 -15.37
C GLY B 344 16.43 -18.12 -15.21
N GLY B 345 17.47 -18.30 -14.40
CA GLY B 345 18.41 -17.24 -14.06
C GLY B 345 19.40 -16.69 -15.08
N ALA B 346 20.44 -16.07 -14.52
CA ALA B 346 21.43 -15.31 -15.28
C ALA B 346 22.64 -16.17 -15.56
N VAL B 347 23.19 -16.00 -16.75
CA VAL B 347 24.24 -16.89 -17.20
C VAL B 347 25.38 -16.08 -17.68
N HIS B 348 26.21 -15.59 -16.78
CA HIS B 348 27.38 -14.85 -17.22
C HIS B 348 28.58 -15.45 -16.56
N ILE B 349 29.65 -15.60 -17.34
CA ILE B 349 30.91 -16.09 -16.84
C ILE B 349 32.01 -15.31 -17.53
N ASP B 350 32.98 -14.88 -16.74
CA ASP B 350 34.01 -14.03 -17.26
C ASP B 350 35.28 -14.85 -17.31
N TYR B 351 35.60 -15.34 -18.50
CA TYR B 351 36.78 -16.16 -18.73
C TYR B 351 38.11 -15.41 -18.49
N ASN B 352 38.07 -14.14 -18.19
CA ASN B 352 39.31 -13.52 -17.84
C ASN B 352 39.71 -13.76 -16.40
N CYS B 353 38.96 -14.55 -15.66
CA CYS B 353 39.20 -14.67 -14.24
C CYS B 353 39.31 -16.07 -13.83
N VAL B 354 39.47 -16.96 -14.78
CA VAL B 354 39.56 -18.34 -14.42
C VAL B 354 41.06 -18.53 -14.32
N PRO B 355 41.56 -19.04 -13.20
CA PRO B 355 43.01 -19.19 -13.01
C PRO B 355 43.63 -20.27 -13.86
N SER B 356 44.95 -20.30 -13.91
CA SER B 356 45.68 -21.49 -14.38
C SER B 356 46.71 -21.93 -13.36
N VAL B 357 46.99 -23.21 -13.32
CA VAL B 357 47.92 -23.68 -12.31
C VAL B 357 48.71 -24.91 -12.74
N ILE B 358 50.03 -24.82 -12.65
CA ILE B 358 50.89 -25.95 -12.87
C ILE B 358 51.44 -26.57 -11.57
N TYR B 359 51.03 -27.79 -11.21
CA TYR B 359 51.36 -28.25 -9.82
C TYR B 359 52.70 -28.90 -9.61
N THR B 360 53.71 -28.44 -10.37
CA THR B 360 55.09 -28.82 -10.17
C THR B 360 55.55 -28.11 -8.90
N HIS B 361 56.84 -28.14 -8.63
CA HIS B 361 57.34 -27.43 -7.49
C HIS B 361 58.71 -26.94 -7.88
N PRO B 362 58.83 -25.64 -8.14
CA PRO B 362 57.85 -24.62 -7.75
C PRO B 362 56.54 -24.66 -8.55
N GLU B 363 55.53 -24.14 -7.91
CA GLU B 363 54.27 -24.01 -8.55
C GLU B 363 54.23 -22.81 -9.47
N VAL B 364 53.29 -22.83 -10.41
CA VAL B 364 53.18 -21.67 -11.28
C VAL B 364 51.71 -21.41 -11.36
N ALA B 365 51.28 -20.17 -11.23
CA ALA B 365 49.85 -19.94 -11.31
C ALA B 365 49.57 -18.58 -11.87
N TRP B 366 48.53 -18.38 -12.66
CA TRP B 366 48.20 -16.98 -13.04
C TRP B 366 46.73 -16.77 -13.25
N VAL B 367 46.34 -15.52 -13.35
CA VAL B 367 44.95 -15.18 -13.65
C VAL B 367 44.89 -13.76 -14.25
N GLY B 368 43.96 -13.48 -15.15
CA GLY B 368 44.03 -12.21 -15.87
C GLY B 368 44.97 -12.24 -17.06
N LYS B 369 45.62 -11.12 -17.47
CA LYS B 369 46.36 -11.14 -18.74
C LYS B 369 47.83 -11.11 -18.52
N SER B 370 48.60 -11.50 -19.55
CA SER B 370 50.04 -11.54 -19.52
C SER B 370 50.62 -10.32 -20.16
N GLU B 371 51.93 -10.15 -20.01
CA GLU B 371 52.55 -8.93 -20.47
C GLU B 371 52.25 -8.86 -21.97
N GLU B 372 52.31 -9.99 -22.65
CA GLU B 372 52.17 -9.97 -24.09
C GLU B 372 50.72 -9.92 -24.52
N GLN B 373 49.78 -10.35 -23.69
CA GLN B 373 48.38 -10.15 -24.07
C GLN B 373 48.10 -8.66 -23.98
N LEU B 374 48.56 -8.02 -22.92
CA LEU B 374 48.41 -6.57 -22.77
C LEU B 374 49.10 -5.83 -23.90
N LYS B 375 50.34 -6.17 -24.19
CA LYS B 375 51.11 -5.48 -25.21
C LYS B 375 50.48 -5.55 -26.58
N GLU B 376 49.93 -6.70 -26.95
CA GLU B 376 49.23 -6.74 -28.23
C GLU B 376 47.79 -6.19 -28.21
N GLU B 377 47.36 -5.66 -27.07
CA GLU B 377 46.04 -5.12 -26.94
C GLU B 377 46.12 -3.61 -26.90
N GLY B 378 47.33 -3.04 -26.81
CA GLY B 378 47.49 -1.59 -26.88
C GLY B 378 47.13 -1.01 -25.54
N ILE B 379 47.26 -1.84 -24.54
CA ILE B 379 47.00 -1.43 -23.18
C ILE B 379 48.30 -1.13 -22.41
N GLU B 380 48.32 0.07 -21.82
CA GLU B 380 49.45 0.60 -21.04
C GLU B 380 49.43 0.04 -19.65
N TYR B 381 50.53 -0.57 -19.18
CA TYR B 381 50.55 -1.09 -17.83
C TYR B 381 51.79 -0.77 -17.02
N LYS B 382 51.75 -1.15 -15.78
CA LYS B 382 52.92 -0.98 -14.95
C LYS B 382 53.14 -2.31 -14.20
N VAL B 383 54.36 -2.53 -13.72
CA VAL B 383 54.61 -3.85 -13.14
C VAL B 383 55.13 -3.85 -11.74
N GLY B 384 54.75 -4.88 -11.01
CA GLY B 384 55.16 -5.00 -9.63
C GLY B 384 55.59 -6.43 -9.34
N LYS B 385 56.75 -6.58 -8.70
CA LYS B 385 57.33 -7.91 -8.42
C LYS B 385 57.91 -8.08 -7.02
N PHE B 386 57.84 -9.30 -6.50
CA PHE B 386 58.45 -9.57 -5.23
C PHE B 386 58.90 -10.98 -5.18
N PRO B 387 60.19 -11.15 -4.90
CA PRO B 387 60.84 -12.45 -4.84
C PRO B 387 60.59 -13.18 -3.55
N PHE B 388 60.38 -14.47 -3.65
CA PHE B 388 59.99 -15.15 -2.44
C PHE B 388 61.21 -15.18 -1.54
N ALA B 389 62.36 -14.96 -2.18
CA ALA B 389 63.63 -14.81 -1.48
C ALA B 389 63.50 -13.73 -0.36
N ALA B 390 62.78 -12.64 -0.65
CA ALA B 390 62.50 -11.64 0.37
C ALA B 390 61.25 -11.89 1.23
N ASN B 391 60.64 -13.06 1.11
CA ASN B 391 59.44 -13.38 1.89
C ASN B 391 59.76 -14.19 3.11
N SER B 392 59.22 -13.75 4.22
CA SER B 392 59.50 -14.36 5.49
C SER B 392 59.23 -15.86 5.66
N ARG B 393 58.05 -16.31 5.22
CA ARG B 393 57.69 -17.72 5.36
C ARG B 393 58.39 -18.68 4.42
N ALA B 394 58.73 -18.19 3.25
CA ALA B 394 59.45 -18.98 2.29
C ALA B 394 60.88 -19.04 2.74
N LYS B 395 61.38 -17.99 3.36
CA LYS B 395 62.82 -17.97 3.70
C LYS B 395 62.96 -18.88 4.88
N THR B 396 62.06 -18.74 5.83
CA THR B 396 62.10 -19.56 7.01
C THR B 396 61.93 -21.01 6.58
N ASN B 397 61.21 -21.27 5.50
CA ASN B 397 60.92 -22.68 5.14
C ASN B 397 61.94 -23.37 4.25
N ALA B 398 63.06 -22.70 4.00
CA ALA B 398 64.09 -23.18 3.10
C ALA B 398 63.51 -23.46 1.70
N ASP B 399 62.52 -22.66 1.32
CA ASP B 399 61.88 -22.77 0.01
C ASP B 399 61.79 -21.41 -0.69
N THR B 400 62.81 -20.92 -1.36
CA THR B 400 62.72 -19.50 -1.77
C THR B 400 62.59 -19.23 -3.27
N ASP B 401 62.27 -20.28 -3.97
CA ASP B 401 62.25 -20.23 -5.41
C ASP B 401 61.13 -19.35 -5.92
N GLY B 402 61.46 -18.48 -6.87
CA GLY B 402 60.44 -17.71 -7.60
C GLY B 402 60.13 -16.30 -7.15
N MET B 403 59.00 -15.77 -7.62
CA MET B 403 58.62 -14.35 -7.47
C MET B 403 57.13 -14.19 -7.74
N VAL B 404 56.51 -13.11 -7.28
CA VAL B 404 55.12 -12.81 -7.70
C VAL B 404 55.12 -11.61 -8.67
N LYS B 405 54.37 -11.64 -9.74
CA LYS B 405 54.39 -10.48 -10.61
C LYS B 405 53.03 -10.01 -10.93
N ILE B 406 52.65 -8.81 -10.44
CA ILE B 406 51.32 -8.28 -10.81
C ILE B 406 51.39 -7.14 -11.87
N LEU B 407 50.44 -7.18 -12.81
CA LEU B 407 50.30 -6.14 -13.84
C LEU B 407 49.14 -5.16 -13.59
N GLY B 408 49.44 -3.89 -13.48
CA GLY B 408 48.35 -2.95 -13.26
C GLY B 408 48.22 -1.86 -14.33
N GLN B 409 46.97 -1.52 -14.63
CA GLN B 409 46.74 -0.57 -15.71
C GLN B 409 47.39 0.76 -15.34
N LYS B 410 48.13 1.34 -16.27
CA LYS B 410 49.01 2.42 -15.86
C LYS B 410 48.29 3.33 -14.92
N SER B 411 47.37 4.09 -15.50
CA SER B 411 46.82 5.26 -14.81
C SER B 411 45.78 4.89 -13.75
N THR B 412 45.05 3.80 -13.93
CA THR B 412 43.97 3.47 -12.97
C THR B 412 44.31 2.42 -11.92
N ASP B 413 45.58 2.18 -11.69
CA ASP B 413 45.98 1.16 -10.71
C ASP B 413 45.19 -0.14 -10.75
N ARG B 414 44.36 -0.35 -11.76
CA ARG B 414 43.47 -1.50 -11.76
C ARG B 414 44.21 -2.76 -12.16
N VAL B 415 44.13 -3.80 -11.31
CA VAL B 415 44.90 -5.03 -11.48
C VAL B 415 44.45 -5.74 -12.73
N LEU B 416 45.38 -6.21 -13.56
CA LEU B 416 45.02 -6.77 -14.87
C LEU B 416 45.50 -8.17 -15.03
N GLY B 417 46.54 -8.51 -14.30
CA GLY B 417 47.02 -9.88 -14.34
C GLY B 417 47.86 -10.07 -13.12
N ALA B 418 47.91 -11.30 -12.65
CA ALA B 418 48.65 -11.63 -11.46
C ALA B 418 49.35 -12.92 -11.82
N HIS B 419 50.63 -13.07 -11.49
CA HIS B 419 51.36 -14.24 -11.94
C HIS B 419 52.29 -14.64 -10.82
N ILE B 420 52.34 -15.95 -10.55
CA ILE B 420 53.04 -16.46 -9.39
C ILE B 420 53.85 -17.66 -9.75
N LEU B 421 55.13 -17.58 -9.41
CA LEU B 421 56.02 -18.71 -9.53
C LEU B 421 56.57 -18.84 -8.14
N GLY B 422 56.39 -19.99 -7.54
CA GLY B 422 56.85 -20.14 -6.16
C GLY B 422 56.02 -21.12 -5.36
N PRO B 423 56.36 -21.24 -4.09
CA PRO B 423 55.64 -22.18 -3.20
C PRO B 423 54.21 -21.64 -2.98
N GLY B 424 53.23 -22.50 -2.73
CA GLY B 424 51.84 -22.05 -2.59
C GLY B 424 51.14 -21.29 -3.71
N ALA B 425 51.77 -21.09 -4.85
CA ALA B 425 51.12 -20.42 -5.98
C ALA B 425 49.67 -20.82 -6.26
N GLY B 426 49.41 -22.12 -6.26
CA GLY B 426 48.07 -22.53 -6.66
C GLY B 426 47.00 -21.95 -5.75
N GLU B 427 47.32 -21.86 -4.48
CA GLU B 427 46.29 -21.41 -3.58
C GLU B 427 46.30 -19.91 -3.69
N MET B 428 47.49 -19.33 -3.85
CA MET B 428 47.58 -17.87 -3.90
C MET B 428 46.78 -17.21 -5.07
N VAL B 429 46.76 -17.86 -6.22
CA VAL B 429 46.03 -17.30 -7.32
C VAL B 429 44.53 -17.16 -7.02
N ASN B 430 44.02 -17.92 -6.06
CA ASN B 430 42.61 -17.79 -5.72
C ASN B 430 42.33 -16.48 -5.07
N GLU B 431 43.17 -16.07 -4.16
CA GLU B 431 43.08 -14.66 -3.73
C GLU B 431 43.08 -13.69 -4.94
N ALA B 432 43.94 -14.00 -5.91
CA ALA B 432 44.11 -13.16 -7.06
C ALA B 432 42.77 -12.99 -7.76
N ALA B 433 42.13 -14.14 -7.98
CA ALA B 433 40.91 -14.21 -8.74
C ALA B 433 39.82 -13.46 -8.04
N LEU B 434 39.83 -13.53 -6.72
CA LEU B 434 38.84 -12.80 -5.96
C LEU B 434 39.07 -11.33 -6.18
N ALA B 435 40.32 -10.91 -6.22
CA ALA B 435 40.63 -9.49 -6.43
C ALA B 435 40.22 -9.03 -7.82
N LEU B 436 40.21 -9.92 -8.82
CA LEU B 436 39.91 -9.53 -10.21
C LEU B 436 38.44 -9.38 -10.41
N GLU B 437 37.68 -10.30 -9.84
CA GLU B 437 36.25 -10.28 -9.92
C GLU B 437 35.70 -9.00 -9.25
N TYR B 438 36.47 -8.42 -8.34
CA TYR B 438 35.99 -7.24 -7.67
C TYR B 438 36.50 -6.02 -8.39
N GLY B 439 37.04 -6.21 -9.58
CA GLY B 439 37.63 -5.09 -10.27
C GLY B 439 38.59 -4.31 -9.38
N ALA B 440 39.24 -5.01 -8.45
CA ALA B 440 40.20 -4.42 -7.52
C ALA B 440 41.41 -3.89 -8.21
N SER B 441 41.91 -2.80 -7.64
CA SER B 441 43.13 -2.15 -8.05
C SER B 441 44.29 -2.51 -7.10
N CYS B 442 45.52 -2.36 -7.58
CA CYS B 442 46.72 -2.67 -6.80
C CYS B 442 46.66 -2.25 -5.37
N GLU B 443 46.25 -1.01 -5.20
CA GLU B 443 46.21 -0.47 -3.87
C GLU B 443 45.24 -1.19 -2.94
N ASP B 444 44.07 -1.54 -3.45
CA ASP B 444 43.14 -2.34 -2.68
C ASP B 444 43.83 -3.58 -2.07
N ILE B 445 44.65 -4.30 -2.82
CA ILE B 445 45.28 -5.46 -2.22
C ILE B 445 46.29 -4.99 -1.19
N ALA B 446 46.96 -3.88 -1.48
CA ALA B 446 48.04 -3.48 -0.59
C ALA B 446 47.50 -3.06 0.80
N ARG B 447 46.24 -2.65 0.86
CA ARG B 447 45.66 -2.17 2.10
C ARG B 447 45.26 -3.33 2.96
N VAL B 448 44.85 -4.44 2.35
CA VAL B 448 44.38 -5.63 3.09
C VAL B 448 45.45 -6.19 3.99
N CYS B 449 45.06 -6.67 5.15
CA CYS B 449 45.99 -7.09 6.15
C CYS B 449 46.18 -8.57 6.03
N HIS B 450 47.37 -9.00 5.57
CA HIS B 450 47.69 -10.43 5.43
C HIS B 450 48.46 -10.94 6.62
N ALA B 451 48.06 -12.12 7.09
CA ALA B 451 48.60 -12.69 8.29
C ALA B 451 50.08 -12.83 8.14
N HIS B 452 50.83 -12.71 9.23
CA HIS B 452 52.29 -12.91 9.18
C HIS B 452 52.67 -14.11 10.06
N PRO B 453 53.66 -14.91 9.64
CA PRO B 453 54.28 -14.80 8.32
C PRO B 453 53.58 -15.70 7.25
N THR B 454 53.22 -15.18 6.09
CA THR B 454 52.73 -16.08 5.05
C THR B 454 53.20 -15.71 3.62
N LEU B 455 53.29 -16.74 2.78
CA LEU B 455 53.48 -16.53 1.36
C LEU B 455 52.60 -15.39 0.78
N SER B 456 51.34 -15.32 1.21
CA SER B 456 50.43 -14.32 0.66
C SER B 456 50.96 -12.92 0.73
N GLU B 457 51.87 -12.68 1.68
CA GLU B 457 52.46 -11.37 1.90
C GLU B 457 53.22 -10.97 0.65
N ALA B 458 53.81 -11.95 -0.02
CA ALA B 458 54.44 -11.70 -1.33
C ALA B 458 53.45 -11.08 -2.30
N PHE B 459 52.24 -11.58 -2.21
CA PHE B 459 51.19 -11.13 -3.09
C PHE B 459 50.79 -9.72 -2.68
N ARG B 460 50.71 -9.45 -1.40
CA ARG B 460 50.47 -8.07 -1.01
C ARG B 460 51.62 -7.14 -1.40
N GLU B 461 52.86 -7.56 -1.09
CA GLU B 461 54.04 -6.76 -1.40
C GLU B 461 54.16 -6.41 -2.91
N ALA B 462 53.81 -7.36 -3.79
CA ALA B 462 53.95 -7.10 -5.21
C ALA B 462 52.95 -6.04 -5.67
N ASN B 463 51.75 -6.03 -5.09
CA ASN B 463 50.79 -5.01 -5.48
C ASN B 463 51.21 -3.64 -4.95
N LEU B 464 51.72 -3.64 -3.73
CA LEU B 464 52.11 -2.42 -3.15
C LEU B 464 53.15 -1.81 -4.08
N ALA B 465 54.07 -2.64 -4.57
CA ALA B 465 55.14 -2.17 -5.46
C ALA B 465 54.63 -1.71 -6.80
N ALA B 466 53.53 -2.28 -7.25
CA ALA B 466 52.97 -1.86 -8.49
C ALA B 466 52.26 -0.55 -8.25
N SER B 467 51.82 -0.29 -7.03
CA SER B 467 50.97 0.90 -6.89
C SER B 467 51.75 2.10 -6.52
N PHE B 468 52.33 2.05 -5.33
CA PHE B 468 53.30 3.04 -4.84
C PHE B 468 54.65 2.57 -5.53
N GLY B 469 55.60 3.44 -5.88
CA GLY B 469 56.86 2.97 -6.48
C GLY B 469 57.61 1.68 -5.99
N LYS B 470 57.58 1.40 -4.70
CA LYS B 470 58.42 0.34 -4.13
C LYS B 470 57.71 -0.34 -2.96
N SER B 471 58.07 -1.58 -2.65
CA SER B 471 57.57 -2.20 -1.42
C SER B 471 58.42 -1.94 -0.14
N ILE B 472 58.15 -2.69 0.93
CA ILE B 472 58.85 -2.52 2.20
C ILE B 472 60.02 -3.48 2.27
N ASN B 473 59.74 -4.78 2.15
CA ASN B 473 60.78 -5.81 2.27
C ASN B 473 61.66 -5.99 1.01
N PHE B 474 61.45 -5.17 -0.02
CA PHE B 474 62.37 -5.27 -1.12
C PHE B 474 62.53 -3.94 -1.86
N ALA C 1 -46.19 46.63 64.11
CA ALA C 1 -47.05 45.58 64.74
C ALA C 1 -47.81 44.77 63.68
N ASP C 2 -47.31 43.55 63.40
CA ASP C 2 -48.07 42.58 62.61
C ASP C 2 -49.56 42.61 63.07
N GLN C 3 -50.26 43.71 62.78
CA GLN C 3 -51.59 43.96 63.33
C GLN C 3 -52.57 42.80 63.05
N PRO C 4 -53.50 42.56 63.99
CA PRO C 4 -54.43 41.42 63.90
C PRO C 4 -55.32 41.63 62.70
N ILE C 5 -55.87 40.61 62.07
CA ILE C 5 -56.76 40.87 60.94
C ILE C 5 -58.17 40.58 61.38
N ASP C 6 -59.14 41.27 60.79
CA ASP C 6 -60.53 40.97 61.07
C ASP C 6 -61.09 40.23 59.89
N ALA C 7 -61.59 39.02 60.13
CA ALA C 7 -62.13 38.16 59.09
C ALA C 7 -63.40 37.58 59.63
N ASP C 8 -64.41 37.41 58.78
CA ASP C 8 -65.61 36.66 59.15
C ASP C 8 -65.31 35.21 59.26
N VAL C 9 -64.60 34.67 58.27
CA VAL C 9 -64.25 33.23 58.23
C VAL C 9 -62.75 32.86 58.12
N THR C 10 -62.29 32.02 59.04
CA THR C 10 -60.91 31.65 58.99
C THR C 10 -60.74 30.17 58.73
N VAL C 11 -60.21 29.85 57.58
CA VAL C 11 -60.00 28.48 57.24
C VAL C 11 -58.57 28.09 57.47
N ILE C 12 -58.36 27.04 58.23
CA ILE C 12 -57.03 26.48 58.47
C ILE C 12 -56.77 25.21 57.63
N GLY C 13 -55.77 25.27 56.76
CA GLY C 13 -55.47 24.18 55.87
C GLY C 13 -56.01 24.50 54.50
N SER C 14 -55.20 24.29 53.48
CA SER C 14 -55.58 24.64 52.15
C SER C 14 -55.70 23.40 51.32
N GLY C 15 -55.94 22.25 51.95
CA GLY C 15 -56.32 21.05 51.22
C GLY C 15 -57.59 21.28 50.41
N PRO C 16 -58.02 20.26 49.67
CA PRO C 16 -59.23 20.34 48.88
C PRO C 16 -60.43 20.61 49.76
N GLY C 17 -60.28 20.51 51.07
CA GLY C 17 -61.38 20.95 51.93
C GLY C 17 -61.32 22.45 52.16
N GLY C 18 -60.17 22.90 52.64
CA GLY C 18 -59.96 24.27 53.03
C GLY C 18 -59.91 25.26 51.86
N TYR C 19 -59.26 24.89 50.78
CA TYR C 19 -59.09 25.88 49.74
C TYR C 19 -60.41 26.09 49.05
N VAL C 20 -61.26 25.08 48.96
CA VAL C 20 -62.50 25.39 48.28
C VAL C 20 -63.42 26.04 49.25
N ALA C 21 -63.35 25.66 50.50
CA ALA C 21 -64.20 26.34 51.45
C ALA C 21 -63.83 27.78 51.39
N ALA C 22 -62.56 28.11 51.32
CA ALA C 22 -62.14 29.53 51.28
C ALA C 22 -62.69 30.23 50.02
N ILE C 23 -62.45 29.61 48.88
CA ILE C 23 -63.08 30.17 47.71
C ILE C 23 -64.60 30.34 47.88
N LYS C 24 -65.33 29.28 48.20
CA LYS C 24 -66.77 29.42 48.29
C LYS C 24 -67.16 30.56 49.21
N ALA C 25 -66.56 30.55 50.39
CA ALA C 25 -66.96 31.48 51.41
C ALA C 25 -66.73 32.95 50.90
N ALA C 26 -65.62 33.22 50.22
CA ALA C 26 -65.45 34.52 49.59
C ALA C 26 -66.62 34.81 48.70
N GLN C 27 -66.89 33.93 47.75
CA GLN C 27 -67.94 34.16 46.80
C GLN C 27 -69.29 34.41 47.48
N LEU C 28 -69.49 34.01 48.72
CA LEU C 28 -70.78 34.20 49.29
C LEU C 28 -70.82 35.54 50.00
N GLY C 29 -69.72 36.28 50.09
CA GLY C 29 -69.75 37.52 50.87
C GLY C 29 -68.78 37.64 52.03
N PHE C 30 -68.47 36.54 52.74
CA PHE C 30 -67.51 36.59 53.87
C PHE C 30 -66.10 37.06 53.53
N LYS C 31 -65.52 37.90 54.39
CA LYS C 31 -64.12 38.25 54.32
C LYS C 31 -63.49 37.04 54.84
N THR C 32 -62.77 36.31 53.99
CA THR C 32 -62.18 35.09 54.47
C THR C 32 -60.65 35.06 54.44
N VAL C 33 -60.07 34.14 55.21
CA VAL C 33 -58.62 33.95 55.27
C VAL C 33 -58.21 32.45 55.41
N CYS C 34 -57.15 32.07 54.72
CA CYS C 34 -56.80 30.69 54.67
C CYS C 34 -55.39 30.61 55.16
N ILE C 35 -55.16 29.76 56.15
CA ILE C 35 -53.82 29.62 56.66
C ILE C 35 -53.25 28.29 56.26
N GLU C 36 -51.97 28.23 55.89
CA GLU C 36 -51.37 27.01 55.39
C GLU C 36 -49.97 26.96 55.90
N LYS C 37 -49.59 25.89 56.60
CA LYS C 37 -48.22 25.81 57.06
C LYS C 37 -47.24 25.51 55.94
N ASN C 38 -47.60 24.64 54.99
CA ASN C 38 -46.65 24.34 53.88
C ASN C 38 -46.43 25.45 52.88
N GLU C 39 -45.37 25.32 52.10
CA GLU C 39 -44.98 26.37 51.17
C GLU C 39 -45.87 26.42 49.97
N THR C 40 -46.82 25.49 49.87
CA THR C 40 -47.57 25.35 48.64
C THR C 40 -49.03 25.10 49.00
N LEU C 41 -49.96 25.47 48.15
CA LEU C 41 -51.37 25.27 48.51
C LEU C 41 -51.91 23.86 48.17
N GLY C 42 -53.19 23.63 48.39
CA GLY C 42 -53.77 22.39 47.90
C GLY C 42 -53.56 21.13 48.74
N GLY C 43 -52.72 21.21 49.78
CA GLY C 43 -52.64 20.17 50.79
C GLY C 43 -52.14 18.82 50.29
N THR C 44 -52.71 17.72 50.81
CA THR C 44 -52.18 16.43 50.47
C THR C 44 -52.62 15.90 49.13
N CYS C 45 -53.81 16.28 48.67
CA CYS C 45 -54.22 15.85 47.35
C CYS C 45 -53.28 16.40 46.28
N LEU C 46 -53.01 17.67 46.32
CA LEU C 46 -52.30 18.22 45.21
C LEU C 46 -50.82 17.97 45.41
N ASN C 47 -50.40 17.88 46.65
CA ASN C 47 -48.96 17.96 46.92
C ASN C 47 -48.28 16.65 47.04
N VAL C 48 -49.00 15.65 47.55
CA VAL C 48 -48.38 14.35 47.77
C VAL C 48 -49.35 13.24 47.72
N GLY C 49 -50.57 13.49 47.26
CA GLY C 49 -51.54 12.42 47.14
C GLY C 49 -52.09 12.18 45.75
N CYS C 50 -53.37 12.48 45.55
CA CYS C 50 -54.06 12.27 44.29
C CYS C 50 -53.34 12.66 42.96
N ILE C 51 -52.94 13.91 42.87
CA ILE C 51 -52.43 14.43 41.61
C ILE C 51 -51.13 13.76 41.24
N PRO C 52 -50.16 13.82 42.11
CA PRO C 52 -48.88 13.21 41.78
C PRO C 52 -49.10 11.68 41.48
N SER C 53 -49.86 11.03 42.37
CA SER C 53 -50.24 9.66 42.24
C SER C 53 -50.79 9.33 40.87
N LYS C 54 -51.77 10.12 40.44
CA LYS C 54 -52.48 9.85 39.18
C LYS C 54 -51.62 10.12 38.01
N ALA C 55 -50.63 10.97 38.18
CA ALA C 55 -49.76 11.37 37.09
C ALA C 55 -48.81 10.22 36.69
N LEU C 56 -48.19 9.55 37.69
CA LEU C 56 -47.40 8.33 37.48
C LEU C 56 -48.24 7.14 36.94
N LEU C 57 -49.48 7.01 37.41
CA LEU C 57 -50.32 5.95 36.92
C LEU C 57 -50.50 6.23 35.45
N ASN C 58 -50.75 7.47 35.12
CA ASN C 58 -50.91 7.78 33.73
C ASN C 58 -49.68 7.47 32.83
N ASN C 59 -48.48 7.79 33.29
CA ASN C 59 -47.34 7.56 32.44
C ASN C 59 -46.86 6.16 32.56
N SER C 60 -46.94 5.60 33.76
CA SER C 60 -46.46 4.23 33.92
C SER C 60 -47.40 3.34 33.12
N HIS C 61 -48.57 3.84 32.78
CA HIS C 61 -49.46 3.08 31.96
C HIS C 61 -48.98 3.07 30.51
N TYR C 62 -48.83 4.27 29.97
CA TYR C 62 -48.42 4.45 28.60
C TYR C 62 -47.12 3.72 28.37
N TYR C 63 -46.23 3.73 29.35
CA TYR C 63 -44.96 3.07 29.21
C TYR C 63 -45.15 1.59 29.06
N HIS C 64 -46.00 1.03 29.90
CA HIS C 64 -46.27 -0.39 29.88
C HIS C 64 -46.79 -0.75 28.54
N MET C 65 -47.69 0.07 27.98
CA MET C 65 -48.30 -0.17 26.66
C MET C 65 -47.23 -0.06 25.57
N ALA C 66 -46.37 0.93 25.70
CA ALA C 66 -45.30 1.17 24.75
C ALA C 66 -44.31 0.02 24.79
N HIS C 67 -43.90 -0.30 25.98
CA HIS C 67 -42.82 -1.26 26.16
C HIS C 67 -43.29 -2.69 26.06
N GLY C 68 -44.54 -2.94 26.40
CA GLY C 68 -45.06 -4.30 26.50
C GLY C 68 -45.58 -4.77 25.18
N LYS C 69 -46.66 -5.55 25.09
CA LYS C 69 -47.01 -6.07 23.75
C LYS C 69 -48.17 -5.37 23.05
N ASP C 70 -48.87 -4.57 23.83
CA ASP C 70 -50.03 -3.85 23.36
C ASP C 70 -49.73 -3.02 22.12
N PHE C 71 -48.72 -2.15 22.14
CA PHE C 71 -48.58 -1.18 21.03
C PHE C 71 -48.16 -1.84 19.74
N ALA C 72 -47.19 -2.77 19.79
CA ALA C 72 -46.85 -3.60 18.62
C ALA C 72 -48.04 -4.34 17.99
N SER C 73 -49.11 -4.53 18.73
CA SER C 73 -50.19 -5.31 18.22
C SER C 73 -51.15 -4.40 17.51
N ARG C 74 -50.91 -3.10 17.62
CA ARG C 74 -51.74 -2.05 17.02
C ARG C 74 -51.01 -1.52 15.81
N GLY C 75 -49.73 -1.86 15.66
CA GLY C 75 -49.06 -1.49 14.43
C GLY C 75 -48.12 -0.34 14.62
N ILE C 76 -47.89 0.02 15.88
CA ILE C 76 -46.88 1.00 16.25
C ILE C 76 -45.60 0.27 16.64
N GLU C 77 -44.67 0.17 15.68
CA GLU C 77 -43.40 -0.50 15.94
C GLU C 77 -42.38 0.47 16.41
N MET C 78 -41.63 0.06 17.40
CA MET C 78 -40.59 0.90 17.90
C MET C 78 -39.44 0.06 18.40
N SER C 79 -38.37 0.09 17.63
CA SER C 79 -37.05 -0.25 18.07
C SER C 79 -36.92 -0.77 19.53
N GLU C 80 -36.65 0.17 20.44
CA GLU C 80 -36.16 -0.06 21.78
C GLU C 80 -37.11 0.82 22.50
N VAL C 81 -37.69 0.44 23.65
CA VAL C 81 -38.36 1.50 24.45
C VAL C 81 -37.63 1.70 25.76
N ARG C 82 -37.15 2.89 26.04
CA ARG C 82 -36.35 3.09 27.25
C ARG C 82 -37.08 3.97 28.25
N LEU C 83 -36.89 3.76 29.54
CA LEU C 83 -37.51 4.60 30.55
C LEU C 83 -36.57 5.65 31.08
N ASN C 84 -36.95 6.93 30.97
CA ASN C 84 -36.21 7.96 31.61
C ASN C 84 -37.04 8.43 32.73
N LEU C 85 -36.69 7.98 33.92
CA LEU C 85 -37.49 8.26 35.11
C LEU C 85 -37.59 9.71 35.55
N ASP C 86 -36.57 10.54 35.36
CA ASP C 86 -36.66 11.91 35.84
C ASP C 86 -37.51 12.71 34.91
N LYS C 87 -37.43 12.40 33.62
CA LYS C 87 -38.37 13.04 32.74
C LYS C 87 -39.72 12.64 33.29
N MET C 88 -39.98 11.35 33.44
CA MET C 88 -41.30 10.94 33.95
C MET C 88 -41.72 11.59 35.25
N MET C 89 -40.80 11.72 36.17
CA MET C 89 -40.99 12.43 37.45
C MET C 89 -41.14 13.95 37.26
N GLU C 90 -40.37 14.55 36.35
CA GLU C 90 -40.52 15.92 35.90
C GLU C 90 -41.95 16.17 35.43
N GLN C 91 -42.48 15.31 34.57
CA GLN C 91 -43.85 15.51 34.10
C GLN C 91 -44.78 15.73 35.27
N LYS C 92 -44.67 14.85 36.23
CA LYS C 92 -45.52 14.86 37.42
C LYS C 92 -45.29 16.14 38.19
N SER C 93 -44.06 16.43 38.54
CA SER C 93 -43.74 17.68 39.26
C SER C 93 -44.25 18.95 38.58
N THR C 94 -44.25 18.95 37.26
CA THR C 94 -44.69 20.11 36.50
C THR C 94 -46.21 20.30 36.59
N ALA C 95 -46.92 19.17 36.64
CA ALA C 95 -48.35 19.26 36.77
C ALA C 95 -48.64 19.75 38.18
N VAL C 96 -48.03 19.11 39.16
CA VAL C 96 -48.28 19.54 40.50
C VAL C 96 -48.07 21.03 40.62
N LYS C 97 -46.95 21.58 40.15
CA LYS C 97 -46.71 23.05 40.23
C LYS C 97 -47.72 23.91 39.51
N ALA C 98 -48.11 23.56 38.31
CA ALA C 98 -49.09 24.42 37.66
C ALA C 98 -50.33 24.50 38.52
N LEU C 99 -50.63 23.39 39.20
CA LEU C 99 -51.89 23.20 39.88
C LEU C 99 -51.81 23.89 41.19
N THR C 100 -50.66 23.89 41.82
CA THR C 100 -50.63 24.63 43.05
C THR C 100 -50.74 26.11 42.65
N GLY C 101 -50.14 26.41 41.51
CA GLY C 101 -50.09 27.80 41.06
C GLY C 101 -51.50 28.29 40.85
N GLY C 102 -52.43 27.38 40.47
CA GLY C 102 -53.80 27.78 40.16
C GLY C 102 -54.48 28.19 41.44
N ILE C 103 -54.33 27.35 42.45
CA ILE C 103 -55.03 27.54 43.69
C ILE C 103 -54.68 28.91 44.17
N ALA C 104 -53.41 29.23 44.12
CA ALA C 104 -52.97 30.50 44.67
C ALA C 104 -53.52 31.69 43.83
N HIS C 105 -53.62 31.47 42.54
CA HIS C 105 -54.19 32.46 41.66
C HIS C 105 -55.67 32.57 41.92
N LEU C 106 -56.37 31.45 42.16
CA LEU C 106 -57.79 31.53 42.47
C LEU C 106 -57.99 32.29 43.78
N PHE C 107 -57.06 32.16 44.72
CA PHE C 107 -57.20 32.85 45.95
C PHE C 107 -57.20 34.33 45.64
N LYS C 108 -56.17 34.80 44.93
CA LYS C 108 -56.09 36.23 44.58
C LYS C 108 -57.38 36.71 43.90
N GLN C 109 -57.90 35.92 43.00
CA GLN C 109 -59.08 36.29 42.29
C GLN C 109 -60.34 36.50 43.17
N ASN C 110 -60.51 35.72 44.24
CA ASN C 110 -61.70 35.81 45.05
C ASN C 110 -61.46 36.58 46.28
N LYS C 111 -60.27 37.17 46.35
CA LYS C 111 -59.82 38.13 47.38
C LYS C 111 -59.73 37.44 48.69
N VAL C 112 -59.50 36.13 48.63
CA VAL C 112 -59.20 35.30 49.79
C VAL C 112 -57.77 35.68 50.35
N VAL C 113 -57.69 35.97 51.64
CA VAL C 113 -56.41 36.38 52.21
C VAL C 113 -55.61 35.13 52.59
N HIS C 114 -54.40 34.99 52.07
CA HIS C 114 -53.57 33.82 52.36
C HIS C 114 -52.51 34.09 53.40
N VAL C 115 -52.45 33.32 54.46
CA VAL C 115 -51.41 33.55 55.47
C VAL C 115 -50.55 32.32 55.60
N ASN C 116 -49.24 32.50 55.51
CA ASN C 116 -48.33 31.35 55.58
C ASN C 116 -47.95 31.06 57.01
N GLY C 117 -48.60 30.13 57.67
CA GLY C 117 -48.10 29.82 59.00
C GLY C 117 -48.72 28.54 59.52
N TYR C 118 -48.23 28.13 60.68
CA TYR C 118 -48.88 27.13 61.48
C TYR C 118 -49.97 27.80 62.32
N GLY C 119 -51.24 27.53 62.02
CA GLY C 119 -52.34 28.08 62.81
C GLY C 119 -52.66 27.32 64.10
N LYS C 120 -52.81 28.08 65.19
CA LYS C 120 -53.18 27.59 66.51
C LYS C 120 -54.43 28.42 66.88
N ILE C 121 -55.49 27.75 67.32
CA ILE C 121 -56.68 28.46 67.72
C ILE C 121 -56.42 29.02 69.11
N THR C 122 -56.14 30.30 69.22
CA THR C 122 -55.80 30.83 70.52
C THR C 122 -57.04 31.33 71.32
N GLY C 123 -58.23 31.31 70.75
CA GLY C 123 -59.43 31.74 71.43
C GLY C 123 -60.66 31.41 70.61
N LYS C 124 -61.78 31.17 71.26
CA LYS C 124 -63.01 30.92 70.50
C LYS C 124 -63.14 31.79 69.23
N ASN C 125 -62.57 32.97 69.23
CA ASN C 125 -62.73 33.81 68.05
C ASN C 125 -61.43 34.39 67.54
N GLN C 126 -60.29 33.72 67.81
CA GLN C 126 -59.10 34.14 67.15
C GLN C 126 -58.13 33.01 66.75
N VAL C 127 -57.32 33.22 65.72
CA VAL C 127 -56.31 32.24 65.30
C VAL C 127 -54.94 32.88 65.02
N THR C 128 -53.88 32.29 65.54
CA THR C 128 -52.59 32.92 65.39
C THR C 128 -51.83 31.97 64.52
N ALA C 129 -51.39 32.47 63.37
CA ALA C 129 -50.56 31.69 62.48
C ALA C 129 -49.13 32.04 62.88
N THR C 130 -48.25 31.05 62.96
CA THR C 130 -46.87 31.29 63.35
C THR C 130 -45.98 30.93 62.22
N LYS C 131 -45.28 31.94 61.69
CA LYS C 131 -44.44 31.84 60.49
C LYS C 131 -43.11 31.09 60.82
N ALA C 132 -42.44 30.53 59.81
CA ALA C 132 -41.15 29.83 60.00
C ALA C 132 -40.13 30.49 60.98
N ASP C 133 -39.74 31.75 60.74
CA ASP C 133 -38.80 32.49 61.60
C ASP C 133 -39.25 32.74 63.07
N GLY C 134 -40.55 32.88 63.31
CA GLY C 134 -41.04 33.10 64.68
C GLY C 134 -42.17 34.11 64.75
N GLY C 135 -42.25 34.92 63.70
CA GLY C 135 -43.31 35.89 63.57
C GLY C 135 -44.67 35.24 63.68
N THR C 136 -45.63 36.00 64.22
CA THR C 136 -47.00 35.52 64.30
C THR C 136 -47.94 36.45 63.57
N GLN C 137 -49.06 35.90 63.21
CA GLN C 137 -50.12 36.67 62.64
C GLN C 137 -51.39 36.30 63.36
N VAL C 138 -51.89 37.18 64.21
CA VAL C 138 -53.22 37.02 64.83
C VAL C 138 -54.34 37.39 63.86
N ILE C 139 -55.36 36.55 63.87
CA ILE C 139 -56.57 36.73 63.09
C ILE C 139 -57.77 36.67 64.04
N ASP C 140 -58.52 37.77 64.12
CA ASP C 140 -59.80 37.78 64.83
C ASP C 140 -60.91 37.45 63.85
N THR C 141 -61.63 36.39 64.17
CA THR C 141 -62.52 35.86 63.20
C THR C 141 -63.83 35.49 63.86
N LYS C 142 -64.95 35.59 63.15
CA LYS C 142 -66.23 35.15 63.66
C LYS C 142 -66.40 33.59 63.65
N ASN C 143 -66.07 32.97 62.50
CA ASN C 143 -66.07 31.54 62.36
C ASN C 143 -64.69 31.01 62.05
N ILE C 144 -64.36 29.85 62.62
CA ILE C 144 -63.09 29.22 62.36
C ILE C 144 -63.41 27.92 61.69
N LEU C 145 -62.72 27.62 60.60
CA LEU C 145 -62.99 26.41 59.88
C LEU C 145 -61.74 25.53 59.85
N ILE C 146 -61.81 24.44 60.64
CA ILE C 146 -60.73 23.44 60.68
C ILE C 146 -60.68 22.51 59.49
N ALA C 147 -59.59 22.55 58.73
CA ALA C 147 -59.42 21.71 57.58
C ALA C 147 -57.99 21.19 57.65
N THR C 148 -57.69 20.50 58.73
CA THR C 148 -56.31 20.15 58.92
C THR C 148 -55.92 18.79 58.40
N GLY C 149 -56.88 18.13 57.82
CA GLY C 149 -56.51 16.95 57.04
C GLY C 149 -55.85 15.79 57.76
N SER C 150 -54.98 15.03 57.08
CA SER C 150 -54.49 13.77 57.63
C SER C 150 -53.00 13.57 57.38
N GLU C 151 -52.44 12.52 57.94
CA GLU C 151 -51.04 12.21 57.76
C GLU C 151 -50.97 10.72 57.64
N VAL C 152 -49.82 10.21 57.29
CA VAL C 152 -49.62 8.76 57.25
C VAL C 152 -49.70 8.12 58.63
N THR C 153 -50.57 7.14 58.81
CA THR C 153 -50.42 6.25 59.96
C THR C 153 -49.08 5.51 59.91
N PRO C 154 -48.20 5.72 60.88
CA PRO C 154 -46.92 5.01 60.91
C PRO C 154 -47.08 3.56 61.32
N PHE C 155 -46.08 2.75 61.01
CA PHE C 155 -46.07 1.34 61.43
C PHE C 155 -45.20 1.17 62.68
N PRO C 156 -45.80 0.66 63.73
CA PRO C 156 -45.05 0.40 64.98
C PRO C 156 -44.00 -0.68 64.78
N GLY C 157 -42.72 -0.26 64.84
CA GLY C 157 -41.56 -1.14 64.61
C GLY C 157 -40.72 -0.64 63.42
N ILE C 158 -41.12 -0.96 62.19
CA ILE C 158 -40.70 -0.22 60.99
C ILE C 158 -40.63 1.34 61.08
N THR C 159 -39.50 1.95 60.75
CA THR C 159 -39.41 3.39 60.84
C THR C 159 -39.25 4.00 59.47
N ILE C 160 -40.26 4.66 58.96
CA ILE C 160 -40.17 5.25 57.63
C ILE C 160 -39.01 6.21 57.61
N ASP C 161 -38.17 6.16 56.59
CA ASP C 161 -37.05 7.10 56.51
C ASP C 161 -37.05 7.84 55.14
N GLU C 162 -38.01 7.46 54.32
CA GLU C 162 -38.19 8.07 53.04
C GLU C 162 -36.98 7.85 52.14
N ASP C 163 -36.14 6.85 52.46
CA ASP C 163 -35.07 6.36 51.56
C ASP C 163 -35.36 4.99 51.03
N THR C 164 -35.00 3.98 51.84
CA THR C 164 -35.33 2.57 51.58
C THR C 164 -36.68 2.23 52.16
N ILE C 165 -37.02 2.84 53.28
CA ILE C 165 -38.34 2.62 53.81
C ILE C 165 -39.19 3.84 53.59
N VAL C 166 -40.20 3.69 52.75
CA VAL C 166 -40.92 4.88 52.34
C VAL C 166 -42.38 4.84 52.70
N SER C 167 -43.02 6.01 52.73
CA SER C 167 -44.46 6.08 52.77
C SER C 167 -44.96 6.41 51.37
N SER C 168 -46.15 6.96 51.24
CA SER C 168 -46.74 7.10 49.93
C SER C 168 -46.01 8.23 49.33
N THR C 169 -45.63 9.17 50.18
CA THR C 169 -44.96 10.30 49.63
C THR C 169 -43.55 9.90 49.19
N GLY C 170 -43.04 8.83 49.78
CA GLY C 170 -41.67 8.39 49.47
C GLY C 170 -41.65 7.81 48.06
N ALA C 171 -42.64 6.93 47.87
CA ALA C 171 -42.76 6.15 46.67
C ALA C 171 -43.21 6.99 45.48
N LEU C 172 -43.68 8.22 45.73
CA LEU C 172 -43.98 9.14 44.62
C LEU C 172 -42.72 9.78 44.03
N SER C 173 -41.58 9.53 44.71
CA SER C 173 -40.34 10.22 44.35
C SER C 173 -39.11 9.39 44.20
N LEU C 174 -39.25 8.06 44.23
CA LEU C 174 -38.09 7.16 44.09
C LEU C 174 -37.11 7.73 43.06
N LYS C 175 -35.82 7.43 43.23
CA LYS C 175 -34.88 7.96 42.26
C LYS C 175 -34.46 6.87 41.27
N LYS C 176 -35.07 5.70 41.34
CA LYS C 176 -34.83 4.71 40.33
C LYS C 176 -35.76 3.60 40.59
N VAL C 177 -36.05 2.82 39.57
CA VAL C 177 -36.93 1.68 39.76
C VAL C 177 -36.25 0.69 40.68
N PRO C 178 -36.89 0.35 41.77
CA PRO C 178 -36.38 -0.71 42.65
C PRO C 178 -36.45 -2.10 42.03
N GLU C 179 -35.45 -2.94 42.21
CA GLU C 179 -35.44 -4.24 41.61
C GLU C 179 -36.55 -5.07 42.22
N LYS C 180 -36.61 -5.09 43.55
CA LYS C 180 -37.70 -5.67 44.29
C LYS C 180 -38.36 -4.60 45.21
N MET C 181 -39.65 -4.76 45.51
CA MET C 181 -40.37 -3.86 46.41
C MET C 181 -41.52 -4.55 47.12
N VAL C 182 -41.60 -4.38 48.41
CA VAL C 182 -42.77 -4.92 49.06
C VAL C 182 -43.54 -3.79 49.69
N VAL C 183 -44.84 -3.86 49.48
CA VAL C 183 -45.78 -2.89 49.91
C VAL C 183 -46.55 -3.55 51.03
N ILE C 184 -46.54 -2.92 52.20
CA ILE C 184 -47.39 -3.30 53.31
C ILE C 184 -48.75 -2.60 53.23
N GLY C 185 -49.75 -3.34 52.75
CA GLY C 185 -51.13 -2.92 52.81
C GLY C 185 -51.63 -2.93 51.39
N ALA C 186 -52.66 -3.73 51.08
CA ALA C 186 -53.31 -3.62 49.77
C ALA C 186 -54.51 -2.65 49.74
N GLY C 187 -54.44 -1.47 50.31
CA GLY C 187 -55.56 -0.58 50.04
C GLY C 187 -55.51 0.10 48.66
N VAL C 188 -56.42 1.01 48.48
CA VAL C 188 -56.29 1.90 47.31
C VAL C 188 -54.92 2.56 47.09
N ILE C 189 -54.35 3.04 48.19
CA ILE C 189 -53.10 3.72 48.05
C ILE C 189 -52.01 2.72 47.75
N GLY C 190 -51.91 1.64 48.52
CA GLY C 190 -50.95 0.61 48.21
C GLY C 190 -51.11 0.07 46.79
N VAL C 191 -52.29 -0.54 46.41
CA VAL C 191 -52.45 -1.21 45.10
C VAL C 191 -52.00 -0.29 44.03
N GLU C 192 -52.43 0.98 44.11
CA GLU C 192 -52.09 1.98 43.12
C GLU C 192 -50.61 2.13 42.99
N LEU C 193 -49.95 2.52 44.06
CA LEU C 193 -48.50 2.77 43.98
C LEU C 193 -47.68 1.51 43.62
N GLY C 194 -48.01 0.39 44.23
CA GLY C 194 -47.33 -0.83 43.85
C GLY C 194 -47.48 -1.02 42.34
N SER C 195 -48.61 -0.61 41.77
CA SER C 195 -48.83 -0.88 40.38
C SER C 195 -48.09 0.13 39.48
N VAL C 196 -47.80 1.33 39.96
CA VAL C 196 -46.92 2.20 39.19
C VAL C 196 -45.57 1.52 38.85
N TRP C 197 -44.85 1.12 39.92
CA TRP C 197 -43.49 0.57 39.80
C TRP C 197 -43.56 -0.81 39.19
N GLN C 198 -44.70 -1.47 39.36
CA GLN C 198 -44.78 -2.84 38.88
C GLN C 198 -44.62 -2.73 37.40
N ARG C 199 -45.38 -1.81 36.80
CA ARG C 199 -45.27 -1.56 35.35
C ARG C 199 -43.89 -0.92 34.94
N LEU C 200 -43.28 -0.19 35.84
CA LEU C 200 -41.97 0.34 35.53
C LEU C 200 -40.91 -0.75 35.67
N GLY C 201 -41.32 -1.96 36.10
CA GLY C 201 -40.39 -3.04 36.14
C GLY C 201 -40.06 -3.67 37.47
N ALA C 202 -40.35 -3.03 38.61
CA ALA C 202 -40.19 -3.71 39.89
C ALA C 202 -40.98 -5.03 39.97
N ASP C 203 -40.51 -5.94 40.82
CA ASP C 203 -41.18 -7.17 41.14
C ASP C 203 -41.87 -6.74 42.40
N VAL C 204 -43.18 -6.50 42.35
CA VAL C 204 -43.81 -5.95 43.53
C VAL C 204 -44.63 -6.98 44.31
N THR C 205 -44.51 -7.02 45.64
CA THR C 205 -45.43 -7.81 46.49
C THR C 205 -46.16 -7.04 47.59
N ALA C 206 -47.43 -6.83 47.40
CA ALA C 206 -48.17 -6.25 48.51
C ALA C 206 -48.59 -7.27 49.56
N VAL C 207 -48.37 -6.89 50.82
CA VAL C 207 -48.79 -7.69 51.96
C VAL C 207 -50.06 -7.17 52.70
N GLU C 208 -51.08 -8.00 52.81
CA GLU C 208 -52.34 -7.56 53.38
C GLU C 208 -52.73 -8.37 54.62
N PHE C 209 -53.28 -7.69 55.63
CA PHE C 209 -53.73 -8.38 56.83
C PHE C 209 -55.06 -9.01 56.56
N LEU C 210 -55.91 -8.34 55.80
CA LEU C 210 -57.24 -8.84 55.57
C LEU C 210 -57.16 -9.84 54.44
N GLY C 211 -58.32 -10.39 54.07
CA GLY C 211 -58.34 -11.30 52.97
C GLY C 211 -58.91 -10.80 51.67
N HIS C 212 -58.74 -9.51 51.32
CA HIS C 212 -59.16 -9.02 49.99
C HIS C 212 -58.39 -7.78 49.62
N VAL C 213 -58.19 -7.54 48.33
CA VAL C 213 -57.43 -6.36 47.93
C VAL C 213 -58.40 -5.23 47.73
N GLY C 214 -58.00 -4.01 47.99
CA GLY C 214 -58.86 -2.88 47.66
C GLY C 214 -59.30 -2.31 48.97
N GLY C 215 -59.90 -1.15 48.99
CA GLY C 215 -60.17 -0.62 50.33
C GLY C 215 -61.12 -1.37 51.29
N VAL C 216 -62.00 -0.55 51.88
CA VAL C 216 -63.09 -0.97 52.72
C VAL C 216 -64.22 -0.67 51.78
N GLY C 217 -65.27 -1.46 51.90
CA GLY C 217 -66.48 -1.19 51.13
C GLY C 217 -66.43 -1.75 49.72
N ILE C 218 -65.26 -2.13 49.22
CA ILE C 218 -65.21 -2.62 47.85
C ILE C 218 -65.99 -3.93 47.84
N ASP C 219 -66.72 -4.20 46.78
CA ASP C 219 -67.53 -5.40 46.67
C ASP C 219 -66.62 -6.61 46.57
N MET C 220 -66.99 -7.75 47.17
CA MET C 220 -66.06 -8.87 47.23
C MET C 220 -65.86 -9.52 45.88
N GLU C 221 -66.94 -9.70 45.13
CA GLU C 221 -66.75 -10.32 43.85
C GLU C 221 -65.87 -9.35 43.02
N ILE C 222 -66.14 -8.07 43.03
CA ILE C 222 -65.27 -7.30 42.15
C ILE C 222 -63.84 -7.29 42.69
N SER C 223 -63.70 -7.28 44.00
CA SER C 223 -62.34 -7.46 44.54
C SER C 223 -61.53 -8.74 44.11
N LYS C 224 -62.12 -9.91 44.14
CA LYS C 224 -61.36 -11.06 43.71
C LYS C 224 -60.96 -10.95 42.23
N ASN C 225 -61.84 -10.40 41.43
CA ASN C 225 -61.58 -10.36 40.01
C ASN C 225 -60.51 -9.35 39.76
N PHE C 226 -60.56 -8.27 40.57
CA PHE C 226 -59.59 -7.24 40.57
C PHE C 226 -58.30 -7.93 40.84
N GLN C 227 -58.25 -8.61 41.97
CA GLN C 227 -57.05 -9.32 42.33
C GLN C 227 -56.48 -10.22 41.24
N ARG C 228 -57.25 -11.06 40.56
CA ARG C 228 -56.68 -11.84 39.45
C ARG C 228 -56.08 -11.00 38.32
N ILE C 229 -56.76 -9.98 37.84
CA ILE C 229 -56.21 -9.18 36.76
C ILE C 229 -54.89 -8.61 37.23
N LEU C 230 -54.80 -8.28 38.51
CA LEU C 230 -53.61 -7.59 38.90
C LEU C 230 -52.49 -8.64 38.88
N GLN C 231 -52.75 -9.79 39.49
CA GLN C 231 -51.81 -10.89 39.53
C GLN C 231 -51.31 -11.28 38.14
N LYS C 232 -52.25 -11.50 37.23
CA LYS C 232 -51.90 -11.76 35.86
C LYS C 232 -50.92 -10.69 35.32
N GLN C 233 -51.07 -9.45 35.75
CA GLN C 233 -50.12 -8.40 35.38
C GLN C 233 -48.72 -8.57 35.99
N GLY C 234 -48.60 -9.41 37.02
CA GLY C 234 -47.31 -9.64 37.67
C GLY C 234 -47.27 -9.23 39.11
N PHE C 235 -48.32 -8.56 39.56
CA PHE C 235 -48.45 -8.05 40.93
C PHE C 235 -48.68 -9.24 41.82
N LYS C 236 -47.84 -9.46 42.80
CA LYS C 236 -48.06 -10.57 43.73
C LYS C 236 -48.76 -10.13 45.04
N PHE C 237 -49.54 -11.03 45.62
CA PHE C 237 -50.26 -10.68 46.82
C PHE C 237 -50.01 -11.69 47.90
N LYS C 238 -49.90 -11.20 49.14
CA LYS C 238 -49.94 -12.07 50.28
C LYS C 238 -51.01 -11.61 51.22
N LEU C 239 -52.21 -12.12 51.01
CA LEU C 239 -53.34 -11.86 51.90
C LEU C 239 -53.38 -12.65 53.27
N ASN C 240 -54.24 -12.21 54.20
CA ASN C 240 -54.28 -12.72 55.57
C ASN C 240 -52.93 -13.08 56.13
N THR C 241 -52.04 -12.12 56.04
CA THR C 241 -50.67 -12.30 56.46
C THR C 241 -50.43 -11.10 57.31
N LYS C 242 -49.83 -11.30 58.48
CA LYS C 242 -49.48 -10.15 59.30
C LYS C 242 -47.98 -9.94 59.25
N VAL C 243 -47.59 -8.72 59.54
CA VAL C 243 -46.19 -8.34 59.38
C VAL C 243 -45.56 -8.21 60.72
N THR C 244 -44.76 -9.20 61.01
CA THR C 244 -44.07 -9.28 62.23
C THR C 244 -43.07 -8.14 62.46
N GLY C 245 -42.36 -7.70 61.43
CA GLY C 245 -41.26 -6.77 61.65
C GLY C 245 -40.36 -6.72 60.45
N ALA C 246 -39.54 -5.67 60.33
CA ALA C 246 -38.76 -5.44 59.10
C ALA C 246 -37.39 -5.03 59.55
N THR C 247 -36.33 -5.49 58.91
CA THR C 247 -35.00 -5.26 59.48
C THR C 247 -33.99 -4.91 58.41
N LYS C 248 -33.14 -3.92 58.64
CA LYS C 248 -32.28 -3.52 57.58
C LYS C 248 -31.09 -4.43 57.53
N LYS C 249 -30.92 -5.11 56.39
CA LYS C 249 -29.88 -6.13 56.14
C LYS C 249 -28.48 -5.59 55.83
N SER C 250 -27.46 -6.42 56.08
CA SER C 250 -26.07 -5.98 55.91
C SER C 250 -25.80 -5.16 54.64
N ASP C 251 -26.35 -5.58 53.52
CA ASP C 251 -26.09 -4.96 52.27
C ASP C 251 -27.13 -3.92 51.74
N GLY C 252 -27.95 -3.31 52.63
CA GLY C 252 -28.92 -2.26 52.28
C GLY C 252 -30.32 -2.72 51.86
N LYS C 253 -30.46 -4.04 51.77
CA LYS C 253 -31.76 -4.66 51.48
C LYS C 253 -32.58 -4.71 52.79
N ILE C 254 -33.89 -4.88 52.66
CA ILE C 254 -34.79 -4.90 53.82
C ILE C 254 -35.31 -6.32 53.99
N ASP C 255 -35.09 -6.91 55.14
CA ASP C 255 -35.77 -8.18 55.38
C ASP C 255 -37.13 -7.89 55.97
N VAL C 256 -38.18 -8.63 55.56
CA VAL C 256 -39.52 -8.35 56.11
C VAL C 256 -40.12 -9.65 56.59
N SER C 257 -40.50 -9.72 57.87
CA SER C 257 -41.03 -10.92 58.48
C SER C 257 -42.53 -10.98 58.42
N ILE C 258 -43.02 -12.05 57.85
CA ILE C 258 -44.40 -12.24 57.57
C ILE C 258 -44.92 -13.43 58.42
N GLU C 259 -46.22 -13.61 58.51
CA GLU C 259 -46.73 -14.73 59.26
C GLU C 259 -48.21 -14.79 58.99
N ALA C 260 -48.72 -15.98 58.73
CA ALA C 260 -50.16 -16.13 58.50
C ALA C 260 -50.91 -15.70 59.70
N ALA C 261 -52.01 -14.98 59.47
CA ALA C 261 -52.80 -14.38 60.54
C ALA C 261 -53.41 -15.40 61.50
N SER C 262 -53.47 -16.64 61.03
CA SER C 262 -54.05 -17.72 61.77
C SER C 262 -52.90 -18.61 62.02
N GLY C 263 -52.52 -19.37 61.02
CA GLY C 263 -51.28 -20.13 61.05
C GLY C 263 -50.13 -19.45 61.79
N GLY C 264 -49.00 -20.17 61.84
CA GLY C 264 -47.76 -19.68 62.40
C GLY C 264 -46.72 -19.79 61.31
N LYS C 265 -47.17 -19.58 60.07
CA LYS C 265 -46.26 -19.63 58.91
C LYS C 265 -45.32 -18.42 58.89
N ALA C 266 -44.17 -18.51 59.59
CA ALA C 266 -43.17 -17.42 59.62
C ALA C 266 -42.39 -17.47 58.33
N GLU C 267 -42.12 -16.35 57.71
CA GLU C 267 -41.44 -16.40 56.45
C GLU C 267 -40.75 -15.02 56.31
N VAL C 268 -39.65 -14.95 55.57
CA VAL C 268 -38.98 -13.65 55.43
C VAL C 268 -38.96 -13.24 53.99
N ILE C 269 -39.55 -12.14 53.59
CA ILE C 269 -39.30 -11.80 52.19
C ILE C 269 -38.32 -10.67 52.12
N THR C 270 -37.42 -10.70 51.15
CA THR C 270 -36.52 -9.53 51.01
C THR C 270 -36.85 -8.48 49.90
N CYS C 271 -36.45 -7.24 50.10
CA CYS C 271 -36.57 -6.23 49.04
C CYS C 271 -35.60 -5.09 49.17
N ASP C 272 -35.57 -4.32 48.11
CA ASP C 272 -34.84 -3.07 48.10
C ASP C 272 -35.64 -1.97 48.74
N VAL C 273 -36.92 -1.85 48.40
CA VAL C 273 -37.72 -0.78 48.94
C VAL C 273 -38.96 -1.33 49.57
N LEU C 274 -39.18 -0.95 50.82
CA LEU C 274 -40.34 -1.30 51.58
C LEU C 274 -41.25 -0.07 51.59
N LEU C 275 -42.49 -0.23 51.15
CA LEU C 275 -43.48 0.86 51.18
C LEU C 275 -44.55 0.52 52.22
N VAL C 276 -44.64 1.38 53.23
CA VAL C 276 -45.60 1.20 54.29
C VAL C 276 -46.79 2.10 53.97
N CYS C 277 -47.93 1.49 53.70
CA CYS C 277 -49.16 2.27 53.72
C CYS C 277 -50.31 1.50 54.32
N ILE C 278 -50.37 1.49 55.67
CA ILE C 278 -51.49 0.82 56.38
C ILE C 278 -52.67 1.77 56.66
N GLY C 279 -52.53 3.03 56.34
CA GLY C 279 -53.67 3.90 56.43
C GLY C 279 -53.23 5.31 56.67
N ARG C 280 -54.24 6.15 56.84
CA ARG C 280 -53.98 7.52 57.18
C ARG C 280 -54.79 7.93 58.43
N ARG C 281 -54.41 9.04 59.03
CA ARG C 281 -54.97 9.36 60.31
C ARG C 281 -55.22 10.84 60.32
N PRO C 282 -56.26 11.30 61.04
CA PRO C 282 -56.62 12.72 61.10
C PRO C 282 -55.50 13.50 61.75
N PHE C 283 -55.13 14.66 61.21
CA PHE C 283 -54.06 15.48 61.74
C PHE C 283 -54.56 16.67 62.54
N THR C 284 -54.23 16.80 63.83
CA THR C 284 -54.64 18.00 64.62
C THR C 284 -53.57 18.60 65.54
N LYS C 285 -52.33 18.18 65.43
CA LYS C 285 -51.26 18.70 66.27
C LYS C 285 -51.22 20.21 66.44
N ASN C 286 -50.88 20.63 67.66
CA ASN C 286 -50.64 22.05 67.90
C ASN C 286 -51.78 22.85 67.34
N LEU C 287 -53.01 22.35 67.39
CA LEU C 287 -54.14 23.21 67.03
C LEU C 287 -54.79 23.91 68.24
N GLY C 288 -54.44 23.46 69.42
CA GLY C 288 -54.95 24.03 70.62
C GLY C 288 -56.37 23.60 70.87
N LEU C 289 -56.79 22.41 70.46
CA LEU C 289 -58.14 21.97 70.75
C LEU C 289 -58.36 21.53 72.19
N GLU C 290 -57.34 20.98 72.83
CA GLU C 290 -57.53 20.40 74.17
C GLU C 290 -57.97 21.48 75.15
N GLU C 291 -57.27 22.60 75.07
CA GLU C 291 -57.62 23.78 75.87
C GLU C 291 -58.84 24.57 75.33
N LEU C 292 -59.51 24.08 74.31
CA LEU C 292 -60.75 24.68 73.91
C LEU C 292 -61.79 23.72 74.39
N GLY C 293 -61.33 22.61 74.97
CA GLY C 293 -62.22 21.59 75.44
C GLY C 293 -62.74 20.65 74.37
N ILE C 294 -62.29 20.82 73.11
CA ILE C 294 -62.73 19.86 72.09
C ILE C 294 -62.05 18.50 72.20
N GLU C 295 -62.81 17.48 72.58
CA GLU C 295 -62.26 16.17 72.74
C GLU C 295 -62.43 15.45 71.44
N LEU C 296 -61.44 14.63 71.07
CA LEU C 296 -61.50 13.90 69.81
C LEU C 296 -62.15 12.56 69.99
N ASP C 297 -62.64 11.97 68.90
CA ASP C 297 -63.18 10.62 69.00
C ASP C 297 -62.05 9.62 69.02
N PRO C 298 -62.33 8.37 69.39
CA PRO C 298 -61.26 7.43 69.66
C PRO C 298 -60.35 7.14 68.44
N ARG C 299 -60.75 7.53 67.23
CA ARG C 299 -59.88 7.43 66.07
C ARG C 299 -59.08 8.75 65.82
N GLY C 300 -59.26 9.76 66.66
CA GLY C 300 -58.58 11.01 66.48
C GLY C 300 -59.32 12.04 65.67
N ARG C 301 -60.54 11.72 65.29
CA ARG C 301 -61.30 12.65 64.48
C ARG C 301 -62.04 13.63 65.40
N ILE C 302 -62.57 14.72 64.83
CA ILE C 302 -63.11 15.82 65.61
C ILE C 302 -64.60 15.74 65.47
N PRO C 303 -65.35 15.29 66.46
CA PRO C 303 -66.81 15.16 66.34
C PRO C 303 -67.56 16.42 65.92
N VAL C 304 -68.54 16.28 65.05
CA VAL C 304 -69.24 17.41 64.59
C VAL C 304 -70.75 17.26 64.26
N ASN C 305 -71.40 18.41 64.16
CA ASN C 305 -72.80 18.59 63.87
C ASN C 305 -73.24 18.09 62.53
N THR C 306 -74.52 18.25 62.27
CA THR C 306 -74.98 17.90 60.96
C THR C 306 -74.86 19.20 60.19
N ARG C 307 -74.26 20.22 60.79
CA ARG C 307 -73.90 21.47 60.12
C ARG C 307 -72.37 21.65 60.24
N PHE C 308 -71.74 20.69 60.92
CA PHE C 308 -70.28 20.61 60.98
C PHE C 308 -69.69 21.47 62.04
N GLN C 309 -70.50 21.82 63.02
CA GLN C 309 -69.97 22.60 64.10
C GLN C 309 -69.43 21.65 65.18
N THR C 310 -68.44 22.12 65.92
CA THR C 310 -67.89 21.29 66.95
C THR C 310 -68.68 21.64 68.16
N LYS C 311 -68.25 21.17 69.32
CA LYS C 311 -68.89 21.53 70.60
C LYS C 311 -69.03 23.06 70.64
N ILE C 312 -68.01 23.79 70.20
CA ILE C 312 -68.13 25.24 70.12
C ILE C 312 -68.79 25.64 68.80
N PRO C 313 -69.88 26.39 68.85
CA PRO C 313 -70.76 26.55 67.68
C PRO C 313 -70.14 27.27 66.53
N ASN C 314 -69.22 28.21 66.77
CA ASN C 314 -68.73 29.03 65.70
C ASN C 314 -67.42 28.42 65.21
N ILE C 315 -67.11 27.19 65.72
CA ILE C 315 -65.97 26.42 65.19
C ILE C 315 -66.35 25.14 64.47
N TYR C 316 -65.83 24.98 63.25
CA TYR C 316 -66.20 23.84 62.36
C TYR C 316 -65.00 22.94 61.99
N ALA C 317 -65.29 21.85 61.32
CA ALA C 317 -64.25 20.98 60.88
C ALA C 317 -64.86 20.18 59.73
N ILE C 318 -64.14 20.00 58.63
CA ILE C 318 -64.63 19.21 57.48
C ILE C 318 -63.43 18.45 57.02
N GLY C 319 -63.49 17.73 55.92
CA GLY C 319 -62.32 17.00 55.46
C GLY C 319 -61.95 15.68 56.13
N ASP C 320 -60.67 15.29 55.96
CA ASP C 320 -60.22 14.01 56.51
C ASP C 320 -60.22 14.00 58.02
N VAL C 321 -60.20 15.22 58.57
CA VAL C 321 -60.06 15.38 60.00
C VAL C 321 -61.34 15.01 60.74
N VAL C 322 -62.37 14.60 60.02
CA VAL C 322 -63.70 14.42 60.54
C VAL C 322 -64.28 13.09 60.02
N ALA C 323 -65.36 12.57 60.59
CA ALA C 323 -65.92 11.27 60.19
C ALA C 323 -66.19 11.13 58.71
N GLY C 324 -66.24 9.90 58.21
CA GLY C 324 -66.55 9.67 56.81
C GLY C 324 -65.42 9.10 55.97
N PRO C 325 -65.67 8.85 54.69
CA PRO C 325 -64.63 8.47 53.70
C PRO C 325 -63.51 9.49 53.66
N MET C 326 -62.27 9.04 53.77
CA MET C 326 -61.22 10.04 53.69
C MET C 326 -60.86 10.25 52.25
N LEU C 327 -61.68 11.03 51.55
CA LEU C 327 -61.57 11.22 50.11
C LEU C 327 -61.59 12.71 49.75
N ALA C 328 -60.94 13.09 48.65
CA ALA C 328 -60.82 14.51 48.32
C ALA C 328 -62.14 15.15 48.04
N HIS C 329 -63.00 14.48 47.30
CA HIS C 329 -64.29 15.05 46.92
C HIS C 329 -65.26 14.93 48.07
N LYS C 330 -64.87 14.26 49.10
CA LYS C 330 -65.71 14.26 50.25
C LYS C 330 -65.33 15.50 51.05
N ALA C 331 -64.04 15.79 51.07
CA ALA C 331 -63.58 17.01 51.69
C ALA C 331 -64.18 18.21 51.02
N GLU C 332 -64.09 18.24 49.70
CA GLU C 332 -64.53 19.38 48.94
C GLU C 332 -65.98 19.69 49.17
N ASP C 333 -66.85 18.71 49.07
CA ASP C 333 -68.28 18.98 49.30
C ASP C 333 -68.61 19.41 50.74
N GLU C 334 -68.01 18.73 51.71
CA GLU C 334 -68.23 19.01 53.11
C GLU C 334 -67.96 20.45 53.34
N GLY C 335 -66.79 20.89 52.90
CA GLY C 335 -66.43 22.28 52.94
C GLY C 335 -67.48 23.17 52.27
N ILE C 336 -67.82 22.92 51.04
CA ILE C 336 -68.79 23.77 50.40
C ILE C 336 -70.09 23.95 51.13
N ILE C 337 -70.71 22.85 51.55
CA ILE C 337 -72.00 23.00 52.22
C ILE C 337 -71.80 23.76 53.55
N CYS C 338 -70.72 23.42 54.23
CA CYS C 338 -70.40 24.06 55.46
C CYS C 338 -70.59 25.54 55.38
N VAL C 339 -69.80 26.21 54.51
CA VAL C 339 -69.82 27.67 54.38
C VAL C 339 -71.14 28.19 53.87
N GLU C 340 -71.70 27.56 52.87
CA GLU C 340 -73.12 27.79 52.60
C GLU C 340 -74.04 27.71 53.85
N GLY C 341 -73.81 26.75 54.74
CA GLY C 341 -74.58 26.64 55.95
C GLY C 341 -74.34 27.77 56.93
N MET C 342 -73.08 28.10 57.18
CA MET C 342 -72.80 29.38 57.85
C MET C 342 -73.51 30.55 57.13
N ALA C 343 -73.74 30.46 55.83
CA ALA C 343 -74.44 31.57 55.22
C ALA C 343 -75.93 31.48 55.46
N GLY C 344 -76.37 30.52 56.25
CA GLY C 344 -77.80 30.35 56.45
C GLY C 344 -78.54 29.36 55.56
N GLY C 345 -77.95 28.96 54.43
CA GLY C 345 -78.51 27.88 53.61
C GLY C 345 -78.63 26.49 54.29
N ALA C 346 -79.04 25.47 53.55
CA ALA C 346 -79.11 24.15 54.16
C ALA C 346 -77.85 23.33 53.94
N VAL C 347 -77.68 22.33 54.80
CA VAL C 347 -76.52 21.47 54.70
C VAL C 347 -77.02 20.06 54.79
N HIS C 348 -77.05 19.40 53.66
CA HIS C 348 -77.32 17.99 53.67
C HIS C 348 -76.20 17.33 52.87
N ILE C 349 -75.84 16.12 53.23
CA ILE C 349 -75.03 15.32 52.33
C ILE C 349 -75.38 13.87 52.62
N ASP C 350 -75.46 13.05 51.58
CA ASP C 350 -75.67 11.63 51.79
C ASP C 350 -74.41 10.88 51.46
N TYR C 351 -73.75 10.38 52.50
CA TYR C 351 -72.51 9.63 52.36
C TYR C 351 -72.69 8.30 51.57
N ASN C 352 -73.91 7.95 51.35
CA ASN C 352 -74.16 6.78 50.54
C ASN C 352 -73.82 7.01 49.07
N CYS C 353 -73.91 8.26 48.63
CA CYS C 353 -73.71 8.59 47.20
C CYS C 353 -72.37 9.20 46.84
N VAL C 354 -71.39 8.99 47.69
CA VAL C 354 -70.09 9.46 47.36
C VAL C 354 -69.34 8.29 46.71
N PRO C 355 -68.83 8.44 45.50
CA PRO C 355 -68.18 7.34 44.77
C PRO C 355 -66.75 7.04 45.26
N SER C 356 -66.18 5.90 44.81
CA SER C 356 -64.80 5.57 45.16
C SER C 356 -64.12 5.07 43.97
N VAL C 357 -62.88 5.54 43.75
CA VAL C 357 -62.20 5.22 42.50
C VAL C 357 -60.79 4.74 42.74
N ILE C 358 -60.48 3.50 42.35
CA ILE C 358 -59.11 3.03 42.49
C ILE C 358 -58.51 3.00 41.09
N TYR C 359 -57.56 3.90 40.84
CA TYR C 359 -57.13 4.27 39.45
C TYR C 359 -56.02 3.45 38.79
N THR C 360 -56.01 2.15 39.07
CA THR C 360 -55.19 1.23 38.36
C THR C 360 -55.78 1.05 36.98
N HIS C 361 -55.22 0.10 36.24
CA HIS C 361 -55.79 -0.25 34.93
C HIS C 361 -55.81 -1.73 34.98
N PRO C 362 -56.99 -2.34 35.00
CA PRO C 362 -58.30 -1.64 34.93
C PRO C 362 -58.65 -0.82 36.17
N GLU C 363 -59.50 0.19 35.96
CA GLU C 363 -59.94 1.10 37.02
C GLU C 363 -60.95 0.28 37.76
N VAL C 364 -61.08 0.56 39.06
CA VAL C 364 -62.24 0.11 39.79
C VAL C 364 -62.97 1.30 40.38
N ALA C 365 -64.29 1.31 40.27
CA ALA C 365 -65.12 2.37 40.95
C ALA C 365 -66.41 1.76 41.38
N TRP C 366 -66.98 2.15 42.53
CA TRP C 366 -68.31 1.75 42.95
C TRP C 366 -68.88 2.86 43.81
N VAL C 367 -70.20 2.95 43.93
CA VAL C 367 -70.84 3.99 44.75
C VAL C 367 -72.05 3.26 45.20
N GLY C 368 -72.66 3.66 46.30
CA GLY C 368 -73.69 2.82 46.88
C GLY C 368 -73.25 1.46 47.49
N LYS C 369 -74.17 0.52 47.70
CA LYS C 369 -73.90 -0.61 48.60
C LYS C 369 -73.17 -1.75 47.94
N SER C 370 -72.34 -2.48 48.70
CA SER C 370 -71.81 -3.75 48.18
C SER C 370 -72.75 -4.90 48.47
N GLU C 371 -72.49 -6.03 47.84
CA GLU C 371 -73.36 -7.16 48.08
C GLU C 371 -73.28 -7.60 49.57
N GLU C 372 -72.07 -7.57 50.12
CA GLU C 372 -71.85 -7.91 51.50
C GLU C 372 -72.69 -7.01 52.38
N GLN C 373 -72.67 -5.71 52.13
CA GLN C 373 -73.43 -4.82 52.99
C GLN C 373 -74.88 -5.14 52.84
N LEU C 374 -75.34 -5.51 51.66
CA LEU C 374 -76.76 -5.78 51.59
C LEU C 374 -77.15 -7.05 52.35
N LYS C 375 -76.29 -8.05 52.38
CA LYS C 375 -76.53 -9.25 53.20
C LYS C 375 -76.58 -8.90 54.69
N GLU C 376 -75.60 -8.15 55.21
CA GLU C 376 -75.65 -7.70 56.59
C GLU C 376 -77.01 -7.15 56.97
N GLU C 377 -77.48 -6.16 56.22
CA GLU C 377 -78.75 -5.50 56.50
C GLU C 377 -79.95 -6.39 56.10
N GLY C 378 -79.69 -7.56 55.52
CA GLY C 378 -80.75 -8.48 55.12
C GLY C 378 -81.74 -7.91 54.10
N ILE C 379 -81.31 -6.92 53.33
CA ILE C 379 -82.12 -6.39 52.25
C ILE C 379 -82.28 -7.43 51.15
N GLU C 380 -83.42 -7.44 50.43
CA GLU C 380 -83.52 -8.31 49.22
C GLU C 380 -83.23 -7.54 47.92
N TYR C 381 -82.25 -8.02 47.18
CA TYR C 381 -81.85 -7.39 45.93
C TYR C 381 -81.66 -8.41 44.82
N LYS C 382 -81.68 -7.95 43.58
CA LYS C 382 -81.29 -8.81 42.51
C LYS C 382 -80.01 -8.20 42.00
N VAL C 383 -79.25 -8.91 41.18
CA VAL C 383 -78.04 -8.29 40.60
C VAL C 383 -78.01 -8.48 39.11
N GLY C 384 -77.42 -7.52 38.38
CA GLY C 384 -77.24 -7.62 36.94
C GLY C 384 -75.80 -7.30 36.67
N LYS C 385 -75.19 -8.06 35.79
CA LYS C 385 -73.80 -7.79 35.50
C LYS C 385 -73.52 -8.00 34.05
N PHE C 386 -72.61 -7.21 33.52
CA PHE C 386 -72.31 -7.19 32.10
C PHE C 386 -70.78 -7.09 31.97
N PRO C 387 -70.12 -7.94 31.17
CA PRO C 387 -68.64 -7.91 31.11
C PRO C 387 -68.18 -6.99 29.99
N PHE C 388 -67.21 -6.15 30.29
CA PHE C 388 -66.67 -5.29 29.24
C PHE C 388 -66.24 -6.03 27.94
N ALA C 389 -66.25 -7.36 28.00
CA ALA C 389 -65.79 -8.14 26.86
C ALA C 389 -66.91 -8.27 25.88
N ALA C 390 -68.09 -7.77 26.23
CA ALA C 390 -69.21 -7.84 25.30
C ALA C 390 -69.59 -6.44 24.88
N ASN C 391 -68.72 -5.52 25.23
CA ASN C 391 -68.98 -4.12 25.05
C ASN C 391 -68.17 -3.65 23.89
N SER C 392 -68.86 -3.22 22.86
CA SER C 392 -68.21 -2.62 21.67
C SER C 392 -67.00 -1.69 21.86
N ARG C 393 -67.18 -0.59 22.56
CA ARG C 393 -66.06 0.28 22.70
C ARG C 393 -64.92 -0.54 23.20
N ALA C 394 -65.16 -1.25 24.28
CA ALA C 394 -64.14 -2.03 24.89
C ALA C 394 -63.41 -2.97 23.91
N LYS C 395 -64.18 -3.67 23.09
CA LYS C 395 -63.65 -4.66 22.16
C LYS C 395 -62.87 -4.02 21.01
N THR C 396 -63.36 -2.87 20.56
CA THR C 396 -62.74 -2.10 19.53
C THR C 396 -61.39 -1.57 19.98
N ASN C 397 -61.28 -1.18 21.25
CA ASN C 397 -60.02 -0.63 21.73
C ASN C 397 -59.06 -1.74 22.17
N ALA C 398 -59.56 -2.99 22.15
CA ALA C 398 -58.88 -4.16 22.73
C ALA C 398 -58.46 -3.93 24.16
N ASP C 399 -59.45 -3.86 25.05
CA ASP C 399 -59.22 -3.62 26.46
C ASP C 399 -60.50 -4.06 27.16
N THR C 400 -60.66 -5.31 27.54
CA THR C 400 -61.99 -5.77 27.91
C THR C 400 -62.04 -6.60 29.19
N ASP C 401 -61.18 -6.29 30.13
CA ASP C 401 -61.22 -6.84 31.45
C ASP C 401 -62.38 -6.28 32.22
N GLY C 402 -62.95 -7.10 33.10
CA GLY C 402 -63.82 -6.55 34.11
C GLY C 402 -65.24 -6.51 33.66
N MET C 403 -66.06 -5.75 34.36
CA MET C 403 -67.47 -5.86 34.20
C MET C 403 -68.17 -4.73 34.97
N VAL C 404 -69.45 -4.56 34.70
CA VAL C 404 -70.28 -3.69 35.50
C VAL C 404 -71.26 -4.56 36.30
N LYS C 405 -71.42 -4.30 37.59
CA LYS C 405 -72.39 -5.07 38.39
C LYS C 405 -73.31 -4.12 39.10
N ILE C 406 -74.60 -4.22 38.78
CA ILE C 406 -75.62 -3.47 39.44
C ILE C 406 -76.30 -4.36 40.51
N LEU C 407 -76.40 -3.84 41.73
CA LEU C 407 -77.27 -4.35 42.74
C LEU C 407 -78.63 -3.68 42.72
N GLY C 408 -79.69 -4.47 42.54
CA GLY C 408 -81.00 -3.87 42.50
C GLY C 408 -81.89 -4.27 43.66
N GLN C 409 -82.60 -3.32 44.23
CA GLN C 409 -83.67 -3.61 45.14
C GLN C 409 -84.73 -4.53 44.50
N LYS C 410 -84.93 -5.71 45.04
CA LYS C 410 -85.88 -6.65 44.45
C LYS C 410 -87.30 -6.15 44.04
N SER C 411 -88.04 -5.48 44.93
CA SER C 411 -89.44 -5.15 44.61
C SER C 411 -89.56 -3.77 43.97
N THR C 412 -88.67 -2.86 44.32
CA THR C 412 -88.75 -1.53 43.77
C THR C 412 -87.80 -1.29 42.62
N ASP C 413 -86.86 -2.22 42.46
CA ASP C 413 -85.94 -2.17 41.32
C ASP C 413 -85.14 -0.89 41.46
N ARG C 414 -84.88 -0.51 42.70
CA ARG C 414 -84.15 0.72 42.97
C ARG C 414 -82.70 0.33 42.93
N VAL C 415 -81.85 1.15 42.36
CA VAL C 415 -80.46 0.78 42.36
C VAL C 415 -79.88 0.95 43.75
N LEU C 416 -79.09 0.00 44.22
CA LEU C 416 -78.61 0.08 45.58
C LEU C 416 -77.10 0.25 45.66
N GLY C 417 -76.42 -0.21 44.62
CA GLY C 417 -75.00 -0.06 44.54
C GLY C 417 -74.66 -0.34 43.11
N ALA C 418 -73.73 0.40 42.56
CA ALA C 418 -73.30 0.14 41.22
C ALA C 418 -71.79 -0.06 41.30
N HIS C 419 -71.31 -1.18 40.73
CA HIS C 419 -69.89 -1.63 40.82
C HIS C 419 -69.26 -1.92 39.48
N ILE C 420 -68.18 -1.20 39.17
CA ILE C 420 -67.58 -1.23 37.86
C ILE C 420 -66.09 -1.58 37.95
N LEU C 421 -65.63 -2.45 37.08
CA LEU C 421 -64.26 -2.93 37.06
C LEU C 421 -63.81 -2.95 35.61
N GLY C 422 -62.84 -2.15 35.23
CA GLY C 422 -62.50 -2.11 33.82
C GLY C 422 -62.37 -0.71 33.26
N PRO C 423 -62.21 -0.57 31.96
CA PRO C 423 -61.91 0.76 31.38
C PRO C 423 -62.92 1.83 31.73
N GLY C 424 -62.39 3.02 31.87
CA GLY C 424 -63.20 4.19 32.20
C GLY C 424 -64.15 4.09 33.36
N ALA C 425 -64.02 3.04 34.18
CA ALA C 425 -64.79 2.92 35.40
C ALA C 425 -64.74 4.25 36.10
N GLY C 426 -63.59 4.89 35.98
CA GLY C 426 -63.39 6.22 36.54
C GLY C 426 -64.47 7.26 36.31
N GLU C 427 -64.82 7.45 35.06
CA GLU C 427 -65.78 8.47 34.76
C GLU C 427 -67.18 7.98 34.95
N MET C 428 -67.33 6.68 34.74
CA MET C 428 -68.63 6.08 34.66
C MET C 428 -69.23 6.21 36.03
N VAL C 429 -68.43 6.13 37.08
CA VAL C 429 -69.03 6.06 38.41
C VAL C 429 -69.88 7.26 38.70
N ASN C 430 -69.53 8.43 38.13
CA ASN C 430 -70.38 9.61 38.28
C ASN C 430 -71.84 9.45 37.77
N GLU C 431 -72.07 8.75 36.65
CA GLU C 431 -73.42 8.56 36.17
C GLU C 431 -74.10 7.71 37.22
N ALA C 432 -73.42 6.65 37.65
CA ALA C 432 -74.03 5.90 38.70
C ALA C 432 -74.38 6.90 39.78
N ALA C 433 -73.45 7.80 40.09
CA ALA C 433 -73.63 8.65 41.27
C ALA C 433 -74.86 9.54 41.11
N LEU C 434 -75.02 10.15 39.94
CA LEU C 434 -76.19 10.96 39.68
C LEU C 434 -77.45 10.15 39.78
N ALA C 435 -77.41 8.96 39.24
CA ALA C 435 -78.59 8.16 39.28
C ALA C 435 -78.97 7.77 40.72
N LEU C 436 -78.00 7.44 41.54
CA LEU C 436 -78.31 7.10 42.92
C LEU C 436 -79.01 8.23 43.71
N GLU C 437 -78.68 9.47 43.29
CA GLU C 437 -79.13 10.72 43.86
C GLU C 437 -80.56 11.03 43.50
N TYR C 438 -81.03 10.50 42.39
CA TYR C 438 -82.39 10.71 41.97
C TYR C 438 -83.18 9.47 42.35
N GLY C 439 -82.57 8.56 43.09
CA GLY C 439 -83.29 7.41 43.59
C GLY C 439 -83.65 6.52 42.42
N ALA C 440 -82.78 6.50 41.44
CA ALA C 440 -83.08 5.82 40.21
C ALA C 440 -83.31 4.37 40.39
N SER C 441 -83.98 3.79 39.41
CA SER C 441 -84.18 2.38 39.38
C SER C 441 -83.41 1.88 38.18
N CYS C 442 -83.12 0.58 38.18
CA CYS C 442 -82.39 -0.07 37.13
C CYS C 442 -83.12 0.22 35.85
N GLU C 443 -84.43 0.37 35.95
CA GLU C 443 -85.18 0.56 34.74
C GLU C 443 -85.04 1.99 34.19
N ASP C 444 -84.91 2.99 35.06
CA ASP C 444 -84.77 4.36 34.60
C ASP C 444 -83.49 4.48 33.81
N ILE C 445 -82.45 3.80 34.29
CA ILE C 445 -81.12 3.94 33.73
C ILE C 445 -81.16 3.33 32.37
N ALA C 446 -81.79 2.16 32.31
CA ALA C 446 -81.73 1.34 31.12
C ALA C 446 -82.52 1.94 29.95
N ARG C 447 -83.48 2.82 30.28
CA ARG C 447 -84.25 3.57 29.27
C ARG C 447 -83.64 4.87 28.86
N VAL C 448 -82.54 5.31 29.47
CA VAL C 448 -81.83 6.47 28.92
C VAL C 448 -81.06 6.07 27.68
N CYS C 449 -81.03 6.95 26.70
CA CYS C 449 -80.41 6.56 25.48
C CYS C 449 -78.91 6.82 25.63
N HIS C 450 -78.08 5.77 25.69
CA HIS C 450 -76.65 6.03 25.75
C HIS C 450 -75.96 5.99 24.37
N ALA C 451 -75.03 6.93 24.16
CA ALA C 451 -74.24 7.08 22.93
C ALA C 451 -73.58 5.81 22.53
N HIS C 452 -73.57 5.53 21.24
CA HIS C 452 -72.83 4.37 20.73
C HIS C 452 -71.66 4.82 19.83
N PRO C 453 -70.56 4.10 19.96
CA PRO C 453 -70.40 3.09 21.02
C PRO C 453 -69.54 3.67 22.19
N THR C 454 -70.00 3.53 23.42
CA THR C 454 -69.19 4.04 24.54
C THR C 454 -69.09 3.00 25.64
N LEU C 455 -68.17 3.23 26.57
CA LEU C 455 -68.03 2.30 27.70
C LEU C 455 -69.29 2.30 28.55
N SER C 456 -69.84 3.47 28.69
CA SER C 456 -71.09 3.61 29.40
C SER C 456 -72.20 2.68 29.01
N GLU C 457 -72.19 2.09 27.81
CA GLU C 457 -73.31 1.23 27.46
C GLU C 457 -73.26 0.01 28.34
N ALA C 458 -72.19 -0.16 29.09
CA ALA C 458 -71.97 -1.38 29.78
C ALA C 458 -72.85 -1.27 31.00
N PHE C 459 -72.76 -0.13 31.65
CA PHE C 459 -73.57 0.28 32.80
C PHE C 459 -75.05 0.15 32.46
N ARG C 460 -75.43 0.78 31.36
CA ARG C 460 -76.80 0.66 30.83
C ARG C 460 -77.22 -0.80 30.76
N GLU C 461 -76.49 -1.63 30.04
CA GLU C 461 -76.85 -3.03 29.94
C GLU C 461 -76.97 -3.73 31.28
N ALA C 462 -76.12 -3.37 32.23
CA ALA C 462 -76.11 -4.12 33.44
C ALA C 462 -77.38 -3.85 34.15
N ASN C 463 -77.86 -2.63 33.98
CA ASN C 463 -79.16 -2.26 34.51
C ASN C 463 -80.30 -3.01 33.83
N LEU C 464 -80.22 -3.10 32.51
CA LEU C 464 -81.32 -3.66 31.79
C LEU C 464 -81.31 -5.10 32.26
N ALA C 465 -80.12 -5.61 32.50
CA ALA C 465 -80.00 -6.95 33.03
C ALA C 465 -80.71 -7.00 34.35
N ALA C 466 -80.39 -6.13 35.30
CA ALA C 466 -80.94 -6.34 36.64
C ALA C 466 -82.44 -6.14 36.66
N SER C 467 -82.98 -5.37 35.73
CA SER C 467 -84.42 -5.13 35.79
C SER C 467 -85.08 -6.15 34.94
N PHE C 468 -85.17 -5.92 33.64
CA PHE C 468 -85.74 -6.94 32.77
C PHE C 468 -85.32 -8.41 33.03
N GLY C 469 -84.06 -8.70 33.33
CA GLY C 469 -83.64 -10.07 33.58
C GLY C 469 -82.46 -10.55 32.72
N LYS C 470 -82.43 -10.16 31.44
CA LYS C 470 -81.31 -10.40 30.53
C LYS C 470 -81.11 -9.11 29.79
N SER C 471 -79.88 -8.89 29.33
CA SER C 471 -79.60 -7.71 28.52
C SER C 471 -79.62 -8.15 27.08
N ILE C 472 -79.17 -7.27 26.18
CA ILE C 472 -79.16 -7.67 24.78
C ILE C 472 -77.84 -8.24 24.28
N ASN C 473 -76.72 -7.57 24.53
CA ASN C 473 -75.47 -8.08 23.98
C ASN C 473 -74.86 -9.17 24.81
N PHE C 474 -75.54 -9.63 25.82
CA PHE C 474 -74.97 -10.72 26.58
C PHE C 474 -76.07 -11.66 27.12
N ALA D 1 -89.88 -22.29 -3.97
CA ALA D 1 -88.98 -21.94 -2.85
C ALA D 1 -88.80 -23.12 -1.90
N ASP D 2 -87.80 -23.03 -0.99
CA ASP D 2 -87.63 -24.00 0.10
C ASP D 2 -88.71 -23.79 1.22
N GLN D 3 -89.29 -24.91 1.70
CA GLN D 3 -90.34 -24.98 2.74
C GLN D 3 -90.67 -23.66 3.48
N PRO D 4 -91.71 -22.97 3.03
CA PRO D 4 -91.94 -21.61 3.51
C PRO D 4 -91.98 -21.66 5.03
N ILE D 5 -91.12 -20.95 5.79
CA ILE D 5 -91.28 -21.00 7.25
C ILE D 5 -92.26 -20.00 7.82
N ASP D 6 -92.63 -20.24 9.06
CA ASP D 6 -93.58 -19.40 9.76
C ASP D 6 -92.94 -18.60 10.90
N ALA D 7 -93.53 -17.46 11.22
CA ALA D 7 -92.95 -16.54 12.19
C ALA D 7 -93.91 -15.43 12.48
N ASP D 8 -93.69 -14.71 13.55
CA ASP D 8 -94.59 -13.61 13.80
C ASP D 8 -93.85 -12.28 13.74
N VAL D 9 -92.52 -12.31 13.70
CA VAL D 9 -91.75 -11.08 13.49
C VAL D 9 -90.58 -11.32 12.60
N THR D 10 -90.62 -10.78 11.40
CA THR D 10 -89.44 -10.94 10.59
C THR D 10 -88.75 -9.60 10.42
N VAL D 11 -87.44 -9.63 10.55
CA VAL D 11 -86.66 -8.43 10.55
C VAL D 11 -85.80 -8.48 9.34
N ILE D 12 -85.97 -7.50 8.46
CA ILE D 12 -85.10 -7.32 7.31
C ILE D 12 -84.07 -6.27 7.67
N GLY D 13 -82.86 -6.77 7.88
CA GLY D 13 -81.70 -5.96 8.16
C GLY D 13 -81.10 -6.37 9.48
N SER D 14 -79.77 -6.47 9.57
CA SER D 14 -79.14 -6.90 10.84
C SER D 14 -78.19 -5.88 11.43
N GLY D 15 -78.14 -4.67 10.89
CA GLY D 15 -77.41 -3.62 11.58
C GLY D 15 -77.95 -3.45 12.99
N PRO D 16 -77.42 -2.50 13.73
CA PRO D 16 -77.89 -2.29 15.10
C PRO D 16 -79.33 -1.80 14.95
N GLY D 17 -80.25 -2.12 15.85
CA GLY D 17 -81.58 -1.66 15.54
C GLY D 17 -82.24 -2.87 14.92
N GLY D 18 -81.83 -3.21 13.72
CA GLY D 18 -82.28 -4.48 13.19
C GLY D 18 -81.95 -5.66 14.11
N TYR D 19 -80.67 -5.86 14.35
CA TYR D 19 -80.24 -7.07 15.03
C TYR D 19 -80.66 -7.05 16.48
N VAL D 20 -80.65 -5.88 17.06
CA VAL D 20 -81.06 -5.72 18.41
C VAL D 20 -82.53 -6.05 18.56
N ALA D 21 -83.31 -5.64 17.59
CA ALA D 21 -84.73 -5.77 17.66
C ALA D 21 -85.04 -7.24 17.51
N ALA D 22 -84.23 -7.97 16.73
CA ALA D 22 -84.45 -9.41 16.66
C ALA D 22 -84.28 -10.01 18.08
N ILE D 23 -83.14 -9.75 18.70
CA ILE D 23 -82.89 -10.25 20.03
C ILE D 23 -84.03 -9.91 21.00
N LYS D 24 -84.69 -8.77 20.85
CA LYS D 24 -85.62 -8.32 21.88
C LYS D 24 -86.97 -8.95 21.63
N ALA D 25 -87.30 -9.10 20.37
CA ALA D 25 -88.55 -9.72 20.06
C ALA D 25 -88.40 -11.20 20.45
N ALA D 26 -87.30 -11.82 20.07
CA ALA D 26 -86.98 -13.15 20.64
C ALA D 26 -87.21 -13.21 22.16
N GLN D 27 -86.63 -12.26 22.91
CA GLN D 27 -86.78 -12.21 24.36
C GLN D 27 -88.19 -11.92 24.85
N LEU D 28 -88.99 -11.22 24.04
CA LEU D 28 -90.38 -10.98 24.44
C LEU D 28 -91.24 -12.23 24.26
N GLY D 29 -90.76 -13.20 23.49
CA GLY D 29 -91.49 -14.43 23.25
C GLY D 29 -92.05 -14.57 21.85
N PHE D 30 -91.64 -13.74 20.91
CA PHE D 30 -92.05 -13.91 19.53
C PHE D 30 -91.15 -14.90 18.75
N LYS D 31 -91.74 -15.87 18.03
CA LYS D 31 -91.02 -16.48 16.89
C LYS D 31 -90.47 -15.37 15.92
N THR D 32 -89.17 -15.25 15.81
CA THR D 32 -88.63 -14.11 15.09
C THR D 32 -87.50 -14.51 14.14
N VAL D 33 -87.44 -13.92 12.95
CA VAL D 33 -86.30 -14.21 12.06
C VAL D 33 -85.67 -12.94 11.45
N CYS D 34 -84.37 -13.03 11.12
CA CYS D 34 -83.65 -11.86 10.71
C CYS D 34 -83.02 -12.08 9.34
N ILE D 35 -83.47 -11.33 8.34
CA ILE D 35 -82.93 -11.47 7.01
C ILE D 35 -81.77 -10.50 6.91
N GLU D 36 -80.60 -10.99 6.46
CA GLU D 36 -79.47 -10.12 6.23
C GLU D 36 -78.84 -10.54 4.94
N LYS D 37 -78.74 -9.62 3.99
CA LYS D 37 -78.20 -9.95 2.70
C LYS D 37 -76.68 -10.04 2.67
N ASN D 38 -75.97 -9.47 3.64
CA ASN D 38 -74.48 -9.54 3.60
C ASN D 38 -73.90 -10.76 4.27
N GLU D 39 -72.65 -11.10 4.01
CA GLU D 39 -72.07 -12.28 4.67
C GLU D 39 -72.17 -12.21 6.18
N THR D 40 -71.94 -11.04 6.76
CA THR D 40 -71.92 -10.94 8.23
C THR D 40 -73.07 -10.11 8.74
N LEU D 41 -73.30 -10.21 10.04
CA LEU D 41 -74.32 -9.38 10.66
C LEU D 41 -73.75 -8.03 11.15
N GLY D 42 -74.55 -7.15 11.74
CA GLY D 42 -73.98 -5.92 12.25
C GLY D 42 -74.13 -4.69 11.37
N GLY D 43 -74.66 -4.90 10.17
CA GLY D 43 -75.01 -3.78 9.32
C GLY D 43 -73.85 -2.88 9.15
N THR D 44 -74.10 -1.61 8.89
CA THR D 44 -72.95 -0.83 8.45
C THR D 44 -72.05 -0.55 9.66
N CYS D 45 -72.66 0.01 10.67
CA CYS D 45 -72.02 0.30 11.94
C CYS D 45 -70.82 -0.57 12.17
N LEU D 46 -71.08 -1.87 12.21
CA LEU D 46 -70.09 -2.88 12.62
C LEU D 46 -69.09 -3.25 11.52
N ASN D 47 -69.56 -3.44 10.29
CA ASN D 47 -68.68 -3.83 9.18
C ASN D 47 -67.92 -2.70 8.48
N VAL D 48 -68.54 -1.56 8.23
CA VAL D 48 -67.82 -0.48 7.55
C VAL D 48 -67.92 0.89 8.21
N GLY D 49 -68.52 0.97 9.39
CA GLY D 49 -68.90 2.25 9.96
C GLY D 49 -68.27 2.68 11.26
N CYS D 50 -69.12 2.83 12.29
CA CYS D 50 -68.70 3.10 13.69
C CYS D 50 -67.45 2.30 14.12
N ILE D 51 -67.55 1.00 14.27
CA ILE D 51 -66.46 0.27 14.88
C ILE D 51 -65.15 0.48 14.17
N PRO D 52 -65.05 0.07 12.94
CA PRO D 52 -63.78 0.23 12.22
C PRO D 52 -63.20 1.65 12.37
N SER D 53 -64.00 2.70 12.21
CA SER D 53 -63.47 4.04 12.39
C SER D 53 -62.95 4.29 13.77
N LYS D 54 -63.64 3.80 14.81
CA LYS D 54 -63.10 3.96 16.17
C LYS D 54 -61.78 3.22 16.26
N ALA D 55 -61.80 1.93 15.92
CA ALA D 55 -60.60 1.10 15.94
C ALA D 55 -59.39 1.88 15.46
N LEU D 56 -59.55 2.62 14.34
CA LEU D 56 -58.44 3.39 13.76
C LEU D 56 -58.17 4.75 14.45
N LEU D 57 -59.19 5.47 14.90
CA LEU D 57 -58.83 6.71 15.58
C LEU D 57 -58.06 6.36 16.82
N ASN D 58 -58.46 5.26 17.46
CA ASN D 58 -57.89 4.90 18.71
C ASN D 58 -56.45 4.51 18.48
N ASN D 59 -56.19 3.82 17.38
CA ASN D 59 -54.90 3.21 17.16
C ASN D 59 -54.00 4.28 16.72
N SER D 60 -54.53 5.24 15.93
CA SER D 60 -53.73 6.33 15.39
C SER D 60 -53.40 7.33 16.45
N HIS D 61 -54.32 7.59 17.34
CA HIS D 61 -54.05 8.49 18.44
C HIS D 61 -52.85 7.97 19.19
N TYR D 62 -52.90 6.69 19.50
CA TYR D 62 -51.80 6.05 20.18
C TYR D 62 -50.49 6.24 19.39
N TYR D 63 -50.55 6.02 18.09
CA TYR D 63 -49.44 6.37 17.19
C TYR D 63 -49.01 7.82 17.27
N HIS D 64 -49.92 8.74 17.48
CA HIS D 64 -49.47 10.12 17.45
C HIS D 64 -48.73 10.49 18.69
N MET D 65 -49.05 9.80 19.77
CA MET D 65 -48.50 10.18 21.04
C MET D 65 -47.10 9.63 21.01
N ALA D 66 -46.99 8.45 20.44
CA ALA D 66 -45.77 7.70 20.58
C ALA D 66 -44.78 8.37 19.70
N HIS D 67 -45.27 8.87 18.58
CA HIS D 67 -44.38 9.38 17.52
C HIS D 67 -44.06 10.83 17.67
N GLY D 68 -45.04 11.61 18.13
CA GLY D 68 -44.92 13.03 18.42
C GLY D 68 -44.17 13.33 19.70
N LYS D 69 -44.64 14.28 20.50
CA LYS D 69 -43.83 14.64 21.65
C LYS D 69 -44.49 14.27 22.91
N ASP D 70 -45.66 13.67 22.83
CA ASP D 70 -46.32 13.24 24.05
C ASP D 70 -45.48 12.26 24.93
N PHE D 71 -45.07 11.12 24.37
CA PHE D 71 -44.37 10.12 25.13
C PHE D 71 -43.00 10.55 25.54
N ALA D 72 -42.36 11.37 24.73
CA ALA D 72 -41.02 11.79 25.05
C ALA D 72 -41.08 12.64 26.29
N SER D 73 -42.12 13.42 26.47
CA SER D 73 -42.22 14.21 27.65
C SER D 73 -42.67 13.47 28.90
N ARG D 74 -43.10 12.23 28.75
CA ARG D 74 -43.55 11.51 29.93
C ARG D 74 -42.45 10.62 30.41
N GLY D 75 -41.28 10.79 29.82
CA GLY D 75 -40.18 9.93 30.17
C GLY D 75 -40.13 8.61 29.41
N ILE D 76 -41.00 8.42 28.43
CA ILE D 76 -40.97 7.22 27.56
C ILE D 76 -40.13 7.45 26.33
N GLU D 77 -38.91 6.90 26.32
CA GLU D 77 -37.90 7.16 25.29
C GLU D 77 -37.76 6.04 24.23
N MET D 78 -37.91 6.40 22.96
CA MET D 78 -37.84 5.42 21.88
C MET D 78 -36.88 5.86 20.81
N SER D 79 -36.12 4.94 20.21
CA SER D 79 -35.18 5.32 19.11
C SER D 79 -35.83 5.76 17.80
N GLU D 80 -36.73 4.94 17.28
CA GLU D 80 -37.45 5.23 16.06
C GLU D 80 -38.84 4.71 16.33
N VAL D 81 -39.86 5.44 15.90
CA VAL D 81 -41.22 4.99 16.01
C VAL D 81 -41.76 4.77 14.58
N ARG D 82 -42.19 3.54 14.27
CA ARG D 82 -42.59 3.16 12.91
C ARG D 82 -44.06 2.72 12.83
N LEU D 83 -44.65 2.73 11.63
CA LEU D 83 -46.07 2.43 11.42
C LEU D 83 -46.14 1.23 10.51
N ASN D 84 -47.01 0.29 10.85
CA ASN D 84 -47.25 -0.94 10.13
C ASN D 84 -48.78 -1.03 9.90
N LEU D 85 -49.28 -0.42 8.83
CA LEU D 85 -50.72 -0.39 8.63
C LEU D 85 -51.33 -1.78 8.59
N ASP D 86 -50.70 -2.71 7.88
CA ASP D 86 -51.07 -4.13 7.96
C ASP D 86 -51.38 -4.56 9.38
N LYS D 87 -50.43 -4.45 10.29
CA LYS D 87 -50.74 -4.77 11.65
C LYS D 87 -51.90 -3.86 12.11
N MET D 88 -51.83 -2.55 11.85
CA MET D 88 -52.86 -1.69 12.45
C MET D 88 -54.20 -2.02 11.85
N MET D 89 -54.26 -2.25 10.55
CA MET D 89 -55.53 -2.58 9.96
C MET D 89 -56.05 -3.94 10.39
N GLU D 90 -55.17 -4.82 10.89
CA GLU D 90 -55.52 -6.17 11.33
C GLU D 90 -56.19 -6.06 12.66
N GLN D 91 -55.57 -5.36 13.61
CA GLN D 91 -56.23 -5.16 14.90
C GLN D 91 -57.69 -4.66 14.71
N LYS D 92 -57.86 -3.74 13.76
CA LYS D 92 -59.20 -3.36 13.37
C LYS D 92 -60.07 -4.57 12.90
N SER D 93 -59.65 -5.30 11.90
CA SER D 93 -60.37 -6.46 11.44
C SER D 93 -60.57 -7.49 12.52
N THR D 94 -59.58 -7.78 13.37
CA THR D 94 -59.83 -8.73 14.45
C THR D 94 -61.14 -8.36 15.16
N ALA D 95 -61.24 -7.07 15.45
CA ALA D 95 -62.32 -6.53 16.31
C ALA D 95 -63.63 -6.67 15.60
N VAL D 96 -63.58 -6.28 14.35
CA VAL D 96 -64.73 -6.49 13.53
C VAL D 96 -65.10 -7.99 13.55
N LYS D 97 -64.19 -8.87 13.20
CA LYS D 97 -64.52 -10.30 13.23
C LYS D 97 -65.09 -10.69 14.59
N ALA D 98 -64.50 -10.21 15.68
CA ALA D 98 -65.00 -10.56 17.02
C ALA D 98 -66.45 -10.21 17.22
N LEU D 99 -66.79 -8.93 17.04
CA LEU D 99 -68.17 -8.51 17.26
C LEU D 99 -69.19 -9.15 16.30
N THR D 100 -68.73 -9.43 15.10
CA THR D 100 -69.65 -9.95 14.11
C THR D 100 -69.96 -11.43 14.44
N GLY D 101 -68.94 -12.11 14.91
CA GLY D 101 -69.08 -13.50 15.30
C GLY D 101 -70.01 -13.42 16.48
N GLY D 102 -69.83 -12.36 17.25
CA GLY D 102 -70.61 -12.20 18.47
C GLY D 102 -72.10 -12.18 18.24
N ILE D 103 -72.55 -11.45 17.21
CA ILE D 103 -73.95 -11.17 17.04
C ILE D 103 -74.61 -12.41 16.64
N ALA D 104 -73.96 -13.16 15.77
CA ALA D 104 -74.45 -14.49 15.40
C ALA D 104 -74.66 -15.38 16.62
N HIS D 105 -73.68 -15.42 17.49
CA HIS D 105 -73.76 -16.13 18.75
C HIS D 105 -75.03 -15.77 19.52
N LEU D 106 -75.29 -14.46 19.65
CA LEU D 106 -76.48 -14.00 20.36
C LEU D 106 -77.77 -14.47 19.70
N PHE D 107 -77.81 -14.41 18.38
CA PHE D 107 -78.97 -14.86 17.64
C PHE D 107 -79.24 -16.28 18.03
N LYS D 108 -78.22 -17.11 17.98
CA LYS D 108 -78.40 -18.49 18.39
C LYS D 108 -78.93 -18.52 19.86
N GLN D 109 -78.21 -17.91 20.79
CA GLN D 109 -78.57 -17.93 22.20
C GLN D 109 -80.04 -17.61 22.49
N ASN D 110 -80.59 -16.68 21.70
CA ASN D 110 -81.96 -16.19 21.83
C ASN D 110 -82.90 -16.84 20.82
N LYS D 111 -82.38 -17.72 19.97
CA LYS D 111 -83.27 -18.55 19.14
C LYS D 111 -83.89 -17.70 18.07
N VAL D 112 -83.16 -16.70 17.62
CA VAL D 112 -83.54 -15.93 16.46
C VAL D 112 -83.16 -16.74 15.23
N VAL D 113 -84.05 -16.84 14.24
CA VAL D 113 -83.74 -17.56 13.02
C VAL D 113 -83.07 -16.61 12.03
N HIS D 114 -81.83 -16.94 11.66
CA HIS D 114 -81.04 -16.14 10.74
C HIS D 114 -81.25 -16.66 9.30
N VAL D 115 -81.58 -15.76 8.36
CA VAL D 115 -81.71 -16.16 6.96
C VAL D 115 -80.81 -15.32 6.07
N ASN D 116 -79.87 -15.95 5.37
CA ASN D 116 -79.02 -15.20 4.43
C ASN D 116 -79.89 -14.86 3.25
N GLY D 117 -79.64 -13.77 2.55
CA GLY D 117 -80.47 -13.50 1.40
C GLY D 117 -81.14 -12.15 1.41
N TYR D 118 -81.35 -11.61 0.21
CA TYR D 118 -81.89 -10.29 -0.04
C TYR D 118 -83.40 -10.31 0.06
N GLY D 119 -83.99 -9.69 1.07
CA GLY D 119 -85.40 -9.93 1.29
C GLY D 119 -86.21 -8.90 0.56
N LYS D 120 -87.41 -9.28 0.14
CA LYS D 120 -88.32 -8.34 -0.48
C LYS D 120 -89.71 -8.59 0.09
N ILE D 121 -90.54 -7.56 0.27
CA ILE D 121 -91.87 -7.85 0.80
C ILE D 121 -92.83 -8.25 -0.34
N THR D 122 -93.36 -9.46 -0.28
CA THR D 122 -94.22 -9.99 -1.35
C THR D 122 -95.68 -10.23 -0.90
N GLY D 123 -96.16 -9.45 0.07
CA GLY D 123 -97.53 -9.49 0.55
C GLY D 123 -97.57 -8.90 1.94
N LYS D 124 -98.65 -8.23 2.30
CA LYS D 124 -98.86 -7.79 3.68
C LYS D 124 -98.30 -8.74 4.77
N ASN D 125 -98.41 -10.07 4.62
CA ASN D 125 -97.87 -10.94 5.65
C ASN D 125 -96.88 -11.96 5.15
N GLN D 126 -95.93 -11.51 4.33
CA GLN D 126 -94.96 -12.42 3.73
C GLN D 126 -93.70 -11.75 3.18
N VAL D 127 -92.53 -12.29 3.51
CA VAL D 127 -91.25 -11.79 2.98
C VAL D 127 -90.52 -12.89 2.21
N THR D 128 -89.86 -12.49 1.13
CA THR D 128 -89.19 -13.47 0.30
C THR D 128 -87.71 -13.22 0.29
N ALA D 129 -86.98 -14.13 0.90
CA ALA D 129 -85.54 -13.99 0.96
C ALA D 129 -84.94 -14.70 -0.21
N THR D 130 -84.42 -14.01 -1.19
CA THR D 130 -83.82 -14.77 -2.25
C THR D 130 -82.30 -14.81 -2.09
N LYS D 131 -81.79 -16.01 -1.81
CA LYS D 131 -80.37 -16.25 -1.48
C LYS D 131 -79.41 -15.73 -2.55
N ALA D 132 -78.12 -15.90 -2.31
CA ALA D 132 -77.10 -15.48 -3.29
C ALA D 132 -77.47 -15.94 -4.71
N ASP D 133 -77.07 -17.15 -5.09
CA ASP D 133 -77.60 -17.83 -6.28
C ASP D 133 -79.14 -17.88 -6.17
N GLY D 134 -79.89 -17.37 -7.16
CA GLY D 134 -81.36 -17.36 -7.08
C GLY D 134 -81.89 -18.57 -6.31
N GLY D 135 -82.45 -18.37 -5.12
CA GLY D 135 -82.62 -19.52 -4.24
C GLY D 135 -83.55 -19.25 -3.09
N THR D 136 -84.67 -18.61 -3.42
CA THR D 136 -85.74 -18.18 -2.51
C THR D 136 -86.09 -18.98 -1.21
N GLN D 137 -86.43 -18.26 -0.15
CA GLN D 137 -86.92 -18.81 1.09
C GLN D 137 -88.02 -17.92 1.60
N VAL D 138 -89.23 -18.42 1.55
CA VAL D 138 -90.34 -17.53 1.83
C VAL D 138 -90.53 -17.62 3.31
N ILE D 139 -90.94 -16.51 3.92
CA ILE D 139 -91.27 -16.41 5.34
C ILE D 139 -92.62 -15.71 5.54
N ASP D 140 -93.62 -16.43 6.06
CA ASP D 140 -94.95 -15.82 6.29
C ASP D 140 -95.08 -15.35 7.76
N THR D 141 -95.56 -14.12 8.03
CA THR D 141 -95.37 -13.50 9.35
C THR D 141 -96.43 -12.51 9.73
N LYS D 142 -96.73 -12.34 11.01
CA LYS D 142 -97.72 -11.34 11.46
C LYS D 142 -97.19 -9.92 11.24
N ASN D 143 -95.88 -9.75 11.40
CA ASN D 143 -95.25 -8.44 11.39
C ASN D 143 -93.94 -8.41 10.63
N ILE D 144 -93.72 -7.36 9.87
CA ILE D 144 -92.46 -7.23 9.24
C ILE D 144 -91.82 -5.89 9.66
N LEU D 145 -90.54 -5.92 10.00
CA LEU D 145 -89.96 -4.72 10.50
C LEU D 145 -88.82 -4.36 9.57
N ILE D 146 -88.92 -3.22 8.89
CA ILE D 146 -87.84 -2.81 8.02
C ILE D 146 -86.76 -2.14 8.82
N ALA D 147 -85.55 -2.68 8.71
CA ALA D 147 -84.34 -2.00 9.19
C ALA D 147 -83.26 -2.09 8.14
N THR D 148 -83.46 -1.46 6.99
CA THR D 148 -82.61 -1.69 5.82
C THR D 148 -81.48 -0.66 5.79
N GLY D 149 -81.52 0.23 6.77
CA GLY D 149 -80.40 1.09 7.01
C GLY D 149 -80.15 2.03 5.86
N SER D 150 -78.88 2.32 5.59
CA SER D 150 -78.54 3.32 4.61
C SER D 150 -77.30 3.05 3.75
N GLU D 151 -76.98 3.99 2.88
CA GLU D 151 -75.80 3.88 2.00
C GLU D 151 -75.15 5.21 1.67
N VAL D 152 -74.01 5.14 1.01
CA VAL D 152 -73.35 6.41 0.71
C VAL D 152 -74.09 7.25 -0.30
N THR D 153 -74.14 8.53 -0.01
CA THR D 153 -74.72 9.44 -0.96
C THR D 153 -73.58 9.77 -1.87
N PRO D 154 -73.73 9.40 -3.14
CA PRO D 154 -72.78 9.72 -4.20
C PRO D 154 -72.79 11.21 -4.54
N PHE D 155 -71.63 11.74 -4.90
CA PHE D 155 -71.51 13.14 -5.32
C PHE D 155 -71.68 13.19 -6.81
N PRO D 156 -72.70 13.93 -7.27
CA PRO D 156 -73.07 14.01 -8.71
C PRO D 156 -71.92 14.55 -9.57
N GLY D 157 -71.26 13.67 -10.30
CA GLY D 157 -70.18 14.07 -11.20
C GLY D 157 -68.77 13.59 -10.87
N ILE D 158 -68.65 12.74 -9.85
CA ILE D 158 -67.39 12.23 -9.41
C ILE D 158 -67.64 10.79 -9.08
N THR D 159 -66.90 9.87 -9.67
CA THR D 159 -67.21 8.48 -9.41
C THR D 159 -66.28 7.83 -8.43
N ILE D 160 -66.88 7.23 -7.41
CA ILE D 160 -66.18 6.48 -6.37
C ILE D 160 -65.70 5.15 -6.95
N ASP D 161 -64.38 4.93 -7.03
CA ASP D 161 -63.82 3.62 -7.39
C ASP D 161 -63.19 2.86 -6.18
N GLU D 162 -63.25 3.42 -4.99
CA GLU D 162 -62.72 2.72 -3.85
C GLU D 162 -61.27 2.37 -4.13
N ASP D 163 -60.55 3.25 -4.81
CA ASP D 163 -59.14 3.03 -5.03
C ASP D 163 -58.46 4.31 -4.64
N THR D 164 -58.72 5.32 -5.47
CA THR D 164 -58.10 6.61 -5.39
C THR D 164 -59.21 7.68 -5.22
N ILE D 165 -60.41 7.46 -5.72
CA ILE D 165 -61.48 8.30 -5.20
C ILE D 165 -62.27 7.41 -4.28
N VAL D 166 -62.20 7.61 -2.96
CA VAL D 166 -62.92 6.68 -2.02
C VAL D 166 -64.02 7.30 -1.15
N SER D 167 -64.81 6.39 -0.58
CA SER D 167 -65.85 6.75 0.38
C SER D 167 -65.33 6.40 1.79
N SER D 168 -66.12 6.68 2.79
CA SER D 168 -65.83 6.15 4.10
C SER D 168 -65.30 4.67 4.04
N THR D 169 -65.96 3.80 3.30
CA THR D 169 -65.57 2.42 3.43
C THR D 169 -64.18 2.16 2.83
N GLY D 170 -63.86 2.93 1.80
CA GLY D 170 -62.56 2.88 1.19
C GLY D 170 -61.54 3.48 2.13
N ALA D 171 -61.75 4.70 2.67
CA ALA D 171 -60.80 5.35 3.55
C ALA D 171 -60.49 4.49 4.71
N LEU D 172 -61.41 3.59 5.02
CA LEU D 172 -61.26 2.70 6.17
C LEU D 172 -60.27 1.58 5.97
N SER D 173 -59.76 1.49 4.75
CA SER D 173 -58.96 0.33 4.33
C SER D 173 -57.89 0.70 3.36
N LEU D 174 -57.30 1.86 3.54
CA LEU D 174 -56.32 2.30 2.59
C LEU D 174 -55.21 1.33 2.79
N LYS D 175 -54.25 1.31 1.89
CA LYS D 175 -53.17 0.32 1.95
C LYS D 175 -51.83 1.02 2.20
N LYS D 176 -51.86 2.33 2.17
CA LYS D 176 -50.67 3.10 2.40
C LYS D 176 -51.04 4.54 2.72
N VAL D 177 -50.35 5.12 3.71
CA VAL D 177 -50.56 6.52 4.04
C VAL D 177 -50.40 7.40 2.81
N PRO D 178 -51.48 8.01 2.40
CA PRO D 178 -51.48 8.89 1.25
C PRO D 178 -50.71 10.15 1.55
N GLU D 179 -49.91 10.63 0.62
CA GLU D 179 -49.15 11.81 0.95
C GLU D 179 -50.02 13.06 1.15
N LYS D 180 -50.93 13.33 0.21
CA LYS D 180 -51.87 14.42 0.35
C LYS D 180 -53.28 13.85 0.23
N MET D 181 -54.32 14.49 0.75
CA MET D 181 -55.66 13.86 0.86
C MET D 181 -56.69 14.89 1.02
N VAL D 182 -57.77 14.83 0.28
CA VAL D 182 -58.74 15.90 0.38
C VAL D 182 -60.04 15.24 0.71
N VAL D 183 -60.71 15.75 1.71
CA VAL D 183 -61.94 15.17 2.15
C VAL D 183 -62.99 16.15 1.76
N ILE D 184 -64.15 15.64 1.35
CA ILE D 184 -65.23 16.44 0.86
C ILE D 184 -66.34 16.26 1.82
N GLY D 185 -66.40 17.20 2.75
CA GLY D 185 -67.45 17.28 3.73
C GLY D 185 -66.74 17.37 5.04
N ALA D 186 -66.91 18.45 5.75
CA ALA D 186 -66.36 18.52 7.06
C ALA D 186 -67.43 18.10 8.07
N GLY D 187 -68.31 17.15 7.72
CA GLY D 187 -69.28 16.67 8.70
C GLY D 187 -68.54 15.81 9.69
N VAL D 188 -69.29 15.03 10.45
CA VAL D 188 -68.71 14.06 11.41
C VAL D 188 -67.74 13.03 10.74
N ILE D 189 -68.22 12.23 9.79
CA ILE D 189 -67.37 11.22 9.19
C ILE D 189 -66.21 11.91 8.51
N GLY D 190 -66.39 12.98 7.76
CA GLY D 190 -65.27 13.76 7.24
C GLY D 190 -64.09 13.91 8.23
N VAL D 191 -64.34 14.54 9.38
CA VAL D 191 -63.32 14.76 10.38
C VAL D 191 -62.77 13.52 11.07
N GLU D 192 -63.66 12.65 11.53
CA GLU D 192 -63.17 11.42 12.06
C GLU D 192 -62.12 10.85 11.09
N LEU D 193 -62.50 10.59 9.85
CA LEU D 193 -61.57 10.00 8.89
C LEU D 193 -60.44 10.91 8.46
N GLY D 194 -60.71 12.18 8.22
CA GLY D 194 -59.58 13.06 7.93
C GLY D 194 -58.55 12.84 9.08
N SER D 195 -59.05 12.69 10.30
CA SER D 195 -58.18 12.76 11.44
C SER D 195 -57.34 11.46 11.63
N VAL D 196 -57.91 10.35 11.27
CA VAL D 196 -57.07 9.19 11.26
C VAL D 196 -55.85 9.37 10.37
N TRP D 197 -56.03 9.66 9.11
CA TRP D 197 -54.91 9.71 8.17
C TRP D 197 -53.94 10.85 8.51
N GLN D 198 -54.43 11.86 9.17
CA GLN D 198 -53.59 13.01 9.40
C GLN D 198 -52.53 12.73 10.43
N ARG D 199 -52.93 11.94 11.44
CA ARG D 199 -52.10 11.66 12.57
C ARG D 199 -51.11 10.64 12.11
N LEU D 200 -51.45 9.85 11.10
CA LEU D 200 -50.56 8.82 10.50
C LEU D 200 -49.65 9.51 9.50
N GLY D 201 -49.87 10.79 9.26
CA GLY D 201 -48.90 11.52 8.48
C GLY D 201 -49.35 12.19 7.21
N ALA D 202 -50.61 12.04 6.80
CA ALA D 202 -51.12 12.67 5.60
C ALA D 202 -51.15 14.21 5.74
N ASP D 203 -51.24 14.90 4.60
CA ASP D 203 -51.60 16.30 4.58
C ASP D 203 -53.08 16.40 4.16
N VAL D 204 -54.01 16.62 5.09
CA VAL D 204 -55.43 16.51 4.73
C VAL D 204 -56.09 17.84 4.73
N THR D 205 -57.10 18.00 3.89
CA THR D 205 -57.84 19.26 3.77
C THR D 205 -59.30 18.89 3.58
N ALA D 206 -60.19 19.38 4.45
CA ALA D 206 -61.59 19.13 4.27
C ALA D 206 -62.20 20.31 3.56
N VAL D 207 -62.95 20.02 2.50
CA VAL D 207 -63.75 21.03 1.88
C VAL D 207 -65.20 20.86 2.35
N GLU D 208 -65.77 21.91 2.95
CA GLU D 208 -67.20 21.97 3.27
C GLU D 208 -67.94 23.22 2.69
N PHE D 209 -69.14 22.98 2.15
CA PHE D 209 -70.14 24.01 1.76
C PHE D 209 -70.56 24.97 2.85
N LEU D 210 -70.85 24.46 4.05
CA LEU D 210 -71.20 25.30 5.18
C LEU D 210 -69.97 26.02 5.79
N GLY D 211 -70.21 26.96 6.70
CA GLY D 211 -69.15 27.65 7.40
C GLY D 211 -68.76 27.08 8.76
N HIS D 212 -69.18 25.87 9.10
CA HIS D 212 -68.65 25.15 10.29
C HIS D 212 -68.27 23.70 10.05
N VAL D 213 -67.19 23.23 10.63
CA VAL D 213 -66.95 21.78 10.63
C VAL D 213 -67.83 21.12 11.66
N GLY D 214 -67.93 19.82 11.66
CA GLY D 214 -68.76 19.17 12.64
C GLY D 214 -70.12 18.91 12.06
N GLY D 215 -70.93 18.16 12.76
CA GLY D 215 -72.24 17.83 12.20
C GLY D 215 -73.21 18.93 11.74
N VAL D 216 -74.47 18.62 11.99
CA VAL D 216 -75.61 19.47 11.84
C VAL D 216 -76.07 19.51 13.29
N GLY D 217 -76.54 20.66 13.74
CA GLY D 217 -76.93 20.78 15.14
C GLY D 217 -75.79 20.85 16.14
N ILE D 218 -74.59 21.07 15.68
CA ILE D 218 -73.51 21.17 16.61
C ILE D 218 -73.49 22.65 16.97
N ASP D 219 -73.30 22.94 18.25
CA ASP D 219 -73.23 24.30 18.76
C ASP D 219 -72.09 25.04 18.10
N MET D 220 -72.39 26.28 17.70
CA MET D 220 -71.48 26.97 16.82
C MET D 220 -70.21 27.38 17.48
N GLU D 221 -70.30 27.68 18.76
CA GLU D 221 -69.09 27.90 19.48
C GLU D 221 -68.23 26.65 19.55
N ILE D 222 -68.76 25.48 19.92
CA ILE D 222 -67.77 24.48 20.16
C ILE D 222 -67.24 24.06 18.82
N SER D 223 -68.05 24.25 17.78
CA SER D 223 -67.59 23.99 16.42
C SER D 223 -66.41 24.80 16.11
N LYS D 224 -66.48 26.09 16.27
CA LYS D 224 -65.31 26.90 15.92
C LYS D 224 -64.15 26.50 16.79
N ASN D 225 -64.38 26.17 18.07
CA ASN D 225 -63.23 25.80 18.89
C ASN D 225 -62.64 24.48 18.48
N PHE D 226 -63.48 23.50 18.20
CA PHE D 226 -63.06 22.27 17.56
C PHE D 226 -62.14 22.51 16.37
N GLN D 227 -62.63 23.28 15.42
CA GLN D 227 -61.92 23.51 14.19
C GLN D 227 -60.55 24.21 14.42
N ARG D 228 -60.61 25.30 15.18
CA ARG D 228 -59.42 25.99 15.66
C ARG D 228 -58.41 24.99 16.22
N ILE D 229 -58.88 23.99 16.97
CA ILE D 229 -57.98 22.95 17.48
C ILE D 229 -57.47 22.04 16.36
N LEU D 230 -58.35 21.57 15.47
CA LEU D 230 -57.89 20.61 14.47
C LEU D 230 -56.87 21.30 13.64
N GLN D 231 -57.06 22.59 13.46
CA GLN D 231 -56.13 23.39 12.68
C GLN D 231 -54.74 23.37 13.26
N LYS D 232 -54.60 23.38 14.58
CA LYS D 232 -53.28 23.26 15.22
C LYS D 232 -52.65 21.89 15.03
N GLN D 233 -53.45 20.84 14.92
CA GLN D 233 -52.88 19.51 14.72
C GLN D 233 -52.55 19.44 13.23
N GLY D 234 -52.66 20.57 12.53
CA GLY D 234 -52.33 20.66 11.11
C GLY D 234 -53.41 20.24 10.12
N PHE D 235 -54.63 20.10 10.60
CA PHE D 235 -55.71 19.53 9.79
C PHE D 235 -56.27 20.75 9.14
N LYS D 236 -56.33 20.83 7.81
CA LYS D 236 -56.71 22.10 7.19
C LYS D 236 -58.17 22.16 6.80
N PHE D 237 -58.77 23.33 6.79
CA PHE D 237 -60.17 23.42 6.35
C PHE D 237 -60.40 24.42 5.26
N LYS D 238 -61.37 24.18 4.38
CA LYS D 238 -61.74 25.11 3.31
C LYS D 238 -63.24 25.24 3.37
N LEU D 239 -63.70 26.13 4.26
CA LEU D 239 -65.12 26.27 4.59
C LEU D 239 -65.81 27.24 3.65
N ASN D 240 -67.13 27.08 3.56
CA ASN D 240 -67.96 27.93 2.68
C ASN D 240 -67.47 27.80 1.26
N THR D 241 -67.08 26.60 0.85
CA THR D 241 -66.65 26.42 -0.51
C THR D 241 -67.29 25.16 -1.09
N LYS D 242 -67.32 25.05 -2.41
CA LYS D 242 -67.89 23.86 -3.05
C LYS D 242 -66.94 23.34 -4.09
N VAL D 243 -67.09 22.06 -4.42
CA VAL D 243 -66.25 21.53 -5.47
C VAL D 243 -67.01 21.51 -6.83
N THR D 244 -66.42 22.14 -7.86
CA THR D 244 -66.97 22.23 -9.22
C THR D 244 -66.63 21.02 -10.05
N GLY D 245 -65.55 20.30 -9.68
CA GLY D 245 -65.23 18.97 -10.20
C GLY D 245 -63.91 18.32 -9.72
N ALA D 246 -63.66 17.09 -10.16
CA ALA D 246 -62.33 16.48 -10.02
C ALA D 246 -61.91 15.77 -11.30
N THR D 247 -60.65 15.91 -11.70
CA THR D 247 -60.08 15.08 -12.77
C THR D 247 -58.79 14.34 -12.35
N LYS D 248 -58.74 13.05 -12.70
CA LYS D 248 -57.58 12.21 -12.52
C LYS D 248 -56.41 12.73 -13.35
N LYS D 249 -55.25 12.89 -12.75
CA LYS D 249 -54.13 13.59 -13.39
C LYS D 249 -53.29 12.57 -14.11
N SER D 250 -52.24 13.03 -14.80
CA SER D 250 -51.32 12.13 -15.50
C SER D 250 -50.54 11.13 -14.62
N ASP D 251 -50.22 11.56 -13.40
CA ASP D 251 -49.43 10.78 -12.44
C ASP D 251 -50.33 9.99 -11.50
N GLY D 252 -51.61 10.29 -11.44
CA GLY D 252 -52.47 9.60 -10.51
C GLY D 252 -53.10 10.41 -9.42
N LYS D 253 -52.41 11.49 -9.04
CA LYS D 253 -52.99 12.51 -8.16
C LYS D 253 -54.28 12.98 -8.77
N ILE D 254 -55.21 13.44 -7.93
CA ILE D 254 -56.51 13.90 -8.41
C ILE D 254 -56.48 15.39 -8.29
N ASP D 255 -56.97 16.11 -9.29
CA ASP D 255 -57.06 17.55 -9.22
C ASP D 255 -58.49 17.95 -8.91
N VAL D 256 -58.77 18.59 -7.77
CA VAL D 256 -60.13 19.04 -7.45
C VAL D 256 -60.25 20.53 -7.57
N SER D 257 -61.28 20.91 -8.30
CA SER D 257 -61.58 22.30 -8.59
C SER D 257 -62.57 22.71 -7.54
N ILE D 258 -62.15 23.59 -6.65
CA ILE D 258 -63.06 24.16 -5.67
C ILE D 258 -63.35 25.65 -5.98
N GLU D 259 -64.33 26.22 -5.29
CA GLU D 259 -64.78 27.55 -5.61
C GLU D 259 -65.61 28.11 -4.51
N ALA D 260 -65.39 29.36 -4.15
CA ALA D 260 -66.22 30.00 -3.12
C ALA D 260 -67.67 29.59 -3.25
N ALA D 261 -68.29 29.19 -2.15
CA ALA D 261 -69.66 28.72 -2.20
C ALA D 261 -70.56 29.76 -2.79
N SER D 262 -70.41 30.98 -2.32
CA SER D 262 -71.27 32.03 -2.79
C SER D 262 -70.71 32.43 -4.14
N GLY D 263 -69.83 33.44 -4.09
CA GLY D 263 -69.09 33.96 -5.23
C GLY D 263 -68.39 32.87 -6.03
N GLY D 264 -67.15 33.13 -6.46
CA GLY D 264 -66.49 32.22 -7.36
C GLY D 264 -65.00 32.35 -7.36
N LYS D 265 -64.39 32.41 -6.18
CA LYS D 265 -62.95 32.53 -6.08
C LYS D 265 -62.28 31.18 -6.33
N ALA D 266 -62.37 30.68 -7.56
CA ALA D 266 -61.85 29.36 -7.91
C ALA D 266 -60.38 29.09 -7.61
N GLU D 267 -60.05 27.82 -7.58
CA GLU D 267 -58.78 27.35 -7.09
C GLU D 267 -58.80 25.89 -7.48
N VAL D 268 -57.65 25.24 -7.47
CA VAL D 268 -57.60 23.78 -7.67
C VAL D 268 -56.74 23.25 -6.56
N ILE D 269 -57.23 22.27 -5.82
CA ILE D 269 -56.39 21.61 -4.85
C ILE D 269 -56.03 20.26 -5.43
N THR D 270 -54.82 19.80 -5.21
CA THR D 270 -54.47 18.52 -5.80
C THR D 270 -53.97 17.50 -4.80
N CYS D 271 -54.51 16.29 -4.86
CA CYS D 271 -54.25 15.28 -3.82
C CYS D 271 -54.04 13.88 -4.41
N ASP D 272 -53.66 12.94 -3.56
CA ASP D 272 -53.46 11.53 -3.87
C ASP D 272 -54.72 10.68 -3.68
N VAL D 273 -55.60 11.14 -2.79
CA VAL D 273 -56.76 10.36 -2.44
C VAL D 273 -57.82 11.32 -2.15
N LEU D 274 -58.97 11.10 -2.77
CA LEU D 274 -60.11 11.95 -2.57
C LEU D 274 -61.18 11.23 -1.75
N LEU D 275 -61.43 11.75 -0.54
CA LEU D 275 -62.42 11.18 0.31
C LEU D 275 -63.76 11.86 0.09
N VAL D 276 -64.74 11.07 -0.34
CA VAL D 276 -66.01 11.64 -0.73
C VAL D 276 -67.18 11.34 0.24
N CYS D 277 -67.43 12.22 1.19
CA CYS D 277 -68.53 12.00 2.14
C CYS D 277 -69.44 13.21 2.40
N ILE D 278 -70.38 13.37 1.48
CA ILE D 278 -71.39 14.38 1.48
C ILE D 278 -72.45 13.98 2.46
N GLY D 279 -72.60 12.69 2.72
CA GLY D 279 -73.65 12.24 3.62
C GLY D 279 -74.07 10.81 3.43
N ARG D 280 -75.21 10.47 4.00
CA ARG D 280 -75.79 9.16 3.69
C ARG D 280 -77.28 9.27 3.44
N ARG D 281 -77.84 8.23 2.80
CA ARG D 281 -79.28 8.19 2.53
C ARG D 281 -79.90 6.84 2.86
N PRO D 282 -81.17 6.84 3.15
CA PRO D 282 -81.88 5.59 3.46
C PRO D 282 -81.70 4.61 2.31
N PHE D 283 -81.86 3.31 2.59
CA PHE D 283 -81.74 2.25 1.58
C PHE D 283 -83.02 1.42 1.54
N THR D 284 -83.68 1.41 0.39
CA THR D 284 -84.98 0.78 0.26
C THR D 284 -85.01 -0.04 -1.02
N LYS D 285 -83.86 -0.11 -1.66
CA LYS D 285 -83.75 -0.80 -2.93
C LYS D 285 -84.39 -2.24 -2.88
N ASN D 286 -85.20 -2.52 -3.90
CA ASN D 286 -85.80 -3.85 -4.17
C ASN D 286 -86.48 -4.52 -3.04
N LEU D 287 -86.90 -3.74 -2.08
CA LEU D 287 -87.55 -4.23 -0.89
C LEU D 287 -89.01 -4.39 -1.29
N GLY D 288 -89.42 -3.55 -2.24
CA GLY D 288 -90.72 -3.66 -2.87
C GLY D 288 -91.80 -2.85 -2.21
N LEU D 289 -91.45 -1.67 -1.74
CA LEU D 289 -92.46 -0.81 -1.16
C LEU D 289 -93.38 -0.18 -2.22
N GLU D 290 -92.78 0.11 -3.38
CA GLU D 290 -93.40 0.81 -4.51
C GLU D 290 -94.81 0.32 -4.69
N GLU D 291 -94.89 -1.01 -4.86
CA GLU D 291 -96.12 -1.76 -5.05
C GLU D 291 -96.87 -2.14 -3.75
N LEU D 292 -96.90 -1.27 -2.76
CA LEU D 292 -97.67 -1.54 -1.55
C LEU D 292 -98.23 -0.20 -1.11
N GLY D 293 -97.90 0.83 -1.89
CA GLY D 293 -98.41 2.16 -1.66
C GLY D 293 -97.75 2.78 -0.44
N ILE D 294 -96.67 2.16 0.04
CA ILE D 294 -95.83 2.86 0.99
C ILE D 294 -94.91 3.79 0.20
N GLU D 295 -95.04 5.08 0.49
CA GLU D 295 -94.32 6.05 -0.30
C GLU D 295 -93.25 6.67 0.51
N LEU D 296 -92.06 6.70 -0.05
CA LEU D 296 -90.93 7.23 0.68
C LEU D 296 -91.14 8.74 0.81
N ASP D 297 -90.82 9.29 1.97
CA ASP D 297 -90.87 10.74 2.05
C ASP D 297 -90.00 11.32 0.93
N PRO D 298 -89.94 12.62 0.81
CA PRO D 298 -89.11 13.19 -0.23
C PRO D 298 -87.65 13.03 0.08
N ARG D 299 -87.29 12.43 1.20
CA ARG D 299 -85.84 12.24 1.39
C ARG D 299 -85.33 10.86 1.12
N GLY D 300 -86.19 9.94 0.67
CA GLY D 300 -85.84 8.55 0.62
C GLY D 300 -86.36 7.77 1.82
N ARG D 301 -86.79 8.46 2.89
CA ARG D 301 -87.11 7.81 4.15
C ARG D 301 -88.45 7.13 4.21
N ILE D 302 -88.63 6.21 5.13
CA ILE D 302 -89.93 5.59 5.24
C ILE D 302 -90.77 6.30 6.29
N PRO D 303 -91.88 6.90 5.87
CA PRO D 303 -92.74 7.61 6.82
C PRO D 303 -93.47 6.60 7.72
N VAL D 304 -93.28 6.78 9.04
CA VAL D 304 -93.83 5.94 10.11
C VAL D 304 -94.44 6.90 11.10
N ASN D 305 -95.31 6.36 11.93
CA ASN D 305 -96.01 7.14 12.89
C ASN D 305 -95.34 6.86 14.22
N THR D 306 -95.87 7.40 15.29
CA THR D 306 -95.26 7.27 16.57
C THR D 306 -95.01 5.87 17.13
N ARG D 307 -95.68 4.81 16.63
CA ARG D 307 -95.44 3.41 17.08
C ARG D 307 -94.49 2.71 16.09
N PHE D 308 -94.14 3.43 15.04
CA PHE D 308 -93.24 2.89 14.07
C PHE D 308 -93.85 2.12 12.94
N GLN D 309 -95.17 2.18 12.80
CA GLN D 309 -95.83 1.49 11.69
C GLN D 309 -95.90 2.39 10.48
N THR D 310 -96.05 1.78 9.33
CA THR D 310 -96.16 2.51 8.08
C THR D 310 -97.64 2.66 7.77
N LYS D 311 -98.00 3.19 6.62
CA LYS D 311 -99.39 3.08 6.17
C LYS D 311 -99.97 1.65 6.40
N ILE D 312 -99.18 0.61 6.19
CA ILE D 312 -99.68 -0.73 6.48
C ILE D 312 -99.39 -1.18 7.95
N PRO D 313 -100.49 -1.36 8.70
CA PRO D 313 -100.49 -1.42 10.16
C PRO D 313 -99.54 -2.42 10.81
N ASN D 314 -99.13 -3.45 10.08
CA ASN D 314 -98.26 -4.45 10.65
C ASN D 314 -96.88 -4.38 10.04
N ILE D 315 -96.65 -3.41 9.17
CA ILE D 315 -95.28 -3.24 8.74
C ILE D 315 -94.62 -2.07 9.44
N TYR D 316 -93.52 -2.33 10.15
CA TYR D 316 -92.78 -1.24 10.81
C TYR D 316 -91.39 -1.05 10.22
N ALA D 317 -90.83 0.10 10.58
CA ALA D 317 -89.55 0.56 10.06
C ALA D 317 -88.80 1.36 11.14
N ILE D 318 -87.53 1.03 11.35
CA ILE D 318 -86.72 1.79 12.30
C ILE D 318 -85.30 1.97 11.80
N GLY D 319 -84.54 2.88 12.40
CA GLY D 319 -83.14 3.02 12.04
C GLY D 319 -82.93 4.16 11.05
N ASP D 320 -82.03 3.98 10.08
CA ASP D 320 -81.68 5.12 9.25
C ASP D 320 -82.68 5.35 8.13
N VAL D 321 -83.45 4.29 7.87
CA VAL D 321 -84.49 4.24 6.87
C VAL D 321 -85.63 5.17 7.33
N VAL D 322 -85.79 5.36 8.62
CA VAL D 322 -86.85 6.26 9.06
C VAL D 322 -86.22 7.59 9.42
N ALA D 323 -87.05 8.55 9.83
CA ALA D 323 -86.59 9.91 10.08
C ALA D 323 -85.95 10.07 11.44
N GLY D 324 -85.19 11.16 11.58
CA GLY D 324 -84.37 11.41 12.75
C GLY D 324 -82.90 11.37 12.41
N PRO D 325 -82.05 11.46 13.40
CA PRO D 325 -80.61 11.39 13.19
C PRO D 325 -80.19 9.99 12.72
N MET D 326 -79.13 9.89 11.93
CA MET D 326 -78.65 8.56 11.48
C MET D 326 -77.55 8.07 12.39
N LEU D 327 -77.93 7.68 13.60
CA LEU D 327 -77.00 7.14 14.58
C LEU D 327 -77.38 5.74 15.06
N ALA D 328 -76.36 4.99 15.46
CA ALA D 328 -76.50 3.62 15.93
C ALA D 328 -77.41 3.62 17.12
N HIS D 329 -77.16 4.47 18.12
CA HIS D 329 -77.96 4.38 19.36
C HIS D 329 -79.40 4.71 19.11
N LYS D 330 -79.64 5.54 18.09
CA LYS D 330 -80.99 6.00 17.79
C LYS D 330 -81.71 4.80 17.22
N ALA D 331 -81.08 4.11 16.26
CA ALA D 331 -81.69 2.96 15.61
C ALA D 331 -81.96 1.82 16.56
N GLU D 332 -81.02 1.63 17.47
CA GLU D 332 -81.02 0.53 18.35
C GLU D 332 -82.13 0.80 19.34
N ASP D 333 -82.47 2.08 19.52
CA ASP D 333 -83.45 2.45 20.54
C ASP D 333 -84.83 2.31 19.92
N GLU D 334 -84.98 2.85 18.71
CA GLU D 334 -86.15 2.57 17.89
C GLU D 334 -86.47 1.08 17.85
N GLY D 335 -85.48 0.26 17.55
CA GLY D 335 -85.65 -1.18 17.53
C GLY D 335 -86.35 -1.74 18.76
N ILE D 336 -85.86 -1.38 19.94
CA ILE D 336 -86.43 -1.89 21.17
C ILE D 336 -87.83 -1.36 21.48
N ILE D 337 -87.97 -0.03 21.54
CA ILE D 337 -89.27 0.56 21.86
C ILE D 337 -90.30 0.15 20.85
N CYS D 338 -89.88 -0.11 19.61
CA CYS D 338 -90.74 -0.71 18.59
C CYS D 338 -91.31 -2.10 18.84
N VAL D 339 -90.46 -3.06 19.20
CA VAL D 339 -90.93 -4.43 19.32
C VAL D 339 -91.54 -4.62 20.66
N GLU D 340 -91.47 -3.60 21.49
CA GLU D 340 -92.04 -3.71 22.80
C GLU D 340 -93.45 -3.23 22.61
N GLY D 341 -93.61 -2.23 21.73
CA GLY D 341 -94.92 -1.73 21.31
C GLY D 341 -95.77 -2.83 20.68
N MET D 342 -95.13 -3.64 19.85
CA MET D 342 -95.81 -4.75 19.26
C MET D 342 -96.19 -5.78 20.33
N ALA D 343 -95.90 -5.56 21.59
CA ALA D 343 -96.37 -6.53 22.59
C ALA D 343 -97.23 -5.84 23.63
N GLY D 344 -97.65 -4.61 23.34
CA GLY D 344 -98.57 -3.87 24.18
C GLY D 344 -98.01 -2.59 24.77
N GLY D 345 -96.69 -2.50 24.86
CA GLY D 345 -96.08 -1.42 25.62
C GLY D 345 -96.09 -0.02 25.02
N ALA D 346 -95.55 0.95 25.77
CA ALA D 346 -95.42 2.36 25.37
C ALA D 346 -94.48 2.59 24.22
N VAL D 347 -94.38 3.83 23.75
CA VAL D 347 -93.57 4.09 22.56
C VAL D 347 -93.06 5.51 22.49
N HIS D 348 -92.97 6.16 23.64
CA HIS D 348 -92.40 7.48 23.67
C HIS D 348 -90.87 7.31 23.58
N ILE D 349 -90.22 8.07 22.69
CA ILE D 349 -88.78 8.23 22.73
C ILE D 349 -88.56 9.70 22.46
N ASP D 350 -87.80 10.35 23.33
CA ASP D 350 -87.65 11.80 23.26
C ASP D 350 -86.37 11.96 22.51
N TYR D 351 -86.50 12.38 21.25
CA TYR D 351 -85.37 12.59 20.36
C TYR D 351 -84.48 13.72 20.79
N ASN D 352 -84.85 14.44 21.83
CA ASN D 352 -83.99 15.53 22.28
C ASN D 352 -83.03 15.12 23.40
N CYS D 353 -83.08 13.83 23.70
CA CYS D 353 -82.20 13.23 24.66
C CYS D 353 -81.17 12.36 24.02
N VAL D 354 -81.21 12.12 22.70
CA VAL D 354 -80.19 11.27 22.06
C VAL D 354 -78.88 12.05 21.85
N PRO D 355 -77.76 11.49 22.32
CA PRO D 355 -76.43 12.13 22.29
C PRO D 355 -75.67 12.07 20.95
N SER D 356 -74.76 12.99 20.71
CA SER D 356 -74.02 12.99 19.46
C SER D 356 -72.57 12.95 19.81
N VAL D 357 -71.78 12.13 19.11
CA VAL D 357 -70.35 12.09 19.33
C VAL D 357 -69.41 12.09 18.13
N ILE D 358 -68.36 12.89 18.19
CA ILE D 358 -67.27 12.78 17.26
C ILE D 358 -66.02 12.27 17.94
N TYR D 359 -65.45 11.14 17.53
CA TYR D 359 -64.39 10.54 18.33
C TYR D 359 -63.00 10.95 17.99
N THR D 360 -62.87 12.14 17.46
CA THR D 360 -61.53 12.61 17.29
C THR D 360 -60.99 12.76 18.67
N HIS D 361 -59.88 13.46 18.77
CA HIS D 361 -59.23 13.79 20.03
C HIS D 361 -58.61 15.18 19.83
N PRO D 362 -59.24 16.22 20.37
CA PRO D 362 -60.28 16.10 21.41
C PRO D 362 -61.59 15.52 20.92
N GLU D 363 -62.21 14.69 21.73
CA GLU D 363 -63.57 14.29 21.42
C GLU D 363 -64.52 15.50 21.46
N VAL D 364 -65.64 15.38 20.74
CA VAL D 364 -66.73 16.33 20.86
C VAL D 364 -68.00 15.54 21.11
N ALA D 365 -68.76 15.88 22.16
CA ALA D 365 -70.05 15.27 22.40
C ALA D 365 -71.04 16.32 22.86
N TRP D 366 -72.33 16.09 22.58
CA TRP D 366 -73.37 17.04 22.96
C TRP D 366 -74.74 16.39 22.91
N VAL D 367 -75.64 16.93 23.68
CA VAL D 367 -76.99 16.47 23.73
C VAL D 367 -77.80 17.66 24.18
N GLY D 368 -79.06 17.71 23.82
CA GLY D 368 -79.84 18.86 24.22
C GLY D 368 -79.84 19.78 23.05
N LYS D 369 -80.31 20.97 23.32
CA LYS D 369 -80.39 22.05 22.34
C LYS D 369 -79.09 22.79 22.32
N SER D 370 -78.73 23.31 21.15
CA SER D 370 -77.55 24.17 21.03
C SER D 370 -77.96 25.61 21.29
N GLU D 371 -76.99 26.47 21.47
CA GLU D 371 -77.25 27.90 21.60
C GLU D 371 -78.03 28.44 20.39
N GLU D 372 -77.67 28.05 19.17
CA GLU D 372 -78.37 28.57 18.00
C GLU D 372 -79.83 28.16 17.99
N GLN D 373 -80.11 26.89 18.31
CA GLN D 373 -81.49 26.40 18.34
C GLN D 373 -82.34 27.11 19.38
N LEU D 374 -81.71 27.50 20.47
CA LEU D 374 -82.34 28.25 21.52
C LEU D 374 -82.81 29.56 20.92
N LYS D 375 -81.85 30.46 20.61
CA LYS D 375 -82.14 31.71 19.90
C LYS D 375 -83.20 31.59 18.82
N GLU D 376 -83.10 30.56 17.98
CA GLU D 376 -84.08 30.41 16.90
C GLU D 376 -85.37 30.47 17.58
N GLU D 377 -85.60 29.51 18.47
CA GLU D 377 -86.91 29.35 19.09
C GLU D 377 -87.20 30.36 20.20
N GLY D 378 -86.35 31.40 20.30
CA GLY D 378 -86.50 32.48 21.27
C GLY D 378 -86.61 31.97 22.70
N ILE D 379 -85.52 31.53 23.32
CA ILE D 379 -85.65 31.01 24.68
C ILE D 379 -84.65 31.68 25.62
N GLU D 380 -85.16 32.27 26.69
CA GLU D 380 -84.31 32.91 27.69
C GLU D 380 -83.37 31.87 28.24
N TYR D 381 -82.09 31.98 27.93
CA TYR D 381 -81.17 31.06 28.56
C TYR D 381 -80.00 31.79 29.16
N LYS D 382 -79.21 31.04 29.91
CA LYS D 382 -78.05 31.53 30.59
C LYS D 382 -77.02 30.44 30.27
N VAL D 383 -75.74 30.76 30.32
CA VAL D 383 -74.77 29.73 29.96
C VAL D 383 -73.63 29.67 30.94
N GLY D 384 -73.24 28.45 31.35
CA GLY D 384 -72.06 28.24 32.16
C GLY D 384 -71.00 27.47 31.40
N LYS D 385 -69.73 27.72 31.73
CA LYS D 385 -68.59 27.28 30.93
C LYS D 385 -67.41 26.96 31.79
N PHE D 386 -66.78 25.82 31.58
CA PHE D 386 -65.60 25.44 32.35
C PHE D 386 -64.58 24.93 31.37
N PRO D 387 -63.38 25.42 31.43
CA PRO D 387 -62.39 24.90 30.47
C PRO D 387 -61.64 23.73 31.13
N PHE D 388 -61.20 22.80 30.28
CA PHE D 388 -60.56 21.64 30.72
C PHE D 388 -59.22 21.98 31.27
N ALA D 389 -58.62 23.09 30.83
CA ALA D 389 -57.36 23.53 31.41
C ALA D 389 -57.41 23.69 32.93
N ALA D 390 -58.58 24.02 33.50
CA ALA D 390 -58.73 24.05 34.97
C ALA D 390 -59.10 22.70 35.61
N ASN D 391 -59.35 21.66 34.82
CA ASN D 391 -59.74 20.39 35.43
C ASN D 391 -58.52 19.69 35.96
N SER D 392 -58.54 19.21 37.21
CA SER D 392 -57.36 18.50 37.78
C SER D 392 -57.02 17.26 37.01
N ARG D 393 -57.98 16.43 36.70
CA ARG D 393 -57.55 15.17 36.11
C ARG D 393 -56.93 15.44 34.72
N ALA D 394 -57.42 16.43 34.01
CA ALA D 394 -56.94 16.67 32.68
C ALA D 394 -55.71 17.50 32.70
N LYS D 395 -55.36 18.13 33.82
CA LYS D 395 -54.13 18.90 33.76
C LYS D 395 -53.00 17.92 34.02
N THR D 396 -53.28 17.00 34.96
CA THR D 396 -52.41 15.91 35.38
C THR D 396 -51.97 15.12 34.17
N ASN D 397 -52.94 14.57 33.43
CA ASN D 397 -52.68 13.62 32.39
C ASN D 397 -52.14 14.37 31.26
N ALA D 398 -52.04 15.68 31.45
CA ALA D 398 -51.58 16.55 30.38
C ALA D 398 -52.39 16.47 29.06
N ASP D 399 -53.71 16.75 29.15
CA ASP D 399 -54.59 16.97 28.01
C ASP D 399 -55.59 18.07 28.35
N THR D 400 -55.18 19.32 28.14
CA THR D 400 -55.97 20.51 28.51
C THR D 400 -57.01 21.08 27.50
N ASP D 401 -56.93 20.73 26.22
CA ASP D 401 -57.80 21.41 25.25
C ASP D 401 -59.27 21.36 25.58
N GLY D 402 -59.94 22.46 25.23
CA GLY D 402 -61.40 22.47 25.14
C GLY D 402 -62.16 22.80 26.39
N MET D 403 -63.43 22.44 26.42
CA MET D 403 -64.27 22.85 27.54
C MET D 403 -65.70 22.31 27.55
N VAL D 404 -66.43 22.58 28.61
CA VAL D 404 -67.77 22.12 28.72
C VAL D 404 -68.55 23.35 28.74
N LYS D 405 -69.68 23.36 28.08
CA LYS D 405 -70.57 24.52 28.10
C LYS D 405 -71.97 24.02 28.33
N ILE D 406 -72.63 24.41 29.42
CA ILE D 406 -73.98 23.90 29.58
C ILE D 406 -74.92 25.06 29.51
N LEU D 407 -76.09 24.85 28.89
CA LEU D 407 -77.03 25.88 28.56
C LEU D 407 -78.30 25.66 29.32
N GLY D 408 -78.58 26.51 30.31
CA GLY D 408 -79.79 26.38 31.10
C GLY D 408 -80.86 27.45 30.92
N GLN D 409 -82.13 27.06 31.14
CA GLN D 409 -83.30 27.96 31.11
C GLN D 409 -83.15 29.05 32.16
N LYS D 410 -83.26 30.32 31.75
CA LYS D 410 -82.91 31.41 32.65
C LYS D 410 -83.81 31.57 33.88
N SER D 411 -85.05 31.07 33.81
CA SER D 411 -85.99 31.08 34.93
C SER D 411 -85.96 29.76 35.67
N THR D 412 -86.56 28.72 35.11
CA THR D 412 -86.58 27.49 35.86
C THR D 412 -85.22 26.92 36.21
N ASP D 413 -84.17 27.27 35.47
CA ASP D 413 -82.83 26.66 35.67
C ASP D 413 -82.69 25.21 35.12
N ARG D 414 -83.43 24.86 34.08
CA ARG D 414 -83.41 23.51 33.53
C ARG D 414 -82.32 23.40 32.52
N VAL D 415 -81.57 22.32 32.49
CA VAL D 415 -80.49 22.29 31.52
C VAL D 415 -81.16 21.99 30.20
N LEU D 416 -80.85 22.75 29.19
CA LEU D 416 -81.50 22.49 27.94
C LEU D 416 -80.54 21.88 26.98
N GLY D 417 -79.25 22.10 27.18
CA GLY D 417 -78.27 21.46 26.34
C GLY D 417 -76.92 21.39 27.03
N ALA D 418 -76.09 20.40 26.65
CA ALA D 418 -74.74 20.19 27.17
C ALA D 418 -73.83 19.98 25.97
N HIS D 419 -72.66 20.60 25.97
CA HIS D 419 -71.72 20.51 24.90
C HIS D 419 -70.38 20.20 25.52
N ILE D 420 -69.72 19.11 25.15
CA ILE D 420 -68.44 18.82 25.76
C ILE D 420 -67.45 18.78 24.65
N LEU D 421 -66.35 19.51 24.79
CA LEU D 421 -65.25 19.48 23.82
C LEU D 421 -63.91 19.18 24.55
N GLY D 422 -63.36 18.00 24.35
CA GLY D 422 -62.11 17.66 24.97
C GLY D 422 -62.21 16.24 25.46
N PRO D 423 -61.27 15.86 26.27
CA PRO D 423 -61.09 14.45 26.64
C PRO D 423 -62.32 13.71 27.29
N GLY D 424 -62.47 12.43 27.00
CA GLY D 424 -63.52 11.68 27.65
C GLY D 424 -64.90 12.25 27.33
N ALA D 425 -64.95 13.15 26.37
CA ALA D 425 -66.24 13.77 26.04
C ALA D 425 -67.36 12.79 25.69
N GLY D 426 -67.02 11.72 24.98
CA GLY D 426 -68.02 10.75 24.56
C GLY D 426 -68.55 9.99 25.77
N GLU D 427 -67.70 9.77 26.77
CA GLU D 427 -68.17 9.17 27.97
C GLU D 427 -69.08 10.06 28.89
N MET D 428 -68.92 11.38 28.80
CA MET D 428 -69.42 12.29 29.82
C MET D 428 -70.83 12.58 29.43
N VAL D 429 -71.03 12.58 28.12
CA VAL D 429 -72.30 12.98 27.52
C VAL D 429 -73.43 12.02 27.94
N ASN D 430 -73.09 10.84 28.42
CA ASN D 430 -74.10 9.88 28.82
C ASN D 430 -74.64 10.27 30.15
N GLU D 431 -73.89 11.05 30.87
CA GLU D 431 -74.41 11.52 32.12
C GLU D 431 -75.33 12.73 31.86
N ALA D 432 -74.89 13.70 31.06
CA ALA D 432 -75.83 14.68 30.57
C ALA D 432 -77.12 14.06 29.98
N ALA D 433 -77.05 12.96 29.26
CA ALA D 433 -78.27 12.27 28.80
C ALA D 433 -79.10 11.97 30.00
N LEU D 434 -78.55 11.19 30.91
CA LEU D 434 -79.31 10.79 32.06
C LEU D 434 -79.89 12.02 32.75
N ALA D 435 -79.19 13.13 32.68
CA ALA D 435 -79.67 14.30 33.38
C ALA D 435 -80.80 14.98 32.64
N LEU D 436 -80.77 15.02 31.31
CA LEU D 436 -81.89 15.63 30.55
C LEU D 436 -83.10 14.73 30.70
N GLU D 437 -82.86 13.44 30.88
CA GLU D 437 -83.97 12.50 30.91
C GLU D 437 -84.68 12.58 32.23
N TYR D 438 -84.20 13.40 33.15
CA TYR D 438 -84.83 13.49 34.42
C TYR D 438 -85.22 14.88 34.53
N GLY D 439 -85.04 15.64 33.45
CA GLY D 439 -85.22 17.09 33.43
C GLY D 439 -84.53 17.74 34.61
N ALA D 440 -83.25 17.43 34.76
CA ALA D 440 -82.41 18.04 35.79
C ALA D 440 -82.21 19.50 35.55
N SER D 441 -82.03 20.21 36.66
CA SER D 441 -81.57 21.58 36.66
C SER D 441 -80.04 21.67 36.85
N CYS D 442 -79.43 22.76 36.37
CA CYS D 442 -77.99 22.91 36.60
C CYS D 442 -77.75 22.60 38.07
N GLU D 443 -78.61 23.07 38.94
CA GLU D 443 -78.28 22.99 40.34
C GLU D 443 -78.38 21.55 40.85
N ASP D 444 -79.35 20.76 40.38
CA ASP D 444 -79.41 19.33 40.70
C ASP D 444 -78.04 18.68 40.55
N ILE D 445 -77.47 18.87 39.37
CA ILE D 445 -76.19 18.30 38.99
C ILE D 445 -75.04 18.88 39.77
N ALA D 446 -74.99 20.20 39.89
CA ALA D 446 -73.96 20.79 40.73
C ALA D 446 -73.90 20.13 42.13
N ARG D 447 -75.04 19.71 42.68
CA ARG D 447 -75.12 19.24 44.06
C ARG D 447 -74.73 17.80 44.12
N VAL D 448 -74.63 17.13 42.98
CA VAL D 448 -74.23 15.74 42.91
C VAL D 448 -72.75 15.56 43.19
N CYS D 449 -72.39 14.56 44.02
CA CYS D 449 -70.98 14.38 44.38
C CYS D 449 -70.18 13.63 43.32
N HIS D 450 -69.31 14.31 42.55
CA HIS D 450 -68.56 13.60 41.48
C HIS D 450 -67.19 13.21 42.02
N ALA D 451 -66.69 11.99 41.73
CA ALA D 451 -65.35 11.59 42.21
C ALA D 451 -64.29 12.55 41.74
N HIS D 452 -63.29 12.78 42.59
CA HIS D 452 -62.13 13.63 42.29
C HIS D 452 -60.92 12.73 42.32
N PRO D 453 -59.99 12.85 41.34
CA PRO D 453 -60.13 13.77 40.21
C PRO D 453 -60.63 13.06 38.96
N THR D 454 -61.76 13.48 38.38
CA THR D 454 -62.20 12.96 37.10
C THR D 454 -62.49 14.08 36.10
N LEU D 455 -62.60 13.70 34.81
CA LEU D 455 -62.95 14.71 33.77
C LEU D 455 -64.36 15.22 34.05
N SER D 456 -65.20 14.29 34.45
CA SER D 456 -66.57 14.59 34.79
C SER D 456 -66.79 15.80 35.67
N GLU D 457 -65.73 16.20 36.33
CA GLU D 457 -65.85 17.27 37.26
C GLU D 457 -66.05 18.58 36.56
N ALA D 458 -65.68 18.70 35.30
CA ALA D 458 -65.75 19.96 34.57
C ALA D 458 -67.18 20.17 34.13
N PHE D 459 -67.91 19.06 34.11
CA PHE D 459 -69.31 19.07 33.76
C PHE D 459 -70.04 19.53 35.02
N ARG D 460 -69.56 19.05 36.16
CA ARG D 460 -70.16 19.44 37.41
C ARG D 460 -69.92 20.91 37.60
N GLU D 461 -68.68 21.34 37.43
CA GLU D 461 -68.37 22.72 37.64
C GLU D 461 -69.07 23.60 36.61
N ALA D 462 -69.20 23.12 35.38
CA ALA D 462 -69.86 23.94 34.38
C ALA D 462 -71.33 24.12 34.78
N ASN D 463 -71.90 23.09 35.40
CA ASN D 463 -73.29 23.16 35.86
C ASN D 463 -73.38 24.16 37.03
N LEU D 464 -72.29 24.30 37.77
CA LEU D 464 -72.30 25.14 38.95
C LEU D 464 -72.27 26.57 38.44
N ALA D 465 -71.53 26.82 37.39
CA ALA D 465 -71.32 28.14 36.91
C ALA D 465 -72.57 28.61 36.22
N ALA D 466 -73.48 27.71 35.86
CA ALA D 466 -74.76 28.19 35.36
C ALA D 466 -75.88 28.28 36.41
N SER D 467 -75.58 28.02 37.69
CA SER D 467 -76.51 28.13 38.84
C SER D 467 -76.21 29.38 39.67
N PHE D 468 -75.42 29.17 40.73
CA PHE D 468 -74.62 30.26 41.25
C PHE D 468 -74.07 31.00 40.00
N GLY D 469 -73.70 32.26 40.10
CA GLY D 469 -73.05 32.93 38.94
C GLY D 469 -71.71 32.38 38.38
N LYS D 470 -70.71 32.17 39.24
CA LYS D 470 -69.44 31.53 38.94
C LYS D 470 -69.22 30.13 39.63
N SER D 471 -68.03 29.59 39.41
CA SER D 471 -67.71 28.27 39.89
C SER D 471 -66.43 28.32 40.77
N ILE D 472 -66.01 27.18 41.29
CA ILE D 472 -64.94 27.26 42.22
C ILE D 472 -63.64 27.40 41.51
N ASN D 473 -63.31 26.39 40.72
CA ASN D 473 -62.02 26.28 40.08
C ASN D 473 -61.69 27.17 38.91
N PHE D 474 -62.61 28.01 38.52
CA PHE D 474 -62.31 28.92 37.46
C PHE D 474 -63.06 30.24 37.63
N ALA E 1 -11.88 -31.51 79.78
CA ALA E 1 -10.58 -31.93 79.16
C ALA E 1 -9.59 -30.76 79.02
N ASP E 2 -9.31 -30.37 77.78
CA ASP E 2 -8.47 -29.20 77.46
C ASP E 2 -8.98 -27.86 78.06
N GLN E 3 -8.24 -27.31 79.03
CA GLN E 3 -8.72 -26.18 79.84
C GLN E 3 -9.26 -24.96 79.02
N PRO E 4 -10.57 -24.64 79.20
CA PRO E 4 -11.22 -23.46 78.62
C PRO E 4 -10.38 -22.20 78.38
N ILE E 5 -10.45 -21.64 77.19
CA ILE E 5 -9.83 -20.36 76.86
C ILE E 5 -10.87 -19.26 76.90
N ASP E 6 -10.58 -18.16 77.56
CA ASP E 6 -11.49 -17.03 77.53
C ASP E 6 -11.07 -16.12 76.42
N ALA E 7 -12.05 -15.45 75.81
CA ALA E 7 -11.75 -14.50 74.71
C ALA E 7 -12.83 -13.44 74.46
N ASP E 8 -12.45 -12.35 73.80
CA ASP E 8 -13.44 -11.36 73.44
C ASP E 8 -14.14 -11.58 72.11
N VAL E 9 -13.43 -12.16 71.14
CA VAL E 9 -13.92 -12.30 69.78
C VAL E 9 -13.39 -13.59 69.34
N THR E 10 -14.26 -14.52 69.04
CA THR E 10 -13.80 -15.79 68.49
C THR E 10 -14.18 -15.90 67.00
N VAL E 11 -13.18 -15.76 66.13
CA VAL E 11 -13.39 -15.83 64.68
C VAL E 11 -13.33 -17.25 64.13
N ILE E 12 -14.36 -17.68 63.44
CA ILE E 12 -14.35 -19.09 63.03
C ILE E 12 -14.13 -19.07 61.57
N GLY E 13 -13.02 -19.71 61.11
CA GLY E 13 -12.60 -19.66 59.71
C GLY E 13 -11.48 -18.64 59.51
N SER E 14 -10.41 -19.03 58.80
CA SER E 14 -9.27 -18.15 58.65
C SER E 14 -9.11 -17.67 57.18
N GLY E 15 -10.15 -17.78 56.40
CA GLY E 15 -10.12 -17.27 55.05
C GLY E 15 -9.78 -15.80 55.04
N PRO E 16 -9.81 -15.17 53.86
CA PRO E 16 -9.57 -13.73 53.73
C PRO E 16 -10.34 -12.91 54.74
N GLY E 17 -11.67 -13.01 54.79
CA GLY E 17 -12.34 -12.41 55.94
C GLY E 17 -12.04 -13.38 57.07
N GLY E 18 -12.27 -13.04 58.30
CA GLY E 18 -11.93 -14.03 59.30
C GLY E 18 -10.47 -13.95 59.71
N TYR E 19 -9.57 -14.26 58.80
CA TYR E 19 -8.15 -14.05 59.17
C TYR E 19 -7.86 -12.50 59.32
N VAL E 20 -8.40 -11.64 58.49
CA VAL E 20 -8.12 -10.21 58.78
C VAL E 20 -9.00 -9.65 59.92
N ALA E 21 -10.25 -10.11 60.01
CA ALA E 21 -11.07 -9.75 61.17
C ALA E 21 -10.29 -9.95 62.43
N ALA E 22 -9.75 -11.15 62.57
CA ALA E 22 -8.99 -11.53 63.73
C ALA E 22 -7.88 -10.52 64.00
N ILE E 23 -7.06 -10.28 63.00
CA ILE E 23 -5.86 -9.50 63.24
C ILE E 23 -6.31 -8.09 63.60
N LYS E 24 -7.39 -7.64 62.99
CA LYS E 24 -7.88 -6.30 63.28
C LYS E 24 -8.54 -6.23 64.63
N ALA E 25 -9.32 -7.27 64.95
CA ALA E 25 -9.95 -7.33 66.26
C ALA E 25 -8.84 -7.14 67.26
N ALA E 26 -7.81 -7.96 67.07
CA ALA E 26 -6.58 -7.89 67.87
C ALA E 26 -5.88 -6.52 67.88
N GLN E 27 -5.81 -5.84 66.76
CA GLN E 27 -5.12 -4.55 66.76
C GLN E 27 -5.91 -3.46 67.49
N LEU E 28 -7.18 -3.73 67.77
CA LEU E 28 -8.04 -2.76 68.46
C LEU E 28 -7.91 -3.00 69.95
N GLY E 29 -7.95 -4.26 70.33
CA GLY E 29 -7.66 -4.53 71.71
C GLY E 29 -8.23 -5.85 72.13
N PHE E 30 -9.16 -6.37 71.37
CA PHE E 30 -9.83 -7.56 71.85
C PHE E 30 -8.86 -8.69 71.94
N LYS E 31 -8.97 -9.49 72.98
CA LYS E 31 -8.28 -10.75 72.99
C LYS E 31 -9.09 -11.63 72.06
N THR E 32 -8.49 -12.06 70.95
CA THR E 32 -9.19 -12.81 69.90
C THR E 32 -8.68 -14.25 69.81
N VAL E 33 -9.40 -15.11 69.11
CA VAL E 33 -8.99 -16.50 68.88
C VAL E 33 -9.59 -16.95 67.56
N CYS E 34 -8.77 -17.47 66.66
CA CYS E 34 -9.27 -17.85 65.36
C CYS E 34 -9.24 -19.33 65.24
N ILE E 35 -10.37 -19.93 64.90
CA ILE E 35 -10.49 -21.37 64.87
C ILE E 35 -10.50 -21.84 63.43
N GLU E 36 -9.48 -22.58 63.01
CA GLU E 36 -9.47 -23.02 61.62
C GLU E 36 -9.41 -24.50 61.50
N LYS E 37 -10.41 -25.07 60.84
CA LYS E 37 -10.49 -26.53 60.75
C LYS E 37 -9.42 -27.17 59.89
N ASN E 38 -8.83 -26.41 58.97
CA ASN E 38 -7.90 -26.92 57.97
C ASN E 38 -6.49 -26.95 58.42
N GLU E 39 -5.67 -27.60 57.61
CA GLU E 39 -4.27 -27.75 57.93
C GLU E 39 -3.48 -26.44 57.98
N THR E 40 -3.90 -25.40 57.26
CA THR E 40 -3.19 -24.13 57.28
C THR E 40 -4.19 -23.02 57.19
N LEU E 41 -3.69 -21.81 57.26
CA LEU E 41 -4.62 -20.68 57.21
C LEU E 41 -4.86 -20.21 55.78
N GLY E 42 -5.86 -19.36 55.60
CA GLY E 42 -5.99 -18.65 54.35
C GLY E 42 -7.25 -19.03 53.66
N GLY E 43 -7.86 -20.14 54.04
CA GLY E 43 -9.07 -20.59 53.39
C GLY E 43 -8.99 -20.73 51.86
N THR E 44 -10.12 -20.65 51.18
CA THR E 44 -10.04 -20.99 49.78
C THR E 44 -9.31 -19.92 48.99
N CYS E 45 -9.30 -18.70 49.47
CA CYS E 45 -8.58 -17.71 48.71
C CYS E 45 -7.13 -18.15 48.50
N LEU E 46 -6.43 -18.14 49.60
CA LEU E 46 -5.05 -18.57 49.65
C LEU E 46 -4.81 -20.01 49.20
N ASN E 47 -5.52 -20.96 49.79
CA ASN E 47 -5.20 -22.34 49.50
C ASN E 47 -5.68 -22.92 48.16
N VAL E 48 -6.86 -22.55 47.64
CA VAL E 48 -7.37 -23.23 46.44
C VAL E 48 -8.23 -22.33 45.58
N GLY E 49 -7.85 -21.06 45.44
CA GLY E 49 -8.68 -20.06 44.82
C GLY E 49 -7.91 -18.96 44.16
N CYS E 50 -8.00 -17.75 44.71
CA CYS E 50 -7.42 -16.58 44.12
C CYS E 50 -5.97 -16.91 43.83
N ILE E 51 -5.26 -17.33 44.86
CA ILE E 51 -3.80 -17.39 44.76
C ILE E 51 -3.27 -18.43 43.74
N PRO E 52 -3.52 -19.72 43.94
CA PRO E 52 -3.07 -20.67 42.95
C PRO E 52 -3.45 -20.18 41.52
N SER E 53 -4.67 -19.65 41.34
CA SER E 53 -5.14 -19.22 40.02
C SER E 53 -4.32 -18.12 39.44
N LYS E 54 -4.14 -17.05 40.21
CA LYS E 54 -3.29 -16.03 39.66
C LYS E 54 -1.87 -16.60 39.33
N ALA E 55 -1.42 -17.58 40.08
CA ALA E 55 -0.10 -18.14 39.79
C ALA E 55 -0.06 -18.82 38.41
N LEU E 56 -0.89 -19.83 38.22
CA LEU E 56 -0.95 -20.50 36.94
C LEU E 56 -1.34 -19.52 35.80
N LEU E 57 -2.15 -18.50 36.10
CA LEU E 57 -2.61 -17.60 35.03
C LEU E 57 -1.42 -16.88 34.60
N ASN E 58 -0.60 -16.53 35.58
CA ASN E 58 0.62 -15.82 35.30
C ASN E 58 1.63 -16.68 34.57
N ASN E 59 1.87 -17.88 35.04
CA ASN E 59 2.80 -18.75 34.36
C ASN E 59 2.40 -19.22 32.94
N SER E 60 1.13 -19.65 32.83
CA SER E 60 0.59 -20.08 31.56
C SER E 60 0.74 -18.91 30.59
N HIS E 61 0.68 -17.70 31.10
CA HIS E 61 0.71 -16.57 30.20
C HIS E 61 2.09 -16.32 29.57
N TYR E 62 3.13 -16.38 30.40
CA TYR E 62 4.44 -16.26 29.86
C TYR E 62 4.78 -17.45 29.02
N TYR E 63 4.30 -18.65 29.40
CA TYR E 63 4.58 -19.83 28.58
C TYR E 63 4.13 -19.59 27.15
N HIS E 64 2.94 -19.03 27.02
CA HIS E 64 2.37 -18.75 25.75
C HIS E 64 3.05 -17.63 24.97
N MET E 65 3.61 -16.63 25.64
CA MET E 65 4.28 -15.68 24.78
C MET E 65 5.58 -16.33 24.30
N ALA E 66 6.25 -17.04 25.18
CA ALA E 66 7.49 -17.71 24.80
C ALA E 66 7.32 -18.67 23.64
N HIS E 67 6.27 -19.46 23.75
CA HIS E 67 5.95 -20.55 22.84
C HIS E 67 5.19 -20.04 21.59
N GLY E 68 4.40 -19.01 21.73
CA GLY E 68 3.72 -18.52 20.55
C GLY E 68 4.63 -17.71 19.66
N LYS E 69 4.08 -16.68 19.03
CA LYS E 69 4.87 -15.86 18.11
C LYS E 69 5.13 -14.50 18.71
N ASP E 70 4.85 -14.36 19.99
CA ASP E 70 5.07 -13.10 20.65
C ASP E 70 6.53 -12.80 20.73
N PHE E 71 7.21 -13.55 21.59
CA PHE E 71 8.63 -13.38 21.82
C PHE E 71 9.39 -13.30 20.50
N ALA E 72 9.02 -14.13 19.54
CA ALA E 72 9.69 -14.09 18.26
C ALA E 72 9.57 -12.68 17.66
N SER E 73 8.39 -12.08 17.75
CA SER E 73 8.19 -10.76 17.13
C SER E 73 8.97 -9.64 17.79
N ARG E 74 9.54 -9.95 18.97
CA ARG E 74 10.31 -8.97 19.74
C ARG E 74 11.80 -9.28 19.74
N GLY E 75 12.19 -10.34 19.05
CA GLY E 75 13.59 -10.54 18.75
C GLY E 75 14.25 -11.37 19.80
N ILE E 76 13.45 -11.96 20.65
CA ILE E 76 13.94 -12.92 21.60
C ILE E 76 13.64 -14.26 21.00
N GLU E 77 14.62 -15.02 20.56
CA GLU E 77 14.26 -16.28 19.88
C GLU E 77 14.76 -17.53 20.49
N MET E 78 13.94 -18.23 21.24
CA MET E 78 14.35 -19.55 21.65
C MET E 78 14.00 -20.61 20.59
N SER E 79 14.75 -21.72 20.55
CA SER E 79 14.51 -22.70 19.52
C SER E 79 13.44 -23.77 19.86
N GLU E 80 13.48 -24.36 21.05
CA GLU E 80 12.50 -25.36 21.36
C GLU E 80 11.97 -24.80 22.62
N VAL E 81 10.68 -24.63 22.76
CA VAL E 81 10.19 -24.19 24.05
C VAL E 81 9.41 -25.37 24.51
N ARG E 82 9.57 -25.80 25.76
CA ARG E 82 8.84 -26.96 26.29
C ARG E 82 8.24 -26.61 27.65
N LEU E 83 7.18 -27.30 28.07
CA LEU E 83 6.55 -27.02 29.33
C LEU E 83 6.95 -28.08 30.33
N ASN E 84 7.25 -27.68 31.55
CA ASN E 84 7.63 -28.58 32.63
C ASN E 84 6.58 -28.35 33.67
N LEU E 85 5.52 -29.14 33.60
CA LEU E 85 4.33 -28.81 34.35
C LEU E 85 4.66 -28.84 35.83
N ASP E 86 5.45 -29.83 36.26
CA ASP E 86 5.72 -30.04 37.68
C ASP E 86 6.45 -28.88 38.31
N LYS E 87 7.29 -28.21 37.54
CA LYS E 87 7.99 -27.09 38.10
C LYS E 87 7.15 -25.84 38.04
N MET E 88 6.23 -25.79 37.07
CA MET E 88 5.24 -24.70 37.05
C MET E 88 4.26 -24.70 38.26
N MET E 89 3.77 -25.91 38.57
CA MET E 89 2.96 -26.21 39.71
C MET E 89 3.79 -26.01 40.96
N GLU E 90 5.09 -26.14 40.88
CA GLU E 90 5.82 -25.94 42.11
C GLU E 90 6.08 -24.45 42.33
N GLN E 91 6.22 -23.67 41.26
CA GLN E 91 6.25 -22.22 41.46
C GLN E 91 5.04 -21.86 42.33
N LYS E 92 3.87 -22.23 41.83
CA LYS E 92 2.59 -22.10 42.52
C LYS E 92 2.64 -22.43 43.97
N SER E 93 2.78 -23.73 44.25
CA SER E 93 2.71 -24.27 45.59
C SER E 93 3.63 -23.52 46.55
N THR E 94 4.80 -23.20 46.02
CA THR E 94 5.78 -22.45 46.74
C THR E 94 5.24 -21.13 47.23
N ALA E 95 4.48 -20.41 46.39
CA ALA E 95 3.91 -19.11 46.78
C ALA E 95 2.79 -19.32 47.76
N VAL E 96 1.89 -20.23 47.46
CA VAL E 96 0.87 -20.58 48.44
C VAL E 96 1.51 -20.79 49.78
N LYS E 97 2.57 -21.58 49.84
CA LYS E 97 3.16 -21.80 51.17
C LYS E 97 3.71 -20.58 51.85
N ALA E 98 4.26 -19.66 51.09
CA ALA E 98 4.95 -18.53 51.66
C ALA E 98 3.89 -17.66 52.25
N LEU E 99 2.75 -17.57 51.56
CA LEU E 99 1.68 -16.71 52.03
C LEU E 99 1.07 -17.28 53.27
N THR E 100 0.64 -18.54 53.25
CA THR E 100 0.07 -19.16 54.46
C THR E 100 1.03 -19.06 55.63
N GLY E 101 2.32 -19.22 55.34
CA GLY E 101 3.34 -19.03 56.34
C GLY E 101 3.23 -17.64 56.92
N GLY E 102 2.99 -16.61 56.10
CA GLY E 102 2.92 -15.23 56.58
C GLY E 102 1.69 -14.95 57.43
N ILE E 103 0.58 -15.61 57.14
CA ILE E 103 -0.56 -15.48 58.05
C ILE E 103 -0.14 -15.95 59.46
N ALA E 104 0.48 -17.13 59.56
CA ALA E 104 0.70 -17.75 60.89
C ALA E 104 1.61 -16.83 61.65
N HIS E 105 2.45 -16.13 60.93
CA HIS E 105 3.46 -15.32 61.56
C HIS E 105 2.76 -14.06 61.98
N LEU E 106 1.87 -13.60 61.11
CA LEU E 106 0.96 -12.47 61.42
C LEU E 106 0.09 -12.62 62.71
N PHE E 107 -0.38 -13.83 62.95
CA PHE E 107 -1.18 -14.10 64.13
C PHE E 107 -0.34 -14.10 65.39
N LYS E 108 0.78 -14.81 65.36
CA LYS E 108 1.78 -14.78 66.46
C LYS E 108 2.21 -13.35 66.73
N GLN E 109 2.60 -12.64 65.68
CA GLN E 109 3.01 -11.26 65.90
C GLN E 109 1.92 -10.34 66.40
N ASN E 110 0.66 -10.54 66.02
CA ASN E 110 -0.43 -9.64 66.52
C ASN E 110 -1.10 -10.23 67.74
N LYS E 111 -0.51 -11.27 68.29
CA LYS E 111 -1.01 -11.91 69.50
C LYS E 111 -2.36 -12.57 69.33
N VAL E 112 -2.60 -13.05 68.14
CA VAL E 112 -3.81 -13.84 67.93
C VAL E 112 -3.62 -15.32 68.27
N VAL E 113 -4.59 -15.89 68.92
CA VAL E 113 -4.49 -17.25 69.38
C VAL E 113 -5.11 -18.26 68.44
N HIS E 114 -4.37 -18.85 67.51
CA HIS E 114 -4.93 -19.79 66.55
C HIS E 114 -5.38 -21.10 67.22
N VAL E 115 -6.63 -21.56 67.04
CA VAL E 115 -6.98 -22.91 67.47
C VAL E 115 -7.35 -23.83 66.31
N ASN E 116 -6.53 -24.84 66.05
CA ASN E 116 -6.81 -25.79 64.98
C ASN E 116 -7.83 -26.82 65.42
N GLY E 117 -8.99 -26.83 64.75
CA GLY E 117 -10.09 -27.76 65.00
C GLY E 117 -11.37 -27.39 64.26
N TYR E 118 -12.35 -28.27 64.26
CA TYR E 118 -13.61 -27.91 63.65
C TYR E 118 -14.50 -27.32 64.74
N GLY E 119 -14.94 -26.08 64.51
CA GLY E 119 -15.62 -25.26 65.53
C GLY E 119 -17.12 -25.23 65.42
N LYS E 120 -17.81 -25.28 66.55
CA LYS E 120 -19.29 -25.45 66.60
C LYS E 120 -19.76 -24.48 67.64
N ILE E 121 -20.91 -23.84 67.50
CA ILE E 121 -21.31 -22.85 68.50
C ILE E 121 -22.23 -23.58 69.48
N THR E 122 -21.68 -23.95 70.63
CA THR E 122 -22.39 -24.77 71.58
C THR E 122 -23.19 -23.91 72.51
N GLY E 123 -23.07 -22.58 72.39
CA GLY E 123 -23.77 -21.58 73.23
C GLY E 123 -23.83 -20.12 72.74
N LYS E 124 -24.53 -19.24 73.43
CA LYS E 124 -24.48 -17.83 73.06
C LYS E 124 -23.06 -17.32 73.21
N ASN E 125 -22.30 -17.93 74.13
CA ASN E 125 -20.97 -17.40 74.44
C ASN E 125 -19.95 -18.46 74.47
N GLN E 126 -20.14 -19.47 73.64
CA GLN E 126 -19.29 -20.61 73.68
C GLN E 126 -19.14 -21.39 72.35
N VAL E 127 -17.91 -21.61 71.92
CA VAL E 127 -17.59 -22.34 70.72
C VAL E 127 -16.71 -23.52 71.12
N THR E 128 -16.99 -24.68 70.54
CA THR E 128 -16.17 -25.85 70.79
C THR E 128 -15.48 -26.22 69.47
N ALA E 129 -14.16 -26.04 69.45
CA ALA E 129 -13.29 -26.59 68.43
C ALA E 129 -13.02 -28.07 68.75
N THR E 130 -13.25 -28.94 67.77
CA THR E 130 -13.11 -30.40 67.91
C THR E 130 -11.99 -30.87 67.01
N LYS E 131 -10.95 -31.49 67.55
CA LYS E 131 -9.85 -31.95 66.71
C LYS E 131 -10.10 -33.29 65.98
N ALA E 132 -9.22 -33.66 65.02
CA ALA E 132 -9.51 -34.82 64.15
C ALA E 132 -9.54 -36.11 64.96
N ASP E 133 -8.86 -36.06 66.09
CA ASP E 133 -8.73 -37.19 66.98
C ASP E 133 -9.54 -36.97 68.27
N GLY E 134 -10.77 -36.49 68.14
CA GLY E 134 -11.71 -36.49 69.27
C GLY E 134 -11.58 -35.42 70.36
N GLY E 135 -10.36 -34.96 70.63
CA GLY E 135 -10.14 -33.99 71.71
C GLY E 135 -10.68 -32.60 71.41
N THR E 136 -11.30 -31.95 72.38
CA THR E 136 -11.96 -30.65 72.17
C THR E 136 -11.32 -29.45 72.87
N GLN E 137 -11.51 -28.26 72.29
CA GLN E 137 -11.13 -27.00 72.93
C GLN E 137 -12.38 -26.15 73.12
N VAL E 138 -12.67 -25.71 74.36
CA VAL E 138 -13.81 -24.84 74.59
C VAL E 138 -13.39 -23.38 74.59
N ILE E 139 -14.04 -22.52 73.82
CA ILE E 139 -13.78 -21.09 73.96
C ILE E 139 -14.98 -20.36 74.57
N ASP E 140 -14.82 -19.75 75.74
CA ASP E 140 -15.82 -18.83 76.30
C ASP E 140 -15.65 -17.35 75.77
N THR E 141 -16.61 -16.86 75.00
CA THR E 141 -16.34 -15.65 74.27
C THR E 141 -17.47 -14.60 74.27
N LYS E 142 -17.12 -13.31 74.35
CA LYS E 142 -18.15 -12.27 74.39
C LYS E 142 -18.84 -12.28 73.03
N ASN E 143 -18.07 -12.03 71.98
CA ASN E 143 -18.61 -12.12 70.64
C ASN E 143 -18.13 -13.29 69.78
N ILE E 144 -18.89 -13.58 68.74
CA ILE E 144 -18.55 -14.60 67.79
C ILE E 144 -18.67 -14.02 66.36
N LEU E 145 -17.62 -14.16 65.57
CA LEU E 145 -17.69 -13.70 64.22
C LEU E 145 -17.59 -14.91 63.37
N ILE E 146 -18.63 -15.25 62.61
CA ILE E 146 -18.64 -16.43 61.75
C ILE E 146 -18.13 -16.11 60.38
N ALA E 147 -17.02 -16.71 60.02
CA ALA E 147 -16.32 -16.43 58.78
C ALA E 147 -16.02 -17.74 58.05
N THR E 148 -16.99 -18.67 58.02
CA THR E 148 -16.79 -20.02 57.47
C THR E 148 -16.98 -20.11 55.97
N GLY E 149 -17.10 -18.98 55.31
CA GLY E 149 -16.98 -19.01 53.87
C GLY E 149 -17.85 -19.90 53.00
N SER E 150 -17.22 -20.62 52.08
CA SER E 150 -17.94 -21.30 51.04
C SER E 150 -17.31 -22.60 50.54
N GLU E 151 -18.02 -23.26 49.61
CA GLU E 151 -17.58 -24.52 49.02
C GLU E 151 -18.10 -24.58 47.59
N VAL E 152 -17.53 -25.45 46.76
CA VAL E 152 -18.00 -25.74 45.38
C VAL E 152 -19.41 -26.31 45.33
N THR E 153 -20.24 -25.74 44.47
CA THR E 153 -21.58 -26.27 44.24
C THR E 153 -21.62 -27.52 43.35
N PRO E 154 -21.98 -28.67 43.89
CA PRO E 154 -21.94 -29.89 43.10
C PRO E 154 -23.01 -29.82 41.98
N PHE E 155 -22.70 -30.37 40.83
CA PHE E 155 -23.69 -30.56 39.80
C PHE E 155 -24.37 -31.96 39.99
N PRO E 156 -25.68 -32.03 40.04
CA PRO E 156 -26.32 -33.33 40.30
C PRO E 156 -26.17 -34.28 39.13
N GLY E 157 -25.70 -35.49 39.43
CA GLY E 157 -25.54 -36.50 38.41
C GLY E 157 -24.25 -36.47 37.62
N ILE E 158 -23.25 -35.83 38.21
CA ILE E 158 -21.91 -35.78 37.69
C ILE E 158 -21.11 -35.77 38.99
N THR E 159 -20.33 -36.79 39.27
CA THR E 159 -19.65 -36.80 40.56
C THR E 159 -18.22 -36.29 40.43
N ILE E 160 -17.92 -35.17 41.08
CA ILE E 160 -16.53 -34.68 41.15
C ILE E 160 -15.66 -35.79 41.80
N ASP E 161 -14.59 -36.22 41.15
CA ASP E 161 -13.68 -37.17 41.78
C ASP E 161 -12.28 -36.56 41.95
N GLU E 162 -12.16 -35.31 41.52
CA GLU E 162 -10.95 -34.57 41.63
C GLU E 162 -9.82 -35.33 40.97
N ASP E 163 -10.07 -35.78 39.74
CA ASP E 163 -9.13 -36.59 39.00
C ASP E 163 -9.29 -36.38 37.51
N THR E 164 -10.35 -36.93 36.93
CA THR E 164 -10.67 -36.69 35.51
C THR E 164 -11.85 -35.72 35.43
N ILE E 165 -12.68 -35.76 36.47
CA ILE E 165 -13.74 -34.80 36.66
C ILE E 165 -13.41 -33.96 37.86
N VAL E 166 -13.12 -32.68 37.62
CA VAL E 166 -12.65 -31.87 38.71
C VAL E 166 -13.49 -30.67 39.04
N SER E 167 -13.14 -30.07 40.17
CA SER E 167 -13.72 -28.87 40.70
C SER E 167 -12.64 -27.83 40.46
N SER E 168 -12.87 -26.59 40.87
CA SER E 168 -11.87 -25.59 40.62
C SER E 168 -10.62 -26.14 41.25
N THR E 169 -10.77 -26.88 42.35
CA THR E 169 -9.55 -27.25 43.06
C THR E 169 -8.82 -28.40 42.46
N GLY E 170 -9.53 -29.31 41.81
CA GLY E 170 -8.89 -30.46 41.17
C GLY E 170 -8.18 -29.94 39.94
N ALA E 171 -8.79 -28.93 39.30
CA ALA E 171 -8.27 -28.22 38.11
C ALA E 171 -7.02 -27.39 38.36
N LEU E 172 -6.71 -27.02 39.57
CA LEU E 172 -5.51 -26.25 39.78
C LEU E 172 -4.26 -27.11 39.94
N SER E 173 -4.46 -28.41 39.90
CA SER E 173 -3.42 -29.38 40.22
C SER E 173 -3.38 -30.57 39.25
N LEU E 174 -3.93 -30.43 38.04
CA LEU E 174 -3.88 -31.51 37.07
C LEU E 174 -2.41 -31.99 36.94
N LYS E 175 -2.23 -33.24 36.56
CA LYS E 175 -0.85 -33.73 36.40
C LYS E 175 -0.28 -33.49 35.01
N LYS E 176 -1.12 -33.27 34.02
CA LYS E 176 -0.63 -33.09 32.66
C LYS E 176 -1.67 -32.33 31.89
N VAL E 177 -1.26 -31.51 30.95
CA VAL E 177 -2.28 -30.72 30.30
C VAL E 177 -3.15 -31.69 29.52
N PRO E 178 -4.48 -31.58 29.67
CA PRO E 178 -5.41 -32.47 28.97
C PRO E 178 -5.45 -32.10 27.49
N GLU E 179 -5.62 -33.09 26.62
CA GLU E 179 -5.66 -32.83 25.19
C GLU E 179 -6.91 -32.04 24.76
N LYS E 180 -8.05 -32.42 25.37
CA LYS E 180 -9.34 -31.80 25.13
C LYS E 180 -9.94 -31.62 26.47
N MET E 181 -10.55 -30.48 26.75
CA MET E 181 -11.22 -30.18 28.04
C MET E 181 -12.53 -29.40 27.87
N VAL E 182 -13.59 -29.81 28.56
CA VAL E 182 -14.79 -28.97 28.58
C VAL E 182 -15.04 -28.40 29.97
N VAL E 183 -15.60 -27.20 30.03
CA VAL E 183 -15.86 -26.59 31.30
C VAL E 183 -17.33 -26.28 31.42
N ILE E 184 -17.97 -26.75 32.47
CA ILE E 184 -19.36 -26.37 32.67
C ILE E 184 -19.45 -24.99 33.37
N GLY E 185 -19.90 -23.97 32.63
CA GLY E 185 -20.02 -22.63 33.21
C GLY E 185 -19.04 -21.61 32.70
N ALA E 186 -19.47 -20.58 32.02
CA ALA E 186 -18.48 -19.57 31.53
C ALA E 186 -18.37 -18.42 32.45
N GLY E 187 -18.47 -18.68 33.77
CA GLY E 187 -18.35 -17.66 34.79
C GLY E 187 -16.88 -17.34 35.04
N VAL E 188 -16.63 -16.50 36.04
CA VAL E 188 -15.29 -15.98 36.20
C VAL E 188 -14.39 -17.13 36.37
N ILE E 189 -14.68 -18.04 37.31
CA ILE E 189 -13.72 -19.13 37.59
C ILE E 189 -13.61 -20.03 36.38
N GLY E 190 -14.72 -20.24 35.70
CA GLY E 190 -14.73 -21.03 34.47
C GLY E 190 -13.70 -20.61 33.44
N VAL E 191 -13.67 -19.33 33.06
CA VAL E 191 -12.81 -18.93 31.95
C VAL E 191 -11.40 -18.64 32.39
N GLU E 192 -11.13 -18.60 33.69
CA GLU E 192 -9.75 -18.43 34.12
C GLU E 192 -9.12 -19.81 34.07
N LEU E 193 -9.65 -20.78 34.85
CA LEU E 193 -9.14 -22.14 34.83
C LEU E 193 -9.16 -22.74 33.39
N GLY E 194 -10.20 -22.49 32.62
CA GLY E 194 -10.12 -22.82 31.21
C GLY E 194 -9.06 -22.00 30.45
N SER E 195 -8.89 -20.72 30.73
CA SER E 195 -7.83 -20.00 30.00
C SER E 195 -6.37 -20.48 30.21
N VAL E 196 -6.15 -21.09 31.38
CA VAL E 196 -4.85 -21.52 31.78
C VAL E 196 -4.53 -22.72 30.94
N TRP E 197 -5.40 -23.71 30.93
CA TRP E 197 -5.02 -24.94 30.28
C TRP E 197 -5.11 -24.69 28.80
N GLN E 198 -5.94 -23.74 28.45
CA GLN E 198 -5.99 -23.42 27.03
C GLN E 198 -4.61 -22.97 26.58
N ARG E 199 -3.99 -22.09 27.34
CA ARG E 199 -2.68 -21.52 27.04
C ARG E 199 -1.54 -22.53 27.08
N LEU E 200 -1.77 -23.64 27.74
CA LEU E 200 -0.74 -24.60 27.90
C LEU E 200 -0.97 -25.71 26.93
N GLY E 201 -1.83 -25.50 25.96
CA GLY E 201 -2.04 -26.57 25.00
C GLY E 201 -3.48 -27.03 24.82
N ALA E 202 -4.09 -27.54 25.87
CA ALA E 202 -5.45 -28.01 25.85
C ALA E 202 -6.35 -27.33 24.83
N ASP E 203 -7.19 -28.16 24.21
CA ASP E 203 -8.29 -27.76 23.34
C ASP E 203 -9.47 -27.50 24.27
N VAL E 204 -9.91 -26.24 24.43
CA VAL E 204 -10.88 -26.05 25.52
C VAL E 204 -12.22 -25.59 25.07
N THR E 205 -13.27 -26.08 25.75
CA THR E 205 -14.63 -25.63 25.46
C THR E 205 -15.44 -25.35 26.71
N ALA E 206 -16.06 -24.15 26.84
CA ALA E 206 -16.95 -23.80 27.98
C ALA E 206 -18.43 -23.86 27.61
N VAL E 207 -19.21 -24.47 28.49
CA VAL E 207 -20.64 -24.69 28.26
C VAL E 207 -21.50 -23.90 29.26
N GLU E 208 -22.09 -22.81 28.82
CA GLU E 208 -22.89 -21.94 29.66
C GLU E 208 -24.38 -22.02 29.34
N PHE E 209 -25.16 -22.17 30.39
CA PHE E 209 -26.58 -22.05 30.29
C PHE E 209 -27.07 -20.68 29.83
N LEU E 210 -26.60 -19.60 30.42
CA LEU E 210 -26.93 -18.25 30.00
C LEU E 210 -26.38 -17.83 28.64
N GLY E 211 -26.61 -16.58 28.28
CA GLY E 211 -26.23 -16.07 26.97
C GLY E 211 -24.94 -15.26 26.94
N HIS E 212 -24.15 -15.35 28.01
CA HIS E 212 -22.90 -14.60 28.01
C HIS E 212 -21.85 -15.18 28.94
N VAL E 213 -20.63 -14.80 28.67
CA VAL E 213 -19.48 -15.23 29.39
C VAL E 213 -19.25 -14.17 30.42
N GLY E 214 -18.79 -14.59 31.59
CA GLY E 214 -18.29 -13.69 32.60
C GLY E 214 -19.03 -13.55 33.91
N GLY E 215 -20.20 -14.14 34.02
CA GLY E 215 -20.94 -14.07 35.29
C GLY E 215 -21.76 -12.82 35.64
N VAL E 216 -22.54 -12.88 36.73
CA VAL E 216 -23.48 -11.77 36.96
C VAL E 216 -22.80 -10.43 37.06
N GLY E 217 -23.45 -9.41 36.48
CA GLY E 217 -23.13 -8.00 36.68
C GLY E 217 -22.18 -7.38 35.65
N ILE E 218 -21.71 -8.20 34.73
CA ILE E 218 -20.76 -7.74 33.75
C ILE E 218 -21.50 -6.85 32.75
N ASP E 219 -20.79 -5.92 32.15
CA ASP E 219 -21.46 -5.20 31.13
C ASP E 219 -21.64 -6.07 29.88
N MET E 220 -22.80 -6.06 29.24
CA MET E 220 -23.01 -6.97 28.10
C MET E 220 -22.03 -6.74 27.01
N GLU E 221 -21.86 -5.49 26.63
CA GLU E 221 -21.06 -5.21 25.46
C GLU E 221 -19.64 -5.60 25.73
N ILE E 222 -19.13 -5.25 26.91
CA ILE E 222 -17.80 -5.72 27.16
C ILE E 222 -17.77 -7.24 27.34
N SER E 223 -18.79 -7.89 27.87
CA SER E 223 -18.74 -9.36 27.95
C SER E 223 -18.62 -9.98 26.55
N LYS E 224 -19.44 -9.47 25.64
CA LYS E 224 -19.29 -9.86 24.24
C LYS E 224 -17.88 -9.58 23.68
N ASN E 225 -17.29 -8.40 23.85
CA ASN E 225 -15.98 -8.22 23.23
C ASN E 225 -14.91 -9.12 23.76
N PHE E 226 -14.99 -9.32 25.07
CA PHE E 226 -14.24 -10.29 25.82
C PHE E 226 -14.33 -11.69 25.18
N GLN E 227 -15.54 -12.18 24.93
CA GLN E 227 -15.73 -13.52 24.40
C GLN E 227 -15.13 -13.61 23.04
N ARG E 228 -15.18 -12.49 22.31
CA ARG E 228 -14.60 -12.50 21.01
C ARG E 228 -13.07 -12.64 21.13
N ILE E 229 -12.45 -12.02 22.12
CA ILE E 229 -11.01 -12.13 22.12
C ILE E 229 -10.70 -13.63 22.48
N LEU E 230 -11.38 -14.14 23.50
CA LEU E 230 -11.11 -15.48 23.97
C LEU E 230 -11.31 -16.54 22.88
N GLN E 231 -12.26 -16.28 21.99
CA GLN E 231 -12.53 -17.18 20.89
C GLN E 231 -11.39 -17.19 19.93
N LYS E 232 -10.77 -16.03 19.72
CA LYS E 232 -9.67 -15.93 18.82
C LYS E 232 -8.39 -16.42 19.44
N GLN E 233 -8.38 -16.72 20.74
CA GLN E 233 -7.24 -17.39 21.38
C GLN E 233 -7.47 -18.90 21.41
N GLY E 234 -8.58 -19.37 20.85
CA GLY E 234 -8.76 -20.80 20.72
C GLY E 234 -9.84 -21.34 21.63
N PHE E 235 -10.24 -20.48 22.57
CA PHE E 235 -11.27 -20.79 23.54
C PHE E 235 -12.61 -20.98 22.82
N LYS E 236 -13.30 -22.08 23.04
CA LYS E 236 -14.55 -22.33 22.32
C LYS E 236 -15.73 -22.12 23.24
N PHE E 237 -16.81 -21.53 22.74
CA PHE E 237 -17.99 -21.38 23.63
C PHE E 237 -19.30 -21.96 23.11
N LYS E 238 -20.03 -22.62 23.99
CA LYS E 238 -21.36 -23.07 23.69
C LYS E 238 -22.26 -22.28 24.60
N LEU E 239 -22.76 -21.13 24.21
CA LEU E 239 -23.67 -20.41 25.14
C LEU E 239 -25.06 -20.97 25.08
N ASN E 240 -25.93 -20.54 25.99
CA ASN E 240 -27.34 -20.95 26.04
C ASN E 240 -27.47 -22.45 25.86
N THR E 241 -26.59 -23.20 26.49
CA THR E 241 -26.65 -24.61 26.32
C THR E 241 -26.78 -25.13 27.69
N LYS E 242 -27.16 -26.39 27.81
CA LYS E 242 -27.42 -26.97 29.10
C LYS E 242 -26.76 -28.34 29.12
N VAL E 243 -26.14 -28.72 30.23
CA VAL E 243 -25.62 -30.11 30.26
C VAL E 243 -26.63 -31.04 30.86
N THR E 244 -27.01 -32.01 30.07
CA THR E 244 -27.90 -33.05 30.49
C THR E 244 -27.19 -34.08 31.34
N GLY E 245 -25.96 -34.42 31.00
CA GLY E 245 -25.25 -35.40 31.81
C GLY E 245 -23.92 -35.94 31.30
N ALA E 246 -23.00 -36.21 32.21
CA ALA E 246 -21.74 -36.71 31.76
C ALA E 246 -21.60 -38.12 32.27
N THR E 247 -20.82 -38.91 31.54
CA THR E 247 -20.38 -40.21 32.04
C THR E 247 -18.98 -40.49 31.56
N LYS E 248 -18.27 -41.28 32.33
CA LYS E 248 -16.88 -41.55 32.07
C LYS E 248 -16.72 -42.91 31.36
N LYS E 249 -16.20 -42.85 30.14
CA LYS E 249 -16.05 -43.99 29.26
C LYS E 249 -14.88 -44.96 29.55
N SER E 250 -14.92 -46.16 29.00
CA SER E 250 -13.98 -47.18 29.41
C SER E 250 -12.54 -46.78 29.09
N ASP E 251 -12.27 -46.07 28.00
CA ASP E 251 -10.96 -45.45 27.84
C ASP E 251 -10.99 -44.20 28.68
N GLY E 252 -9.88 -43.51 28.86
CA GLY E 252 -9.98 -42.43 29.84
C GLY E 252 -10.97 -41.31 29.54
N LYS E 253 -11.46 -41.27 28.29
CA LYS E 253 -12.18 -40.13 27.75
C LYS E 253 -13.55 -39.99 28.46
N ILE E 254 -14.08 -38.78 28.55
CA ILE E 254 -15.41 -38.57 29.12
C ILE E 254 -16.34 -37.90 28.13
N ASP E 255 -17.54 -38.39 28.05
CA ASP E 255 -18.53 -37.84 27.12
C ASP E 255 -19.59 -37.07 27.95
N VAL E 256 -19.80 -35.79 27.68
CA VAL E 256 -20.90 -35.00 28.30
C VAL E 256 -22.03 -34.75 27.31
N SER E 257 -23.29 -34.81 27.78
CA SER E 257 -24.45 -34.63 26.88
C SER E 257 -25.01 -33.28 27.06
N ILE E 258 -24.99 -32.48 26.01
CA ILE E 258 -25.47 -31.11 26.10
C ILE E 258 -26.77 -30.95 25.33
N GLU E 259 -27.41 -29.81 25.44
CA GLU E 259 -28.67 -29.58 24.76
C GLU E 259 -28.93 -28.09 24.79
N ALA E 260 -29.61 -27.59 23.76
CA ALA E 260 -29.92 -26.18 23.73
C ALA E 260 -30.73 -25.84 24.94
N ALA E 261 -30.37 -24.77 25.65
CA ALA E 261 -31.01 -24.43 26.93
C ALA E 261 -32.54 -24.43 26.92
N SER E 262 -33.13 -23.89 25.86
CA SER E 262 -34.59 -23.90 25.72
C SER E 262 -35.03 -25.19 25.03
N GLY E 263 -35.23 -25.09 23.72
CA GLY E 263 -35.36 -26.25 22.82
C GLY E 263 -34.61 -27.56 23.12
N GLY E 264 -34.01 -28.13 22.07
CA GLY E 264 -33.43 -29.46 22.22
C GLY E 264 -32.55 -29.94 21.09
N LYS E 265 -31.53 -29.17 20.70
CA LYS E 265 -30.55 -29.68 19.75
C LYS E 265 -29.61 -30.54 20.58
N ALA E 266 -29.96 -31.81 20.81
CA ALA E 266 -29.09 -32.74 21.55
C ALA E 266 -27.76 -32.87 20.82
N GLU E 267 -26.70 -33.28 21.50
CA GLU E 267 -25.37 -33.37 20.91
C GLU E 267 -24.48 -33.95 22.02
N VAL E 268 -23.35 -34.56 21.65
CA VAL E 268 -22.43 -35.00 22.70
C VAL E 268 -21.03 -34.40 22.51
N ILE E 269 -20.43 -33.92 23.61
CA ILE E 269 -19.08 -33.40 23.62
C ILE E 269 -18.23 -34.37 24.37
N THR E 270 -17.12 -34.77 23.78
CA THR E 270 -16.22 -35.69 24.47
C THR E 270 -14.84 -35.06 24.81
N CYS E 271 -14.24 -35.47 25.91
CA CYS E 271 -13.04 -34.76 26.41
C CYS E 271 -12.30 -35.59 27.44
N ASP E 272 -11.14 -35.09 27.89
CA ASP E 272 -10.26 -35.84 28.78
C ASP E 272 -10.46 -35.41 30.21
N VAL E 273 -10.70 -34.11 30.38
CA VAL E 273 -11.03 -33.51 31.67
C VAL E 273 -12.30 -32.70 31.63
N LEU E 274 -13.01 -32.74 32.74
CA LEU E 274 -14.30 -32.09 32.83
C LEU E 274 -14.28 -31.21 34.06
N LEU E 275 -14.22 -29.91 33.84
CA LEU E 275 -14.28 -29.01 34.98
C LEU E 275 -15.71 -28.60 35.33
N VAL E 276 -16.04 -28.83 36.59
CA VAL E 276 -17.32 -28.30 37.04
C VAL E 276 -17.28 -26.92 37.70
N CYS E 277 -17.91 -25.93 37.10
CA CYS E 277 -17.88 -24.60 37.67
C CYS E 277 -19.23 -24.00 37.87
N ILE E 278 -20.19 -24.82 38.16
CA ILE E 278 -21.56 -24.40 38.41
C ILE E 278 -21.70 -23.15 39.30
N GLY E 279 -20.83 -22.97 40.31
CA GLY E 279 -20.94 -21.87 41.22
C GLY E 279 -20.45 -22.34 42.56
N ARG E 280 -20.71 -21.52 43.59
CA ARG E 280 -20.25 -21.78 44.97
C ARG E 280 -21.24 -21.34 46.10
N ARG E 281 -21.78 -22.32 46.81
CA ARG E 281 -22.62 -22.04 47.95
C ARG E 281 -21.84 -21.80 49.23
N PRO E 282 -22.42 -21.00 50.10
CA PRO E 282 -21.98 -20.74 51.47
C PRO E 282 -21.86 -21.98 52.30
N PHE E 283 -20.77 -22.04 53.06
CA PHE E 283 -20.48 -23.18 53.93
C PHE E 283 -20.82 -22.83 55.35
N THR E 284 -21.69 -23.63 55.97
CA THR E 284 -22.07 -23.42 57.36
C THR E 284 -22.28 -24.68 58.11
N LYS E 285 -21.94 -25.80 57.52
CA LYS E 285 -22.25 -27.12 58.10
C LYS E 285 -21.71 -27.41 59.53
N ASN E 286 -22.56 -27.99 60.36
CA ASN E 286 -22.21 -28.39 61.73
C ASN E 286 -21.63 -27.30 62.59
N LEU E 287 -22.14 -26.11 62.39
CA LEU E 287 -21.70 -24.90 63.07
C LEU E 287 -22.69 -24.63 64.21
N GLY E 288 -23.85 -25.26 64.12
CA GLY E 288 -24.80 -25.22 65.20
C GLY E 288 -25.87 -24.17 65.01
N LEU E 289 -26.07 -23.67 63.80
CA LEU E 289 -27.00 -22.57 63.69
C LEU E 289 -28.46 -22.97 63.92
N GLU E 290 -28.76 -24.22 63.64
CA GLU E 290 -30.15 -24.63 63.55
C GLU E 290 -30.59 -24.50 65.00
N GLU E 291 -29.79 -25.12 65.88
CA GLU E 291 -30.01 -25.19 67.32
C GLU E 291 -29.90 -23.86 68.09
N LEU E 292 -29.28 -22.85 67.50
CA LEU E 292 -29.32 -21.52 68.10
C LEU E 292 -30.57 -20.84 67.59
N GLY E 293 -30.95 -21.13 66.35
CA GLY E 293 -32.21 -20.64 65.88
C GLY E 293 -31.83 -19.52 64.96
N ILE E 294 -30.74 -19.72 64.24
CA ILE E 294 -30.44 -18.81 63.15
C ILE E 294 -30.88 -19.49 61.85
N GLU E 295 -31.86 -18.94 61.16
CA GLU E 295 -32.30 -19.57 59.95
C GLU E 295 -31.51 -19.00 58.78
N LEU E 296 -31.30 -19.81 57.73
CA LEU E 296 -30.54 -19.40 56.55
C LEU E 296 -31.43 -18.80 55.47
N ASP E 297 -30.92 -17.87 54.65
CA ASP E 297 -31.80 -17.33 53.64
C ASP E 297 -31.94 -18.44 52.62
N PRO E 298 -32.82 -18.30 51.63
CA PRO E 298 -33.01 -19.37 50.67
C PRO E 298 -31.79 -19.73 49.85
N ARG E 299 -30.67 -19.02 49.90
CA ARG E 299 -29.49 -19.46 49.17
C ARG E 299 -28.41 -20.12 49.99
N GLY E 300 -28.67 -20.31 51.30
CA GLY E 300 -27.72 -20.87 52.26
C GLY E 300 -26.92 -19.78 53.01
N ARG E 301 -27.27 -18.51 52.84
CA ARG E 301 -26.46 -17.46 53.41
C ARG E 301 -27.01 -17.10 54.73
N ILE E 302 -26.16 -16.80 55.71
CA ILE E 302 -26.61 -16.39 57.02
C ILE E 302 -27.12 -14.96 56.88
N PRO E 303 -28.39 -14.73 57.22
CA PRO E 303 -28.95 -13.38 57.17
C PRO E 303 -28.42 -12.51 58.33
N VAL E 304 -27.75 -11.39 58.02
CA VAL E 304 -27.08 -10.54 59.01
C VAL E 304 -27.64 -9.18 58.82
N ASN E 305 -27.52 -8.34 59.84
CA ASN E 305 -28.16 -7.04 59.81
C ASN E 305 -27.20 -5.96 59.33
N THR E 306 -27.44 -4.69 59.67
CA THR E 306 -26.52 -3.63 59.21
C THR E 306 -25.13 -3.70 59.76
N ARG E 307 -24.99 -4.09 61.03
CA ARG E 307 -23.69 -4.19 61.66
C ARG E 307 -23.12 -5.58 61.60
N PHE E 308 -23.57 -6.33 60.62
CA PHE E 308 -23.14 -7.68 60.40
C PHE E 308 -23.46 -8.64 61.54
N GLN E 309 -24.55 -8.41 62.26
CA GLN E 309 -24.92 -9.31 63.32
C GLN E 309 -26.19 -10.14 63.04
N THR E 310 -26.09 -11.41 63.40
CA THR E 310 -27.23 -12.34 63.28
C THR E 310 -28.43 -11.99 64.15
N LYS E 311 -29.40 -12.90 64.14
CA LYS E 311 -30.60 -12.76 64.94
C LYS E 311 -30.21 -12.82 66.43
N ILE E 312 -29.14 -13.53 66.73
CA ILE E 312 -28.60 -13.49 68.07
C ILE E 312 -27.52 -12.38 68.15
N PRO E 313 -27.82 -11.35 68.93
CA PRO E 313 -27.10 -10.06 68.90
C PRO E 313 -25.56 -10.01 68.96
N ASN E 314 -24.86 -10.96 69.58
CA ASN E 314 -23.38 -10.95 69.71
C ASN E 314 -22.75 -12.04 68.81
N ILE E 315 -23.58 -12.69 68.02
CA ILE E 315 -23.12 -13.48 66.91
C ILE E 315 -23.17 -12.73 65.51
N TYR E 316 -21.99 -12.62 64.93
CA TYR E 316 -21.79 -12.00 63.64
C TYR E 316 -21.35 -12.90 62.46
N ALA E 317 -21.51 -12.41 61.25
CA ALA E 317 -21.18 -13.15 60.07
C ALA E 317 -20.66 -12.23 58.98
N ILE E 318 -19.64 -12.71 58.24
CA ILE E 318 -19.02 -11.94 57.18
C ILE E 318 -18.53 -12.81 56.03
N GLY E 319 -18.17 -12.18 54.93
CA GLY E 319 -17.62 -12.92 53.80
C GLY E 319 -18.58 -13.83 53.03
N ASP E 320 -18.04 -14.85 52.36
CA ASP E 320 -18.78 -15.68 51.44
C ASP E 320 -20.05 -16.23 52.00
N VAL E 321 -20.12 -16.36 53.32
CA VAL E 321 -21.27 -16.98 54.03
C VAL E 321 -22.43 -15.99 54.19
N VAL E 322 -22.31 -14.82 53.57
CA VAL E 322 -23.22 -13.73 53.80
C VAL E 322 -23.46 -12.92 52.52
N ALA E 323 -24.63 -12.33 52.41
CA ALA E 323 -24.98 -11.50 51.25
C ALA E 323 -23.92 -10.54 50.66
N GLY E 324 -23.91 -10.43 49.34
CA GLY E 324 -22.91 -9.64 48.64
C GLY E 324 -22.10 -10.52 47.67
N PRO E 325 -21.36 -9.85 46.78
CA PRO E 325 -20.44 -10.47 45.84
C PRO E 325 -19.57 -11.48 46.57
N MET E 326 -19.23 -12.63 46.00
CA MET E 326 -18.36 -13.54 46.74
C MET E 326 -16.92 -13.33 46.27
N LEU E 327 -16.31 -12.30 46.84
CA LEU E 327 -14.95 -11.91 46.51
C LEU E 327 -14.03 -11.66 47.76
N ALA E 328 -12.80 -12.11 47.71
CA ALA E 328 -11.92 -11.96 48.84
C ALA E 328 -11.84 -10.57 49.40
N HIS E 329 -11.67 -9.57 48.59
CA HIS E 329 -11.56 -8.23 49.18
C HIS E 329 -12.85 -7.74 49.83
N LYS E 330 -13.97 -8.34 49.43
CA LYS E 330 -15.26 -8.03 50.05
C LYS E 330 -15.30 -8.67 51.46
N ALA E 331 -14.76 -9.87 51.60
CA ALA E 331 -14.79 -10.53 52.88
C ALA E 331 -13.85 -9.79 53.80
N GLU E 332 -12.77 -9.22 53.27
CA GLU E 332 -11.82 -8.56 54.17
C GLU E 332 -12.41 -7.30 54.73
N ASP E 333 -12.98 -6.47 53.88
CA ASP E 333 -13.59 -5.21 54.35
C ASP E 333 -14.76 -5.43 55.29
N GLU E 334 -15.58 -6.45 55.03
CA GLU E 334 -16.64 -6.77 55.97
C GLU E 334 -15.98 -7.16 57.27
N GLY E 335 -15.06 -8.09 57.22
CA GLY E 335 -14.34 -8.49 58.43
C GLY E 335 -13.75 -7.33 59.22
N ILE E 336 -13.14 -6.36 58.53
CA ILE E 336 -12.51 -5.20 59.20
C ILE E 336 -13.57 -4.23 59.74
N ILE E 337 -14.62 -3.95 58.98
CA ILE E 337 -15.60 -3.01 59.52
C ILE E 337 -16.49 -3.70 60.50
N CYS E 338 -16.61 -5.00 60.42
CA CYS E 338 -17.46 -5.65 61.40
C CYS E 338 -16.91 -5.51 62.84
N VAL E 339 -15.60 -5.76 63.02
CA VAL E 339 -15.02 -5.76 64.36
C VAL E 339 -14.78 -4.36 64.75
N GLU E 340 -14.57 -3.49 63.75
CA GLU E 340 -14.37 -2.08 63.98
C GLU E 340 -15.63 -1.63 64.71
N GLY E 341 -16.74 -2.26 64.37
CA GLY E 341 -18.06 -1.91 64.89
C GLY E 341 -18.32 -2.54 66.23
N MET E 342 -18.00 -3.82 66.39
CA MET E 342 -18.01 -4.37 67.76
C MET E 342 -17.36 -3.34 68.73
N ALA E 343 -16.38 -2.60 68.22
CA ALA E 343 -15.58 -1.69 69.02
C ALA E 343 -16.22 -0.31 69.12
N GLY E 344 -17.36 -0.12 68.48
CA GLY E 344 -18.08 1.13 68.66
C GLY E 344 -17.98 2.02 67.46
N GLY E 345 -17.48 1.48 66.35
CA GLY E 345 -17.27 2.35 65.21
C GLY E 345 -18.49 2.37 64.33
N ALA E 346 -18.31 2.96 63.15
CA ALA E 346 -19.34 2.99 62.11
C ALA E 346 -19.31 1.73 61.28
N VAL E 347 -20.45 1.34 60.72
CA VAL E 347 -20.38 0.32 59.70
C VAL E 347 -21.06 0.71 58.39
N HIS E 348 -20.53 1.70 57.67
CA HIS E 348 -20.96 1.93 56.29
C HIS E 348 -20.06 1.15 55.32
N ILE E 349 -20.64 0.38 54.41
CA ILE E 349 -19.84 -0.19 53.34
C ILE E 349 -20.63 -0.05 52.04
N ASP E 350 -20.02 0.51 51.01
CA ASP E 350 -20.83 0.74 49.81
C ASP E 350 -20.61 -0.35 48.73
N TYR E 351 -21.60 -1.23 48.54
CA TYR E 351 -21.37 -2.43 47.73
C TYR E 351 -21.37 -2.11 46.26
N ASN E 352 -21.84 -0.93 45.97
CA ASN E 352 -21.75 -0.44 44.63
C ASN E 352 -20.31 -0.09 44.28
N CYS E 353 -19.48 0.12 45.27
CA CYS E 353 -18.14 0.57 45.01
C CYS E 353 -17.15 -0.53 45.02
N VAL E 354 -17.60 -1.75 44.82
CA VAL E 354 -16.74 -2.91 44.88
C VAL E 354 -16.35 -3.42 43.46
N PRO E 355 -15.06 -3.56 43.20
CA PRO E 355 -14.56 -4.04 41.93
C PRO E 355 -14.79 -5.53 41.72
N SER E 356 -14.80 -5.93 40.46
CA SER E 356 -14.76 -7.32 40.10
C SER E 356 -13.66 -7.30 39.10
N VAL E 357 -12.83 -8.33 39.07
CA VAL E 357 -11.75 -8.44 38.07
C VAL E 357 -11.61 -9.88 37.56
N ILE E 358 -11.66 -10.08 36.24
CA ILE E 358 -11.27 -11.38 35.66
C ILE E 358 -9.80 -11.33 35.31
N TYR E 359 -9.00 -12.26 35.80
CA TYR E 359 -7.56 -12.19 35.60
C TYR E 359 -7.00 -12.84 34.29
N THR E 360 -7.82 -13.01 33.27
CA THR E 360 -7.38 -13.67 32.07
C THR E 360 -6.54 -12.64 31.41
N HIS E 361 -6.13 -12.88 30.19
CA HIS E 361 -5.38 -11.89 29.42
C HIS E 361 -5.90 -11.91 28.02
N PRO E 362 -6.67 -10.87 27.61
CA PRO E 362 -6.76 -9.57 28.32
C PRO E 362 -7.52 -9.66 29.63
N GLU E 363 -7.33 -8.71 30.54
CA GLU E 363 -8.12 -8.76 31.78
C GLU E 363 -9.46 -8.09 31.64
N VAL E 364 -10.27 -8.20 32.67
CA VAL E 364 -11.57 -7.56 32.63
C VAL E 364 -11.72 -7.10 34.03
N ALA E 365 -12.08 -5.86 34.27
CA ALA E 365 -12.42 -5.39 35.61
C ALA E 365 -13.52 -4.32 35.48
N TRP E 366 -14.42 -4.20 36.45
CA TRP E 366 -15.43 -3.18 36.35
C TRP E 366 -15.93 -2.85 37.73
N VAL E 367 -16.62 -1.74 37.89
CA VAL E 367 -17.08 -1.29 39.22
C VAL E 367 -18.23 -0.36 39.01
N GLY E 368 -19.13 -0.26 39.99
CA GLY E 368 -20.40 0.41 39.73
C GLY E 368 -21.39 -0.28 38.81
N LYS E 369 -22.23 0.48 38.11
CA LYS E 369 -23.34 -0.16 37.38
C LYS E 369 -23.02 -0.44 35.91
N SER E 370 -23.70 -1.43 35.32
CA SER E 370 -23.60 -1.65 33.88
C SER E 370 -24.75 -1.01 33.12
N GLU E 371 -24.56 -0.84 31.80
CA GLU E 371 -25.65 -0.37 30.92
C GLU E 371 -27.01 -1.10 31.14
N GLU E 372 -27.02 -2.40 31.37
CA GLU E 372 -28.27 -3.10 31.60
C GLU E 372 -28.90 -2.75 32.95
N GLN E 373 -28.05 -2.53 33.94
CA GLN E 373 -28.64 -2.15 35.21
C GLN E 373 -29.14 -0.72 35.05
N LEU E 374 -28.33 0.15 34.44
CA LEU E 374 -28.70 1.54 34.41
C LEU E 374 -29.97 1.61 33.64
N LYS E 375 -30.17 0.64 32.79
CA LYS E 375 -31.32 0.73 31.96
C LYS E 375 -32.57 0.24 32.63
N GLU E 376 -32.49 -0.72 33.55
CA GLU E 376 -33.70 -1.23 34.20
C GLU E 376 -34.04 -0.27 35.29
N GLU E 377 -33.07 0.56 35.64
CA GLU E 377 -33.27 1.50 36.73
C GLU E 377 -34.02 2.73 36.27
N GLY E 378 -34.07 2.96 34.97
CA GLY E 378 -34.64 4.19 34.46
C GLY E 378 -33.65 5.34 34.51
N ILE E 379 -32.36 5.03 34.47
CA ILE E 379 -31.38 6.10 34.47
C ILE E 379 -30.87 6.60 33.09
N GLU E 380 -31.02 7.89 32.88
CA GLU E 380 -30.53 8.53 31.67
C GLU E 380 -29.02 8.69 31.77
N TYR E 381 -28.24 8.03 30.92
CA TYR E 381 -26.79 8.18 30.97
C TYR E 381 -26.16 8.37 29.61
N LYS E 382 -24.94 8.91 29.61
CA LYS E 382 -24.14 9.05 28.39
C LYS E 382 -22.96 8.11 28.53
N VAL E 383 -22.31 7.76 27.41
CA VAL E 383 -21.20 6.83 27.49
C VAL E 383 -19.94 7.29 26.73
N GLY E 384 -18.77 7.25 27.38
CA GLY E 384 -17.52 7.43 26.66
C GLY E 384 -16.66 6.13 26.59
N LYS E 385 -16.12 5.81 25.41
CA LYS E 385 -15.26 4.64 25.19
C LYS E 385 -13.90 5.05 24.65
N PHE E 386 -12.90 4.23 24.96
CA PHE E 386 -11.56 4.43 24.41
C PHE E 386 -10.94 3.10 24.17
N PRO E 387 -10.49 2.83 22.95
CA PRO E 387 -9.95 1.50 22.63
C PRO E 387 -8.50 1.45 23.02
N PHE E 388 -8.04 0.40 23.70
CA PHE E 388 -6.60 0.29 23.90
C PHE E 388 -5.73 0.50 22.67
N ALA E 389 -6.21 0.09 21.48
CA ALA E 389 -5.50 0.30 20.22
C ALA E 389 -5.02 1.69 20.02
N ALA E 390 -5.56 2.66 20.76
CA ALA E 390 -5.13 4.04 20.58
C ALA E 390 -4.38 4.63 21.80
N ASN E 391 -3.98 3.77 22.74
CA ASN E 391 -3.31 4.12 23.99
C ASN E 391 -1.84 3.91 23.80
N SER E 392 -1.03 4.93 24.10
CA SER E 392 0.35 4.82 23.71
C SER E 392 1.09 3.63 24.31
N ARG E 393 0.88 3.32 25.58
CA ARG E 393 1.66 2.28 26.22
C ARG E 393 1.19 0.96 25.72
N ALA E 394 -0.09 0.84 25.49
CA ALA E 394 -0.61 -0.41 24.99
C ALA E 394 0.03 -0.71 23.67
N LYS E 395 0.15 0.32 22.85
CA LYS E 395 0.60 0.24 21.46
C LYS E 395 2.07 -0.11 21.34
N THR E 396 2.86 0.49 22.20
CA THR E 396 4.26 0.18 22.34
C THR E 396 4.47 -1.23 22.80
N ASN E 397 3.65 -1.68 23.74
CA ASN E 397 3.86 -3.00 24.31
C ASN E 397 3.38 -4.06 23.37
N ALA E 398 2.64 -3.64 22.36
CA ALA E 398 2.04 -4.58 21.42
C ALA E 398 1.07 -5.42 22.16
N ASP E 399 0.20 -4.75 22.91
CA ASP E 399 -0.86 -5.45 23.63
C ASP E 399 -1.97 -4.44 23.51
N THR E 400 -2.91 -4.68 22.59
CA THR E 400 -3.78 -3.58 22.16
C THR E 400 -5.27 -3.96 22.07
N ASP E 401 -5.63 -5.11 22.64
CA ASP E 401 -7.03 -5.49 22.74
C ASP E 401 -7.82 -4.63 23.72
N GLY E 402 -9.10 -4.43 23.42
CA GLY E 402 -10.04 -3.90 24.39
C GLY E 402 -10.24 -2.40 24.49
N MET E 403 -10.93 -2.04 25.55
CA MET E 403 -11.29 -0.64 25.72
C MET E 403 -11.68 -0.40 27.13
N VAL E 404 -11.87 0.86 27.45
CA VAL E 404 -12.31 1.28 28.76
C VAL E 404 -13.65 1.84 28.45
N LYS E 405 -14.61 1.73 29.34
CA LYS E 405 -15.95 2.28 29.03
C LYS E 405 -16.49 2.91 30.28
N ILE E 406 -16.98 4.11 30.18
CA ILE E 406 -17.48 4.86 31.31
C ILE E 406 -18.97 5.25 31.13
N LEU E 407 -19.76 5.18 32.18
CA LEU E 407 -21.16 5.60 32.11
C LEU E 407 -21.22 6.78 33.05
N GLY E 408 -21.81 7.87 32.53
CA GLY E 408 -21.92 9.11 33.25
C GLY E 408 -23.39 9.40 33.30
N GLN E 409 -23.88 9.82 34.47
CA GLN E 409 -25.24 10.32 34.45
C GLN E 409 -25.33 11.58 33.49
N LYS E 410 -26.37 11.57 32.64
CA LYS E 410 -26.63 12.53 31.56
C LYS E 410 -26.62 14.01 31.94
N SER E 411 -27.16 14.34 33.12
CA SER E 411 -27.21 15.74 33.59
C SER E 411 -26.14 16.11 34.58
N THR E 412 -25.96 15.26 35.60
CA THR E 412 -24.96 15.54 36.61
C THR E 412 -23.53 15.26 36.13
N ASP E 413 -23.35 14.23 35.31
CA ASP E 413 -22.02 13.89 34.79
C ASP E 413 -21.26 13.03 35.79
N ARG E 414 -22.01 12.45 36.73
CA ARG E 414 -21.48 11.51 37.73
C ARG E 414 -21.16 10.11 37.15
N VAL E 415 -20.07 9.53 37.59
CA VAL E 415 -19.68 8.21 37.11
C VAL E 415 -20.54 7.04 37.72
N LEU E 416 -21.33 6.37 36.89
CA LEU E 416 -22.26 5.37 37.39
C LEU E 416 -21.61 4.01 37.28
N GLY E 417 -20.72 3.89 36.30
CA GLY E 417 -19.87 2.70 36.25
C GLY E 417 -18.63 2.81 35.34
N ALA E 418 -17.64 1.92 35.54
CA ALA E 418 -16.43 1.93 34.74
C ALA E 418 -16.02 0.56 34.44
N HIS E 419 -15.83 0.25 33.15
CA HIS E 419 -15.52 -1.14 32.78
C HIS E 419 -14.34 -1.25 31.86
N ILE E 420 -13.34 -2.04 32.21
CA ILE E 420 -12.11 -2.12 31.44
C ILE E 420 -12.00 -3.51 30.90
N LEU E 421 -11.91 -3.64 29.58
CA LEU E 421 -11.52 -4.89 28.99
C LEU E 421 -10.19 -4.62 28.37
N GLY E 422 -9.10 -5.18 28.89
CA GLY E 422 -7.78 -4.87 28.34
C GLY E 422 -6.54 -5.09 29.22
N PRO E 423 -5.36 -4.68 28.75
CA PRO E 423 -4.09 -4.61 29.51
C PRO E 423 -4.18 -4.12 30.94
N GLY E 424 -3.95 -4.99 31.93
CA GLY E 424 -3.88 -4.54 33.32
C GLY E 424 -5.08 -3.69 33.79
N ALA E 425 -6.28 -4.10 33.41
CA ALA E 425 -7.53 -3.58 33.98
C ALA E 425 -7.57 -3.71 35.50
N GLY E 426 -7.12 -4.85 36.02
CA GLY E 426 -7.26 -5.16 37.42
C GLY E 426 -6.65 -4.07 38.29
N GLU E 427 -5.53 -3.51 37.83
CA GLU E 427 -4.86 -2.42 38.55
C GLU E 427 -5.70 -1.16 38.40
N MET E 428 -6.11 -0.93 37.16
CA MET E 428 -6.81 0.30 36.75
C MET E 428 -8.13 0.50 37.47
N VAL E 429 -8.79 -0.59 37.85
CA VAL E 429 -10.16 -0.44 38.31
C VAL E 429 -10.10 0.18 39.67
N ASN E 430 -8.92 0.06 40.25
CA ASN E 430 -8.71 0.56 41.57
C ASN E 430 -8.77 2.08 41.57
N GLU E 431 -8.40 2.73 40.47
CA GLU E 431 -8.50 4.16 40.49
C GLU E 431 -9.94 4.44 40.26
N ALA E 432 -10.58 3.61 39.46
CA ALA E 432 -11.99 3.84 39.22
C ALA E 432 -12.73 3.75 40.54
N ALA E 433 -12.34 2.82 41.38
CA ALA E 433 -13.02 2.64 42.66
C ALA E 433 -12.91 3.93 43.49
N LEU E 434 -11.68 4.43 43.69
CA LEU E 434 -11.46 5.69 44.38
C LEU E 434 -12.32 6.78 43.74
N ALA E 435 -12.26 6.90 42.44
CA ALA E 435 -13.17 7.81 41.76
C ALA E 435 -14.62 7.70 42.24
N LEU E 436 -15.18 6.51 42.14
CA LEU E 436 -16.58 6.32 42.48
C LEU E 436 -16.89 6.59 43.94
N GLU E 437 -16.03 6.10 44.78
CA GLU E 437 -16.12 6.44 46.16
C GLU E 437 -16.22 7.95 46.40
N TYR E 438 -15.58 8.77 45.60
CA TYR E 438 -15.64 10.18 45.91
C TYR E 438 -16.78 10.82 45.19
N GLY E 439 -17.60 9.99 44.55
CA GLY E 439 -18.69 10.52 43.75
C GLY E 439 -18.19 11.39 42.61
N ALA E 440 -17.10 10.97 42.01
CA ALA E 440 -16.47 11.80 41.02
C ALA E 440 -17.37 11.96 39.80
N SER E 441 -17.09 12.95 38.97
CA SER E 441 -17.73 13.06 37.69
C SER E 441 -16.72 12.76 36.55
N CYS E 442 -17.19 12.56 35.34
CA CYS E 442 -16.25 12.34 34.30
C CYS E 442 -15.36 13.54 34.16
N GLU E 443 -15.84 14.78 34.32
CA GLU E 443 -14.96 15.92 34.22
C GLU E 443 -13.86 15.85 35.27
N ASP E 444 -14.12 15.28 36.43
CA ASP E 444 -13.09 15.30 37.48
C ASP E 444 -11.94 14.47 37.07
N ILE E 445 -12.19 13.36 36.35
CA ILE E 445 -11.16 12.35 36.16
C ILE E 445 -10.33 12.76 35.00
N ALA E 446 -11.01 13.26 33.98
CA ALA E 446 -10.34 13.81 32.79
C ALA E 446 -9.46 14.98 33.14
N ARG E 447 -9.93 15.77 34.08
CA ARG E 447 -9.21 16.89 34.59
C ARG E 447 -7.95 16.52 35.44
N VAL E 448 -7.67 15.25 35.61
CA VAL E 448 -6.57 14.77 36.48
C VAL E 448 -5.35 14.26 35.71
N CYS E 449 -4.20 14.79 36.07
CA CYS E 449 -3.05 14.55 35.23
C CYS E 449 -2.45 13.16 35.41
N HIS E 450 -2.67 12.21 34.48
CA HIS E 450 -2.21 10.80 34.54
C HIS E 450 -0.92 10.79 33.76
N ALA E 451 0.11 10.15 34.26
CA ALA E 451 1.37 10.05 33.54
C ALA E 451 1.33 9.48 32.09
N HIS E 452 2.23 9.97 31.24
CA HIS E 452 2.46 9.43 29.88
C HIS E 452 3.75 8.61 29.91
N PRO E 453 3.73 7.41 29.34
CA PRO E 453 2.57 6.78 28.75
C PRO E 453 2.15 5.60 29.65
N THR E 454 0.87 5.51 30.01
CA THR E 454 0.45 4.48 30.91
C THR E 454 -0.88 4.11 30.37
N LEU E 455 -1.27 2.85 30.61
CA LEU E 455 -2.57 2.32 30.20
C LEU E 455 -3.70 3.18 30.77
N SER E 456 -3.42 3.78 31.89
CA SER E 456 -4.38 4.52 32.62
C SER E 456 -4.82 5.74 31.89
N GLU E 457 -4.08 6.13 30.87
CA GLU E 457 -4.50 7.27 30.10
C GLU E 457 -5.78 6.92 29.36
N ALA E 458 -5.92 5.65 29.01
CA ALA E 458 -7.19 5.18 28.44
C ALA E 458 -8.37 5.45 29.39
N PHE E 459 -8.20 5.18 30.68
CA PHE E 459 -9.20 5.62 31.65
C PHE E 459 -9.49 7.14 31.53
N ARG E 460 -8.45 7.93 31.51
CA ARG E 460 -8.61 9.38 31.41
C ARG E 460 -9.40 9.74 30.20
N GLU E 461 -8.97 9.21 29.06
CA GLU E 461 -9.55 9.57 27.80
C GLU E 461 -10.99 9.21 27.71
N ALA E 462 -11.38 8.09 28.30
CA ALA E 462 -12.73 7.60 28.17
C ALA E 462 -13.62 8.55 28.93
N ASN E 463 -13.08 9.02 30.04
CA ASN E 463 -13.84 9.94 30.82
C ASN E 463 -13.95 11.26 30.09
N LEU E 464 -12.91 11.59 29.32
CA LEU E 464 -12.91 12.86 28.63
C LEU E 464 -13.96 12.81 27.53
N ALA E 465 -14.13 11.62 26.99
CA ALA E 465 -15.03 11.40 25.87
C ALA E 465 -16.43 11.40 26.44
N ALA E 466 -16.60 10.91 27.65
CA ALA E 466 -17.97 10.95 28.19
C ALA E 466 -18.29 12.38 28.54
N SER E 467 -17.45 12.96 29.38
CA SER E 467 -17.61 14.33 29.83
C SER E 467 -17.79 15.34 28.74
N PHE E 468 -16.88 15.42 27.77
CA PHE E 468 -16.87 16.52 26.78
C PHE E 468 -17.47 16.07 25.47
N GLY E 469 -17.67 14.77 25.32
CA GLY E 469 -18.31 14.25 24.12
C GLY E 469 -17.30 13.67 23.16
N LYS E 470 -16.02 13.68 23.51
CA LYS E 470 -15.02 13.12 22.63
C LYS E 470 -13.61 13.23 23.16
N SER E 471 -12.73 12.32 22.74
CA SER E 471 -11.43 12.32 23.36
C SER E 471 -10.49 13.03 22.47
N ILE E 472 -9.24 12.88 22.79
CA ILE E 472 -8.29 13.65 22.10
C ILE E 472 -7.50 12.70 21.21
N ASN E 473 -7.34 11.43 21.63
CA ASN E 473 -6.59 10.42 20.86
C ASN E 473 -7.34 9.41 20.00
N PHE E 474 -8.65 9.49 20.03
CA PHE E 474 -9.41 8.63 19.17
C PHE E 474 -10.71 9.28 18.86
N ALA F 1 5.77 31.15 -1.73
CA ALA F 1 5.40 30.10 -2.71
C ALA F 1 3.89 29.81 -2.71
N ASP F 2 3.35 29.38 -1.56
CA ASP F 2 1.90 29.14 -1.41
C ASP F 2 1.08 30.41 -0.98
N GLN F 3 -0.08 30.61 -1.60
CA GLN F 3 -1.12 31.56 -1.17
C GLN F 3 -1.33 31.47 0.36
N PRO F 4 -1.45 32.60 1.09
CA PRO F 4 -1.51 32.56 2.56
C PRO F 4 -2.82 32.00 3.15
N ILE F 5 -2.76 31.50 4.39
CA ILE F 5 -3.92 30.93 5.10
C ILE F 5 -4.22 31.58 6.43
N ASP F 6 -5.50 31.61 6.78
CA ASP F 6 -5.98 32.24 8.00
C ASP F 6 -6.26 31.19 9.04
N ALA F 7 -5.85 31.45 10.29
CA ALA F 7 -6.17 30.57 11.41
C ALA F 7 -6.51 31.39 12.62
N ASP F 8 -7.12 30.79 13.63
CA ASP F 8 -7.38 31.50 14.87
C ASP F 8 -6.24 31.16 15.82
N VAL F 9 -5.53 30.08 15.54
CA VAL F 9 -4.52 29.55 16.45
C VAL F 9 -3.53 28.85 15.57
N THR F 10 -2.26 29.14 15.73
CA THR F 10 -1.30 28.44 14.92
C THR F 10 -0.43 27.81 15.96
N VAL F 11 -0.18 26.52 15.88
CA VAL F 11 0.68 25.92 16.87
C VAL F 11 2.02 25.73 16.22
N ILE F 12 3.13 25.98 16.92
CA ILE F 12 4.45 25.54 16.40
C ILE F 12 4.96 24.29 17.16
N GLY F 13 4.93 23.15 16.50
CA GLY F 13 5.43 21.91 17.09
C GLY F 13 4.37 20.82 17.25
N SER F 14 4.74 19.57 17.18
CA SER F 14 3.67 18.59 17.25
C SER F 14 4.14 17.50 18.14
N GLY F 15 4.78 17.88 19.22
CA GLY F 15 5.15 16.95 20.23
C GLY F 15 3.84 16.79 20.91
N PRO F 16 3.80 16.07 22.05
CA PRO F 16 2.59 15.94 22.84
C PRO F 16 2.29 17.35 23.23
N GLY F 17 1.17 17.67 23.81
CA GLY F 17 1.10 19.09 24.11
C GLY F 17 0.95 19.99 22.87
N GLY F 18 1.96 20.05 22.02
CA GLY F 18 1.86 20.77 20.75
C GLY F 18 0.74 20.28 19.88
N TYR F 19 0.80 19.00 19.55
CA TYR F 19 -0.26 18.37 18.77
C TYR F 19 -1.56 18.15 19.56
N VAL F 20 -1.48 17.84 20.86
CA VAL F 20 -2.71 17.66 21.67
C VAL F 20 -3.53 18.93 21.73
N ALA F 21 -2.75 20.03 21.73
CA ALA F 21 -3.18 21.39 21.81
C ALA F 21 -3.87 21.75 20.52
N ALA F 22 -3.20 21.43 19.41
CA ALA F 22 -3.73 21.67 18.07
C ALA F 22 -5.16 21.09 17.91
N ILE F 23 -5.32 19.82 18.25
CA ILE F 23 -6.59 19.16 18.22
C ILE F 23 -7.66 19.74 19.17
N LYS F 24 -7.27 19.98 20.41
CA LYS F 24 -8.24 20.55 21.33
C LYS F 24 -8.80 21.83 20.67
N ALA F 25 -7.93 22.69 20.19
CA ALA F 25 -8.41 23.95 19.61
C ALA F 25 -9.38 23.74 18.44
N ALA F 26 -9.09 22.76 17.62
CA ALA F 26 -10.03 22.46 16.57
C ALA F 26 -11.30 21.93 17.20
N GLN F 27 -11.23 21.17 18.29
CA GLN F 27 -12.46 20.64 18.87
C GLN F 27 -13.26 21.76 19.57
N LEU F 28 -12.67 22.92 19.74
CA LEU F 28 -13.45 23.96 20.41
C LEU F 28 -14.00 24.93 19.38
N GLY F 29 -13.88 24.56 18.11
CA GLY F 29 -14.24 25.47 17.03
C GLY F 29 -13.19 26.48 16.50
N PHE F 30 -11.97 26.44 17.03
CA PHE F 30 -10.95 27.22 16.37
C PHE F 30 -10.51 26.57 15.05
N LYS F 31 -10.42 27.38 14.00
CA LYS F 31 -9.71 27.02 12.77
C LYS F 31 -8.23 27.06 13.10
N THR F 32 -7.53 25.96 12.89
CA THR F 32 -6.18 25.86 13.43
C THR F 32 -5.18 25.13 12.51
N VAL F 33 -3.91 25.56 12.59
CA VAL F 33 -2.81 25.03 11.81
C VAL F 33 -1.64 24.75 12.71
N CYS F 34 -0.95 23.67 12.40
CA CYS F 34 0.08 23.12 13.25
C CYS F 34 1.29 22.96 12.35
N ILE F 35 2.32 23.74 12.61
CA ILE F 35 3.55 23.64 11.86
C ILE F 35 4.51 22.66 12.53
N GLU F 36 5.03 21.67 11.80
CA GLU F 36 6.07 20.80 12.35
C GLU F 36 7.21 20.69 11.35
N LYS F 37 8.42 20.99 11.80
CA LYS F 37 9.56 21.03 10.91
C LYS F 37 10.00 19.64 10.45
N ASN F 38 9.75 18.62 11.23
CA ASN F 38 10.18 17.26 10.82
C ASN F 38 9.28 16.52 9.82
N GLU F 39 9.79 15.45 9.27
CA GLU F 39 8.99 14.70 8.31
C GLU F 39 7.78 14.06 9.00
N THR F 40 7.95 13.62 10.24
CA THR F 40 6.85 13.02 10.95
C THR F 40 6.35 13.87 12.12
N LEU F 41 5.10 13.62 12.54
CA LEU F 41 4.53 14.33 13.69
C LEU F 41 4.90 13.55 14.95
N GLY F 42 4.64 14.11 16.14
CA GLY F 42 4.76 13.33 17.35
C GLY F 42 5.88 13.78 18.28
N GLY F 43 6.65 14.77 17.80
CA GLY F 43 7.63 15.41 18.62
C GLY F 43 8.68 14.47 19.16
N THR F 44 9.43 14.90 20.15
CA THR F 44 10.53 14.11 20.59
C THR F 44 10.00 12.97 21.41
N CYS F 45 8.93 13.19 22.14
CA CYS F 45 8.39 12.06 22.91
C CYS F 45 8.17 10.72 22.10
N LEU F 46 7.65 10.87 20.87
CA LEU F 46 7.16 9.75 20.10
C LEU F 46 8.16 9.27 19.03
N ASN F 47 9.03 10.18 18.61
CA ASN F 47 10.02 9.87 17.62
C ASN F 47 11.35 9.41 18.13
N VAL F 48 11.77 9.82 19.31
CA VAL F 48 13.06 9.38 19.83
C VAL F 48 13.08 9.46 21.36
N GLY F 49 11.92 9.56 22.00
CA GLY F 49 11.84 9.69 23.42
C GLY F 49 11.13 8.57 24.12
N CYS F 50 10.02 8.91 24.77
CA CYS F 50 9.26 8.05 25.64
C CYS F 50 9.00 6.67 25.00
N ILE F 51 8.18 6.66 23.94
CA ILE F 51 7.86 5.47 23.14
C ILE F 51 9.02 4.56 22.71
N PRO F 52 10.03 5.05 22.02
CA PRO F 52 11.11 4.14 21.64
C PRO F 52 11.73 3.48 22.87
N SER F 53 11.99 4.26 23.91
CA SER F 53 12.72 3.68 25.05
C SER F 53 11.81 2.76 25.85
N LYS F 54 10.50 2.96 25.65
CA LYS F 54 9.50 2.18 26.30
C LYS F 54 9.46 0.82 25.63
N ALA F 55 9.68 0.79 24.31
CA ALA F 55 9.66 -0.49 23.62
C ALA F 55 10.86 -1.28 24.03
N LEU F 56 12.00 -0.61 24.09
CA LEU F 56 13.20 -1.35 24.33
C LEU F 56 13.13 -1.83 25.78
N LEU F 57 12.49 -1.02 26.62
CA LEU F 57 12.47 -1.41 28.02
C LEU F 57 11.66 -2.68 28.13
N ASN F 58 10.60 -2.74 27.35
CA ASN F 58 9.65 -3.81 27.48
C ASN F 58 10.31 -5.05 26.91
N ASN F 59 10.90 -4.90 25.73
CA ASN F 59 11.52 -6.05 25.11
C ASN F 59 12.73 -6.53 25.89
N SER F 60 13.57 -5.61 26.38
CA SER F 60 14.72 -6.00 27.15
C SER F 60 14.31 -6.67 28.43
N HIS F 61 13.20 -6.26 29.01
CA HIS F 61 12.84 -6.88 30.26
C HIS F 61 12.53 -8.33 29.95
N TYR F 62 11.75 -8.51 28.91
CA TYR F 62 11.32 -9.85 28.52
C TYR F 62 12.50 -10.75 28.22
N TYR F 63 13.44 -10.21 27.44
CA TYR F 63 14.59 -10.97 27.05
C TYR F 63 15.26 -11.37 28.32
N HIS F 64 15.17 -10.55 29.32
CA HIS F 64 15.86 -10.87 30.54
C HIS F 64 15.21 -11.97 31.33
N MET F 65 13.89 -11.93 31.54
CA MET F 65 13.17 -13.07 32.09
C MET F 65 13.43 -14.44 31.40
N ALA F 66 13.63 -14.47 30.11
CA ALA F 66 13.75 -15.72 29.42
C ALA F 66 15.20 -16.22 29.50
N HIS F 67 16.09 -15.26 29.46
CA HIS F 67 17.48 -15.59 29.37
C HIS F 67 18.11 -15.85 30.73
N GLY F 68 17.49 -15.33 31.78
CA GLY F 68 17.97 -15.54 33.13
C GLY F 68 17.21 -16.68 33.76
N LYS F 69 16.90 -16.56 35.05
CA LYS F 69 16.31 -17.67 35.77
C LYS F 69 14.81 -17.54 35.94
N ASP F 70 14.23 -16.39 35.60
CA ASP F 70 12.82 -16.18 35.87
C ASP F 70 12.00 -17.25 35.20
N PHE F 71 12.21 -17.43 33.92
CA PHE F 71 11.30 -18.26 33.17
C PHE F 71 11.55 -19.72 33.53
N ALA F 72 12.81 -20.01 33.78
CA ALA F 72 13.14 -21.38 34.06
C ALA F 72 12.41 -21.77 35.34
N SER F 73 12.48 -20.93 36.34
CA SER F 73 11.85 -21.22 37.63
C SER F 73 10.34 -21.42 37.56
N ARG F 74 9.73 -21.09 36.40
CA ARG F 74 8.29 -21.24 36.14
C ARG F 74 7.89 -22.49 35.31
N GLY F 75 8.80 -23.44 35.16
CA GLY F 75 8.55 -24.56 34.27
C GLY F 75 8.55 -24.29 32.77
N ILE F 76 9.14 -23.19 32.33
CA ILE F 76 9.26 -22.83 30.92
C ILE F 76 10.67 -23.20 30.42
N GLU F 77 10.96 -24.52 30.34
CA GLU F 77 12.24 -25.04 29.90
C GLU F 77 12.38 -24.66 28.44
N MET F 78 13.52 -24.02 28.13
CA MET F 78 13.77 -23.43 26.83
C MET F 78 15.12 -23.79 26.27
N SER F 79 15.16 -23.91 24.94
CA SER F 79 16.35 -24.22 24.14
C SER F 79 17.48 -23.32 24.59
N GLU F 80 17.77 -22.29 23.82
CA GLU F 80 18.78 -21.34 24.20
C GLU F 80 18.15 -20.11 23.74
N VAL F 81 18.20 -19.08 24.56
CA VAL F 81 17.54 -17.86 24.20
C VAL F 81 18.51 -17.03 23.48
N ARG F 82 18.15 -16.60 22.28
CA ARG F 82 19.05 -15.76 21.51
C ARG F 82 18.35 -14.47 21.24
N LEU F 83 19.13 -13.38 21.22
CA LEU F 83 18.67 -12.03 21.00
C LEU F 83 18.95 -11.68 19.58
N ASN F 84 17.94 -11.34 18.81
CA ASN F 84 18.17 -10.87 17.43
C ASN F 84 17.91 -9.39 17.44
N LEU F 85 18.93 -8.63 17.78
CA LEU F 85 18.77 -7.21 18.00
C LEU F 85 18.00 -6.46 16.91
N ASP F 86 18.31 -6.78 15.66
CA ASP F 86 17.46 -6.35 14.58
C ASP F 86 15.94 -6.37 14.78
N LYS F 87 15.38 -7.58 14.94
CA LYS F 87 13.95 -7.77 15.05
C LYS F 87 13.46 -7.03 16.26
N MET F 88 14.29 -6.97 17.29
CA MET F 88 13.85 -6.24 18.46
C MET F 88 13.64 -4.79 18.16
N MET F 89 14.58 -4.20 17.42
CA MET F 89 14.51 -2.76 17.06
C MET F 89 13.30 -2.58 16.17
N GLU F 90 13.12 -3.51 15.25
CA GLU F 90 12.08 -3.36 14.24
C GLU F 90 10.70 -3.37 14.88
N GLN F 91 10.52 -4.18 15.92
CA GLN F 91 9.31 -4.12 16.72
C GLN F 91 9.06 -2.73 17.35
N LYS F 92 10.11 -2.05 17.79
CA LYS F 92 10.00 -0.68 18.24
C LYS F 92 9.63 0.28 17.11
N SER F 93 10.32 0.17 15.98
CA SER F 93 10.09 1.10 14.88
C SER F 93 8.68 1.00 14.38
N THR F 94 8.11 -0.19 14.50
CA THR F 94 6.79 -0.52 14.00
C THR F 94 5.85 0.31 14.86
N ALA F 95 6.06 0.19 16.16
CA ALA F 95 5.21 0.86 17.13
C ALA F 95 5.22 2.32 16.81
N VAL F 96 6.41 2.89 16.68
CA VAL F 96 6.51 4.32 16.40
C VAL F 96 5.77 4.71 15.15
N LYS F 97 6.04 4.02 14.05
CA LYS F 97 5.31 4.33 12.86
C LYS F 97 3.80 4.32 13.09
N ALA F 98 3.26 3.28 13.74
CA ALA F 98 1.82 3.25 13.88
C ALA F 98 1.45 4.60 14.50
N LEU F 99 2.05 4.87 15.64
CA LEU F 99 1.56 5.99 16.39
C LEU F 99 1.78 7.31 15.60
N THR F 100 2.94 7.51 14.99
CA THR F 100 3.15 8.73 14.24
C THR F 100 2.03 8.92 13.19
N GLY F 101 1.56 7.80 12.66
CA GLY F 101 0.67 7.89 11.54
C GLY F 101 -0.67 8.09 12.17
N GLY F 102 -0.92 7.43 13.30
CA GLY F 102 -2.10 7.77 14.11
C GLY F 102 -2.35 9.28 14.30
N ILE F 103 -1.31 10.06 14.53
CA ILE F 103 -1.49 11.48 14.81
C ILE F 103 -1.88 12.19 13.55
N ALA F 104 -1.27 11.83 12.43
CA ALA F 104 -1.70 12.44 11.18
C ALA F 104 -3.18 12.22 11.03
N HIS F 105 -3.65 11.01 11.30
CA HIS F 105 -5.07 10.73 11.16
C HIS F 105 -6.01 11.54 12.10
N LEU F 106 -5.52 11.86 13.29
CA LEU F 106 -6.29 12.60 14.26
C LEU F 106 -6.41 14.00 13.78
N PHE F 107 -5.29 14.59 13.36
CA PHE F 107 -5.26 15.92 12.78
C PHE F 107 -6.21 15.96 11.61
N LYS F 108 -6.25 14.89 10.79
CA LYS F 108 -7.14 14.87 9.62
C LYS F 108 -8.63 14.90 9.97
N GLN F 109 -9.06 14.05 10.88
CA GLN F 109 -10.46 14.05 11.24
C GLN F 109 -10.87 15.20 12.09
N ASN F 110 -10.03 15.66 12.98
CA ASN F 110 -10.34 16.87 13.72
C ASN F 110 -10.14 18.13 12.90
N LYS F 111 -9.89 18.01 11.60
CA LYS F 111 -9.73 19.16 10.69
C LYS F 111 -8.65 20.15 11.06
N VAL F 112 -7.55 19.64 11.59
CA VAL F 112 -6.38 20.39 11.93
C VAL F 112 -5.60 20.35 10.65
N VAL F 113 -4.97 21.50 10.35
CA VAL F 113 -4.30 21.73 9.09
C VAL F 113 -2.82 21.66 9.32
N HIS F 114 -2.15 20.84 8.54
CA HIS F 114 -0.81 20.45 8.91
C HIS F 114 0.14 21.03 7.95
N VAL F 115 0.97 21.95 8.40
CA VAL F 115 2.03 22.49 7.56
C VAL F 115 3.44 21.95 7.87
N ASN F 116 4.07 21.28 6.91
CA ASN F 116 5.44 20.80 7.08
C ASN F 116 6.43 21.90 6.72
N GLY F 117 7.04 22.50 7.73
CA GLY F 117 8.03 23.52 7.48
C GLY F 117 8.56 24.09 8.77
N TYR F 118 9.45 25.07 8.65
CA TYR F 118 10.18 25.56 9.81
C TYR F 118 9.63 26.92 10.15
N GLY F 119 8.99 27.00 11.29
CA GLY F 119 8.27 28.19 11.67
C GLY F 119 9.16 29.26 12.23
N LYS F 120 8.92 30.49 11.79
CA LYS F 120 9.48 31.69 12.39
C LYS F 120 8.28 32.59 12.65
N ILE F 121 8.13 33.13 13.86
CA ILE F 121 7.12 34.15 14.08
C ILE F 121 7.62 35.41 13.38
N THR F 122 6.97 35.77 12.29
CA THR F 122 7.42 36.90 11.52
C THR F 122 6.54 38.14 11.71
N GLY F 123 5.97 38.29 12.91
CA GLY F 123 5.17 39.45 13.25
C GLY F 123 3.94 39.12 14.08
N LYS F 124 3.88 39.65 15.30
CA LYS F 124 2.75 39.49 16.22
C LYS F 124 1.71 38.51 15.71
N ASN F 125 1.10 38.78 14.53
CA ASN F 125 0.01 37.96 14.01
C ASN F 125 0.33 37.18 12.77
N GLN F 126 1.53 36.63 12.68
CA GLN F 126 1.94 35.94 11.48
C GLN F 126 3.08 34.96 11.71
N VAL F 127 3.06 33.83 11.00
CA VAL F 127 4.09 32.85 11.17
C VAL F 127 4.49 32.44 9.81
N THR F 128 5.77 32.22 9.57
CA THR F 128 6.23 31.85 8.23
C THR F 128 6.97 30.53 8.32
N ALA F 129 6.33 29.44 7.87
CA ALA F 129 6.97 28.14 7.90
C ALA F 129 7.82 28.15 6.67
N THR F 130 9.01 27.57 6.70
CA THR F 130 9.78 27.58 5.48
C THR F 130 10.30 26.18 5.16
N LYS F 131 9.77 25.58 4.08
CA LYS F 131 10.07 24.17 3.76
C LYS F 131 11.54 23.95 3.50
N ALA F 132 12.01 22.71 3.44
CA ALA F 132 13.46 22.54 3.34
C ALA F 132 14.01 22.71 1.91
N ASP F 133 13.11 22.95 0.95
CA ASP F 133 13.49 23.30 -0.43
C ASP F 133 13.13 24.76 -0.79
N GLY F 134 13.39 25.69 0.12
CA GLY F 134 13.16 27.09 -0.17
C GLY F 134 11.73 27.58 -0.37
N GLY F 135 10.74 26.69 -0.44
CA GLY F 135 9.34 27.12 -0.42
C GLY F 135 8.89 27.80 0.88
N THR F 136 7.73 28.44 0.87
CA THR F 136 7.34 29.34 1.96
C THR F 136 5.82 29.43 2.07
N GLN F 137 5.32 29.27 3.29
CA GLN F 137 3.87 29.28 3.58
C GLN F 137 3.61 30.29 4.67
N VAL F 138 2.81 31.31 4.40
CA VAL F 138 2.57 32.32 5.43
C VAL F 138 1.23 32.22 6.10
N ILE F 139 1.19 32.04 7.41
CA ILE F 139 -0.06 31.91 8.10
C ILE F 139 -0.33 33.20 8.81
N ASP F 140 -1.43 33.85 8.48
CA ASP F 140 -1.90 34.93 9.33
C ASP F 140 -2.82 34.39 10.43
N THR F 141 -2.46 34.66 11.66
CA THR F 141 -3.18 34.04 12.74
C THR F 141 -3.47 34.99 13.87
N LYS F 142 -4.63 34.80 14.47
CA LYS F 142 -5.08 35.58 15.59
C LYS F 142 -4.28 35.32 16.87
N ASN F 143 -3.94 34.07 17.15
CA ASN F 143 -3.07 33.75 18.31
C ASN F 143 -2.02 32.85 17.76
N ILE F 144 -0.85 32.79 18.38
CA ILE F 144 0.13 31.81 17.94
C ILE F 144 0.58 31.08 19.16
N LEU F 145 0.94 29.81 19.06
CA LEU F 145 1.26 28.99 20.24
C LEU F 145 2.62 28.30 20.11
N ILE F 146 3.61 28.67 20.91
CA ILE F 146 4.91 28.00 20.75
C ILE F 146 4.93 26.69 21.54
N ALA F 147 5.28 25.60 20.86
CA ALA F 147 5.42 24.30 21.53
C ALA F 147 6.65 23.59 20.97
N THR F 148 7.68 24.37 20.79
CA THR F 148 8.92 23.89 20.20
C THR F 148 9.73 22.86 21.05
N GLY F 149 9.46 22.74 22.33
CA GLY F 149 10.05 21.65 23.06
C GLY F 149 11.50 21.75 23.33
N SER F 150 12.16 20.61 23.43
CA SER F 150 13.53 20.56 23.90
C SER F 150 14.42 19.74 23.00
N GLU F 151 15.69 19.64 23.36
CA GLU F 151 16.70 18.91 22.59
C GLU F 151 17.86 18.63 23.50
N VAL F 152 18.70 17.66 23.12
CA VAL F 152 19.69 17.11 24.03
C VAL F 152 20.63 18.23 24.36
N THR F 153 21.06 18.24 25.64
CA THR F 153 22.02 19.19 26.16
C THR F 153 23.40 18.63 25.96
N PRO F 154 24.21 19.39 25.25
CA PRO F 154 25.51 18.93 24.83
C PRO F 154 26.54 19.00 25.95
N PHE F 155 27.50 18.10 25.92
CA PHE F 155 28.60 18.14 26.87
C PHE F 155 29.80 18.85 26.18
N PRO F 156 30.32 19.88 26.79
CA PRO F 156 31.38 20.63 26.09
C PRO F 156 32.67 19.83 26.19
N GLY F 157 33.31 19.63 25.03
CA GLY F 157 34.53 18.86 24.93
C GLY F 157 34.31 17.45 24.44
N ILE F 158 33.11 16.92 24.63
CA ILE F 158 32.75 15.61 24.08
C ILE F 158 31.75 15.79 22.94
N THR F 159 32.09 15.38 21.72
CA THR F 159 31.18 15.63 20.60
C THR F 159 30.37 14.39 20.28
N ILE F 160 29.04 14.48 20.34
CA ILE F 160 28.20 13.33 20.01
C ILE F 160 28.24 13.14 18.50
N ASP F 161 28.56 11.94 18.02
CA ASP F 161 28.60 11.74 16.57
C ASP F 161 27.59 10.70 16.23
N GLU F 162 26.89 10.26 17.27
CA GLU F 162 25.72 9.45 17.10
C GLU F 162 26.19 8.16 16.54
N ASP F 163 27.48 7.96 16.64
CA ASP F 163 28.12 6.73 16.20
C ASP F 163 28.50 5.85 17.40
N THR F 164 29.58 6.24 18.06
CA THR F 164 30.23 5.55 19.14
C THR F 164 30.08 6.41 20.41
N ILE F 165 29.89 7.72 20.24
CA ILE F 165 29.57 8.61 21.35
C ILE F 165 28.17 9.09 21.08
N VAL F 166 27.21 8.70 21.94
CA VAL F 166 25.79 8.77 21.57
C VAL F 166 24.97 9.58 22.55
N SER F 167 23.93 10.25 22.05
CA SER F 167 22.87 10.88 22.84
C SER F 167 21.79 9.84 23.05
N SER F 168 20.72 10.19 23.74
CA SER F 168 19.65 9.23 23.99
C SER F 168 19.16 8.66 22.68
N THR F 169 19.43 9.38 21.59
CA THR F 169 18.86 8.90 20.34
C THR F 169 19.69 7.79 19.64
N GLY F 170 21.02 7.95 19.62
CA GLY F 170 21.85 6.93 19.03
C GLY F 170 21.73 5.68 19.90
N ALA F 171 21.58 5.89 21.19
CA ALA F 171 21.59 4.84 22.16
C ALA F 171 20.36 3.95 22.00
N LEU F 172 19.33 4.50 21.39
CA LEU F 172 18.06 3.89 21.13
C LEU F 172 18.13 3.16 19.80
N SER F 173 19.29 3.23 19.14
CA SER F 173 19.44 2.56 17.87
C SER F 173 20.81 1.96 17.66
N LEU F 174 21.37 1.31 18.69
CA LEU F 174 22.67 0.68 18.48
C LEU F 174 22.44 -0.48 17.52
N LYS F 175 23.44 -0.85 16.72
CA LYS F 175 23.26 -1.99 15.85
C LYS F 175 23.87 -3.24 16.42
N LYS F 176 24.51 -3.12 17.58
CA LYS F 176 24.99 -4.29 18.28
C LYS F 176 25.05 -3.95 19.78
N VAL F 177 24.79 -4.94 20.62
CA VAL F 177 24.92 -4.79 22.05
C VAL F 177 26.38 -4.49 22.21
N PRO F 178 26.74 -3.38 22.82
CA PRO F 178 28.15 -3.03 22.98
C PRO F 178 28.72 -3.90 24.05
N GLU F 179 29.99 -4.23 24.01
CA GLU F 179 30.56 -5.13 25.02
C GLU F 179 30.55 -4.44 26.39
N LYS F 180 30.79 -3.13 26.35
CA LYS F 180 30.93 -2.30 27.53
C LYS F 180 30.36 -0.93 27.20
N MET F 181 29.68 -0.31 28.17
CA MET F 181 29.09 0.99 27.92
C MET F 181 29.06 1.89 29.12
N VAL F 182 29.52 3.12 28.91
CA VAL F 182 29.55 4.16 29.92
C VAL F 182 28.42 5.16 29.63
N VAL F 183 27.76 5.67 30.68
CA VAL F 183 26.60 6.54 30.53
C VAL F 183 26.89 7.67 31.44
N ILE F 184 26.89 8.87 30.89
CA ILE F 184 27.21 10.05 31.67
C ILE F 184 25.89 10.58 32.11
N GLY F 185 25.65 10.66 33.43
CA GLY F 185 24.35 11.09 33.94
C GLY F 185 23.50 9.90 34.34
N ALA F 186 23.15 9.83 35.58
CA ALA F 186 22.20 8.83 35.97
C ALA F 186 20.90 9.53 36.33
N GLY F 187 20.40 10.41 35.44
CA GLY F 187 19.03 10.88 35.54
C GLY F 187 18.10 9.73 35.12
N VAL F 188 16.86 10.07 34.77
CA VAL F 188 15.87 9.02 34.46
C VAL F 188 16.24 8.37 33.14
N ILE F 189 16.46 9.22 32.13
CA ILE F 189 16.78 8.78 30.78
C ILE F 189 18.03 7.92 30.85
N GLY F 190 19.05 8.44 31.51
CA GLY F 190 20.22 7.70 31.85
C GLY F 190 20.09 6.31 32.44
N VAL F 191 19.25 6.07 33.45
CA VAL F 191 19.19 4.69 33.95
C VAL F 191 18.26 3.78 33.16
N GLU F 192 17.44 4.37 32.32
CA GLU F 192 16.57 3.55 31.53
C GLU F 192 17.44 2.97 30.46
N LEU F 193 17.84 3.85 29.52
CA LEU F 193 18.74 3.44 28.47
C LEU F 193 19.80 2.51 29.04
N GLY F 194 20.59 3.01 29.99
CA GLY F 194 21.52 2.15 30.69
C GLY F 194 21.03 0.72 30.94
N SER F 195 19.84 0.61 31.49
CA SER F 195 19.27 -0.65 31.94
C SER F 195 18.88 -1.61 30.79
N VAL F 196 18.40 -1.05 29.70
CA VAL F 196 18.18 -1.86 28.54
C VAL F 196 19.45 -2.55 28.08
N TRP F 197 20.53 -1.84 27.85
CA TRP F 197 21.67 -2.50 27.28
C TRP F 197 22.22 -3.47 28.30
N GLN F 198 22.13 -3.05 29.56
CA GLN F 198 22.52 -3.92 30.66
C GLN F 198 21.82 -5.25 30.46
N ARG F 199 20.50 -5.21 30.36
CA ARG F 199 19.67 -6.43 30.24
C ARG F 199 20.06 -7.28 29.04
N LEU F 200 20.36 -6.63 27.90
CA LEU F 200 20.65 -7.39 26.72
C LEU F 200 22.06 -7.94 26.77
N GLY F 201 22.88 -7.50 27.73
CA GLY F 201 24.23 -8.04 27.79
C GLY F 201 25.38 -7.08 28.00
N ALA F 202 25.17 -5.79 27.78
CA ALA F 202 26.25 -4.85 27.96
C ALA F 202 26.73 -4.80 29.41
N ASP F 203 27.99 -4.41 29.59
CA ASP F 203 28.49 -4.05 30.91
C ASP F 203 28.35 -2.54 31.10
N VAL F 204 27.34 -2.14 31.86
CA VAL F 204 27.04 -0.73 32.01
C VAL F 204 27.54 -0.03 33.31
N THR F 205 27.96 1.23 33.19
CA THR F 205 28.43 2.04 34.32
C THR F 205 27.98 3.45 34.06
N ALA F 206 27.22 3.94 35.02
CA ALA F 206 26.61 5.24 34.95
C ALA F 206 27.39 6.07 35.96
N VAL F 207 27.88 7.20 35.46
CA VAL F 207 28.71 8.14 36.19
C VAL F 207 27.91 9.41 36.46
N GLU F 208 27.76 9.76 37.74
CA GLU F 208 26.86 10.83 38.13
C GLU F 208 27.58 11.82 39.00
N PHE F 209 27.25 13.09 38.77
CA PHE F 209 27.81 14.20 39.55
C PHE F 209 27.28 14.33 41.00
N LEU F 210 26.01 14.12 41.22
CA LEU F 210 25.44 14.10 42.58
C LEU F 210 25.49 12.73 43.33
N GLY F 211 24.73 12.67 44.43
CA GLY F 211 24.80 11.58 45.39
C GLY F 211 23.73 10.54 45.24
N HIS F 212 22.94 10.63 44.16
CA HIS F 212 21.90 9.65 43.91
C HIS F 212 21.54 9.46 42.42
N VAL F 213 20.91 8.33 42.13
CA VAL F 213 20.36 7.99 40.82
C VAL F 213 18.96 8.50 40.75
N GLY F 214 18.39 8.60 39.56
CA GLY F 214 17.03 9.10 39.43
C GLY F 214 17.06 10.61 39.32
N GLY F 215 15.98 11.24 38.92
CA GLY F 215 16.09 12.68 38.77
C GLY F 215 16.20 13.60 40.00
N VAL F 216 15.59 14.78 39.83
CA VAL F 216 15.32 15.74 40.90
C VAL F 216 13.97 15.33 41.50
N GLY F 217 13.79 15.65 42.78
CA GLY F 217 12.54 15.41 43.40
C GLY F 217 12.42 13.94 43.80
N ILE F 218 13.30 13.12 43.26
CA ILE F 218 13.28 11.72 43.62
C ILE F 218 13.43 11.77 45.11
N ASP F 219 12.71 10.90 45.81
CA ASP F 219 12.87 10.76 47.26
C ASP F 219 14.15 9.97 47.50
N MET F 220 14.93 10.41 48.48
CA MET F 220 16.21 9.81 48.84
C MET F 220 16.18 8.35 49.34
N GLU F 221 15.25 8.07 50.24
CA GLU F 221 15.10 6.72 50.68
C GLU F 221 14.85 5.78 49.49
N ILE F 222 13.96 6.12 48.56
CA ILE F 222 13.74 5.21 47.47
C ILE F 222 14.83 5.21 46.41
N SER F 223 15.44 6.35 46.13
CA SER F 223 16.59 6.39 45.22
C SER F 223 17.67 5.42 45.69
N LYS F 224 18.12 5.57 46.91
CA LYS F 224 18.98 4.58 47.58
C LYS F 224 18.56 3.13 47.41
N ASN F 225 17.29 2.81 47.63
CA ASN F 225 16.79 1.46 47.47
C ASN F 225 16.80 1.12 46.01
N PHE F 226 16.37 2.09 45.22
CA PHE F 226 16.33 1.88 43.79
C PHE F 226 17.72 1.50 43.38
N GLN F 227 18.67 2.42 43.52
CA GLN F 227 20.06 2.09 43.28
C GLN F 227 20.55 0.73 43.78
N ARG F 228 20.14 0.34 44.96
CA ARG F 228 20.64 -0.91 45.48
C ARG F 228 20.10 -2.08 44.67
N ILE F 229 18.93 -1.91 44.09
CA ILE F 229 18.35 -3.00 43.30
C ILE F 229 19.08 -3.08 41.95
N LEU F 230 19.28 -1.94 41.32
CA LEU F 230 19.93 -1.89 40.03
C LEU F 230 21.30 -2.51 40.11
N GLN F 231 22.05 -2.12 41.10
CA GLN F 231 23.35 -2.72 41.26
C GLN F 231 23.26 -4.22 41.45
N LYS F 232 22.18 -4.70 42.05
CA LYS F 232 22.07 -6.14 42.28
C LYS F 232 21.80 -6.85 40.97
N GLN F 233 21.29 -6.06 40.01
CA GLN F 233 21.09 -6.60 38.68
C GLN F 233 22.39 -6.61 37.88
N GLY F 234 23.44 -5.98 38.40
CA GLY F 234 24.71 -5.82 37.69
C GLY F 234 24.98 -4.42 37.13
N PHE F 235 24.04 -3.49 37.24
CA PHE F 235 24.24 -2.10 36.79
C PHE F 235 25.29 -1.41 37.71
N LYS F 236 26.37 -0.85 37.18
CA LYS F 236 27.33 -0.20 38.09
C LYS F 236 27.12 1.31 38.20
N PHE F 237 27.62 1.89 39.29
CA PHE F 237 27.39 3.33 39.47
C PHE F 237 28.60 4.04 40.00
N LYS F 238 28.85 5.23 39.50
CA LYS F 238 29.94 6.03 40.03
C LYS F 238 29.38 7.38 40.34
N LEU F 239 28.78 7.49 41.52
CA LEU F 239 28.17 8.74 41.98
C LEU F 239 29.24 9.65 42.56
N ASN F 240 28.86 10.91 42.78
CA ASN F 240 29.77 11.95 43.24
C ASN F 240 31.03 11.98 42.44
N THR F 241 30.89 11.91 41.12
CA THR F 241 32.01 11.81 40.19
C THR F 241 31.72 12.72 39.01
N LYS F 242 32.73 13.43 38.52
CA LYS F 242 32.51 14.25 37.34
C LYS F 242 33.36 13.73 36.21
N VAL F 243 33.01 14.03 34.97
CA VAL F 243 33.81 13.47 33.89
C VAL F 243 34.67 14.63 33.43
N THR F 244 35.99 14.48 33.45
CA THR F 244 36.87 15.53 32.92
C THR F 244 37.05 15.57 31.38
N GLY F 245 36.97 14.41 30.72
CA GLY F 245 37.07 14.34 29.28
C GLY F 245 36.95 12.91 28.77
N ALA F 246 37.06 12.77 27.45
CA ALA F 246 36.94 11.49 26.78
C ALA F 246 37.70 11.56 25.47
N THR F 247 38.49 10.54 25.15
CA THR F 247 39.10 10.51 23.81
C THR F 247 38.89 9.16 23.13
N LYS F 248 38.77 9.15 21.81
CA LYS F 248 38.54 7.92 21.11
C LYS F 248 39.87 7.24 20.92
N LYS F 249 40.02 6.02 21.44
CA LYS F 249 41.27 5.27 21.37
C LYS F 249 41.68 4.74 19.98
N SER F 250 42.87 4.18 19.93
CA SER F 250 43.40 3.69 18.66
C SER F 250 42.48 2.66 18.06
N ASP F 251 42.00 1.74 18.88
CA ASP F 251 41.17 0.65 18.44
C ASP F 251 39.68 0.89 18.59
N GLY F 252 39.22 2.11 18.33
CA GLY F 252 37.79 2.38 18.33
C GLY F 252 37.13 2.44 19.69
N LYS F 253 37.76 1.90 20.73
CA LYS F 253 37.24 2.04 22.10
C LYS F 253 37.18 3.51 22.53
N ILE F 254 36.47 3.79 23.63
CA ILE F 254 36.45 5.15 24.23
C ILE F 254 37.05 5.20 25.62
N ASP F 255 37.93 6.17 25.82
CA ASP F 255 38.47 6.43 27.14
C ASP F 255 37.87 7.69 27.75
N VAL F 256 37.37 7.53 28.98
CA VAL F 256 36.76 8.60 29.78
C VAL F 256 37.54 8.85 31.04
N SER F 257 37.88 10.09 31.31
CA SER F 257 38.61 10.42 32.50
C SER F 257 37.63 11.06 33.47
N ILE F 258 37.31 10.34 34.53
CA ILE F 258 36.41 10.89 35.49
C ILE F 258 37.32 11.33 36.60
N GLU F 259 36.75 12.00 37.61
CA GLU F 259 37.46 12.48 38.80
C GLU F 259 36.41 12.68 39.87
N ALA F 260 36.76 12.45 41.14
CA ALA F 260 35.84 12.73 42.25
C ALA F 260 35.27 14.14 42.12
N ALA F 261 34.02 14.32 42.54
CA ALA F 261 33.37 15.61 42.33
C ALA F 261 34.04 16.78 43.09
N SER F 262 34.15 16.64 44.41
CA SER F 262 34.80 17.62 45.28
C SER F 262 36.30 17.65 45.12
N GLY F 263 37.00 16.65 45.68
CA GLY F 263 38.44 16.46 45.49
C GLY F 263 38.84 16.10 44.06
N GLY F 264 39.80 15.18 43.90
CA GLY F 264 40.24 14.79 42.59
C GLY F 264 40.82 13.40 42.50
N LYS F 265 40.00 12.35 42.50
CA LYS F 265 40.51 10.98 42.33
C LYS F 265 40.66 10.62 40.86
N ALA F 266 41.74 11.11 40.23
CA ALA F 266 41.96 10.91 38.80
C ALA F 266 41.86 9.43 38.48
N GLU F 267 41.09 9.12 37.44
CA GLU F 267 40.79 7.74 37.13
C GLU F 267 40.39 7.70 35.66
N VAL F 268 40.54 6.55 35.03
CA VAL F 268 40.17 6.47 33.63
C VAL F 268 39.35 5.18 33.36
N ILE F 269 38.20 5.36 32.72
CA ILE F 269 37.32 4.28 32.34
C ILE F 269 37.31 4.19 30.81
N THR F 270 37.36 2.97 30.34
CA THR F 270 37.37 2.68 28.94
C THR F 270 36.01 2.01 28.57
N CYS F 271 35.45 2.26 27.40
CA CYS F 271 34.22 1.61 27.04
C CYS F 271 34.07 1.58 25.54
N ASP F 272 33.02 0.89 25.06
CA ASP F 272 32.78 0.68 23.63
C ASP F 272 31.80 1.73 23.09
N VAL F 273 30.94 2.24 23.97
CA VAL F 273 29.97 3.28 23.65
C VAL F 273 29.90 4.27 24.83
N LEU F 274 29.81 5.54 24.52
CA LEU F 274 29.62 6.55 25.53
C LEU F 274 28.25 7.23 25.28
N LEU F 275 27.38 7.20 26.30
CA LEU F 275 26.06 7.72 26.18
C LEU F 275 26.04 8.94 27.00
N VAL F 276 25.99 10.08 26.31
CA VAL F 276 26.00 11.38 26.93
C VAL F 276 24.60 11.89 27.16
N CYS F 277 24.05 11.70 28.36
CA CYS F 277 22.80 12.35 28.70
C CYS F 277 22.97 13.08 30.04
N ILE F 278 23.42 14.31 29.95
CA ILE F 278 23.54 15.06 31.16
C ILE F 278 22.38 16.01 31.31
N GLY F 279 21.64 16.18 30.25
CA GLY F 279 20.49 17.04 30.35
C GLY F 279 19.78 17.16 29.04
N ARG F 280 18.72 17.95 29.09
CA ARG F 280 17.87 18.19 27.98
C ARG F 280 17.51 19.67 28.10
N ARG F 281 17.38 20.46 27.02
CA ARG F 281 17.18 21.93 27.19
C ARG F 281 16.25 22.59 26.16
N PRO F 282 15.62 23.71 26.50
CA PRO F 282 14.51 24.25 25.72
C PRO F 282 15.02 24.66 24.38
N PHE F 283 14.16 24.60 23.37
CA PHE F 283 14.58 24.76 22.00
C PHE F 283 13.75 25.84 21.35
N THR F 284 14.46 26.86 20.84
CA THR F 284 13.85 28.11 20.45
C THR F 284 14.49 28.68 19.21
N LYS F 285 15.38 27.92 18.59
CA LYS F 285 16.18 28.49 17.49
C LYS F 285 15.35 28.89 16.30
N ASN F 286 15.77 29.97 15.63
CA ASN F 286 15.12 30.47 14.41
C ASN F 286 13.63 30.55 14.51
N LEU F 287 13.15 31.18 15.58
CA LEU F 287 11.72 31.24 15.83
C LEU F 287 11.38 32.67 15.77
N GLY F 288 12.44 33.47 15.88
CA GLY F 288 12.41 34.93 15.79
C GLY F 288 12.02 35.60 17.10
N LEU F 289 12.31 34.92 18.21
CA LEU F 289 11.95 35.42 19.51
C LEU F 289 12.68 36.75 19.79
N GLU F 290 13.88 36.89 19.25
CA GLU F 290 14.53 38.16 19.40
C GLU F 290 13.94 39.33 18.62
N GLU F 291 13.47 39.13 17.39
CA GLU F 291 12.87 40.24 16.66
C GLU F 291 11.63 40.74 17.36
N LEU F 292 11.08 39.94 18.27
CA LEU F 292 9.82 40.28 18.94
C LEU F 292 10.04 40.79 20.32
N GLY F 293 11.27 40.76 20.77
CA GLY F 293 11.58 41.26 22.08
C GLY F 293 11.05 40.42 23.21
N ILE F 294 10.94 39.10 22.99
CA ILE F 294 10.70 38.13 24.08
C ILE F 294 12.01 37.58 24.64
N GLU F 295 12.47 38.07 25.80
CA GLU F 295 13.66 37.48 26.44
C GLU F 295 13.29 36.13 27.06
N LEU F 296 14.24 35.20 27.00
CA LEU F 296 14.09 33.95 27.69
C LEU F 296 14.69 34.12 29.05
N ASP F 297 14.37 33.24 29.98
CA ASP F 297 14.97 33.29 31.29
C ASP F 297 16.39 32.75 31.16
N PRO F 298 17.25 32.93 32.17
CA PRO F 298 18.64 32.45 32.06
C PRO F 298 18.67 31.13 31.36
N ARG F 299 18.06 30.08 31.91
CA ARG F 299 18.15 28.74 31.33
C ARG F 299 17.59 28.47 29.93
N GLY F 300 17.12 29.48 29.21
CA GLY F 300 16.57 29.21 27.89
C GLY F 300 15.07 28.93 27.76
N ARG F 301 14.30 28.99 28.85
CA ARG F 301 12.85 28.87 28.80
C ARG F 301 12.21 30.19 28.52
N ILE F 302 11.15 30.17 27.72
CA ILE F 302 10.28 31.34 27.49
C ILE F 302 9.46 31.49 28.77
N PRO F 303 9.64 32.58 29.48
CA PRO F 303 8.85 32.79 30.70
C PRO F 303 7.40 33.06 30.25
N VAL F 304 6.39 32.68 31.03
CA VAL F 304 5.00 32.81 30.59
C VAL F 304 4.20 33.07 31.85
N ASN F 305 2.99 33.65 31.76
CA ASN F 305 2.13 33.76 32.95
C ASN F 305 1.29 32.50 33.20
N THR F 306 0.25 32.59 34.03
CA THR F 306 -0.59 31.41 34.34
C THR F 306 -1.55 31.02 33.23
N ARG F 307 -1.85 31.95 32.32
CA ARG F 307 -2.67 31.62 31.16
C ARG F 307 -1.76 31.21 30.00
N PHE F 308 -0.46 31.11 30.33
CA PHE F 308 0.63 30.58 29.49
C PHE F 308 0.95 31.53 28.42
N GLN F 309 0.61 32.80 28.62
CA GLN F 309 0.88 33.79 27.60
C GLN F 309 2.18 34.43 27.85
N THR F 310 2.91 34.66 26.78
CA THR F 310 4.17 35.34 26.93
C THR F 310 3.89 36.82 27.14
N LYS F 311 4.97 37.58 27.20
CA LYS F 311 4.89 39.03 27.23
C LYS F 311 3.99 39.61 26.14
N ILE F 312 4.01 39.15 24.91
CA ILE F 312 2.98 39.66 24.04
C ILE F 312 1.73 38.75 24.15
N PRO F 313 0.54 39.34 24.38
CA PRO F 313 -0.68 38.66 24.85
C PRO F 313 -1.32 37.57 24.02
N ASN F 314 -1.14 37.55 22.71
CA ASN F 314 -1.73 36.44 21.98
C ASN F 314 -0.75 35.28 21.74
N ILE F 315 0.52 35.47 22.12
CA ILE F 315 1.52 34.43 21.95
C ILE F 315 1.65 33.60 23.20
N TYR F 316 1.34 32.33 23.10
CA TYR F 316 1.32 31.52 24.27
C TYR F 316 2.48 30.61 24.10
N ALA F 317 2.79 29.81 25.11
CA ALA F 317 3.87 28.84 25.02
C ALA F 317 3.69 27.78 26.13
N ILE F 318 3.94 26.52 25.83
CA ILE F 318 3.80 25.47 26.83
C ILE F 318 4.69 24.33 26.43
N GLY F 319 4.87 23.39 27.32
CA GLY F 319 5.68 22.25 26.98
C GLY F 319 7.09 22.49 27.44
N ASP F 320 8.03 21.85 26.77
CA ASP F 320 9.37 21.75 27.30
C ASP F 320 10.12 23.06 27.24
N VAL F 321 9.59 24.02 26.47
CA VAL F 321 10.20 25.32 26.20
C VAL F 321 9.84 26.31 27.30
N VAL F 322 8.94 25.94 28.23
CA VAL F 322 8.56 26.81 29.39
C VAL F 322 8.94 26.19 30.70
N ALA F 323 8.63 26.85 31.80
CA ALA F 323 9.12 26.39 33.10
C ALA F 323 8.54 25.03 33.52
N GLY F 324 8.88 24.52 34.71
CA GLY F 324 8.28 23.29 35.23
C GLY F 324 9.01 22.04 34.80
N PRO F 325 8.54 20.84 35.20
CA PRO F 325 9.09 19.51 34.78
C PRO F 325 9.08 19.24 33.29
N MET F 326 10.10 18.59 32.73
CA MET F 326 10.06 18.23 31.32
C MET F 326 9.41 16.86 31.05
N LEU F 327 8.09 16.83 31.13
CA LEU F 327 7.41 15.56 30.92
C LEU F 327 6.39 15.69 29.81
N ALA F 328 6.02 14.56 29.25
CA ALA F 328 5.03 14.55 28.22
C ALA F 328 3.65 14.86 28.80
N HIS F 329 3.29 14.28 29.94
CA HIS F 329 1.90 14.43 30.40
C HIS F 329 1.73 15.86 30.78
N LYS F 330 2.82 16.49 31.14
CA LYS F 330 2.76 17.90 31.52
C LYS F 330 2.46 18.73 30.31
N ALA F 331 3.36 18.74 29.34
CA ALA F 331 3.15 19.42 28.07
C ALA F 331 1.73 19.32 27.65
N GLU F 332 1.22 18.09 27.67
CA GLU F 332 -0.08 17.77 27.10
C GLU F 332 -1.11 18.57 27.83
N ASP F 333 -0.98 18.68 29.16
CA ASP F 333 -1.98 19.40 29.97
C ASP F 333 -1.96 20.86 29.71
N GLU F 334 -0.75 21.43 29.68
CA GLU F 334 -0.60 22.81 29.38
C GLU F 334 -1.21 23.08 28.03
N GLY F 335 -0.88 22.22 27.09
CA GLY F 335 -1.46 22.31 25.77
C GLY F 335 -2.97 22.49 25.94
N ILE F 336 -3.61 21.46 26.47
CA ILE F 336 -5.03 21.53 26.63
C ILE F 336 -5.50 22.80 27.34
N ILE F 337 -5.07 23.03 28.58
CA ILE F 337 -5.72 24.03 29.41
C ILE F 337 -5.34 25.36 28.85
N CYS F 338 -4.19 25.43 28.19
CA CYS F 338 -3.81 26.67 27.59
C CYS F 338 -4.88 27.10 26.67
N VAL F 339 -5.12 26.35 25.60
CA VAL F 339 -6.11 26.70 24.57
C VAL F 339 -7.55 26.76 25.10
N GLU F 340 -7.83 25.94 26.12
CA GLU F 340 -9.12 25.99 26.74
C GLU F 340 -9.23 27.32 27.45
N GLY F 341 -8.08 27.91 27.72
CA GLY F 341 -7.97 29.27 28.21
C GLY F 341 -8.34 30.28 27.15
N MET F 342 -7.82 30.10 25.94
CA MET F 342 -8.04 31.10 24.90
C MET F 342 -9.50 31.14 24.65
N ALA F 343 -10.20 30.12 25.11
CA ALA F 343 -11.59 30.06 24.81
C ALA F 343 -12.52 30.57 25.94
N GLY F 344 -11.95 31.26 26.94
CA GLY F 344 -12.75 31.83 28.02
C GLY F 344 -12.59 31.00 29.28
N GLY F 345 -12.28 29.71 29.12
CA GLY F 345 -12.09 28.81 30.25
C GLY F 345 -11.18 29.28 31.36
N ALA F 346 -11.18 28.56 32.48
CA ALA F 346 -10.21 28.77 33.58
C ALA F 346 -8.83 28.19 33.25
N VAL F 347 -7.84 28.47 34.07
CA VAL F 347 -6.51 27.95 33.78
C VAL F 347 -5.84 27.46 35.01
N HIS F 348 -6.38 26.45 35.68
CA HIS F 348 -5.63 25.97 36.86
C HIS F 348 -4.85 24.69 36.54
N ILE F 349 -3.62 24.61 37.04
CA ILE F 349 -2.76 23.42 36.92
C ILE F 349 -1.89 23.15 38.17
N ASP F 350 -2.00 21.97 38.75
CA ASP F 350 -1.30 21.79 40.02
C ASP F 350 -0.05 20.92 39.93
N TYR F 351 1.10 21.58 39.87
CA TYR F 351 2.39 20.90 39.67
C TYR F 351 2.74 19.93 40.80
N ASN F 352 2.10 20.08 41.92
CA ASN F 352 2.41 19.15 42.95
C ASN F 352 1.76 17.80 42.73
N CYS F 353 0.85 17.74 41.77
CA CYS F 353 0.17 16.48 41.49
C CYS F 353 0.62 15.89 40.17
N VAL F 354 1.68 16.41 39.57
CA VAL F 354 2.15 15.74 38.38
C VAL F 354 3.10 14.58 38.78
N PRO F 355 2.79 13.39 38.27
CA PRO F 355 3.52 12.16 38.58
C PRO F 355 4.78 12.10 37.77
N SER F 356 5.73 11.31 38.23
CA SER F 356 6.92 11.06 37.44
C SER F 356 7.09 9.58 37.53
N VAL F 357 7.59 8.97 36.45
CA VAL F 357 7.75 7.52 36.44
C VAL F 357 9.08 7.11 35.87
N ILE F 358 9.69 6.05 36.39
CA ILE F 358 10.89 5.56 35.77
C ILE F 358 10.56 4.14 35.28
N TYR F 359 10.50 3.86 33.97
CA TYR F 359 10.12 2.53 33.51
C TYR F 359 11.22 1.43 33.49
N THR F 360 12.13 1.45 34.43
CA THR F 360 12.97 0.31 34.59
C THR F 360 12.09 -0.78 35.23
N HIS F 361 12.70 -1.88 35.65
CA HIS F 361 12.02 -2.88 36.43
C HIS F 361 13.02 -3.43 37.48
N PRO F 362 12.76 -3.20 38.77
CA PRO F 362 11.53 -2.57 39.27
C PRO F 362 11.29 -1.16 38.72
N GLU F 363 10.03 -0.67 38.76
CA GLU F 363 9.71 0.71 38.31
C GLU F 363 9.71 1.71 39.45
N VAL F 364 9.79 3.00 39.14
CA VAL F 364 9.75 4.02 40.17
C VAL F 364 8.78 5.13 39.75
N ALA F 365 8.00 5.58 40.71
CA ALA F 365 7.06 6.62 40.41
C ALA F 365 6.63 7.29 41.68
N TRP F 366 6.41 8.58 41.57
CA TRP F 366 6.07 9.31 42.74
C TRP F 366 5.42 10.57 42.25
N VAL F 367 4.70 11.18 43.19
CA VAL F 367 3.95 12.40 43.00
C VAL F 367 3.85 12.98 44.41
N GLY F 368 3.79 14.29 44.54
CA GLY F 368 3.65 14.86 45.84
C GLY F 368 5.04 15.29 46.23
N LYS F 369 5.47 15.05 47.47
CA LYS F 369 6.73 15.62 47.90
C LYS F 369 7.64 14.59 48.55
N SER F 370 8.95 14.71 48.35
CA SER F 370 9.87 13.79 49.03
C SER F 370 10.05 14.19 50.44
N GLU F 371 10.50 13.29 51.29
CA GLU F 371 10.87 13.68 52.65
C GLU F 371 11.70 14.94 52.63
N GLU F 372 12.66 15.04 51.74
CA GLU F 372 13.58 16.16 51.82
C GLU F 372 12.92 17.49 51.49
N GLN F 373 11.93 17.45 50.60
CA GLN F 373 11.10 18.62 50.30
C GLN F 373 10.38 18.97 51.58
N LEU F 374 9.83 17.97 52.26
CA LEU F 374 9.03 18.21 53.46
C LEU F 374 9.86 18.72 54.62
N LYS F 375 10.94 18.02 54.90
CA LYS F 375 11.88 18.44 55.91
C LYS F 375 12.42 19.86 55.66
N GLU F 376 12.58 20.26 54.41
CA GLU F 376 13.19 21.56 54.17
C GLU F 376 12.15 22.65 54.17
N GLU F 377 10.88 22.25 54.19
CA GLU F 377 9.73 23.17 54.26
C GLU F 377 9.21 23.17 55.66
N GLY F 378 9.85 22.43 56.55
CA GLY F 378 9.47 22.42 57.95
C GLY F 378 8.09 21.89 58.23
N ILE F 379 7.56 21.07 57.33
CA ILE F 379 6.24 20.47 57.54
C ILE F 379 6.38 19.23 58.41
N GLU F 380 5.55 19.10 59.43
CA GLU F 380 5.54 17.91 60.30
C GLU F 380 4.69 16.79 59.69
N TYR F 381 5.31 15.65 59.34
CA TYR F 381 4.62 14.54 58.68
C TYR F 381 4.86 13.25 59.41
N LYS F 382 4.09 12.22 59.06
CA LYS F 382 4.36 10.86 59.48
C LYS F 382 4.60 10.05 58.21
N VAL F 383 4.95 8.76 58.33
CA VAL F 383 5.17 7.96 57.13
C VAL F 383 4.71 6.56 57.21
N GLY F 384 3.95 6.15 56.18
CA GLY F 384 3.51 4.77 55.99
C GLY F 384 4.25 3.98 54.91
N LYS F 385 4.85 2.85 55.31
CA LYS F 385 5.58 1.96 54.40
C LYS F 385 4.99 0.57 54.30
N PHE F 386 4.76 0.13 53.05
CA PHE F 386 4.35 -1.24 52.78
C PHE F 386 5.25 -1.94 51.75
N PRO F 387 5.86 -3.06 52.15
CA PRO F 387 6.81 -3.82 51.32
C PRO F 387 6.11 -4.73 50.32
N PHE F 388 6.51 -4.64 49.05
CA PHE F 388 5.87 -5.47 48.06
C PHE F 388 5.93 -6.95 48.39
N ALA F 389 6.94 -7.36 49.14
CA ALA F 389 7.13 -8.75 49.50
C ALA F 389 5.96 -9.26 50.35
N ALA F 390 5.18 -8.32 50.91
CA ALA F 390 3.97 -8.63 51.64
C ALA F 390 2.67 -8.50 50.79
N ASN F 391 2.79 -8.22 49.50
CA ASN F 391 1.65 -7.97 48.66
C ASN F 391 1.38 -9.26 47.97
N SER F 392 0.13 -9.70 47.99
CA SER F 392 -0.22 -11.01 47.51
C SER F 392 -0.07 -11.13 46.00
N ARG F 393 -0.47 -10.14 45.24
CA ARG F 393 -0.28 -10.28 43.81
C ARG F 393 1.22 -10.45 43.57
N ALA F 394 1.98 -9.42 43.91
CA ALA F 394 3.41 -9.41 43.72
C ALA F 394 4.04 -10.69 44.22
N LYS F 395 3.51 -11.34 45.23
CA LYS F 395 4.21 -12.53 45.72
C LYS F 395 3.91 -13.80 44.90
N THR F 396 2.72 -13.91 44.33
CA THR F 396 2.44 -15.09 43.51
C THR F 396 3.07 -14.98 42.10
N ASN F 397 3.34 -13.75 41.68
CA ASN F 397 4.01 -13.48 40.42
C ASN F 397 5.52 -13.51 40.62
N ALA F 398 5.95 -13.86 41.83
CA ALA F 398 7.36 -13.99 42.14
C ALA F 398 8.11 -12.70 41.97
N ASP F 399 7.39 -11.58 41.85
CA ASP F 399 8.05 -10.30 41.64
C ASP F 399 8.00 -9.31 42.86
N THR F 400 8.79 -9.54 43.92
CA THR F 400 8.59 -8.84 45.20
C THR F 400 9.43 -7.59 45.50
N ASP F 401 10.22 -7.12 44.54
CA ASP F 401 11.09 -5.93 44.79
C ASP F 401 10.28 -4.71 45.22
N GLY F 402 10.77 -4.04 46.27
CA GLY F 402 10.31 -2.71 46.63
C GLY F 402 9.21 -2.50 47.67
N MET F 403 8.69 -1.28 47.69
CA MET F 403 7.71 -0.86 48.67
C MET F 403 6.95 0.35 48.18
N VAL F 404 5.87 0.65 48.90
CA VAL F 404 5.18 1.88 48.75
C VAL F 404 5.35 2.74 49.99
N LYS F 405 5.78 3.98 49.80
CA LYS F 405 6.00 4.84 50.95
C LYS F 405 5.12 6.00 50.75
N ILE F 406 4.23 6.27 51.71
CA ILE F 406 3.35 7.43 51.60
C ILE F 406 3.70 8.36 52.77
N LEU F 407 3.71 9.67 52.55
CA LEU F 407 3.93 10.62 53.61
C LEU F 407 2.75 11.56 53.81
N GLY F 408 2.24 11.66 55.02
CA GLY F 408 1.14 12.57 55.25
C GLY F 408 1.30 13.49 56.45
N GLN F 409 0.66 14.66 56.39
CA GLN F 409 0.68 15.65 57.47
C GLN F 409 0.23 14.95 58.76
N LYS F 410 0.95 15.25 59.86
CA LYS F 410 0.79 14.54 61.13
C LYS F 410 -0.56 14.79 61.79
N SER F 411 -1.15 15.95 61.56
CA SER F 411 -2.38 16.30 62.27
C SER F 411 -3.60 16.16 61.35
N THR F 412 -3.57 16.84 60.18
CA THR F 412 -4.65 16.77 59.17
C THR F 412 -4.72 15.34 58.63
N ASP F 413 -3.55 14.73 58.47
CA ASP F 413 -3.41 13.36 58.02
C ASP F 413 -3.53 13.31 56.53
N ARG F 414 -3.46 14.48 55.91
CA ARG F 414 -3.57 14.58 54.47
C ARG F 414 -2.34 13.91 53.84
N VAL F 415 -2.51 13.29 52.68
CA VAL F 415 -1.35 12.73 51.98
C VAL F 415 -0.62 13.90 51.32
N LEU F 416 0.71 13.84 51.31
CA LEU F 416 1.50 14.94 50.82
C LEU F 416 2.42 14.50 49.74
N GLY F 417 2.56 13.17 49.65
CA GLY F 417 3.42 12.47 48.68
C GLY F 417 3.28 10.95 48.74
N ALA F 418 3.25 10.30 47.58
CA ALA F 418 3.23 8.85 47.52
C ALA F 418 4.38 8.49 46.66
N HIS F 419 5.05 7.41 47.04
CA HIS F 419 6.31 7.05 46.42
C HIS F 419 6.35 5.53 46.31
N ILE F 420 6.64 5.06 45.10
CA ILE F 420 6.51 3.64 44.84
C ILE F 420 7.71 3.08 44.13
N LEU F 421 8.27 2.01 44.68
CA LEU F 421 9.28 1.33 43.96
C LEU F 421 8.88 -0.14 43.89
N GLY F 422 8.76 -0.67 42.68
CA GLY F 422 8.28 -2.03 42.55
C GLY F 422 7.38 -2.18 41.36
N PRO F 423 6.89 -3.39 41.22
CA PRO F 423 6.12 -3.81 40.05
C PRO F 423 4.86 -2.97 39.90
N GLY F 424 4.65 -2.37 38.71
CA GLY F 424 3.36 -1.72 38.47
C GLY F 424 3.31 -0.32 39.00
N ALA F 425 4.45 0.23 39.40
CA ALA F 425 4.45 1.57 39.96
C ALA F 425 3.89 2.57 38.96
N GLY F 426 4.02 2.30 37.68
CA GLY F 426 3.72 3.39 36.79
C GLY F 426 2.24 3.54 36.65
N GLU F 427 1.53 2.42 36.76
CA GLU F 427 0.07 2.46 36.64
C GLU F 427 -0.52 2.88 38.01
N MET F 428 0.11 2.39 39.08
CA MET F 428 -0.30 2.59 40.47
C MET F 428 -0.25 4.01 40.90
N VAL F 429 0.78 4.75 40.45
CA VAL F 429 0.87 6.18 40.78
C VAL F 429 -0.30 7.06 40.32
N ASN F 430 -1.17 6.62 39.41
CA ASN F 430 -2.19 7.57 38.97
C ASN F 430 -3.34 7.54 39.92
N GLU F 431 -3.39 6.48 40.70
CA GLU F 431 -4.45 6.40 41.64
C GLU F 431 -4.03 7.38 42.68
N ALA F 432 -2.73 7.51 42.87
CA ALA F 432 -2.25 8.40 43.93
C ALA F 432 -2.38 9.82 43.43
N ALA F 433 -2.15 10.01 42.14
CA ALA F 433 -2.22 11.34 41.59
C ALA F 433 -3.67 11.74 41.65
N LEU F 434 -4.57 10.78 41.66
CA LEU F 434 -5.96 11.15 41.71
C LEU F 434 -6.37 11.49 43.12
N ALA F 435 -5.83 10.77 44.08
CA ALA F 435 -6.17 11.02 45.45
C ALA F 435 -5.68 12.41 45.86
N LEU F 436 -4.49 12.80 45.41
CA LEU F 436 -4.00 14.18 45.58
C LEU F 436 -4.98 15.22 45.06
N GLU F 437 -5.57 14.94 43.92
CA GLU F 437 -6.43 15.91 43.31
C GLU F 437 -7.59 16.21 44.20
N TYR F 438 -8.11 15.16 44.86
CA TYR F 438 -9.24 15.31 45.74
C TYR F 438 -8.75 15.77 47.06
N GLY F 439 -7.43 15.98 47.18
CA GLY F 439 -6.80 16.32 48.45
C GLY F 439 -7.12 15.34 49.55
N ALA F 440 -6.90 14.06 49.32
CA ALA F 440 -7.33 13.07 50.30
C ALA F 440 -6.39 13.01 51.46
N SER F 441 -6.84 12.21 52.43
CA SER F 441 -6.04 11.81 53.57
C SER F 441 -5.77 10.34 53.46
N CYS F 442 -4.81 9.87 54.24
CA CYS F 442 -4.46 8.47 54.31
C CYS F 442 -5.67 7.59 54.60
N GLU F 443 -6.54 8.04 55.49
CA GLU F 443 -7.72 7.28 55.77
C GLU F 443 -8.65 7.14 54.59
N ASP F 444 -8.91 8.23 53.86
CA ASP F 444 -9.76 8.13 52.68
C ASP F 444 -9.31 7.04 51.81
N ILE F 445 -8.00 6.98 51.57
CA ILE F 445 -7.44 5.94 50.74
C ILE F 445 -7.53 4.55 51.32
N ALA F 446 -7.31 4.40 52.63
CA ALA F 446 -7.39 3.09 53.24
C ALA F 446 -8.84 2.58 53.22
N ARG F 447 -9.79 3.50 53.25
CA ARG F 447 -11.21 3.18 53.26
C ARG F 447 -11.73 2.60 51.95
N VAL F 448 -11.17 3.03 50.82
CA VAL F 448 -11.62 2.52 49.54
C VAL F 448 -11.44 1.02 49.40
N CYS F 449 -12.39 0.37 48.75
CA CYS F 449 -12.26 -1.04 48.54
C CYS F 449 -11.40 -1.35 47.31
N HIS F 450 -10.17 -1.85 47.49
CA HIS F 450 -9.27 -2.21 46.39
C HIS F 450 -9.40 -3.69 46.06
N ALA F 451 -9.25 -4.04 44.79
CA ALA F 451 -9.41 -5.41 44.36
C ALA F 451 -8.31 -6.33 44.92
N HIS F 452 -8.69 -7.55 45.32
CA HIS F 452 -7.70 -8.54 45.77
C HIS F 452 -7.69 -9.76 44.88
N PRO F 453 -6.51 -10.14 44.39
CA PRO F 453 -5.25 -9.51 44.78
C PRO F 453 -4.70 -8.62 43.68
N THR F 454 -4.12 -7.51 44.05
CA THR F 454 -3.56 -6.56 43.07
C THR F 454 -2.43 -5.85 43.77
N LEU F 455 -1.58 -5.31 42.91
CA LEU F 455 -0.44 -4.57 43.37
C LEU F 455 -0.94 -3.33 44.19
N SER F 456 -2.01 -2.68 43.74
CA SER F 456 -2.65 -1.61 44.46
C SER F 456 -2.87 -1.78 45.96
N GLU F 457 -3.23 -2.99 46.40
CA GLU F 457 -3.49 -3.22 47.82
C GLU F 457 -2.31 -2.71 48.65
N ALA F 458 -1.11 -2.86 48.11
CA ALA F 458 0.06 -2.35 48.76
C ALA F 458 -0.03 -0.88 48.94
N PHE F 459 -0.68 -0.20 48.02
CA PHE F 459 -0.80 1.23 48.15
C PHE F 459 -1.80 1.55 49.24
N ARG F 460 -2.81 0.70 49.37
CA ARG F 460 -3.84 0.88 50.38
C ARG F 460 -3.15 0.68 51.67
N GLU F 461 -2.42 -0.42 51.79
CA GLU F 461 -1.97 -0.86 53.11
C GLU F 461 -1.03 0.15 53.74
N ALA F 462 -0.34 0.91 52.90
CA ALA F 462 0.73 1.74 53.42
C ALA F 462 -0.06 2.85 53.86
N ASN F 463 -0.99 3.29 53.03
CA ASN F 463 -1.85 4.36 53.48
C ASN F 463 -2.54 4.08 54.82
N LEU F 464 -3.02 2.86 54.98
CA LEU F 464 -3.61 2.47 56.24
C LEU F 464 -2.49 2.60 57.31
N ALA F 465 -1.39 1.89 57.15
CA ALA F 465 -0.26 2.05 58.05
C ALA F 465 0.12 3.51 58.35
N ALA F 466 0.00 4.43 57.40
CA ALA F 466 0.23 5.82 57.80
C ALA F 466 -0.78 6.38 58.81
N SER F 467 -2.09 6.18 58.58
CA SER F 467 -3.11 6.82 59.42
C SER F 467 -3.30 6.06 60.74
N PHE F 468 -4.03 4.95 60.74
CA PHE F 468 -4.02 4.01 61.88
C PHE F 468 -2.52 3.70 62.06
N GLY F 469 -2.06 3.23 63.21
CA GLY F 469 -0.62 2.98 63.34
C GLY F 469 0.13 1.90 62.52
N LYS F 470 -0.61 0.92 62.01
CA LYS F 470 -0.13 -0.33 61.39
C LYS F 470 -1.17 -1.01 60.47
N SER F 471 -0.75 -1.86 59.55
CA SER F 471 -1.70 -2.46 58.63
C SER F 471 -1.88 -3.92 58.92
N ILE F 472 -2.72 -4.60 58.14
CA ILE F 472 -3.02 -5.97 58.50
C ILE F 472 -1.94 -6.92 58.09
N ASN F 473 -1.46 -6.81 56.87
CA ASN F 473 -0.60 -7.88 56.37
C ASN F 473 0.88 -7.62 56.67
N PHE F 474 1.11 -6.59 57.47
CA PHE F 474 2.48 -6.21 57.80
C PHE F 474 2.51 -5.05 58.87
N ALA G 1 -41.99 34.14 -47.33
CA ALA G 1 -43.49 34.07 -47.35
C ALA G 1 -44.01 32.63 -47.46
N ASP G 2 -43.56 31.73 -46.57
CA ASP G 2 -44.04 30.33 -46.52
C ASP G 2 -45.52 30.23 -46.07
N GLN G 3 -46.38 29.64 -46.91
CA GLN G 3 -47.83 29.56 -46.66
C GLN G 3 -48.23 28.55 -45.55
N PRO G 4 -49.51 28.48 -45.17
CA PRO G 4 -49.94 27.60 -44.07
C PRO G 4 -49.72 26.12 -44.39
N ILE G 5 -49.44 25.27 -43.39
CA ILE G 5 -49.34 23.81 -43.59
C ILE G 5 -50.39 23.13 -42.76
N ASP G 6 -50.88 21.99 -43.21
CA ASP G 6 -51.89 21.27 -42.43
C ASP G 6 -51.28 20.20 -41.58
N ALA G 7 -51.90 19.88 -40.44
CA ALA G 7 -51.29 18.81 -39.65
C ALA G 7 -52.22 17.94 -38.81
N ASP G 8 -51.82 16.72 -38.52
CA ASP G 8 -52.54 15.94 -37.53
C ASP G 8 -51.96 16.32 -36.19
N VAL G 9 -50.63 16.38 -36.14
CA VAL G 9 -49.97 16.63 -34.88
C VAL G 9 -48.84 17.64 -35.05
N THR G 10 -48.72 18.54 -34.10
CA THR G 10 -47.69 19.56 -34.19
C THR G 10 -46.94 19.61 -32.89
N VAL G 11 -45.71 19.10 -32.92
CA VAL G 11 -44.94 19.10 -31.73
C VAL G 11 -44.15 20.39 -31.58
N ILE G 12 -44.27 21.03 -30.41
CA ILE G 12 -43.39 22.13 -30.07
C ILE G 12 -42.31 21.59 -29.14
N GLY G 13 -41.06 21.72 -29.55
CA GLY G 13 -39.98 21.15 -28.77
C GLY G 13 -39.44 19.94 -29.51
N SER G 14 -38.11 19.75 -29.56
CA SER G 14 -37.61 18.51 -30.14
C SER G 14 -36.62 17.78 -29.25
N GLY G 15 -36.78 17.82 -27.95
CA GLY G 15 -35.99 16.97 -27.09
C GLY G 15 -36.56 15.55 -26.98
N PRO G 16 -36.03 14.79 -26.03
CA PRO G 16 -36.32 13.39 -25.90
C PRO G 16 -37.79 13.13 -25.94
N GLY G 17 -38.58 13.83 -25.18
CA GLY G 17 -40.02 13.79 -25.42
C GLY G 17 -40.21 14.76 -26.60
N GLY G 18 -40.92 14.40 -27.66
CA GLY G 18 -40.99 15.40 -28.73
C GLY G 18 -40.42 15.00 -30.08
N TYR G 19 -39.11 14.87 -30.14
CA TYR G 19 -38.56 14.26 -31.32
C TYR G 19 -39.09 12.81 -31.35
N VAL G 20 -39.19 12.12 -30.19
CA VAL G 20 -39.69 10.75 -30.29
C VAL G 20 -41.19 10.76 -30.35
N ALA G 21 -41.82 11.74 -29.75
CA ALA G 21 -43.27 11.77 -29.81
C ALA G 21 -43.64 11.92 -31.30
N ALA G 22 -42.97 12.85 -31.97
CA ALA G 22 -43.18 13.14 -33.40
C ALA G 22 -42.95 11.98 -34.37
N ILE G 23 -41.87 11.25 -34.16
CA ILE G 23 -41.61 10.12 -35.04
C ILE G 23 -42.72 9.08 -34.78
N LYS G 24 -43.11 8.89 -33.52
CA LYS G 24 -44.10 7.87 -33.27
C LYS G 24 -45.38 8.26 -33.92
N ALA G 25 -45.64 9.57 -33.95
CA ALA G 25 -46.87 10.10 -34.57
C ALA G 25 -46.91 9.81 -36.04
N ALA G 26 -45.80 10.08 -36.71
CA ALA G 26 -45.74 9.86 -38.14
C ALA G 26 -45.90 8.38 -38.38
N GLN G 27 -45.34 7.59 -37.47
CA GLN G 27 -45.30 6.16 -37.62
C GLN G 27 -46.66 5.55 -37.33
N LEU G 28 -47.57 6.30 -36.75
CA LEU G 28 -48.91 5.75 -36.60
C LEU G 28 -49.81 6.25 -37.73
N GLY G 29 -49.20 6.98 -38.67
CA GLY G 29 -49.87 7.55 -39.83
C GLY G 29 -50.29 8.98 -39.63
N PHE G 30 -49.71 9.69 -38.68
CA PHE G 30 -50.14 11.07 -38.52
C PHE G 30 -49.27 11.99 -39.41
N LYS G 31 -49.95 12.88 -40.12
CA LYS G 31 -49.27 13.97 -40.79
C LYS G 31 -48.80 14.90 -39.68
N THR G 32 -47.54 14.78 -39.27
CA THR G 32 -47.00 15.51 -38.12
C THR G 32 -45.89 16.53 -38.47
N VAL G 33 -45.69 17.53 -37.61
CA VAL G 33 -44.71 18.58 -37.88
C VAL G 33 -44.11 18.99 -36.58
N CYS G 34 -42.78 19.06 -36.52
CA CYS G 34 -42.11 19.43 -35.30
C CYS G 34 -41.43 20.80 -35.33
N ILE G 35 -41.85 21.73 -34.48
CA ILE G 35 -41.17 23.02 -34.39
C ILE G 35 -40.01 22.99 -33.37
N GLU G 36 -38.84 23.51 -33.75
CA GLU G 36 -37.75 23.58 -32.77
C GLU G 36 -36.99 24.90 -32.86
N LYS G 37 -37.12 25.69 -31.79
CA LYS G 37 -36.44 26.97 -31.57
C LYS G 37 -34.96 26.97 -32.01
N ASN G 38 -34.21 25.97 -31.56
CA ASN G 38 -32.78 25.90 -31.82
C ASN G 38 -32.41 25.35 -33.22
N GLU G 39 -31.11 25.40 -33.51
CA GLU G 39 -30.56 25.01 -34.80
C GLU G 39 -30.14 23.53 -34.87
N THR G 40 -30.22 22.82 -33.74
CA THR G 40 -30.07 21.34 -33.61
C THR G 40 -31.29 20.80 -32.95
N LEU G 41 -31.51 19.51 -33.17
CA LEU G 41 -32.60 18.82 -32.52
C LEU G 41 -32.09 18.20 -31.24
N GLY G 42 -32.93 17.43 -30.55
CA GLY G 42 -32.51 16.70 -29.37
C GLY G 42 -32.79 17.38 -28.03
N GLY G 43 -32.84 18.72 -28.01
CA GLY G 43 -33.17 19.41 -26.77
C GLY G 43 -32.03 19.54 -25.79
N THR G 44 -32.33 19.57 -24.50
CA THR G 44 -31.22 19.87 -23.62
C THR G 44 -30.41 18.62 -23.52
N CYS G 45 -31.11 17.51 -23.30
CA CYS G 45 -30.51 16.20 -23.15
C CYS G 45 -29.31 16.02 -24.07
N LEU G 46 -29.60 16.00 -25.36
CA LEU G 46 -28.59 15.82 -26.38
C LEU G 46 -27.60 17.00 -26.59
N ASN G 47 -28.04 18.23 -26.39
CA ASN G 47 -27.14 19.33 -26.63
C ASN G 47 -26.27 19.82 -25.50
N VAL G 48 -26.82 19.77 -24.29
CA VAL G 48 -26.14 20.32 -23.12
C VAL G 48 -26.47 19.54 -21.86
N GLY G 49 -26.92 18.30 -22.00
CA GLY G 49 -27.32 17.54 -20.83
C GLY G 49 -26.65 16.19 -20.73
N CYS G 50 -27.52 15.17 -20.60
CA CYS G 50 -27.24 13.75 -20.67
C CYS G 50 -25.93 13.40 -21.44
N ILE G 51 -26.05 13.32 -22.76
CA ILE G 51 -24.94 12.96 -23.62
C ILE G 51 -23.61 13.69 -23.37
N PRO G 52 -23.55 15.01 -23.52
CA PRO G 52 -22.27 15.70 -23.39
C PRO G 52 -21.62 15.26 -22.05
N SER G 53 -22.48 15.26 -21.06
CA SER G 53 -22.12 14.91 -19.72
C SER G 53 -21.58 13.45 -19.53
N LYS G 54 -22.26 12.47 -20.11
CA LYS G 54 -21.87 11.05 -20.01
C LYS G 54 -20.54 10.96 -20.72
N ALA G 55 -20.38 11.78 -21.74
CA ALA G 55 -19.22 11.64 -22.59
C ALA G 55 -18.01 12.07 -21.76
N LEU G 56 -18.20 13.15 -21.01
CA LEU G 56 -17.14 13.65 -20.20
C LEU G 56 -16.88 12.69 -19.07
N LEU G 57 -17.97 12.20 -18.48
CA LEU G 57 -17.88 11.26 -17.35
C LEU G 57 -17.08 10.05 -17.81
N ASN G 58 -17.50 9.51 -18.96
CA ASN G 58 -16.79 8.41 -19.56
C ASN G 58 -15.28 8.73 -19.74
N ASN G 59 -14.92 9.80 -20.43
CA ASN G 59 -13.50 9.99 -20.69
C ASN G 59 -12.70 10.36 -19.47
N SER G 60 -13.31 11.07 -18.55
CA SER G 60 -12.54 11.44 -17.41
C SER G 60 -12.24 10.21 -16.54
N HIS G 61 -13.21 9.31 -16.49
CA HIS G 61 -13.02 8.08 -15.76
C HIS G 61 -11.80 7.28 -16.30
N TYR G 62 -11.63 7.21 -17.62
CA TYR G 62 -10.45 6.58 -18.20
C TYR G 62 -9.19 7.36 -17.81
N TYR G 63 -9.29 8.66 -17.77
CA TYR G 63 -8.12 9.45 -17.44
C TYR G 63 -7.62 9.17 -16.04
N HIS G 64 -8.56 8.98 -15.14
CA HIS G 64 -8.25 8.66 -13.76
C HIS G 64 -7.60 7.26 -13.63
N MET G 65 -8.10 6.29 -14.39
CA MET G 65 -7.56 4.96 -14.24
C MET G 65 -6.15 5.00 -14.77
N ALA G 66 -5.94 5.67 -15.89
CA ALA G 66 -4.62 5.74 -16.51
C ALA G 66 -3.67 6.52 -15.65
N HIS G 67 -4.18 7.57 -15.03
CA HIS G 67 -3.34 8.47 -14.26
C HIS G 67 -3.06 8.00 -12.85
N GLY G 68 -3.97 7.26 -12.23
CA GLY G 68 -3.78 6.85 -10.84
C GLY G 68 -3.19 5.45 -10.67
N LYS G 69 -3.34 4.89 -9.48
CA LYS G 69 -2.80 3.57 -9.20
C LYS G 69 -3.36 2.41 -10.05
N ASP G 70 -4.48 2.66 -10.75
CA ASP G 70 -5.23 1.60 -11.43
C ASP G 70 -4.48 0.82 -12.54
N PHE G 71 -3.95 1.49 -13.54
CA PHE G 71 -3.37 0.74 -14.63
C PHE G 71 -2.07 0.11 -14.17
N ALA G 72 -1.25 0.90 -13.49
CA ALA G 72 -0.04 0.38 -12.88
C ALA G 72 -0.31 -0.99 -12.24
N SER G 73 -1.45 -1.11 -11.58
CA SER G 73 -1.76 -2.33 -10.88
C SER G 73 -2.19 -3.43 -11.79
N ARG G 74 -2.71 -3.14 -12.98
CA ARG G 74 -3.08 -4.18 -13.96
C ARG G 74 -1.85 -4.62 -14.75
N GLY G 75 -0.78 -3.85 -14.69
CA GLY G 75 0.49 -4.25 -15.29
C GLY G 75 0.75 -3.44 -16.53
N ILE G 76 -0.12 -2.44 -16.75
CA ILE G 76 0.02 -1.50 -17.87
C ILE G 76 0.82 -0.28 -17.46
N GLU G 77 2.09 -0.29 -17.81
CA GLU G 77 2.99 0.76 -17.34
C GLU G 77 3.14 1.90 -18.33
N MET G 78 2.85 3.11 -17.90
CA MET G 78 3.19 4.22 -18.77
C MET G 78 3.97 5.26 -18.01
N SER G 79 4.85 5.98 -18.74
CA SER G 79 5.80 6.93 -18.14
C SER G 79 5.11 8.25 -17.79
N GLU G 80 4.27 8.73 -18.68
CA GLU G 80 3.60 9.96 -18.38
C GLU G 80 2.28 9.94 -19.07
N VAL G 81 1.30 10.60 -18.45
CA VAL G 81 -0.06 10.61 -18.94
C VAL G 81 -0.54 12.03 -18.91
N ARG G 82 -0.55 12.70 -20.05
CA ARG G 82 -0.98 14.09 -20.06
C ARG G 82 -2.46 14.16 -20.34
N LEU G 83 -3.07 15.29 -20.06
CA LEU G 83 -4.47 15.43 -20.36
C LEU G 83 -4.63 16.43 -21.44
N ASN G 84 -4.94 16.02 -22.65
CA ASN G 84 -5.20 17.00 -23.67
C ASN G 84 -6.65 17.37 -23.60
N LEU G 85 -6.99 18.31 -22.73
CA LEU G 85 -8.37 18.72 -22.58
C LEU G 85 -9.12 18.98 -23.89
N ASP G 86 -8.42 19.51 -24.88
CA ASP G 86 -9.05 19.88 -26.12
C ASP G 86 -9.45 18.71 -26.95
N LYS G 87 -8.66 17.64 -26.95
CA LYS G 87 -9.10 16.42 -27.63
C LYS G 87 -10.19 15.69 -26.85
N MET G 88 -10.24 15.88 -25.54
CA MET G 88 -11.34 15.36 -24.76
C MET G 88 -12.66 16.05 -25.09
N MET G 89 -12.65 17.37 -25.10
CA MET G 89 -13.84 18.12 -25.46
C MET G 89 -14.15 17.93 -26.97
N GLU G 90 -13.21 17.33 -27.65
CA GLU G 90 -13.34 17.08 -29.07
C GLU G 90 -14.14 15.80 -29.26
N GLN G 91 -13.83 14.79 -28.44
CA GLN G 91 -14.54 13.53 -28.47
C GLN G 91 -15.98 13.89 -28.34
N LYS G 92 -16.30 14.51 -27.20
CA LYS G 92 -17.64 14.97 -26.80
C LYS G 92 -18.40 15.79 -27.84
N SER G 93 -17.82 16.88 -28.37
CA SER G 93 -18.51 17.65 -29.42
C SER G 93 -18.89 16.81 -30.64
N THR G 94 -17.98 15.92 -31.02
CA THR G 94 -18.20 14.99 -32.10
C THR G 94 -19.37 14.03 -31.87
N ALA G 95 -19.36 13.33 -30.72
CA ALA G 95 -20.46 12.47 -30.33
C ALA G 95 -21.83 13.20 -30.39
N VAL G 96 -21.96 14.33 -29.73
CA VAL G 96 -23.18 15.11 -29.82
C VAL G 96 -23.59 15.33 -31.30
N LYS G 97 -22.69 15.92 -32.09
CA LYS G 97 -23.07 16.35 -33.44
C LYS G 97 -23.53 15.23 -34.39
N ALA G 98 -23.02 14.03 -34.14
CA ALA G 98 -23.38 12.82 -34.86
C ALA G 98 -24.84 12.48 -34.56
N LEU G 99 -25.16 12.59 -33.28
CA LEU G 99 -26.44 12.17 -32.75
C LEU G 99 -27.57 13.14 -33.11
N THR G 100 -27.32 14.44 -32.95
CA THR G 100 -28.19 15.47 -33.50
C THR G 100 -28.46 15.16 -34.96
N GLY G 101 -27.40 14.85 -35.69
CA GLY G 101 -27.48 14.44 -37.09
C GLY G 101 -28.42 13.26 -37.18
N GLY G 102 -28.15 12.23 -36.41
CA GLY G 102 -29.00 11.05 -36.47
C GLY G 102 -30.49 11.35 -36.46
N ILE G 103 -30.89 12.41 -35.72
CA ILE G 103 -32.31 12.80 -35.56
C ILE G 103 -32.80 13.53 -36.79
N ALA G 104 -32.02 14.50 -37.25
CA ALA G 104 -32.41 15.22 -38.43
C ALA G 104 -32.70 14.17 -39.50
N HIS G 105 -31.81 13.18 -39.59
CA HIS G 105 -31.94 12.14 -40.60
C HIS G 105 -33.14 11.21 -40.33
N LEU G 106 -33.48 11.01 -39.05
CA LEU G 106 -34.64 10.19 -38.67
C LEU G 106 -35.93 10.90 -39.05
N PHE G 107 -35.91 12.22 -38.99
CA PHE G 107 -37.08 13.00 -39.31
C PHE G 107 -37.41 12.86 -40.82
N LYS G 108 -36.38 13.07 -41.65
CA LYS G 108 -36.52 12.97 -43.09
C LYS G 108 -36.94 11.60 -43.41
N GLN G 109 -36.49 10.63 -42.61
CA GLN G 109 -36.79 9.25 -42.89
C GLN G 109 -38.25 8.97 -42.64
N ASN G 110 -38.77 9.44 -41.52
CA ASN G 110 -40.12 9.07 -41.13
C ASN G 110 -41.09 10.10 -41.61
N LYS G 111 -40.63 11.01 -42.48
CA LYS G 111 -41.51 12.01 -43.11
C LYS G 111 -42.13 12.93 -42.04
N VAL G 112 -41.25 13.46 -41.22
CA VAL G 112 -41.69 14.39 -40.22
C VAL G 112 -41.20 15.71 -40.73
N VAL G 113 -42.09 16.69 -40.72
CA VAL G 113 -41.78 18.04 -41.14
C VAL G 113 -41.14 18.85 -40.03
N HIS G 114 -39.85 19.04 -40.16
CA HIS G 114 -39.11 19.90 -39.27
C HIS G 114 -39.25 21.39 -39.69
N VAL G 115 -39.54 22.26 -38.71
CA VAL G 115 -39.68 23.72 -38.93
C VAL G 115 -38.94 24.59 -37.90
N ASN G 116 -37.67 24.93 -38.17
CA ASN G 116 -36.93 25.88 -37.34
C ASN G 116 -37.74 27.12 -37.00
N GLY G 117 -37.75 27.53 -35.73
CA GLY G 117 -38.56 28.64 -35.27
C GLY G 117 -39.13 28.48 -33.86
N TYR G 118 -39.28 29.62 -33.20
CA TYR G 118 -39.86 29.65 -31.86
C TYR G 118 -41.38 29.69 -32.04
N GLY G 119 -42.04 28.53 -31.92
CA GLY G 119 -43.49 28.44 -32.04
C GLY G 119 -44.27 29.02 -30.85
N LYS G 120 -45.50 29.40 -31.14
CA LYS G 120 -46.37 29.96 -30.13
C LYS G 120 -47.78 29.56 -30.46
N ILE G 121 -48.45 28.81 -29.58
CA ILE G 121 -49.83 28.42 -29.84
C ILE G 121 -50.65 29.69 -30.01
N THR G 122 -51.17 29.93 -31.20
CA THR G 122 -51.91 31.20 -31.41
C THR G 122 -53.41 31.00 -31.52
N GLY G 123 -53.86 29.77 -31.62
CA GLY G 123 -55.29 29.49 -31.59
C GLY G 123 -55.50 28.04 -31.18
N LYS G 124 -56.73 27.64 -30.89
CA LYS G 124 -57.02 26.27 -30.45
C LYS G 124 -56.40 25.24 -31.41
N ASN G 125 -56.47 25.55 -32.69
CA ASN G 125 -55.94 24.64 -33.66
C ASN G 125 -54.83 25.23 -34.53
N GLN G 126 -53.96 26.04 -33.95
CA GLN G 126 -52.90 26.56 -34.78
C GLN G 126 -51.77 27.25 -34.04
N VAL G 127 -50.58 27.07 -34.61
CA VAL G 127 -49.33 27.36 -33.97
C VAL G 127 -48.57 28.10 -35.00
N THR G 128 -47.92 29.16 -34.57
CA THR G 128 -47.22 30.04 -35.49
C THR G 128 -45.77 30.08 -35.03
N ALA G 129 -44.84 29.67 -35.89
CA ALA G 129 -43.40 29.71 -35.54
C ALA G 129 -42.75 30.99 -36.06
N THR G 130 -41.56 31.34 -35.57
CA THR G 130 -41.08 32.69 -35.83
C THR G 130 -39.62 32.65 -36.04
N LYS G 131 -39.18 32.79 -37.28
CA LYS G 131 -37.76 32.57 -37.55
C LYS G 131 -36.99 33.54 -36.71
N ALA G 132 -35.67 33.33 -36.65
CA ALA G 132 -34.74 34.20 -35.89
C ALA G 132 -34.81 35.68 -36.35
N ASP G 133 -34.64 35.89 -37.67
CA ASP G 133 -34.86 37.19 -38.29
C ASP G 133 -36.28 37.73 -38.01
N GLY G 134 -37.30 37.06 -38.54
CA GLY G 134 -38.67 37.50 -38.29
C GLY G 134 -39.72 36.97 -39.25
N GLY G 135 -39.32 36.04 -40.11
CA GLY G 135 -40.27 35.30 -40.92
C GLY G 135 -41.30 34.68 -40.01
N THR G 136 -42.16 33.84 -40.56
CA THR G 136 -43.28 33.33 -39.79
C THR G 136 -44.04 32.23 -40.50
N GLN G 137 -43.87 31.00 -40.04
CA GLN G 137 -44.55 29.86 -40.66
C GLN G 137 -45.73 29.54 -39.82
N VAL G 138 -46.82 29.11 -40.44
CA VAL G 138 -47.99 28.82 -39.65
C VAL G 138 -48.44 27.36 -39.72
N ILE G 139 -48.78 26.74 -38.59
CA ILE G 139 -49.29 25.38 -38.66
C ILE G 139 -50.73 25.32 -38.24
N ASP G 140 -51.54 24.56 -38.97
CA ASP G 140 -52.98 24.50 -38.74
C ASP G 140 -53.38 23.07 -38.45
N THR G 141 -53.06 22.61 -37.24
CA THR G 141 -53.05 21.21 -36.92
C THR G 141 -54.24 20.97 -36.04
N LYS G 142 -54.77 19.73 -36.02
CA LYS G 142 -55.87 19.41 -35.10
C LYS G 142 -55.51 18.89 -33.70
N ASN G 143 -54.22 18.70 -33.45
CA ASN G 143 -53.77 18.33 -32.13
C ASN G 143 -52.45 18.98 -31.91
N ILE G 144 -52.19 19.52 -30.71
CA ILE G 144 -50.86 20.07 -30.37
C ILE G 144 -50.24 19.39 -29.17
N LEU G 145 -48.95 19.15 -29.27
CA LEU G 145 -48.25 18.48 -28.22
C LEU G 145 -47.17 19.43 -27.70
N ILE G 146 -47.30 19.90 -26.45
CA ILE G 146 -46.31 20.83 -25.94
C ILE G 146 -45.20 20.04 -25.30
N ALA G 147 -44.00 20.06 -25.88
CA ALA G 147 -42.87 19.36 -25.29
C ALA G 147 -41.68 20.28 -25.13
N THR G 148 -41.78 21.37 -24.38
CA THR G 148 -40.73 22.41 -24.40
C THR G 148 -39.65 22.23 -23.30
N GLY G 149 -39.79 21.15 -22.55
CA GLY G 149 -38.79 20.77 -21.60
C GLY G 149 -38.59 21.76 -20.49
N SER G 150 -37.31 22.07 -20.26
CA SER G 150 -36.85 22.70 -19.02
C SER G 150 -35.76 23.77 -19.25
N GLU G 151 -35.39 24.45 -18.17
CA GLU G 151 -34.19 25.30 -18.15
C GLU G 151 -33.59 25.33 -16.76
N VAL G 152 -32.32 25.73 -16.70
CA VAL G 152 -31.64 25.93 -15.41
C VAL G 152 -32.47 26.83 -14.47
N THR G 153 -32.57 26.48 -13.18
CA THR G 153 -33.14 27.36 -12.15
C THR G 153 -32.03 28.25 -11.68
N PRO G 154 -32.18 29.56 -11.84
CA PRO G 154 -31.16 30.54 -11.45
C PRO G 154 -31.15 30.83 -9.96
N PHE G 155 -29.96 30.95 -9.39
CA PHE G 155 -29.75 31.24 -7.98
C PHE G 155 -29.87 32.73 -7.68
N PRO G 156 -30.88 33.16 -6.91
CA PRO G 156 -31.17 34.59 -6.72
C PRO G 156 -29.95 35.39 -6.21
N GLY G 157 -29.59 36.48 -6.90
CA GLY G 157 -28.40 37.24 -6.54
C GLY G 157 -27.20 36.96 -7.43
N ILE G 158 -26.63 35.77 -7.27
CA ILE G 158 -25.60 35.17 -8.15
C ILE G 158 -26.01 35.17 -9.63
N THR G 159 -25.35 35.95 -10.47
CA THR G 159 -25.73 35.97 -11.87
C THR G 159 -24.87 35.05 -12.76
N ILE G 160 -25.46 33.98 -13.28
CA ILE G 160 -24.76 33.11 -14.22
C ILE G 160 -24.24 33.86 -15.46
N ASP G 161 -22.93 33.84 -15.70
CA ASP G 161 -22.33 34.58 -16.79
C ASP G 161 -21.74 33.63 -17.83
N GLU G 162 -21.67 32.36 -17.48
CA GLU G 162 -21.19 31.31 -18.40
C GLU G 162 -19.74 31.53 -18.78
N ASP G 163 -18.97 31.96 -17.81
CA ASP G 163 -17.54 32.16 -17.95
C ASP G 163 -16.84 31.60 -16.70
N THR G 164 -17.13 32.19 -15.53
CA THR G 164 -16.57 31.76 -14.26
C THR G 164 -17.73 31.35 -13.38
N ILE G 165 -18.91 31.85 -13.73
CA ILE G 165 -20.13 31.44 -13.05
C ILE G 165 -20.98 30.70 -14.06
N VAL G 166 -20.74 29.41 -14.12
CA VAL G 166 -21.33 28.58 -15.15
C VAL G 166 -22.49 27.83 -14.58
N SER G 167 -23.32 27.33 -15.49
CA SER G 167 -24.39 26.45 -15.17
C SER G 167 -23.88 25.09 -15.60
N SER G 168 -24.78 24.13 -15.69
CA SER G 168 -24.42 22.81 -16.16
C SER G 168 -23.88 23.01 -17.57
N THR G 169 -24.51 23.94 -18.26
CA THR G 169 -24.24 24.09 -19.67
C THR G 169 -22.84 24.59 -19.94
N GLY G 170 -22.32 25.44 -19.09
CA GLY G 170 -21.00 25.98 -19.38
C GLY G 170 -19.89 25.21 -18.70
N ALA G 171 -20.27 24.44 -17.68
CA ALA G 171 -19.34 23.56 -16.99
C ALA G 171 -18.95 22.47 -17.94
N LEU G 172 -19.79 22.18 -18.93
CA LEU G 172 -19.53 21.10 -19.85
C LEU G 172 -18.54 21.51 -20.94
N SER G 173 -18.19 22.79 -20.89
CA SER G 173 -17.32 23.36 -21.92
C SER G 173 -16.31 24.30 -21.31
N LEU G 174 -15.50 23.86 -20.36
CA LEU G 174 -14.44 24.72 -19.87
C LEU G 174 -13.22 24.73 -20.83
N LYS G 175 -12.25 25.58 -20.56
CA LYS G 175 -11.12 25.62 -21.47
C LYS G 175 -9.88 25.26 -20.68
N LYS G 176 -10.07 24.74 -19.48
CA LYS G 176 -8.96 24.21 -18.70
C LYS G 176 -9.49 23.67 -17.37
N VAL G 177 -8.75 22.80 -16.70
CA VAL G 177 -9.26 22.41 -15.42
C VAL G 177 -9.03 23.54 -14.40
N PRO G 178 -10.10 24.01 -13.75
CA PRO G 178 -10.01 25.06 -12.76
C PRO G 178 -9.23 24.62 -11.52
N GLU G 179 -8.30 25.42 -11.03
CA GLU G 179 -7.47 24.95 -9.93
C GLU G 179 -8.38 24.45 -8.82
N LYS G 180 -9.40 25.25 -8.50
CA LYS G 180 -10.37 24.98 -7.43
C LYS G 180 -11.72 25.23 -8.05
N MET G 181 -12.75 24.54 -7.56
CA MET G 181 -14.12 24.80 -8.04
C MET G 181 -15.19 24.51 -6.97
N VAL G 182 -16.27 25.29 -6.89
CA VAL G 182 -17.32 24.92 -5.96
C VAL G 182 -18.61 24.71 -6.67
N VAL G 183 -19.45 23.88 -6.09
CA VAL G 183 -20.64 23.49 -6.81
C VAL G 183 -21.84 23.79 -5.94
N ILE G 184 -22.72 24.68 -6.36
CA ILE G 184 -23.87 24.87 -5.52
C ILE G 184 -24.93 23.79 -5.73
N GLY G 185 -25.10 22.95 -4.72
CA GLY G 185 -26.05 21.84 -4.74
C GLY G 185 -25.44 20.47 -5.09
N ALA G 186 -25.72 19.46 -4.28
CA ALA G 186 -25.16 18.13 -4.52
C ALA G 186 -26.20 17.17 -4.98
N GLY G 187 -27.08 17.59 -5.90
CA GLY G 187 -28.03 16.67 -6.51
C GLY G 187 -27.31 15.94 -7.64
N VAL G 188 -28.03 15.10 -8.35
CA VAL G 188 -27.41 14.38 -9.47
C VAL G 188 -26.53 15.23 -10.41
N ILE G 189 -27.10 16.25 -11.06
CA ILE G 189 -26.32 17.02 -12.06
C ILE G 189 -25.08 17.58 -11.36
N GLY G 190 -25.29 18.16 -10.19
CA GLY G 190 -24.16 18.61 -9.41
C GLY G 190 -22.99 17.66 -9.15
N VAL G 191 -23.26 16.46 -8.58
CA VAL G 191 -22.19 15.53 -8.24
C VAL G 191 -21.59 14.89 -9.47
N GLU G 192 -22.33 14.88 -10.57
CA GLU G 192 -21.78 14.31 -11.80
C GLU G 192 -20.74 15.31 -12.28
N LEU G 193 -21.11 16.57 -12.48
CA LEU G 193 -20.19 17.49 -13.16
C LEU G 193 -19.00 17.75 -12.28
N GLY G 194 -19.28 17.95 -11.00
CA GLY G 194 -18.22 18.12 -10.04
C GLY G 194 -17.25 16.98 -10.16
N SER G 195 -17.75 15.75 -10.10
CA SER G 195 -16.85 14.62 -10.21
C SER G 195 -16.08 14.56 -11.50
N VAL G 196 -16.71 14.97 -12.61
CA VAL G 196 -16.01 15.07 -13.89
C VAL G 196 -14.69 15.84 -13.73
N TRP G 197 -14.76 17.08 -13.24
CA TRP G 197 -13.57 17.93 -13.04
C TRP G 197 -12.59 17.49 -11.92
N GLN G 198 -13.13 16.81 -10.91
CA GLN G 198 -12.32 16.34 -9.78
C GLN G 198 -11.34 15.29 -10.25
N ARG G 199 -11.75 14.50 -11.22
CA ARG G 199 -10.85 13.47 -11.74
C ARG G 199 -9.79 14.14 -12.58
N LEU G 200 -10.11 15.32 -13.06
CA LEU G 200 -9.21 16.02 -13.95
C LEU G 200 -8.09 16.80 -13.23
N GLY G 201 -8.24 17.05 -11.93
CA GLY G 201 -7.30 17.79 -11.12
C GLY G 201 -7.92 18.89 -10.23
N ALA G 202 -9.09 19.39 -10.60
CA ALA G 202 -9.71 20.46 -9.83
C ALA G 202 -9.96 20.06 -8.39
N ASP G 203 -9.75 21.02 -7.48
CA ASP G 203 -10.16 20.85 -6.09
C ASP G 203 -11.64 21.18 -6.05
N VAL G 204 -12.49 20.17 -5.88
CA VAL G 204 -13.90 20.41 -6.02
C VAL G 204 -14.56 20.29 -4.68
N THR G 205 -15.50 21.20 -4.41
CA THR G 205 -16.30 21.17 -3.21
C THR G 205 -17.75 21.47 -3.49
N ALA G 206 -18.67 20.64 -3.01
CA ALA G 206 -20.07 20.90 -3.35
C ALA G 206 -20.77 21.33 -2.08
N VAL G 207 -21.82 22.12 -2.24
CA VAL G 207 -22.41 22.80 -1.12
C VAL G 207 -23.91 22.65 -1.17
N GLU G 208 -24.46 21.81 -0.30
CA GLU G 208 -25.86 21.46 -0.38
C GLU G 208 -26.60 21.89 0.88
N PHE G 209 -27.71 22.61 0.68
CA PHE G 209 -28.66 22.88 1.75
C PHE G 209 -29.09 21.59 2.53
N LEU G 210 -29.49 20.55 1.78
CA LEU G 210 -30.10 19.35 2.35
C LEU G 210 -29.02 18.54 2.97
N GLY G 211 -29.42 17.53 3.74
CA GLY G 211 -28.54 16.74 4.56
C GLY G 211 -27.96 15.55 3.86
N HIS G 212 -28.03 15.53 2.54
CA HIS G 212 -27.49 14.39 1.78
C HIS G 212 -27.25 14.68 0.30
N VAL G 213 -26.52 13.74 -0.30
CA VAL G 213 -26.12 13.83 -1.69
C VAL G 213 -27.04 13.00 -2.51
N GLY G 214 -26.96 13.17 -3.80
CA GLY G 214 -27.77 12.36 -4.70
C GLY G 214 -29.01 13.16 -4.95
N GLY G 215 -29.99 12.62 -5.66
CA GLY G 215 -31.16 13.45 -5.90
C GLY G 215 -32.19 13.69 -4.79
N VAL G 216 -33.43 13.63 -5.24
CA VAL G 216 -34.63 13.42 -4.46
C VAL G 216 -35.09 11.95 -4.53
N GLY G 217 -35.49 11.39 -3.39
CA GLY G 217 -36.01 10.02 -3.40
C GLY G 217 -34.92 8.96 -3.41
N ILE G 218 -33.66 9.40 -3.31
CA ILE G 218 -32.52 8.50 -3.22
C ILE G 218 -32.47 7.91 -1.83
N ASP G 219 -32.30 6.61 -1.72
CA ASP G 219 -32.30 6.00 -0.42
C ASP G 219 -31.16 6.64 0.44
N MET G 220 -31.46 7.01 1.67
CA MET G 220 -30.45 7.52 2.66
C MET G 220 -29.18 6.65 2.84
N GLU G 221 -29.37 5.36 3.07
CA GLU G 221 -28.25 4.45 3.19
C GLU G 221 -27.34 4.50 2.01
N ILE G 222 -27.85 4.32 0.79
CA ILE G 222 -26.89 4.30 -0.30
C ILE G 222 -26.36 5.71 -0.52
N SER G 223 -27.19 6.70 -0.25
CA SER G 223 -26.78 8.08 -0.50
C SER G 223 -25.56 8.43 0.40
N LYS G 224 -25.58 7.94 1.64
CA LYS G 224 -24.44 8.07 2.58
C LYS G 224 -23.20 7.29 2.13
N ASN G 225 -23.36 6.01 1.86
CA ASN G 225 -22.31 5.24 1.29
C ASN G 225 -21.74 5.88 0.02
N PHE G 226 -22.60 6.53 -0.74
CA PHE G 226 -22.17 7.20 -1.96
C PHE G 226 -21.31 8.39 -1.61
N GLN G 227 -21.84 9.24 -0.76
CA GLN G 227 -21.08 10.38 -0.28
C GLN G 227 -19.68 9.95 0.20
N ARG G 228 -19.64 8.88 1.01
CA ARG G 228 -18.42 8.42 1.67
C ARG G 228 -17.39 7.86 0.67
N ILE G 229 -17.85 7.24 -0.42
CA ILE G 229 -16.95 6.77 -1.48
C ILE G 229 -16.42 7.98 -2.26
N LEU G 230 -17.34 8.87 -2.67
CA LEU G 230 -16.95 10.09 -3.40
C LEU G 230 -15.90 10.88 -2.64
N GLN G 231 -15.98 10.87 -1.31
CA GLN G 231 -15.03 11.63 -0.52
C GLN G 231 -13.64 10.99 -0.58
N LYS G 232 -13.54 9.69 -0.29
CA LYS G 232 -12.27 9.00 -0.41
C LYS G 232 -11.62 9.30 -1.76
N GLN G 233 -12.37 9.74 -2.75
CA GLN G 233 -11.79 10.00 -4.04
C GLN G 233 -11.32 11.44 -4.04
N GLY G 234 -11.72 12.21 -3.03
CA GLY G 234 -11.32 13.62 -2.97
C GLY G 234 -12.40 14.67 -3.27
N PHE G 235 -13.63 14.21 -3.42
CA PHE G 235 -14.70 15.12 -3.67
C PHE G 235 -15.06 15.63 -2.30
N LYS G 236 -15.17 16.95 -2.17
CA LYS G 236 -15.36 17.54 -0.85
C LYS G 236 -16.81 17.91 -0.65
N PHE G 237 -17.38 17.55 0.50
CA PHE G 237 -18.75 17.99 0.78
C PHE G 237 -18.94 18.98 1.93
N LYS G 238 -20.08 19.67 1.89
CA LYS G 238 -20.52 20.60 2.92
C LYS G 238 -22.04 20.70 2.83
N LEU G 239 -22.74 19.98 3.69
CA LEU G 239 -24.17 19.90 3.51
C LEU G 239 -24.89 20.54 4.68
N ASN G 240 -26.16 20.80 4.52
CA ASN G 240 -26.86 21.58 5.51
C ASN G 240 -26.18 22.91 5.46
N THR G 241 -25.83 23.29 4.26
CA THR G 241 -25.03 24.46 4.12
C THR G 241 -25.66 25.40 3.11
N LYS G 242 -26.06 26.59 3.59
CA LYS G 242 -26.68 27.60 2.76
C LYS G 242 -25.60 28.51 2.20
N VAL G 243 -25.76 28.99 0.99
CA VAL G 243 -24.84 30.01 0.54
C VAL G 243 -25.61 31.32 0.70
N THR G 244 -24.89 32.40 1.01
CA THR G 244 -25.49 33.72 1.25
C THR G 244 -25.21 34.69 0.11
N GLY G 245 -24.25 34.37 -0.75
CA GLY G 245 -23.97 35.21 -1.87
C GLY G 245 -22.55 34.95 -2.28
N ALA G 246 -22.22 35.38 -3.50
CA ALA G 246 -20.85 35.34 -3.96
C ALA G 246 -20.43 36.65 -4.72
N THR G 247 -19.13 36.98 -4.70
CA THR G 247 -18.64 38.11 -5.50
C THR G 247 -17.26 37.85 -6.05
N LYS G 248 -17.11 38.16 -7.33
CA LYS G 248 -15.89 37.99 -8.09
C LYS G 248 -14.89 39.05 -7.68
N LYS G 249 -13.76 38.63 -7.12
CA LYS G 249 -12.75 39.54 -6.61
C LYS G 249 -11.91 40.10 -7.74
N SER G 250 -10.92 40.92 -7.39
CA SER G 250 -10.10 41.65 -8.36
C SER G 250 -9.06 40.73 -8.96
N ASP G 251 -8.81 39.65 -8.26
CA ASP G 251 -7.86 38.63 -8.67
C ASP G 251 -8.38 37.89 -9.91
N GLY G 252 -9.64 38.13 -10.29
CA GLY G 252 -10.31 37.34 -11.32
C GLY G 252 -10.96 36.07 -10.76
N LYS G 253 -10.63 35.78 -9.50
CA LYS G 253 -11.14 34.64 -8.76
C LYS G 253 -12.54 34.95 -8.21
N ILE G 254 -13.14 34.01 -7.48
CA ILE G 254 -14.47 34.26 -6.91
C ILE G 254 -14.64 33.76 -5.48
N ASP G 255 -15.42 34.49 -4.69
CA ASP G 255 -15.62 34.14 -3.27
C ASP G 255 -17.07 33.99 -2.83
N VAL G 256 -17.41 32.79 -2.38
CA VAL G 256 -18.77 32.45 -2.04
C VAL G 256 -18.94 32.34 -0.54
N SER G 257 -19.90 33.07 0.01
CA SER G 257 -20.05 33.13 1.45
C SER G 257 -21.02 32.07 1.82
N ILE G 258 -20.60 31.08 2.59
CA ILE G 258 -21.52 30.04 3.01
C ILE G 258 -21.85 30.29 4.45
N GLU G 259 -22.56 29.36 5.07
CA GLU G 259 -23.02 29.56 6.41
C GLU G 259 -23.94 28.40 6.68
N ALA G 260 -23.87 27.84 7.88
CA ALA G 260 -24.73 26.75 8.24
C ALA G 260 -26.15 27.02 7.80
N ALA G 261 -26.93 25.95 7.67
CA ALA G 261 -28.29 26.07 7.20
C ALA G 261 -29.06 26.86 8.22
N SER G 262 -29.14 26.32 9.43
CA SER G 262 -29.90 26.92 10.52
C SER G 262 -29.20 28.15 11.17
N GLY G 263 -28.10 27.89 11.92
CA GLY G 263 -27.33 28.93 12.57
C GLY G 263 -26.54 29.89 11.67
N GLY G 264 -25.26 30.07 12.02
CA GLY G 264 -24.39 31.00 11.33
C GLY G 264 -22.92 30.75 11.60
N LYS G 265 -22.39 29.64 11.09
CA LYS G 265 -20.94 29.40 11.15
C LYS G 265 -20.29 30.19 9.99
N ALA G 266 -20.74 31.42 9.79
CA ALA G 266 -20.23 32.29 8.74
C ALA G 266 -18.84 31.89 8.27
N GLU G 267 -18.71 31.38 7.05
CA GLU G 267 -17.40 31.21 6.45
C GLU G 267 -17.37 31.65 4.97
N VAL G 268 -16.17 31.66 4.42
CA VAL G 268 -15.98 32.12 3.05
C VAL G 268 -15.10 31.07 2.35
N ILE G 269 -15.58 30.57 1.21
CA ILE G 269 -14.79 29.68 0.38
C ILE G 269 -14.51 30.44 -0.90
N THR G 270 -13.31 30.22 -1.40
CA THR G 270 -12.92 30.94 -2.57
C THR G 270 -12.67 29.90 -3.65
N CYS G 271 -12.83 30.28 -4.91
CA CYS G 271 -12.70 29.30 -5.95
C CYS G 271 -12.46 30.01 -7.27
N ASP G 272 -12.25 29.26 -8.35
CA ASP G 272 -11.94 29.81 -9.69
C ASP G 272 -13.14 29.67 -10.62
N VAL G 273 -13.90 28.61 -10.43
CA VAL G 273 -15.17 28.44 -11.12
C VAL G 273 -16.30 28.11 -10.12
N LEU G 274 -17.49 28.53 -10.48
CA LEU G 274 -18.61 28.33 -9.61
C LEU G 274 -19.68 27.74 -10.47
N LEU G 275 -20.11 26.55 -10.07
CA LEU G 275 -21.15 25.82 -10.76
C LEU G 275 -22.45 25.92 -10.00
N VAL G 276 -23.49 26.38 -10.70
CA VAL G 276 -24.82 26.53 -10.11
C VAL G 276 -25.82 25.41 -10.50
N CYS G 277 -25.99 24.45 -9.62
CA CYS G 277 -26.91 23.36 -9.91
C CYS G 277 -28.01 23.37 -8.92
N ILE G 278 -28.69 24.50 -8.79
CA ILE G 278 -29.84 24.58 -7.92
C ILE G 278 -30.86 23.54 -8.35
N GLY G 279 -31.29 23.60 -9.59
CA GLY G 279 -32.36 22.76 -10.05
C GLY G 279 -32.67 23.20 -11.47
N ARG G 280 -33.69 22.59 -12.01
CA ARG G 280 -34.17 22.93 -13.33
C ARG G 280 -35.64 23.30 -13.07
N ARG G 281 -36.29 24.01 -13.97
CA ARG G 281 -37.69 24.28 -13.78
C ARG G 281 -38.31 24.16 -15.17
N PRO G 282 -39.60 23.81 -15.28
CA PRO G 282 -40.24 23.69 -16.59
C PRO G 282 -40.15 25.01 -17.34
N PHE G 283 -40.03 24.93 -18.67
CA PHE G 283 -39.97 26.08 -19.53
C PHE G 283 -41.30 26.23 -20.30
N THR G 284 -42.05 27.30 -20.11
CA THR G 284 -43.20 27.56 -20.99
C THR G 284 -43.33 28.94 -21.59
N LYS G 285 -42.20 29.63 -21.76
CA LYS G 285 -42.18 31.07 -22.03
C LYS G 285 -42.74 31.46 -23.40
N ASN G 286 -43.59 32.48 -23.44
CA ASN G 286 -44.03 33.04 -24.71
C ASN G 286 -44.67 32.01 -25.60
N LEU G 287 -45.19 30.96 -24.97
CA LEU G 287 -45.81 29.86 -25.67
C LEU G 287 -47.24 30.21 -26.09
N GLY G 288 -47.80 31.22 -25.44
CA GLY G 288 -49.16 31.64 -25.72
C GLY G 288 -50.22 30.90 -24.93
N LEU G 289 -49.87 30.29 -23.81
CA LEU G 289 -50.86 29.49 -23.11
C LEU G 289 -51.57 30.35 -22.11
N GLU G 290 -50.98 31.48 -21.76
CA GLU G 290 -51.69 32.36 -20.84
C GLU G 290 -53.04 32.81 -21.41
N GLU G 291 -53.07 33.27 -22.66
CA GLU G 291 -54.33 33.68 -23.29
C GLU G 291 -55.20 32.51 -23.72
N LEU G 292 -54.72 31.30 -23.50
CA LEU G 292 -55.49 30.14 -23.88
C LEU G 292 -56.42 29.72 -22.77
N GLY G 293 -56.07 30.07 -21.55
CA GLY G 293 -56.81 29.62 -20.40
C GLY G 293 -56.08 28.50 -19.69
N ILE G 294 -54.87 28.17 -20.17
CA ILE G 294 -54.10 27.11 -19.56
C ILE G 294 -53.36 27.65 -18.34
N GLU G 295 -53.93 27.37 -17.16
CA GLU G 295 -53.38 27.84 -15.90
C GLU G 295 -52.26 26.88 -15.46
N LEU G 296 -51.18 27.41 -14.92
CA LEU G 296 -50.01 26.58 -14.59
C LEU G 296 -50.08 26.05 -13.16
N ASP G 297 -49.06 25.30 -12.77
CA ASP G 297 -48.87 24.74 -11.44
C ASP G 297 -48.46 25.82 -10.47
N PRO G 298 -48.36 25.45 -9.20
CA PRO G 298 -47.50 26.20 -8.29
C PRO G 298 -46.00 26.26 -8.70
N ARG G 299 -45.49 25.36 -9.54
CA ARG G 299 -44.06 25.49 -9.90
C ARG G 299 -43.79 25.84 -11.36
N GLY G 300 -44.84 25.80 -12.17
CA GLY G 300 -44.72 26.27 -13.54
C GLY G 300 -44.86 25.15 -14.53
N ARG G 301 -45.50 24.03 -14.12
CA ARG G 301 -45.71 22.86 -14.97
C ARG G 301 -47.14 22.89 -15.45
N ILE G 302 -47.41 22.35 -16.61
CA ILE G 302 -48.77 22.30 -17.05
C ILE G 302 -49.51 21.10 -16.45
N PRO G 303 -50.66 21.36 -15.82
CA PRO G 303 -51.56 20.26 -15.41
C PRO G 303 -52.14 19.43 -16.57
N VAL G 304 -51.85 18.13 -16.62
CA VAL G 304 -52.41 17.33 -17.73
C VAL G 304 -53.12 16.18 -17.11
N ASN G 305 -54.03 15.62 -17.88
CA ASN G 305 -54.81 14.54 -17.36
C ASN G 305 -54.24 13.24 -17.77
N THR G 306 -55.04 12.21 -17.60
CA THR G 306 -54.61 10.83 -17.75
C THR G 306 -54.07 10.57 -19.11
N ARG G 307 -54.82 10.92 -20.14
CA ARG G 307 -54.27 10.79 -21.49
C ARG G 307 -53.32 11.94 -21.87
N PHE G 308 -52.82 12.64 -20.86
CA PHE G 308 -51.91 13.72 -21.12
C PHE G 308 -52.44 15.00 -21.76
N GLN G 309 -53.73 15.30 -21.58
CA GLN G 309 -54.35 16.45 -22.24
C GLN G 309 -54.63 17.48 -21.23
N THR G 310 -54.46 18.74 -21.64
CA THR G 310 -54.65 19.90 -20.79
C THR G 310 -56.14 20.12 -20.68
N LYS G 311 -56.55 21.26 -20.09
CA LYS G 311 -57.98 21.53 -19.96
C LYS G 311 -58.60 21.82 -21.33
N ILE G 312 -57.73 22.00 -22.35
CA ILE G 312 -58.11 22.08 -23.77
C ILE G 312 -57.82 20.77 -24.50
N PRO G 313 -58.86 20.03 -24.79
CA PRO G 313 -58.75 18.62 -25.20
C PRO G 313 -57.81 18.29 -26.34
N ASN G 314 -57.79 19.00 -27.45
CA ASN G 314 -56.83 18.69 -28.47
C ASN G 314 -55.35 19.07 -28.14
N ILE G 315 -55.11 19.65 -26.95
CA ILE G 315 -53.75 20.08 -26.58
C ILE G 315 -53.19 19.30 -25.45
N TYR G 316 -51.98 18.76 -25.63
CA TYR G 316 -51.30 17.86 -24.68
C TYR G 316 -49.99 18.44 -24.24
N ALA G 317 -49.36 17.79 -23.26
CA ALA G 317 -48.01 18.16 -22.86
C ALA G 317 -47.33 16.99 -22.22
N ILE G 318 -46.02 16.92 -22.42
CA ILE G 318 -45.19 15.83 -21.94
C ILE G 318 -43.81 16.28 -21.52
N GLY G 319 -43.06 15.42 -20.85
CA GLY G 319 -41.67 15.76 -20.55
C GLY G 319 -41.56 16.74 -19.42
N ASP G 320 -40.43 17.43 -19.32
CA ASP G 320 -40.19 18.28 -18.14
C ASP G 320 -41.34 19.24 -17.78
N VAL G 321 -41.97 19.72 -18.84
CA VAL G 321 -43.00 20.74 -18.73
C VAL G 321 -44.21 20.14 -17.99
N VAL G 322 -44.19 18.85 -17.76
CA VAL G 322 -45.34 18.25 -17.15
C VAL G 322 -44.93 17.54 -15.88
N ALA G 323 -45.93 17.14 -15.08
CA ALA G 323 -45.76 16.45 -13.78
C ALA G 323 -44.97 15.15 -13.87
N GLY G 324 -44.09 14.86 -12.90
CA GLY G 324 -43.31 13.61 -12.75
C GLY G 324 -41.83 13.84 -12.46
N PRO G 325 -40.98 12.83 -12.52
CA PRO G 325 -39.51 13.03 -12.55
C PRO G 325 -38.99 13.62 -13.86
N MET G 326 -38.12 14.64 -13.77
CA MET G 326 -37.50 15.34 -14.91
C MET G 326 -36.31 14.61 -15.52
N LEU G 327 -36.63 13.59 -16.31
CA LEU G 327 -35.63 12.71 -16.90
C LEU G 327 -35.95 12.38 -18.35
N ALA G 328 -34.91 12.15 -19.14
CA ALA G 328 -35.13 11.84 -20.53
C ALA G 328 -35.96 10.58 -20.78
N HIS G 329 -35.78 9.47 -20.07
CA HIS G 329 -36.62 8.30 -20.40
C HIS G 329 -38.08 8.54 -20.01
N LYS G 330 -38.27 9.54 -19.19
CA LYS G 330 -39.59 9.92 -18.74
C LYS G 330 -40.25 10.65 -19.89
N ALA G 331 -39.53 11.55 -20.50
CA ALA G 331 -40.07 12.29 -21.59
C ALA G 331 -40.45 11.34 -22.71
N GLU G 332 -39.57 10.41 -23.09
CA GLU G 332 -39.91 9.49 -24.16
C GLU G 332 -41.08 8.55 -23.80
N ASP G 333 -41.08 7.93 -22.62
CA ASP G 333 -42.24 7.11 -22.37
C ASP G 333 -43.48 7.95 -22.65
N GLU G 334 -43.52 9.17 -22.13
CA GLU G 334 -44.76 9.98 -22.19
C GLU G 334 -45.14 10.34 -23.63
N GLY G 335 -44.15 10.78 -24.41
CA GLY G 335 -44.31 11.07 -25.81
C GLY G 335 -44.84 9.88 -26.56
N ILE G 336 -44.39 8.68 -26.23
CA ILE G 336 -44.86 7.50 -26.95
C ILE G 336 -46.33 7.24 -26.63
N ILE G 337 -46.66 7.25 -25.33
CA ILE G 337 -48.04 6.97 -24.97
C ILE G 337 -48.93 8.16 -25.22
N CYS G 338 -48.39 9.37 -25.13
CA CYS G 338 -49.26 10.51 -25.37
C CYS G 338 -49.85 10.33 -26.76
N VAL G 339 -48.99 10.25 -27.79
CA VAL G 339 -49.46 10.13 -29.17
C VAL G 339 -50.14 8.81 -29.45
N GLU G 340 -49.62 7.75 -28.90
CA GLU G 340 -50.28 6.45 -29.02
C GLU G 340 -51.71 6.63 -28.58
N GLY G 341 -51.92 7.70 -27.84
CA GLY G 341 -53.20 7.96 -27.25
C GLY G 341 -54.03 8.75 -28.22
N MET G 342 -53.41 9.73 -28.86
CA MET G 342 -54.14 10.48 -29.86
C MET G 342 -54.80 9.57 -30.88
N ALA G 343 -54.20 8.44 -31.17
CA ALA G 343 -54.87 7.45 -32.00
C ALA G 343 -55.54 6.40 -31.10
N GLY G 344 -55.47 5.13 -31.51
CA GLY G 344 -55.94 4.05 -30.64
C GLY G 344 -56.23 4.41 -29.17
N GLY G 345 -55.26 4.15 -28.29
CA GLY G 345 -55.23 4.87 -27.04
C GLY G 345 -55.42 4.11 -25.74
N ALA G 346 -54.48 3.24 -25.38
CA ALA G 346 -54.42 2.88 -23.98
C ALA G 346 -53.25 3.67 -23.42
N VAL G 347 -53.49 4.46 -22.40
CA VAL G 347 -52.43 5.33 -21.91
C VAL G 347 -52.27 5.01 -20.45
N HIS G 348 -51.18 4.36 -20.11
CA HIS G 348 -50.99 3.89 -18.79
C HIS G 348 -49.50 4.02 -18.54
N ILE G 349 -49.08 4.71 -17.48
CA ILE G 349 -47.64 4.76 -17.14
C ILE G 349 -47.46 4.61 -15.68
N ASP G 350 -46.46 3.87 -15.25
CA ASP G 350 -46.29 3.51 -13.84
C ASP G 350 -45.09 4.33 -13.33
N TYR G 351 -45.29 5.34 -12.51
CA TYR G 351 -44.16 6.26 -12.31
C TYR G 351 -43.21 5.73 -11.26
N ASN G 352 -43.64 4.65 -10.64
CA ASN G 352 -42.89 3.92 -9.64
C ASN G 352 -41.98 2.85 -10.27
N CYS G 353 -42.15 2.56 -11.56
CA CYS G 353 -41.26 1.65 -12.25
C CYS G 353 -40.24 2.37 -13.13
N VAL G 354 -40.20 3.69 -13.08
CA VAL G 354 -39.18 4.42 -13.84
C VAL G 354 -37.83 4.68 -13.09
N PRO G 355 -36.76 4.09 -13.60
CA PRO G 355 -35.43 4.13 -13.03
C PRO G 355 -34.78 5.52 -12.86
N SER G 356 -33.79 5.57 -11.97
CA SER G 356 -32.95 6.74 -11.77
C SER G 356 -31.51 6.32 -11.91
N VAL G 357 -30.66 7.18 -12.51
CA VAL G 357 -29.23 6.87 -12.53
C VAL G 357 -28.28 8.07 -12.29
N ILE G 358 -27.25 7.90 -11.48
CA ILE G 358 -26.24 8.93 -11.44
C ILE G 358 -24.95 8.29 -11.96
N TYR G 359 -24.37 8.84 -13.04
CA TYR G 359 -23.35 8.13 -13.84
C TYR G 359 -21.93 8.31 -13.42
N THR G 360 -21.75 8.50 -12.12
CA THR G 360 -20.40 8.61 -11.59
C THR G 360 -19.89 7.19 -11.54
N HIS G 361 -18.69 7.03 -10.99
CA HIS G 361 -18.09 5.75 -10.72
C HIS G 361 -17.68 5.76 -9.25
N PRO G 362 -18.28 4.88 -8.46
CA PRO G 362 -19.29 3.91 -8.92
C PRO G 362 -20.63 4.52 -9.29
N GLU G 363 -21.35 3.77 -10.10
CA GLU G 363 -22.64 4.21 -10.56
C GLU G 363 -23.59 4.06 -9.38
N VAL G 364 -24.63 4.90 -9.31
CA VAL G 364 -25.71 4.73 -8.36
C VAL G 364 -26.91 4.65 -9.21
N ALA G 365 -27.75 3.66 -8.96
CA ALA G 365 -29.01 3.58 -9.71
C ALA G 365 -29.99 2.98 -8.78
N TRP G 366 -31.29 3.10 -9.08
CA TRP G 366 -32.36 2.58 -8.25
C TRP G 366 -33.73 2.78 -8.94
N VAL G 367 -34.72 2.02 -8.45
CA VAL G 367 -36.07 2.09 -8.98
C VAL G 367 -36.96 1.71 -7.85
N GLY G 368 -38.23 2.04 -7.91
CA GLY G 368 -39.13 1.75 -6.83
C GLY G 368 -39.00 2.74 -5.69
N LYS G 369 -39.34 2.29 -4.50
CA LYS G 369 -39.37 3.16 -3.32
C LYS G 369 -38.09 3.05 -2.48
N SER G 370 -37.85 4.00 -1.60
CA SER G 370 -36.65 3.97 -0.77
C SER G 370 -37.12 3.57 0.60
N GLU G 371 -36.22 3.14 1.48
CA GLU G 371 -36.60 2.81 2.84
C GLU G 371 -37.37 3.97 3.43
N GLU G 372 -36.89 5.19 3.22
CA GLU G 372 -37.52 6.39 3.75
C GLU G 372 -38.97 6.62 3.30
N GLN G 373 -39.27 6.43 2.00
CA GLN G 373 -40.65 6.44 1.59
C GLN G 373 -41.43 5.25 2.16
N LEU G 374 -40.94 4.02 2.06
CA LEU G 374 -41.73 2.91 2.65
C LEU G 374 -42.15 3.18 4.06
N LYS G 375 -41.25 3.84 4.80
CA LYS G 375 -41.47 4.07 6.21
C LYS G 375 -42.56 5.07 6.40
N GLU G 376 -42.41 6.24 5.77
CA GLU G 376 -43.49 7.23 5.72
C GLU G 376 -44.80 6.69 5.20
N GLU G 377 -44.74 5.74 4.30
CA GLU G 377 -45.94 5.20 3.76
C GLU G 377 -46.57 4.23 4.72
N GLY G 378 -45.82 3.78 5.72
CA GLY G 378 -46.36 2.84 6.67
C GLY G 378 -46.32 1.39 6.18
N ILE G 379 -45.36 1.09 5.32
CA ILE G 379 -45.29 -0.23 4.71
C ILE G 379 -44.29 -1.09 5.43
N GLU G 380 -44.75 -2.19 6.00
CA GLU G 380 -43.93 -3.18 6.66
C GLU G 380 -43.16 -3.95 5.60
N TYR G 381 -41.83 -3.87 5.63
CA TYR G 381 -41.03 -4.59 4.66
C TYR G 381 -39.78 -5.30 5.27
N LYS G 382 -38.99 -5.90 4.40
CA LYS G 382 -37.72 -6.53 4.78
C LYS G 382 -36.61 -6.12 3.78
N VAL G 383 -35.36 -6.38 4.12
CA VAL G 383 -34.26 -5.91 3.28
C VAL G 383 -33.12 -6.89 3.04
N GLY G 384 -32.72 -7.12 1.78
CA GLY G 384 -31.57 -7.97 1.49
C GLY G 384 -30.51 -7.07 0.88
N LYS G 385 -29.26 -7.32 1.26
CA LYS G 385 -28.12 -6.54 0.79
C LYS G 385 -27.07 -7.52 0.33
N PHE G 386 -26.21 -7.06 -0.57
CA PHE G 386 -25.14 -7.89 -1.10
C PHE G 386 -24.01 -6.99 -1.60
N PRO G 387 -22.83 -7.16 -1.05
CA PRO G 387 -21.78 -6.22 -1.35
C PRO G 387 -21.12 -6.66 -2.60
N PHE G 388 -20.69 -5.71 -3.42
CA PHE G 388 -19.97 -6.06 -4.60
C PHE G 388 -18.73 -6.81 -4.24
N ALA G 389 -18.20 -6.49 -3.08
CA ALA G 389 -16.97 -7.12 -2.61
C ALA G 389 -17.09 -8.62 -2.57
N ALA G 390 -18.30 -9.13 -2.46
CA ALA G 390 -18.46 -10.57 -2.58
C ALA G 390 -18.89 -11.07 -3.94
N ASN G 391 -18.81 -10.23 -5.00
CA ASN G 391 -19.22 -10.59 -6.35
C ASN G 391 -18.05 -11.04 -7.21
N SER G 392 -18.19 -12.17 -7.88
CA SER G 392 -17.09 -12.65 -8.74
C SER G 392 -16.68 -11.67 -9.82
N ARG G 393 -17.57 -11.19 -10.64
CA ARG G 393 -17.11 -10.34 -11.72
C ARG G 393 -16.49 -9.03 -11.18
N ALA G 394 -17.08 -8.46 -10.12
CA ALA G 394 -16.51 -7.26 -9.49
C ALA G 394 -15.12 -7.51 -8.90
N LYS G 395 -14.97 -8.56 -8.11
CA LYS G 395 -13.67 -8.89 -7.52
C LYS G 395 -12.61 -9.00 -8.63
N THR G 396 -12.94 -9.76 -9.65
CA THR G 396 -12.04 -10.13 -10.72
C THR G 396 -11.50 -8.97 -11.50
N ASN G 397 -12.37 -8.04 -11.84
CA ASN G 397 -11.97 -6.76 -12.41
C ASN G 397 -11.48 -5.80 -11.38
N ALA G 398 -11.40 -6.22 -10.12
CA ALA G 398 -10.87 -5.38 -9.07
C ALA G 398 -11.63 -4.09 -9.01
N ASP G 399 -12.94 -4.19 -9.12
CA ASP G 399 -13.80 -3.05 -8.94
C ASP G 399 -14.90 -3.37 -7.93
N THR G 400 -14.64 -3.18 -6.64
CA THR G 400 -15.59 -3.61 -5.62
C THR G 400 -16.07 -2.48 -4.69
N ASP G 401 -17.07 -1.74 -5.09
CA ASP G 401 -17.54 -0.71 -4.20
C ASP G 401 -19.00 -0.96 -4.06
N GLY G 402 -19.55 -0.71 -2.91
CA GLY G 402 -20.98 -0.61 -2.88
C GLY G 402 -21.70 -1.94 -2.86
N MET G 403 -22.99 -1.88 -3.20
CA MET G 403 -23.81 -3.07 -3.07
C MET G 403 -25.13 -2.90 -3.70
N VAL G 404 -25.88 -3.99 -3.78
CA VAL G 404 -27.26 -3.94 -4.17
C VAL G 404 -28.08 -3.98 -2.87
N LYS G 405 -29.19 -3.26 -2.82
CA LYS G 405 -30.09 -3.36 -1.68
C LYS G 405 -31.49 -3.51 -2.24
N ILE G 406 -32.15 -4.65 -1.97
CA ILE G 406 -33.54 -4.87 -2.38
C ILE G 406 -34.49 -4.68 -1.20
N LEU G 407 -35.68 -4.15 -1.38
CA LEU G 407 -36.68 -4.09 -0.30
C LEU G 407 -37.95 -4.77 -0.72
N GLY G 408 -38.43 -5.77 0.04
CA GLY G 408 -39.66 -6.46 -0.34
C GLY G 408 -40.74 -6.27 0.71
N GLN G 409 -42.00 -6.19 0.29
CA GLN G 409 -43.12 -6.28 1.19
C GLN G 409 -42.98 -7.56 2.13
N LYS G 410 -43.08 -7.38 3.44
CA LYS G 410 -42.68 -8.45 4.36
C LYS G 410 -43.54 -9.71 4.41
N SER G 411 -44.71 -9.65 3.79
CA SER G 411 -45.63 -10.80 3.77
C SER G 411 -45.96 -11.24 2.34
N THR G 412 -45.91 -10.32 1.35
CA THR G 412 -46.02 -10.77 -0.07
C THR G 412 -44.69 -10.95 -0.84
N ASP G 413 -43.60 -10.49 -0.24
CA ASP G 413 -42.29 -10.68 -0.84
C ASP G 413 -42.13 -9.91 -2.14
N ARG G 414 -43.02 -8.95 -2.37
CA ARG G 414 -43.00 -8.13 -3.57
C ARG G 414 -41.84 -7.16 -3.52
N VAL G 415 -41.10 -7.03 -4.59
CA VAL G 415 -40.02 -6.05 -4.57
C VAL G 415 -40.66 -4.66 -4.58
N LEU G 416 -40.26 -3.79 -3.64
CA LEU G 416 -40.79 -2.45 -3.56
C LEU G 416 -39.80 -1.34 -4.03
N GLY G 417 -38.52 -1.70 -4.10
CA GLY G 417 -37.55 -0.83 -4.69
C GLY G 417 -36.22 -1.53 -4.63
N ALA G 418 -35.38 -1.25 -5.62
CA ALA G 418 -34.07 -1.88 -5.72
C ALA G 418 -33.05 -0.79 -5.84
N HIS G 419 -31.97 -0.90 -5.09
CA HIS G 419 -30.99 0.16 -5.10
C HIS G 419 -29.64 -0.49 -5.25
N ILE G 420 -28.90 -0.08 -6.30
CA ILE G 420 -27.52 -0.49 -6.54
C ILE G 420 -26.59 0.65 -6.37
N LEU G 421 -25.41 0.35 -5.86
CA LEU G 421 -24.37 1.34 -5.78
C LEU G 421 -23.12 0.61 -6.05
N GLY G 422 -22.51 0.86 -7.20
CA GLY G 422 -21.30 0.13 -7.57
C GLY G 422 -21.13 0.17 -9.08
N PRO G 423 -20.30 -0.72 -9.63
CA PRO G 423 -20.08 -0.75 -11.09
C PRO G 423 -21.30 -1.21 -11.92
N GLY G 424 -21.48 -0.57 -13.07
CA GLY G 424 -22.57 -0.89 -13.98
C GLY G 424 -23.97 -0.78 -13.40
N ALA G 425 -24.14 0.12 -12.46
CA ALA G 425 -25.40 0.12 -11.73
C ALA G 425 -26.42 0.64 -12.76
N GLY G 426 -25.93 1.46 -13.68
CA GLY G 426 -26.81 1.92 -14.74
C GLY G 426 -27.56 0.78 -15.45
N GLU G 427 -26.85 -0.19 -15.91
CA GLU G 427 -27.50 -1.16 -16.76
C GLU G 427 -28.30 -2.17 -15.96
N MET G 428 -27.78 -2.51 -14.78
CA MET G 428 -28.46 -3.43 -13.89
C MET G 428 -29.85 -3.01 -13.51
N VAL G 429 -30.02 -1.74 -13.24
CA VAL G 429 -31.32 -1.25 -12.79
C VAL G 429 -32.41 -1.52 -13.84
N ASN G 430 -32.02 -1.69 -15.09
CA ASN G 430 -33.03 -1.94 -16.10
C ASN G 430 -33.73 -3.21 -15.85
N GLU G 431 -32.96 -4.23 -15.44
CA GLU G 431 -33.50 -5.53 -15.04
C GLU G 431 -34.53 -5.36 -13.93
N ALA G 432 -34.18 -4.68 -12.84
CA ALA G 432 -35.17 -4.31 -11.79
C ALA G 432 -36.41 -3.63 -12.35
N ALA G 433 -36.26 -2.63 -13.20
CA ALA G 433 -37.43 -1.94 -13.71
C ALA G 433 -38.40 -2.92 -14.33
N LEU G 434 -37.87 -3.90 -15.05
CA LEU G 434 -38.69 -4.96 -15.63
C LEU G 434 -39.26 -5.81 -14.52
N ALA G 435 -38.43 -6.17 -13.55
CA ALA G 435 -38.96 -6.97 -12.49
C ALA G 435 -40.13 -6.26 -11.80
N LEU G 436 -39.99 -4.95 -11.63
CA LEU G 436 -40.99 -4.16 -10.92
C LEU G 436 -42.26 -4.15 -11.73
N GLU G 437 -42.06 -3.85 -13.01
CA GLU G 437 -43.12 -3.84 -13.96
C GLU G 437 -43.96 -5.11 -13.93
N TYR G 438 -43.33 -6.27 -13.93
CA TYR G 438 -44.06 -7.55 -13.80
C TYR G 438 -44.62 -7.85 -12.41
N GLY G 439 -44.43 -6.93 -11.47
CA GLY G 439 -44.92 -7.18 -10.14
C GLY G 439 -44.18 -8.30 -9.38
N ALA G 440 -43.02 -8.69 -9.87
CA ALA G 440 -42.12 -9.69 -9.31
C ALA G 440 -41.97 -9.63 -7.82
N SER G 441 -41.73 -10.79 -7.23
CA SER G 441 -41.30 -10.90 -5.88
C SER G 441 -39.79 -11.20 -5.82
N CYS G 442 -39.25 -11.18 -4.62
CA CYS G 442 -37.88 -11.46 -4.45
C CYS G 442 -37.66 -12.87 -4.86
N GLU G 443 -38.64 -13.71 -4.64
CA GLU G 443 -38.39 -15.11 -4.90
C GLU G 443 -38.35 -15.38 -6.38
N ASP G 444 -39.22 -14.68 -7.11
CA ASP G 444 -39.22 -14.82 -8.55
C ASP G 444 -37.84 -14.47 -9.02
N ILE G 445 -37.34 -13.31 -8.64
CA ILE G 445 -36.14 -12.89 -9.31
C ILE G 445 -34.99 -13.76 -8.84
N ALA G 446 -35.14 -14.41 -7.71
CA ALA G 446 -34.03 -15.26 -7.31
C ALA G 446 -33.90 -16.47 -8.19
N ARG G 447 -34.97 -16.94 -8.78
CA ARG G 447 -34.87 -18.23 -9.43
C ARG G 447 -34.62 -18.07 -10.90
N VAL G 448 -34.32 -16.87 -11.29
CA VAL G 448 -33.89 -16.64 -12.62
C VAL G 448 -32.37 -16.93 -12.68
N CYS G 449 -31.96 -17.53 -13.79
CA CYS G 449 -30.61 -17.94 -13.93
C CYS G 449 -29.79 -16.81 -14.53
N HIS G 450 -28.74 -16.34 -13.84
CA HIS G 450 -27.96 -15.14 -14.34
C HIS G 450 -26.62 -15.67 -14.73
N ALA G 451 -26.00 -15.07 -15.73
CA ALA G 451 -24.75 -15.60 -16.19
C ALA G 451 -23.76 -15.36 -15.09
N HIS G 452 -22.86 -16.31 -14.94
CA HIS G 452 -21.73 -16.21 -14.04
C HIS G 452 -20.50 -16.08 -14.85
N PRO G 453 -19.63 -15.18 -14.54
CA PRO G 453 -19.81 -14.15 -13.54
C PRO G 453 -20.17 -12.74 -14.13
N THR G 454 -21.22 -12.11 -13.61
CA THR G 454 -21.60 -10.77 -14.03
C THR G 454 -21.97 -10.04 -12.74
N LEU G 455 -21.90 -8.73 -12.82
CA LEU G 455 -22.27 -7.82 -11.76
C LEU G 455 -23.69 -8.13 -11.35
N SER G 456 -24.44 -8.65 -12.29
CA SER G 456 -25.86 -8.81 -12.09
C SER G 456 -26.20 -9.85 -11.06
N GLU G 457 -25.19 -10.66 -10.73
CA GLU G 457 -25.37 -11.78 -9.85
C GLU G 457 -25.60 -11.26 -8.49
N ALA G 458 -25.08 -10.07 -8.18
CA ALA G 458 -25.30 -9.44 -6.87
C ALA G 458 -26.75 -8.99 -6.77
N PHE G 459 -27.35 -8.70 -7.90
CA PHE G 459 -28.70 -8.22 -7.90
C PHE G 459 -29.60 -9.42 -7.57
N ARG G 460 -29.11 -10.62 -7.87
CA ARG G 460 -29.92 -11.79 -7.66
C ARG G 460 -29.64 -12.25 -6.26
N GLU G 461 -28.41 -12.07 -5.82
CA GLU G 461 -28.01 -12.51 -4.52
C GLU G 461 -28.78 -11.66 -3.52
N ALA G 462 -28.96 -10.37 -3.82
CA ALA G 462 -29.71 -9.53 -2.90
C ALA G 462 -31.16 -10.02 -2.75
N ASN G 463 -31.84 -10.18 -3.87
CA ASN G 463 -33.15 -10.77 -3.81
C ASN G 463 -33.30 -12.11 -3.01
N LEU G 464 -32.29 -12.97 -3.11
CA LEU G 464 -32.25 -14.22 -2.40
C LEU G 464 -32.27 -13.84 -0.92
N ALA G 465 -31.40 -12.93 -0.53
CA ALA G 465 -31.26 -12.55 0.88
C ALA G 465 -32.57 -12.09 1.35
N ALA G 466 -33.35 -11.47 0.50
CA ALA G 466 -34.50 -10.77 1.01
C ALA G 466 -35.56 -11.75 1.16
N SER G 467 -35.60 -12.75 0.29
CA SER G 467 -36.65 -13.74 0.43
C SER G 467 -36.34 -14.96 1.31
N PHE G 468 -35.14 -15.53 1.25
CA PHE G 468 -34.88 -16.75 2.03
C PHE G 468 -34.33 -16.34 3.40
N GLY G 469 -33.90 -15.07 3.48
CA GLY G 469 -33.27 -14.57 4.68
C GLY G 469 -31.74 -14.57 4.63
N LYS G 470 -31.16 -15.22 3.62
CA LYS G 470 -29.72 -15.17 3.42
C LYS G 470 -29.28 -15.68 2.05
N SER G 471 -28.23 -15.08 1.56
CA SER G 471 -27.66 -15.48 0.28
C SER G 471 -26.67 -16.64 0.51
N ILE G 472 -26.23 -17.28 -0.56
CA ILE G 472 -25.21 -18.30 -0.40
C ILE G 472 -23.73 -17.82 -0.48
N ASN G 473 -23.51 -16.60 -1.00
CA ASN G 473 -22.16 -16.11 -1.19
C ASN G 473 -21.72 -15.07 -0.25
N PHE G 474 -22.64 -14.53 0.53
CA PHE G 474 -22.19 -13.54 1.48
C PHE G 474 -22.61 -13.81 2.93
N ALA H 1 -6.59 -40.30 13.40
CA ALA H 1 -7.26 -39.00 13.07
C ALA H 1 -8.37 -39.25 12.03
N ASP H 2 -8.95 -40.45 12.08
CA ASP H 2 -9.78 -40.90 10.98
C ASP H 2 -11.26 -41.22 11.32
N GLN H 3 -11.65 -41.09 12.59
CA GLN H 3 -12.99 -41.51 12.99
C GLN H 3 -14.11 -41.15 11.98
N PRO H 4 -14.94 -42.10 11.60
CA PRO H 4 -15.93 -41.87 10.58
C PRO H 4 -16.90 -40.82 11.04
N ILE H 5 -17.26 -39.93 10.14
CA ILE H 5 -18.21 -38.87 10.44
C ILE H 5 -19.56 -39.10 9.73
N ASP H 6 -20.67 -38.68 10.35
CA ASP H 6 -22.01 -38.84 9.78
C ASP H 6 -22.58 -37.55 9.21
N ALA H 7 -23.13 -37.59 8.01
CA ALA H 7 -23.71 -36.40 7.40
C ALA H 7 -25.06 -36.69 6.70
N ASP H 8 -25.96 -35.71 6.58
CA ASP H 8 -27.20 -35.91 5.84
C ASP H 8 -26.94 -35.93 4.34
N VAL H 9 -25.89 -35.18 3.95
CA VAL H 9 -25.48 -34.96 2.57
C VAL H 9 -23.95 -34.90 2.56
N THR H 10 -23.29 -35.54 1.58
CA THR H 10 -21.88 -35.27 1.35
C THR H 10 -21.71 -34.95 -0.11
N VAL H 11 -21.22 -33.75 -0.42
CA VAL H 11 -20.97 -33.33 -1.78
C VAL H 11 -19.55 -33.66 -2.22
N ILE H 12 -19.39 -34.21 -3.40
CA ILE H 12 -18.05 -34.59 -3.83
C ILE H 12 -17.60 -33.63 -4.92
N GLY H 13 -16.70 -32.72 -4.56
CA GLY H 13 -16.33 -31.70 -5.53
C GLY H 13 -16.77 -30.36 -5.01
N SER H 14 -15.95 -29.33 -5.17
CA SER H 14 -16.32 -28.04 -4.62
C SER H 14 -16.18 -26.89 -5.62
N GLY H 15 -16.40 -27.19 -6.89
CA GLY H 15 -16.57 -26.18 -7.90
C GLY H 15 -17.91 -25.55 -7.74
N PRO H 16 -18.32 -24.63 -8.62
CA PRO H 16 -19.63 -23.99 -8.44
C PRO H 16 -20.62 -25.15 -8.27
N GLY H 17 -21.74 -25.02 -7.62
CA GLY H 17 -22.51 -26.26 -7.74
C GLY H 17 -22.22 -27.26 -6.63
N GLY H 18 -20.99 -27.76 -6.57
CA GLY H 18 -20.54 -28.49 -5.40
C GLY H 18 -20.67 -27.63 -4.17
N TYR H 19 -20.05 -26.47 -4.27
CA TYR H 19 -19.79 -25.68 -3.09
C TYR H 19 -20.99 -24.90 -2.78
N VAL H 20 -21.75 -24.65 -3.82
CA VAL H 20 -22.98 -23.89 -3.73
C VAL H 20 -24.05 -24.79 -3.25
N ALA H 21 -24.18 -25.99 -3.80
CA ALA H 21 -25.04 -26.98 -3.12
C ALA H 21 -24.64 -27.14 -1.70
N ALA H 22 -23.34 -27.24 -1.44
CA ALA H 22 -22.87 -27.53 -0.05
C ALA H 22 -23.43 -26.55 0.96
N ILE H 23 -23.21 -25.28 0.62
CA ILE H 23 -23.74 -24.17 1.38
C ILE H 23 -25.28 -24.21 1.53
N LYS H 24 -25.96 -24.32 0.41
CA LYS H 24 -27.39 -24.36 0.49
C LYS H 24 -27.86 -25.44 1.46
N ALA H 25 -27.32 -26.65 1.31
CA ALA H 25 -27.75 -27.82 2.08
C ALA H 25 -27.56 -27.57 3.58
N ALA H 26 -26.43 -27.04 3.92
CA ALA H 26 -26.27 -26.54 5.25
C ALA H 26 -27.38 -25.52 5.61
N GLN H 27 -27.50 -24.41 4.89
CA GLN H 27 -28.56 -23.48 5.19
C GLN H 27 -30.02 -24.03 5.37
N LEU H 28 -30.39 -25.23 4.87
CA LEU H 28 -31.73 -25.79 5.07
C LEU H 28 -31.72 -26.79 6.22
N GLY H 29 -30.61 -26.83 6.96
CA GLY H 29 -30.50 -27.69 8.13
C GLY H 29 -30.12 -29.10 7.80
N PHE H 30 -29.36 -29.31 6.74
CA PHE H 30 -28.74 -30.62 6.51
C PHE H 30 -27.32 -30.52 7.11
N LYS H 31 -26.91 -31.57 7.83
CA LYS H 31 -25.52 -31.73 8.19
C LYS H 31 -24.73 -31.96 6.87
N THR H 32 -23.90 -31.05 6.45
CA THR H 32 -23.22 -31.30 5.19
C THR H 32 -21.74 -31.50 5.27
N VAL H 33 -21.25 -32.32 4.36
CA VAL H 33 -19.81 -32.45 4.12
C VAL H 33 -19.55 -32.13 2.65
N CYS H 34 -18.45 -31.44 2.36
CA CYS H 34 -18.00 -31.23 0.98
C CYS H 34 -16.59 -31.72 0.89
N ILE H 35 -16.30 -32.57 -0.10
CA ILE H 35 -14.97 -33.23 -0.29
C ILE H 35 -14.22 -32.65 -1.50
N GLU H 36 -12.95 -32.34 -1.35
CA GLU H 36 -12.31 -31.68 -2.47
C GLU H 36 -10.90 -32.13 -2.54
N LYS H 37 -10.55 -32.70 -3.68
CA LYS H 37 -9.19 -33.20 -3.81
C LYS H 37 -8.20 -32.05 -3.98
N ASN H 38 -8.46 -31.01 -4.74
CA ASN H 38 -7.39 -30.03 -4.90
C ASN H 38 -7.04 -29.17 -3.69
N GLU H 39 -5.82 -28.70 -3.61
CA GLU H 39 -5.46 -27.86 -2.44
C GLU H 39 -6.33 -26.60 -2.23
N THR H 40 -7.16 -26.20 -3.21
CA THR H 40 -8.10 -25.11 -3.00
C THR H 40 -9.50 -25.42 -3.56
N LEU H 41 -10.53 -24.85 -2.93
CA LEU H 41 -11.89 -25.01 -3.43
C LEU H 41 -12.19 -24.08 -4.60
N GLY H 42 -13.35 -24.18 -5.21
CA GLY H 42 -13.68 -23.28 -6.28
C GLY H 42 -13.83 -23.99 -7.59
N GLY H 43 -13.09 -25.11 -7.75
CA GLY H 43 -13.24 -26.10 -8.84
C GLY H 43 -12.61 -25.58 -10.08
N THR H 44 -12.94 -26.17 -11.25
CA THR H 44 -12.31 -25.59 -12.47
C THR H 44 -12.67 -24.12 -12.65
N CYS H 45 -13.92 -23.73 -12.46
CA CYS H 45 -14.30 -22.37 -12.80
C CYS H 45 -13.42 -21.31 -12.11
N LEU H 46 -13.26 -21.47 -10.81
CA LEU H 46 -12.55 -20.49 -10.04
C LEU H 46 -11.00 -20.54 -10.27
N ASN H 47 -10.34 -21.70 -10.07
CA ASN H 47 -8.88 -21.80 -10.06
C ASN H 47 -8.13 -21.70 -11.40
N VAL H 48 -8.84 -22.04 -12.51
CA VAL H 48 -8.24 -22.27 -13.85
C VAL H 48 -9.20 -22.00 -15.04
N GLY H 49 -10.36 -21.40 -14.79
CA GLY H 49 -11.37 -21.28 -15.82
C GLY H 49 -11.87 -19.87 -15.95
N CYS H 50 -13.14 -19.75 -15.60
CA CYS H 50 -13.93 -18.54 -15.68
C CYS H 50 -13.11 -17.38 -15.07
N ILE H 51 -12.70 -17.49 -13.78
CA ILE H 51 -12.05 -16.37 -13.09
C ILE H 51 -10.73 -15.83 -13.71
N PRO H 52 -9.73 -16.68 -13.85
CA PRO H 52 -8.45 -16.22 -14.41
C PRO H 52 -8.76 -15.54 -15.76
N SER H 53 -9.52 -16.23 -16.62
CA SER H 53 -9.75 -15.70 -17.94
C SER H 53 -10.46 -14.32 -18.00
N LYS H 54 -11.54 -14.14 -17.21
CA LYS H 54 -12.17 -12.85 -17.18
C LYS H 54 -11.17 -11.77 -16.76
N ALA H 55 -10.22 -12.12 -15.91
CA ALA H 55 -9.25 -11.22 -15.40
C ALA H 55 -8.29 -10.78 -16.55
N LEU H 56 -7.72 -11.78 -17.25
CA LEU H 56 -6.79 -11.49 -18.34
C LEU H 56 -7.49 -10.78 -19.49
N LEU H 57 -8.74 -11.16 -19.73
CA LEU H 57 -9.60 -10.46 -20.66
C LEU H 57 -9.74 -9.03 -20.22
N ASN H 58 -10.10 -8.80 -18.96
CA ASN H 58 -10.32 -7.48 -18.51
C ASN H 58 -9.04 -6.62 -18.66
N ASN H 59 -7.92 -7.08 -18.10
CA ASN H 59 -6.69 -6.31 -18.15
C ASN H 59 -6.14 -6.18 -19.57
N SER H 60 -6.28 -7.18 -20.41
CA SER H 60 -5.74 -7.03 -21.75
C SER H 60 -6.57 -6.01 -22.54
N HIS H 61 -7.86 -5.89 -22.21
CA HIS H 61 -8.67 -4.83 -22.77
C HIS H 61 -8.03 -3.47 -22.57
N TYR H 62 -7.91 -3.07 -21.32
CA TYR H 62 -7.31 -1.78 -20.97
C TYR H 62 -6.01 -1.63 -21.68
N TYR H 63 -5.20 -2.66 -21.69
CA TYR H 63 -3.93 -2.52 -22.37
C TYR H 63 -4.11 -2.15 -23.85
N HIS H 64 -5.10 -2.69 -24.54
CA HIS H 64 -5.20 -2.44 -25.96
C HIS H 64 -5.77 -1.03 -26.17
N MET H 65 -6.53 -0.61 -25.16
CA MET H 65 -7.24 0.67 -25.22
C MET H 65 -6.26 1.78 -24.99
N ALA H 66 -5.35 1.54 -24.06
CA ALA H 66 -4.27 2.44 -23.74
C ALA H 66 -3.11 2.34 -24.75
N HIS H 67 -2.93 1.21 -25.43
CA HIS H 67 -1.76 1.03 -26.31
C HIS H 67 -2.11 1.47 -27.73
N GLY H 68 -3.34 1.25 -28.12
CA GLY H 68 -3.72 1.43 -29.50
C GLY H 68 -4.28 2.80 -29.70
N LYS H 69 -5.24 2.94 -30.61
CA LYS H 69 -5.77 4.25 -30.98
C LYS H 69 -6.78 4.85 -29.98
N ASP H 70 -7.33 4.03 -29.08
CA ASP H 70 -8.48 4.49 -28.29
C ASP H 70 -8.25 5.71 -27.45
N PHE H 71 -7.58 5.50 -26.32
CA PHE H 71 -7.35 6.49 -25.29
C PHE H 71 -6.91 7.81 -25.85
N ALA H 72 -5.87 7.77 -26.68
CA ALA H 72 -5.32 8.99 -27.32
C ALA H 72 -6.39 9.89 -27.99
N SER H 73 -7.45 9.29 -28.53
CA SER H 73 -8.52 10.04 -29.16
C SER H 73 -9.50 10.64 -28.13
N ARG H 74 -9.31 10.30 -26.85
CA ARG H 74 -10.14 10.85 -25.77
C ARG H 74 -9.42 11.97 -25.05
N GLY H 75 -8.30 12.39 -25.61
CA GLY H 75 -7.49 13.41 -24.97
C GLY H 75 -6.60 12.87 -23.86
N ILE H 76 -6.28 11.58 -23.93
CA ILE H 76 -5.40 10.97 -22.98
C ILE H 76 -4.10 10.57 -23.66
N GLU H 77 -3.30 11.59 -23.95
CA GLU H 77 -1.96 11.46 -24.49
C GLU H 77 -1.04 10.68 -23.58
N MET H 78 -0.20 9.83 -24.14
CA MET H 78 0.68 9.00 -23.33
C MET H 78 2.12 8.92 -23.86
N SER H 79 3.06 8.86 -22.90
CA SER H 79 4.49 8.76 -23.18
C SER H 79 4.80 7.50 -23.97
N GLU H 80 4.85 6.35 -23.29
CA GLU H 80 4.88 5.08 -23.98
C GLU H 80 4.13 4.04 -23.17
N VAL H 81 3.58 3.02 -23.82
CA VAL H 81 2.78 2.09 -23.08
C VAL H 81 3.35 0.68 -23.04
N ARG H 82 3.73 0.24 -21.85
CA ARG H 82 4.51 -0.98 -21.71
C ARG H 82 3.72 -2.08 -20.98
N LEU H 83 3.91 -3.31 -21.44
CA LEU H 83 3.28 -4.46 -20.84
C LEU H 83 4.10 -4.86 -19.65
N ASN H 84 3.63 -5.82 -18.89
CA ASN H 84 4.32 -6.33 -17.75
C ASN H 84 3.53 -7.58 -17.34
N LEU H 85 3.74 -8.68 -18.05
CA LEU H 85 2.95 -9.85 -17.77
C LEU H 85 2.89 -10.22 -16.29
N ASP H 86 4.02 -10.05 -15.62
CA ASP H 86 4.13 -10.52 -14.26
C ASP H 86 3.11 -9.77 -13.41
N LYS H 87 3.10 -8.44 -13.50
CA LYS H 87 2.22 -7.67 -12.66
C LYS H 87 0.78 -8.01 -13.06
N MET H 88 0.58 -8.34 -14.32
CA MET H 88 -0.77 -8.67 -14.80
C MET H 88 -1.25 -10.04 -14.41
N MET H 89 -0.40 -11.07 -14.43
CA MET H 89 -0.81 -12.37 -13.89
C MET H 89 -0.93 -12.36 -12.39
N GLU H 90 -0.20 -11.46 -11.74
CA GLU H 90 -0.37 -11.36 -10.30
C GLU H 90 -1.78 -10.83 -10.01
N GLN H 91 -2.06 -9.62 -10.45
CA GLN H 91 -3.42 -9.13 -10.41
C GLN H 91 -4.43 -10.24 -10.71
N LYS H 92 -4.07 -11.18 -11.55
CA LYS H 92 -4.98 -12.26 -11.91
C LYS H 92 -5.09 -13.19 -10.77
N SER H 93 -3.95 -13.77 -10.37
CA SER H 93 -3.91 -14.86 -9.36
C SER H 93 -4.20 -14.34 -7.94
N THR H 94 -4.07 -13.03 -7.72
CA THR H 94 -4.50 -12.47 -6.46
C THR H 94 -6.02 -12.52 -6.29
N ALA H 95 -6.74 -12.17 -7.35
CA ALA H 95 -8.20 -12.27 -7.39
C ALA H 95 -8.66 -13.70 -7.15
N VAL H 96 -7.94 -14.65 -7.72
CA VAL H 96 -8.32 -16.03 -7.58
C VAL H 96 -8.20 -16.40 -6.10
N LYS H 97 -7.06 -16.10 -5.48
CA LYS H 97 -6.84 -16.46 -4.09
C LYS H 97 -7.85 -15.80 -3.19
N ALA H 98 -8.14 -14.53 -3.51
CA ALA H 98 -9.20 -13.80 -2.83
C ALA H 98 -10.52 -14.60 -2.86
N LEU H 99 -11.06 -14.87 -4.06
CA LEU H 99 -12.27 -15.68 -4.14
C LEU H 99 -12.08 -17.06 -3.48
N THR H 100 -10.91 -17.70 -3.57
CA THR H 100 -10.79 -19.07 -3.03
C THR H 100 -10.82 -19.12 -1.48
N GLY H 101 -10.19 -18.14 -0.83
CA GLY H 101 -10.33 -17.94 0.59
C GLY H 101 -11.80 -17.65 0.90
N GLY H 102 -12.44 -16.74 0.12
CA GLY H 102 -13.89 -16.59 0.14
C GLY H 102 -14.68 -17.88 0.50
N ILE H 103 -14.54 -18.90 -0.34
CA ILE H 103 -15.35 -20.10 -0.20
C ILE H 103 -15.01 -20.81 1.07
N ALA H 104 -13.75 -20.77 1.42
CA ALA H 104 -13.30 -21.42 2.65
C ALA H 104 -14.13 -20.82 3.77
N HIS H 105 -14.09 -19.50 3.82
CA HIS H 105 -14.77 -18.69 4.79
C HIS H 105 -16.31 -18.88 4.84
N LEU H 106 -16.94 -19.09 3.70
CA LEU H 106 -18.37 -19.34 3.64
C LEU H 106 -18.71 -20.75 4.22
N PHE H 107 -17.86 -21.72 3.94
CA PHE H 107 -18.00 -23.05 4.48
C PHE H 107 -17.96 -22.96 6.00
N LYS H 108 -17.09 -22.08 6.49
CA LYS H 108 -16.83 -21.91 7.89
C LYS H 108 -18.11 -21.42 8.52
N GLN H 109 -18.72 -20.37 7.98
CA GLN H 109 -19.88 -19.78 8.63
C GLN H 109 -21.14 -20.58 8.48
N ASN H 110 -21.35 -21.14 7.30
CA ASN H 110 -22.46 -22.05 7.10
C ASN H 110 -22.22 -23.45 7.71
N LYS H 111 -21.10 -23.62 8.39
CA LYS H 111 -20.83 -24.90 9.04
C LYS H 111 -20.78 -26.13 8.11
N VAL H 112 -20.11 -25.94 6.97
CA VAL H 112 -19.83 -27.02 6.04
C VAL H 112 -18.51 -27.65 6.48
N VAL H 113 -18.54 -28.95 6.69
CA VAL H 113 -17.36 -29.67 7.06
C VAL H 113 -16.60 -29.99 5.80
N HIS H 114 -15.41 -29.40 5.66
CA HIS H 114 -14.64 -29.48 4.42
C HIS H 114 -13.67 -30.57 4.65
N VAL H 115 -13.66 -31.57 3.81
CA VAL H 115 -12.77 -32.72 3.99
C VAL H 115 -11.92 -32.77 2.76
N ASN H 116 -10.64 -32.56 2.94
CA ASN H 116 -9.77 -32.48 1.77
C ASN H 116 -9.32 -33.86 1.36
N GLY H 117 -9.33 -34.17 0.05
CA GLY H 117 -8.93 -35.50 -0.41
C GLY H 117 -9.83 -36.09 -1.49
N TYR H 118 -9.47 -37.27 -1.99
CA TYR H 118 -10.17 -37.78 -3.15
C TYR H 118 -11.32 -38.70 -2.70
N GLY H 119 -12.55 -38.26 -2.88
CA GLY H 119 -13.71 -39.00 -2.47
C GLY H 119 -14.10 -40.03 -3.49
N LYS H 120 -14.46 -41.22 -3.00
CA LYS H 120 -14.95 -42.30 -3.81
C LYS H 120 -16.06 -42.99 -3.04
N ILE H 121 -17.13 -43.26 -3.77
CA ILE H 121 -18.34 -43.76 -3.16
C ILE H 121 -18.15 -45.22 -2.77
N THR H 122 -18.20 -45.51 -1.49
CA THR H 122 -17.85 -46.87 -1.06
C THR H 122 -19.05 -47.74 -0.68
N GLY H 123 -20.24 -47.16 -0.78
CA GLY H 123 -21.47 -47.90 -0.59
C GLY H 123 -22.55 -46.89 -0.85
N LYS H 124 -23.82 -47.30 -1.02
CA LYS H 124 -24.95 -46.39 -1.25
C LYS H 124 -25.09 -45.32 -0.17
N ASN H 125 -24.55 -45.60 1.03
CA ASN H 125 -24.58 -44.60 2.08
C ASN H 125 -23.25 -44.27 2.69
N GLN H 126 -22.19 -44.45 1.93
CA GLN H 126 -20.88 -44.12 2.46
C GLN H 126 -19.93 -43.58 1.37
N VAL H 127 -19.26 -42.47 1.64
CA VAL H 127 -18.30 -41.95 0.73
C VAL H 127 -17.04 -42.01 1.53
N THR H 128 -15.95 -42.55 0.96
CA THR H 128 -14.60 -42.58 1.59
C THR H 128 -13.61 -41.68 0.89
N ALA H 129 -12.92 -40.86 1.64
CA ALA H 129 -11.98 -39.89 1.03
C ALA H 129 -10.56 -40.24 1.43
N THR H 130 -9.65 -40.48 0.49
CA THR H 130 -8.29 -40.65 0.92
C THR H 130 -7.51 -39.39 0.74
N LYS H 131 -6.92 -38.96 1.84
CA LYS H 131 -6.24 -37.70 1.90
C LYS H 131 -4.96 -37.94 1.09
N ALA H 132 -4.17 -36.91 0.85
CA ALA H 132 -2.97 -37.10 0.01
C ALA H 132 -1.76 -37.58 0.81
N ASP H 133 -1.85 -37.59 2.15
CA ASP H 133 -0.83 -38.24 3.01
C ASP H 133 -1.17 -39.73 3.24
N GLY H 134 -1.81 -40.34 2.27
CA GLY H 134 -2.28 -41.69 2.46
C GLY H 134 -3.57 -41.85 3.26
N GLY H 135 -3.74 -41.06 4.34
CA GLY H 135 -4.84 -41.15 5.30
C GLY H 135 -6.30 -41.03 4.83
N THR H 136 -7.14 -41.92 5.31
CA THR H 136 -8.54 -41.96 4.90
C THR H 136 -9.59 -41.49 5.92
N GLN H 137 -10.71 -41.00 5.38
CA GLN H 137 -11.77 -40.47 6.19
C GLN H 137 -13.02 -41.07 5.65
N VAL H 138 -13.70 -41.86 6.47
CA VAL H 138 -14.98 -42.44 6.07
C VAL H 138 -16.11 -41.49 6.35
N ILE H 139 -17.15 -41.50 5.51
CA ILE H 139 -18.31 -40.66 5.78
C ILE H 139 -19.56 -41.50 5.62
N ASP H 140 -20.36 -41.66 6.64
CA ASP H 140 -21.60 -42.34 6.45
C ASP H 140 -22.75 -41.31 6.28
N THR H 141 -23.22 -41.20 5.06
CA THR H 141 -24.01 -40.09 4.62
C THR H 141 -25.34 -40.60 4.09
N LYS H 142 -26.42 -39.94 4.48
CA LYS H 142 -27.76 -40.30 4.02
C LYS H 142 -27.93 -40.10 2.52
N ASN H 143 -27.52 -38.96 2.00
CA ASN H 143 -27.46 -38.71 0.55
C ASN H 143 -26.04 -38.39 0.10
N ILE H 144 -25.79 -38.46 -1.20
CA ILE H 144 -24.49 -38.07 -1.71
C ILE H 144 -24.62 -37.37 -3.07
N LEU H 145 -24.03 -36.20 -3.20
CA LEU H 145 -24.19 -35.35 -4.37
C LEU H 145 -22.88 -35.36 -5.14
N ILE H 146 -22.90 -35.77 -6.41
CA ILE H 146 -21.71 -35.85 -7.21
C ILE H 146 -21.55 -34.55 -8.03
N ALA H 147 -20.50 -33.79 -7.73
CA ALA H 147 -20.14 -32.62 -8.47
C ALA H 147 -18.70 -32.68 -8.93
N THR H 148 -18.26 -33.78 -9.50
CA THR H 148 -16.84 -33.83 -9.89
C THR H 148 -16.47 -33.02 -11.12
N GLY H 149 -17.42 -32.59 -11.95
CA GLY H 149 -17.06 -31.72 -13.07
C GLY H 149 -16.42 -32.21 -14.40
N SER H 150 -15.52 -31.41 -14.94
CA SER H 150 -14.98 -31.70 -16.24
C SER H 150 -13.47 -31.59 -16.23
N GLU H 151 -12.88 -31.75 -17.41
CA GLU H 151 -11.45 -31.86 -17.61
C GLU H 151 -11.21 -31.63 -19.09
N VAL H 152 -10.01 -31.22 -19.45
CA VAL H 152 -9.80 -30.97 -20.87
C VAL H 152 -9.87 -32.27 -21.60
N THR H 153 -10.56 -32.30 -22.74
CA THR H 153 -10.62 -33.44 -23.67
C THR H 153 -9.28 -33.38 -24.36
N PRO H 154 -8.52 -34.46 -24.46
CA PRO H 154 -7.21 -34.31 -25.09
C PRO H 154 -7.45 -34.46 -26.60
N PHE H 155 -6.52 -33.95 -27.41
CA PHE H 155 -6.64 -34.16 -28.84
C PHE H 155 -5.74 -35.36 -29.23
N PRO H 156 -6.39 -36.32 -29.88
CA PRO H 156 -5.77 -37.50 -30.45
C PRO H 156 -4.49 -37.27 -31.26
N GLY H 157 -3.32 -37.65 -30.76
CA GLY H 157 -2.10 -37.42 -31.53
C GLY H 157 -1.30 -36.19 -31.13
N ILE H 158 -1.97 -35.12 -30.70
CA ILE H 158 -1.22 -34.07 -30.05
C ILE H 158 -1.04 -34.37 -28.57
N THR H 159 0.12 -34.00 -28.02
CA THR H 159 0.32 -34.14 -26.58
C THR H 159 0.65 -32.85 -25.87
N ILE H 160 -0.26 -32.44 -24.97
CA ILE H 160 -0.10 -31.28 -24.07
C ILE H 160 0.96 -31.55 -23.04
N ASP H 161 1.87 -30.60 -22.85
CA ASP H 161 2.94 -30.72 -21.88
C ASP H 161 2.86 -29.47 -21.00
N GLU H 162 1.83 -28.66 -21.25
CA GLU H 162 1.65 -27.38 -20.58
C GLU H 162 2.91 -26.56 -20.61
N ASP H 163 3.53 -26.48 -21.76
CA ASP H 163 4.66 -25.62 -21.89
C ASP H 163 4.63 -24.88 -23.26
N THR H 164 4.68 -25.62 -24.38
CA THR H 164 4.51 -25.07 -25.72
C THR H 164 3.26 -25.63 -26.37
N ILE H 165 2.87 -26.84 -25.97
CA ILE H 165 1.60 -27.40 -26.41
C ILE H 165 0.71 -27.30 -25.16
N VAL H 166 0.16 -26.11 -24.94
CA VAL H 166 -0.68 -25.82 -23.78
C VAL H 166 -2.14 -26.17 -23.99
N SER H 167 -2.79 -26.35 -22.86
CA SER H 167 -4.23 -26.43 -22.81
C SER H 167 -4.70 -25.10 -22.20
N SER H 168 -6.01 -24.93 -22.15
CA SER H 168 -6.56 -23.74 -21.54
C SER H 168 -5.80 -23.35 -20.27
N THR H 169 -5.73 -24.28 -19.32
CA THR H 169 -5.16 -23.92 -18.07
C THR H 169 -3.74 -23.49 -18.30
N GLY H 170 -3.08 -24.12 -19.26
CA GLY H 170 -1.73 -23.72 -19.64
C GLY H 170 -1.69 -22.33 -20.22
N ALA H 171 -2.64 -22.04 -21.08
CA ALA H 171 -2.61 -20.78 -21.78
C ALA H 171 -2.74 -19.63 -20.84
N LEU H 172 -3.40 -19.81 -19.71
CA LEU H 172 -3.61 -18.71 -18.75
C LEU H 172 -2.38 -18.38 -17.90
N SER H 173 -1.28 -19.07 -18.09
CA SER H 173 -0.12 -18.74 -17.28
C SER H 173 1.12 -18.78 -18.17
N LEU H 174 0.93 -18.45 -19.42
CA LEU H 174 2.08 -18.28 -20.29
C LEU H 174 3.11 -17.39 -19.59
N LYS H 175 4.39 -17.70 -19.76
CA LYS H 175 5.45 -16.89 -19.14
C LYS H 175 5.79 -15.58 -19.86
N LYS H 176 5.50 -15.53 -21.16
CA LYS H 176 5.76 -14.33 -21.92
C LYS H 176 4.90 -14.34 -23.19
N VAL H 177 4.65 -13.18 -23.77
CA VAL H 177 3.73 -13.15 -24.87
C VAL H 177 4.39 -13.93 -25.98
N PRO H 178 3.71 -14.93 -26.51
CA PRO H 178 4.22 -15.67 -27.67
C PRO H 178 4.16 -14.94 -29.01
N GLU H 179 5.23 -14.96 -29.77
CA GLU H 179 5.18 -14.27 -31.02
C GLU H 179 4.02 -14.67 -31.92
N LYS H 180 3.82 -15.98 -32.14
CA LYS H 180 2.74 -16.55 -32.94
C LYS H 180 2.06 -17.66 -32.12
N MET H 181 0.74 -17.71 -32.17
CA MET H 181 -0.04 -18.70 -31.47
C MET H 181 -1.10 -19.31 -32.40
N VAL H 182 -1.18 -20.61 -32.44
CA VAL H 182 -2.26 -21.31 -33.14
C VAL H 182 -3.18 -21.94 -32.09
N VAL H 183 -4.49 -21.72 -32.24
CA VAL H 183 -5.54 -22.21 -31.33
C VAL H 183 -6.43 -23.22 -32.05
N ILE H 184 -6.43 -24.46 -31.59
CA ILE H 184 -7.21 -25.51 -32.25
C ILE H 184 -8.57 -25.53 -31.56
N GLY H 185 -9.63 -25.19 -32.28
CA GLY H 185 -10.93 -25.12 -31.65
C GLY H 185 -11.23 -23.65 -31.50
N ALA H 186 -12.24 -23.18 -32.24
CA ALA H 186 -12.70 -21.80 -32.20
C ALA H 186 -13.99 -21.70 -31.45
N GLY H 187 -14.12 -22.44 -30.36
CA GLY H 187 -15.31 -22.35 -29.53
C GLY H 187 -15.15 -21.15 -28.62
N VAL H 188 -15.84 -21.18 -27.50
CA VAL H 188 -15.81 -20.03 -26.60
C VAL H 188 -14.51 -19.96 -25.84
N ILE H 189 -14.09 -21.04 -25.17
CA ILE H 189 -12.82 -21.00 -24.45
C ILE H 189 -11.72 -20.57 -25.42
N GLY H 190 -11.77 -21.02 -26.66
CA GLY H 190 -10.70 -20.65 -27.58
C GLY H 190 -10.77 -19.20 -28.02
N VAL H 191 -11.92 -18.60 -28.22
CA VAL H 191 -11.86 -17.22 -28.77
C VAL H 191 -11.44 -16.32 -27.67
N GLU H 192 -11.92 -16.64 -26.45
CA GLU H 192 -11.69 -15.77 -25.33
C GLU H 192 -10.20 -15.72 -25.17
N LEU H 193 -9.58 -16.89 -25.09
CA LEU H 193 -8.15 -17.04 -24.89
C LEU H 193 -7.30 -16.39 -26.00
N GLY H 194 -7.66 -16.64 -27.25
CA GLY H 194 -6.90 -16.10 -28.36
C GLY H 194 -6.95 -14.60 -28.32
N SER H 195 -8.09 -14.05 -27.89
CA SER H 195 -8.26 -12.61 -27.83
C SER H 195 -7.25 -11.97 -26.92
N VAL H 196 -7.00 -12.59 -25.78
CA VAL H 196 -6.07 -12.05 -24.77
C VAL H 196 -4.64 -11.95 -25.32
N TRP H 197 -4.15 -13.10 -25.75
CA TRP H 197 -2.82 -13.17 -26.26
C TRP H 197 -2.64 -12.25 -27.50
N GLN H 198 -3.62 -12.25 -28.41
CA GLN H 198 -3.64 -11.35 -29.54
C GLN H 198 -3.63 -9.86 -29.15
N ARG H 199 -4.24 -9.52 -28.04
CA ARG H 199 -4.41 -8.13 -27.67
C ARG H 199 -3.09 -7.71 -27.10
N LEU H 200 -2.51 -8.66 -26.41
CA LEU H 200 -1.24 -8.45 -25.76
C LEU H 200 -0.09 -8.44 -26.76
N GLY H 201 -0.41 -8.66 -28.04
CA GLY H 201 0.60 -8.65 -29.08
C GLY H 201 0.97 -9.86 -29.89
N ALA H 202 0.43 -11.02 -29.59
CA ALA H 202 0.73 -12.20 -30.35
C ALA H 202 0.01 -12.26 -31.73
N ASP H 203 0.56 -13.03 -32.68
CA ASP H 203 -0.06 -13.15 -33.99
C ASP H 203 -0.83 -14.47 -33.88
N VAL H 204 -2.15 -14.35 -33.68
CA VAL H 204 -3.00 -15.49 -33.34
C VAL H 204 -3.90 -16.02 -34.45
N THR H 205 -3.95 -17.34 -34.57
CA THR H 205 -4.81 -17.94 -35.55
C THR H 205 -5.65 -19.03 -34.93
N ALA H 206 -6.90 -19.10 -35.33
CA ALA H 206 -7.72 -20.09 -34.77
C ALA H 206 -8.22 -20.99 -35.88
N VAL H 207 -8.05 -22.28 -35.64
CA VAL H 207 -8.39 -23.31 -36.58
C VAL H 207 -9.62 -24.10 -36.12
N GLU H 208 -10.74 -23.95 -36.82
CA GLU H 208 -11.99 -24.70 -36.48
C GLU H 208 -12.45 -25.67 -37.56
N PHE H 209 -12.86 -26.86 -37.12
CA PHE H 209 -13.47 -27.86 -38.00
C PHE H 209 -14.82 -27.47 -38.68
N LEU H 210 -15.70 -26.92 -37.85
CA LEU H 210 -16.96 -26.38 -38.31
C LEU H 210 -16.66 -25.05 -38.97
N GLY H 211 -17.69 -24.42 -39.53
CA GLY H 211 -17.56 -23.17 -40.26
C GLY H 211 -18.25 -21.94 -39.66
N HIS H 212 -18.22 -21.84 -38.33
CA HIS H 212 -18.63 -20.63 -37.60
C HIS H 212 -17.78 -20.46 -36.31
N VAL H 213 -17.60 -19.23 -35.81
CA VAL H 213 -16.92 -19.07 -34.50
C VAL H 213 -17.96 -18.91 -33.38
N GLY H 214 -17.57 -19.24 -32.15
CA GLY H 214 -18.46 -19.13 -31.01
C GLY H 214 -18.93 -20.53 -30.78
N GLY H 215 -19.59 -20.76 -29.65
CA GLY H 215 -19.84 -22.14 -29.28
C GLY H 215 -20.82 -22.85 -30.18
N VAL H 216 -21.82 -23.50 -29.57
CA VAL H 216 -22.96 -24.06 -30.31
C VAL H 216 -24.20 -23.32 -29.88
N GLY H 217 -25.26 -23.36 -30.68
CA GLY H 217 -26.51 -22.76 -30.28
C GLY H 217 -26.35 -21.27 -30.39
N ILE H 218 -25.16 -20.86 -30.84
CA ILE H 218 -24.90 -19.48 -31.12
C ILE H 218 -25.61 -19.20 -32.43
N ASP H 219 -26.18 -18.01 -32.53
CA ASP H 219 -26.81 -17.63 -33.76
C ASP H 219 -25.79 -17.36 -34.83
N MET H 220 -26.02 -17.98 -35.97
CA MET H 220 -25.09 -17.89 -37.06
C MET H 220 -24.93 -16.44 -37.56
N GLU H 221 -25.97 -15.64 -37.45
CA GLU H 221 -25.81 -14.27 -37.87
C GLU H 221 -24.88 -13.49 -36.97
N ILE H 222 -25.04 -13.59 -35.67
CA ILE H 222 -24.18 -12.78 -34.78
C ILE H 222 -22.74 -13.35 -34.82
N SER H 223 -22.72 -14.67 -34.93
CA SER H 223 -21.51 -15.44 -35.14
C SER H 223 -20.62 -15.02 -36.31
N LYS H 224 -21.21 -14.60 -37.43
CA LYS H 224 -20.44 -14.06 -38.55
C LYS H 224 -19.98 -12.65 -38.17
N ASN H 225 -20.92 -11.84 -37.68
CA ASN H 225 -20.59 -10.46 -37.40
C ASN H 225 -19.58 -10.44 -36.26
N PHE H 226 -19.74 -11.36 -35.32
CA PHE H 226 -18.71 -11.53 -34.31
C PHE H 226 -17.38 -11.79 -34.97
N GLN H 227 -17.31 -12.81 -35.81
CA GLN H 227 -16.05 -13.21 -36.40
C GLN H 227 -15.43 -12.12 -37.17
N ARG H 228 -16.24 -11.38 -37.92
CA ARG H 228 -15.74 -10.34 -38.82
C ARG H 228 -15.09 -9.25 -38.01
N ILE H 229 -15.61 -8.99 -36.83
CA ILE H 229 -15.09 -7.96 -35.97
C ILE H 229 -13.75 -8.36 -35.35
N LEU H 230 -13.63 -9.63 -34.95
CA LEU H 230 -12.36 -10.12 -34.42
C LEU H 230 -11.28 -10.03 -35.47
N GLN H 231 -11.72 -10.17 -36.72
CA GLN H 231 -10.78 -10.12 -37.78
C GLN H 231 -10.32 -8.68 -38.01
N LYS H 232 -11.21 -7.71 -37.98
CA LYS H 232 -10.76 -6.32 -38.12
C LYS H 232 -9.79 -6.07 -36.96
N GLN H 233 -9.82 -6.95 -35.96
CA GLN H 233 -9.08 -6.69 -34.74
C GLN H 233 -7.66 -7.26 -34.88
N GLY H 234 -7.46 -8.16 -35.85
CA GLY H 234 -6.23 -8.93 -35.96
C GLY H 234 -6.37 -10.45 -35.80
N PHE H 235 -7.48 -10.89 -35.22
CA PHE H 235 -7.65 -12.31 -34.94
C PHE H 235 -7.93 -13.04 -36.26
N LYS H 236 -7.13 -14.05 -36.60
CA LYS H 236 -7.24 -14.78 -37.89
C LYS H 236 -7.87 -16.16 -37.68
N PHE H 237 -8.76 -16.52 -38.62
CA PHE H 237 -9.46 -17.79 -38.57
C PHE H 237 -9.30 -18.64 -39.82
N LYS H 238 -9.33 -19.94 -39.61
CA LYS H 238 -9.21 -20.92 -40.66
C LYS H 238 -10.36 -21.87 -40.26
N LEU H 239 -11.56 -21.59 -40.76
CA LEU H 239 -12.72 -22.36 -40.43
C LEU H 239 -12.83 -23.46 -41.47
N ASN H 240 -13.68 -24.45 -41.18
CA ASN H 240 -13.89 -25.59 -42.01
C ASN H 240 -12.58 -26.16 -42.40
N THR H 241 -11.61 -26.23 -41.49
CA THR H 241 -10.35 -26.94 -41.77
C THR H 241 -10.07 -27.85 -40.59
N LYS H 242 -9.26 -28.89 -40.76
CA LYS H 242 -9.04 -29.85 -39.66
C LYS H 242 -7.57 -30.08 -39.43
N VAL H 243 -7.15 -30.16 -38.18
CA VAL H 243 -5.73 -30.29 -37.94
C VAL H 243 -5.43 -31.77 -38.11
N THR H 244 -4.41 -32.11 -38.89
CA THR H 244 -4.07 -33.54 -39.10
C THR H 244 -2.83 -33.99 -38.37
N GLY H 245 -2.47 -33.32 -37.28
CA GLY H 245 -1.16 -33.50 -36.65
C GLY H 245 -0.29 -32.22 -36.56
N ALA H 246 0.64 -32.25 -35.61
CA ALA H 246 1.56 -31.17 -35.38
C ALA H 246 2.89 -31.80 -34.99
N THR H 247 3.98 -31.14 -35.27
CA THR H 247 5.22 -31.71 -34.78
C THR H 247 6.08 -30.59 -34.22
N LYS H 248 7.08 -30.98 -33.43
CA LYS H 248 8.01 -30.01 -32.84
C LYS H 248 9.24 -29.75 -33.71
N LYS H 249 9.31 -28.67 -34.49
CA LYS H 249 10.52 -28.34 -35.27
C LYS H 249 11.75 -28.30 -34.36
N SER H 250 12.93 -28.52 -34.93
CA SER H 250 14.14 -28.65 -34.15
C SER H 250 14.41 -27.41 -33.30
N ASP H 251 14.24 -26.25 -33.93
CA ASP H 251 14.38 -24.97 -33.29
C ASP H 251 13.31 -24.60 -32.24
N GLY H 252 12.41 -25.51 -31.89
CA GLY H 252 11.52 -25.24 -30.77
C GLY H 252 10.06 -24.89 -31.07
N LYS H 253 9.79 -24.51 -32.32
CA LYS H 253 8.46 -24.10 -32.73
C LYS H 253 7.61 -25.31 -33.03
N ILE H 254 6.33 -25.09 -33.26
CA ILE H 254 5.44 -26.17 -33.58
C ILE H 254 4.87 -26.00 -34.94
N ASP H 255 4.93 -27.05 -35.73
CA ASP H 255 4.44 -27.02 -37.09
C ASP H 255 3.09 -27.80 -37.05
N VAL H 256 1.99 -27.10 -37.30
CA VAL H 256 0.74 -27.84 -37.41
C VAL H 256 0.22 -28.03 -38.82
N SER H 257 -0.03 -29.28 -39.17
CA SER H 257 -0.51 -29.59 -40.51
C SER H 257 -2.00 -29.57 -40.40
N ILE H 258 -2.61 -28.70 -41.20
CA ILE H 258 -4.04 -28.63 -41.35
C ILE H 258 -4.46 -29.01 -42.76
N GLU H 259 -5.72 -28.73 -43.08
CA GLU H 259 -6.31 -29.22 -44.31
C GLU H 259 -7.81 -29.14 -44.23
N ALA H 260 -8.41 -28.74 -45.34
CA ALA H 260 -9.85 -28.52 -45.43
C ALA H 260 -10.69 -29.67 -44.95
N ALA H 261 -11.51 -29.39 -43.98
CA ALA H 261 -12.29 -30.44 -43.37
C ALA H 261 -12.86 -31.44 -44.38
N SER H 262 -13.42 -30.89 -45.46
CA SER H 262 -14.14 -31.65 -46.50
C SER H 262 -13.14 -32.35 -47.39
N GLY H 263 -13.00 -31.83 -48.62
CA GLY H 263 -11.85 -32.16 -49.47
C GLY H 263 -10.51 -32.23 -48.71
N GLY H 264 -9.45 -31.68 -49.28
CA GLY H 264 -8.16 -31.74 -48.60
C GLY H 264 -7.12 -30.78 -49.13
N LYS H 265 -7.08 -29.55 -48.63
CA LYS H 265 -6.08 -28.58 -49.04
C LYS H 265 -4.98 -28.51 -47.97
N ALA H 266 -4.13 -29.54 -47.95
CA ALA H 266 -2.95 -29.63 -47.07
C ALA H 266 -2.21 -28.30 -46.89
N GLU H 267 -1.78 -27.99 -45.68
CA GLU H 267 -0.94 -26.82 -45.51
C GLU H 267 -0.34 -26.91 -44.11
N VAL H 268 0.58 -26.00 -43.77
CA VAL H 268 1.26 -26.07 -42.46
C VAL H 268 1.44 -24.69 -41.84
N ILE H 269 0.91 -24.48 -40.64
CA ILE H 269 1.14 -23.23 -39.93
C ILE H 269 2.09 -23.51 -38.77
N THR H 270 2.95 -22.55 -38.51
CA THR H 270 3.93 -22.70 -37.44
C THR H 270 3.68 -21.67 -36.34
N CYS H 271 3.92 -22.06 -35.11
CA CYS H 271 3.71 -21.12 -34.01
C CYS H 271 4.70 -21.40 -32.90
N ASP H 272 4.71 -20.54 -31.90
CA ASP H 272 5.62 -20.69 -30.80
C ASP H 272 4.87 -21.45 -29.73
N VAL H 273 3.56 -21.24 -29.73
CA VAL H 273 2.67 -21.82 -28.76
C VAL H 273 1.40 -22.36 -29.40
N LEU H 274 1.09 -23.65 -29.17
CA LEU H 274 -0.10 -24.27 -29.73
C LEU H 274 -1.05 -24.51 -28.60
N LEU H 275 -2.24 -23.94 -28.65
CA LEU H 275 -3.17 -24.17 -27.58
C LEU H 275 -4.29 -25.03 -28.06
N VAL H 276 -4.63 -26.07 -27.29
CA VAL H 276 -5.57 -27.11 -27.73
C VAL H 276 -6.91 -26.93 -27.08
N CYS H 277 -7.93 -26.64 -27.86
CA CYS H 277 -9.25 -26.36 -27.30
C CYS H 277 -10.44 -27.12 -27.88
N ILE H 278 -10.34 -28.42 -28.05
CA ILE H 278 -11.48 -29.15 -28.58
C ILE H 278 -12.66 -29.07 -27.65
N GLY H 279 -12.43 -29.02 -26.37
CA GLY H 279 -13.56 -28.96 -25.49
C GLY H 279 -13.30 -29.74 -24.24
N ARG H 280 -14.30 -29.77 -23.36
CA ARG H 280 -14.09 -30.36 -22.06
C ARG H 280 -15.00 -31.56 -21.96
N ARG H 281 -14.86 -32.34 -20.91
CA ARG H 281 -15.70 -33.51 -20.86
C ARG H 281 -15.79 -33.95 -19.43
N PRO H 282 -16.75 -34.81 -19.09
CA PRO H 282 -17.05 -35.14 -17.69
C PRO H 282 -15.94 -35.94 -17.05
N PHE H 283 -15.66 -35.61 -15.81
CA PHE H 283 -14.62 -36.29 -15.05
C PHE H 283 -15.18 -37.22 -13.99
N THR H 284 -14.83 -38.48 -13.95
CA THR H 284 -15.39 -39.32 -12.87
C THR H 284 -14.49 -40.44 -12.48
N LYS H 285 -13.19 -40.24 -12.62
CA LYS H 285 -12.28 -41.33 -12.43
C LYS H 285 -12.33 -41.74 -10.98
N ASN H 286 -12.31 -43.06 -10.77
CA ASN H 286 -12.29 -43.70 -9.44
C ASN H 286 -13.18 -42.98 -8.56
N LEU H 287 -14.43 -42.91 -8.97
CA LEU H 287 -15.50 -42.37 -8.16
C LEU H 287 -16.32 -43.48 -7.57
N GLY H 288 -16.26 -44.65 -8.17
CA GLY H 288 -17.03 -45.77 -7.66
C GLY H 288 -18.36 -46.00 -8.37
N LEU H 289 -18.60 -45.29 -9.46
CA LEU H 289 -19.79 -45.57 -10.25
C LEU H 289 -19.87 -47.04 -10.74
N GLU H 290 -18.70 -47.61 -11.10
CA GLU H 290 -18.64 -48.94 -11.70
C GLU H 290 -19.00 -49.92 -10.63
N GLU H 291 -18.36 -49.77 -9.49
CA GLU H 291 -18.63 -50.61 -8.32
C GLU H 291 -20.10 -50.61 -7.90
N LEU H 292 -20.85 -49.55 -8.17
CA LEU H 292 -22.27 -49.52 -7.74
C LEU H 292 -23.19 -49.81 -8.87
N GLY H 293 -22.65 -49.99 -10.06
CA GLY H 293 -23.50 -50.20 -11.20
C GLY H 293 -24.03 -48.99 -11.97
N ILE H 294 -23.52 -47.78 -11.74
CA ILE H 294 -24.08 -46.59 -12.43
C ILE H 294 -23.45 -46.43 -13.84
N GLU H 295 -24.14 -46.84 -14.90
CA GLU H 295 -23.59 -46.65 -16.26
C GLU H 295 -23.59 -45.20 -16.71
N LEU H 296 -22.58 -44.85 -17.46
CA LEU H 296 -22.51 -43.53 -18.04
C LEU H 296 -23.21 -43.51 -19.38
N ASP H 297 -23.72 -42.40 -19.80
CA ASP H 297 -24.09 -42.36 -21.20
C ASP H 297 -22.81 -42.31 -22.09
N PRO H 298 -22.98 -42.54 -23.40
CA PRO H 298 -21.85 -42.55 -24.35
C PRO H 298 -21.03 -41.23 -24.42
N ARG H 299 -21.55 -40.13 -23.88
CA ARG H 299 -20.76 -38.90 -23.91
C ARG H 299 -19.98 -38.79 -22.64
N GLY H 300 -20.22 -39.74 -21.73
CA GLY H 300 -19.49 -39.81 -20.48
C GLY H 300 -20.24 -39.25 -19.28
N ARG H 301 -21.42 -38.66 -19.50
CA ARG H 301 -22.21 -38.11 -18.42
C ARG H 301 -22.92 -39.13 -17.60
N ILE H 302 -23.32 -38.70 -16.42
CA ILE H 302 -24.10 -39.53 -15.53
C ILE H 302 -25.52 -39.16 -15.84
N PRO H 303 -26.29 -40.14 -16.23
CA PRO H 303 -27.69 -39.90 -16.53
C PRO H 303 -28.42 -39.70 -15.21
N VAL H 304 -29.23 -38.65 -15.09
CA VAL H 304 -30.02 -38.39 -13.87
C VAL H 304 -31.46 -37.97 -14.22
N ASN H 305 -32.40 -38.22 -13.33
CA ASN H 305 -33.80 -37.97 -13.62
C ASN H 305 -34.21 -36.49 -13.39
N THR H 306 -35.51 -36.19 -13.33
CA THR H 306 -35.92 -34.82 -13.15
C THR H 306 -35.49 -34.24 -11.84
N ARG H 307 -35.24 -35.03 -10.79
CA ARG H 307 -34.69 -34.42 -9.56
C ARG H 307 -33.18 -34.64 -9.36
N PHE H 308 -32.49 -35.19 -10.33
CA PHE H 308 -31.03 -35.32 -10.33
C PHE H 308 -30.51 -36.57 -9.69
N GLN H 309 -31.42 -37.46 -9.40
CA GLN H 309 -31.08 -38.76 -8.85
C GLN H 309 -30.55 -39.70 -9.92
N THR H 310 -29.63 -40.59 -9.56
CA THR H 310 -29.14 -41.65 -10.46
C THR H 310 -30.06 -42.91 -10.35
N LYS H 311 -29.71 -44.00 -11.03
CA LYS H 311 -30.30 -45.31 -10.70
C LYS H 311 -30.42 -45.62 -9.17
N ILE H 312 -29.47 -45.13 -8.38
CA ILE H 312 -29.54 -45.30 -6.94
C ILE H 312 -30.10 -44.05 -6.30
N PRO H 313 -31.31 -44.20 -5.75
CA PRO H 313 -32.22 -43.07 -5.42
C PRO H 313 -31.59 -41.98 -4.55
N ASN H 314 -30.80 -42.31 -3.53
CA ASN H 314 -30.23 -41.23 -2.72
C ASN H 314 -28.91 -40.75 -3.28
N ILE H 315 -28.56 -41.21 -4.47
CA ILE H 315 -27.35 -40.68 -5.13
C ILE H 315 -27.69 -39.75 -6.32
N TYR H 316 -27.26 -38.49 -6.20
CA TYR H 316 -27.52 -37.45 -7.16
C TYR H 316 -26.27 -36.99 -7.94
N ALA H 317 -26.45 -36.15 -8.95
CA ALA H 317 -25.34 -35.59 -9.71
C ALA H 317 -25.77 -34.31 -10.41
N ILE H 318 -24.85 -33.36 -10.56
CA ILE H 318 -25.17 -32.09 -11.18
C ILE H 318 -23.90 -31.48 -11.72
N GLY H 319 -24.02 -30.34 -12.43
CA GLY H 319 -22.86 -29.63 -12.91
C GLY H 319 -22.42 -30.30 -14.17
N ASP H 320 -21.11 -30.18 -14.51
CA ASP H 320 -20.55 -30.58 -15.83
C ASP H 320 -20.68 -32.05 -16.08
N VAL H 321 -20.86 -32.81 -15.01
CA VAL H 321 -20.90 -34.23 -15.07
C VAL H 321 -22.27 -34.73 -15.50
N VAL H 322 -23.27 -33.86 -15.60
CA VAL H 322 -24.55 -34.37 -16.14
C VAL H 322 -24.96 -33.55 -17.32
N ALA H 323 -25.98 -34.02 -18.05
CA ALA H 323 -26.49 -33.33 -19.27
C ALA H 323 -26.75 -31.88 -19.07
N GLY H 324 -26.81 -31.14 -20.18
CA GLY H 324 -27.05 -29.70 -20.17
C GLY H 324 -25.77 -28.97 -20.57
N PRO H 325 -25.80 -27.63 -20.66
CA PRO H 325 -24.61 -26.84 -21.03
C PRO H 325 -23.55 -26.74 -19.91
N MET H 326 -22.29 -27.06 -20.22
CA MET H 326 -21.23 -26.97 -19.19
C MET H 326 -20.97 -25.53 -18.79
N LEU H 327 -21.71 -25.09 -17.79
CA LEU H 327 -21.58 -23.69 -17.44
C LEU H 327 -21.69 -23.57 -15.96
N ALA H 328 -21.00 -22.56 -15.44
CA ALA H 328 -20.89 -22.31 -14.02
C ALA H 328 -22.29 -22.13 -13.45
N HIS H 329 -23.01 -21.17 -13.98
CA HIS H 329 -24.30 -20.88 -13.44
C HIS H 329 -25.30 -21.99 -13.66
N LYS H 330 -25.07 -22.83 -14.66
CA LYS H 330 -25.93 -24.03 -14.85
C LYS H 330 -25.71 -25.02 -13.75
N ALA H 331 -24.50 -25.07 -13.26
CA ALA H 331 -24.11 -25.96 -12.20
C ALA H 331 -24.64 -25.44 -10.90
N GLU H 332 -24.51 -24.13 -10.74
CA GLU H 332 -24.98 -23.46 -9.54
C GLU H 332 -26.47 -23.64 -9.30
N ASP H 333 -27.25 -23.59 -10.38
CA ASP H 333 -28.70 -23.69 -10.24
C ASP H 333 -28.99 -25.14 -9.99
N GLU H 334 -28.36 -26.04 -10.73
CA GLU H 334 -28.68 -27.45 -10.57
C GLU H 334 -28.34 -27.87 -9.14
N GLY H 335 -27.25 -27.33 -8.62
CA GLY H 335 -26.86 -27.60 -7.28
C GLY H 335 -27.92 -27.15 -6.31
N ILE H 336 -28.21 -25.87 -6.36
CA ILE H 336 -29.19 -25.28 -5.46
C ILE H 336 -30.54 -25.94 -5.47
N ILE H 337 -31.10 -26.26 -6.64
CA ILE H 337 -32.41 -26.94 -6.65
C ILE H 337 -32.38 -28.44 -6.36
N CYS H 338 -31.23 -29.06 -6.45
CA CYS H 338 -31.09 -30.47 -6.17
C CYS H 338 -31.32 -30.69 -4.68
N VAL H 339 -30.72 -29.79 -3.89
CA VAL H 339 -30.76 -29.91 -2.47
C VAL H 339 -32.11 -29.47 -2.03
N GLU H 340 -32.70 -28.48 -2.69
CA GLU H 340 -34.02 -28.08 -2.24
C GLU H 340 -34.94 -29.26 -2.39
N GLY H 341 -34.64 -30.13 -3.36
CA GLY H 341 -35.46 -31.27 -3.66
C GLY H 341 -35.23 -32.35 -2.67
N MET H 342 -33.97 -32.56 -2.31
CA MET H 342 -33.61 -33.48 -1.27
C MET H 342 -34.33 -33.10 -0.01
N ALA H 343 -34.71 -31.83 0.10
CA ALA H 343 -35.41 -31.38 1.26
C ALA H 343 -36.90 -31.22 1.00
N GLY H 344 -37.44 -31.88 -0.03
CA GLY H 344 -38.89 -31.88 -0.25
C GLY H 344 -39.40 -30.81 -1.21
N GLY H 345 -38.57 -29.83 -1.48
CA GLY H 345 -38.93 -28.88 -2.52
C GLY H 345 -39.35 -29.43 -3.90
N ALA H 346 -39.61 -28.46 -4.78
CA ALA H 346 -39.89 -28.75 -6.17
C ALA H 346 -38.58 -28.52 -6.91
N VAL H 347 -38.40 -29.27 -7.98
CA VAL H 347 -37.11 -29.28 -8.65
C VAL H 347 -37.32 -28.93 -10.09
N HIS H 348 -37.56 -27.66 -10.39
CA HIS H 348 -37.81 -27.38 -11.78
C HIS H 348 -36.71 -26.58 -12.40
N ILE H 349 -36.30 -27.00 -13.60
CA ILE H 349 -35.38 -26.19 -14.41
C ILE H 349 -35.60 -26.14 -15.93
N ASP H 350 -35.60 -24.94 -16.48
CA ASP H 350 -35.80 -24.75 -17.94
C ASP H 350 -34.47 -24.48 -18.58
N TYR H 351 -33.82 -25.49 -19.20
CA TYR H 351 -32.50 -25.18 -19.74
C TYR H 351 -32.55 -24.15 -20.85
N ASN H 352 -33.74 -23.84 -21.28
CA ASN H 352 -33.80 -22.96 -22.38
C ASN H 352 -33.60 -21.49 -22.02
N CYS H 353 -33.60 -21.23 -20.73
CA CYS H 353 -33.50 -19.91 -20.28
C CYS H 353 -32.18 -19.63 -19.70
N VAL H 354 -31.17 -20.40 -20.02
CA VAL H 354 -29.89 -20.15 -19.40
C VAL H 354 -28.99 -19.50 -20.39
N PRO H 355 -28.48 -18.33 -20.01
CA PRO H 355 -27.74 -17.44 -20.91
C PRO H 355 -26.34 -17.99 -21.12
N SER H 356 -25.66 -17.50 -22.15
CA SER H 356 -24.28 -17.82 -22.46
C SER H 356 -23.66 -16.47 -22.82
N VAL H 357 -22.37 -16.35 -22.50
CA VAL H 357 -21.70 -15.10 -22.67
C VAL H 357 -20.33 -15.42 -23.10
N ILE H 358 -19.85 -14.70 -24.09
CA ILE H 358 -18.46 -14.73 -24.42
C ILE H 358 -18.02 -13.34 -24.00
N TYR H 359 -17.01 -13.28 -23.13
CA TYR H 359 -16.54 -11.98 -22.64
C TYR H 359 -15.36 -11.50 -23.39
N THR H 360 -15.45 -11.51 -24.71
CA THR H 360 -14.51 -10.79 -25.54
C THR H 360 -14.88 -9.29 -25.57
N HIS H 361 -14.20 -8.48 -26.35
CA HIS H 361 -14.74 -7.13 -26.58
C HIS H 361 -14.67 -6.84 -28.07
N PRO H 362 -15.84 -6.82 -28.74
CA PRO H 362 -17.18 -6.73 -28.10
C PRO H 362 -17.70 -8.10 -27.66
N GLU H 363 -18.61 -8.15 -26.70
CA GLU H 363 -18.95 -9.45 -26.12
C GLU H 363 -20.17 -9.97 -26.77
N VAL H 364 -20.44 -11.23 -26.56
CA VAL H 364 -21.60 -11.83 -27.17
C VAL H 364 -22.43 -12.47 -26.08
N ALA H 365 -23.75 -12.53 -26.24
CA ALA H 365 -24.54 -13.12 -25.17
C ALA H 365 -25.86 -13.51 -25.76
N TRP H 366 -26.42 -14.65 -25.34
CA TRP H 366 -27.74 -15.09 -25.84
C TRP H 366 -28.40 -16.00 -24.89
N VAL H 367 -29.70 -16.19 -25.11
CA VAL H 367 -30.49 -17.06 -24.28
C VAL H 367 -31.72 -17.30 -25.12
N GLY H 368 -32.26 -18.49 -25.01
CA GLY H 368 -33.39 -18.86 -25.83
C GLY H 368 -32.82 -19.46 -27.11
N LYS H 369 -33.47 -19.18 -28.24
CA LYS H 369 -33.18 -19.93 -29.44
C LYS H 369 -32.65 -19.09 -30.53
N SER H 370 -31.82 -19.68 -31.39
CA SER H 370 -31.34 -18.99 -32.59
C SER H 370 -32.24 -19.29 -33.76
N GLU H 371 -32.03 -18.55 -34.85
CA GLU H 371 -32.88 -18.73 -35.98
C GLU H 371 -32.71 -20.20 -36.42
N GLU H 372 -31.48 -20.67 -36.55
CA GLU H 372 -31.31 -22.03 -37.09
C GLU H 372 -32.09 -23.04 -36.24
N GLN H 373 -32.14 -22.83 -34.94
CA GLN H 373 -32.94 -23.69 -34.11
C GLN H 373 -34.41 -23.57 -34.37
N LEU H 374 -34.91 -22.35 -34.26
CA LEU H 374 -36.31 -22.10 -34.57
C LEU H 374 -36.72 -22.68 -35.94
N LYS H 375 -35.94 -22.44 -36.98
CA LYS H 375 -36.18 -23.04 -38.29
C LYS H 375 -36.28 -24.55 -38.23
N GLU H 376 -35.36 -25.21 -37.52
CA GLU H 376 -35.26 -26.67 -37.60
C GLU H 376 -36.57 -27.13 -37.08
N GLU H 377 -36.99 -26.61 -35.94
CA GLU H 377 -38.23 -27.09 -35.35
C GLU H 377 -39.47 -26.42 -35.85
N GLY H 378 -39.32 -25.49 -36.77
CA GLY H 378 -40.49 -25.05 -37.49
C GLY H 378 -41.37 -24.05 -36.76
N ILE H 379 -40.79 -23.24 -35.92
CA ILE H 379 -41.60 -22.22 -35.33
C ILE H 379 -41.56 -20.95 -36.19
N GLU H 380 -42.73 -20.37 -36.30
CA GLU H 380 -42.98 -19.10 -36.94
C GLU H 380 -42.41 -17.94 -36.11
N TYR H 381 -41.38 -17.24 -36.56
CA TYR H 381 -40.98 -16.03 -35.84
C TYR H 381 -40.88 -14.85 -36.79
N LYS H 382 -40.67 -13.72 -36.15
CA LYS H 382 -40.39 -12.49 -36.80
C LYS H 382 -39.18 -11.98 -36.01
N VAL H 383 -38.31 -11.18 -36.60
CA VAL H 383 -37.12 -10.81 -35.88
C VAL H 383 -36.95 -9.30 -35.79
N GLY H 384 -36.36 -8.83 -34.70
CA GLY H 384 -36.19 -7.42 -34.46
C GLY H 384 -34.73 -7.19 -34.19
N LYS H 385 -34.09 -6.32 -34.99
CA LYS H 385 -32.65 -6.03 -34.87
C LYS H 385 -32.46 -4.60 -34.52
N PHE H 386 -31.38 -4.26 -33.84
CA PHE H 386 -31.07 -2.90 -33.45
C PHE H 386 -29.58 -2.76 -33.23
N PRO H 387 -28.93 -1.92 -34.03
CA PRO H 387 -27.46 -1.71 -33.91
C PRO H 387 -27.01 -0.73 -32.79
N PHE H 388 -25.90 -1.04 -32.18
CA PHE H 388 -25.47 -0.24 -31.05
C PHE H 388 -24.98 1.08 -31.59
N ALA H 389 -24.79 1.12 -32.91
CA ALA H 389 -24.42 2.30 -33.63
C ALA H 389 -25.49 3.32 -33.44
N ALA H 390 -26.75 2.92 -33.50
CA ALA H 390 -27.86 3.83 -33.16
C ALA H 390 -28.29 3.96 -31.68
N ASN H 391 -27.55 3.38 -30.69
CA ASN H 391 -27.83 3.51 -29.23
C ASN H 391 -27.04 4.64 -28.63
N SER H 392 -27.69 5.61 -27.99
CA SER H 392 -26.99 6.82 -27.52
C SER H 392 -25.80 6.51 -26.64
N ARG H 393 -25.93 5.64 -25.64
CA ARG H 393 -24.76 5.49 -24.78
C ARG H 393 -23.58 4.92 -25.53
N ALA H 394 -23.84 3.83 -26.24
CA ALA H 394 -22.85 3.27 -27.11
C ALA H 394 -22.21 4.36 -27.98
N LYS H 395 -22.98 5.30 -28.46
CA LYS H 395 -22.38 6.26 -29.34
C LYS H 395 -21.47 7.27 -28.61
N THR H 396 -21.81 7.68 -27.38
CA THR H 396 -21.02 8.69 -26.68
C THR H 396 -19.82 8.09 -25.98
N ASN H 397 -19.84 6.82 -25.64
CA ASN H 397 -18.58 6.21 -25.26
C ASN H 397 -17.74 5.80 -26.47
N ALA H 398 -18.19 6.06 -27.71
CA ALA H 398 -17.52 5.58 -28.94
C ALA H 398 -17.21 4.10 -28.76
N ASP H 399 -18.26 3.29 -28.82
CA ASP H 399 -18.16 1.88 -28.51
C ASP H 399 -19.36 1.22 -29.22
N THR H 400 -19.48 1.48 -30.52
CA THR H 400 -20.67 1.12 -31.24
C THR H 400 -20.62 -0.21 -31.97
N ASP H 401 -19.75 -1.14 -31.63
CA ASP H 401 -19.76 -2.39 -32.42
C ASP H 401 -21.02 -3.16 -32.12
N GLY H 402 -21.72 -3.63 -33.15
CA GLY H 402 -22.72 -4.69 -32.92
C GLY H 402 -24.22 -4.39 -32.92
N MET H 403 -25.01 -5.31 -32.36
CA MET H 403 -26.45 -5.17 -32.37
C MET H 403 -27.16 -6.12 -31.45
N VAL H 404 -28.46 -5.90 -31.35
CA VAL H 404 -29.32 -6.73 -30.54
C VAL H 404 -30.32 -7.38 -31.47
N LYS H 405 -30.42 -8.71 -31.43
CA LYS H 405 -31.30 -9.39 -32.37
C LYS H 405 -32.21 -10.16 -31.50
N ILE H 406 -33.48 -9.80 -31.45
CA ILE H 406 -34.40 -10.63 -30.70
C ILE H 406 -35.49 -11.23 -31.62
N LEU H 407 -35.80 -12.52 -31.43
CA LEU H 407 -36.66 -13.25 -32.32
C LEU H 407 -37.83 -13.58 -31.49
N GLY H 408 -39.03 -13.36 -32.01
CA GLY H 408 -40.20 -13.71 -31.26
C GLY H 408 -41.30 -14.27 -32.15
N GLN H 409 -41.97 -15.31 -31.64
CA GLN H 409 -43.05 -16.05 -32.25
C GLN H 409 -44.07 -15.16 -32.96
N LYS H 410 -44.20 -15.34 -34.28
CA LYS H 410 -44.96 -14.43 -35.15
C LYS H 410 -46.40 -14.27 -34.69
N SER H 411 -46.99 -15.36 -34.24
CA SER H 411 -48.37 -15.39 -33.78
C SER H 411 -48.53 -14.73 -32.42
N THR H 412 -47.76 -15.15 -31.40
CA THR H 412 -48.01 -14.67 -30.02
C THR H 412 -47.09 -13.52 -29.53
N ASP H 413 -46.17 -13.07 -30.36
CA ASP H 413 -45.29 -11.97 -29.98
C ASP H 413 -44.35 -12.36 -28.87
N ARG H 414 -44.44 -13.61 -28.50
CA ARG H 414 -43.72 -14.12 -27.39
C ARG H 414 -42.27 -14.13 -27.77
N VAL H 415 -41.42 -13.34 -27.11
CA VAL H 415 -39.99 -13.48 -27.41
C VAL H 415 -39.45 -14.93 -27.14
N LEU H 416 -38.92 -15.56 -28.21
CA LEU H 416 -38.30 -16.89 -28.19
C LEU H 416 -36.79 -16.94 -28.08
N GLY H 417 -36.08 -15.81 -28.26
CA GLY H 417 -34.63 -15.81 -28.27
C GLY H 417 -34.06 -14.41 -28.32
N ALA H 418 -32.96 -14.13 -27.62
CA ALA H 418 -32.34 -12.80 -27.62
C ALA H 418 -30.85 -12.96 -27.74
N HIS H 419 -30.24 -12.16 -28.59
CA HIS H 419 -28.90 -12.33 -29.00
C HIS H 419 -28.25 -10.91 -29.10
N ILE H 420 -27.13 -10.75 -28.38
CA ILE H 420 -26.45 -9.46 -28.23
C ILE H 420 -24.98 -9.59 -28.53
N LEU H 421 -24.59 -8.77 -29.50
CA LEU H 421 -23.22 -8.64 -29.89
C LEU H 421 -22.95 -7.18 -29.61
N GLY H 422 -21.99 -6.88 -28.75
CA GLY H 422 -21.60 -5.51 -28.52
C GLY H 422 -21.35 -5.16 -27.05
N PRO H 423 -21.12 -3.89 -26.77
CA PRO H 423 -20.65 -3.51 -25.44
C PRO H 423 -21.69 -3.95 -24.43
N GLY H 424 -21.16 -4.44 -23.33
CA GLY H 424 -21.95 -4.86 -22.18
C GLY H 424 -23.02 -5.89 -22.40
N ALA H 425 -22.83 -6.77 -23.37
CA ALA H 425 -23.76 -7.85 -23.62
C ALA H 425 -23.88 -8.68 -22.40
N GLY H 426 -22.77 -8.90 -21.73
CA GLY H 426 -22.82 -9.86 -20.68
C GLY H 426 -23.80 -9.50 -19.59
N GLU H 427 -24.09 -8.23 -19.45
CA GLU H 427 -24.97 -7.87 -18.36
C GLU H 427 -26.39 -7.94 -18.88
N MET H 428 -26.57 -7.30 -20.05
CA MET H 428 -27.85 -7.13 -20.72
C MET H 428 -28.62 -8.48 -20.84
N VAL H 429 -27.88 -9.57 -21.02
CA VAL H 429 -28.47 -10.88 -21.23
C VAL H 429 -29.24 -11.32 -20.00
N ASN H 430 -28.88 -10.84 -18.82
CA ASN H 430 -29.72 -11.24 -17.70
C ASN H 430 -31.13 -10.65 -17.65
N GLU H 431 -31.30 -9.48 -18.26
CA GLU H 431 -32.62 -8.93 -18.40
C GLU H 431 -33.43 -9.87 -19.28
N ALA H 432 -32.87 -10.30 -20.41
CA ALA H 432 -33.61 -11.19 -21.28
C ALA H 432 -33.94 -12.49 -20.56
N ALA H 433 -32.98 -12.96 -19.79
CA ALA H 433 -33.17 -14.22 -19.11
C ALA H 433 -34.39 -14.08 -18.19
N LEU H 434 -34.51 -12.90 -17.58
CA LEU H 434 -35.63 -12.65 -16.70
C LEU H 434 -36.91 -12.57 -17.54
N ALA H 435 -36.87 -11.85 -18.64
CA ALA H 435 -38.02 -11.77 -19.52
C ALA H 435 -38.51 -13.13 -20.00
N LEU H 436 -37.63 -14.10 -20.27
CA LEU H 436 -38.11 -15.42 -20.73
C LEU H 436 -38.69 -16.18 -19.58
N GLU H 437 -38.14 -15.99 -18.40
CA GLU H 437 -38.68 -16.65 -17.24
C GLU H 437 -40.13 -16.28 -17.04
N TYR H 438 -40.45 -15.00 -17.34
CA TYR H 438 -41.83 -14.52 -17.24
C TYR H 438 -42.60 -14.71 -18.53
N GLY H 439 -42.04 -15.51 -19.45
CA GLY H 439 -42.73 -15.74 -20.72
C GLY H 439 -43.05 -14.46 -21.47
N ALA H 440 -42.24 -13.44 -21.26
CA ALA H 440 -42.47 -12.16 -21.95
C ALA H 440 -42.68 -12.23 -23.47
N SER H 441 -43.43 -11.24 -23.95
CA SER H 441 -43.67 -10.88 -25.35
C SER H 441 -42.81 -9.70 -25.67
N CYS H 442 -42.62 -9.43 -26.94
CA CYS H 442 -41.82 -8.30 -27.29
C CYS H 442 -42.46 -6.99 -26.79
N GLU H 443 -43.80 -6.93 -26.86
CA GLU H 443 -44.55 -5.80 -26.32
C GLU H 443 -44.31 -5.62 -24.84
N ASP H 444 -44.14 -6.68 -24.06
CA ASP H 444 -43.80 -6.43 -22.65
C ASP H 444 -42.49 -5.73 -22.48
N ILE H 445 -41.43 -6.21 -23.12
CA ILE H 445 -40.16 -5.54 -22.97
C ILE H 445 -40.26 -4.11 -23.53
N ALA H 446 -40.90 -3.97 -24.68
CA ALA H 446 -41.14 -2.65 -25.28
C ALA H 446 -41.71 -1.66 -24.25
N ARG H 447 -42.77 -2.09 -23.56
CA ARG H 447 -43.49 -1.25 -22.63
C ARG H 447 -42.62 -0.90 -21.43
N VAL H 448 -41.68 -1.74 -20.99
CA VAL H 448 -40.86 -1.38 -19.80
C VAL H 448 -40.00 -0.11 -20.00
N CYS H 449 -39.98 0.78 -19.03
CA CYS H 449 -39.29 2.00 -19.20
C CYS H 449 -37.87 1.75 -18.85
N HIS H 450 -36.93 2.11 -19.73
CA HIS H 450 -35.52 1.85 -19.52
C HIS H 450 -34.77 3.13 -19.32
N ALA H 451 -33.76 3.03 -18.48
CA ALA H 451 -32.98 4.16 -18.06
C ALA H 451 -32.38 4.72 -19.34
N HIS H 452 -32.20 6.05 -19.37
CA HIS H 452 -31.55 6.73 -20.47
C HIS H 452 -30.37 7.63 -20.01
N PRO H 453 -29.25 7.58 -20.72
CA PRO H 453 -29.03 6.64 -21.82
C PRO H 453 -28.39 5.34 -21.31
N THR H 454 -28.80 4.22 -21.85
CA THR H 454 -28.12 2.97 -21.47
C THR H 454 -28.02 2.05 -22.67
N LEU H 455 -26.98 1.19 -22.72
CA LEU H 455 -26.87 0.21 -23.79
C LEU H 455 -28.19 -0.59 -23.90
N SER H 456 -28.89 -0.62 -22.78
CA SER H 456 -30.05 -1.47 -22.54
C SER H 456 -31.21 -0.96 -23.36
N GLU H 457 -31.13 0.30 -23.72
CA GLU H 457 -32.09 0.86 -24.63
C GLU H 457 -32.02 0.12 -25.96
N ALA H 458 -30.81 -0.30 -26.35
CA ALA H 458 -30.64 -1.05 -27.58
C ALA H 458 -31.57 -2.22 -27.55
N PHE H 459 -31.90 -2.72 -26.38
CA PHE H 459 -32.54 -4.00 -26.32
C PHE H 459 -34.01 -3.74 -26.29
N ARG H 460 -34.35 -2.60 -25.70
CA ARG H 460 -35.74 -2.18 -25.67
C ARG H 460 -36.16 -2.00 -27.09
N GLU H 461 -35.39 -1.18 -27.80
CA GLU H 461 -35.77 -0.76 -29.13
C GLU H 461 -35.83 -1.93 -30.11
N ALA H 462 -35.10 -2.99 -29.82
CA ALA H 462 -35.17 -4.15 -30.66
C ALA H 462 -36.48 -4.93 -30.43
N ASN H 463 -37.00 -4.94 -29.23
CA ASN H 463 -38.28 -5.65 -29.06
C ASN H 463 -39.42 -4.82 -29.66
N LEU H 464 -39.17 -3.51 -29.79
CA LEU H 464 -40.09 -2.56 -30.38
C LEU H 464 -40.14 -2.94 -31.84
N ALA H 465 -38.96 -3.13 -32.41
CA ALA H 465 -38.88 -3.53 -33.82
C ALA H 465 -39.59 -4.86 -34.04
N ALA H 466 -39.30 -5.86 -33.22
CA ALA H 466 -39.94 -7.16 -33.37
C ALA H 466 -41.44 -7.10 -33.25
N SER H 467 -41.87 -6.41 -32.22
CA SER H 467 -43.25 -6.48 -31.87
C SER H 467 -44.13 -5.59 -32.70
N PHE H 468 -43.80 -4.31 -32.76
CA PHE H 468 -44.50 -3.33 -33.59
C PHE H 468 -43.77 -3.36 -34.93
N GLY H 469 -44.01 -2.39 -35.79
CA GLY H 469 -43.19 -2.30 -37.02
C GLY H 469 -41.66 -2.13 -36.87
N LYS H 470 -41.27 -1.16 -36.08
CA LYS H 470 -39.89 -0.74 -36.03
C LYS H 470 -39.60 0.12 -34.80
N SER H 471 -38.32 0.32 -34.52
CA SER H 471 -37.87 1.17 -33.42
C SER H 471 -37.95 2.66 -33.80
N ILE H 472 -37.78 3.52 -32.80
CA ILE H 472 -37.78 4.94 -33.06
C ILE H 472 -36.43 5.38 -33.59
N ASN H 473 -35.35 4.88 -33.00
CA ASN H 473 -34.03 5.41 -33.34
C ASN H 473 -33.34 4.81 -34.53
N PHE H 474 -33.97 3.82 -35.14
CA PHE H 474 -33.39 3.21 -36.34
C PHE H 474 -34.42 2.87 -37.49
N ALA I 1 80.83 1.22 -84.17
CA ALA I 1 80.89 2.15 -85.33
C ALA I 1 81.49 3.50 -84.93
N ASP I 2 82.82 3.60 -84.89
CA ASP I 2 83.53 4.83 -84.52
C ASP I 2 83.40 5.93 -85.58
N GLN I 3 82.93 5.54 -86.78
CA GLN I 3 82.67 6.51 -87.85
C GLN I 3 81.57 7.48 -87.43
N PRO I 4 81.80 8.77 -87.65
CA PRO I 4 80.82 9.82 -87.36
C PRO I 4 79.37 9.41 -87.56
N ILE I 5 78.45 9.88 -86.70
CA ILE I 5 77.03 9.54 -86.83
C ILE I 5 76.15 10.71 -87.32
N ASP I 6 75.12 10.35 -88.09
CA ASP I 6 74.15 11.32 -88.62
C ASP I 6 72.86 11.30 -87.78
N ALA I 7 72.48 12.45 -87.24
CA ALA I 7 71.19 12.62 -86.57
C ALA I 7 70.64 14.04 -86.76
N ASP I 8 69.38 14.26 -86.41
CA ASP I 8 68.75 15.51 -86.79
C ASP I 8 68.76 16.51 -85.68
N VAL I 9 68.99 16.02 -84.47
CA VAL I 9 68.97 16.83 -83.26
C VAL I 9 69.83 16.17 -82.21
N THR I 10 70.76 16.94 -81.68
CA THR I 10 71.71 16.43 -80.72
C THR I 10 71.56 17.20 -79.43
N VAL I 11 71.39 16.46 -78.35
CA VAL I 11 71.21 17.07 -77.06
C VAL I 11 72.44 16.93 -76.22
N ILE I 12 72.92 18.07 -75.75
CA ILE I 12 74.04 18.10 -74.82
C ILE I 12 73.54 18.10 -73.35
N GLY I 13 73.59 16.95 -72.69
CA GLY I 13 73.26 16.90 -71.27
C GLY I 13 72.00 16.13 -70.90
N SER I 14 72.06 15.46 -69.75
CA SER I 14 70.97 14.62 -69.27
C SER I 14 70.05 15.25 -68.25
N GLY I 15 70.29 16.49 -67.86
CA GLY I 15 69.40 17.11 -66.91
C GLY I 15 67.92 17.00 -67.28
N PRO I 16 67.06 17.33 -66.33
CA PRO I 16 65.61 17.30 -66.53
C PRO I 16 65.26 18.34 -67.54
N GLY I 17 65.57 18.11 -68.80
CA GLY I 17 65.52 19.16 -69.81
C GLY I 17 66.28 18.58 -70.96
N GLY I 18 67.55 18.35 -70.74
CA GLY I 18 68.33 17.54 -71.64
C GLY I 18 67.62 16.25 -72.02
N TYR I 19 67.38 15.36 -71.06
CA TYR I 19 66.94 14.02 -71.41
C TYR I 19 65.51 14.03 -71.84
N VAL I 20 64.73 14.97 -71.31
CA VAL I 20 63.29 14.92 -71.51
C VAL I 20 62.98 15.55 -72.85
N ALA I 21 63.84 16.46 -73.28
CA ALA I 21 63.74 17.03 -74.63
C ALA I 21 64.17 15.97 -75.64
N ALA I 22 65.19 15.21 -75.25
CA ALA I 22 65.72 14.12 -76.06
C ALA I 22 64.72 12.98 -76.30
N ILE I 23 63.80 12.82 -75.38
CA ILE I 23 62.77 11.82 -75.52
C ILE I 23 61.58 12.41 -76.33
N LYS I 24 61.32 13.70 -76.14
CA LYS I 24 60.23 14.39 -76.83
C LYS I 24 60.52 14.67 -78.29
N ALA I 25 61.80 14.56 -78.68
CA ALA I 25 62.17 14.76 -80.07
C ALA I 25 62.02 13.48 -80.90
N ALA I 26 62.56 12.37 -80.39
CA ALA I 26 62.47 11.07 -81.05
C ALA I 26 61.04 10.60 -81.03
N GLN I 27 60.32 10.93 -79.96
CA GLN I 27 58.90 10.61 -79.92
C GLN I 27 58.20 11.27 -81.07
N LEU I 28 58.72 12.41 -81.52
CA LEU I 28 58.09 13.19 -82.59
C LEU I 28 58.48 12.77 -84.02
N GLY I 29 59.52 11.94 -84.14
CA GLY I 29 59.99 11.50 -85.44
C GLY I 29 61.48 11.73 -85.67
N PHE I 30 62.02 12.78 -85.07
CA PHE I 30 63.45 13.06 -85.11
C PHE I 30 64.31 11.86 -84.69
N LYS I 31 65.50 11.74 -85.26
CA LYS I 31 66.47 10.72 -84.84
C LYS I 31 67.54 11.41 -83.97
N THR I 32 67.35 11.33 -82.64
CA THR I 32 68.13 12.14 -81.71
C THR I 32 69.25 11.39 -81.03
N VAL I 33 70.34 12.11 -80.84
CA VAL I 33 71.42 11.66 -79.98
C VAL I 33 71.50 12.57 -78.77
N CYS I 34 71.89 11.97 -77.65
CA CYS I 34 72.09 12.69 -76.42
C CYS I 34 73.41 12.29 -75.78
N ILE I 35 74.19 13.30 -75.41
CA ILE I 35 75.50 13.05 -74.84
C ILE I 35 75.49 13.46 -73.38
N GLU I 36 76.32 12.81 -72.58
CA GLU I 36 76.51 13.21 -71.19
C GLU I 36 77.92 12.87 -70.72
N LYS I 37 78.64 13.83 -70.14
CA LYS I 37 79.97 13.53 -69.57
C LYS I 37 79.80 12.50 -68.46
N ASN I 38 78.88 12.76 -67.54
CA ASN I 38 78.66 11.91 -66.37
C ASN I 38 78.43 10.40 -66.65
N GLU I 39 78.75 9.55 -65.68
CA GLU I 39 78.54 8.10 -65.80
C GLU I 39 77.08 7.83 -65.69
N THR I 40 76.33 8.83 -65.28
CA THR I 40 74.89 8.70 -65.05
C THR I 40 74.14 9.89 -65.63
N LEU I 41 72.90 9.64 -66.03
CA LEU I 41 72.04 10.66 -66.64
C LEU I 41 71.12 11.30 -65.63
N GLY I 42 70.35 12.27 -66.04
CA GLY I 42 69.39 12.81 -65.10
C GLY I 42 69.94 14.10 -64.57
N GLY I 43 71.27 14.13 -64.44
CA GLY I 43 72.00 15.37 -64.26
C GLY I 43 72.08 15.79 -62.83
N THR I 44 72.01 17.09 -62.60
CA THR I 44 72.12 17.50 -61.23
C THR I 44 70.84 17.19 -60.48
N CYS I 45 69.70 17.65 -60.99
CA CYS I 45 68.44 17.40 -60.32
C CYS I 45 68.29 15.93 -59.86
N LEU I 46 68.75 14.97 -60.64
CA LEU I 46 68.58 13.59 -60.22
C LEU I 46 69.76 13.03 -59.42
N ASN I 47 70.95 13.50 -59.68
CA ASN I 47 72.11 12.88 -59.09
C ASN I 47 72.65 13.55 -57.80
N VAL I 48 72.43 14.85 -57.66
CA VAL I 48 73.05 15.58 -56.58
C VAL I 48 72.22 16.80 -56.30
N GLY I 49 70.94 16.71 -56.60
CA GLY I 49 70.05 17.80 -56.33
C GLY I 49 68.68 17.44 -55.81
N CYS I 50 67.68 17.81 -56.59
CA CYS I 50 66.31 17.65 -56.25
C CYS I 50 66.03 16.29 -55.61
N ILE I 51 66.40 15.22 -56.32
CA ILE I 51 66.06 13.88 -55.89
C ILE I 51 66.73 13.40 -54.62
N PRO I 52 68.05 13.52 -54.49
CA PRO I 52 68.73 13.15 -53.24
C PRO I 52 68.30 14.00 -52.08
N SER I 53 68.10 15.30 -52.25
CA SER I 53 67.67 16.10 -51.11
C SER I 53 66.20 15.88 -50.79
N LYS I 54 65.43 15.38 -51.72
CA LYS I 54 64.07 15.09 -51.31
C LYS I 54 64.00 13.81 -50.44
N ALA I 55 64.73 12.75 -50.77
CA ALA I 55 64.67 11.50 -49.98
C ALA I 55 65.09 11.77 -48.53
N LEU I 56 66.09 12.62 -48.40
CA LEU I 56 66.63 12.88 -47.11
C LEU I 56 65.66 13.75 -46.31
N LEU I 57 65.04 14.73 -46.96
CA LEU I 57 64.09 15.60 -46.24
C LEU I 57 63.01 14.68 -45.72
N ASN I 58 62.55 13.77 -46.58
CA ASN I 58 61.55 12.83 -46.22
C ASN I 58 61.95 11.89 -45.05
N ASN I 59 63.14 11.29 -45.10
CA ASN I 59 63.49 10.42 -43.95
C ASN I 59 63.72 11.19 -42.65
N SER I 60 64.48 12.27 -42.74
CA SER I 60 64.76 13.08 -41.55
C SER I 60 63.48 13.58 -40.87
N HIS I 61 62.47 13.96 -41.66
CA HIS I 61 61.21 14.33 -41.07
C HIS I 61 60.54 13.17 -40.28
N TYR I 62 60.59 11.93 -40.81
CA TYR I 62 60.00 10.78 -40.10
C TYR I 62 60.77 10.51 -38.82
N TYR I 63 62.09 10.59 -38.91
CA TYR I 63 62.94 10.37 -37.76
C TYR I 63 62.52 11.38 -36.76
N HIS I 64 62.48 12.62 -37.20
CA HIS I 64 62.09 13.70 -36.33
C HIS I 64 60.79 13.44 -35.58
N MET I 65 59.72 13.08 -36.29
CA MET I 65 58.51 12.61 -35.65
C MET I 65 58.73 11.37 -34.71
N ALA I 66 59.53 10.37 -35.04
CA ALA I 66 59.68 9.30 -34.03
C ALA I 66 60.40 9.74 -32.76
N HIS I 67 61.38 10.60 -32.93
CA HIS I 67 62.32 10.98 -31.88
C HIS I 67 61.74 12.05 -30.98
N GLY I 68 61.06 13.02 -31.59
CA GLY I 68 60.39 14.10 -30.88
C GLY I 68 59.08 13.66 -30.26
N LYS I 69 58.15 14.56 -30.04
CA LYS I 69 56.99 14.24 -29.22
C LYS I 69 55.80 13.84 -30.03
N ASP I 70 55.90 13.99 -31.34
CA ASP I 70 54.79 13.65 -32.20
C ASP I 70 54.25 12.20 -32.16
N PHE I 71 55.11 11.21 -32.17
CA PHE I 71 54.65 9.83 -32.22
C PHE I 71 54.16 9.38 -30.84
N ALA I 72 54.81 9.89 -29.82
CA ALA I 72 54.39 9.65 -28.46
C ALA I 72 52.98 10.17 -28.29
N SER I 73 52.69 11.39 -28.75
CA SER I 73 51.36 12.00 -28.54
C SER I 73 50.29 11.24 -29.26
N ARG I 74 50.71 10.37 -30.17
CA ARG I 74 49.82 9.61 -31.04
C ARG I 74 49.53 8.24 -30.47
N GLY I 75 50.25 7.87 -29.42
CA GLY I 75 50.08 6.61 -28.78
C GLY I 75 51.07 5.63 -29.35
N ILE I 76 51.91 6.08 -30.25
CA ILE I 76 53.04 5.25 -30.72
C ILE I 76 54.22 5.42 -29.77
N GLU I 77 54.44 4.42 -28.97
CA GLU I 77 55.43 4.55 -27.93
C GLU I 77 56.60 3.67 -28.24
N MET I 78 57.79 4.27 -28.34
CA MET I 78 59.06 3.52 -28.40
C MET I 78 59.79 3.54 -27.06
N SER I 79 60.97 2.92 -26.94
CA SER I 79 61.75 3.15 -25.70
C SER I 79 62.98 4.00 -26.00
N GLU I 80 63.62 3.68 -27.14
CA GLU I 80 64.67 4.51 -27.73
C GLU I 80 64.42 4.62 -29.21
N VAL I 81 65.02 5.62 -29.86
CA VAL I 81 64.89 5.77 -31.30
C VAL I 81 66.23 6.16 -31.85
N ARG I 82 66.90 5.27 -32.57
CA ARG I 82 68.26 5.45 -33.11
C ARG I 82 68.14 5.78 -34.55
N LEU I 83 69.16 6.50 -35.02
CA LEU I 83 69.39 6.81 -36.41
C LEU I 83 70.42 5.86 -36.95
N ASN I 84 70.28 5.42 -38.19
CA ASN I 84 71.33 4.67 -38.86
C ASN I 84 71.66 5.35 -40.15
N LEU I 85 72.62 6.26 -40.18
CA LEU I 85 72.72 7.20 -41.29
C LEU I 85 73.08 6.38 -42.48
N ASP I 86 73.81 5.31 -42.22
CA ASP I 86 74.21 4.42 -43.30
C ASP I 86 72.94 3.98 -44.04
N LYS I 87 71.99 3.33 -43.34
CA LYS I 87 70.77 2.89 -43.99
C LYS I 87 69.96 4.06 -44.53
N MET I 88 70.04 5.21 -43.90
CA MET I 88 69.22 6.29 -44.41
C MET I 88 69.76 6.73 -45.74
N MET I 89 71.08 6.78 -45.78
CA MET I 89 71.81 7.24 -46.94
C MET I 89 71.63 6.33 -48.15
N GLU I 90 71.68 5.02 -47.87
CA GLU I 90 71.35 3.94 -48.80
C GLU I 90 69.95 4.09 -49.41
N GLN I 91 68.94 4.35 -48.59
CA GLN I 91 67.59 4.47 -49.16
C GLN I 91 67.62 5.50 -50.24
N LYS I 92 68.23 6.65 -49.94
CA LYS I 92 68.42 7.75 -50.88
C LYS I 92 69.14 7.23 -52.15
N SER I 93 70.32 6.61 -51.98
CA SER I 93 71.05 6.04 -53.10
C SER I 93 70.28 5.05 -53.91
N THR I 94 69.38 4.34 -53.30
CA THR I 94 68.66 3.37 -54.06
C THR I 94 67.64 4.11 -54.86
N ALA I 95 66.92 5.02 -54.25
CA ALA I 95 66.03 5.83 -55.09
C ALA I 95 66.77 6.35 -56.31
N VAL I 96 67.98 6.89 -56.14
CA VAL I 96 68.60 7.65 -57.22
C VAL I 96 68.83 6.68 -58.33
N LYS I 97 69.55 5.62 -57.98
CA LYS I 97 70.01 4.62 -58.92
C LYS I 97 68.86 4.07 -59.78
N ALA I 98 67.70 3.91 -59.16
CA ALA I 98 66.60 3.31 -59.86
C ALA I 98 66.06 4.31 -60.84
N LEU I 99 66.25 5.58 -60.53
CA LEU I 99 65.74 6.67 -61.33
C LEU I 99 66.68 6.94 -62.45
N THR I 100 67.96 6.73 -62.22
CA THR I 100 68.93 7.02 -63.28
C THR I 100 68.89 5.97 -64.35
N GLY I 101 68.76 4.71 -63.95
CA GLY I 101 68.56 3.63 -64.90
C GLY I 101 67.20 3.80 -65.58
N GLY I 102 66.29 4.45 -64.88
CA GLY I 102 64.96 4.65 -65.41
C GLY I 102 64.98 5.52 -66.64
N ILE I 103 65.83 6.54 -66.62
CA ILE I 103 65.98 7.40 -67.79
C ILE I 103 66.67 6.63 -68.89
N ALA I 104 67.68 5.86 -68.53
CA ALA I 104 68.30 5.03 -69.55
C ALA I 104 67.26 4.12 -70.25
N HIS I 105 66.32 3.52 -69.51
CA HIS I 105 65.29 2.70 -70.15
C HIS I 105 64.49 3.51 -71.17
N LEU I 106 64.06 4.72 -70.80
CA LEU I 106 63.30 5.57 -71.71
C LEU I 106 64.06 5.76 -73.01
N PHE I 107 65.37 5.99 -72.88
CA PHE I 107 66.21 6.26 -74.04
C PHE I 107 66.08 5.08 -75.02
N LYS I 108 66.51 3.89 -74.60
CA LYS I 108 66.34 2.68 -75.41
C LYS I 108 64.90 2.54 -75.96
N GLN I 109 63.91 2.65 -75.09
CA GLN I 109 62.52 2.49 -75.56
C GLN I 109 62.15 3.34 -76.78
N ASN I 110 62.51 4.64 -76.79
CA ASN I 110 62.29 5.46 -77.99
C ASN I 110 63.55 5.64 -78.85
N LYS I 111 64.45 4.67 -78.73
CA LYS I 111 65.66 4.51 -79.57
C LYS I 111 66.64 5.70 -79.60
N VAL I 112 66.35 6.74 -78.82
CA VAL I 112 67.27 7.84 -78.50
C VAL I 112 68.69 7.32 -78.24
N VAL I 113 69.70 7.82 -78.95
CA VAL I 113 71.09 7.32 -78.79
C VAL I 113 71.91 8.09 -77.73
N HIS I 114 72.44 7.36 -76.74
CA HIS I 114 73.24 7.94 -75.67
C HIS I 114 74.73 7.72 -75.91
N VAL I 115 75.51 8.80 -75.93
CA VAL I 115 76.97 8.69 -76.00
C VAL I 115 77.64 9.22 -74.75
N ASN I 116 78.49 8.39 -74.17
CA ASN I 116 79.13 8.69 -72.90
C ASN I 116 80.37 9.63 -73.02
N GLY I 117 80.15 10.90 -73.33
CA GLY I 117 81.29 11.78 -73.51
C GLY I 117 81.11 13.27 -73.31
N TYR I 118 82.23 13.96 -73.09
CA TYR I 118 82.27 15.41 -72.98
C TYR I 118 82.08 16.06 -74.37
N GLY I 119 80.97 16.76 -74.55
CA GLY I 119 80.63 17.30 -75.85
C GLY I 119 80.89 18.78 -76.01
N LYS I 120 81.87 19.08 -76.87
CA LYS I 120 82.16 20.43 -77.34
C LYS I 120 81.66 20.55 -78.77
N ILE I 121 81.12 21.72 -79.15
CA ILE I 121 80.54 21.90 -80.50
C ILE I 121 81.53 22.46 -81.57
N THR I 122 81.90 21.61 -82.53
CA THR I 122 82.99 21.94 -83.46
C THR I 122 82.58 22.87 -84.58
N GLY I 123 81.29 22.95 -84.89
CA GLY I 123 80.85 23.88 -85.91
C GLY I 123 79.40 23.80 -86.34
N LYS I 124 79.00 24.76 -87.18
CA LYS I 124 77.62 24.92 -87.61
C LYS I 124 76.72 23.68 -87.46
N ASN I 125 77.23 22.52 -87.85
CA ASN I 125 76.47 21.27 -87.83
C ASN I 125 77.32 20.07 -87.43
N GLN I 126 78.00 20.17 -86.29
CA GLN I 126 78.75 19.04 -85.74
C GLN I 126 79.18 19.19 -84.28
N VAL I 127 79.01 18.13 -83.48
CA VAL I 127 79.60 18.06 -82.16
C VAL I 127 80.40 16.79 -82.05
N THR I 128 81.53 16.88 -81.36
CA THR I 128 82.32 15.70 -81.07
C THR I 128 82.22 15.34 -79.57
N ALA I 129 82.23 14.03 -79.27
CA ALA I 129 82.23 13.50 -77.89
C ALA I 129 83.53 12.81 -77.52
N THR I 130 84.20 13.32 -76.51
CA THR I 130 85.41 12.68 -76.05
C THR I 130 85.15 11.93 -74.75
N LYS I 131 85.55 10.66 -74.71
CA LYS I 131 85.42 9.85 -73.51
C LYS I 131 86.67 10.05 -72.67
N ALA I 132 86.85 9.25 -71.62
CA ALA I 132 88.04 9.32 -70.77
C ALA I 132 89.19 8.61 -71.47
N ASP I 133 88.85 7.48 -72.05
CA ASP I 133 89.75 6.64 -72.83
C ASP I 133 90.69 7.41 -73.77
N GLY I 134 90.13 8.31 -74.57
CA GLY I 134 90.87 9.03 -75.59
C GLY I 134 90.01 9.26 -76.81
N GLY I 135 89.30 8.21 -77.25
CA GLY I 135 88.54 8.18 -78.51
C GLY I 135 87.58 9.32 -78.77
N THR I 136 87.32 9.60 -80.05
CA THR I 136 86.45 10.70 -80.46
C THR I 136 85.31 10.22 -81.37
N GLN I 137 84.13 10.11 -80.78
CA GLN I 137 82.92 9.77 -81.52
C GLN I 137 82.25 11.04 -82.01
N VAL I 138 82.12 11.16 -83.32
CA VAL I 138 81.63 12.39 -83.94
C VAL I 138 80.13 12.35 -84.20
N ILE I 139 79.50 13.52 -84.23
CA ILE I 139 78.09 13.61 -84.60
C ILE I 139 77.76 14.82 -85.46
N ASP I 140 77.20 14.53 -86.65
CA ASP I 140 76.84 15.52 -87.65
C ASP I 140 75.33 15.72 -87.60
N THR I 141 74.92 16.89 -87.14
CA THR I 141 73.51 17.11 -86.83
C THR I 141 73.01 18.33 -87.54
N LYS I 142 71.68 18.49 -87.57
CA LYS I 142 71.00 19.62 -88.21
C LYS I 142 70.58 20.68 -87.17
N ASN I 143 70.32 20.23 -85.95
CA ASN I 143 70.02 21.12 -84.81
C ASN I 143 70.75 20.70 -83.54
N ILE I 144 71.19 21.69 -82.77
CA ILE I 144 71.82 21.45 -81.49
C ILE I 144 71.03 22.00 -80.31
N LEU I 145 70.91 21.15 -79.30
CA LEU I 145 70.21 21.48 -78.08
C LEU I 145 71.18 21.56 -76.93
N ILE I 146 71.40 22.76 -76.43
CA ILE I 146 72.32 22.93 -75.30
C ILE I 146 71.59 22.79 -74.00
N ALA I 147 71.90 21.75 -73.26
CA ALA I 147 71.42 21.63 -71.90
C ALA I 147 72.57 21.13 -71.04
N THR I 148 73.60 21.97 -70.91
CA THR I 148 74.76 21.59 -70.12
C THR I 148 74.47 21.94 -68.67
N GLY I 149 73.28 22.48 -68.43
CA GLY I 149 72.91 22.93 -67.10
C GLY I 149 73.86 23.90 -66.38
N SER I 150 74.19 23.58 -65.12
CA SER I 150 74.83 24.54 -64.25
C SER I 150 75.72 23.82 -63.30
N GLU I 151 76.16 24.57 -62.29
CA GLU I 151 77.22 24.19 -61.36
C GLU I 151 77.15 25.10 -60.11
N VAL I 152 77.90 24.74 -59.06
CA VAL I 152 77.98 25.50 -57.81
C VAL I 152 78.78 26.83 -57.93
N THR I 153 78.19 27.93 -57.45
CA THR I 153 78.81 29.26 -57.36
C THR I 153 79.78 29.24 -56.16
N PRO I 154 81.10 29.26 -56.39
CA PRO I 154 82.06 29.16 -55.28
C PRO I 154 82.21 30.50 -54.59
N PHE I 155 82.34 30.45 -53.26
CA PHE I 155 82.48 31.63 -52.44
C PHE I 155 83.95 31.99 -52.45
N PRO I 156 84.30 33.03 -53.18
CA PRO I 156 85.72 33.41 -53.39
C PRO I 156 86.37 33.75 -52.05
N GLY I 157 87.47 33.08 -51.75
CA GLY I 157 87.98 33.05 -50.41
C GLY I 157 87.88 31.64 -49.86
N ILE I 158 86.69 31.06 -49.78
CA ILE I 158 86.55 29.71 -49.20
C ILE I 158 86.71 28.55 -50.19
N THR I 159 87.61 27.62 -49.90
CA THR I 159 87.81 26.46 -50.78
C THR I 159 87.02 25.22 -50.33
N ILE I 160 86.00 24.84 -51.13
CA ILE I 160 85.22 23.63 -50.89
C ILE I 160 86.08 22.37 -51.07
N ASP I 161 85.92 21.37 -50.23
CA ASP I 161 86.62 20.12 -50.48
C ASP I 161 85.74 18.87 -50.30
N GLU I 162 84.44 19.09 -50.07
CA GLU I 162 83.46 18.02 -49.95
C GLU I 162 83.96 17.14 -48.87
N ASP I 163 84.38 17.77 -47.81
CA ASP I 163 84.92 17.04 -46.68
C ASP I 163 84.40 17.69 -45.38
N THR I 164 85.00 18.81 -44.99
CA THR I 164 84.50 19.67 -43.93
C THR I 164 83.86 20.88 -44.57
N ILE I 165 84.41 21.34 -45.68
CA ILE I 165 83.84 22.51 -46.32
C ILE I 165 83.17 21.97 -47.53
N VAL I 166 81.83 21.94 -47.48
CA VAL I 166 81.03 21.17 -48.45
C VAL I 166 80.12 22.05 -49.25
N SER I 167 79.63 21.47 -50.35
CA SER I 167 78.69 22.18 -51.24
C SER I 167 77.43 21.46 -51.02
N SER I 168 76.43 21.84 -51.83
CA SER I 168 75.13 21.23 -51.72
C SER I 168 75.36 19.73 -51.74
N THR I 169 76.29 19.29 -52.60
CA THR I 169 76.36 17.87 -52.86
C THR I 169 77.07 17.05 -51.78
N GLY I 170 78.07 17.65 -51.14
CA GLY I 170 78.80 16.95 -50.12
C GLY I 170 77.92 16.89 -48.89
N ALA I 171 76.98 17.82 -48.81
CA ALA I 171 76.12 17.86 -47.62
C ALA I 171 75.15 16.76 -47.72
N LEU I 172 74.85 16.30 -48.94
CA LEU I 172 73.90 15.23 -49.11
C LEU I 172 74.58 13.90 -48.84
N SER I 173 75.85 13.92 -48.51
CA SER I 173 76.51 12.66 -48.29
C SER I 173 77.38 12.57 -47.04
N LEU I 174 77.12 13.37 -46.01
CA LEU I 174 77.94 13.32 -44.80
C LEU I 174 77.91 11.91 -44.22
N LYS I 175 78.95 11.51 -43.53
CA LYS I 175 79.07 10.11 -43.16
C LYS I 175 78.63 9.97 -41.70
N LYS I 176 78.42 11.11 -41.05
CA LYS I 176 77.96 11.19 -39.68
C LYS I 176 77.37 12.60 -39.37
N VAL I 177 76.39 12.70 -38.50
CA VAL I 177 75.72 13.97 -38.38
C VAL I 177 76.56 14.91 -37.59
N PRO I 178 76.84 16.06 -38.20
CA PRO I 178 77.72 17.09 -37.61
C PRO I 178 77.22 17.61 -36.26
N GLU I 179 78.12 17.66 -35.27
CA GLU I 179 77.71 18.20 -33.99
C GLU I 179 77.20 19.64 -34.20
N LYS I 180 77.88 20.42 -35.04
CA LYS I 180 77.58 21.86 -35.25
C LYS I 180 77.85 22.30 -36.68
N MET I 181 76.86 22.80 -37.38
CA MET I 181 77.15 23.17 -38.75
C MET I 181 76.72 24.58 -39.14
N VAL I 182 77.54 25.32 -39.89
CA VAL I 182 76.92 26.52 -40.46
C VAL I 182 76.72 26.45 -41.93
N VAL I 183 75.54 26.91 -42.34
CA VAL I 183 75.18 27.11 -43.72
C VAL I 183 75.48 28.53 -44.12
N ILE I 184 76.20 28.72 -45.22
CA ILE I 184 76.29 30.05 -45.75
C ILE I 184 75.29 30.16 -46.84
N GLY I 185 74.24 30.92 -46.59
CA GLY I 185 73.33 31.29 -47.64
C GLY I 185 72.01 30.69 -47.24
N ALA I 186 70.94 31.47 -47.20
CA ALA I 186 69.68 30.91 -46.77
C ALA I 186 68.71 30.77 -47.96
N GLY I 187 69.25 30.28 -49.08
CA GLY I 187 68.49 30.04 -50.29
C GLY I 187 67.66 28.79 -50.09
N VAL I 188 66.95 28.33 -51.12
CA VAL I 188 66.04 27.20 -50.98
C VAL I 188 66.93 26.04 -50.53
N ILE I 189 67.85 25.67 -51.41
CA ILE I 189 68.78 24.62 -51.14
C ILE I 189 69.25 24.74 -49.70
N GLY I 190 69.70 25.91 -49.34
CA GLY I 190 70.27 26.10 -48.01
C GLY I 190 69.38 25.80 -46.82
N VAL I 191 68.12 26.26 -46.88
CA VAL I 191 67.17 25.98 -45.83
C VAL I 191 66.79 24.53 -45.81
N GLU I 192 66.62 23.94 -47.00
CA GLU I 192 66.36 22.49 -47.08
C GLU I 192 67.44 21.68 -46.32
N LEU I 193 68.63 21.68 -46.88
CA LEU I 193 69.73 20.88 -46.33
C LEU I 193 70.03 21.23 -44.89
N GLY I 194 69.84 22.48 -44.50
CA GLY I 194 70.14 22.84 -43.14
C GLY I 194 69.13 22.15 -42.23
N SER I 195 67.89 22.15 -42.70
CA SER I 195 66.80 21.58 -41.96
C SER I 195 66.95 20.04 -41.71
N VAL I 196 67.42 19.33 -42.74
CA VAL I 196 67.74 17.90 -42.71
C VAL I 196 68.71 17.60 -41.56
N TRP I 197 69.88 18.21 -41.57
CA TRP I 197 70.81 17.89 -40.51
C TRP I 197 70.28 18.40 -39.17
N GLN I 198 69.58 19.53 -39.28
CA GLN I 198 68.99 20.07 -38.07
C GLN I 198 68.15 18.95 -37.46
N ARG I 199 67.26 18.37 -38.24
CA ARG I 199 66.35 17.31 -37.75
C ARG I 199 67.09 16.08 -37.22
N LEU I 200 68.17 15.72 -37.89
CA LEU I 200 68.93 14.56 -37.51
C LEU I 200 69.74 14.75 -36.21
N GLY I 201 69.56 15.90 -35.57
CA GLY I 201 70.31 16.18 -34.36
C GLY I 201 71.44 17.20 -34.40
N ALA I 202 71.71 17.89 -35.52
CA ALA I 202 72.83 18.87 -35.61
C ALA I 202 72.47 20.24 -35.14
N ASP I 203 73.42 20.95 -34.52
CA ASP I 203 73.23 22.40 -34.25
C ASP I 203 73.50 23.25 -35.52
N VAL I 204 72.46 23.84 -36.10
CA VAL I 204 72.64 24.39 -37.44
C VAL I 204 72.36 25.81 -37.41
N THR I 205 73.13 26.58 -38.16
CA THR I 205 72.94 28.03 -38.26
C THR I 205 73.19 28.49 -39.67
N ALA I 206 72.28 29.28 -40.22
CA ALA I 206 72.48 29.85 -41.56
C ALA I 206 72.83 31.33 -41.49
N VAL I 207 73.88 31.74 -42.18
CA VAL I 207 74.23 33.14 -42.26
C VAL I 207 73.84 33.59 -43.65
N GLU I 208 72.82 34.45 -43.75
CA GLU I 208 72.42 35.14 -45.00
C GLU I 208 72.76 36.65 -45.07
N PHE I 209 73.41 37.04 -46.18
CA PHE I 209 73.64 38.45 -46.57
C PHE I 209 72.36 39.30 -46.64
N LEU I 210 71.35 38.80 -47.33
CA LEU I 210 70.05 39.48 -47.39
C LEU I 210 69.23 39.34 -46.08
N GLY I 211 68.08 40.00 -46.04
CA GLY I 211 67.31 40.16 -44.82
C GLY I 211 66.15 39.21 -44.60
N HIS I 212 66.14 38.12 -45.35
CA HIS I 212 65.08 37.13 -45.25
C HIS I 212 65.57 35.79 -45.79
N VAL I 213 64.84 34.75 -45.44
CA VAL I 213 65.15 33.40 -45.85
C VAL I 213 64.21 33.09 -46.99
N GLY I 214 64.61 32.28 -47.96
CA GLY I 214 63.71 31.89 -49.02
C GLY I 214 64.13 32.04 -50.45
N GLY I 215 65.15 32.83 -50.76
CA GLY I 215 65.52 33.01 -52.15
C GLY I 215 64.95 34.27 -52.78
N VAL I 216 64.54 34.19 -54.03
CA VAL I 216 63.92 35.37 -54.65
C VAL I 216 62.49 35.06 -55.03
N GLY I 217 61.55 35.92 -54.69
CA GLY I 217 60.16 35.66 -55.02
C GLY I 217 59.26 35.30 -53.84
N ILE I 218 59.85 34.86 -52.73
CA ILE I 218 59.06 34.57 -51.54
C ILE I 218 58.28 35.80 -51.15
N ASP I 219 57.04 35.58 -50.78
CA ASP I 219 56.30 36.66 -50.23
C ASP I 219 56.91 36.95 -48.88
N MET I 220 57.42 38.16 -48.70
CA MET I 220 57.91 38.62 -47.41
C MET I 220 56.99 38.23 -46.27
N GLU I 221 55.74 38.69 -46.33
CA GLU I 221 54.82 38.35 -45.27
C GLU I 221 54.93 36.87 -44.87
N ILE I 222 55.18 35.95 -45.83
CA ILE I 222 55.26 34.52 -45.44
C ILE I 222 56.67 34.09 -45.14
N SER I 223 57.62 34.68 -45.82
CA SER I 223 59.00 34.40 -45.48
C SER I 223 59.25 34.56 -43.98
N LYS I 224 58.78 35.69 -43.44
CA LYS I 224 59.03 36.02 -42.05
C LYS I 224 58.39 34.99 -41.18
N ASN I 225 57.30 34.44 -41.66
CA ASN I 225 56.58 33.40 -40.93
C ASN I 225 57.27 32.03 -40.99
N PHE I 226 57.68 31.69 -42.21
CA PHE I 226 58.49 30.53 -42.46
C PHE I 226 59.68 30.48 -41.49
N GLN I 227 60.38 31.60 -41.41
CA GLN I 227 61.51 31.77 -40.52
C GLN I 227 61.17 31.54 -39.08
N ARG I 228 60.02 32.03 -38.64
CA ARG I 228 59.65 31.88 -37.24
C ARG I 228 59.30 30.40 -36.95
N ILE I 229 58.68 29.75 -37.93
CA ILE I 229 58.31 28.35 -37.79
C ILE I 229 59.62 27.61 -37.66
N LEU I 230 60.53 27.88 -38.58
CA LEU I 230 61.83 27.22 -38.56
C LEU I 230 62.55 27.34 -37.23
N GLN I 231 62.51 28.50 -36.61
CA GLN I 231 63.27 28.69 -35.36
C GLN I 231 62.65 27.94 -34.14
N LYS I 232 61.31 27.83 -34.06
CA LYS I 232 60.74 27.04 -32.97
C LYS I 232 61.29 25.62 -33.12
N GLN I 233 61.59 25.22 -34.36
CA GLN I 233 62.11 23.88 -34.65
C GLN I 233 63.52 23.73 -34.11
N GLY I 234 64.29 24.83 -34.09
CA GLY I 234 65.65 24.86 -33.56
C GLY I 234 66.69 25.46 -34.48
N PHE I 235 66.29 25.78 -35.71
CA PHE I 235 67.14 26.28 -36.81
C PHE I 235 67.45 27.73 -36.52
N LYS I 236 68.72 28.07 -36.37
CA LYS I 236 69.15 29.42 -36.10
C LYS I 236 69.57 30.19 -37.37
N PHE I 237 69.33 31.51 -37.34
CA PHE I 237 69.64 32.37 -38.47
C PHE I 237 70.38 33.66 -38.15
N LYS I 238 71.34 34.00 -38.99
CA LYS I 238 72.00 35.29 -38.91
C LYS I 238 71.64 35.99 -40.22
N LEU I 239 70.68 36.93 -40.21
CA LEU I 239 70.34 37.59 -41.47
C LEU I 239 71.21 38.81 -41.65
N ASN I 240 71.13 39.45 -42.81
CA ASN I 240 71.86 40.70 -42.99
C ASN I 240 73.29 40.65 -42.49
N THR I 241 73.95 39.51 -42.72
CA THR I 241 75.37 39.38 -42.42
C THR I 241 76.18 38.75 -43.62
N LYS I 242 77.45 39.13 -43.73
CA LYS I 242 78.34 38.57 -44.75
C LYS I 242 79.31 37.77 -43.93
N VAL I 243 80.21 37.09 -44.60
CA VAL I 243 81.29 36.44 -43.89
C VAL I 243 82.62 37.06 -44.35
N THR I 244 83.36 37.59 -43.38
CA THR I 244 84.75 37.99 -43.55
C THR I 244 85.60 36.87 -44.20
N GLY I 245 85.47 35.66 -43.69
CA GLY I 245 86.27 34.57 -44.22
C GLY I 245 86.06 33.34 -43.35
N ALA I 246 86.89 32.33 -43.58
CA ALA I 246 86.78 31.08 -42.86
C ALA I 246 88.22 30.61 -42.69
N THR I 247 88.46 29.71 -41.74
CA THR I 247 89.81 29.13 -41.54
C THR I 247 89.74 27.78 -40.78
N LYS I 248 90.63 26.86 -41.13
CA LYS I 248 90.57 25.54 -40.51
C LYS I 248 91.31 25.37 -39.17
N LYS I 249 90.65 24.80 -38.18
CA LYS I 249 91.28 24.66 -36.83
C LYS I 249 92.16 23.42 -36.63
N SER I 250 93.07 23.50 -35.66
CA SER I 250 93.97 22.40 -35.38
C SER I 250 93.28 21.10 -35.04
N ASP I 251 92.12 21.16 -34.39
CA ASP I 251 91.30 20.00 -34.00
C ASP I 251 90.34 19.58 -35.08
N GLY I 252 90.43 20.20 -36.24
CA GLY I 252 89.53 19.81 -37.29
C GLY I 252 88.35 20.72 -37.46
N LYS I 253 87.96 21.51 -36.43
CA LYS I 253 86.84 22.49 -36.57
C LYS I 253 87.14 23.64 -37.52
N ILE I 254 86.15 24.50 -37.73
CA ILE I 254 86.30 25.62 -38.66
C ILE I 254 85.83 26.94 -38.06
N ASP I 255 86.68 27.95 -38.01
CA ASP I 255 86.22 29.25 -37.51
C ASP I 255 85.75 30.15 -38.66
N VAL I 256 84.47 30.53 -38.71
CA VAL I 256 84.07 31.50 -39.74
C VAL I 256 83.83 32.86 -39.11
N SER I 257 84.06 33.91 -39.89
CA SER I 257 83.93 35.30 -39.47
C SER I 257 82.77 36.00 -40.10
N ILE I 258 81.82 36.36 -39.28
CA ILE I 258 80.62 36.98 -39.77
C ILE I 258 80.78 38.44 -39.39
N GLU I 259 79.99 39.29 -40.04
CA GLU I 259 79.97 40.69 -39.66
C GLU I 259 78.78 41.32 -40.41
N ALA I 260 77.93 42.05 -39.70
CA ALA I 260 76.75 42.63 -40.36
C ALA I 260 77.06 43.37 -41.68
N ALA I 261 76.27 43.07 -42.71
CA ALA I 261 76.49 43.49 -44.10
C ALA I 261 76.90 44.96 -44.25
N SER I 262 76.17 45.82 -43.53
CA SER I 262 76.36 47.28 -43.57
C SER I 262 77.61 47.69 -42.78
N GLY I 263 77.39 47.99 -41.49
CA GLY I 263 78.42 48.35 -40.53
C GLY I 263 79.40 47.20 -40.33
N GLY I 264 79.72 46.87 -39.09
CA GLY I 264 80.75 45.89 -38.88
C GLY I 264 80.85 45.44 -37.44
N LYS I 265 79.86 44.66 -37.00
CA LYS I 265 79.90 44.03 -35.67
C LYS I 265 80.58 42.69 -35.79
N ALA I 266 81.92 42.73 -35.82
CA ALA I 266 82.78 41.55 -36.01
C ALA I 266 82.24 40.37 -35.19
N GLU I 267 82.81 39.17 -35.32
CA GLU I 267 82.29 38.01 -34.56
C GLU I 267 82.62 36.73 -35.32
N VAL I 268 82.86 35.65 -34.57
CA VAL I 268 83.40 34.39 -35.12
C VAL I 268 82.56 33.19 -34.74
N ILE I 269 82.18 32.40 -35.72
CA ILE I 269 81.36 31.24 -35.42
C ILE I 269 82.12 29.97 -35.69
N THR I 270 82.13 29.12 -34.69
CA THR I 270 82.91 27.93 -34.84
C THR I 270 82.03 26.69 -35.16
N CYS I 271 82.38 25.94 -36.20
CA CYS I 271 81.55 24.81 -36.64
C CYS I 271 82.32 23.55 -37.07
N ASP I 272 81.61 22.43 -37.11
CA ASP I 272 82.22 21.14 -37.45
C ASP I 272 82.21 20.94 -38.95
N VAL I 273 81.16 21.40 -39.62
CA VAL I 273 81.01 21.34 -41.09
C VAL I 273 80.51 22.69 -41.55
N LEU I 274 81.01 23.17 -42.68
CA LEU I 274 80.56 24.46 -43.20
C LEU I 274 80.06 24.23 -44.63
N LEU I 275 78.82 24.66 -44.92
CA LEU I 275 78.13 24.31 -46.16
C LEU I 275 77.97 25.53 -47.03
N VAL I 276 78.55 25.51 -48.23
CA VAL I 276 78.48 26.69 -49.06
C VAL I 276 77.36 26.65 -50.09
N CYS I 277 76.26 27.34 -49.81
CA CYS I 277 75.16 27.49 -50.79
C CYS I 277 74.96 28.91 -51.20
N ILE I 278 75.97 29.51 -51.81
CA ILE I 278 75.90 30.90 -52.19
C ILE I 278 75.09 30.96 -53.44
N GLY I 279 75.10 29.90 -54.21
CA GLY I 279 74.40 29.95 -55.46
C GLY I 279 74.72 28.88 -56.49
N ARG I 280 74.11 29.05 -57.65
CA ARG I 280 74.36 28.14 -58.74
C ARG I 280 74.55 29.01 -59.97
N ARG I 281 75.31 28.51 -60.92
CA ARG I 281 75.53 29.33 -62.08
C ARG I 281 75.61 28.49 -63.35
N PRO I 282 75.38 29.14 -64.49
CA PRO I 282 75.19 28.42 -65.73
C PRO I 282 76.52 27.85 -66.10
N PHE I 283 76.55 26.60 -66.55
CA PHE I 283 77.81 25.89 -66.81
C PHE I 283 78.12 25.72 -68.28
N THR I 284 79.08 26.51 -68.75
CA THR I 284 79.46 26.52 -70.15
C THR I 284 80.86 25.91 -70.37
N LYS I 285 81.69 25.92 -69.32
CA LYS I 285 83.08 25.45 -69.42
C LYS I 285 83.28 24.55 -70.64
N ASN I 286 84.14 25.01 -71.55
CA ASN I 286 84.65 24.15 -72.61
C ASN I 286 83.60 23.65 -73.60
N LEU I 287 82.59 24.47 -73.87
CA LEU I 287 81.59 24.08 -74.85
C LEU I 287 82.02 24.39 -76.27
N GLY I 288 82.86 25.41 -76.41
CA GLY I 288 83.25 25.90 -77.72
C GLY I 288 82.27 26.91 -78.28
N LEU I 289 81.54 27.57 -77.39
CA LEU I 289 80.60 28.61 -77.82
C LEU I 289 81.15 30.03 -77.62
N GLU I 290 82.46 30.18 -77.72
CA GLU I 290 83.09 31.50 -77.71
C GLU I 290 83.71 31.82 -79.06
N GLU I 291 84.46 30.86 -79.61
CA GLU I 291 84.96 30.94 -80.99
C GLU I 291 83.83 30.63 -81.94
N LEU I 292 82.62 30.95 -81.51
CA LEU I 292 81.46 30.77 -82.35
C LEU I 292 80.52 31.90 -82.06
N GLY I 293 81.09 33.10 -82.00
CA GLY I 293 80.35 34.35 -81.88
C GLY I 293 79.16 34.39 -80.93
N ILE I 294 79.19 33.57 -79.87
CA ILE I 294 78.11 33.55 -78.87
C ILE I 294 78.46 34.25 -77.55
N GLU I 295 77.77 35.37 -77.32
CA GLU I 295 77.96 36.17 -76.11
C GLU I 295 77.45 35.37 -74.93
N LEU I 296 77.42 36.01 -73.77
CA LEU I 296 76.84 35.42 -72.58
C LEU I 296 76.37 36.55 -71.66
N ASP I 297 75.21 36.40 -71.06
CA ASP I 297 74.83 37.29 -69.98
C ASP I 297 76.09 37.80 -69.40
N PRO I 298 76.11 39.06 -68.99
CA PRO I 298 77.23 39.54 -68.19
C PRO I 298 77.18 38.67 -66.94
N ARG I 299 76.13 37.85 -66.83
CA ARG I 299 76.10 36.88 -65.75
C ARG I 299 75.99 35.41 -66.14
N GLY I 300 76.77 35.03 -67.13
CA GLY I 300 77.15 33.64 -67.27
C GLY I 300 76.26 32.79 -68.13
N ARG I 301 75.00 33.19 -68.27
CA ARG I 301 74.00 32.36 -68.97
C ARG I 301 73.86 32.77 -70.41
N ILE I 302 73.30 31.90 -71.23
CA ILE I 302 73.03 32.21 -72.64
C ILE I 302 71.76 33.07 -72.88
N PRO I 303 71.85 34.02 -73.80
CA PRO I 303 70.67 34.75 -74.26
C PRO I 303 70.06 34.08 -75.49
N VAL I 304 68.73 34.01 -75.52
CA VAL I 304 68.02 33.32 -76.59
C VAL I 304 66.82 34.13 -77.04
N ASN I 305 66.25 33.78 -78.19
CA ASN I 305 64.96 34.28 -78.61
C ASN I 305 63.93 33.33 -78.03
N THR I 306 62.68 33.78 -77.91
CA THR I 306 61.65 32.97 -77.24
C THR I 306 61.14 31.78 -78.06
N ARG I 307 61.92 31.35 -79.05
CA ARG I 307 61.75 30.02 -79.65
C ARG I 307 62.99 29.25 -79.21
N PHE I 308 63.72 29.89 -78.29
CA PHE I 308 64.90 29.34 -77.64
C PHE I 308 66.08 29.16 -78.59
N GLN I 309 66.26 30.21 -79.38
CA GLN I 309 67.29 30.28 -80.41
C GLN I 309 68.42 31.21 -80.03
N THR I 310 69.58 30.88 -80.56
CA THR I 310 70.77 31.68 -80.35
C THR I 310 70.97 32.55 -81.59
N LYS I 311 71.99 33.40 -81.55
CA LYS I 311 72.32 34.23 -82.70
C LYS I 311 72.71 33.37 -83.90
N ILE I 312 72.80 32.05 -83.71
CA ILE I 312 72.95 31.13 -84.84
C ILE I 312 71.78 30.12 -84.91
N PRO I 313 70.74 30.55 -85.62
CA PRO I 313 69.39 29.98 -85.54
C PRO I 313 69.15 28.46 -85.61
N ASN I 314 70.14 27.62 -85.84
CA ASN I 314 69.87 26.18 -85.79
C ASN I 314 70.44 25.57 -84.51
N ILE I 315 70.86 26.45 -83.62
CA ILE I 315 71.46 26.06 -82.35
C ILE I 315 70.59 26.58 -81.19
N TYR I 316 69.93 25.70 -80.48
CA TYR I 316 69.02 26.16 -79.44
C TYR I 316 69.68 25.94 -78.07
N ALA I 317 69.23 26.65 -77.04
CA ALA I 317 69.72 26.40 -75.68
C ALA I 317 68.66 26.55 -74.56
N ILE I 318 68.56 25.56 -73.66
CA ILE I 318 67.58 25.57 -72.55
C ILE I 318 68.09 25.01 -71.21
N GLY I 319 67.50 25.49 -70.11
CA GLY I 319 67.74 24.91 -68.81
C GLY I 319 68.14 25.93 -67.76
N ASP I 320 69.08 25.55 -66.92
CA ASP I 320 69.72 26.48 -66.00
C ASP I 320 70.70 27.35 -66.78
N VAL I 321 71.21 26.75 -67.86
CA VAL I 321 72.20 27.41 -68.71
C VAL I 321 71.59 28.61 -69.47
N VAL I 322 70.34 28.95 -69.14
CA VAL I 322 69.59 30.01 -69.85
C VAL I 322 68.73 30.80 -68.87
N ALA I 323 68.48 32.10 -69.12
CA ALA I 323 67.80 33.00 -68.16
C ALA I 323 66.44 32.56 -67.59
N GLY I 324 66.10 33.07 -66.39
CA GLY I 324 64.90 32.71 -65.62
C GLY I 324 65.14 31.74 -64.45
N PRO I 325 64.10 31.28 -63.75
CA PRO I 325 64.26 30.37 -62.59
C PRO I 325 65.16 29.16 -62.89
N MET I 326 65.92 28.69 -61.91
CA MET I 326 66.81 27.54 -62.14
C MET I 326 66.18 26.27 -61.57
N LEU I 327 64.99 25.98 -62.05
CA LEU I 327 64.21 24.91 -61.49
C LEU I 327 64.08 23.82 -62.51
N ALA I 328 63.82 22.61 -62.06
CA ALA I 328 63.88 21.43 -62.90
C ALA I 328 62.71 21.44 -63.82
N HIS I 329 61.55 21.83 -63.30
CA HIS I 329 60.31 21.70 -64.04
C HIS I 329 60.20 22.75 -65.12
N LYS I 330 61.04 23.78 -65.01
CA LYS I 330 61.20 24.78 -66.07
C LYS I 330 62.12 24.29 -67.21
N ALA I 331 63.27 23.74 -66.86
CA ALA I 331 64.16 23.16 -67.83
C ALA I 331 63.52 22.05 -68.64
N GLU I 332 62.52 21.39 -68.06
CA GLU I 332 61.81 20.30 -68.71
C GLU I 332 60.86 20.81 -69.81
N ASP I 333 60.18 21.92 -69.55
CA ASP I 333 59.21 22.48 -70.49
C ASP I 333 59.95 23.17 -71.60
N GLU I 334 60.91 23.99 -71.22
CA GLU I 334 61.72 24.63 -72.21
C GLU I 334 62.09 23.56 -73.21
N GLY I 335 62.66 22.45 -72.76
CA GLY I 335 63.11 21.40 -73.67
C GLY I 335 62.01 20.55 -74.30
N ILE I 336 60.79 20.71 -73.80
CA ILE I 336 59.66 19.99 -74.35
C ILE I 336 59.26 20.78 -75.56
N ILE I 337 58.90 22.04 -75.35
CA ILE I 337 58.38 22.86 -76.44
C ILE I 337 59.47 23.30 -77.38
N CYS I 338 60.72 23.10 -76.96
CA CYS I 338 61.80 23.49 -77.81
C CYS I 338 61.89 22.52 -78.95
N VAL I 339 61.92 21.23 -78.65
CA VAL I 339 61.90 20.23 -79.71
C VAL I 339 60.54 20.28 -80.44
N GLU I 340 59.56 20.90 -79.80
CA GLU I 340 58.26 21.06 -80.43
C GLU I 340 58.31 22.18 -81.47
N GLY I 341 58.90 23.31 -81.08
CA GLY I 341 58.99 24.46 -81.96
C GLY I 341 59.85 24.23 -83.18
N MET I 342 60.64 23.16 -83.18
CA MET I 342 61.46 22.81 -84.35
C MET I 342 60.65 21.95 -85.32
N ALA I 343 59.42 21.67 -84.95
CA ALA I 343 58.56 20.81 -85.75
C ALA I 343 57.28 21.53 -86.16
N GLY I 344 57.23 22.84 -85.92
CA GLY I 344 56.16 23.63 -86.47
C GLY I 344 55.18 24.24 -85.50
N GLY I 345 55.18 23.80 -84.23
CA GLY I 345 54.26 24.34 -83.23
C GLY I 345 54.64 25.73 -82.69
N ALA I 346 53.77 26.31 -81.85
CA ALA I 346 54.03 27.63 -81.24
C ALA I 346 55.00 27.50 -80.07
N VAL I 347 55.38 28.64 -79.49
CA VAL I 347 56.33 28.63 -78.37
C VAL I 347 55.96 29.64 -77.27
N HIS I 348 54.83 29.42 -76.61
CA HIS I 348 54.42 30.25 -75.47
C HIS I 348 54.67 29.50 -74.14
N ILE I 349 55.30 30.18 -73.19
CA ILE I 349 55.53 29.62 -71.86
C ILE I 349 55.53 30.77 -70.87
N ASP I 350 54.36 31.08 -70.34
CA ASP I 350 54.25 32.19 -69.41
C ASP I 350 55.10 31.81 -68.20
N TYR I 351 55.91 32.76 -67.71
CA TYR I 351 56.87 32.46 -66.64
C TYR I 351 56.30 32.69 -65.23
N ASN I 352 55.53 33.76 -65.09
CA ASN I 352 54.77 34.04 -63.89
C ASN I 352 54.03 32.81 -63.34
N CYS I 353 53.68 31.87 -64.22
CA CYS I 353 53.02 30.66 -63.74
C CYS I 353 53.88 29.39 -63.67
N VAL I 354 55.15 29.56 -63.36
CA VAL I 354 55.92 28.41 -62.93
C VAL I 354 56.06 28.47 -61.43
N PRO I 355 55.69 27.35 -60.79
CA PRO I 355 55.51 27.29 -59.35
C PRO I 355 56.87 27.15 -58.72
N SER I 356 57.00 27.65 -57.50
CA SER I 356 58.24 27.45 -56.80
C SER I 356 57.95 26.70 -55.53
N VAL I 357 58.74 25.65 -55.31
CA VAL I 357 58.58 24.91 -54.10
C VAL I 357 59.83 24.82 -53.25
N ILE I 358 59.62 24.86 -51.93
CA ILE I 358 60.65 24.49 -50.97
C ILE I 358 60.16 23.46 -49.92
N TYR I 359 60.64 22.24 -50.08
CA TYR I 359 60.15 21.06 -49.39
C TYR I 359 60.58 20.84 -47.94
N THR I 360 60.72 21.88 -47.13
CA THR I 360 61.00 21.58 -45.74
C THR I 360 59.69 21.14 -45.20
N HIS I 361 59.52 21.28 -43.90
CA HIS I 361 58.27 20.97 -43.27
C HIS I 361 58.12 21.90 -42.09
N PRO I 362 57.13 22.77 -42.09
CA PRO I 362 56.17 22.95 -43.19
C PRO I 362 56.79 23.16 -44.55
N GLU I 363 56.07 22.74 -45.60
CA GLU I 363 56.48 22.98 -47.00
C GLU I 363 56.18 24.44 -47.33
N VAL I 364 56.77 24.95 -48.39
CA VAL I 364 56.40 26.27 -48.86
C VAL I 364 56.26 26.16 -50.36
N ALA I 365 55.16 26.68 -50.90
CA ALA I 365 54.92 26.69 -52.35
C ALA I 365 54.30 27.97 -52.73
N TRP I 366 54.60 28.42 -53.93
CA TRP I 366 54.00 29.64 -54.46
C TRP I 366 54.12 29.70 -55.95
N VAL I 367 53.06 30.16 -56.59
CA VAL I 367 53.11 30.41 -58.00
C VAL I 367 52.53 31.82 -58.17
N GLY I 368 52.94 32.54 -59.20
CA GLY I 368 52.42 33.88 -59.36
C GLY I 368 53.31 35.05 -58.97
N LYS I 369 52.74 36.03 -58.28
CA LYS I 369 53.46 37.27 -58.03
C LYS I 369 53.40 37.67 -56.56
N SER I 370 54.58 37.92 -55.98
CA SER I 370 54.70 38.18 -54.54
C SER I 370 54.18 39.57 -54.21
N GLU I 371 53.67 39.77 -53.01
CA GLU I 371 53.06 41.04 -52.68
C GLU I 371 53.95 42.29 -52.96
N GLU I 372 55.21 42.24 -52.54
CA GLU I 372 56.14 43.30 -52.91
C GLU I 372 55.98 43.41 -54.41
N GLN I 373 56.53 42.44 -55.12
CA GLN I 373 56.42 42.35 -56.56
C GLN I 373 55.17 42.96 -57.16
N LEU I 374 54.22 43.37 -56.33
CA LEU I 374 53.01 44.01 -56.87
C LEU I 374 52.96 45.51 -56.58
N LYS I 375 53.01 45.91 -55.30
CA LYS I 375 53.08 47.34 -54.95
C LYS I 375 54.23 47.95 -55.72
N GLU I 376 55.18 47.08 -56.05
CA GLU I 376 56.30 47.39 -56.91
C GLU I 376 55.83 47.68 -58.34
N GLU I 377 55.47 46.66 -59.11
CA GLU I 377 54.88 46.87 -60.43
C GLU I 377 53.69 47.84 -60.35
N GLY I 378 53.40 48.30 -59.15
CA GLY I 378 52.36 49.30 -58.93
C GLY I 378 50.97 48.85 -59.26
N ILE I 379 50.48 47.83 -58.56
CA ILE I 379 49.17 47.21 -58.83
C ILE I 379 48.31 47.19 -57.57
N GLU I 380 47.07 47.63 -57.71
CA GLU I 380 46.14 47.57 -56.61
C GLU I 380 45.57 46.16 -56.52
N TYR I 381 45.71 45.51 -55.35
CA TYR I 381 45.16 44.16 -55.13
C TYR I 381 44.37 44.05 -53.84
N LYS I 382 43.82 42.87 -53.63
CA LYS I 382 43.23 42.51 -52.35
C LYS I 382 43.86 41.18 -51.94
N VAL I 383 43.86 40.89 -50.64
CA VAL I 383 44.45 39.66 -50.18
C VAL I 383 43.56 38.81 -49.33
N GLY I 384 43.53 37.53 -49.62
CA GLY I 384 42.73 36.59 -48.87
C GLY I 384 43.59 35.57 -48.15
N LYS I 385 43.30 35.41 -46.86
CA LYS I 385 44.12 34.57 -46.01
C LYS I 385 43.30 33.47 -45.39
N PHE I 386 43.88 32.27 -45.34
CA PHE I 386 43.31 31.16 -44.57
C PHE I 386 44.41 30.37 -43.89
N PRO I 387 44.24 30.21 -42.58
CA PRO I 387 45.21 29.53 -41.71
C PRO I 387 45.01 28.01 -41.59
N PHE I 388 46.05 27.26 -41.94
CA PHE I 388 45.96 25.85 -41.81
C PHE I 388 45.50 25.52 -40.43
N ALA I 389 45.74 26.37 -39.44
CA ALA I 389 45.20 26.13 -38.07
C ALA I 389 43.71 25.80 -38.06
N ALA I 390 42.97 26.49 -38.90
CA ALA I 390 41.54 26.26 -39.03
C ALA I 390 41.19 25.33 -40.21
N ASN I 391 42.00 24.31 -40.41
CA ASN I 391 41.67 23.33 -41.43
C ASN I 391 41.36 21.97 -40.84
N SER I 392 40.28 21.40 -41.29
CA SER I 392 39.82 20.17 -40.66
C SER I 392 40.86 19.06 -40.71
N ARG I 393 41.37 18.79 -41.89
CA ARG I 393 42.37 17.77 -42.02
C ARG I 393 43.62 18.19 -41.26
N ALA I 394 44.13 19.37 -41.56
CA ALA I 394 45.33 19.84 -40.89
C ALA I 394 45.09 19.81 -39.39
N LYS I 395 43.93 20.22 -38.90
CA LYS I 395 43.65 20.07 -37.46
C LYS I 395 43.55 18.60 -36.89
N THR I 396 43.09 17.65 -37.68
CA THR I 396 43.01 16.28 -37.25
C THR I 396 44.39 15.63 -37.29
N ASN I 397 44.90 15.48 -38.50
CA ASN I 397 46.30 15.15 -38.70
C ASN I 397 47.26 15.78 -37.65
N ALA I 398 46.75 16.73 -36.88
CA ALA I 398 47.59 17.39 -35.91
C ALA I 398 48.78 18.08 -36.56
N ASP I 399 48.63 18.52 -37.81
CA ASP I 399 49.65 19.33 -38.44
C ASP I 399 49.21 20.74 -38.81
N THR I 400 49.24 21.70 -37.90
CA THR I 400 48.53 22.97 -38.13
C THR I 400 49.25 24.24 -38.62
N ASP I 401 50.56 24.20 -38.74
CA ASP I 401 51.33 25.40 -38.99
C ASP I 401 51.14 26.13 -40.33
N GLY I 402 51.19 27.45 -40.29
CA GLY I 402 51.06 28.19 -41.53
C GLY I 402 49.65 28.47 -42.04
N MET I 403 49.58 28.76 -43.33
CA MET I 403 48.41 29.39 -43.94
C MET I 403 48.53 29.62 -45.46
N VAL I 404 47.38 29.78 -46.08
CA VAL I 404 47.32 29.95 -47.52
C VAL I 404 47.01 31.40 -47.76
N LYS I 405 47.61 31.97 -48.79
CA LYS I 405 47.47 33.41 -49.02
C LYS I 405 47.27 33.70 -50.48
N ILE I 406 46.12 34.26 -50.77
CA ILE I 406 45.74 34.39 -52.14
C ILE I 406 45.68 35.84 -52.57
N LEU I 407 46.33 36.11 -53.69
CA LEU I 407 46.57 37.48 -54.16
C LEU I 407 45.80 37.83 -55.42
N GLY I 408 44.64 38.48 -55.23
CA GLY I 408 43.79 38.82 -56.35
C GLY I 408 43.71 40.28 -56.74
N GLN I 409 43.45 40.50 -58.02
CA GLN I 409 43.19 41.81 -58.60
C GLN I 409 42.09 42.59 -57.84
N LYS I 410 42.31 43.89 -57.65
CA LYS I 410 41.40 44.72 -56.85
C LYS I 410 39.96 44.87 -57.41
N SER I 411 39.81 44.90 -58.74
CA SER I 411 38.48 44.94 -59.32
C SER I 411 38.19 43.64 -60.06
N THR I 412 39.08 43.26 -61.00
CA THR I 412 38.79 42.10 -61.86
C THR I 412 38.67 40.81 -61.03
N ASP I 413 39.14 40.88 -59.79
CA ASP I 413 39.14 39.75 -58.90
C ASP I 413 40.02 38.57 -59.38
N ARG I 414 40.66 38.70 -60.54
CA ARG I 414 41.54 37.67 -61.10
C ARG I 414 42.66 37.22 -60.16
N VAL I 415 43.14 35.98 -60.31
CA VAL I 415 44.22 35.53 -59.43
C VAL I 415 45.53 35.91 -60.03
N LEU I 416 46.33 36.60 -59.22
CA LEU I 416 47.63 37.12 -59.59
C LEU I 416 48.77 36.31 -58.99
N GLY I 417 48.63 35.89 -57.72
CA GLY I 417 49.61 35.01 -57.06
C GLY I 417 49.09 34.14 -55.89
N ALA I 418 49.64 32.94 -55.73
CA ALA I 418 49.20 32.05 -54.65
C ALA I 418 50.41 31.83 -53.80
N HIS I 419 50.20 31.68 -52.50
CA HIS I 419 51.31 31.47 -51.59
C HIS I 419 50.85 30.60 -50.49
N ILE I 420 51.44 29.42 -50.40
CA ILE I 420 51.02 28.47 -49.40
C ILE I 420 52.17 28.13 -48.46
N LEU I 421 51.98 28.39 -47.18
CA LEU I 421 52.94 27.96 -46.20
C LEU I 421 52.26 27.04 -45.21
N GLY I 422 52.46 25.74 -45.39
CA GLY I 422 51.82 24.74 -44.57
C GLY I 422 52.10 23.35 -45.08
N PRO I 423 51.49 22.36 -44.47
CA PRO I 423 51.44 21.01 -45.01
C PRO I 423 50.94 20.89 -46.49
N GLY I 424 51.54 20.01 -47.27
CA GLY I 424 51.03 19.70 -48.61
C GLY I 424 51.01 20.83 -49.63
N ALA I 425 51.79 21.88 -49.36
CA ALA I 425 52.02 23.00 -50.27
C ALA I 425 52.46 22.56 -51.64
N GLY I 426 53.53 21.77 -51.68
CA GLY I 426 54.09 21.23 -52.91
C GLY I 426 53.01 20.84 -53.95
N GLU I 427 52.06 20.00 -53.52
CA GLU I 427 51.02 19.50 -54.39
C GLU I 427 49.96 20.57 -54.62
N MET I 428 49.42 21.10 -53.53
CA MET I 428 48.43 22.16 -53.60
C MET I 428 48.78 23.25 -54.59
N VAL I 429 50.07 23.41 -54.88
CA VAL I 429 50.46 24.57 -55.68
C VAL I 429 50.25 24.22 -57.13
N ASN I 430 50.07 22.95 -57.41
CA ASN I 430 49.93 22.59 -58.79
C ASN I 430 48.52 22.90 -59.24
N GLU I 431 47.59 22.93 -58.28
CA GLU I 431 46.26 23.45 -58.50
C GLU I 431 46.32 24.93 -58.95
N ALA I 432 46.87 25.79 -58.10
CA ALA I 432 46.96 27.19 -58.44
C ALA I 432 47.63 27.42 -59.76
N ALA I 433 48.62 26.59 -60.06
CA ALA I 433 49.32 26.67 -61.33
C ALA I 433 48.37 26.37 -62.49
N LEU I 434 47.38 25.52 -62.25
CA LEU I 434 46.40 25.19 -63.27
C LEU I 434 45.42 26.30 -63.36
N ALA I 435 44.69 26.51 -62.27
CA ALA I 435 43.75 27.60 -62.17
C ALA I 435 44.37 28.89 -62.72
N LEU I 436 45.59 29.17 -62.31
CA LEU I 436 46.20 30.38 -62.72
C LEU I 436 46.30 30.44 -64.22
N GLU I 437 46.72 29.34 -64.82
CA GLU I 437 46.88 29.28 -66.26
C GLU I 437 45.54 29.34 -67.03
N TYR I 438 44.44 29.47 -66.28
CA TYR I 438 43.08 29.50 -66.83
C TYR I 438 42.50 30.84 -66.49
N GLY I 439 43.39 31.80 -66.21
CA GLY I 439 42.95 33.12 -65.78
C GLY I 439 42.03 33.10 -64.56
N ALA I 440 41.79 31.93 -64.00
CA ALA I 440 40.91 31.80 -62.85
C ALA I 440 40.92 33.03 -61.98
N SER I 441 39.74 33.59 -61.77
CA SER I 441 39.55 34.60 -60.78
C SER I 441 39.31 33.88 -59.48
N CYS I 442 39.31 34.64 -58.39
CA CYS I 442 39.19 34.04 -57.09
C CYS I 442 37.85 33.34 -56.87
N GLU I 443 36.81 33.77 -57.57
CA GLU I 443 35.50 33.15 -57.37
C GLU I 443 35.47 31.89 -58.20
N ASP I 444 36.11 31.93 -59.36
CA ASP I 444 36.24 30.76 -60.20
C ASP I 444 36.56 29.54 -59.34
N ILE I 445 37.46 29.74 -58.39
CA ILE I 445 38.04 28.64 -57.66
C ILE I 445 37.20 28.39 -56.40
N ALA I 446 36.67 29.48 -55.84
CA ALA I 446 35.88 29.40 -54.62
C ALA I 446 34.69 28.54 -54.92
N ARG I 447 34.40 28.43 -56.21
CA ARG I 447 33.28 27.63 -56.73
C ARG I 447 33.53 26.14 -56.98
N VAL I 448 34.73 25.77 -57.43
CA VAL I 448 35.07 24.35 -57.64
C VAL I 448 34.83 23.63 -56.34
N CYS I 449 34.16 22.47 -56.39
CA CYS I 449 33.96 21.70 -55.17
C CYS I 449 35.26 20.98 -54.63
N HIS I 450 35.62 21.20 -53.38
CA HIS I 450 36.83 20.56 -52.87
C HIS I 450 36.49 19.57 -51.81
N ALA I 451 37.05 18.37 -51.92
CA ALA I 451 36.67 17.25 -51.05
C ALA I 451 36.90 17.58 -49.59
N HIS I 452 36.38 16.71 -48.74
CA HIS I 452 36.43 16.96 -47.32
C HIS I 452 36.59 15.63 -46.59
N PRO I 453 37.59 15.61 -45.71
CA PRO I 453 38.40 16.80 -45.43
C PRO I 453 39.71 16.79 -46.17
N THR I 454 40.18 17.97 -46.55
CA THR I 454 41.45 18.09 -47.23
C THR I 454 42.16 19.41 -47.01
N LEU I 455 43.47 19.35 -47.19
CA LEU I 455 44.35 20.48 -47.10
C LEU I 455 43.87 21.50 -48.09
N SER I 456 43.51 21.06 -49.29
CA SER I 456 43.10 22.01 -50.29
C SER I 456 41.87 22.78 -49.98
N GLU I 457 41.25 22.55 -48.84
CA GLU I 457 40.09 23.36 -48.51
C GLU I 457 40.56 24.74 -48.22
N ALA I 458 41.79 24.85 -47.74
CA ALA I 458 42.37 26.14 -47.38
C ALA I 458 42.54 27.01 -48.63
N PHE I 459 42.97 26.36 -49.69
CA PHE I 459 43.27 27.05 -50.95
C PHE I 459 41.99 27.54 -51.49
N ARG I 460 40.91 27.05 -50.90
CA ARG I 460 39.59 27.42 -51.37
C ARG I 460 39.05 28.59 -50.54
N GLU I 461 38.95 28.43 -49.23
CA GLU I 461 38.47 29.49 -48.36
C GLU I 461 39.37 30.73 -48.46
N ALA I 462 40.55 30.57 -49.05
CA ALA I 462 41.42 31.72 -49.34
C ALA I 462 40.89 32.49 -50.56
N ASN I 463 40.82 31.81 -51.70
CA ASN I 463 40.17 32.34 -52.86
C ASN I 463 38.78 32.87 -52.53
N LEU I 464 38.12 32.32 -51.50
CA LEU I 464 36.78 32.80 -51.17
C LEU I 464 36.96 34.17 -50.62
N ALA I 465 37.74 34.23 -49.54
CA ALA I 465 37.98 35.48 -48.82
C ALA I 465 38.47 36.56 -49.76
N ALA I 466 39.18 36.19 -50.81
CA ALA I 466 39.67 37.18 -51.78
C ALA I 466 38.54 37.65 -52.67
N SER I 467 37.53 36.80 -52.88
CA SER I 467 36.35 37.22 -53.61
C SER I 467 35.37 37.80 -52.63
N PHE I 468 34.43 36.99 -52.14
CA PHE I 468 33.47 37.40 -51.12
C PHE I 468 34.20 37.88 -49.85
N GLY I 469 33.76 38.99 -49.25
CA GLY I 469 34.40 39.50 -48.03
C GLY I 469 35.29 38.55 -47.22
N LYS I 470 34.75 37.42 -46.79
CA LYS I 470 35.44 36.53 -45.86
C LYS I 470 35.28 35.05 -46.19
N SER I 471 35.73 34.19 -45.30
CA SER I 471 35.59 32.74 -45.49
C SER I 471 34.50 32.16 -44.60
N ILE I 472 34.22 30.89 -44.74
CA ILE I 472 33.25 30.32 -43.82
C ILE I 472 33.99 29.89 -42.59
N ASN I 473 34.81 28.85 -42.72
CA ASN I 473 35.45 28.23 -41.56
C ASN I 473 36.50 29.11 -40.82
N PHE I 474 36.85 30.27 -41.39
CA PHE I 474 37.70 31.18 -40.64
C PHE I 474 37.35 32.63 -40.82
N ALA J 1 8.27 27.48 -22.68
CA ALA J 1 8.87 28.40 -21.67
C ALA J 1 9.30 29.78 -22.24
N ASP J 2 10.05 29.80 -23.35
CA ASP J 2 10.76 31.02 -23.85
C ASP J 2 10.16 31.86 -25.00
N GLN J 3 9.98 33.15 -24.75
CA GLN J 3 9.45 34.08 -25.74
C GLN J 3 10.01 33.79 -27.16
N PRO J 4 9.10 33.58 -28.11
CA PRO J 4 9.45 33.19 -29.49
C PRO J 4 10.44 34.14 -30.17
N ILE J 5 11.46 33.59 -30.84
CA ILE J 5 12.46 34.42 -31.48
C ILE J 5 12.19 34.57 -32.99
N ASP J 6 12.55 35.71 -33.56
CA ASP J 6 12.21 36.01 -34.95
C ASP J 6 13.40 35.91 -35.87
N ALA J 7 13.67 34.70 -36.37
CA ALA J 7 14.78 34.51 -37.33
C ALA J 7 14.29 34.00 -38.66
N ASP J 8 14.68 34.70 -39.72
CA ASP J 8 14.08 34.50 -41.05
C ASP J 8 14.65 33.31 -41.83
N VAL J 9 15.61 32.61 -41.23
CA VAL J 9 16.04 31.29 -41.68
C VAL J 9 16.29 30.47 -40.45
N THR J 10 15.66 29.30 -40.38
CA THR J 10 15.92 28.34 -39.31
C THR J 10 16.47 27.04 -39.90
N VAL J 11 17.55 26.51 -39.31
CA VAL J 11 18.21 25.31 -39.80
C VAL J 11 18.16 24.16 -38.81
N ILE J 12 17.60 23.03 -39.22
CA ILE J 12 17.59 21.83 -38.38
C ILE J 12 18.75 20.88 -38.68
N GLY J 13 19.58 20.63 -37.69
CA GLY J 13 20.83 19.92 -37.92
C GLY J 13 22.02 20.87 -38.09
N SER J 14 23.18 20.47 -37.60
CA SER J 14 24.32 21.35 -37.61
C SER J 14 25.57 20.68 -38.08
N GLY J 15 25.52 20.09 -39.25
CA GLY J 15 26.69 19.41 -39.72
C GLY J 15 27.22 20.22 -40.84
N PRO J 16 27.97 19.57 -41.72
CA PRO J 16 28.36 20.19 -42.99
C PRO J 16 27.06 20.49 -43.75
N GLY J 17 26.97 21.70 -44.29
CA GLY J 17 25.67 22.09 -44.84
C GLY J 17 24.63 22.50 -43.77
N GLY J 18 24.53 21.78 -42.67
CA GLY J 18 23.85 22.36 -41.51
C GLY J 18 24.48 23.67 -41.05
N TYR J 19 25.64 23.61 -40.42
CA TYR J 19 26.29 24.84 -39.96
C TYR J 19 26.92 25.63 -41.10
N VAL J 20 27.39 24.97 -42.14
CA VAL J 20 27.99 25.71 -43.24
C VAL J 20 27.00 26.65 -43.89
N ALA J 21 25.74 26.27 -43.82
CA ALA J 21 24.70 27.09 -44.41
C ALA J 21 24.22 28.04 -43.37
N ALA J 22 23.94 27.55 -42.16
CA ALA J 22 23.54 28.43 -41.09
C ALA J 22 24.45 29.67 -41.11
N ILE J 23 25.71 29.49 -41.46
CA ILE J 23 26.61 30.63 -41.46
C ILE J 23 26.48 31.48 -42.73
N LYS J 24 26.62 30.84 -43.90
CA LYS J 24 26.63 31.59 -45.14
C LYS J 24 25.39 32.43 -45.26
N ALA J 25 24.33 32.01 -44.58
CA ALA J 25 23.11 32.80 -44.53
C ALA J 25 23.35 34.06 -43.71
N ALA J 26 23.95 33.92 -42.54
CA ALA J 26 24.21 35.10 -41.73
C ALA J 26 25.10 36.09 -42.44
N GLN J 27 26.11 35.60 -43.17
CA GLN J 27 27.03 36.48 -43.93
C GLN J 27 26.32 37.20 -45.09
N LEU J 28 25.09 36.80 -45.36
CA LEU J 28 24.31 37.29 -46.51
C LEU J 28 23.28 38.32 -46.03
N GLY J 29 23.09 38.40 -44.72
CA GLY J 29 22.26 39.46 -44.16
C GLY J 29 21.04 38.89 -43.48
N PHE J 30 20.76 37.63 -43.77
CA PHE J 30 19.62 36.93 -43.17
C PHE J 30 19.94 36.69 -41.70
N LYS J 31 18.99 36.99 -40.83
CA LYS J 31 19.14 36.62 -39.44
C LYS J 31 19.01 35.09 -39.40
N THR J 32 19.96 34.39 -38.78
CA THR J 32 19.97 32.93 -38.85
C THR J 32 19.83 32.20 -37.54
N VAL J 33 19.20 31.04 -37.58
CA VAL J 33 19.04 30.22 -36.41
C VAL J 33 19.39 28.79 -36.74
N CYS J 34 19.81 28.02 -35.75
CA CYS J 34 20.26 26.67 -36.03
C CYS J 34 20.00 25.66 -34.94
N ILE J 35 19.17 24.68 -35.24
CA ILE J 35 18.83 23.67 -34.26
C ILE J 35 19.81 22.52 -34.26
N GLU J 36 20.32 22.18 -33.11
CA GLU J 36 21.04 20.96 -33.01
C GLU J 36 20.50 20.27 -31.80
N LYS J 37 20.22 18.99 -31.96
CA LYS J 37 19.70 18.22 -30.89
C LYS J 37 20.81 17.69 -30.00
N ASN J 38 21.98 17.41 -30.57
CA ASN J 38 23.04 16.79 -29.77
C ASN J 38 23.78 17.83 -28.94
N GLU J 39 24.50 17.38 -27.91
CA GLU J 39 25.17 18.29 -26.98
C GLU J 39 26.40 18.93 -27.60
N THR J 40 26.61 18.68 -28.89
CA THR J 40 27.73 19.30 -29.59
C THR J 40 27.57 19.39 -31.11
N LEU J 41 27.89 20.56 -31.65
CA LEU J 41 27.80 20.85 -33.06
C LEU J 41 28.75 20.00 -33.87
N GLY J 42 28.57 19.90 -35.17
CA GLY J 42 29.50 19.14 -35.99
C GLY J 42 28.80 18.12 -36.87
N GLY J 43 27.89 17.35 -36.25
CA GLY J 43 27.07 16.41 -36.96
C GLY J 43 27.83 15.12 -37.05
N THR J 44 27.41 14.17 -37.90
CA THR J 44 28.15 12.93 -37.96
C THR J 44 29.60 13.17 -38.49
N CYS J 45 29.75 13.88 -39.60
CA CYS J 45 31.08 14.09 -40.21
C CYS J 45 32.20 14.32 -39.17
N LEU J 46 31.93 15.20 -38.23
CA LEU J 46 32.91 15.60 -37.25
C LEU J 46 32.76 14.88 -35.86
N ASN J 47 31.57 14.49 -35.48
CA ASN J 47 31.53 13.84 -34.19
C ASN J 47 31.78 12.31 -34.26
N VAL J 48 31.36 11.67 -35.36
CA VAL J 48 31.49 10.22 -35.47
C VAL J 48 31.69 9.72 -36.91
N GLY J 49 32.36 10.50 -37.74
CA GLY J 49 32.46 10.21 -39.15
C GLY J 49 33.84 10.48 -39.71
N CYS J 50 33.95 11.34 -40.73
CA CYS J 50 35.23 11.69 -41.33
C CYS J 50 36.27 11.92 -40.29
N ILE J 51 36.06 12.97 -39.49
CA ILE J 51 37.10 13.44 -38.57
C ILE J 51 37.74 12.33 -37.73
N PRO J 52 36.96 11.70 -36.87
CA PRO J 52 37.48 10.61 -36.03
C PRO J 52 38.21 9.58 -36.84
N SER J 53 37.54 8.97 -37.83
CA SER J 53 38.23 7.95 -38.66
C SER J 53 39.48 8.53 -39.39
N LYS J 54 39.41 9.75 -39.86
CA LYS J 54 40.60 10.31 -40.49
C LYS J 54 41.77 10.37 -39.51
N ALA J 55 41.47 10.77 -38.26
CA ALA J 55 42.48 10.83 -37.19
C ALA J 55 43.12 9.44 -36.92
N LEU J 56 42.28 8.42 -36.75
CA LEU J 56 42.80 7.12 -36.45
C LEU J 56 43.49 6.50 -37.68
N LEU J 57 43.01 6.84 -38.88
CA LEU J 57 43.55 6.20 -40.08
C LEU J 57 44.97 6.63 -40.10
N ASN J 58 45.08 7.95 -39.91
CA ASN J 58 46.36 8.62 -39.77
C ASN J 58 47.36 8.03 -38.78
N ASN J 59 47.00 8.00 -37.51
CA ASN J 59 47.86 7.42 -36.48
C ASN J 59 48.13 5.95 -36.70
N SER J 60 47.14 5.21 -37.19
CA SER J 60 47.29 3.78 -37.34
C SER J 60 48.28 3.58 -38.44
N HIS J 61 48.31 4.53 -39.36
CA HIS J 61 49.25 4.47 -40.47
C HIS J 61 50.67 4.69 -39.95
N TYR J 62 50.87 5.70 -39.15
CA TYR J 62 52.21 5.95 -38.69
C TYR J 62 52.64 4.76 -37.89
N TYR J 63 51.78 4.26 -37.03
CA TYR J 63 52.17 3.11 -36.26
C TYR J 63 52.63 2.01 -37.16
N HIS J 64 51.84 1.69 -38.20
CA HIS J 64 52.22 0.58 -39.07
C HIS J 64 53.59 0.77 -39.70
N MET J 65 53.91 1.99 -40.10
CA MET J 65 55.23 2.25 -40.61
C MET J 65 56.28 2.00 -39.50
N ALA J 66 56.05 2.47 -38.30
CA ALA J 66 57.08 2.35 -37.33
C ALA J 66 57.21 0.87 -36.85
N HIS J 67 56.06 0.25 -36.60
CA HIS J 67 56.00 -1.14 -36.20
C HIS J 67 56.49 -2.09 -37.32
N GLY J 68 56.48 -1.59 -38.55
CA GLY J 68 56.61 -2.43 -39.70
C GLY J 68 58.03 -2.41 -40.17
N LYS J 69 58.22 -2.51 -41.47
CA LYS J 69 59.58 -2.57 -41.92
C LYS J 69 59.92 -1.27 -42.62
N ASP J 70 58.93 -0.41 -42.79
CA ASP J 70 59.16 0.86 -43.45
C ASP J 70 60.20 1.78 -42.77
N PHE J 71 60.04 2.13 -41.49
CA PHE J 71 61.05 3.00 -40.91
C PHE J 71 62.43 2.37 -40.86
N ALA J 72 62.48 1.07 -40.62
CA ALA J 72 63.75 0.40 -40.55
C ALA J 72 64.54 0.59 -41.87
N SER J 73 63.86 0.62 -43.01
CA SER J 73 64.56 0.88 -44.25
C SER J 73 64.85 2.38 -44.50
N ARG J 74 64.56 3.27 -43.54
CA ARG J 74 64.87 4.68 -43.71
C ARG J 74 65.87 4.97 -42.62
N GLY J 75 66.34 3.91 -42.02
CA GLY J 75 67.41 4.06 -41.07
C GLY J 75 66.93 4.67 -39.78
N ILE J 76 65.67 4.47 -39.43
CA ILE J 76 65.15 4.92 -38.16
C ILE J 76 64.88 3.67 -37.29
N GLU J 77 65.74 3.42 -36.28
CA GLU J 77 65.77 2.12 -35.59
C GLU J 77 65.21 2.19 -34.19
N MET J 78 64.11 1.51 -33.98
CA MET J 78 63.51 1.50 -32.69
C MET J 78 63.75 0.20 -32.00
N SER J 79 63.99 0.29 -30.70
CA SER J 79 64.07 -0.86 -29.77
C SER J 79 62.86 -1.79 -29.97
N GLU J 80 61.72 -1.39 -29.41
CA GLU J 80 60.46 -2.09 -29.52
C GLU J 80 59.37 -1.05 -29.62
N VAL J 81 58.66 -1.00 -30.76
CA VAL J 81 57.55 -0.09 -30.87
C VAL J 81 56.34 -0.76 -30.20
N ARG J 82 55.43 0.04 -29.62
CA ARG J 82 54.24 -0.51 -28.97
C ARG J 82 53.05 0.44 -28.94
N LEU J 83 51.87 -0.13 -28.94
CA LEU J 83 50.66 0.62 -29.05
C LEU J 83 50.18 1.07 -27.69
N ASN J 84 49.79 2.34 -27.59
CA ASN J 84 49.07 2.83 -26.42
C ASN J 84 47.73 3.34 -26.93
N LEU J 85 46.83 2.40 -27.17
CA LEU J 85 45.58 2.65 -27.89
C LEU J 85 44.83 3.72 -27.15
N ASP J 86 44.99 3.72 -25.83
CA ASP J 86 44.39 4.77 -25.03
C ASP J 86 44.76 6.18 -25.51
N LYS J 87 46.06 6.39 -25.70
CA LYS J 87 46.59 7.65 -26.02
C LYS J 87 46.24 7.95 -27.45
N MET J 88 46.21 6.90 -28.27
CA MET J 88 45.90 7.10 -29.68
C MET J 88 44.47 7.69 -29.85
N MET J 89 43.54 7.18 -29.05
CA MET J 89 42.20 7.70 -29.01
C MET J 89 42.15 9.11 -28.47
N GLU J 90 42.93 9.40 -27.42
CA GLU J 90 42.92 10.74 -26.85
C GLU J 90 43.33 11.82 -27.86
N GLN J 91 44.25 11.53 -28.77
CA GLN J 91 44.63 12.55 -29.73
C GLN J 91 43.44 12.77 -30.66
N LYS J 92 42.72 11.72 -31.03
CA LYS J 92 41.58 11.92 -31.91
C LYS J 92 40.49 12.64 -31.16
N SER J 93 40.22 12.22 -29.92
CA SER J 93 39.18 12.82 -29.09
C SER J 93 39.45 14.30 -28.97
N THR J 94 40.73 14.65 -28.85
CA THR J 94 41.17 16.05 -28.79
C THR J 94 40.73 16.78 -30.07
N ALA J 95 41.32 16.40 -31.19
CA ALA J 95 40.92 16.87 -32.50
C ALA J 95 39.43 17.14 -32.61
N VAL J 96 38.61 16.26 -32.04
CA VAL J 96 37.18 16.41 -32.24
C VAL J 96 36.66 17.53 -31.35
N LYS J 97 37.01 17.55 -30.07
CA LYS J 97 36.69 18.67 -29.20
C LYS J 97 37.10 19.98 -29.89
N ALA J 98 38.39 20.18 -30.04
CA ALA J 98 38.88 21.33 -30.78
C ALA J 98 37.92 21.77 -31.87
N LEU J 99 37.65 20.85 -32.79
CA LEU J 99 36.91 21.20 -33.99
C LEU J 99 35.47 21.46 -33.69
N THR J 100 34.90 20.82 -32.68
CA THR J 100 33.48 21.08 -32.39
C THR J 100 33.31 22.40 -31.70
N GLY J 101 34.20 22.71 -30.77
CA GLY J 101 34.25 24.06 -30.25
C GLY J 101 34.41 25.07 -31.39
N GLY J 102 35.32 24.79 -32.32
CA GLY J 102 35.58 25.71 -33.42
C GLY J 102 34.31 26.23 -34.07
N ILE J 103 33.34 25.33 -34.20
CA ILE J 103 32.09 25.65 -34.89
C ILE J 103 31.32 26.59 -33.99
N ALA J 104 31.08 26.11 -32.77
CA ALA J 104 30.38 26.90 -31.78
C ALA J 104 30.98 28.27 -31.76
N HIS J 105 32.25 28.38 -32.09
CA HIS J 105 32.86 29.69 -32.12
C HIS J 105 32.60 30.46 -33.42
N LEU J 106 32.51 29.76 -34.55
CA LEU J 106 32.20 30.46 -35.80
C LEU J 106 30.79 31.08 -35.76
N PHE J 107 29.92 30.47 -34.95
CA PHE J 107 28.53 30.90 -34.77
C PHE J 107 28.48 32.20 -33.98
N LYS J 108 29.07 32.19 -32.79
CA LYS J 108 29.27 33.44 -32.05
C LYS J 108 29.81 34.54 -32.98
N GLN J 109 30.80 34.24 -33.79
CA GLN J 109 31.31 35.22 -34.75
C GLN J 109 30.23 35.70 -35.74
N ASN J 110 29.97 34.95 -36.78
CA ASN J 110 29.00 35.37 -37.77
C ASN J 110 27.62 35.75 -37.27
N LYS J 111 27.39 35.67 -35.95
CA LYS J 111 26.11 36.07 -35.34
C LYS J 111 25.01 35.09 -35.73
N VAL J 112 24.97 33.95 -35.05
CA VAL J 112 24.01 32.87 -35.33
C VAL J 112 23.53 32.29 -34.01
N VAL J 113 22.22 32.07 -33.89
CA VAL J 113 21.68 31.59 -32.63
C VAL J 113 21.57 30.08 -32.62
N HIS J 114 22.36 29.50 -31.73
CA HIS J 114 22.39 28.07 -31.52
C HIS J 114 21.25 27.71 -30.58
N VAL J 115 20.35 26.88 -31.07
CA VAL J 115 19.21 26.48 -30.27
C VAL J 115 19.26 25.03 -29.99
N ASN J 116 19.65 24.68 -28.77
CA ASN J 116 19.81 23.28 -28.49
C ASN J 116 18.55 22.53 -28.09
N GLY J 117 18.23 21.48 -28.83
CA GLY J 117 17.06 20.67 -28.55
C GLY J 117 16.49 19.97 -29.78
N TYR J 118 15.56 19.05 -29.55
CA TYR J 118 15.04 18.26 -30.66
C TYR J 118 14.00 19.01 -31.50
N GLY J 119 14.34 19.30 -32.74
CA GLY J 119 13.44 20.03 -33.63
C GLY J 119 12.20 19.27 -34.10
N LYS J 120 11.35 19.98 -34.84
CA LYS J 120 10.09 19.45 -35.35
C LYS J 120 9.34 20.63 -35.92
N ILE J 121 8.86 20.51 -37.14
CA ILE J 121 8.10 21.58 -37.80
C ILE J 121 6.65 21.60 -37.31
N THR J 122 6.30 22.60 -36.50
CA THR J 122 4.96 22.73 -35.94
C THR J 122 4.06 23.59 -36.84
N GLY J 123 4.67 24.24 -37.84
CA GLY J 123 3.96 25.18 -38.68
C GLY J 123 4.46 25.23 -40.10
N LYS J 124 4.19 26.32 -40.80
CA LYS J 124 4.70 26.49 -42.14
C LYS J 124 5.81 27.50 -42.02
N ASN J 125 5.70 28.34 -41.01
CA ASN J 125 6.66 29.40 -40.78
C ASN J 125 7.05 29.32 -39.30
N GLN J 126 6.85 28.13 -38.74
CA GLN J 126 7.11 27.90 -37.33
C GLN J 126 7.79 26.55 -37.03
N VAL J 127 8.90 26.62 -36.29
CA VAL J 127 9.70 25.46 -35.93
C VAL J 127 9.79 25.47 -34.41
N THR J 128 9.63 24.31 -33.79
CA THR J 128 9.72 24.22 -32.35
C THR J 128 10.67 23.14 -31.91
N ALA J 129 11.47 23.49 -30.92
CA ALA J 129 12.55 22.66 -30.47
C ALA J 129 12.30 22.22 -29.05
N THR J 130 11.86 20.98 -28.88
CA THR J 130 11.74 20.35 -27.58
C THR J 130 13.09 20.26 -26.86
N LYS J 131 13.37 21.21 -25.98
CA LYS J 131 14.69 21.27 -25.32
C LYS J 131 14.97 20.01 -24.50
N ALA J 132 16.10 20.05 -23.80
CA ALA J 132 16.58 18.95 -22.96
C ALA J 132 15.44 18.11 -22.32
N ASP J 133 14.90 18.61 -21.20
CA ASP J 133 13.87 17.93 -20.40
C ASP J 133 12.59 18.73 -20.47
N GLY J 134 12.03 18.89 -21.66
CA GLY J 134 10.96 19.86 -21.88
C GLY J 134 11.41 21.32 -21.81
N GLY J 135 10.55 22.21 -22.29
CA GLY J 135 10.82 23.63 -22.22
C GLY J 135 11.06 24.22 -23.60
N THR J 136 10.34 23.66 -24.57
CA THR J 136 10.50 23.98 -26.00
C THR J 136 10.89 25.43 -26.28
N GLN J 137 11.21 25.74 -27.53
CA GLN J 137 11.52 27.10 -27.93
C GLN J 137 10.97 27.28 -29.33
N VAL J 138 10.02 28.19 -29.49
CA VAL J 138 9.35 28.31 -30.77
C VAL J 138 10.10 29.33 -31.65
N ILE J 139 10.27 29.01 -32.93
CA ILE J 139 10.98 29.89 -33.84
C ILE J 139 10.12 30.21 -35.06
N ASP J 140 9.83 31.50 -35.24
CA ASP J 140 9.06 31.99 -36.38
C ASP J 140 10.02 32.38 -37.47
N THR J 141 9.74 31.95 -38.68
CA THR J 141 10.76 32.04 -39.69
C THR J 141 10.17 32.10 -41.10
N LYS J 142 10.72 33.02 -41.92
CA LYS J 142 10.38 33.15 -43.35
C LYS J 142 10.63 31.84 -44.13
N ASN J 143 11.90 31.47 -44.28
CA ASN J 143 12.30 30.21 -44.90
C ASN J 143 12.79 29.24 -43.83
N ILE J 144 12.54 27.94 -44.01
CA ILE J 144 13.05 26.93 -43.05
C ILE J 144 13.80 25.74 -43.72
N LEU J 145 15.08 25.58 -43.37
CA LEU J 145 16.04 24.65 -44.04
C LEU J 145 16.43 23.38 -43.27
N ILE J 146 16.14 22.24 -43.87
CA ILE J 146 16.35 20.93 -43.26
C ILE J 146 17.70 20.31 -43.55
N ALA J 147 18.52 20.10 -42.53
CA ALA J 147 19.74 19.33 -42.72
C ALA J 147 19.94 18.28 -41.60
N THR J 148 19.10 17.26 -41.59
CA THR J 148 19.07 16.31 -40.51
C THR J 148 19.94 15.06 -40.81
N GLY J 149 20.47 15.04 -42.02
CA GLY J 149 21.45 14.05 -42.40
C GLY J 149 20.99 12.61 -42.35
N SER J 150 21.81 11.77 -41.72
CA SER J 150 21.62 10.35 -41.84
C SER J 150 21.90 9.60 -40.58
N GLU J 151 21.59 8.30 -40.61
CA GLU J 151 21.93 7.38 -39.53
C GLU J 151 22.39 6.07 -40.18
N VAL J 152 22.85 5.13 -39.36
CA VAL J 152 23.32 3.82 -39.83
C VAL J 152 22.14 2.95 -40.21
N THR J 153 22.14 2.43 -41.44
CA THR J 153 21.18 1.40 -41.86
C THR J 153 21.43 0.09 -41.09
N PRO J 154 20.52 -0.39 -40.26
CA PRO J 154 20.71 -1.74 -39.65
C PRO J 154 20.64 -2.96 -40.60
N PHE J 155 21.45 -3.94 -40.25
CA PHE J 155 21.37 -5.24 -40.86
C PHE J 155 20.34 -6.06 -40.13
N PRO J 156 19.42 -6.58 -40.93
CA PRO J 156 18.35 -7.52 -40.53
C PRO J 156 18.70 -8.80 -39.71
N GLY J 157 18.39 -8.83 -38.42
CA GLY J 157 18.68 -9.99 -37.60
C GLY J 157 19.86 -9.79 -36.67
N ILE J 158 20.89 -9.17 -37.19
CA ILE J 158 22.00 -8.77 -36.38
C ILE J 158 21.60 -7.44 -35.68
N THR J 159 21.56 -7.45 -34.34
CA THR J 159 21.28 -6.25 -33.54
C THR J 159 22.50 -5.53 -33.01
N ILE J 160 22.74 -4.31 -33.51
CA ILE J 160 23.86 -3.48 -33.04
C ILE J 160 23.79 -3.13 -31.56
N ASP J 161 24.54 -3.77 -30.69
CA ASP J 161 24.57 -3.33 -29.30
C ASP J 161 25.74 -2.38 -29.02
N GLU J 162 26.32 -1.83 -30.10
CA GLU J 162 27.46 -0.90 -30.04
C GLU J 162 28.54 -1.27 -29.05
N ASP J 163 28.62 -2.57 -28.76
CA ASP J 163 29.64 -3.07 -27.85
C ASP J 163 30.52 -4.21 -28.41
N THR J 164 29.94 -5.36 -28.63
CA THR J 164 30.71 -6.43 -29.16
C THR J 164 30.26 -6.50 -30.62
N ILE J 165 29.04 -6.08 -30.87
CA ILE J 165 28.59 -5.86 -32.26
C ILE J 165 28.43 -4.37 -32.56
N VAL J 166 29.20 -3.82 -33.48
CA VAL J 166 29.27 -2.35 -33.54
C VAL J 166 29.00 -1.83 -34.90
N SER J 167 28.76 -0.53 -34.98
CA SER J 167 28.71 0.22 -36.25
C SER J 167 29.90 1.13 -36.26
N SER J 168 30.09 1.90 -37.36
CA SER J 168 31.26 2.84 -37.51
C SER J 168 31.61 3.54 -36.19
N THR J 169 30.57 3.96 -35.46
CA THR J 169 30.76 4.73 -34.21
C THR J 169 31.37 3.99 -33.03
N GLY J 170 30.91 2.77 -32.78
CA GLY J 170 31.43 1.95 -31.70
C GLY J 170 32.82 1.51 -32.13
N ALA J 171 32.99 1.35 -33.45
CA ALA J 171 34.27 0.98 -33.99
C ALA J 171 35.33 2.08 -33.90
N LEU J 172 34.97 3.37 -33.90
CA LEU J 172 36.06 4.34 -33.68
C LEU J 172 36.46 4.50 -32.21
N SER J 173 35.94 3.63 -31.34
CA SER J 173 36.31 3.70 -29.93
C SER J 173 36.37 2.36 -29.22
N LEU J 174 36.84 1.34 -29.89
CA LEU J 174 37.15 0.13 -29.20
C LEU J 174 38.15 0.35 -28.05
N LYS J 175 38.08 -0.45 -27.01
CA LYS J 175 38.92 -0.18 -25.86
C LYS J 175 40.22 -0.95 -25.92
N LYS J 176 40.35 -1.84 -26.91
CA LYS J 176 41.52 -2.67 -27.06
C LYS J 176 41.51 -3.17 -28.47
N VAL J 177 42.66 -3.42 -29.04
CA VAL J 177 42.73 -4.10 -30.34
C VAL J 177 42.14 -5.55 -30.33
N PRO J 178 41.09 -5.80 -31.09
CA PRO J 178 40.52 -7.14 -31.21
C PRO J 178 41.37 -8.15 -31.95
N GLU J 179 41.45 -9.37 -31.41
CA GLU J 179 42.12 -10.48 -32.04
C GLU J 179 41.65 -10.57 -33.49
N LYS J 180 40.39 -10.93 -33.72
CA LYS J 180 39.81 -11.01 -35.06
C LYS J 180 38.61 -10.10 -35.10
N MET J 181 38.32 -9.54 -36.26
CA MET J 181 37.15 -8.64 -36.41
C MET J 181 36.42 -8.93 -37.75
N VAL J 182 35.10 -8.95 -37.78
CA VAL J 182 34.50 -9.09 -39.12
C VAL J 182 33.83 -7.79 -39.58
N VAL J 183 33.98 -7.46 -40.85
CA VAL J 183 33.27 -6.30 -41.37
C VAL J 183 32.13 -6.77 -42.26
N ILE J 184 30.90 -6.34 -41.97
CA ILE J 184 29.77 -6.48 -42.89
C ILE J 184 29.71 -5.30 -43.81
N GLY J 185 30.07 -5.55 -45.06
CA GLY J 185 30.01 -4.55 -46.13
C GLY J 185 31.36 -3.91 -46.50
N ALA J 186 31.91 -4.15 -47.69
CA ALA J 186 33.17 -3.48 -48.04
C ALA J 186 33.02 -2.11 -48.72
N GLY J 187 32.37 -1.14 -48.06
CA GLY J 187 32.23 0.18 -48.64
C GLY J 187 33.36 1.12 -48.23
N VAL J 188 33.26 2.40 -48.54
CA VAL J 188 34.30 3.30 -48.05
C VAL J 188 34.41 3.17 -46.54
N ILE J 189 33.28 3.14 -45.82
CA ILE J 189 33.34 3.01 -44.36
C ILE J 189 34.10 1.75 -43.88
N GLY J 190 33.74 0.60 -44.47
CA GLY J 190 34.27 -0.71 -44.10
C GLY J 190 35.78 -0.87 -44.24
N VAL J 191 36.31 -0.64 -45.44
CA VAL J 191 37.74 -0.73 -45.64
C VAL J 191 38.48 0.37 -44.83
N GLU J 192 37.85 1.52 -44.60
CA GLU J 192 38.59 2.59 -43.96
C GLU J 192 38.76 2.06 -42.57
N LEU J 193 37.68 1.54 -41.99
CA LEU J 193 37.77 1.21 -40.59
C LEU J 193 38.52 -0.07 -40.36
N GLY J 194 38.34 -1.04 -41.24
CA GLY J 194 39.04 -2.31 -41.16
C GLY J 194 40.55 -2.17 -41.33
N SER J 195 40.92 -1.23 -42.20
CA SER J 195 42.29 -0.95 -42.44
C SER J 195 42.89 -0.38 -41.16
N VAL J 196 42.10 0.38 -40.41
CA VAL J 196 42.63 0.86 -39.14
C VAL J 196 42.94 -0.31 -38.17
N TRP J 197 41.92 -1.13 -37.91
CA TRP J 197 42.11 -2.15 -36.89
C TRP J 197 43.13 -3.13 -37.40
N GLN J 198 43.13 -3.33 -38.72
CA GLN J 198 44.19 -4.12 -39.30
C GLN J 198 45.61 -3.66 -39.01
N ARG J 199 45.90 -2.40 -39.30
CA ARG J 199 47.23 -1.88 -38.99
C ARG J 199 47.54 -1.89 -37.47
N LEU J 200 46.56 -1.64 -36.59
CA LEU J 200 46.85 -1.81 -35.16
C LEU J 200 47.06 -3.29 -34.69
N GLY J 201 46.49 -4.32 -35.36
CA GLY J 201 46.85 -5.70 -35.07
C GLY J 201 45.77 -6.72 -35.35
N ALA J 202 44.60 -6.25 -35.73
CA ALA J 202 43.44 -7.12 -35.87
C ALA J 202 43.66 -7.88 -37.14
N ASP J 203 43.11 -9.08 -37.16
CA ASP J 203 42.99 -9.88 -38.33
C ASP J 203 41.57 -9.59 -38.82
N VAL J 204 41.45 -8.78 -39.88
CA VAL J 204 40.16 -8.27 -40.33
C VAL J 204 39.73 -8.77 -41.72
N THR J 205 38.49 -9.25 -41.78
CA THR J 205 37.88 -9.77 -43.03
C THR J 205 36.66 -8.92 -43.32
N ALA J 206 36.46 -8.56 -44.59
CA ALA J 206 35.31 -7.75 -45.01
C ALA J 206 34.51 -8.61 -45.97
N VAL J 207 33.21 -8.66 -45.75
CA VAL J 207 32.33 -9.58 -46.44
C VAL J 207 31.36 -8.66 -47.12
N GLU J 208 31.23 -8.78 -48.45
CA GLU J 208 30.44 -7.89 -49.28
C GLU J 208 29.63 -8.69 -50.25
N PHE J 209 28.37 -8.37 -50.32
CA PHE J 209 27.47 -9.10 -51.19
C PHE J 209 27.71 -8.79 -52.68
N LEU J 210 28.23 -7.60 -52.99
CA LEU J 210 28.72 -7.31 -54.34
C LEU J 210 30.05 -7.97 -54.64
N GLY J 211 30.57 -7.72 -55.84
CA GLY J 211 31.79 -8.37 -56.28
C GLY J 211 32.98 -7.41 -56.35
N HIS J 212 32.96 -6.28 -55.66
CA HIS J 212 34.13 -5.42 -55.68
C HIS J 212 34.23 -4.51 -54.46
N VAL J 213 35.39 -3.95 -54.18
CA VAL J 213 35.44 -3.10 -53.00
C VAL J 213 35.39 -1.68 -53.42
N GLY J 214 35.10 -0.79 -52.49
CA GLY J 214 35.10 0.62 -52.85
C GLY J 214 33.65 0.92 -52.83
N GLY J 215 33.26 2.19 -52.93
CA GLY J 215 31.82 2.46 -52.83
C GLY J 215 30.91 2.08 -54.01
N VAL J 216 30.31 3.13 -54.58
CA VAL J 216 29.59 3.02 -55.83
C VAL J 216 30.10 4.15 -56.73
N GLY J 217 30.40 3.79 -57.97
CA GLY J 217 30.85 4.80 -58.92
C GLY J 217 32.35 4.76 -59.09
N ILE J 218 32.98 3.93 -58.25
CA ILE J 218 34.39 3.67 -58.33
C ILE J 218 34.75 2.86 -59.60
N ASP J 219 35.75 3.32 -60.36
CA ASP J 219 36.18 2.51 -61.50
C ASP J 219 36.54 1.09 -61.03
N MET J 220 36.31 0.14 -61.92
CA MET J 220 36.49 -1.26 -61.62
C MET J 220 37.94 -1.67 -61.62
N GLU J 221 38.73 -1.12 -62.53
CA GLU J 221 40.15 -1.45 -62.59
C GLU J 221 40.79 -0.88 -61.34
N ILE J 222 40.50 0.37 -60.98
CA ILE J 222 41.21 0.87 -59.80
C ILE J 222 40.69 0.14 -58.58
N SER J 223 39.48 -0.40 -58.63
CA SER J 223 38.95 -1.12 -57.47
C SER J 223 39.66 -2.45 -57.26
N LYS J 224 39.71 -3.26 -58.29
CA LYS J 224 40.43 -4.51 -58.22
C LYS J 224 41.88 -4.20 -57.87
N ASN J 225 42.40 -3.07 -58.36
CA ASN J 225 43.83 -2.76 -58.13
C ASN J 225 44.06 -2.34 -56.70
N PHE J 226 43.04 -1.67 -56.16
CA PHE J 226 42.94 -1.33 -54.75
C PHE J 226 42.79 -2.56 -53.85
N GLN J 227 41.82 -3.41 -54.12
CA GLN J 227 41.65 -4.66 -53.36
C GLN J 227 42.93 -5.49 -53.30
N ARG J 228 43.66 -5.51 -54.42
CA ARG J 228 44.91 -6.28 -54.46
C ARG J 228 45.90 -5.73 -53.43
N ILE J 229 46.07 -4.41 -53.38
CA ILE J 229 46.91 -3.76 -52.36
C ILE J 229 46.52 -4.17 -50.90
N LEU J 230 45.26 -3.97 -50.55
CA LEU J 230 44.84 -4.21 -49.21
C LEU J 230 45.05 -5.70 -48.89
N GLN J 231 44.90 -6.56 -49.89
CA GLN J 231 45.17 -7.97 -49.60
C GLN J 231 46.65 -8.27 -49.32
N LYS J 232 47.56 -7.56 -49.97
CA LYS J 232 48.97 -7.69 -49.68
C LYS J 232 49.19 -7.29 -48.22
N GLN J 233 48.34 -6.41 -47.70
CA GLN J 233 48.58 -5.71 -46.43
C GLN J 233 48.08 -6.57 -45.32
N GLY J 234 47.24 -7.54 -45.65
CA GLY J 234 46.85 -8.54 -44.67
C GLY J 234 45.34 -8.58 -44.58
N PHE J 235 44.71 -7.55 -45.15
CA PHE J 235 43.25 -7.45 -45.25
C PHE J 235 42.59 -8.66 -46.00
N LYS J 236 41.80 -9.51 -45.36
CA LYS J 236 41.09 -10.53 -46.16
C LYS J 236 39.69 -10.03 -46.61
N PHE J 237 39.20 -10.53 -47.76
CA PHE J 237 37.81 -10.30 -48.20
C PHE J 237 36.97 -11.53 -48.49
N LYS J 238 35.69 -11.29 -48.62
CA LYS J 238 34.80 -12.30 -49.11
C LYS J 238 33.82 -11.57 -50.00
N LEU J 239 34.22 -11.33 -51.25
CA LEU J 239 33.31 -10.67 -52.17
C LEU J 239 32.20 -11.67 -52.58
N ASN J 240 31.10 -11.22 -53.21
CA ASN J 240 30.00 -12.07 -53.71
C ASN J 240 29.50 -13.04 -52.70
N THR J 241 29.42 -12.59 -51.45
CA THR J 241 28.95 -13.45 -50.40
C THR J 241 27.95 -12.68 -49.56
N LYS J 242 27.02 -13.42 -48.96
CA LYS J 242 25.97 -12.80 -48.15
C LYS J 242 26.05 -13.41 -46.76
N VAL J 243 25.46 -12.73 -45.80
CA VAL J 243 25.43 -13.32 -44.47
C VAL J 243 24.07 -13.81 -44.19
N THR J 244 23.99 -15.00 -43.65
CA THR J 244 22.71 -15.51 -43.23
C THR J 244 22.40 -15.04 -41.80
N GLY J 245 23.39 -14.50 -41.06
CA GLY J 245 23.15 -14.06 -39.68
C GLY J 245 24.18 -14.45 -38.61
N ALA J 246 24.07 -13.88 -37.42
CA ALA J 246 25.16 -13.99 -36.47
C ALA J 246 24.57 -14.11 -35.13
N THR J 247 25.36 -14.67 -34.22
CA THR J 247 24.84 -15.18 -32.97
C THR J 247 25.99 -15.11 -31.93
N LYS J 248 25.70 -14.60 -30.73
CA LYS J 248 26.76 -14.38 -29.77
C LYS J 248 27.06 -15.66 -29.03
N LYS J 249 28.34 -15.87 -28.68
CA LYS J 249 28.84 -17.18 -28.23
C LYS J 249 29.17 -17.25 -26.75
N SER J 250 29.32 -18.49 -26.24
CA SER J 250 29.46 -18.73 -24.79
C SER J 250 30.64 -18.00 -24.19
N ASP J 251 31.68 -17.81 -24.98
CA ASP J 251 32.84 -17.11 -24.47
C ASP J 251 32.85 -15.63 -24.84
N GLY J 252 31.80 -15.14 -25.50
CA GLY J 252 31.80 -13.74 -25.81
C GLY J 252 31.98 -13.39 -27.28
N LYS J 253 32.74 -14.21 -28.02
CA LYS J 253 32.85 -14.13 -29.50
C LYS J 253 31.52 -14.11 -30.31
N ILE J 254 31.63 -14.05 -31.61
CA ILE J 254 30.48 -13.91 -32.48
C ILE J 254 30.71 -14.78 -33.66
N ASP J 255 29.80 -15.73 -33.92
CA ASP J 255 29.90 -16.65 -35.07
C ASP J 255 29.08 -15.97 -36.11
N VAL J 256 29.66 -15.51 -37.22
CA VAL J 256 28.81 -15.08 -38.35
C VAL J 256 28.77 -16.08 -39.54
N SER J 257 27.54 -16.48 -39.85
CA SER J 257 27.23 -17.44 -40.88
C SER J 257 27.20 -16.73 -42.20
N ILE J 258 27.96 -17.24 -43.17
CA ILE J 258 27.95 -16.67 -44.49
C ILE J 258 27.58 -17.70 -45.56
N GLU J 259 27.36 -17.22 -46.78
CA GLU J 259 27.09 -18.08 -47.91
C GLU J 259 27.61 -17.37 -49.15
N ALA J 260 27.84 -18.10 -50.22
CA ALA J 260 28.07 -17.39 -51.47
C ALA J 260 26.75 -16.72 -51.79
N ALA J 261 26.80 -15.56 -52.46
CA ALA J 261 25.59 -14.78 -52.76
C ALA J 261 24.63 -15.53 -53.68
N SER J 262 25.20 -16.13 -54.72
CA SER J 262 24.41 -16.92 -55.66
C SER J 262 24.17 -18.32 -55.14
N GLY J 263 25.19 -19.17 -55.24
CA GLY J 263 25.14 -20.48 -54.65
C GLY J 263 24.91 -20.48 -53.15
N GLY J 264 25.20 -21.64 -52.54
CA GLY J 264 25.19 -21.84 -51.10
C GLY J 264 26.42 -22.67 -50.70
N LYS J 265 27.59 -22.03 -50.50
CA LYS J 265 28.74 -22.70 -49.87
C LYS J 265 28.73 -22.23 -48.44
N ALA J 266 28.06 -22.97 -47.56
CA ALA J 266 27.90 -22.55 -46.17
C ALA J 266 29.25 -22.41 -45.47
N GLU J 267 29.26 -21.57 -44.44
CA GLU J 267 30.48 -21.27 -43.73
C GLU J 267 30.13 -20.45 -42.54
N VAL J 268 30.87 -20.71 -41.46
CA VAL J 268 30.77 -19.86 -40.30
C VAL J 268 32.10 -19.18 -40.04
N ILE J 269 32.03 -17.92 -39.67
CA ILE J 269 33.24 -17.19 -39.41
C ILE J 269 33.14 -16.46 -38.10
N THR J 270 34.07 -16.76 -37.22
CA THR J 270 33.94 -16.30 -35.85
C THR J 270 34.92 -15.17 -35.57
N CYS J 271 34.51 -14.25 -34.71
CA CYS J 271 35.32 -13.06 -34.41
C CYS J 271 35.07 -12.47 -33.04
N ASP J 272 35.78 -11.40 -32.75
CA ASP J 272 35.83 -10.84 -31.42
C ASP J 272 34.93 -9.61 -31.50
N VAL J 273 34.97 -8.90 -32.63
CA VAL J 273 34.08 -7.79 -32.87
C VAL J 273 33.58 -7.88 -34.30
N LEU J 274 32.26 -7.69 -34.42
CA LEU J 274 31.60 -7.63 -35.71
C LEU J 274 31.19 -6.17 -35.99
N LEU J 275 31.77 -5.51 -36.99
CA LEU J 275 31.38 -4.16 -37.34
C LEU J 275 30.39 -4.22 -38.46
N VAL J 276 29.21 -3.70 -38.21
CA VAL J 276 28.19 -3.66 -39.27
C VAL J 276 28.13 -2.33 -40.02
N CYS J 277 28.33 -2.37 -41.32
CA CYS J 277 28.12 -1.16 -42.07
C CYS J 277 27.86 -1.50 -43.50
N ILE J 278 26.63 -1.93 -43.77
CA ILE J 278 26.21 -2.04 -45.14
C ILE J 278 25.68 -0.67 -45.56
N GLY J 279 25.42 0.20 -44.61
CA GLY J 279 24.73 1.42 -45.03
C GLY J 279 24.50 2.68 -44.20
N ARG J 280 24.22 3.73 -44.96
CA ARG J 280 23.82 4.98 -44.36
C ARG J 280 22.42 5.29 -44.97
N ARG J 281 21.53 5.87 -44.19
CA ARG J 281 20.19 6.27 -44.66
C ARG J 281 19.73 7.63 -44.08
N PRO J 282 18.79 8.30 -44.78
CA PRO J 282 18.31 9.63 -44.38
C PRO J 282 17.44 9.61 -43.15
N PHE J 283 17.72 10.54 -42.27
CA PHE J 283 17.12 10.62 -40.96
C PHE J 283 16.14 11.75 -40.98
N THR J 284 14.85 11.45 -40.94
CA THR J 284 13.87 12.53 -40.81
C THR J 284 12.99 12.38 -39.59
N LYS J 285 13.20 11.36 -38.77
CA LYS J 285 12.28 11.06 -37.67
C LYS J 285 11.77 12.29 -36.89
N ASN J 286 10.45 12.30 -36.63
CA ASN J 286 9.75 13.29 -35.79
C ASN J 286 10.08 14.75 -36.07
N LEU J 287 10.07 15.01 -37.36
CA LEU J 287 10.20 16.31 -37.93
C LEU J 287 8.80 16.57 -38.44
N GLY J 288 8.01 15.50 -38.50
CA GLY J 288 6.62 15.56 -38.90
C GLY J 288 6.40 16.20 -40.26
N LEU J 289 6.70 15.46 -41.33
CA LEU J 289 6.56 16.02 -42.66
C LEU J 289 5.32 15.41 -43.25
N GLU J 290 4.71 14.52 -42.49
CA GLU J 290 3.48 13.91 -42.93
C GLU J 290 2.38 14.83 -42.55
N GLU J 291 2.39 15.25 -41.28
CA GLU J 291 1.47 16.28 -40.82
C GLU J 291 1.51 17.53 -41.75
N LEU J 292 2.61 17.69 -42.48
CA LEU J 292 2.79 18.81 -43.38
C LEU J 292 2.60 18.44 -44.88
N GLY J 293 2.50 17.14 -45.19
CA GLY J 293 2.32 16.71 -46.57
C GLY J 293 3.52 16.60 -47.50
N ILE J 294 4.74 16.63 -46.96
CA ILE J 294 5.92 16.37 -47.78
C ILE J 294 6.20 14.89 -47.82
N GLU J 295 6.43 14.38 -49.02
CA GLU J 295 6.34 12.96 -49.25
C GLU J 295 7.71 12.35 -49.48
N LEU J 296 8.07 11.38 -48.65
CA LEU J 296 9.41 10.83 -48.74
C LEU J 296 9.60 9.89 -49.94
N ASP J 297 10.82 9.93 -50.49
CA ASP J 297 11.38 8.99 -51.47
C ASP J 297 11.03 7.56 -51.10
N PRO J 298 11.07 6.66 -52.08
CA PRO J 298 11.12 5.24 -51.75
C PRO J 298 12.21 4.96 -50.71
N ARG J 299 13.30 5.74 -50.62
CA ARG J 299 14.39 5.45 -49.64
C ARG J 299 14.60 6.40 -48.45
N GLY J 300 13.64 7.26 -48.17
CA GLY J 300 13.66 7.98 -46.92
C GLY J 300 14.12 9.39 -47.18
N ARG J 301 14.37 9.70 -48.45
CA ARG J 301 14.90 11.02 -48.83
C ARG J 301 13.79 12.01 -49.13
N ILE J 302 14.15 13.30 -49.15
CA ILE J 302 13.19 14.38 -49.38
C ILE J 302 13.36 14.91 -50.78
N PRO J 303 12.30 14.80 -51.56
CA PRO J 303 12.31 15.38 -52.88
C PRO J 303 12.44 16.91 -52.77
N VAL J 304 13.35 17.47 -53.53
CA VAL J 304 13.50 18.91 -53.57
C VAL J 304 13.80 19.28 -55.02
N ASN J 305 13.64 20.55 -55.37
CA ASN J 305 13.91 20.92 -56.74
C ASN J 305 15.30 21.53 -56.88
N THR J 306 15.56 22.09 -58.05
CA THR J 306 16.83 22.72 -58.35
C THR J 306 17.15 23.78 -57.32
N ARG J 307 16.14 24.50 -56.85
CA ARG J 307 16.42 25.52 -55.85
C ARG J 307 16.54 24.94 -54.41
N PHE J 308 16.35 23.61 -54.29
CA PHE J 308 16.44 22.87 -53.03
C PHE J 308 15.26 23.04 -52.09
N GLN J 309 14.07 23.26 -52.64
CA GLN J 309 12.87 23.44 -51.82
C GLN J 309 11.94 22.26 -51.91
N THR J 310 11.31 21.87 -50.80
CA THR J 310 10.39 20.75 -50.76
C THR J 310 9.09 20.98 -51.56
N LYS J 311 8.03 20.27 -51.22
CA LYS J 311 6.72 20.53 -51.85
C LYS J 311 6.21 21.93 -51.46
N ILE J 312 6.60 22.36 -50.28
CA ILE J 312 6.27 23.66 -49.71
C ILE J 312 7.38 24.71 -50.05
N PRO J 313 7.06 25.69 -50.90
CA PRO J 313 8.06 26.64 -51.41
C PRO J 313 9.09 27.25 -50.43
N ASN J 314 8.67 27.62 -49.22
CA ASN J 314 9.62 28.17 -48.23
C ASN J 314 10.51 27.12 -47.47
N ILE J 315 10.12 25.84 -47.47
CA ILE J 315 10.87 24.86 -46.73
C ILE J 315 11.90 24.16 -47.61
N TYR J 316 13.19 24.37 -47.34
CA TYR J 316 14.19 23.71 -48.16
C TYR J 316 14.85 22.60 -47.37
N ALA J 317 15.68 21.81 -48.05
CA ALA J 317 16.36 20.64 -47.48
C ALA J 317 17.63 20.41 -48.25
N ILE J 318 18.73 20.26 -47.51
CA ILE J 318 20.00 19.82 -48.09
C ILE J 318 20.66 18.75 -47.24
N GLY J 319 21.75 18.21 -47.75
CA GLY J 319 22.54 17.23 -47.01
C GLY J 319 22.24 15.85 -47.53
N ASP J 320 22.57 14.83 -46.75
CA ASP J 320 22.28 13.48 -47.23
C ASP J 320 20.89 13.09 -46.81
N VAL J 321 20.16 14.06 -46.28
CA VAL J 321 18.75 13.82 -46.08
C VAL J 321 18.07 13.96 -47.43
N VAL J 322 18.81 14.34 -48.47
CA VAL J 322 18.26 14.32 -49.82
C VAL J 322 19.09 13.45 -50.78
N ALA J 323 18.72 13.47 -52.04
CA ALA J 323 19.42 12.74 -53.10
C ALA J 323 20.82 13.23 -53.35
N GLY J 324 21.54 12.45 -54.15
CA GLY J 324 22.96 12.63 -54.38
C GLY J 324 23.84 11.74 -53.49
N PRO J 325 25.15 11.86 -53.65
CA PRO J 325 26.10 11.13 -52.80
C PRO J 325 26.04 11.52 -51.29
N MET J 326 26.19 10.53 -50.40
CA MET J 326 26.19 10.85 -48.97
C MET J 326 27.57 11.34 -48.49
N LEU J 327 27.87 12.57 -48.85
CA LEU J 327 29.17 13.11 -48.58
C LEU J 327 29.01 14.49 -47.96
N ALA J 328 29.99 14.86 -47.14
CA ALA J 328 30.01 16.11 -46.45
C ALA J 328 30.27 17.25 -47.42
N HIS J 329 31.16 17.05 -48.40
CA HIS J 329 31.54 18.18 -49.24
C HIS J 329 30.46 18.51 -50.23
N LYS J 330 29.56 17.56 -50.40
CA LYS J 330 28.40 17.80 -51.22
C LYS J 330 27.48 18.58 -50.29
N ALA J 331 27.09 18.00 -49.17
CA ALA J 331 26.18 18.69 -48.29
C ALA J 331 26.64 20.12 -48.06
N GLU J 332 27.92 20.37 -48.15
CA GLU J 332 28.41 21.65 -47.71
C GLU J 332 28.16 22.66 -48.82
N ASP J 333 28.65 22.32 -50.01
CA ASP J 333 28.44 23.10 -51.23
C ASP J 333 26.94 23.15 -51.55
N GLU J 334 26.18 22.29 -50.88
CA GLU J 334 24.73 22.22 -51.11
C GLU J 334 23.97 23.23 -50.25
N GLY J 335 24.27 23.27 -48.95
CA GLY J 335 23.70 24.25 -48.06
C GLY J 335 24.18 25.65 -48.39
N ILE J 336 25.19 25.79 -49.22
CA ILE J 336 25.61 27.15 -49.60
C ILE J 336 24.83 27.68 -50.76
N ILE J 337 24.83 26.96 -51.87
CA ILE J 337 24.07 27.38 -53.04
C ILE J 337 22.57 27.21 -52.78
N CYS J 338 22.22 26.81 -51.57
CA CYS J 338 20.83 26.70 -51.17
C CYS J 338 20.37 28.00 -50.61
N VAL J 339 21.29 28.69 -49.94
CA VAL J 339 21.08 30.01 -49.35
C VAL J 339 21.45 31.23 -50.27
N GLU J 340 22.45 31.06 -51.12
CA GLU J 340 22.64 32.01 -52.18
C GLU J 340 21.39 31.99 -53.02
N GLY J 341 20.75 30.84 -53.11
CA GLY J 341 19.52 30.74 -53.87
C GLY J 341 18.39 31.58 -53.30
N MET J 342 18.34 31.67 -51.96
CA MET J 342 17.27 32.31 -51.24
C MET J 342 17.43 33.79 -51.28
N ALA J 343 18.61 34.25 -51.65
CA ALA J 343 18.82 35.66 -51.93
C ALA J 343 19.04 35.87 -53.42
N GLY J 344 18.39 35.05 -54.24
CA GLY J 344 18.36 35.26 -55.68
C GLY J 344 19.64 35.11 -56.46
N GLY J 345 20.52 34.24 -56.02
CA GLY J 345 21.66 33.87 -56.83
C GLY J 345 21.35 32.57 -57.54
N ALA J 346 22.36 31.96 -58.13
CA ALA J 346 22.22 30.73 -58.92
C ALA J 346 22.24 29.46 -58.05
N VAL J 347 21.96 28.32 -58.68
CA VAL J 347 21.82 27.02 -58.00
C VAL J 347 22.11 25.83 -58.93
N HIS J 348 22.94 26.06 -59.94
CA HIS J 348 23.42 24.97 -60.79
C HIS J 348 24.59 24.28 -60.06
N ILE J 349 24.43 22.99 -59.81
CA ILE J 349 25.43 22.24 -59.08
C ILE J 349 25.60 20.92 -59.80
N ASP J 350 26.83 20.64 -60.19
CA ASP J 350 27.08 19.64 -61.22
C ASP J 350 27.68 18.38 -60.57
N TYR J 351 26.79 17.54 -60.06
CA TYR J 351 27.10 16.43 -59.15
C TYR J 351 27.99 15.41 -59.75
N ASN J 352 28.51 15.68 -60.93
CA ASN J 352 29.52 14.85 -61.54
C ASN J 352 30.94 15.41 -61.22
N CYS J 353 31.02 16.73 -61.00
CA CYS J 353 32.29 17.31 -60.63
C CYS J 353 32.60 17.25 -59.14
N VAL J 354 31.85 16.45 -58.37
CA VAL J 354 32.11 16.29 -56.95
C VAL J 354 32.95 15.04 -56.76
N PRO J 355 34.09 15.20 -56.11
CA PRO J 355 35.08 14.13 -55.95
C PRO J 355 34.78 13.19 -54.81
N SER J 356 35.30 11.98 -54.96
CA SER J 356 35.20 10.90 -53.94
C SER J 356 36.58 10.44 -53.43
N VAL J 357 36.67 10.22 -52.11
CA VAL J 357 37.92 9.78 -51.50
C VAL J 357 37.84 8.66 -50.45
N ILE J 358 38.67 7.63 -50.57
CA ILE J 358 38.84 6.69 -49.48
C ILE J 358 40.23 6.89 -48.91
N TYR J 359 40.34 7.23 -47.62
CA TYR J 359 41.60 7.62 -46.98
C TYR J 359 42.41 6.47 -46.33
N THR J 360 42.57 5.39 -47.08
CA THR J 360 43.41 4.31 -46.63
C THR J 360 44.77 4.72 -47.13
N HIS J 361 45.71 3.81 -46.90
CA HIS J 361 46.99 3.91 -47.55
C HIS J 361 47.32 2.66 -48.32
N PRO J 362 47.37 2.77 -49.65
CA PRO J 362 47.29 4.07 -50.37
C PRO J 362 45.90 4.64 -50.45
N GLU J 363 45.80 5.97 -50.50
CA GLU J 363 44.52 6.63 -50.73
C GLU J 363 43.97 6.27 -52.11
N VAL J 364 42.64 6.29 -52.23
CA VAL J 364 41.97 6.24 -53.54
C VAL J 364 41.14 7.49 -53.68
N ALA J 365 40.98 8.00 -54.91
CA ALA J 365 40.12 9.20 -55.14
C ALA J 365 39.79 9.37 -56.60
N TRP J 366 38.56 9.80 -56.90
CA TRP J 366 38.08 9.98 -58.30
C TRP J 366 36.98 11.05 -58.51
N VAL J 367 36.97 11.64 -59.70
CA VAL J 367 35.95 12.63 -59.99
C VAL J 367 35.56 12.40 -61.45
N GLY J 368 34.27 12.54 -61.79
CA GLY J 368 33.82 12.22 -63.13
C GLY J 368 33.27 10.83 -63.24
N LYS J 369 33.24 10.31 -64.45
CA LYS J 369 32.60 9.04 -64.69
C LYS J 369 33.63 7.94 -64.74
N SER J 370 33.20 6.70 -64.45
CA SER J 370 34.07 5.53 -64.57
C SER J 370 33.94 4.86 -65.92
N GLU J 371 34.80 3.89 -66.18
CA GLU J 371 34.80 3.17 -67.44
C GLU J 371 33.49 2.45 -67.62
N GLU J 372 32.93 1.92 -66.56
CA GLU J 372 31.62 1.32 -66.65
C GLU J 372 30.69 2.42 -67.09
N GLN J 373 30.44 3.39 -66.25
CA GLN J 373 29.55 4.48 -66.63
C GLN J 373 29.67 4.98 -68.07
N LEU J 374 30.89 4.96 -68.62
CA LEU J 374 31.14 5.46 -69.97
C LEU J 374 30.67 4.47 -71.04
N LYS J 375 30.75 3.18 -70.72
CA LYS J 375 30.23 2.14 -71.58
C LYS J 375 28.71 2.10 -71.47
N GLU J 376 28.21 1.98 -70.24
CA GLU J 376 26.78 2.00 -69.91
C GLU J 376 25.98 3.12 -70.61
N GLU J 377 26.63 4.20 -71.01
CA GLU J 377 25.92 5.20 -71.81
C GLU J 377 26.54 5.43 -73.21
N GLY J 378 27.34 4.47 -73.65
CA GLY J 378 27.87 4.48 -75.01
C GLY J 378 28.46 5.79 -75.45
N ILE J 379 29.61 6.15 -74.84
CA ILE J 379 30.41 7.29 -75.27
C ILE J 379 31.77 6.71 -75.58
N GLU J 380 32.35 7.10 -76.72
CA GLU J 380 33.58 6.49 -77.16
C GLU J 380 34.78 7.25 -76.60
N TYR J 381 35.67 6.53 -75.89
CA TYR J 381 36.72 7.18 -75.11
C TYR J 381 38.07 6.54 -75.35
N LYS J 382 39.09 7.13 -74.75
CA LYS J 382 40.42 6.61 -74.80
C LYS J 382 40.99 6.61 -73.39
N VAL J 383 42.07 5.88 -73.16
CA VAL J 383 42.56 5.75 -71.78
C VAL J 383 43.96 6.33 -71.59
N GLY J 384 44.14 7.12 -70.54
CA GLY J 384 45.47 7.61 -70.21
C GLY J 384 45.99 7.07 -68.90
N LYS J 385 47.09 6.32 -68.94
CA LYS J 385 47.55 5.66 -67.73
C LYS J 385 49.00 5.98 -67.34
N PHE J 386 49.21 6.48 -66.11
CA PHE J 386 50.57 6.67 -65.56
C PHE J 386 50.74 5.99 -64.17
N PRO J 387 51.58 4.96 -64.05
CA PRO J 387 51.75 4.28 -62.78
C PRO J 387 52.58 5.18 -61.90
N PHE J 388 52.47 5.09 -60.57
CA PHE J 388 53.25 5.95 -59.66
C PHE J 388 54.65 5.44 -59.49
N ALA J 389 54.83 4.14 -59.74
CA ALA J 389 56.12 3.44 -59.70
C ALA J 389 57.08 4.20 -60.52
N ALA J 390 56.57 5.07 -61.39
CA ALA J 390 57.43 5.78 -62.30
C ALA J 390 57.44 7.31 -62.07
N ASN J 391 56.99 7.70 -60.89
CA ASN J 391 56.95 9.09 -60.46
C ASN J 391 58.09 9.45 -59.50
N SER J 392 58.70 10.63 -59.70
CA SER J 392 59.84 11.06 -58.88
C SER J 392 59.57 11.00 -57.37
N ARG J 393 58.66 11.86 -56.90
CA ARG J 393 58.39 11.88 -55.48
C ARG J 393 58.05 10.48 -55.04
N ALA J 394 57.05 9.83 -55.62
CA ALA J 394 56.72 8.44 -55.22
C ALA J 394 57.90 7.51 -55.04
N LYS J 395 58.75 7.38 -56.06
CA LYS J 395 59.98 6.56 -55.92
C LYS J 395 60.97 7.12 -54.90
N THR J 396 61.06 8.43 -54.89
CA THR J 396 61.90 9.12 -53.97
C THR J 396 61.39 8.93 -52.52
N ASN J 397 60.10 8.69 -52.36
CA ASN J 397 59.57 8.52 -51.01
C ASN J 397 59.38 7.06 -50.64
N ALA J 398 59.94 6.16 -51.46
CA ALA J 398 59.87 4.72 -51.26
C ALA J 398 58.43 4.26 -51.07
N ASP J 399 57.56 4.90 -51.85
CA ASP J 399 56.13 4.71 -51.69
C ASP J 399 55.41 4.83 -53.05
N THR J 400 55.24 3.72 -53.73
CA THR J 400 54.93 3.81 -55.15
C THR J 400 53.81 2.88 -55.56
N ASP J 401 52.67 3.02 -54.92
CA ASP J 401 51.60 2.09 -55.16
C ASP J 401 50.62 2.72 -56.10
N GLY J 402 50.07 1.92 -57.01
CA GLY J 402 48.98 2.37 -57.87
C GLY J 402 49.31 3.21 -59.07
N MET J 403 48.32 3.98 -59.51
CA MET J 403 48.41 4.76 -60.76
C MET J 403 47.52 6.01 -60.87
N VAL J 404 47.60 6.68 -62.00
CA VAL J 404 46.58 7.69 -62.36
C VAL J 404 45.97 7.35 -63.70
N LYS J 405 44.64 7.32 -63.77
CA LYS J 405 43.94 6.93 -64.99
C LYS J 405 42.95 7.99 -65.33
N ILE J 406 43.06 8.52 -66.53
CA ILE J 406 42.16 9.59 -66.98
C ILE J 406 41.46 9.06 -68.20
N LEU J 407 40.16 9.34 -68.25
CA LEU J 407 39.30 8.92 -69.35
C LEU J 407 39.02 10.14 -70.19
N GLY J 408 39.43 10.04 -71.44
CA GLY J 408 39.35 11.14 -72.36
C GLY J 408 38.46 10.76 -73.52
N GLN J 409 37.47 11.62 -73.79
CA GLN J 409 36.62 11.52 -74.96
C GLN J 409 37.41 11.54 -76.25
N LYS J 410 37.10 10.60 -77.14
CA LYS J 410 37.94 10.38 -78.31
C LYS J 410 37.91 11.58 -79.23
N SER J 411 36.78 12.25 -79.28
CA SER J 411 36.61 13.34 -80.23
C SER J 411 37.25 14.64 -79.75
N THR J 412 36.81 15.15 -78.60
CA THR J 412 37.27 16.45 -78.09
C THR J 412 38.53 16.44 -77.23
N ASP J 413 39.05 15.24 -76.93
CA ASP J 413 40.15 15.07 -75.98
C ASP J 413 39.78 15.63 -74.59
N ARG J 414 38.50 15.80 -74.34
CA ARG J 414 38.03 16.37 -73.09
C ARG J 414 37.84 15.32 -71.98
N VAL J 415 38.21 15.71 -70.75
CA VAL J 415 38.28 14.83 -69.58
C VAL J 415 36.92 14.35 -69.07
N LEU J 416 36.75 13.06 -68.98
CA LEU J 416 35.41 12.56 -68.69
C LEU J 416 35.38 12.07 -67.27
N GLY J 417 36.51 11.44 -66.90
CA GLY J 417 36.77 10.88 -65.58
C GLY J 417 38.23 10.76 -65.16
N ALA J 418 38.52 11.09 -63.90
CA ALA J 418 39.86 10.91 -63.34
C ALA J 418 39.82 10.07 -62.09
N HIS J 419 40.73 9.10 -62.09
CA HIS J 419 40.78 8.14 -61.05
C HIS J 419 42.19 8.02 -60.56
N ILE J 420 42.37 8.35 -59.29
CA ILE J 420 43.68 8.30 -58.66
C ILE J 420 43.67 7.25 -57.60
N LEU J 421 44.69 6.39 -57.61
CA LEU J 421 44.90 5.42 -56.55
C LEU J 421 46.37 5.39 -56.18
N GLY J 422 46.68 5.87 -54.97
CA GLY J 422 48.05 5.82 -54.48
C GLY J 422 48.34 6.91 -53.46
N PRO J 423 49.61 7.22 -53.25
CA PRO J 423 50.03 8.25 -52.30
C PRO J 423 49.41 9.60 -52.64
N GLY J 424 48.85 10.23 -51.61
CA GLY J 424 48.38 11.61 -51.74
C GLY J 424 47.36 11.85 -52.84
N ALA J 425 46.46 10.89 -52.99
CA ALA J 425 45.48 10.90 -54.05
C ALA J 425 44.20 11.52 -53.56
N GLY J 426 44.20 11.95 -52.31
CA GLY J 426 43.11 12.75 -51.80
C GLY J 426 43.29 14.23 -52.16
N GLU J 427 44.53 14.71 -52.16
CA GLU J 427 44.70 16.12 -52.50
C GLU J 427 44.70 16.34 -54.01
N MET J 428 45.13 15.33 -54.75
CA MET J 428 45.26 15.47 -56.20
C MET J 428 43.88 15.67 -56.85
N VAL J 429 42.95 14.77 -56.48
CA VAL J 429 41.59 14.80 -56.97
C VAL J 429 41.01 16.20 -56.99
N ASN J 430 41.43 17.08 -56.07
CA ASN J 430 40.99 18.49 -56.11
C ASN J 430 41.40 19.25 -57.39
N GLU J 431 42.60 18.93 -57.88
CA GLU J 431 43.07 19.48 -59.12
C GLU J 431 42.25 18.90 -60.26
N ALA J 432 42.01 17.60 -60.25
CA ALA J 432 41.18 17.10 -61.32
C ALA J 432 39.81 17.80 -61.20
N ALA J 433 39.31 17.91 -59.98
CA ALA J 433 38.00 18.51 -59.79
C ALA J 433 37.98 19.86 -60.44
N LEU J 434 39.02 20.63 -60.19
CA LEU J 434 39.12 21.97 -60.76
C LEU J 434 39.08 21.92 -62.27
N ALA J 435 39.86 21.02 -62.87
CA ALA J 435 39.87 20.85 -64.31
C ALA J 435 38.46 20.50 -64.82
N LEU J 436 37.86 19.48 -64.25
CA LEU J 436 36.50 19.15 -64.62
C LEU J 436 35.59 20.38 -64.75
N GLU J 437 35.58 21.29 -63.77
CA GLU J 437 34.65 22.41 -63.80
C GLU J 437 34.93 23.40 -64.93
N TYR J 438 36.09 23.24 -65.57
CA TYR J 438 36.57 24.16 -66.60
C TYR J 438 36.41 23.43 -67.92
N GLY J 439 36.04 22.17 -67.84
CA GLY J 439 35.86 21.36 -69.03
C GLY J 439 37.18 20.92 -69.63
N ALA J 440 38.26 21.50 -69.13
CA ALA J 440 39.60 21.25 -69.62
C ALA J 440 39.71 19.92 -70.31
N SER J 441 40.61 19.83 -71.28
CA SER J 441 40.82 18.56 -71.95
C SER J 441 42.13 17.96 -71.48
N CYS J 442 42.34 16.69 -71.78
CA CYS J 442 43.64 16.08 -71.54
C CYS J 442 44.80 17.02 -71.81
N GLU J 443 44.83 17.62 -73.00
CA GLU J 443 46.00 18.41 -73.39
C GLU J 443 46.10 19.72 -72.61
N ASP J 444 44.98 20.31 -72.25
CA ASP J 444 44.93 21.48 -71.39
C ASP J 444 45.79 21.31 -70.16
N ILE J 445 45.65 20.15 -69.52
CA ILE J 445 46.40 19.89 -68.32
C ILE J 445 47.84 19.51 -68.64
N ALA J 446 48.04 18.63 -69.62
CA ALA J 446 49.38 18.23 -70.06
C ALA J 446 50.25 19.47 -70.36
N ARG J 447 49.58 20.60 -70.51
CA ARG J 447 50.25 21.82 -70.97
C ARG J 447 50.65 22.72 -69.81
N VAL J 448 50.16 22.40 -68.60
CA VAL J 448 50.46 23.12 -67.34
C VAL J 448 51.84 22.81 -66.81
N CYS J 449 52.46 23.78 -66.14
CA CYS J 449 53.75 23.53 -65.52
C CYS J 449 53.62 22.87 -64.15
N HIS J 450 54.12 21.65 -64.03
CA HIS J 450 54.00 20.96 -62.75
C HIS J 450 55.30 20.85 -61.95
N ALA J 451 55.31 21.49 -60.79
CA ALA J 451 56.46 21.54 -59.94
C ALA J 451 56.99 20.13 -59.92
N HIS J 452 58.31 20.01 -60.05
CA HIS J 452 59.00 18.73 -60.05
C HIS J 452 59.91 18.75 -58.85
N PRO J 453 59.97 17.66 -58.08
CA PRO J 453 59.09 16.51 -58.25
C PRO J 453 57.92 16.62 -57.29
N THR J 454 56.75 16.22 -57.77
CA THR J 454 55.52 16.20 -56.96
C THR J 454 54.66 15.07 -57.46
N LEU J 455 53.73 14.62 -56.64
CA LEU J 455 52.92 13.51 -57.08
C LEU J 455 51.96 14.01 -58.16
N SER J 456 51.81 15.32 -58.27
CA SER J 456 50.83 15.85 -59.20
C SER J 456 51.34 15.80 -60.62
N GLU J 457 52.53 15.22 -60.75
CA GLU J 457 53.12 14.97 -62.04
C GLU J 457 52.59 13.71 -62.64
N ALA J 458 52.22 12.76 -61.80
CA ALA J 458 51.67 11.54 -62.30
C ALA J 458 50.38 11.90 -63.06
N PHE J 459 49.76 12.97 -62.63
CA PHE J 459 48.47 13.37 -63.17
C PHE J 459 48.55 14.01 -64.58
N ARG J 460 49.44 14.98 -64.75
CA ARG J 460 49.74 15.60 -66.03
C ARG J 460 50.12 14.57 -67.10
N GLU J 461 50.99 13.62 -66.72
CA GLU J 461 51.52 12.60 -67.64
C GLU J 461 50.50 11.48 -67.88
N ALA J 462 49.46 11.47 -67.09
CA ALA J 462 48.36 10.59 -67.43
C ALA J 462 47.61 11.34 -68.52
N ASN J 463 47.35 12.61 -68.28
CA ASN J 463 46.70 13.43 -69.27
C ASN J 463 47.42 13.53 -70.60
N LEU J 464 48.74 13.47 -70.56
CA LEU J 464 49.47 13.44 -71.81
C LEU J 464 49.22 12.10 -72.54
N ALA J 465 49.16 10.99 -71.79
CA ALA J 465 49.02 9.62 -72.35
C ALA J 465 47.64 9.46 -72.98
N ALA J 466 46.66 10.12 -72.40
CA ALA J 466 45.38 10.21 -73.02
C ALA J 466 45.44 11.13 -74.23
N SER J 467 46.09 12.30 -74.11
CA SER J 467 46.11 13.32 -75.18
C SER J 467 46.95 12.92 -76.38
N PHE J 468 48.25 13.20 -76.33
CA PHE J 468 49.26 12.65 -77.26
C PHE J 468 49.24 11.11 -77.17
N GLY J 469 50.02 10.42 -78.00
CA GLY J 469 50.05 8.95 -77.95
C GLY J 469 50.42 8.26 -76.63
N LYS J 470 51.33 8.86 -75.85
CA LYS J 470 51.95 8.26 -74.65
C LYS J 470 52.59 9.37 -73.79
N SER J 471 53.34 9.02 -72.73
CA SER J 471 53.98 10.07 -71.89
C SER J 471 55.51 10.13 -72.04
N ILE J 472 56.14 11.10 -71.37
CA ILE J 472 57.61 11.22 -71.33
C ILE J 472 58.28 10.13 -70.47
N ASN J 473 57.71 9.82 -69.31
CA ASN J 473 58.41 8.98 -68.34
C ASN J 473 57.94 7.54 -68.31
N PHE J 474 56.90 7.28 -69.09
CA PHE J 474 56.41 5.95 -69.24
C PHE J 474 55.99 5.73 -70.70
N ARG K 130 33.41 -2.54 -9.37
CA ARG K 130 32.26 -1.58 -9.37
C ARG K 130 30.97 -2.33 -9.04
N LEU K 131 31.00 -3.65 -9.23
CA LEU K 131 29.88 -4.55 -8.94
C LEU K 131 30.41 -5.88 -8.36
N SER K 132 30.11 -6.21 -7.11
CA SER K 132 30.44 -7.56 -6.63
C SER K 132 29.81 -8.62 -7.49
N PRO K 133 30.54 -9.67 -7.79
CA PRO K 133 30.05 -10.77 -8.62
C PRO K 133 28.54 -10.95 -8.42
N ALA K 134 28.15 -11.25 -7.21
CA ALA K 134 26.76 -11.54 -6.99
C ALA K 134 25.89 -10.36 -7.33
N ALA K 135 26.34 -9.17 -6.98
CA ALA K 135 25.48 -8.00 -7.27
C ALA K 135 25.17 -8.02 -8.73
N ARG K 136 26.22 -8.04 -9.54
CA ARG K 136 26.02 -8.11 -10.98
C ARG K 136 25.18 -9.32 -11.42
N ASN K 137 25.59 -10.55 -11.10
CA ASN K 137 24.79 -11.70 -11.48
C ASN K 137 23.31 -11.39 -11.20
N ILE K 138 22.98 -10.98 -9.98
CA ILE K 138 21.56 -10.84 -9.66
C ILE K 138 20.82 -9.63 -10.26
N LEU K 139 21.52 -8.58 -10.64
CA LEU K 139 20.89 -7.57 -11.49
C LEU K 139 20.41 -8.22 -12.80
N GLU K 140 21.34 -8.83 -13.52
CA GLU K 140 21.04 -9.54 -14.76
C GLU K 140 19.79 -10.42 -14.70
N LYS K 141 19.73 -11.33 -13.72
CA LYS K 141 18.58 -12.22 -13.56
C LYS K 141 17.30 -11.41 -13.47
N HIS K 142 17.36 -10.22 -12.90
CA HIS K 142 16.22 -9.31 -12.87
C HIS K 142 16.31 -8.19 -13.96
N SER K 143 16.80 -8.52 -15.14
CA SER K 143 16.69 -7.62 -16.27
C SER K 143 16.73 -6.15 -15.86
N LEU K 144 17.72 -5.76 -15.05
CA LEU K 144 17.95 -4.33 -14.74
C LEU K 144 19.40 -4.06 -14.32
N ASP K 145 19.77 -2.77 -14.25
CA ASP K 145 21.12 -2.38 -13.87
C ASP K 145 21.16 -1.39 -12.69
N ALA K 146 22.35 -0.90 -12.35
CA ALA K 146 22.49 -0.06 -11.17
C ALA K 146 22.50 1.46 -11.46
N SER K 147 22.51 1.85 -12.73
CA SER K 147 22.43 3.28 -13.06
C SER K 147 21.35 3.95 -12.19
N GLN K 148 20.29 3.18 -11.86
CA GLN K 148 19.19 3.65 -10.99
C GLN K 148 19.61 3.71 -9.53
N GLY K 149 19.48 2.59 -8.82
CA GLY K 149 19.95 2.48 -7.44
C GLY K 149 21.39 2.95 -7.29
N THR K 150 21.85 3.14 -6.07
CA THR K 150 23.21 3.65 -5.87
C THR K 150 24.13 2.67 -5.18
N ALA K 151 25.39 3.05 -5.07
CA ALA K 151 26.42 2.19 -4.48
C ALA K 151 26.55 2.38 -2.97
N THR K 152 27.42 1.59 -2.36
CA THR K 152 27.58 1.56 -0.91
C THR K 152 28.79 0.67 -0.67
N GLY K 153 28.95 0.17 0.55
CA GLY K 153 30.01 -0.80 0.80
C GLY K 153 31.38 -0.38 0.29
N PRO K 154 32.43 -1.03 0.78
CA PRO K 154 33.83 -0.66 0.53
C PRO K 154 34.21 0.23 -0.71
N ARG K 155 34.99 -0.30 -1.65
CA ARG K 155 35.56 0.54 -2.72
C ARG K 155 34.47 1.06 -3.68
N GLY K 156 33.48 1.75 -3.14
CA GLY K 156 32.33 2.11 -3.94
C GLY K 156 31.94 0.99 -4.90
N ILE K 157 31.93 -0.24 -4.42
CA ILE K 157 31.46 -1.36 -5.22
C ILE K 157 29.99 -1.56 -4.98
N PHE K 158 29.20 -1.61 -6.04
CA PHE K 158 27.76 -1.79 -5.88
C PHE K 158 27.43 -3.17 -5.27
N THR K 159 26.93 -3.15 -4.04
CA THR K 159 26.78 -4.35 -3.25
C THR K 159 25.61 -5.21 -3.68
N LYS K 160 25.56 -6.44 -3.19
CA LYS K 160 24.44 -7.34 -3.40
C LYS K 160 23.33 -6.84 -2.48
N GLU K 161 23.71 -6.36 -1.29
CA GLU K 161 22.77 -5.66 -0.41
C GLU K 161 22.16 -4.56 -1.29
N ASP K 162 23.08 -3.73 -1.82
CA ASP K 162 22.75 -2.71 -2.81
C ASP K 162 21.76 -3.18 -3.89
N ALA K 163 22.02 -4.32 -4.52
CA ALA K 163 21.18 -4.77 -5.61
C ALA K 163 19.85 -5.25 -5.09
N LEU K 164 19.88 -6.06 -4.03
CA LEU K 164 18.63 -6.53 -3.45
C LEU K 164 17.62 -5.38 -3.27
N LYS K 165 18.12 -4.21 -2.86
CA LYS K 165 17.28 -3.05 -2.61
C LYS K 165 16.71 -2.54 -3.94
N LEU K 166 17.54 -2.49 -4.97
CA LEU K 166 16.99 -2.26 -6.29
C LEU K 166 15.95 -3.35 -6.58
N VAL K 167 16.20 -4.55 -6.10
CA VAL K 167 15.31 -5.68 -6.39
C VAL K 167 13.97 -5.44 -5.72
N GLN K 168 14.00 -5.16 -4.41
CA GLN K 168 12.76 -4.97 -3.69
C GLN K 168 12.00 -3.72 -4.13
N LEU K 169 12.71 -2.70 -4.62
CA LEU K 169 12.03 -1.50 -5.09
C LEU K 169 11.20 -1.80 -6.35
N LYS K 170 11.57 -2.82 -7.11
CA LYS K 170 10.76 -3.21 -8.27
C LYS K 170 9.40 -3.71 -7.83
N GLN K 171 9.35 -4.84 -7.13
CA GLN K 171 8.10 -5.33 -6.56
C GLN K 171 7.35 -4.20 -5.85
N THR K 172 7.84 -3.80 -4.68
CA THR K 172 7.25 -2.67 -3.98
C THR K 172 6.55 -1.75 -4.97
N GLY K 173 7.15 -1.61 -6.14
CA GLY K 173 6.71 -0.65 -7.14
C GLY K 173 5.70 -1.21 -8.11
N ARG L 130 -89.44 15.76 37.71
CA ARG L 130 -90.93 15.64 37.82
C ARG L 130 -91.47 14.49 36.97
N LEU L 131 -90.56 13.67 36.45
CA LEU L 131 -90.87 12.51 35.61
C LEU L 131 -89.84 11.44 35.95
N SER L 132 -90.00 10.21 35.44
CA SER L 132 -88.95 9.20 35.62
C SER L 132 -88.80 8.36 34.40
N PRO L 133 -87.69 8.46 33.68
CA PRO L 133 -87.64 7.71 32.44
C PRO L 133 -88.56 6.47 32.50
N ALA L 134 -88.67 5.75 33.61
CA ALA L 134 -89.49 4.54 33.63
C ALA L 134 -90.92 4.87 33.99
N ALA L 135 -91.05 5.86 34.87
CA ALA L 135 -92.35 6.48 35.14
C ALA L 135 -93.16 6.89 33.88
N ARG L 136 -92.52 7.39 32.85
CA ARG L 136 -93.33 7.77 31.72
C ARG L 136 -93.83 6.48 31.09
N ASN L 137 -92.96 5.48 31.08
CA ASN L 137 -93.20 4.22 30.40
C ASN L 137 -94.23 3.35 31.14
N ILE L 138 -93.99 3.15 32.43
CA ILE L 138 -94.89 2.36 33.24
C ILE L 138 -96.29 2.92 33.31
N LEU L 139 -96.41 4.23 33.25
CA LEU L 139 -97.74 4.81 33.17
C LEU L 139 -98.22 4.46 31.78
N GLU L 140 -97.80 5.28 30.79
CA GLU L 140 -98.18 5.04 29.38
C GLU L 140 -98.57 3.58 29.16
N LYS L 141 -97.90 2.67 29.86
CA LYS L 141 -98.10 1.25 29.62
C LYS L 141 -99.57 0.94 29.88
N HIS L 142 -100.13 1.52 30.93
CA HIS L 142 -101.56 1.37 31.20
C HIS L 142 -102.30 2.70 31.17
N SER L 143 -102.42 3.28 29.98
CA SER L 143 -103.22 4.49 29.75
C SER L 143 -103.58 5.27 31.01
N LEU L 144 -102.58 5.35 31.88
CA LEU L 144 -102.65 5.96 33.20
C LEU L 144 -101.83 7.23 33.21
N ASP L 145 -102.14 8.12 34.16
CA ASP L 145 -101.56 9.48 34.19
C ASP L 145 -100.98 9.87 35.58
N ALA L 146 -99.89 10.61 35.59
CA ALA L 146 -99.27 10.95 36.87
C ALA L 146 -100.28 11.57 37.83
N SER L 147 -100.97 12.62 37.38
CA SER L 147 -101.97 13.28 38.22
C SER L 147 -102.65 12.35 39.24
N GLN L 148 -103.10 11.20 38.79
CA GLN L 148 -103.84 10.28 39.65
C GLN L 148 -103.10 9.93 40.96
N GLY L 149 -101.86 10.37 41.09
CA GLY L 149 -101.10 10.09 42.30
C GLY L 149 -100.08 11.18 42.56
N THR L 150 -99.36 11.07 43.66
CA THR L 150 -98.31 12.05 43.98
C THR L 150 -97.03 11.37 44.41
N ALA L 151 -95.89 11.99 44.12
CA ALA L 151 -94.63 11.28 44.29
C ALA L 151 -93.79 11.71 45.50
N THR L 152 -93.12 10.73 46.09
CA THR L 152 -92.21 10.99 47.19
C THR L 152 -90.79 10.67 46.74
N GLY L 153 -90.47 11.13 45.54
CA GLY L 153 -89.14 10.95 44.99
C GLY L 153 -88.25 12.02 45.56
N PRO L 154 -86.95 11.86 45.44
CA PRO L 154 -86.01 12.86 45.92
C PRO L 154 -86.29 14.30 45.46
N ARG L 155 -85.87 14.61 44.25
CA ARG L 155 -85.95 15.97 43.76
C ARG L 155 -87.39 16.38 43.54
N GLY L 156 -88.31 15.64 44.14
CA GLY L 156 -89.72 15.89 43.92
C GLY L 156 -90.19 15.17 42.67
N ILE L 157 -89.60 14.01 42.40
CA ILE L 157 -89.95 13.24 41.19
C ILE L 157 -90.95 12.13 41.45
N PHE L 158 -91.59 11.69 40.37
CA PHE L 158 -92.60 10.61 40.43
C PHE L 158 -91.92 9.27 40.10
N THR L 159 -91.09 8.80 41.00
CA THR L 159 -90.35 7.57 40.81
C THR L 159 -91.21 6.40 40.33
N LYS L 160 -90.63 5.59 39.44
CA LYS L 160 -91.15 4.25 39.19
C LYS L 160 -91.89 3.74 40.41
N GLU L 161 -91.17 3.69 41.54
CA GLU L 161 -91.74 3.51 42.89
C GLU L 161 -93.17 4.06 42.93
N ASP L 162 -93.32 5.32 42.52
CA ASP L 162 -94.59 6.03 42.60
C ASP L 162 -95.60 5.48 41.61
N ALA L 163 -95.10 5.16 40.43
CA ALA L 163 -95.94 4.65 39.35
C ALA L 163 -96.44 3.28 39.64
N LEU L 164 -95.55 2.39 40.07
CA LEU L 164 -95.93 1.00 40.35
C LEU L 164 -97.13 1.02 41.28
N LYS L 165 -97.19 2.00 42.19
CA LYS L 165 -98.37 2.12 43.03
C LYS L 165 -99.61 2.37 42.17
N LEU L 166 -99.60 3.44 41.39
CA LEU L 166 -100.75 3.75 40.55
C LEU L 166 -101.23 2.46 39.89
N VAL L 167 -100.51 2.01 38.87
CA VAL L 167 -100.78 0.71 38.30
C VAL L 167 -101.42 -0.22 39.35
N GLN L 168 -100.70 -0.50 40.43
CA GLN L 168 -101.21 -1.39 41.47
C GLN L 168 -102.64 -1.03 41.89
N LEU L 169 -102.85 0.25 42.20
CA LEU L 169 -104.12 0.67 42.77
C LEU L 169 -105.27 0.60 41.77
N LYS L 170 -104.96 0.69 40.48
CA LYS L 170 -105.96 0.51 39.43
C LYS L 170 -106.42 -0.94 39.26
N GLN L 171 -105.49 -1.88 39.20
CA GLN L 171 -105.87 -3.29 39.03
C GLN L 171 -106.70 -3.77 40.23
N THR L 172 -106.55 -3.06 41.34
CA THR L 172 -107.24 -3.40 42.59
C THR L 172 -108.53 -2.62 42.69
N GLY L 173 -109.65 -3.34 42.56
CA GLY L 173 -110.95 -2.69 42.62
C GLY L 173 -110.79 -1.26 42.12
N ARG M 130 -11.12 19.57 49.66
CA ARG M 130 -12.18 20.63 49.66
C ARG M 130 -12.69 20.95 48.24
N LEU M 131 -11.81 21.47 47.38
CA LEU M 131 -12.16 21.66 45.97
C LEU M 131 -12.39 20.31 45.29
N SER M 132 -12.69 20.32 43.99
CA SER M 132 -12.84 19.04 43.29
C SER M 132 -12.51 19.17 41.83
N PRO M 133 -11.44 18.48 41.42
CA PRO M 133 -10.83 18.72 40.12
C PRO M 133 -11.76 19.47 39.17
N ALA M 134 -12.91 18.87 38.88
CA ALA M 134 -13.86 19.40 37.93
C ALA M 134 -14.41 20.72 38.41
N ALA M 135 -14.92 20.68 39.64
CA ALA M 135 -15.55 21.80 40.33
C ALA M 135 -14.62 23.01 40.46
N ARG M 136 -13.45 22.81 41.07
CA ARG M 136 -12.53 23.91 41.23
C ARG M 136 -12.43 24.59 39.87
N ASN M 137 -12.53 23.81 38.79
CA ASN M 137 -12.41 24.43 37.47
C ASN M 137 -13.60 25.27 37.03
N ILE M 138 -14.77 24.64 36.97
CA ILE M 138 -15.98 25.34 36.55
C ILE M 138 -16.19 26.77 37.16
N LEU M 139 -15.69 26.99 38.38
CA LEU M 139 -15.90 28.23 39.16
C LEU M 139 -14.86 29.30 38.86
N GLU M 140 -13.61 28.88 38.62
CA GLU M 140 -12.64 29.84 38.19
C GLU M 140 -13.16 30.46 36.90
N LYS M 141 -13.82 29.66 36.05
CA LYS M 141 -14.26 30.12 34.72
C LYS M 141 -15.48 31.01 34.84
N HIS M 142 -16.25 30.79 35.89
CA HIS M 142 -17.38 31.66 36.17
C HIS M 142 -17.01 32.60 37.31
N SER M 143 -15.74 32.63 37.71
CA SER M 143 -15.27 33.57 38.75
C SER M 143 -16.25 33.65 39.90
N LEU M 144 -16.53 32.49 40.51
CA LEU M 144 -17.36 32.40 41.70
C LEU M 144 -16.55 31.75 42.79
N ASP M 145 -17.16 31.54 43.94
CA ASP M 145 -16.48 30.86 45.03
C ASP M 145 -17.39 29.83 45.66
N ALA M 146 -16.77 28.84 46.30
CA ALA M 146 -17.53 27.86 47.06
C ALA M 146 -18.23 28.57 48.22
N SER M 147 -17.59 29.60 48.79
CA SER M 147 -18.16 30.35 49.93
C SER M 147 -19.64 30.72 49.76
N GLN M 148 -20.05 31.14 48.57
CA GLN M 148 -21.46 31.47 48.33
C GLN M 148 -22.48 30.36 48.71
N GLY M 149 -22.52 29.26 47.96
CA GLY M 149 -23.52 28.22 48.21
C GLY M 149 -23.00 26.99 48.96
N THR M 150 -23.91 26.20 49.56
CA THR M 150 -23.53 25.03 50.36
C THR M 150 -22.65 24.07 49.59
N ALA M 151 -22.28 22.95 50.19
CA ALA M 151 -21.44 21.98 49.47
C ALA M 151 -21.77 20.52 49.78
N THR M 152 -22.25 19.81 48.76
CA THR M 152 -22.59 18.40 48.94
C THR M 152 -21.33 17.66 48.65
N GLY M 153 -21.32 16.37 48.98
CA GLY M 153 -20.16 15.55 48.65
C GLY M 153 -19.87 14.49 49.69
N PRO M 154 -19.61 13.28 49.21
CA PRO M 154 -19.30 12.14 50.08
C PRO M 154 -18.38 12.45 51.26
N ARG M 155 -17.08 12.64 51.00
CA ARG M 155 -16.13 12.87 52.08
C ARG M 155 -16.26 14.34 52.51
N GLY M 156 -17.37 14.95 52.15
CA GLY M 156 -17.63 16.34 52.52
C GLY M 156 -16.93 17.36 51.65
N ILE M 157 -16.54 16.95 50.45
CA ILE M 157 -15.91 17.86 49.50
C ILE M 157 -16.91 18.49 48.53
N PHE M 158 -16.50 19.58 47.89
CA PHE M 158 -17.33 20.31 46.93
C PHE M 158 -17.52 19.54 45.62
N THR M 159 -18.76 19.26 45.30
CA THR M 159 -19.13 18.46 44.14
C THR M 159 -19.22 19.26 42.84
N LYS M 160 -18.87 18.62 41.74
CA LYS M 160 -19.12 19.26 40.46
C LYS M 160 -20.61 19.59 40.35
N GLU M 161 -21.45 18.76 40.98
CA GLU M 161 -22.89 19.02 41.02
C GLU M 161 -23.08 20.34 41.76
N ASP M 162 -22.44 20.44 42.93
CA ASP M 162 -22.54 21.61 43.79
C ASP M 162 -22.09 22.83 43.01
N ALA M 163 -20.95 22.70 42.36
CA ALA M 163 -20.40 23.81 41.61
C ALA M 163 -21.55 24.30 40.77
N LEU M 164 -22.21 23.36 40.08
CA LEU M 164 -23.21 23.73 39.06
C LEU M 164 -24.46 24.45 39.62
N LYS M 165 -25.10 23.87 40.65
CA LYS M 165 -26.21 24.53 41.35
C LYS M 165 -25.94 26.05 41.32
N LEU M 166 -24.75 26.42 41.81
CA LEU M 166 -24.35 27.84 41.91
C LEU M 166 -24.47 28.56 40.57
N VAL M 167 -23.66 28.13 39.63
CA VAL M 167 -23.63 28.71 38.30
C VAL M 167 -24.99 28.99 37.67
N GLN M 168 -26.00 28.16 37.96
CA GLN M 168 -27.36 28.47 37.50
C GLN M 168 -28.11 29.41 38.46
N LEU M 169 -28.12 29.05 39.75
CA LEU M 169 -28.56 29.97 40.80
C LEU M 169 -28.01 31.38 40.48
N LYS M 170 -26.75 31.45 40.05
CA LYS M 170 -26.03 32.72 39.86
C LYS M 170 -26.46 33.53 38.64
N GLN M 171 -27.03 32.87 37.64
CA GLN M 171 -27.47 33.59 36.44
C GLN M 171 -28.76 34.36 36.67
N THR M 172 -29.73 33.77 37.37
CA THR M 172 -30.93 34.50 37.76
C THR M 172 -31.36 34.10 39.17
N GLY M 173 -31.37 35.07 40.09
CA GLY M 173 -31.90 34.84 41.42
C GLY M 173 -30.90 34.21 42.39
N ARG N 130 -48.17 -16.85 -17.90
CA ARG N 130 -49.13 -17.52 -16.99
C ARG N 130 -48.49 -17.66 -15.61
N LEU N 131 -47.42 -18.42 -15.52
CA LEU N 131 -46.83 -18.70 -14.23
C LEU N 131 -45.52 -17.91 -14.12
N SER N 132 -45.07 -17.68 -12.88
CA SER N 132 -43.82 -16.95 -12.63
C SER N 132 -42.91 -17.86 -11.87
N PRO N 133 -41.62 -17.59 -11.99
CA PRO N 133 -40.63 -18.50 -11.45
C PRO N 133 -41.07 -18.93 -10.04
N ALA N 134 -41.66 -18.00 -9.29
CA ALA N 134 -42.01 -18.26 -7.92
C ALA N 134 -43.20 -19.20 -7.89
N ALA N 135 -44.30 -18.79 -8.52
CA ALA N 135 -45.53 -19.59 -8.48
C ALA N 135 -45.25 -21.00 -8.95
N ARG N 136 -44.84 -21.14 -10.22
CA ARG N 136 -44.53 -22.48 -10.71
C ARG N 136 -44.02 -23.22 -9.49
N ASN N 137 -42.88 -22.76 -9.01
CA ASN N 137 -42.20 -23.47 -7.97
C ASN N 137 -43.06 -23.89 -6.84
N ILE N 138 -43.76 -22.92 -6.25
CA ILE N 138 -44.62 -23.21 -5.10
C ILE N 138 -45.76 -24.16 -5.47
N LEU N 139 -46.58 -23.77 -6.43
CA LEU N 139 -47.64 -24.67 -6.90
C LEU N 139 -47.08 -26.05 -7.16
N GLU N 140 -45.84 -26.13 -7.63
CA GLU N 140 -45.33 -27.43 -8.01
C GLU N 140 -45.09 -28.24 -6.73
N LYS N 141 -44.56 -27.58 -5.69
CA LYS N 141 -44.20 -28.23 -4.45
C LYS N 141 -45.36 -28.36 -3.50
N HIS N 142 -46.57 -28.32 -4.05
CA HIS N 142 -47.77 -28.75 -3.35
C HIS N 142 -48.74 -29.43 -4.33
N SER N 143 -48.18 -30.05 -5.36
CA SER N 143 -48.96 -30.77 -6.36
C SER N 143 -50.08 -29.91 -7.01
N LEU N 144 -50.25 -28.70 -6.50
CA LEU N 144 -51.29 -27.77 -6.94
C LEU N 144 -51.25 -27.32 -8.42
N ASP N 145 -52.41 -26.94 -8.96
CA ASP N 145 -52.57 -26.54 -10.36
C ASP N 145 -53.31 -25.19 -10.49
N ALA N 146 -52.67 -24.23 -11.15
CA ALA N 146 -53.22 -22.88 -11.33
C ALA N 146 -54.69 -22.96 -11.76
N SER N 147 -54.96 -23.74 -12.81
CA SER N 147 -56.32 -23.88 -13.29
C SER N 147 -57.26 -23.47 -12.17
N GLN N 148 -57.15 -24.12 -11.02
CA GLN N 148 -58.03 -23.79 -9.91
C GLN N 148 -57.44 -22.68 -9.01
N GLY N 149 -57.68 -21.43 -9.42
CA GLY N 149 -57.16 -20.27 -8.72
C GLY N 149 -57.40 -19.06 -9.60
N THR N 150 -56.73 -17.96 -9.33
CA THR N 150 -57.02 -16.74 -10.07
C THR N 150 -55.78 -15.88 -10.20
N ALA N 151 -55.61 -15.27 -11.38
CA ALA N 151 -54.43 -14.50 -11.73
C ALA N 151 -54.54 -13.01 -11.45
N THR N 152 -53.44 -12.43 -10.99
CA THR N 152 -53.30 -10.98 -10.87
C THR N 152 -52.07 -10.58 -11.67
N GLY N 153 -51.82 -9.29 -11.77
CA GLY N 153 -50.55 -8.84 -12.32
C GLY N 153 -50.69 -8.00 -13.56
N PRO N 154 -49.86 -6.99 -13.67
CA PRO N 154 -49.89 -6.03 -14.78
C PRO N 154 -50.11 -6.68 -16.14
N ARG N 155 -49.59 -7.88 -16.32
CA ARG N 155 -49.91 -8.75 -17.44
C ARG N 155 -50.62 -9.99 -16.87
N GLY N 156 -51.21 -10.80 -17.73
CA GLY N 156 -52.17 -11.79 -17.27
C GLY N 156 -51.63 -13.08 -16.70
N ILE N 157 -50.67 -12.96 -15.79
CA ILE N 157 -49.96 -14.12 -15.23
C ILE N 157 -50.16 -14.31 -13.71
N PHE N 158 -50.16 -15.58 -13.31
CA PHE N 158 -50.28 -16.01 -11.92
C PHE N 158 -49.08 -15.66 -11.02
N THR N 159 -49.28 -14.81 -10.01
CA THR N 159 -48.15 -14.34 -9.21
C THR N 159 -47.85 -15.17 -7.96
N LYS N 160 -46.72 -14.85 -7.34
CA LYS N 160 -46.34 -15.51 -6.12
C LYS N 160 -47.44 -15.42 -5.11
N GLU N 161 -48.19 -14.31 -5.17
CA GLU N 161 -49.21 -13.97 -4.18
C GLU N 161 -50.37 -14.87 -4.44
N ASP N 162 -50.61 -15.12 -5.72
CA ASP N 162 -51.73 -15.96 -6.13
C ASP N 162 -51.42 -17.36 -5.61
N ALA N 163 -50.18 -17.80 -5.83
CA ALA N 163 -49.75 -19.06 -5.29
C ALA N 163 -50.02 -19.17 -3.78
N LEU N 164 -49.60 -18.17 -3.04
CA LEU N 164 -49.84 -18.18 -1.61
C LEU N 164 -51.35 -18.31 -1.38
N LYS N 165 -52.12 -17.30 -1.79
CA LYS N 165 -53.57 -17.35 -1.74
C LYS N 165 -54.06 -18.78 -2.06
N LEU N 166 -53.56 -19.38 -3.12
CA LEU N 166 -53.94 -20.76 -3.33
C LEU N 166 -53.60 -21.65 -2.12
N VAL N 167 -52.40 -21.52 -1.55
CA VAL N 167 -51.97 -22.42 -0.45
C VAL N 167 -52.90 -22.37 0.77
N GLN N 168 -53.08 -21.18 1.33
CA GLN N 168 -54.09 -20.97 2.35
C GLN N 168 -55.33 -21.81 2.01
N LEU N 169 -56.02 -21.44 0.92
CA LEU N 169 -57.30 -22.08 0.53
C LEU N 169 -57.32 -23.61 0.53
N LYS N 170 -56.29 -24.25 -0.01
CA LYS N 170 -56.18 -25.70 0.09
C LYS N 170 -55.35 -25.99 1.31
N GLN N 171 -55.14 -24.96 2.13
CA GLN N 171 -54.67 -25.17 3.48
C GLN N 171 -55.91 -25.20 4.38
N THR N 172 -57.08 -25.03 3.76
CA THR N 172 -58.38 -25.05 4.45
C THR N 172 -59.47 -25.60 3.53
N GLY N 173 -59.88 -26.84 3.78
CA GLY N 173 -60.93 -27.45 2.98
C GLY N 173 -60.40 -28.62 2.18
N ARG O 130 34.96 25.78 -72.82
CA ARG O 130 34.37 27.12 -73.12
C ARG O 130 33.82 27.95 -71.89
N LEU O 131 33.33 27.33 -70.82
CA LEU O 131 32.77 28.16 -69.73
C LEU O 131 33.21 27.95 -68.27
N SER O 132 33.78 28.99 -67.68
CA SER O 132 34.43 28.93 -66.34
C SER O 132 33.44 28.78 -65.17
N PRO O 133 33.89 28.14 -64.08
CA PRO O 133 33.04 27.97 -62.89
C PRO O 133 32.28 29.23 -62.58
N ALA O 134 33.00 30.36 -62.65
CA ALA O 134 32.48 31.63 -62.22
C ALA O 134 31.52 32.23 -63.23
N ALA O 135 31.91 32.18 -64.50
CA ALA O 135 31.06 32.74 -65.54
C ALA O 135 29.71 32.01 -65.52
N ARG O 136 29.78 30.69 -65.59
CA ARG O 136 28.59 29.83 -65.53
C ARG O 136 27.70 30.23 -64.37
N ASN O 137 28.30 30.69 -63.28
CA ASN O 137 27.49 31.01 -62.14
C ASN O 137 26.71 32.33 -62.21
N ILE O 138 27.24 33.33 -62.92
CA ILE O 138 26.55 34.63 -62.99
C ILE O 138 25.55 34.63 -64.12
N LEU O 139 26.03 34.37 -65.33
CA LEU O 139 25.15 34.09 -66.46
C LEU O 139 23.87 33.27 -66.12
N GLU O 140 23.94 32.44 -65.08
CA GLU O 140 22.81 31.68 -64.59
C GLU O 140 22.05 32.52 -63.56
N LYS O 141 22.50 33.74 -63.33
CA LYS O 141 21.84 34.56 -62.31
C LYS O 141 21.12 35.71 -62.95
N HIS O 142 21.61 36.16 -64.10
CA HIS O 142 20.94 37.21 -64.85
C HIS O 142 20.44 36.60 -66.16
N SER O 143 20.35 35.27 -66.18
CA SER O 143 19.88 34.52 -67.35
C SER O 143 20.39 35.03 -68.70
N LEU O 144 21.70 35.25 -68.82
CA LEU O 144 22.24 35.73 -70.09
C LEU O 144 22.66 34.58 -71.00
N ASP O 145 23.52 34.84 -71.97
CA ASP O 145 23.95 33.79 -72.88
C ASP O 145 25.40 33.95 -73.30
N ALA O 146 26.11 32.83 -73.37
CA ALA O 146 27.47 32.87 -73.85
C ALA O 146 27.50 33.20 -75.35
N SER O 147 26.54 32.73 -76.13
CA SER O 147 26.51 33.05 -77.57
C SER O 147 26.41 34.56 -77.88
N GLN O 148 26.06 35.37 -76.88
CA GLN O 148 25.95 36.82 -77.07
C GLN O 148 27.33 37.51 -77.24
N GLY O 149 28.12 37.60 -76.17
CA GLY O 149 29.45 38.21 -76.24
C GLY O 149 30.50 37.28 -76.81
N THR O 150 31.78 37.66 -76.78
CA THR O 150 32.84 36.75 -77.19
C THR O 150 33.84 36.47 -76.05
N ALA O 151 34.65 35.41 -76.21
CA ALA O 151 35.56 34.94 -75.15
C ALA O 151 36.95 35.56 -75.18
N THR O 152 37.43 36.00 -74.02
CA THR O 152 38.74 36.65 -73.85
C THR O 152 39.51 35.83 -72.86
N GLY O 153 39.94 34.66 -73.31
CA GLY O 153 40.46 33.67 -72.39
C GLY O 153 41.44 32.78 -73.09
N PRO O 154 42.37 32.25 -72.31
CA PRO O 154 43.54 31.53 -72.82
C PRO O 154 43.22 30.34 -73.72
N ARG O 155 42.74 29.24 -73.16
CA ARG O 155 42.27 28.15 -73.99
C ARG O 155 40.90 28.51 -74.58
N GLY O 156 40.69 29.80 -74.82
CA GLY O 156 39.42 30.30 -75.31
C GLY O 156 38.32 30.01 -74.33
N ILE O 157 38.17 30.88 -73.36
CA ILE O 157 37.27 30.60 -72.26
C ILE O 157 36.55 31.83 -71.83
N PHE O 158 35.24 31.73 -71.79
CA PHE O 158 34.42 32.78 -71.25
C PHE O 158 34.68 32.90 -69.76
N THR O 159 35.48 33.92 -69.39
CA THR O 159 35.91 34.16 -68.01
C THR O 159 35.02 35.14 -67.28
N LYS O 160 35.40 35.47 -66.06
CA LYS O 160 34.70 36.47 -65.31
C LYS O 160 34.80 37.80 -66.10
N GLU O 161 35.92 37.97 -66.81
CA GLU O 161 36.12 39.16 -67.62
C GLU O 161 34.86 39.33 -68.50
N ASP O 162 34.67 38.40 -69.45
CA ASP O 162 33.57 38.45 -70.42
C ASP O 162 32.16 38.15 -69.88
N ALA O 163 32.05 37.39 -68.80
CA ALA O 163 30.73 37.15 -68.24
C ALA O 163 30.13 38.46 -67.80
N LEU O 164 30.93 39.25 -67.09
CA LEU O 164 30.51 40.54 -66.56
C LEU O 164 30.26 41.62 -67.64
N LYS O 165 31.10 41.67 -68.69
CA LYS O 165 30.92 42.59 -69.85
C LYS O 165 29.59 42.39 -70.63
N LEU O 166 28.93 41.26 -70.40
CA LEU O 166 27.62 40.97 -70.99
C LEU O 166 26.49 41.38 -70.03
N VAL O 167 26.83 41.56 -68.76
CA VAL O 167 25.88 42.07 -67.81
C VAL O 167 25.84 43.54 -68.06
N GLN O 168 27.03 44.11 -68.14
CA GLN O 168 27.20 45.52 -68.45
C GLN O 168 26.38 45.85 -69.70
N LEU O 169 26.60 45.13 -70.78
CA LEU O 169 25.90 45.45 -72.01
C LEU O 169 24.41 45.28 -71.77
N LYS O 170 24.04 44.43 -70.80
CA LYS O 170 22.64 44.30 -70.39
C LYS O 170 22.05 45.62 -69.88
N GLN O 171 22.57 46.16 -68.78
CA GLN O 171 22.07 47.42 -68.18
C GLN O 171 22.11 48.68 -69.09
N THR O 172 23.30 49.21 -69.37
CA THR O 172 23.43 50.32 -70.32
C THR O 172 23.47 49.79 -71.75
N GLY O 173 22.51 50.23 -72.56
CA GLY O 173 22.38 49.75 -73.93
C GLY O 173 21.65 48.41 -73.89
PA FAD P . 58.62 -6.83 19.32
O1A FAD P . 58.89 -7.92 18.39
O2A FAD P . 58.40 -7.29 20.75
O5B FAD P . 59.89 -5.88 19.28
C5B FAD P . 60.17 -4.93 20.27
C4B FAD P . 61.66 -4.66 20.09
O4B FAD P . 62.10 -3.53 20.81
C3B FAD P . 62.56 -5.77 20.56
O3B FAD P . 63.48 -5.78 19.49
C2B FAD P . 63.16 -5.24 21.86
O2B FAD P . 64.46 -5.59 22.13
C1B FAD P . 63.26 -3.80 21.56
N9A FAD P . 63.14 -2.88 22.67
C8A FAD P . 62.21 -2.84 23.69
N7A FAD P . 62.40 -1.78 24.45
C5A FAD P . 63.44 -1.15 23.92
C6A FAD P . 64.08 -0.02 24.27
N6A FAD P . 63.63 0.64 25.30
N1A FAD P . 65.15 0.40 23.49
C2A FAD P . 65.60 -0.27 22.37
N3A FAD P . 64.96 -1.39 22.01
C4A FAD P . 63.92 -1.79 22.78
N1 FAD P . 52.61 -13.21 15.70
C2 FAD P . 51.99 -13.47 14.51
O2 FAD P . 51.41 -12.60 13.89
N3 FAD P . 52.03 -14.73 14.00
C4 FAD P . 52.68 -15.72 14.71
O4 FAD P . 52.78 -16.84 14.15
C4X FAD P . 53.31 -15.47 15.91
N5 FAD P . 53.99 -16.47 16.59
C5X FAD P . 54.61 -16.22 17.77
C6 FAD P . 55.28 -17.23 18.43
C7 FAD P . 55.92 -16.95 19.62
C7M FAD P . 56.57 -18.01 20.42
C8 FAD P . 55.92 -15.68 20.14
C8M FAD P . 57.01 -15.33 21.11
C9 FAD P . 55.23 -14.68 19.48
C9A FAD P . 54.58 -14.92 18.28
N10 FAD P . 53.91 -13.89 17.59
C10 FAD P . 53.29 -14.19 16.40
C1' FAD P . 53.71 -12.52 18.19
C2' FAD P . 54.50 -11.49 17.43
O2' FAD P . 55.85 -11.71 17.64
C3' FAD P . 54.25 -10.10 17.91
O3' FAD P . 52.99 -9.67 17.47
C4' FAD P . 55.34 -9.15 17.37
O4' FAD P . 56.58 -9.68 17.75
C5' FAD P . 55.23 -7.74 17.93
O5' FAD P . 56.10 -6.97 17.18
P FAD P . 56.50 -5.57 17.75
O1P FAD P . 57.14 -4.76 16.69
O2P FAD P . 55.26 -5.03 18.43
O3P FAD P . 57.39 -5.90 19.01
PA FAD Q . 35.96 -34.92 -18.86
O1A FAD Q . 36.67 -35.08 -17.59
O2A FAD Q . 36.78 -35.28 -20.07
O5B FAD Q . 34.72 -35.90 -18.77
C5B FAD Q . 33.98 -36.31 -19.91
C4B FAD Q . 33.28 -37.57 -19.43
O4B FAD Q . 32.28 -38.00 -20.33
C3B FAD Q . 34.17 -38.77 -19.27
O3B FAD Q . 33.67 -39.27 -18.05
C2B FAD Q . 33.83 -39.66 -20.48
O2B FAD Q . 33.85 -41.02 -20.27
C1B FAD Q . 32.38 -39.37 -20.60
N9A FAD Q . 31.83 -39.46 -21.95
C8A FAD Q . 32.29 -38.91 -23.13
N7A FAD Q . 31.42 -39.15 -24.11
C5A FAD Q . 30.42 -39.82 -23.55
C6A FAD Q . 29.28 -40.30 -24.05
N6A FAD Q . 29.04 -40.11 -25.32
N1A FAD Q . 28.41 -40.95 -23.20
C2A FAD Q . 28.64 -41.13 -21.84
N3A FAD Q . 29.78 -40.64 -21.34
C4A FAD Q . 30.63 -40.00 -22.18
N1 FAD Q . 42.70 -29.39 -15.13
C2 FAD Q . 42.84 -28.47 -14.13
O2 FAD Q . 42.04 -27.56 -13.98
N3 FAD Q . 43.89 -28.57 -13.28
C4 FAD Q . 44.79 -29.60 -13.42
O4 FAD Q . 45.66 -29.72 -12.56
C4X FAD Q . 44.67 -30.54 -14.44
N5 FAD Q . 45.57 -31.57 -14.57
C5X FAD Q . 45.44 -32.50 -15.57
C6 FAD Q . 46.35 -33.52 -15.69
C7 FAD Q . 46.20 -34.46 -16.69
C7M FAD Q . 47.20 -35.53 -16.91
C8 FAD Q . 45.15 -34.39 -17.56
C8M FAD Q . 44.74 -35.65 -18.26
C9 FAD Q . 44.24 -33.34 -17.44
C9A FAD Q . 44.36 -32.39 -16.45
N10 FAD Q . 43.43 -31.34 -16.31
C10 FAD Q . 43.59 -30.43 -15.30
C1' FAD Q . 42.36 -31.09 -17.34
C2' FAD Q . 41.00 -31.37 -16.75
O2' FAD Q . 40.86 -32.74 -16.53
C3' FAD Q . 39.87 -31.04 -17.69
O3' FAD Q . 39.72 -29.66 -17.77
C4' FAD Q . 38.57 -31.69 -17.21
O4' FAD Q . 38.81 -33.05 -17.06
C5' FAD Q . 37.42 -31.50 -18.20
O5' FAD Q . 36.27 -31.91 -17.51
P FAD Q . 35.00 -32.20 -18.37
O1P FAD Q . 33.82 -32.30 -17.48
O2P FAD Q . 35.00 -31.18 -19.48
O3P FAD Q . 35.36 -33.51 -19.18
PA FAD R . -55.34 17.79 53.46
O1A FAD R . -55.05 17.61 52.03
O2A FAD R . -54.62 16.81 54.36
O5B FAD R . -54.88 19.25 53.82
C5B FAD R . -54.67 19.69 55.14
C4B FAD R . -53.78 20.91 54.97
O4B FAD R . -53.66 21.67 56.16
C3B FAD R . -52.36 20.62 54.58
O3B FAD R . -52.17 21.61 53.60
C2B FAD R . -51.56 20.85 55.86
O2B FAD R . -50.29 21.39 55.72
C1B FAD R . -52.33 21.98 56.44
N9A FAD R . -52.33 22.07 57.90
C8A FAD R . -52.57 21.11 58.84
N7A FAD R . -52.60 21.64 60.06
C5A FAD R . -52.38 22.94 59.87
C6A FAD R . -52.28 23.96 60.74
N6A FAD R . -52.45 23.70 62.01
N1A FAD R . -52.04 25.22 60.23
C2A FAD R . -51.91 25.51 58.89
N3A FAD R . -52.00 24.50 58.02
C4A FAD R . -52.22 23.26 58.52
N1 FAD R . -58.42 11.04 47.54
C2 FAD R . -59.31 10.91 46.50
O2 FAD R . -60.45 11.33 46.59
N3 FAD R . -58.91 10.29 45.36
C4 FAD R . -57.62 9.82 45.25
O4 FAD R . -57.27 9.37 44.16
C4X FAD R . -56.71 9.95 46.30
N5 FAD R . -55.42 9.48 46.17
C5X FAD R . -54.52 9.62 47.19
C6 FAD R . -53.23 9.15 47.06
C7 FAD R . -52.34 9.30 48.09
C7M FAD R . -50.97 8.74 48.02
C8 FAD R . -52.70 9.93 49.25
C8M FAD R . -51.62 10.52 50.10
C9 FAD R . -54.00 10.39 49.38
C9A FAD R . -54.93 10.25 48.37
N10 FAD R . -56.25 10.73 48.50
C10 FAD R . -57.13 10.58 47.45
C1' FAD R . -56.78 11.27 49.80
C2' FAD R . -57.04 12.75 49.70
O2' FAD R . -55.83 13.42 49.59
C3' FAD R . -57.67 13.32 50.94
O3' FAD R . -59.02 12.93 51.00
C4' FAD R . -57.57 14.85 50.93
O4' FAD R . -56.23 15.18 50.77
C5' FAD R . -58.07 15.49 52.22
O5' FAD R . -58.15 16.85 51.95
P FAD R . -58.26 17.80 53.19
O1P FAD R . -58.66 19.15 52.72
O2P FAD R . -59.12 17.09 54.20
O3P FAD R . -56.86 17.70 53.89
PA FAD S . -77.51 -0.35 8.93
O1A FAD S . -76.46 -0.24 9.91
O2A FAD S . -77.05 0.28 7.64
O5B FAD S . -77.90 -1.82 8.61
C5B FAD S . -78.63 -2.10 7.45
C4B FAD S . -78.42 -3.58 7.23
O4B FAD S . -79.48 -4.15 6.50
C3B FAD S . -77.17 -3.81 6.39
O3B FAD S . -76.45 -4.88 6.93
C2B FAD S . -77.65 -4.22 5.03
O2B FAD S . -76.84 -5.22 4.52
C1B FAD S . -78.97 -4.83 5.35
N9A FAD S . -80.00 -4.69 4.32
C8A FAD S . -80.47 -3.52 3.76
N7A FAD S . -81.47 -3.83 2.91
C5A FAD S . -81.65 -5.19 2.95
C6A FAD S . -82.53 -6.02 2.28
N6A FAD S . -83.55 -5.49 1.62
N1A FAD S . -82.48 -7.37 2.52
C2A FAD S . -81.57 -7.89 3.39
N3A FAD S . -80.71 -7.05 4.05
C4A FAD S . -80.75 -5.73 3.82
N1 FAD S . -73.21 5.96 14.10
C2 FAD S . -73.06 6.30 15.41
O2 FAD S . -74.03 6.27 16.17
N3 FAD S . -71.81 6.70 15.88
C4 FAD S . -70.71 6.75 15.05
O4 FAD S . -69.59 6.92 15.54
C4X FAD S . -70.89 6.36 13.73
N5 FAD S . -69.85 6.37 12.86
C5X FAD S . -70.04 6.02 11.55
C6 FAD S . -68.96 6.06 10.68
C7 FAD S . -69.07 5.67 9.36
C7M FAD S . -67.82 5.51 8.54
C8 FAD S . -70.33 5.26 8.90
C8M FAD S . -70.48 4.60 7.55
C9 FAD S . -71.40 5.22 9.78
C9A FAD S . -71.27 5.61 11.10
N10 FAD S . -72.35 5.59 11.98
C10 FAD S . -72.14 5.98 13.27
C1' FAD S . -73.79 5.48 11.54
C2' FAD S . -74.35 4.11 11.90
O2' FAD S . -73.54 3.13 11.30
C3' FAD S . -75.76 3.90 11.45
O3' FAD S . -76.46 4.94 12.01
C4' FAD S . -76.35 2.62 12.01
O4' FAD S . -75.54 1.61 11.52
C5' FAD S . -77.84 2.50 11.65
O5' FAD S . -78.32 1.20 11.78
P FAD S . -79.41 0.57 10.83
O1P FAD S . -80.00 -0.65 11.40
O2P FAD S . -80.44 1.64 10.48
O3P FAD S . -78.85 0.25 9.40
PA FAD T . -13.20 -18.67 52.56
O1A FAD T . -11.97 -18.37 51.81
O2A FAD T . -14.08 -19.71 51.89
O5B FAD T . -12.75 -19.21 53.96
C5B FAD T . -13.59 -19.92 54.83
C4B FAD T . -12.62 -20.66 55.75
O4B FAD T . -13.26 -21.23 56.87
C3B FAD T . -11.89 -21.81 55.13
O3B FAD T . -10.60 -21.59 55.64
C2B FAD T . -12.57 -23.04 55.70
O2B FAD T . -11.76 -24.14 55.95
C1B FAD T . -12.88 -22.56 57.08
N9A FAD T . -14.06 -23.14 57.71
C8A FAD T . -15.33 -23.30 57.21
N7A FAD T . -16.14 -23.77 58.16
C5A FAD T . -15.37 -23.87 59.25
C6A FAD T . -15.65 -24.29 60.49
N6A FAD T . -16.88 -24.65 60.75
N1A FAD T . -14.62 -24.28 61.42
C2A FAD T . -13.34 -23.86 61.15
N3A FAD T . -13.06 -23.44 59.92
C4A FAD T . -14.07 -23.46 59.01
N1 FAD T . -12.13 -13.59 44.61
C2 FAD T . -11.65 -12.36 44.24
O2 FAD T . -11.97 -11.34 44.82
N3 FAD T . -10.80 -12.28 43.18
C4 FAD T . -10.42 -13.43 42.52
O4 FAD T . -9.55 -13.32 41.64
C4X FAD T . -10.90 -14.68 42.90
N5 FAD T . -10.51 -15.82 42.23
C5X FAD T . -10.97 -17.05 42.61
C6 FAD T . -10.57 -18.17 41.93
C7 FAD T . -11.03 -19.41 42.33
C7M FAD T . -10.70 -20.65 41.59
C8 FAD T . -11.88 -19.53 43.39
C8M FAD T . -11.95 -20.86 44.10
C9 FAD T . -12.29 -18.39 44.06
C9A FAD T . -11.85 -17.13 43.69
N10 FAD T . -12.25 -15.97 44.38
C10 FAD T . -11.75 -14.75 43.96
C1' FAD T . -13.32 -16.00 45.43
C2' FAD T . -12.73 -15.68 46.79
O2' FAD T . -11.91 -16.74 47.18
C3' FAD T . -13.76 -15.60 47.87
O3' FAD T . -14.47 -14.39 47.74
C4' FAD T . -13.10 -15.67 49.25
O4' FAD T . -12.33 -16.82 49.29
C5' FAD T . -14.10 -15.71 50.39
O5' FAD T . -13.37 -15.51 51.55
P FAD T . -14.05 -15.89 52.91
O1P FAD T . -13.27 -15.31 54.03
O2P FAD T . -15.51 -15.51 52.76
O3P FAD T . -14.16 -17.46 52.87
PA FAD U . 8.89 17.93 22.03
O1A FAD U . 8.55 16.51 22.06
O2A FAD U . 10.37 18.23 22.17
O5B FAD U . 8.40 18.47 20.62
C5B FAD U . 8.84 19.68 20.05
C4B FAD U . 8.56 19.50 18.57
O4B FAD U . 8.67 20.71 17.85
C3B FAD U . 9.47 18.56 17.84
O3B FAD U . 8.52 17.87 17.06
C2B FAD U . 10.39 19.47 17.04
O2B FAD U . 10.78 19.00 15.79
C1B FAD U . 9.44 20.55 16.69
N9A FAD U . 10.03 21.87 16.52
C8A FAD U . 10.91 22.56 17.31
N7A FAD U . 11.09 23.80 16.84
C5A FAD U . 10.33 23.87 15.76
C6A FAD U . 10.12 24.87 14.89
N6A FAD U . 10.74 26.00 15.10
N1A FAD U . 9.24 24.65 13.84
C2A FAD U . 8.54 23.47 13.65
N3A FAD U . 8.74 22.48 14.51
C4A FAD U . 9.62 22.69 15.53
N1 FAD U . 8.62 12.09 29.48
C2 FAD U . 7.68 11.46 30.27
O2 FAD U . 6.73 12.06 30.73
N3 FAD U . 7.83 10.14 30.52
C4 FAD U . 8.89 9.44 30.00
O4 FAD U . 8.92 8.21 30.18
C4X FAD U . 9.84 10.07 29.21
N5 FAD U . 10.90 9.36 28.68
C5X FAD U . 11.82 9.97 27.89
C6 FAD U . 12.89 9.25 27.37
C7 FAD U . 13.81 9.88 26.56
C7M FAD U . 15.00 9.16 26.04
C8 FAD U . 13.69 11.21 26.27
C8M FAD U . 14.38 11.71 25.03
C9 FAD U . 12.64 11.93 26.82
C9A FAD U . 11.69 11.33 27.63
N10 FAD U . 10.60 12.06 28.16
C10 FAD U . 9.69 11.41 28.95
C1' FAD U . 10.52 13.56 28.03
C2' FAD U . 9.36 13.93 27.14
O2' FAD U . 9.64 13.55 25.84
C3' FAD U . 9.15 15.42 27.06
O3' FAD U . 8.57 15.88 28.25
C4' FAD U . 8.23 15.77 25.87
O4' FAD U . 8.79 15.20 24.73
C5' FAD U . 8.08 17.26 25.65
O5' FAD U . 7.05 17.40 24.74
P FAD U . 6.92 18.79 24.02
O1P FAD U . 5.61 18.86 23.35
O2P FAD U . 7.28 19.82 25.06
O3P FAD U . 8.18 18.87 23.08
PA FAD V . -35.87 19.32 -23.61
O1A FAD V . -34.72 18.39 -23.72
O2A FAD V . -35.46 20.55 -22.78
O5B FAD V . -36.50 19.77 -25.03
C5B FAD V . -37.29 20.92 -25.22
C4B FAD V . -36.80 21.67 -26.47
O4B FAD V . -37.79 22.53 -26.98
C3B FAD V . -35.55 22.55 -26.30
O3B FAD V . -34.60 22.27 -27.31
C2B FAD V . -36.06 23.98 -26.45
O2B FAD V . -35.17 24.86 -27.12
C1B FAD V . -37.26 23.79 -27.34
N9A FAD V . -38.31 24.78 -27.15
C8A FAD V . -38.73 25.32 -25.97
N7A FAD V . -39.74 26.16 -26.25
C5A FAD V . -39.97 26.18 -27.59
C6A FAD V . -40.89 26.84 -28.42
N6A FAD V . -41.75 27.70 -27.93
N1A FAD V . -40.89 26.60 -29.76
C2A FAD V . -39.99 25.73 -30.32
N3A FAD V . -39.07 25.08 -29.52
C4A FAD V . -39.07 25.29 -28.17
N1 FAD V . -31.90 13.02 -17.92
C2 FAD V . -31.78 11.68 -17.82
O2 FAD V . -32.76 11.00 -17.95
N3 FAD V . -30.57 11.09 -17.58
C4 FAD V . -29.45 11.86 -17.45
O4 FAD V . -28.34 11.34 -17.35
C4X FAD V . -29.55 13.24 -17.53
N5 FAD V . -28.46 14.01 -17.40
C5X FAD V . -28.57 15.37 -17.50
C6 FAD V . -27.43 16.15 -17.35
C7 FAD V . -27.53 17.53 -17.45
C7M FAD V . -26.32 18.41 -17.62
C8 FAD V . -28.74 18.13 -17.69
C8M FAD V . -28.71 19.57 -18.09
C9 FAD V . -29.89 17.34 -17.84
C9A FAD V . -29.80 15.97 -17.72
N10 FAD V . -30.91 15.19 -17.87
C10 FAD V . -30.79 13.83 -17.76
C1' FAD V . -32.25 15.83 -17.98
C2' FAD V . -32.81 15.70 -19.36
O2' FAD V . -32.05 16.46 -20.20
C3' FAD V . -34.17 16.31 -19.49
O3' FAD V . -35.05 15.74 -18.53
C4' FAD V . -34.70 15.96 -20.86
O4' FAD V . -33.87 16.56 -21.81
C5' FAD V . -36.13 16.45 -21.05
O5' FAD V . -36.45 16.45 -22.41
P FAD V . -37.69 17.24 -22.92
O1P FAD V . -38.03 16.80 -24.27
O2P FAD V . -38.89 17.11 -22.01
O3P FAD V . -37.15 18.71 -22.87
PA FAD W . -15.86 -28.32 -11.66
O1A FAD W . -15.66 -26.89 -11.86
O2A FAD W . -15.12 -29.24 -12.63
O5B FAD W . -15.50 -28.70 -10.18
C5B FAD W . -15.36 -30.02 -9.80
C4B FAD W . -14.43 -30.14 -8.60
O4B FAD W . -14.38 -31.51 -8.31
C3B FAD W . -12.98 -29.82 -8.88
O3B FAD W . -12.42 -29.03 -7.86
C2B FAD W . -12.24 -31.14 -8.89
O2B FAD W . -11.00 -30.95 -8.28
C1B FAD W . -13.08 -31.87 -7.92
N9A FAD W . -13.08 -33.32 -7.91
C8A FAD W . -13.38 -34.08 -8.97
N7A FAD W . -13.44 -35.33 -8.53
C5A FAD W . -13.24 -35.36 -7.20
C6A FAD W . -13.18 -36.37 -6.30
N6A FAD W . -13.50 -37.57 -6.71
N1A FAD W . -12.94 -36.15 -5.00
C2A FAD W . -12.74 -34.87 -4.57
N3A FAD W . -12.80 -33.84 -5.49
C4A FAD W . -13.04 -34.09 -6.80
N1 FAD W . -18.43 -21.28 -17.45
C2 FAD W . -19.30 -20.22 -17.44
O2 FAD W . -20.47 -20.41 -17.12
N3 FAD W . -18.87 -18.97 -17.82
C4 FAD W . -17.58 -18.78 -18.21
O4 FAD W . -17.29 -17.66 -18.55
C4X FAD W . -16.67 -19.84 -18.21
N5 FAD W . -15.36 -19.68 -18.62
C5X FAD W . -14.52 -20.77 -18.61
C6 FAD W . -13.19 -20.58 -18.98
C7 FAD W . -12.33 -21.68 -18.95
C7M FAD W . -10.95 -21.61 -19.52
C8 FAD W . -12.80 -22.93 -18.57
C8M FAD W . -11.83 -24.06 -18.47
C9 FAD W . -14.12 -23.11 -18.20
C9A FAD W . -14.98 -22.04 -18.22
N10 FAD W . -16.29 -22.20 -17.84
C10 FAD W . -17.12 -21.11 -17.84
C1' FAD W . -16.86 -23.53 -17.52
C2' FAD W . -17.12 -23.57 -16.03
O2' FAD W . -15.89 -23.25 -15.40
C3' FAD W . -17.61 -24.92 -15.59
O3' FAD W . -18.80 -25.13 -16.28
C4' FAD W . -17.94 -24.97 -14.14
O4' FAD W . -16.70 -24.92 -13.56
C5' FAD W . -18.51 -26.31 -13.78
O5' FAD W . -18.38 -26.55 -12.40
P FAD W . -18.68 -27.98 -11.81
O1P FAD W . -19.07 -27.86 -10.44
O2P FAD W . -19.69 -28.77 -12.58
O3P FAD W . -17.34 -28.78 -11.83
PA FAD X . 71.35 19.97 -64.80
O1A FAD X . 70.62 19.11 -63.88
O2A FAD X . 72.44 20.80 -64.13
O5B FAD X . 72.02 19.02 -65.87
C5B FAD X . 73.08 19.41 -66.70
C4B FAD X . 73.70 18.09 -67.14
O4B FAD X . 74.62 18.25 -68.19
C3B FAD X . 74.50 17.38 -66.07
O3B FAD X . 74.05 16.06 -66.29
C2B FAD X . 75.95 17.61 -66.47
O2B FAD X . 76.82 16.56 -66.22
C1B FAD X . 75.83 17.58 -67.95
N9A FAD X . 76.79 18.39 -68.68
C8A FAD X . 77.18 19.69 -68.50
N7A FAD X . 78.00 20.07 -69.46
C5A FAD X . 78.12 19.02 -70.26
C6A FAD X . 78.82 18.82 -71.39
N6A FAD X . 79.53 19.82 -71.84
N1A FAD X . 78.74 17.59 -72.01
C2A FAD X . 77.96 16.54 -71.54
N3A FAD X . 77.26 16.73 -70.43
C4A FAD X . 77.35 17.94 -69.82
N1 FAD X . 64.75 22.31 -58.40
C2 FAD X . 63.39 22.21 -58.24
O2 FAD X . 62.63 22.52 -59.13
N3 FAD X . 62.90 21.74 -57.06
C4 FAD X . 63.77 21.37 -56.06
O4 FAD X . 63.28 20.84 -55.05
C4X FAD X . 65.15 21.46 -56.21
N5 FAD X . 66.00 21.07 -55.19
C5X FAD X . 67.36 21.16 -55.36
C6 FAD X . 68.19 20.78 -54.34
C7 FAD X . 69.56 20.86 -54.52
C7M FAD X . 70.50 20.53 -53.41
C8 FAD X . 70.09 21.32 -55.69
C8M FAD X . 71.50 20.92 -56.03
C9 FAD X . 69.24 21.71 -56.70
C9A FAD X . 67.85 21.65 -56.56
N10 FAD X . 66.99 22.04 -57.60
C10 FAD X . 65.63 21.93 -57.41
C1' FAD X . 67.49 22.73 -58.85
C2' FAD X . 67.31 21.82 -60.04
O2' FAD X . 68.18 20.74 -59.94
C3' FAD X . 67.69 22.49 -61.34
O3' FAD X . 66.70 23.42 -61.69
C4' FAD X . 67.85 21.44 -62.44
O4' FAD X . 68.76 20.49 -62.00
C5' FAD X . 68.37 22.03 -63.75
O5' FAD X . 68.22 21.03 -64.71
P FAD X . 69.01 21.20 -66.04
O1P FAD X . 68.47 20.23 -67.04
O2P FAD X . 68.98 22.67 -66.35
O3P FAD X . 70.51 21.01 -65.64
PA FAD Y . 25.10 14.81 -40.69
O1A FAD Y . 26.52 14.82 -40.40
O2A FAD Y . 24.46 13.43 -40.59
O5B FAD Y . 24.42 15.76 -39.63
C5B FAD Y . 23.04 15.75 -39.35
C4B FAD Y . 22.95 16.41 -37.99
O4B FAD Y . 21.62 16.75 -37.63
C3B FAD Y . 23.43 15.56 -36.84
O3B FAD Y . 24.15 16.52 -36.12
C2B FAD Y . 22.15 15.11 -36.14
O2B FAD Y . 22.20 15.00 -34.76
C1B FAD Y . 21.31 16.32 -36.33
N9A FAD Y . 19.87 16.09 -36.43
C8A FAD Y . 19.17 15.18 -37.17
N7A FAD Y . 17.86 15.39 -37.04
C5A FAD Y . 17.75 16.43 -36.22
C6A FAD Y . 16.68 17.07 -35.74
N6A FAD Y . 15.50 16.66 -36.11
N1A FAD Y . 16.89 18.15 -34.89
C2A FAD Y . 18.14 18.62 -34.52
N3A FAD Y . 19.21 17.98 -35.00
C4A FAD Y . 19.00 16.92 -35.83
N1 FAD Y . 32.31 11.76 -46.05
C2 FAD Y . 33.32 12.29 -46.82
O2 FAD Y . 33.11 13.18 -47.62
N3 FAD Y . 34.58 11.83 -46.65
C4 FAD Y . 34.83 10.83 -45.73
O4 FAD Y . 36.01 10.51 -45.53
C4X FAD Y . 33.80 10.28 -44.95
N5 FAD Y . 34.07 9.30 -44.02
C5X FAD Y . 33.06 8.78 -43.26
C6 FAD Y . 33.34 7.79 -42.34
C7 FAD Y . 32.32 7.27 -41.57
C7M FAD Y . 32.55 6.15 -40.62
C8 FAD Y . 31.04 7.73 -41.69
C8M FAD Y . 30.11 7.54 -40.53
C9 FAD Y . 30.77 8.71 -42.63
C9A FAD Y . 31.76 9.26 -43.43
N10 FAD Y . 31.50 10.27 -44.37
C10 FAD Y . 32.54 10.77 -45.12
C1' FAD Y . 30.09 10.70 -44.70
C2' FAD Y . 29.85 12.11 -44.23
O2' FAD Y . 29.84 12.13 -42.84
C3' FAD Y . 28.50 12.63 -44.62
O3' FAD Y . 28.49 12.93 -45.99
C4' FAD Y . 28.16 13.90 -43.81
O4' FAD Y . 28.28 13.57 -42.46
C5' FAD Y . 26.75 14.40 -44.06
O5' FAD Y . 26.69 15.66 -43.48
P FAD Y . 25.27 16.27 -43.23
O1P FAD Y . 25.41 17.71 -42.91
O2P FAD Y . 24.43 15.85 -44.40
O3P FAD Y . 24.64 15.37 -42.10
N ALA A 1 76.29 12.32 24.33
CA ALA A 1 77.80 12.29 24.37
C ALA A 1 78.50 13.14 23.28
N ASP A 2 79.19 12.43 22.38
CA ASP A 2 80.02 13.02 21.31
C ASP A 2 79.39 14.24 20.63
N GLN A 3 78.52 13.93 19.65
CA GLN A 3 77.93 14.89 18.70
C GLN A 3 76.45 14.57 18.40
N PRO A 4 75.54 15.33 18.99
CA PRO A 4 74.08 15.16 18.81
C PRO A 4 73.58 15.00 17.37
N ILE A 5 72.79 13.96 17.15
CA ILE A 5 72.17 13.58 15.87
C ILE A 5 70.84 14.34 15.60
N ASP A 6 70.49 14.56 14.34
CA ASP A 6 69.28 15.30 13.94
C ASP A 6 68.26 14.42 13.21
N ALA A 7 67.00 14.37 13.71
CA ALA A 7 65.97 13.52 13.07
C ALA A 7 64.53 14.08 12.93
N ASP A 8 63.81 13.65 11.89
CA ASP A 8 62.37 13.86 11.81
C ASP A 8 61.73 12.81 12.70
N VAL A 9 61.94 11.55 12.39
CA VAL A 9 61.25 10.47 13.11
C VAL A 9 62.24 9.56 13.83
N THR A 10 62.06 9.39 15.12
CA THR A 10 62.94 8.48 15.83
C THR A 10 62.10 7.31 16.27
N VAL A 11 62.42 6.14 15.76
CA VAL A 11 61.66 4.98 16.10
C VAL A 11 62.33 4.13 17.16
N ILE A 12 61.69 3.97 18.29
CA ILE A 12 62.28 3.12 19.32
C ILE A 12 61.82 1.63 19.27
N GLY A 13 62.76 0.73 19.03
CA GLY A 13 62.49 -0.68 18.90
C GLY A 13 62.59 -1.02 17.42
N SER A 14 63.03 -2.24 17.11
CA SER A 14 63.32 -2.64 15.73
C SER A 14 62.55 -3.87 15.30
N GLY A 15 61.64 -4.33 16.12
CA GLY A 15 60.72 -5.33 15.62
C GLY A 15 59.77 -4.92 14.49
N PRO A 16 58.90 -5.88 14.13
CA PRO A 16 57.96 -5.72 13.01
C PRO A 16 57.31 -4.35 12.93
N GLY A 17 56.79 -3.85 14.04
CA GLY A 17 56.21 -2.52 13.97
C GLY A 17 57.27 -1.50 13.59
N GLY A 18 58.33 -1.46 14.40
CA GLY A 18 59.36 -0.46 14.30
C GLY A 18 60.15 -0.42 13.00
N TYR A 19 60.62 -1.55 12.53
CA TYR A 19 61.43 -1.52 11.33
C TYR A 19 60.66 -1.13 10.06
N VAL A 20 59.38 -1.49 9.92
CA VAL A 20 58.62 -0.98 8.77
C VAL A 20 58.21 0.48 8.87
N ALA A 21 58.00 0.95 10.08
CA ALA A 21 57.59 2.32 10.23
C ALA A 21 58.81 3.19 9.86
N ALA A 22 59.98 2.71 10.30
CA ALA A 22 61.18 3.43 10.02
C ALA A 22 61.44 3.53 8.48
N ILE A 23 61.41 2.38 7.81
CA ILE A 23 61.55 2.32 6.40
C ILE A 23 60.45 3.08 5.71
N LYS A 24 59.21 3.01 6.20
CA LYS A 24 58.18 3.73 5.52
C LYS A 24 58.44 5.21 5.70
N ALA A 25 58.96 5.55 6.86
CA ALA A 25 59.09 6.97 7.16
C ALA A 25 60.15 7.45 6.18
N ALA A 26 61.19 6.63 6.05
CA ALA A 26 62.23 6.83 5.06
C ALA A 26 61.69 6.98 3.63
N GLN A 27 60.96 5.99 3.14
CA GLN A 27 60.37 6.01 1.82
C GLN A 27 59.63 7.29 1.62
N LEU A 28 59.18 7.90 2.71
CA LEU A 28 58.43 9.15 2.57
C LEU A 28 59.29 10.42 2.66
N GLY A 29 60.58 10.30 2.85
CA GLY A 29 61.42 11.47 2.97
C GLY A 29 61.45 12.03 4.38
N PHE A 30 61.71 11.18 5.36
CA PHE A 30 61.90 11.62 6.73
C PHE A 30 63.30 11.21 7.14
N LYS A 31 64.05 12.11 7.76
CA LYS A 31 65.33 11.73 8.37
C LYS A 31 64.88 10.84 9.53
N THR A 32 64.92 9.54 9.30
CA THR A 32 64.47 8.56 10.25
C THR A 32 65.67 7.99 10.92
N VAL A 33 65.59 7.76 12.22
CA VAL A 33 66.56 6.89 12.85
C VAL A 33 65.79 5.82 13.61
N CYS A 34 66.33 4.62 13.67
CA CYS A 34 65.73 3.58 14.46
C CYS A 34 66.75 3.06 15.45
N ILE A 35 66.41 3.08 16.73
CA ILE A 35 67.22 2.59 17.84
C ILE A 35 66.81 1.18 18.24
N GLU A 36 67.72 0.26 18.40
CA GLU A 36 67.29 -0.99 18.95
C GLU A 36 68.32 -1.32 19.97
N LYS A 37 67.87 -1.80 21.13
CA LYS A 37 68.80 -2.19 22.19
C LYS A 37 69.62 -3.45 21.88
N ASN A 38 69.05 -4.40 21.14
CA ASN A 38 69.77 -5.65 20.89
C ASN A 38 70.79 -5.61 19.81
N GLU A 39 71.59 -6.68 19.79
CA GLU A 39 72.68 -6.84 18.81
C GLU A 39 72.08 -6.88 17.39
N THR A 40 71.19 -7.83 17.12
CA THR A 40 70.54 -7.88 15.82
C THR A 40 69.16 -7.23 15.84
N LEU A 41 68.63 -6.90 14.66
CA LEU A 41 67.29 -6.30 14.52
C LEU A 41 66.19 -7.35 14.42
N GLY A 42 64.98 -6.88 14.16
CA GLY A 42 63.90 -7.77 13.91
C GLY A 42 63.02 -7.92 15.13
N GLY A 43 63.44 -7.32 16.25
CA GLY A 43 62.67 -7.48 17.48
C GLY A 43 62.28 -8.94 17.79
N THR A 44 61.14 -9.15 18.43
CA THR A 44 60.93 -10.47 18.98
C THR A 44 60.39 -11.41 17.93
N CYS A 45 59.69 -10.84 16.93
CA CYS A 45 59.06 -11.68 15.89
C CYS A 45 60.04 -12.59 15.24
N LEU A 46 61.12 -11.93 14.84
CA LEU A 46 62.18 -12.50 14.03
C LEU A 46 63.20 -13.27 14.85
N ASN A 47 63.45 -12.87 16.08
CA ASN A 47 64.58 -13.39 16.80
C ASN A 47 64.23 -14.41 17.83
N VAL A 48 63.06 -14.29 18.45
CA VAL A 48 62.63 -15.31 19.42
C VAL A 48 61.14 -15.67 19.34
N GLY A 49 60.48 -15.41 18.23
CA GLY A 49 59.05 -15.66 18.11
C GLY A 49 58.58 -16.34 16.85
N CYS A 50 57.70 -15.65 16.15
CA CYS A 50 57.25 -16.02 14.83
C CYS A 50 58.23 -16.94 14.05
N ILE A 51 59.26 -16.32 13.46
CA ILE A 51 60.13 -16.99 12.51
C ILE A 51 60.83 -18.28 13.01
N PRO A 52 61.44 -18.23 14.18
CA PRO A 52 61.97 -19.45 14.77
C PRO A 52 60.88 -20.44 14.98
N SER A 53 59.78 -20.06 15.59
CA SER A 53 58.92 -21.17 16.04
C SER A 53 58.33 -21.76 14.81
N LYS A 54 58.27 -20.96 13.74
CA LYS A 54 57.71 -21.40 12.45
C LYS A 54 58.71 -22.31 11.77
N ALA A 55 59.95 -21.82 11.60
CA ALA A 55 61.01 -22.66 11.06
C ALA A 55 61.04 -23.98 11.83
N LEU A 56 60.94 -23.91 13.14
CA LEU A 56 60.83 -25.16 13.91
C LEU A 56 59.62 -26.13 13.73
N LEU A 57 58.41 -25.60 13.57
CA LEU A 57 57.24 -26.45 13.37
C LEU A 57 57.34 -27.05 11.99
N ASN A 58 57.99 -26.33 11.06
CA ASN A 58 58.06 -26.81 9.69
C ASN A 58 58.92 -28.06 9.71
N ASN A 59 60.12 -27.91 10.25
CA ASN A 59 61.00 -29.06 10.41
C ASN A 59 60.40 -30.18 11.22
N SER A 60 59.84 -29.87 12.39
CA SER A 60 59.30 -30.92 13.27
C SER A 60 58.16 -31.66 12.57
N HIS A 61 57.47 -30.96 11.70
CA HIS A 61 56.42 -31.55 10.91
C HIS A 61 56.92 -32.62 9.96
N TYR A 62 57.88 -32.30 9.10
CA TYR A 62 58.44 -33.26 8.18
C TYR A 62 58.99 -34.45 8.91
N TYR A 63 59.47 -34.27 10.13
CA TYR A 63 60.07 -35.37 10.85
C TYR A 63 59.07 -36.47 11.13
N HIS A 64 57.94 -36.04 11.68
CA HIS A 64 56.87 -36.95 12.12
C HIS A 64 56.33 -37.63 10.88
N MET A 65 56.48 -36.94 9.77
CA MET A 65 56.02 -37.49 8.52
C MET A 65 56.93 -38.65 8.13
N ALA A 66 58.23 -38.41 8.28
CA ALA A 66 59.21 -39.37 7.86
C ALA A 66 59.35 -40.54 8.86
N HIS A 67 59.06 -40.25 10.13
CA HIS A 67 59.23 -41.22 11.21
C HIS A 67 57.93 -41.97 11.37
N GLY A 68 56.82 -41.32 11.07
CA GLY A 68 55.52 -41.93 11.22
C GLY A 68 55.10 -42.84 10.07
N LYS A 69 53.79 -42.90 9.84
CA LYS A 69 53.17 -43.87 8.95
C LYS A 69 52.92 -43.24 7.61
N ASP A 70 52.98 -41.91 7.57
CA ASP A 70 52.68 -41.13 6.38
C ASP A 70 53.58 -41.60 5.29
N PHE A 71 54.90 -41.51 5.48
CA PHE A 71 55.83 -41.82 4.38
C PHE A 71 55.75 -43.29 3.93
N ALA A 72 56.05 -44.22 4.83
CA ALA A 72 55.93 -45.66 4.52
C ALA A 72 54.63 -46.01 3.76
N SER A 73 53.56 -45.24 3.98
CA SER A 73 52.29 -45.54 3.37
C SER A 73 52.15 -44.86 2.03
N ARG A 74 53.12 -44.06 1.63
CA ARG A 74 53.07 -43.48 0.30
C ARG A 74 54.28 -43.87 -0.57
N GLY A 75 54.85 -45.03 -0.31
CA GLY A 75 55.94 -45.48 -1.13
C GLY A 75 57.36 -45.12 -0.70
N ILE A 76 57.54 -44.04 0.07
CA ILE A 76 58.86 -43.61 0.48
C ILE A 76 59.31 -44.41 1.70
N GLU A 77 60.32 -45.26 1.58
CA GLU A 77 60.69 -46.06 2.76
C GLU A 77 62.12 -46.03 3.20
N MET A 78 62.28 -45.69 4.47
CA MET A 78 63.56 -45.45 5.02
C MET A 78 63.94 -46.61 5.92
N SER A 79 65.24 -46.91 5.97
CA SER A 79 65.77 -47.85 6.95
C SER A 79 65.42 -47.42 8.38
N GLU A 80 66.15 -46.48 8.96
CA GLU A 80 65.74 -45.89 10.22
C GLU A 80 65.73 -44.39 10.03
N VAL A 81 65.07 -43.69 10.93
CA VAL A 81 65.04 -42.24 10.84
C VAL A 81 65.41 -41.64 12.18
N ARG A 82 66.66 -41.26 12.31
CA ARG A 82 67.07 -40.57 13.52
C ARG A 82 66.88 -39.06 13.36
N LEU A 83 66.83 -38.36 14.50
CA LEU A 83 66.78 -36.90 14.50
C LEU A 83 68.08 -36.24 15.00
N ASN A 84 68.63 -35.37 14.19
CA ASN A 84 69.81 -34.61 14.57
C ASN A 84 69.36 -33.25 14.99
N LEU A 85 69.00 -33.11 16.26
CA LEU A 85 68.51 -31.86 16.80
C LEU A 85 69.43 -30.64 16.58
N ASP A 86 70.74 -30.82 16.60
CA ASP A 86 71.61 -29.66 16.43
C ASP A 86 71.57 -29.20 14.97
N LYS A 87 71.53 -30.14 14.03
CA LYS A 87 71.39 -29.82 12.63
C LYS A 87 70.03 -29.17 12.43
N MET A 88 68.97 -29.72 13.02
CA MET A 88 67.66 -29.08 12.92
C MET A 88 67.67 -27.66 13.41
N MET A 89 68.26 -27.44 14.59
CA MET A 89 68.28 -26.13 15.20
C MET A 89 69.07 -25.14 14.32
N GLU A 90 70.16 -25.64 13.74
CA GLU A 90 71.01 -24.82 12.91
C GLU A 90 70.21 -24.32 11.71
N GLN A 91 69.27 -25.13 11.22
CA GLN A 91 68.48 -24.73 10.08
C GLN A 91 67.74 -23.46 10.46
N LYS A 92 66.96 -23.58 11.54
CA LYS A 92 66.22 -22.44 12.07
C LYS A 92 67.08 -21.15 12.15
N SER A 93 68.25 -21.26 12.76
CA SER A 93 69.09 -20.09 12.98
C SER A 93 69.63 -19.47 11.69
N THR A 94 69.99 -20.33 10.73
CA THR A 94 70.46 -19.83 9.47
C THR A 94 69.40 -18.95 8.85
N ALA A 95 68.15 -19.37 9.01
CA ALA A 95 67.02 -18.61 8.47
C ALA A 95 66.91 -17.24 9.16
N VAL A 96 67.00 -17.27 10.49
CA VAL A 96 66.85 -16.10 11.29
C VAL A 96 67.98 -15.17 10.97
N LYS A 97 69.20 -15.72 11.01
CA LYS A 97 70.41 -14.96 10.76
C LYS A 97 70.29 -14.26 9.40
N ALA A 98 69.81 -14.98 8.40
CA ALA A 98 69.68 -14.44 7.06
C ALA A 98 68.71 -13.30 6.97
N LEU A 99 67.60 -13.39 7.73
CA LEU A 99 66.50 -12.44 7.67
C LEU A 99 66.90 -11.17 8.34
N THR A 100 67.51 -11.34 9.53
CA THR A 100 68.01 -10.21 10.34
C THR A 100 69.06 -9.41 9.54
N GLY A 101 69.88 -10.11 8.75
CA GLY A 101 70.79 -9.41 7.84
C GLY A 101 70.02 -8.57 6.83
N GLY A 102 69.00 -9.17 6.27
CA GLY A 102 68.14 -8.45 5.39
C GLY A 102 67.65 -7.12 5.95
N ILE A 103 67.23 -7.09 7.21
CA ILE A 103 66.51 -5.91 7.69
C ILE A 103 67.51 -4.76 7.69
N ALA A 104 68.69 -5.10 8.20
CA ALA A 104 69.81 -4.21 8.25
C ALA A 104 70.10 -3.69 6.82
N HIS A 105 70.02 -4.61 5.88
CA HIS A 105 70.29 -4.25 4.52
C HIS A 105 69.16 -3.36 3.99
N LEU A 106 67.95 -3.58 4.49
CA LEU A 106 66.83 -2.80 4.03
C LEU A 106 67.00 -1.37 4.51
N PHE A 107 67.53 -1.25 5.73
CA PHE A 107 67.84 0.05 6.30
C PHE A 107 68.81 0.86 5.48
N LYS A 108 69.97 0.30 5.09
CA LYS A 108 70.92 1.03 4.23
C LYS A 108 70.23 1.48 2.95
N GLN A 109 69.61 0.56 2.22
CA GLN A 109 68.88 0.88 1.01
C GLN A 109 68.05 2.10 1.20
N ASN A 110 67.33 2.26 2.31
CA ASN A 110 66.44 3.43 2.45
C ASN A 110 67.07 4.64 3.19
N LYS A 111 68.27 4.46 3.71
CA LYS A 111 68.95 5.51 4.43
C LYS A 111 68.29 5.73 5.78
N VAL A 112 67.95 4.62 6.42
CA VAL A 112 67.44 4.63 7.80
C VAL A 112 68.69 4.61 8.66
N VAL A 113 68.69 5.27 9.81
CA VAL A 113 69.89 5.29 10.62
C VAL A 113 69.74 4.41 11.82
N HIS A 114 70.58 3.38 11.94
CA HIS A 114 70.43 2.40 13.01
C HIS A 114 71.34 2.86 14.07
N VAL A 115 70.80 3.18 15.24
CA VAL A 115 71.58 3.47 16.43
C VAL A 115 71.43 2.33 17.41
N ASN A 116 72.53 1.81 17.93
CA ASN A 116 72.40 0.69 18.84
C ASN A 116 72.49 1.16 20.27
N GLY A 117 71.61 0.65 21.12
CA GLY A 117 71.59 1.05 22.51
C GLY A 117 70.18 1.13 23.12
N TYR A 118 70.09 1.25 24.45
CA TYR A 118 68.85 1.17 25.14
C TYR A 118 68.36 2.57 25.24
N GLY A 119 67.48 2.92 24.30
CA GLY A 119 66.95 4.24 24.14
C GLY A 119 65.98 4.63 25.22
N LYS A 120 65.78 5.93 25.35
CA LYS A 120 64.94 6.44 26.41
C LYS A 120 64.67 7.90 26.20
N ILE A 121 63.38 8.27 26.16
CA ILE A 121 62.95 9.65 26.00
C ILE A 121 63.40 10.59 27.11
N THR A 122 64.16 11.62 26.75
CA THR A 122 64.73 12.52 27.75
C THR A 122 64.31 13.89 27.39
N GLY A 123 63.31 14.02 26.54
CA GLY A 123 62.78 15.32 26.18
C GLY A 123 61.53 15.13 25.35
N LYS A 124 60.82 16.22 25.06
CA LYS A 124 59.68 16.11 24.16
C LYS A 124 60.21 15.98 22.77
N ASN A 125 61.53 16.08 22.61
CA ASN A 125 62.15 15.90 21.29
C ASN A 125 63.53 15.36 21.37
N GLN A 126 63.69 14.30 22.16
CA GLN A 126 65.01 13.79 22.41
C GLN A 126 64.98 12.43 23.06
N VAL A 127 65.86 11.57 22.56
CA VAL A 127 66.06 10.30 23.19
C VAL A 127 67.54 10.03 23.32
N THR A 128 67.89 9.43 24.45
CA THR A 128 69.24 9.06 24.76
C THR A 128 69.35 7.55 24.64
N ALA A 129 70.39 7.15 23.91
CA ALA A 129 70.66 5.78 23.61
C ALA A 129 71.97 5.47 24.25
N THR A 130 71.95 4.52 25.16
CA THR A 130 73.13 4.19 25.93
C THR A 130 73.59 2.73 25.78
N LYS A 131 74.79 2.53 25.21
CA LYS A 131 75.42 1.19 25.15
C LYS A 131 75.93 0.81 26.55
N ALA A 132 76.16 -0.48 26.79
CA ALA A 132 76.50 -0.99 28.15
C ALA A 132 77.95 -0.69 28.59
N ASP A 133 78.81 -0.34 27.65
CA ASP A 133 80.15 0.10 27.97
C ASP A 133 80.08 1.59 28.35
N GLY A 134 78.85 2.08 28.58
CA GLY A 134 78.63 3.45 29.02
C GLY A 134 78.59 4.47 27.91
N GLY A 135 78.83 4.05 26.68
CA GLY A 135 78.72 4.96 25.55
C GLY A 135 77.32 5.54 25.44
N THR A 136 77.18 6.70 24.81
CA THR A 136 75.86 7.32 24.65
C THR A 136 75.67 8.18 23.35
N GLN A 137 74.42 8.28 22.88
CA GLN A 137 74.09 8.93 21.62
C GLN A 137 72.79 9.65 21.80
N VAL A 138 72.75 10.94 21.54
CA VAL A 138 71.52 11.71 21.72
C VAL A 138 70.91 12.07 20.38
N ILE A 139 69.63 11.75 20.16
CA ILE A 139 69.00 12.22 18.95
C ILE A 139 67.97 13.25 19.30
N ASP A 140 68.13 14.44 18.69
CA ASP A 140 67.22 15.59 18.72
C ASP A 140 66.17 15.43 17.61
N THR A 141 64.94 15.07 17.94
CA THR A 141 64.03 14.69 16.86
C THR A 141 62.70 15.38 16.88
N LYS A 142 62.03 15.37 15.73
CA LYS A 142 60.75 16.02 15.61
C LYS A 142 59.59 15.19 16.15
N ASN A 143 59.61 13.89 15.88
CA ASN A 143 58.60 12.98 16.45
C ASN A 143 59.25 11.75 17.00
N ILE A 144 58.60 11.14 17.95
CA ILE A 144 59.17 9.94 18.49
C ILE A 144 58.11 8.91 18.30
N LEU A 145 58.48 7.75 17.78
CA LEU A 145 57.55 6.64 17.66
C LEU A 145 57.91 5.46 18.55
N ILE A 146 57.10 5.11 19.52
CA ILE A 146 57.49 3.94 20.32
C ILE A 146 57.02 2.53 19.81
N ALA A 147 57.94 1.56 19.73
CA ALA A 147 57.62 0.15 19.34
C ALA A 147 58.44 -0.82 20.20
N THR A 148 58.36 -0.64 21.52
CA THR A 148 59.20 -1.39 22.40
C THR A 148 58.69 -2.80 22.60
N GLY A 149 57.57 -3.08 21.97
CA GLY A 149 57.05 -4.43 21.91
C GLY A 149 56.68 -5.03 23.23
N SER A 150 57.09 -6.25 23.48
CA SER A 150 56.50 -7.00 24.59
C SER A 150 57.55 -7.83 25.26
N GLU A 151 57.13 -8.64 26.23
CA GLU A 151 58.02 -9.55 26.95
C GLU A 151 57.14 -10.69 27.42
N VAL A 152 57.74 -11.75 27.91
CA VAL A 152 57.00 -12.80 28.57
C VAL A 152 56.33 -12.28 29.86
N THR A 153 55.03 -12.56 30.02
CA THR A 153 54.34 -12.39 31.29
C THR A 153 54.88 -13.51 32.17
N PRO A 154 55.46 -13.22 33.31
CA PRO A 154 56.12 -14.27 34.06
C PRO A 154 55.10 -14.80 35.00
N PHE A 155 55.31 -16.06 35.41
CA PHE A 155 54.40 -16.73 36.32
C PHE A 155 54.93 -16.58 37.76
N PRO A 156 54.16 -15.90 38.61
CA PRO A 156 54.54 -15.62 40.01
C PRO A 156 54.72 -16.88 40.85
N GLY A 157 55.89 -17.07 41.45
CA GLY A 157 56.09 -18.29 42.20
C GLY A 157 56.91 -19.30 41.43
N ILE A 158 56.88 -19.24 40.10
CA ILE A 158 57.73 -20.13 39.30
C ILE A 158 58.77 -19.38 38.50
N THR A 159 60.01 -19.65 38.86
CA THR A 159 61.09 -18.83 38.35
C THR A 159 61.68 -19.50 37.12
N ILE A 160 61.67 -18.75 36.00
CA ILE A 160 62.19 -19.28 34.76
C ILE A 160 63.70 -19.13 34.73
N ASP A 161 64.41 -20.26 34.69
CA ASP A 161 65.87 -20.27 34.63
C ASP A 161 66.34 -20.42 33.17
N GLU A 162 65.41 -20.64 32.28
CA GLU A 162 65.76 -20.92 30.89
C GLU A 162 66.57 -22.21 30.66
N ASP A 163 66.54 -23.16 31.60
CA ASP A 163 67.19 -24.46 31.42
C ASP A 163 66.18 -25.60 31.43
N THR A 164 65.77 -26.06 32.62
CA THR A 164 64.68 -27.04 32.75
C THR A 164 63.33 -26.33 32.94
N ILE A 165 63.36 -25.07 33.34
CA ILE A 165 62.15 -24.28 33.34
C ILE A 165 62.33 -23.14 32.38
N VAL A 166 61.50 -23.13 31.33
CA VAL A 166 61.67 -22.23 30.22
C VAL A 166 60.45 -21.44 29.77
N SER A 167 60.71 -20.41 28.98
CA SER A 167 59.69 -19.65 28.29
C SER A 167 59.79 -19.94 26.80
N SER A 168 58.94 -19.29 26.01
CA SER A 168 59.00 -19.42 24.57
C SER A 168 60.46 -19.61 24.14
N THR A 169 61.29 -18.64 24.52
CA THR A 169 62.60 -18.53 23.92
C THR A 169 63.60 -19.62 24.31
N GLY A 170 63.30 -20.36 25.37
CA GLY A 170 64.18 -21.46 25.78
C GLY A 170 63.74 -22.80 25.17
N ALA A 171 62.43 -22.92 25.07
CA ALA A 171 61.82 -23.97 24.32
C ALA A 171 62.20 -23.90 22.83
N LEU A 172 62.66 -22.76 22.33
CA LEU A 172 63.11 -22.76 20.95
C LEU A 172 64.54 -23.25 20.78
N SER A 173 65.22 -23.46 21.89
CA SER A 173 66.59 -23.87 21.80
C SER A 173 66.87 -25.10 22.67
N LEU A 174 65.85 -25.77 23.16
CA LEU A 174 66.12 -27.00 23.88
C LEU A 174 67.38 -27.69 23.30
N LYS A 175 68.32 -28.10 24.15
CA LYS A 175 69.53 -28.73 23.64
C LYS A 175 69.25 -30.20 23.40
N LYS A 176 68.08 -30.68 23.85
CA LYS A 176 67.63 -32.09 23.69
C LYS A 176 66.10 -32.28 23.82
N VAL A 177 65.57 -33.39 23.34
CA VAL A 177 64.13 -33.59 23.47
C VAL A 177 63.79 -34.18 24.84
N PRO A 178 62.92 -33.50 25.58
CA PRO A 178 62.55 -33.92 26.93
C PRO A 178 61.69 -35.14 26.83
N GLU A 179 61.66 -35.99 27.87
CA GLU A 179 60.84 -37.18 27.81
C GLU A 179 59.36 -36.83 28.00
N LYS A 180 59.07 -36.22 29.15
CA LYS A 180 57.76 -35.73 29.51
C LYS A 180 57.95 -34.23 29.49
N MET A 181 56.86 -33.48 29.47
CA MET A 181 56.91 -32.03 29.31
C MET A 181 55.55 -31.46 29.52
N VAL A 182 55.44 -30.44 30.41
CA VAL A 182 54.20 -29.66 30.62
C VAL A 182 54.24 -28.22 30.20
N VAL A 183 53.10 -27.73 29.74
CA VAL A 183 52.97 -26.37 29.20
C VAL A 183 51.88 -25.57 29.94
N ILE A 184 52.25 -24.62 30.78
CA ILE A 184 51.20 -23.89 31.39
C ILE A 184 50.64 -22.90 30.38
N GLY A 185 49.43 -23.17 29.92
CA GLY A 185 48.79 -22.29 28.94
C GLY A 185 48.57 -22.95 27.57
N ALA A 186 47.34 -22.93 27.07
CA ALA A 186 47.10 -23.50 25.74
C ALA A 186 46.73 -22.36 24.76
N GLY A 187 47.57 -21.32 24.67
CA GLY A 187 47.29 -20.28 23.72
C GLY A 187 48.00 -20.66 22.45
N VAL A 188 48.00 -19.77 21.47
CA VAL A 188 48.68 -20.07 20.23
C VAL A 188 50.13 -20.40 20.57
N ILE A 189 50.77 -19.63 21.45
CA ILE A 189 52.18 -19.84 21.58
C ILE A 189 52.36 -21.23 22.17
N GLY A 190 51.70 -21.52 23.28
CA GLY A 190 51.94 -22.76 23.98
C GLY A 190 51.68 -23.91 23.05
N VAL A 191 50.48 -23.96 22.50
CA VAL A 191 50.06 -25.09 21.67
C VAL A 191 51.06 -25.41 20.57
N GLU A 192 51.47 -24.41 19.82
CA GLU A 192 52.48 -24.49 18.78
C GLU A 192 53.74 -25.18 19.27
N LEU A 193 54.29 -24.63 20.36
CA LEU A 193 55.60 -25.04 20.85
C LEU A 193 55.49 -26.44 21.38
N GLY A 194 54.35 -26.74 21.99
CA GLY A 194 54.21 -28.03 22.60
C GLY A 194 54.23 -29.04 21.50
N SER A 195 53.58 -28.66 20.40
CA SER A 195 53.36 -29.53 19.25
C SER A 195 54.68 -29.88 18.64
N VAL A 196 55.57 -28.89 18.58
CA VAL A 196 56.89 -29.15 18.06
C VAL A 196 57.57 -30.28 18.77
N TRP A 197 57.68 -30.22 20.08
CA TRP A 197 58.41 -31.26 20.83
C TRP A 197 57.64 -32.51 20.95
N GLN A 198 56.34 -32.37 20.91
CA GLN A 198 55.54 -33.55 20.82
C GLN A 198 55.97 -34.28 19.56
N ARG A 199 55.92 -33.59 18.43
CA ARG A 199 56.15 -34.27 17.16
C ARG A 199 57.48 -34.98 17.17
N LEU A 200 58.33 -34.63 18.12
CA LEU A 200 59.73 -35.00 18.04
C LEU A 200 59.94 -36.20 18.93
N GLY A 201 59.07 -36.37 19.90
CA GLY A 201 59.12 -37.59 20.68
C GLY A 201 58.82 -37.34 22.12
N ALA A 202 58.50 -36.10 22.46
CA ALA A 202 58.18 -35.70 23.83
C ALA A 202 56.74 -36.03 24.11
N ASP A 203 56.46 -36.46 25.33
CA ASP A 203 55.12 -36.68 25.76
C ASP A 203 54.72 -35.33 26.34
N VAL A 204 53.76 -34.64 25.72
CA VAL A 204 53.47 -33.24 26.06
C VAL A 204 52.10 -33.08 26.63
N THR A 205 51.96 -32.37 27.74
CA THR A 205 50.67 -32.13 28.41
C THR A 205 50.59 -30.63 28.65
N ALA A 206 49.53 -30.00 28.18
CA ALA A 206 49.28 -28.57 28.43
C ALA A 206 48.23 -28.50 29.52
N VAL A 207 48.33 -27.45 30.36
CA VAL A 207 47.39 -27.17 31.45
C VAL A 207 46.85 -25.77 31.24
N GLU A 208 45.54 -25.66 31.17
CA GLU A 208 45.00 -24.34 30.97
C GLU A 208 43.90 -24.04 31.96
N PHE A 209 43.87 -22.80 32.42
CA PHE A 209 42.83 -22.34 33.31
C PHE A 209 41.47 -22.31 32.64
N LEU A 210 41.38 -21.71 31.45
CA LEU A 210 40.13 -21.65 30.69
C LEU A 210 39.56 -23.04 30.21
N GLY A 211 38.38 -23.03 29.61
CA GLY A 211 37.80 -24.25 29.09
C GLY A 211 38.04 -24.63 27.62
N HIS A 212 38.98 -23.95 26.97
CA HIS A 212 39.22 -24.26 25.58
C HIS A 212 40.67 -24.07 25.14
N VAL A 213 41.05 -24.66 24.02
CA VAL A 213 42.39 -24.45 23.48
C VAL A 213 42.44 -23.39 22.35
N GLY A 214 43.62 -22.86 22.08
CA GLY A 214 43.76 -21.81 21.08
C GLY A 214 43.55 -20.55 21.85
N GLY A 215 43.77 -19.39 21.28
CA GLY A 215 43.65 -18.24 22.16
C GLY A 215 42.27 -17.67 22.59
N VAL A 216 42.18 -16.34 22.56
CA VAL A 216 40.90 -15.67 22.72
C VAL A 216 40.39 -15.31 21.35
N GLY A 217 39.10 -15.15 21.22
CA GLY A 217 38.52 -14.82 19.93
C GLY A 217 38.45 -15.95 18.95
N ILE A 218 38.95 -17.15 19.32
CA ILE A 218 38.74 -18.36 18.51
C ILE A 218 37.30 -18.93 18.64
N ASP A 219 36.75 -19.45 17.54
CA ASP A 219 35.47 -20.13 17.59
C ASP A 219 35.51 -21.36 18.47
N MET A 220 34.47 -21.55 19.25
CA MET A 220 34.48 -22.59 20.25
C MET A 220 34.31 -23.90 19.52
N GLU A 221 33.53 -23.90 18.45
CA GLU A 221 33.40 -25.13 17.67
C GLU A 221 34.76 -25.52 17.08
N ILE A 222 35.43 -24.64 16.33
CA ILE A 222 36.72 -25.01 15.73
C ILE A 222 37.78 -25.17 16.80
N SER A 223 37.60 -24.55 17.96
CA SER A 223 38.56 -24.77 19.03
C SER A 223 38.48 -26.17 19.52
N LYS A 224 37.26 -26.65 19.67
CA LYS A 224 37.04 -27.99 20.22
C LYS A 224 37.45 -29.04 19.23
N ASN A 225 37.22 -28.81 17.94
CA ASN A 225 37.60 -29.84 17.00
C ASN A 225 39.06 -29.80 16.95
N PHE A 226 39.61 -28.60 17.05
CA PHE A 226 41.05 -28.42 16.99
C PHE A 226 41.69 -29.22 18.10
N GLN A 227 41.19 -29.06 19.32
CA GLN A 227 41.78 -29.71 20.51
C GLN A 227 41.72 -31.18 20.26
N ARG A 228 40.55 -31.63 19.87
CA ARG A 228 40.32 -33.05 19.60
C ARG A 228 41.37 -33.63 18.66
N ILE A 229 41.72 -32.89 17.61
CA ILE A 229 42.70 -33.40 16.66
C ILE A 229 44.09 -33.56 17.33
N LEU A 230 44.39 -32.63 18.24
CA LEU A 230 45.70 -32.67 18.86
C LEU A 230 45.73 -33.84 19.78
N GLN A 231 44.60 -34.10 20.42
CA GLN A 231 44.49 -35.16 21.37
C GLN A 231 44.82 -36.50 20.71
N LYS A 232 44.53 -36.59 19.41
CA LYS A 232 44.69 -37.82 18.65
C LYS A 232 46.15 -38.01 18.34
N GLN A 233 46.81 -36.92 18.00
CA GLN A 233 48.22 -36.98 17.70
C GLN A 233 49.11 -37.38 18.89
N GLY A 234 48.66 -37.11 20.11
CA GLY A 234 49.37 -37.57 21.28
C GLY A 234 49.36 -36.51 22.33
N PHE A 235 49.12 -35.27 21.92
CA PHE A 235 48.99 -34.15 22.84
C PHE A 235 47.92 -34.48 23.89
N LYS A 236 48.18 -34.20 25.17
CA LYS A 236 47.16 -34.33 26.23
C LYS A 236 46.91 -32.97 26.87
N PHE A 237 45.67 -32.68 27.24
CA PHE A 237 45.35 -31.35 27.78
C PHE A 237 44.62 -31.54 29.06
N LYS A 238 44.77 -30.57 29.94
CA LYS A 238 44.18 -30.58 31.26
C LYS A 238 43.60 -29.20 31.34
N LEU A 239 42.37 -29.06 30.84
CA LEU A 239 41.65 -27.78 30.80
C LEU A 239 40.86 -27.49 32.08
N ASN A 240 40.54 -26.21 32.26
CA ASN A 240 39.92 -25.71 33.48
C ASN A 240 40.74 -26.14 34.68
N THR A 241 42.03 -25.82 34.66
CA THR A 241 42.94 -26.30 35.68
C THR A 241 44.04 -25.27 35.97
N LYS A 242 44.31 -25.07 37.25
CA LYS A 242 45.24 -24.05 37.67
C LYS A 242 46.42 -24.72 38.31
N VAL A 243 47.57 -24.09 38.23
CA VAL A 243 48.70 -24.65 38.95
C VAL A 243 48.92 -23.94 40.30
N THR A 244 49.13 -24.73 41.36
CA THR A 244 49.44 -24.20 42.70
C THR A 244 50.89 -23.76 42.85
N GLY A 245 51.76 -24.45 42.13
CA GLY A 245 53.19 -24.23 42.18
C GLY A 245 53.79 -25.47 41.56
N ALA A 246 55.08 -25.43 41.31
CA ALA A 246 55.78 -26.55 40.72
C ALA A 246 57.13 -26.59 41.37
N THR A 247 57.65 -27.79 41.56
CA THR A 247 58.86 -27.96 42.35
C THR A 247 59.94 -28.80 41.70
N LYS A 248 61.17 -28.30 41.75
CA LYS A 248 62.30 -29.01 41.18
C LYS A 248 62.81 -30.02 42.20
N LYS A 249 63.40 -31.12 41.76
CA LYS A 249 63.73 -32.13 42.74
C LYS A 249 65.03 -32.88 42.50
N SER A 250 65.36 -33.74 43.46
CA SER A 250 66.62 -34.48 43.49
C SER A 250 67.13 -34.86 42.10
N ASP A 251 66.37 -35.72 41.43
CA ASP A 251 66.77 -36.32 40.16
C ASP A 251 66.55 -35.43 38.94
N GLY A 252 66.17 -34.18 39.15
CA GLY A 252 65.95 -33.26 38.05
C GLY A 252 64.49 -33.04 37.70
N LYS A 253 63.70 -34.11 37.75
CA LYS A 253 62.32 -34.03 37.36
C LYS A 253 61.60 -32.84 38.02
N ILE A 254 60.66 -32.22 37.30
CA ILE A 254 59.83 -31.13 37.85
C ILE A 254 58.46 -31.66 38.17
N ASP A 255 57.92 -31.16 39.27
CA ASP A 255 56.63 -31.60 39.77
C ASP A 255 55.67 -30.43 39.83
N VAL A 256 54.74 -30.41 38.91
CA VAL A 256 53.78 -29.34 38.87
C VAL A 256 52.60 -29.79 39.66
N SER A 257 51.90 -28.84 40.26
CA SER A 257 50.80 -29.14 41.17
C SER A 257 49.50 -28.60 40.64
N ILE A 258 48.67 -29.48 40.12
CA ILE A 258 47.48 -29.03 39.45
C ILE A 258 46.27 -29.23 40.35
N GLU A 259 45.18 -28.60 39.97
CA GLU A 259 43.96 -28.62 40.75
C GLU A 259 42.89 -27.90 39.94
N ALA A 260 41.66 -28.38 40.03
CA ALA A 260 40.51 -27.81 39.31
C ALA A 260 40.38 -26.31 39.49
N ALA A 261 40.13 -25.59 38.41
CA ALA A 261 40.14 -24.12 38.44
C ALA A 261 39.15 -23.56 39.42
N SER A 262 38.12 -24.38 39.66
CA SER A 262 37.01 -24.05 40.56
C SER A 262 37.17 -24.89 41.83
N GLY A 263 36.59 -26.11 41.81
CA GLY A 263 36.73 -27.11 42.88
C GLY A 263 38.17 -27.44 43.31
N GLY A 264 38.50 -28.73 43.43
CA GLY A 264 39.85 -29.09 43.78
C GLY A 264 40.26 -30.54 43.65
N LYS A 265 40.52 -31.05 42.46
CA LYS A 265 41.04 -32.41 42.32
C LYS A 265 42.57 -32.41 42.40
N ALA A 266 43.14 -31.83 43.47
CA ALA A 266 44.59 -31.73 43.59
C ALA A 266 45.31 -32.94 42.99
N GLU A 267 46.15 -32.71 41.99
CA GLU A 267 46.95 -33.77 41.40
C GLU A 267 48.38 -33.30 41.27
N VAL A 268 49.25 -34.16 40.75
CA VAL A 268 50.66 -33.78 40.58
C VAL A 268 51.30 -34.41 39.35
N ILE A 269 51.50 -33.65 38.27
CA ILE A 269 52.24 -34.10 37.10
C ILE A 269 53.72 -33.83 37.25
N THR A 270 54.50 -34.72 36.67
CA THR A 270 55.93 -34.70 36.91
C THR A 270 56.58 -34.81 35.53
N CYS A 271 57.38 -33.83 35.17
CA CYS A 271 57.93 -33.76 33.82
C CYS A 271 59.44 -33.54 33.83
N ASP A 272 60.06 -33.29 32.67
CA ASP A 272 61.50 -33.01 32.57
C ASP A 272 61.77 -31.59 32.14
N VAL A 273 60.76 -30.98 31.54
CA VAL A 273 60.81 -29.59 31.17
C VAL A 273 59.45 -28.97 31.43
N LEU A 274 59.48 -27.72 31.89
CA LEU A 274 58.26 -26.99 32.13
C LEU A 274 58.24 -25.62 31.42
N LEU A 275 57.56 -25.60 30.29
CA LEU A 275 57.33 -24.40 29.50
C LEU A 275 56.29 -23.53 30.12
N VAL A 276 56.58 -22.27 30.42
CA VAL A 276 55.54 -21.44 31.00
C VAL A 276 55.00 -20.50 29.96
N CYS A 277 53.75 -20.71 29.54
CA CYS A 277 53.20 -19.93 28.41
C CYS A 277 51.89 -19.21 28.70
N ILE A 278 51.92 -18.35 29.70
CA ILE A 278 50.72 -17.85 30.30
C ILE A 278 50.30 -16.49 29.71
N GLY A 279 51.15 -15.85 28.91
CA GLY A 279 50.78 -14.59 28.28
C GLY A 279 52.02 -13.82 27.86
N ARG A 280 51.83 -12.58 27.37
CA ARG A 280 52.96 -11.70 27.06
C ARG A 280 52.53 -10.26 27.27
N ARG A 281 53.36 -9.41 27.89
CA ARG A 281 52.93 -8.07 28.23
C ARG A 281 53.76 -6.98 27.54
N PRO A 282 53.20 -5.78 27.49
CA PRO A 282 53.83 -4.69 26.79
C PRO A 282 55.10 -4.40 27.53
N PHE A 283 56.03 -3.71 26.90
CA PHE A 283 57.30 -3.49 27.51
C PHE A 283 57.69 -2.05 27.37
N THR A 284 57.82 -1.36 28.50
CA THR A 284 58.08 0.06 28.54
C THR A 284 59.15 0.39 29.52
N LYS A 285 59.75 -0.64 30.11
CA LYS A 285 60.75 -0.43 31.14
C LYS A 285 61.79 0.60 30.74
N ASN A 286 62.01 1.59 31.61
CA ASN A 286 63.05 2.61 31.39
C ASN A 286 63.01 3.42 30.06
N LEU A 287 61.83 3.73 29.58
CA LEU A 287 61.65 4.47 28.37
C LEU A 287 61.66 5.91 28.75
N GLY A 288 61.25 6.15 29.98
CA GLY A 288 61.22 7.49 30.53
C GLY A 288 59.84 8.12 30.50
N LEU A 289 58.79 7.30 30.52
CA LEU A 289 57.41 7.78 30.37
C LEU A 289 56.86 8.29 31.66
N GLU A 290 57.20 7.62 32.75
CA GLU A 290 56.75 8.06 34.05
C GLU A 290 57.02 9.56 34.14
N GLU A 291 58.25 9.97 33.84
CA GLU A 291 58.66 11.39 33.87
C GLU A 291 58.06 12.37 32.82
N LEU A 292 57.53 11.86 31.71
CA LEU A 292 56.86 12.74 30.77
C LEU A 292 55.38 12.80 31.08
N GLY A 293 54.96 12.13 32.15
CA GLY A 293 53.57 12.18 32.58
C GLY A 293 52.63 11.32 31.74
N ILE A 294 53.18 10.29 31.11
CA ILE A 294 52.36 9.36 30.34
C ILE A 294 51.96 8.17 31.19
N GLU A 295 50.68 8.09 31.52
CA GLU A 295 50.14 6.98 32.30
C GLU A 295 49.93 5.78 31.38
N LEU A 296 50.09 4.59 31.96
CA LEU A 296 49.79 3.35 31.25
C LEU A 296 48.35 2.83 31.45
N ASP A 297 47.86 2.07 30.46
CA ASP A 297 46.71 1.19 30.59
C ASP A 297 46.87 0.43 31.89
N PRO A 298 45.79 -0.01 32.50
CA PRO A 298 45.94 -0.90 33.65
C PRO A 298 46.56 -2.25 33.25
N ARG A 299 46.77 -2.51 31.95
CA ARG A 299 47.41 -3.77 31.56
C ARG A 299 48.81 -3.53 31.05
N GLY A 300 49.30 -2.32 31.32
CA GLY A 300 50.66 -1.98 30.96
C GLY A 300 50.90 -1.36 29.61
N ARG A 301 49.81 -1.01 28.90
CA ARG A 301 49.85 -0.52 27.51
C ARG A 301 49.84 1.00 27.40
N ILE A 302 50.18 1.51 26.23
CA ILE A 302 50.15 2.94 26.08
C ILE A 302 48.87 3.36 25.41
N PRO A 303 48.14 4.23 26.10
CA PRO A 303 46.93 4.87 25.59
C PRO A 303 47.27 5.83 24.44
N VAL A 304 46.91 5.39 23.25
CA VAL A 304 47.09 6.24 22.12
C VAL A 304 45.72 6.44 21.46
N ASN A 305 45.49 7.63 20.93
CA ASN A 305 44.27 7.94 20.22
C ASN A 305 44.18 7.32 18.85
N THR A 306 43.32 7.89 18.03
CA THR A 306 43.11 7.40 16.68
C THR A 306 44.28 7.48 15.75
N ARG A 307 45.01 8.60 15.73
CA ARG A 307 46.18 8.67 14.88
C ARG A 307 47.44 8.06 15.52
N PHE A 308 47.25 7.34 16.61
CA PHE A 308 48.33 6.66 17.36
C PHE A 308 49.17 7.59 18.22
N GLN A 309 48.57 8.74 18.59
CA GLN A 309 49.21 9.76 19.41
C GLN A 309 49.06 9.52 20.89
N THR A 310 50.13 9.63 21.66
CA THR A 310 49.97 9.53 23.11
C THR A 310 49.48 10.82 23.66
N LYS A 311 49.49 10.91 24.99
CA LYS A 311 49.09 12.14 25.63
C LYS A 311 49.94 13.32 25.11
N ILE A 312 51.22 13.05 24.81
CA ILE A 312 52.06 14.03 24.17
C ILE A 312 51.96 13.84 22.66
N PRO A 313 51.51 14.89 22.02
CA PRO A 313 51.06 14.80 20.62
C PRO A 313 52.16 14.29 19.63
N ASN A 314 53.40 14.75 19.76
CA ASN A 314 54.42 14.34 18.80
C ASN A 314 55.01 12.96 19.17
N ILE A 315 54.44 12.28 20.15
CA ILE A 315 55.02 11.01 20.53
C ILE A 315 53.98 9.97 20.32
N TYR A 316 54.22 9.02 19.41
CA TYR A 316 53.28 7.95 19.12
C TYR A 316 53.77 6.66 19.66
N ALA A 317 52.88 5.68 19.64
CA ALA A 317 53.18 4.31 20.03
C ALA A 317 52.35 3.33 19.17
N ILE A 318 52.89 2.15 18.85
CA ILE A 318 52.24 1.19 17.93
C ILE A 318 52.77 -0.25 18.23
N GLY A 319 52.05 -1.29 17.82
CA GLY A 319 52.51 -2.63 18.04
C GLY A 319 52.17 -3.20 19.40
N ASP A 320 52.89 -4.24 19.79
CA ASP A 320 52.57 -4.99 21.01
C ASP A 320 52.34 -4.14 22.27
N VAL A 321 52.81 -2.89 22.25
CA VAL A 321 52.88 -2.09 23.45
C VAL A 321 51.64 -1.24 23.56
N VAL A 322 50.78 -1.34 22.55
CA VAL A 322 49.57 -0.54 22.44
C VAL A 322 48.37 -1.49 22.25
N ALA A 323 47.15 -1.07 22.55
CA ALA A 323 46.01 -2.00 22.40
C ALA A 323 45.70 -2.57 20.99
N GLY A 324 45.06 -3.74 21.02
CA GLY A 324 44.78 -4.52 19.83
C GLY A 324 45.47 -5.87 19.95
N PRO A 325 45.32 -6.75 18.95
CA PRO A 325 45.95 -8.08 19.00
C PRO A 325 47.47 -8.01 18.94
N MET A 326 48.15 -8.84 19.71
CA MET A 326 49.62 -8.80 19.68
C MET A 326 50.19 -9.65 18.56
N LEU A 327 49.92 -9.23 17.33
CA LEU A 327 50.37 -9.91 16.14
C LEU A 327 51.35 -9.08 15.31
N ALA A 328 52.09 -9.77 14.45
CA ALA A 328 53.19 -9.10 13.81
C ALA A 328 52.65 -8.29 12.69
N HIS A 329 51.71 -8.88 11.96
CA HIS A 329 51.22 -8.18 10.81
C HIS A 329 50.46 -7.03 11.34
N LYS A 330 49.87 -7.20 12.51
CA LYS A 330 49.08 -6.15 13.16
C LYS A 330 49.94 -4.96 13.49
N ALA A 331 51.16 -5.24 13.95
CA ALA A 331 52.05 -4.14 14.27
C ALA A 331 52.53 -3.49 13.01
N GLU A 332 52.92 -4.27 12.00
CA GLU A 332 53.43 -3.70 10.78
C GLU A 332 52.43 -2.72 10.27
N ASP A 333 51.17 -3.10 10.38
CA ASP A 333 50.06 -2.31 9.87
C ASP A 333 49.98 -0.98 10.61
N GLU A 334 49.89 -1.00 11.95
CA GLU A 334 49.85 0.25 12.71
C GLU A 334 51.10 1.08 12.44
N GLY A 335 52.20 0.36 12.20
CA GLY A 335 53.46 1.02 11.95
C GLY A 335 53.30 1.89 10.73
N ILE A 336 52.99 1.25 9.60
CA ILE A 336 52.86 1.99 8.36
C ILE A 336 51.88 3.14 8.49
N ILE A 337 50.74 2.81 9.08
CA ILE A 337 49.63 3.68 9.06
C ILE A 337 49.99 4.88 9.90
N CYS A 338 50.53 4.63 11.07
CA CYS A 338 50.88 5.72 11.95
C CYS A 338 51.75 6.74 11.22
N VAL A 339 52.83 6.29 10.60
CA VAL A 339 53.70 7.15 9.79
C VAL A 339 53.02 7.91 8.64
N GLU A 340 52.25 7.21 7.82
CA GLU A 340 51.54 7.85 6.75
C GLU A 340 50.72 8.91 7.39
N GLY A 341 50.28 8.69 8.61
CA GLY A 341 49.61 9.76 9.35
C GLY A 341 50.47 11.01 9.60
N MET A 342 51.72 10.86 10.10
CA MET A 342 52.61 11.98 10.38
C MET A 342 52.68 12.65 9.06
N ALA A 343 52.90 11.86 8.02
CA ALA A 343 52.98 12.40 6.66
C ALA A 343 51.79 13.28 6.27
N GLY A 344 50.75 13.33 7.08
CA GLY A 344 49.52 14.02 6.70
C GLY A 344 48.44 13.22 5.97
N GLY A 345 48.44 11.90 6.16
CA GLY A 345 47.46 11.05 5.53
C GLY A 345 46.45 10.51 6.52
N ALA A 346 45.48 9.76 6.00
CA ALA A 346 44.38 9.24 6.80
C ALA A 346 44.77 7.99 7.48
N VAL A 347 44.30 7.85 8.71
CA VAL A 347 44.65 6.69 9.48
C VAL A 347 43.42 5.87 9.80
N HIS A 348 43.01 5.03 8.87
CA HIS A 348 41.98 4.05 9.21
C HIS A 348 42.62 2.66 9.33
N ILE A 349 42.28 1.96 10.40
CA ILE A 349 42.57 0.54 10.45
C ILE A 349 41.33 -0.25 10.92
N ASP A 350 40.98 -1.32 10.19
CA ASP A 350 39.80 -2.11 10.56
C ASP A 350 40.25 -3.33 11.33
N TYR A 351 40.06 -3.32 12.63
CA TYR A 351 40.62 -4.41 13.41
C TYR A 351 39.82 -5.69 13.26
N ASN A 352 38.63 -5.59 12.67
CA ASN A 352 37.91 -6.80 12.42
C ASN A 352 38.53 -7.66 11.33
N CYS A 353 39.17 -7.03 10.35
CA CYS A 353 39.79 -7.81 9.27
C CYS A 353 41.25 -8.21 9.46
N VAL A 354 41.63 -8.56 10.69
CA VAL A 354 42.99 -8.95 10.97
C VAL A 354 43.12 -10.47 11.28
N PRO A 355 43.70 -11.19 10.35
CA PRO A 355 43.58 -12.62 10.38
C PRO A 355 44.32 -13.09 11.61
N SER A 356 43.93 -14.23 12.18
CA SER A 356 44.63 -14.83 13.30
C SER A 356 44.96 -16.17 12.79
N VAL A 357 46.15 -16.64 13.13
CA VAL A 357 46.60 -17.94 12.63
C VAL A 357 47.36 -18.71 13.69
N ILE A 358 47.05 -20.00 13.86
CA ILE A 358 47.93 -20.91 14.60
C ILE A 358 48.57 -21.91 13.59
N TYR A 359 49.90 -22.01 13.51
CA TYR A 359 50.53 -22.84 12.50
C TYR A 359 50.85 -24.29 12.92
N THR A 360 50.03 -24.93 13.71
CA THR A 360 50.35 -26.31 13.93
C THR A 360 50.03 -27.04 12.62
N HIS A 361 49.91 -28.36 12.71
CA HIS A 361 49.34 -29.14 11.62
C HIS A 361 48.36 -30.06 12.21
N PRO A 362 47.09 -29.88 11.89
CA PRO A 362 46.60 -28.87 10.93
C PRO A 362 46.61 -27.43 11.39
N GLU A 363 46.68 -26.46 10.47
CA GLU A 363 46.64 -25.02 10.79
C GLU A 363 45.22 -24.58 11.26
N VAL A 364 45.16 -23.46 11.94
CA VAL A 364 43.89 -22.90 12.34
C VAL A 364 44.05 -21.45 12.03
N ALA A 365 43.16 -20.91 11.24
CA ALA A 365 43.20 -19.52 10.94
C ALA A 365 41.75 -19.03 10.90
N TRP A 366 41.53 -17.79 11.33
CA TRP A 366 40.21 -17.15 11.29
C TRP A 366 40.24 -15.62 11.12
N VAL A 367 39.13 -15.07 10.70
CA VAL A 367 39.09 -13.63 10.61
C VAL A 367 37.61 -13.22 10.78
N GLY A 368 37.36 -12.06 11.41
CA GLY A 368 36.01 -11.56 11.60
C GLY A 368 35.54 -12.12 12.91
N LYS A 369 34.22 -12.20 13.12
CA LYS A 369 33.58 -12.66 14.36
C LYS A 369 33.45 -14.17 14.47
N SER A 370 33.47 -14.68 15.69
CA SER A 370 33.17 -16.08 15.92
C SER A 370 31.70 -16.19 16.24
N GLU A 371 31.19 -17.40 16.39
CA GLU A 371 29.79 -17.57 16.73
C GLU A 371 29.42 -16.91 18.08
N GLU A 372 30.34 -16.97 19.04
CA GLU A 372 30.05 -16.50 20.38
C GLU A 372 30.04 -15.02 20.37
N GLN A 373 30.96 -14.42 19.66
CA GLN A 373 30.88 -12.99 19.56
C GLN A 373 29.65 -12.57 18.79
N LEU A 374 29.22 -13.32 17.78
CA LEU A 374 28.04 -12.89 17.08
C LEU A 374 26.76 -12.98 17.92
N LYS A 375 26.69 -13.93 18.86
CA LYS A 375 25.54 -14.01 19.76
C LYS A 375 25.64 -12.89 20.74
N GLU A 376 26.78 -12.74 21.39
CA GLU A 376 26.83 -11.77 22.44
C GLU A 376 26.42 -10.46 21.87
N GLU A 377 26.51 -10.30 20.55
CA GLU A 377 26.33 -9.03 19.91
C GLU A 377 24.90 -8.78 19.52
N GLY A 378 24.19 -9.86 19.25
CA GLY A 378 22.76 -9.79 18.98
C GLY A 378 22.50 -9.85 17.50
N ILE A 379 23.42 -10.48 16.80
CA ILE A 379 23.37 -10.54 15.37
C ILE A 379 22.86 -11.85 14.83
N GLU A 380 21.85 -11.73 14.01
CA GLU A 380 21.19 -12.83 13.37
C GLU A 380 22.03 -13.40 12.21
N TYR A 381 22.62 -14.58 12.38
CA TYR A 381 23.50 -15.14 11.35
C TYR A 381 23.17 -16.57 10.92
N LYS A 382 23.82 -17.02 9.85
CA LYS A 382 23.68 -18.38 9.40
C LYS A 382 25.08 -18.91 9.14
N VAL A 383 25.21 -20.24 9.15
CA VAL A 383 26.52 -20.83 8.98
C VAL A 383 26.58 -21.90 7.90
N GLY A 384 27.63 -21.91 7.10
CA GLY A 384 27.79 -22.96 6.11
C GLY A 384 29.13 -23.56 6.44
N LYS A 385 29.25 -24.89 6.28
CA LYS A 385 30.47 -25.66 6.61
C LYS A 385 30.86 -26.67 5.52
N PHE A 386 32.15 -26.75 5.22
CA PHE A 386 32.62 -27.70 4.26
C PHE A 386 33.85 -28.34 4.80
N PRO A 387 33.81 -29.65 5.01
CA PRO A 387 34.93 -30.36 5.59
C PRO A 387 35.97 -30.70 4.53
N PHE A 388 37.23 -30.81 4.98
CA PHE A 388 38.32 -31.16 4.08
C PHE A 388 38.23 -32.63 3.69
N ALA A 389 37.59 -33.47 4.49
CA ALA A 389 37.45 -34.86 3.98
C ALA A 389 36.81 -34.88 2.59
N ALA A 390 35.97 -33.87 2.27
CA ALA A 390 35.35 -33.75 0.93
C ALA A 390 36.13 -32.94 -0.10
N ASN A 391 37.21 -32.22 0.30
CA ASN A 391 38.04 -31.43 -0.63
C ASN A 391 38.96 -32.29 -1.47
N SER A 392 38.95 -32.15 -2.78
CA SER A 392 39.79 -33.05 -3.58
C SER A 392 41.26 -32.95 -3.29
N ARG A 393 41.86 -31.78 -3.50
CA ARG A 393 43.26 -31.58 -3.15
C ARG A 393 43.57 -32.23 -1.84
N ALA A 394 42.69 -32.11 -0.87
CA ALA A 394 42.99 -32.62 0.45
C ALA A 394 42.94 -34.13 0.42
N LYS A 395 41.91 -34.71 -0.17
CA LYS A 395 41.76 -36.15 -0.13
C LYS A 395 42.94 -36.77 -0.88
N THR A 396 43.37 -36.08 -1.95
CA THR A 396 44.42 -36.58 -2.84
C THR A 396 45.75 -36.60 -2.15
N ASN A 397 45.94 -35.77 -1.13
CA ASN A 397 47.21 -35.76 -0.38
C ASN A 397 47.11 -36.54 0.94
N ALA A 398 45.97 -37.20 1.14
CA ALA A 398 45.71 -37.97 2.38
C ALA A 398 46.01 -37.08 3.57
N ASP A 399 45.28 -35.98 3.67
CA ASP A 399 45.38 -34.97 4.70
C ASP A 399 44.01 -34.33 4.82
N THR A 400 43.10 -34.96 5.56
CA THR A 400 41.70 -34.56 5.45
C THR A 400 41.10 -34.04 6.72
N ASP A 401 41.87 -33.24 7.43
CA ASP A 401 41.47 -32.82 8.75
C ASP A 401 40.80 -31.49 8.67
N GLY A 402 39.63 -31.41 9.31
CA GLY A 402 39.03 -30.15 9.67
C GLY A 402 37.94 -29.70 8.72
N MET A 403 37.50 -28.46 8.83
CA MET A 403 36.46 -27.93 7.98
C MET A 403 36.73 -26.46 7.80
N VAL A 404 35.97 -25.81 6.95
CA VAL A 404 35.95 -24.35 6.88
C VAL A 404 34.57 -23.89 7.31
N LYS A 405 34.49 -23.06 8.35
CA LYS A 405 33.19 -22.53 8.82
C LYS A 405 32.97 -21.06 8.43
N ILE A 406 31.87 -20.78 7.72
CA ILE A 406 31.65 -19.42 7.32
C ILE A 406 30.43 -18.94 8.07
N LEU A 407 30.47 -17.67 8.49
CA LEU A 407 29.35 -17.07 9.19
C LEU A 407 28.83 -15.94 8.35
N GLY A 408 27.61 -16.08 7.84
CA GLY A 408 27.09 -14.99 7.06
C GLY A 408 25.85 -14.46 7.75
N GLN A 409 25.65 -13.15 7.59
CA GLN A 409 24.56 -12.52 8.25
C GLN A 409 23.35 -13.04 7.59
N LYS A 410 22.35 -13.35 8.40
CA LYS A 410 21.16 -14.09 7.95
C LYS A 410 20.40 -13.34 6.90
N SER A 411 20.35 -12.04 7.01
CA SER A 411 19.57 -11.33 6.04
C SER A 411 20.36 -10.85 4.81
N THR A 412 21.41 -10.04 4.98
CA THR A 412 22.20 -9.54 3.83
C THR A 412 23.22 -10.51 3.29
N ASP A 413 23.27 -11.71 3.85
CA ASP A 413 24.29 -12.71 3.45
C ASP A 413 25.75 -12.18 3.47
N ARG A 414 25.97 -11.04 4.14
CA ARG A 414 27.32 -10.51 4.38
C ARG A 414 28.16 -11.48 5.22
N VAL A 415 29.33 -11.81 4.75
CA VAL A 415 30.20 -12.66 5.48
C VAL A 415 30.58 -11.94 6.78
N LEU A 416 30.34 -12.59 7.93
CA LEU A 416 30.73 -11.98 9.19
C LEU A 416 31.91 -12.61 9.89
N GLY A 417 32.44 -13.69 9.35
CA GLY A 417 33.49 -14.42 10.03
C GLY A 417 33.83 -15.67 9.23
N ALA A 418 35.12 -15.99 9.09
CA ALA A 418 35.51 -17.14 8.32
C ALA A 418 36.41 -17.91 9.23
N HIS A 419 36.25 -19.20 9.41
CA HIS A 419 37.20 -19.92 10.25
C HIS A 419 37.73 -21.25 9.66
N ILE A 420 39.04 -21.43 9.49
CA ILE A 420 39.52 -22.62 8.79
C ILE A 420 40.33 -23.45 9.71
N LEU A 421 39.91 -24.68 9.96
CA LEU A 421 40.73 -25.66 10.63
C LEU A 421 41.14 -26.70 9.60
N GLY A 422 42.44 -26.78 9.32
CA GLY A 422 42.89 -27.69 8.27
C GLY A 422 44.19 -27.33 7.54
N PRO A 423 44.52 -28.08 6.50
CA PRO A 423 45.74 -27.77 5.74
C PRO A 423 45.58 -26.43 5.06
N GLY A 424 46.69 -25.70 4.99
CA GLY A 424 46.68 -24.46 4.23
C GLY A 424 45.75 -23.38 4.75
N ALA A 425 45.32 -23.49 6.02
CA ALA A 425 44.55 -22.42 6.65
C ALA A 425 45.23 -21.04 6.72
N GLY A 426 46.53 -21.01 6.97
CA GLY A 426 47.19 -19.72 7.09
C GLY A 426 47.12 -18.90 5.79
N GLU A 427 47.22 -19.57 4.66
CA GLU A 427 47.26 -18.82 3.43
C GLU A 427 45.83 -18.58 2.96
N MET A 428 44.93 -19.52 3.27
CA MET A 428 43.49 -19.35 2.98
C MET A 428 42.91 -18.15 3.67
N VAL A 429 43.03 -18.09 4.97
CA VAL A 429 42.56 -16.90 5.68
C VAL A 429 42.86 -15.52 5.01
N ASN A 430 43.81 -15.40 4.08
CA ASN A 430 44.02 -14.07 3.45
C ASN A 430 43.05 -13.75 2.37
N GLU A 431 42.82 -14.65 1.43
CA GLU A 431 41.62 -14.57 0.60
C GLU A 431 40.36 -14.10 1.39
N ALA A 432 40.02 -14.78 2.51
CA ALA A 432 38.92 -14.36 3.40
C ALA A 432 39.02 -12.88 3.77
N ALA A 433 40.03 -12.58 4.55
CA ALA A 433 40.44 -11.19 4.83
C ALA A 433 40.13 -10.21 3.72
N LEU A 434 40.47 -10.58 2.51
CA LEU A 434 40.23 -9.71 1.40
C LEU A 434 38.75 -9.51 1.24
N ALA A 435 38.00 -10.62 1.25
CA ALA A 435 36.59 -10.64 0.90
C ALA A 435 35.85 -9.81 1.90
N LEU A 436 36.29 -9.96 3.12
CA LEU A 436 35.76 -9.28 4.26
C LEU A 436 35.95 -7.74 4.20
N GLU A 437 37.12 -7.29 3.75
CA GLU A 437 37.35 -5.84 3.52
C GLU A 437 36.52 -5.30 2.37
N TYR A 438 35.95 -6.22 1.62
CA TYR A 438 35.07 -5.85 0.53
C TYR A 438 33.59 -5.89 0.94
N GLY A 439 33.30 -6.31 2.16
CA GLY A 439 31.94 -6.54 2.49
C GLY A 439 31.37 -7.56 1.52
N ALA A 440 32.16 -8.58 1.26
CA ALA A 440 31.70 -9.68 0.46
C ALA A 440 30.47 -10.29 1.11
N SER A 441 29.68 -10.98 0.29
CA SER A 441 28.61 -11.85 0.79
C SER A 441 29.01 -13.26 0.46
N CYS A 442 28.56 -14.25 1.24
CA CYS A 442 28.82 -15.64 0.87
C CYS A 442 28.45 -15.98 -0.57
N GLU A 443 27.51 -15.25 -1.13
CA GLU A 443 27.19 -15.43 -2.53
C GLU A 443 28.32 -14.97 -3.41
N ASP A 444 28.82 -13.75 -3.22
CA ASP A 444 29.91 -13.19 -4.02
C ASP A 444 31.08 -14.13 -4.10
N ILE A 445 31.47 -14.65 -2.94
CA ILE A 445 32.68 -15.40 -2.87
C ILE A 445 32.43 -16.72 -3.54
N ALA A 446 31.24 -17.27 -3.36
CA ALA A 446 30.87 -18.49 -4.14
C ALA A 446 30.89 -18.36 -5.69
N ARG A 447 30.43 -17.25 -6.24
CA ARG A 447 30.59 -17.02 -7.69
C ARG A 447 32.01 -16.70 -8.18
N VAL A 448 33.02 -16.82 -7.34
CA VAL A 448 34.38 -16.56 -7.83
C VAL A 448 35.02 -17.88 -8.31
N CYS A 449 35.71 -17.84 -9.45
CA CYS A 449 36.20 -19.08 -10.00
C CYS A 449 37.47 -19.64 -9.31
N HIS A 450 37.33 -20.55 -8.34
CA HIS A 450 38.53 -20.99 -7.65
C HIS A 450 39.06 -22.17 -8.37
N ALA A 451 40.37 -22.25 -8.50
CA ALA A 451 40.97 -23.22 -9.38
C ALA A 451 40.90 -24.58 -8.75
N HIS A 452 40.81 -25.58 -9.62
CA HIS A 452 40.75 -26.97 -9.22
C HIS A 452 42.06 -27.71 -9.47
N PRO A 453 42.34 -28.70 -8.61
CA PRO A 453 41.72 -28.80 -7.29
C PRO A 453 42.55 -28.10 -6.24
N THR A 454 41.91 -27.27 -5.42
CA THR A 454 42.67 -26.58 -4.39
C THR A 454 42.01 -26.66 -3.03
N LEU A 455 42.81 -26.47 -1.98
CA LEU A 455 42.31 -26.29 -0.60
C LEU A 455 41.23 -25.22 -0.60
N SER A 456 41.52 -24.13 -1.31
CA SER A 456 40.64 -23.00 -1.49
C SER A 456 39.24 -23.34 -1.85
N GLU A 457 39.10 -24.42 -2.59
CA GLU A 457 37.81 -24.71 -3.14
C GLU A 457 36.82 -24.98 -1.97
N ALA A 458 37.31 -25.54 -0.87
CA ALA A 458 36.46 -25.74 0.30
C ALA A 458 36.05 -24.41 0.99
N PHE A 459 36.84 -23.38 0.78
CA PHE A 459 36.46 -22.05 1.25
C PHE A 459 35.32 -21.56 0.42
N ARG A 460 35.35 -21.93 -0.86
CA ARG A 460 34.27 -21.55 -1.76
C ARG A 460 33.01 -22.35 -1.43
N GLU A 461 33.20 -23.64 -1.20
CA GLU A 461 32.05 -24.50 -0.91
C GLU A 461 31.32 -24.23 0.40
N ALA A 462 32.01 -23.62 1.36
CA ALA A 462 31.39 -23.25 2.62
C ALA A 462 30.55 -22.00 2.45
N ASN A 463 30.84 -21.15 1.50
CA ASN A 463 29.96 -20.01 1.32
C ASN A 463 28.81 -20.34 0.45
N LEU A 464 29.08 -21.13 -0.57
CA LEU A 464 28.05 -21.82 -1.32
C LEU A 464 27.00 -22.52 -0.36
N ALA A 465 27.46 -22.98 0.78
CA ALA A 465 26.59 -23.66 1.70
C ALA A 465 25.80 -22.66 2.55
N ALA A 466 26.41 -21.50 2.78
CA ALA A 466 25.83 -20.51 3.64
C ALA A 466 24.89 -19.61 2.85
N SER A 467 24.86 -19.70 1.55
CA SER A 467 24.07 -18.67 0.88
C SER A 467 23.03 -19.24 -0.02
N PHE A 468 22.89 -20.56 -0.01
CA PHE A 468 22.06 -21.25 -0.97
C PHE A 468 21.58 -22.40 -0.14
N GLY A 469 22.30 -22.77 0.92
CA GLY A 469 21.81 -23.80 1.81
C GLY A 469 22.44 -25.17 1.80
N LYS A 470 23.32 -25.40 0.82
CA LYS A 470 24.03 -26.68 0.68
C LYS A 470 25.02 -26.55 -0.47
N SER A 471 26.10 -27.34 -0.45
CA SER A 471 27.07 -27.20 -1.53
C SER A 471 26.91 -28.36 -2.53
N ILE A 472 27.73 -28.43 -3.58
CA ILE A 472 27.65 -29.59 -4.45
C ILE A 472 28.39 -30.81 -3.90
N ASN A 473 29.62 -30.65 -3.45
CA ASN A 473 30.38 -31.83 -3.04
C ASN A 473 30.07 -32.33 -1.62
N PHE A 474 29.31 -31.56 -0.87
CA PHE A 474 28.94 -31.98 0.44
C PHE A 474 27.58 -31.41 0.83
N ALA B 1 12.90 -54.88 -17.74
CA ALA B 1 13.67 -53.82 -17.01
C ALA B 1 14.03 -52.62 -17.91
N ASP B 2 14.92 -52.83 -18.90
CA ASP B 2 15.32 -51.81 -19.89
C ASP B 2 14.08 -51.08 -20.47
N GLN B 3 13.66 -50.01 -19.79
CA GLN B 3 12.35 -49.41 -20.05
C GLN B 3 12.39 -47.89 -19.90
N PRO B 4 11.61 -47.15 -20.70
CA PRO B 4 11.74 -45.69 -20.77
C PRO B 4 11.76 -45.01 -19.38
N ILE B 5 12.46 -43.87 -19.24
CA ILE B 5 12.31 -42.97 -18.12
C ILE B 5 12.26 -41.58 -18.67
N ASP B 6 11.89 -40.62 -17.83
CA ASP B 6 11.87 -39.24 -18.26
C ASP B 6 12.45 -38.36 -17.21
N ALA B 7 12.89 -37.21 -17.67
CA ALA B 7 13.59 -36.30 -16.86
C ALA B 7 13.43 -34.92 -17.49
N ASP B 8 13.84 -33.94 -16.71
CA ASP B 8 13.81 -32.55 -17.09
C ASP B 8 15.13 -32.25 -17.77
N VAL B 9 16.23 -32.66 -17.11
CA VAL B 9 17.56 -32.63 -17.70
C VAL B 9 18.22 -34.00 -17.63
N THR B 10 18.83 -34.39 -18.74
CA THR B 10 19.64 -35.57 -18.82
C THR B 10 20.99 -35.09 -19.22
N VAL B 11 21.97 -35.44 -18.42
CA VAL B 11 23.35 -35.04 -18.65
C VAL B 11 24.25 -36.18 -19.13
N ILE B 12 24.93 -35.94 -20.24
CA ILE B 12 25.87 -36.94 -20.76
C ILE B 12 27.35 -36.72 -20.26
N GLY B 13 27.86 -37.66 -19.44
CA GLY B 13 29.20 -37.53 -18.86
C GLY B 13 29.10 -37.26 -17.37
N SER B 14 30.11 -37.63 -16.61
CA SER B 14 30.06 -37.37 -15.16
C SER B 14 31.47 -37.00 -14.77
N GLY B 15 32.04 -36.10 -15.60
CA GLY B 15 33.34 -35.54 -15.39
C GLY B 15 32.99 -34.38 -14.53
N PRO B 16 33.94 -33.49 -14.30
CA PRO B 16 33.61 -32.25 -13.61
C PRO B 16 32.55 -31.53 -14.45
N GLY B 17 31.69 -30.76 -13.84
CA GLY B 17 30.82 -30.04 -14.73
C GLY B 17 29.71 -30.88 -15.35
N GLY B 18 29.98 -32.16 -15.57
CA GLY B 18 28.92 -33.03 -16.04
C GLY B 18 28.18 -33.44 -14.78
N TYR B 19 28.90 -33.81 -13.76
CA TYR B 19 28.19 -34.35 -12.65
C TYR B 19 27.81 -33.27 -11.66
N VAL B 20 28.54 -32.17 -11.72
CA VAL B 20 28.27 -31.03 -10.89
C VAL B 20 26.97 -30.38 -11.43
N ALA B 21 26.84 -30.21 -12.75
CA ALA B 21 25.56 -29.75 -13.27
C ALA B 21 24.42 -30.70 -12.91
N ALA B 22 24.71 -32.00 -12.87
CA ALA B 22 23.71 -33.03 -12.54
C ALA B 22 23.23 -32.79 -11.15
N ILE B 23 24.11 -32.93 -10.19
CA ILE B 23 23.80 -32.44 -8.85
C ILE B 23 23.13 -31.07 -8.75
N LYS B 24 23.73 -30.02 -9.30
CA LYS B 24 23.09 -28.71 -9.23
C LYS B 24 21.64 -28.76 -9.72
N ALA B 25 21.43 -29.24 -10.93
CA ALA B 25 20.11 -29.33 -11.52
C ALA B 25 19.13 -30.00 -10.55
N ALA B 26 19.55 -31.15 -9.98
CA ALA B 26 18.73 -31.92 -9.04
C ALA B 26 18.35 -31.03 -7.88
N GLN B 27 19.31 -30.26 -7.38
CA GLN B 27 18.98 -29.45 -6.26
C GLN B 27 18.13 -28.25 -6.57
N LEU B 28 17.95 -27.90 -7.84
CA LEU B 28 17.01 -26.81 -8.17
C LEU B 28 15.64 -27.43 -8.43
N GLY B 29 15.58 -28.75 -8.42
CA GLY B 29 14.33 -29.43 -8.57
C GLY B 29 13.95 -29.88 -9.96
N PHE B 30 14.97 -30.16 -10.78
CA PHE B 30 14.77 -30.90 -12.01
C PHE B 30 14.92 -32.37 -11.68
N LYS B 31 14.07 -33.22 -12.24
CA LYS B 31 14.31 -34.67 -12.23
C LYS B 31 15.46 -34.93 -13.20
N THR B 32 16.67 -35.23 -12.70
CA THR B 32 17.81 -35.35 -13.58
C THR B 32 18.35 -36.77 -13.63
N VAL B 33 19.05 -37.06 -14.71
CA VAL B 33 19.57 -38.36 -15.06
C VAL B 33 20.97 -38.11 -15.62
N CYS B 34 21.97 -38.81 -15.12
CA CYS B 34 23.31 -38.65 -15.64
C CYS B 34 23.78 -39.92 -16.29
N ILE B 35 24.10 -39.93 -17.57
CA ILE B 35 24.55 -41.16 -18.17
C ILE B 35 26.06 -41.12 -18.24
N GLU B 36 26.71 -42.23 -17.97
CA GLU B 36 28.16 -42.27 -18.07
C GLU B 36 28.60 -43.64 -18.65
N LYS B 37 29.41 -43.64 -19.71
CA LYS B 37 29.90 -44.92 -20.25
C LYS B 37 30.91 -45.73 -19.44
N ASN B 38 31.84 -45.09 -18.76
CA ASN B 38 32.81 -45.82 -17.97
C ASN B 38 32.27 -46.48 -16.76
N GLU B 39 33.06 -47.41 -16.26
CA GLU B 39 32.72 -48.16 -15.06
C GLU B 39 32.71 -47.24 -13.81
N THR B 40 33.43 -46.12 -13.83
CA THR B 40 33.39 -45.29 -12.65
C THR B 40 32.93 -43.91 -13.05
N LEU B 41 32.53 -43.09 -12.09
CA LEU B 41 32.24 -41.67 -12.35
C LEU B 41 33.44 -40.75 -12.12
N GLY B 42 33.34 -39.51 -12.59
CA GLY B 42 34.35 -38.52 -12.33
C GLY B 42 35.00 -37.89 -13.55
N GLY B 43 34.87 -38.55 -14.68
CA GLY B 43 35.54 -38.14 -15.92
C GLY B 43 37.04 -38.31 -15.98
N THR B 44 37.70 -37.50 -16.81
CA THR B 44 39.12 -37.69 -16.92
C THR B 44 39.86 -37.05 -15.78
N CYS B 45 39.38 -35.91 -15.35
CA CYS B 45 39.94 -35.25 -14.20
C CYS B 45 40.18 -36.18 -13.01
N LEU B 46 39.14 -36.89 -12.59
CA LEU B 46 39.26 -37.76 -11.44
C LEU B 46 39.93 -39.11 -11.73
N ASN B 47 39.74 -39.69 -12.91
CA ASN B 47 40.29 -41.03 -13.19
C ASN B 47 41.71 -41.09 -13.79
N VAL B 48 41.91 -40.36 -14.88
CA VAL B 48 43.21 -40.38 -15.47
C VAL B 48 43.87 -38.97 -15.63
N GLY B 49 43.60 -38.03 -14.71
CA GLY B 49 43.99 -36.65 -14.98
C GLY B 49 44.46 -35.91 -13.75
N CYS B 50 43.81 -34.77 -13.50
CA CYS B 50 43.98 -33.96 -12.29
C CYS B 50 44.31 -34.72 -11.02
N ILE B 51 43.35 -35.44 -10.45
CA ILE B 51 43.56 -36.16 -9.18
C ILE B 51 44.77 -37.11 -9.18
N PRO B 52 44.77 -38.09 -10.05
CA PRO B 52 45.85 -39.08 -10.07
C PRO B 52 47.20 -38.42 -10.24
N SER B 53 47.27 -37.35 -10.99
CA SER B 53 48.56 -36.75 -11.29
C SER B 53 49.04 -35.91 -10.10
N LYS B 54 48.08 -35.33 -9.38
CA LYS B 54 48.35 -34.60 -8.17
C LYS B 54 48.84 -35.57 -7.10
N ALA B 55 48.24 -36.75 -7.04
CA ALA B 55 48.68 -37.77 -6.11
C ALA B 55 50.18 -38.11 -6.29
N LEU B 56 50.62 -38.31 -7.54
CA LEU B 56 52.03 -38.54 -7.82
C LEU B 56 52.93 -37.35 -7.68
N LEU B 57 52.48 -36.14 -8.03
CA LEU B 57 53.36 -34.94 -7.94
C LEU B 57 53.67 -34.72 -6.48
N ASN B 58 52.71 -35.07 -5.65
CA ASN B 58 52.84 -34.86 -4.24
C ASN B 58 53.64 -35.99 -3.67
N ASN B 59 53.37 -37.21 -4.09
CA ASN B 59 54.18 -38.25 -3.51
C ASN B 59 55.65 -38.17 -3.93
N SER B 60 55.91 -38.00 -5.22
CA SER B 60 57.29 -37.87 -5.72
C SER B 60 58.01 -36.64 -5.20
N HIS B 61 57.27 -35.59 -4.86
CA HIS B 61 57.94 -34.46 -4.18
C HIS B 61 58.48 -34.80 -2.77
N TYR B 62 57.78 -35.61 -2.00
CA TYR B 62 58.26 -36.06 -0.72
C TYR B 62 59.42 -37.00 -0.85
N TYR B 63 59.53 -37.68 -1.99
CA TYR B 63 60.73 -38.45 -2.31
C TYR B 63 61.92 -37.51 -2.54
N HIS B 64 61.74 -36.55 -3.44
CA HIS B 64 62.85 -35.71 -3.82
C HIS B 64 63.39 -34.98 -2.59
N MET B 65 62.58 -34.93 -1.56
CA MET B 65 63.00 -34.32 -0.31
C MET B 65 63.69 -35.28 0.61
N ALA B 66 63.20 -36.52 0.71
CA ALA B 66 63.79 -37.44 1.64
C ALA B 66 65.03 -38.07 1.04
N HIS B 67 65.12 -38.03 -0.29
CA HIS B 67 66.18 -38.74 -0.96
C HIS B 67 67.19 -37.75 -1.48
N GLY B 68 67.20 -36.57 -0.90
CA GLY B 68 68.12 -35.57 -1.34
C GLY B 68 68.63 -34.85 -0.13
N LYS B 69 69.05 -33.63 -0.37
CA LYS B 69 69.66 -32.84 0.66
C LYS B 69 68.68 -32.18 1.62
N ASP B 70 67.37 -32.12 1.31
CA ASP B 70 66.39 -31.33 2.10
C ASP B 70 66.30 -31.81 3.52
N PHE B 71 65.67 -32.98 3.65
CA PHE B 71 65.57 -33.61 4.94
C PHE B 71 66.91 -33.57 5.65
N ALA B 72 67.95 -34.08 5.03
CA ALA B 72 69.29 -34.00 5.64
C ALA B 72 69.66 -32.61 6.25
N SER B 73 69.28 -31.50 5.58
CA SER B 73 69.62 -30.15 6.04
C SER B 73 68.64 -29.65 7.13
N ARG B 74 67.54 -30.40 7.32
CA ARG B 74 66.56 -30.14 8.38
C ARG B 74 66.89 -30.99 9.58
N GLY B 75 67.96 -31.76 9.51
CA GLY B 75 68.27 -32.62 10.63
C GLY B 75 67.44 -33.90 10.71
N ILE B 76 66.78 -34.27 9.62
CA ILE B 76 66.17 -35.58 9.53
C ILE B 76 67.13 -36.54 8.83
N GLU B 77 68.00 -37.18 9.59
CA GLU B 77 68.93 -38.14 9.00
C GLU B 77 68.25 -39.46 8.79
N MET B 78 68.51 -40.06 7.64
CA MET B 78 67.96 -41.38 7.39
C MET B 78 68.97 -42.37 6.76
N SER B 79 68.97 -43.62 7.25
CA SER B 79 69.79 -44.66 6.66
C SER B 79 69.60 -44.67 5.15
N GLU B 80 68.66 -45.46 4.64
CA GLU B 80 68.50 -45.60 3.19
C GLU B 80 67.13 -45.12 2.77
N VAL B 81 67.04 -44.38 1.66
CA VAL B 81 65.72 -43.98 1.13
C VAL B 81 65.42 -44.74 -0.15
N ARG B 82 64.68 -45.81 0.03
CA ARG B 82 64.36 -46.78 -1.00
C ARG B 82 62.97 -46.39 -1.53
N LEU B 83 62.76 -46.49 -2.83
CA LEU B 83 61.43 -46.28 -3.41
C LEU B 83 60.62 -47.60 -3.58
N ASN B 84 59.33 -47.58 -3.31
CA ASN B 84 58.49 -48.74 -3.52
C ASN B 84 57.34 -48.31 -4.43
N LEU B 85 57.59 -48.25 -5.74
CA LEU B 85 56.61 -47.72 -6.66
C LEU B 85 55.26 -48.40 -6.52
N ASP B 86 55.24 -49.69 -6.28
CA ASP B 86 53.95 -50.33 -6.17
C ASP B 86 53.08 -49.60 -5.16
N LYS B 87 53.68 -49.23 -4.03
CA LYS B 87 52.96 -48.68 -2.90
C LYS B 87 52.61 -47.24 -3.11
N MET B 88 53.46 -46.49 -3.81
CA MET B 88 53.13 -45.10 -4.07
C MET B 88 51.99 -45.00 -5.08
N MET B 89 51.98 -45.97 -6.00
CA MET B 89 50.91 -46.08 -6.97
C MET B 89 49.66 -46.56 -6.26
N GLU B 90 49.87 -47.35 -5.21
CA GLU B 90 48.77 -47.87 -4.43
C GLU B 90 48.12 -46.82 -3.58
N GLN B 91 48.77 -45.68 -3.33
CA GLN B 91 48.03 -44.65 -2.61
C GLN B 91 47.32 -43.76 -3.58
N LYS B 92 47.73 -43.77 -4.82
CA LYS B 92 47.05 -42.88 -5.75
C LYS B 92 45.74 -43.53 -6.11
N SER B 93 45.77 -44.84 -6.28
CA SER B 93 44.54 -45.52 -6.70
C SER B 93 43.53 -45.40 -5.59
N THR B 94 44.02 -45.61 -4.39
CA THR B 94 43.29 -45.24 -3.20
C THR B 94 42.53 -43.92 -3.27
N ALA B 95 43.21 -42.79 -3.43
CA ALA B 95 42.55 -41.48 -3.56
C ALA B 95 41.43 -41.51 -4.59
N VAL B 96 41.81 -41.85 -5.82
CA VAL B 96 40.83 -41.92 -6.90
C VAL B 96 39.63 -42.77 -6.58
N LYS B 97 39.88 -43.96 -6.02
CA LYS B 97 38.78 -44.86 -5.76
C LYS B 97 37.87 -44.24 -4.74
N ALA B 98 38.47 -43.71 -3.68
CA ALA B 98 37.66 -43.10 -2.63
C ALA B 98 36.88 -41.97 -3.23
N LEU B 99 37.53 -41.11 -4.03
CA LEU B 99 36.86 -39.94 -4.59
C LEU B 99 35.69 -40.34 -5.52
N THR B 100 35.92 -41.21 -6.52
CA THR B 100 34.82 -41.64 -7.38
C THR B 100 33.68 -42.30 -6.62
N GLY B 101 34.03 -42.96 -5.52
CA GLY B 101 33.04 -43.47 -4.60
C GLY B 101 32.13 -42.35 -4.19
N GLY B 102 32.72 -41.28 -3.61
CA GLY B 102 32.03 -40.03 -3.26
C GLY B 102 30.99 -39.45 -4.25
N ILE B 103 31.31 -39.53 -5.53
CA ILE B 103 30.41 -38.99 -6.51
C ILE B 103 29.20 -39.83 -6.56
N ALA B 104 29.39 -41.16 -6.50
CA ALA B 104 28.28 -42.13 -6.61
C ALA B 104 27.31 -41.89 -5.48
N HIS B 105 27.90 -41.70 -4.31
CA HIS B 105 27.19 -41.29 -3.12
C HIS B 105 26.53 -39.89 -3.23
N LEU B 106 27.17 -38.87 -3.78
CA LEU B 106 26.44 -37.60 -3.94
C LEU B 106 25.28 -37.74 -4.85
N PHE B 107 25.46 -38.49 -5.90
CA PHE B 107 24.39 -38.65 -6.79
C PHE B 107 23.24 -39.30 -6.02
N LYS B 108 23.50 -40.16 -5.04
CA LYS B 108 22.36 -40.73 -4.31
C LYS B 108 21.66 -39.70 -3.40
N GLN B 109 22.40 -38.89 -2.65
CA GLN B 109 21.68 -37.96 -1.80
C GLN B 109 20.91 -36.85 -2.53
N ASN B 110 21.36 -36.47 -3.72
CA ASN B 110 20.66 -35.45 -4.49
C ASN B 110 19.69 -36.09 -5.45
N LYS B 111 19.43 -37.36 -5.19
CA LYS B 111 18.49 -38.18 -5.93
C LYS B 111 18.74 -38.19 -7.46
N VAL B 112 19.97 -38.02 -7.90
CA VAL B 112 20.32 -38.02 -9.34
C VAL B 112 20.33 -39.44 -9.88
N VAL B 113 19.62 -39.64 -10.99
CA VAL B 113 19.49 -40.99 -11.51
C VAL B 113 20.72 -41.31 -12.31
N HIS B 114 21.41 -42.39 -11.93
CA HIS B 114 22.63 -42.81 -12.64
C HIS B 114 22.34 -43.88 -13.72
N VAL B 115 22.60 -43.59 -15.00
CA VAL B 115 22.52 -44.58 -16.05
C VAL B 115 23.88 -44.88 -16.66
N ASN B 116 24.26 -46.13 -16.57
CA ASN B 116 25.52 -46.53 -17.12
C ASN B 116 25.36 -46.85 -18.60
N GLY B 117 26.29 -46.40 -19.42
CA GLY B 117 26.18 -46.71 -20.82
C GLY B 117 26.62 -45.57 -21.70
N TYR B 118 26.75 -45.86 -22.98
CA TYR B 118 27.19 -44.91 -23.96
C TYR B 118 25.88 -44.28 -24.44
N GLY B 119 25.80 -42.95 -24.33
CA GLY B 119 24.58 -42.25 -24.67
C GLY B 119 24.68 -41.69 -26.06
N LYS B 120 23.60 -41.82 -26.82
CA LYS B 120 23.44 -41.24 -28.16
C LYS B 120 22.21 -40.38 -28.13
N ILE B 121 22.23 -39.23 -28.77
CA ILE B 121 21.00 -38.44 -28.80
C ILE B 121 20.13 -38.87 -29.96
N THR B 122 19.16 -39.71 -29.68
CA THR B 122 18.35 -40.24 -30.76
C THR B 122 17.33 -39.26 -31.31
N GLY B 123 17.14 -38.11 -30.64
CA GLY B 123 16.13 -37.13 -31.01
C GLY B 123 16.08 -35.93 -30.08
N LYS B 124 15.49 -34.81 -30.49
CA LYS B 124 15.65 -33.60 -29.66
C LYS B 124 15.17 -33.77 -28.25
N ASN B 125 14.48 -34.86 -27.96
CA ASN B 125 13.97 -35.05 -26.63
C ASN B 125 14.26 -36.45 -26.16
N GLN B 126 15.18 -37.12 -26.84
CA GLN B 126 15.51 -38.50 -26.48
C GLN B 126 17.00 -38.83 -26.48
N VAL B 127 17.46 -39.51 -25.44
CA VAL B 127 18.79 -40.05 -25.41
C VAL B 127 18.71 -41.55 -25.22
N THR B 128 19.58 -42.26 -25.91
CA THR B 128 19.56 -43.70 -25.81
C THR B 128 20.91 -44.15 -25.32
N ALA B 129 20.92 -44.76 -24.13
CA ALA B 129 22.14 -45.31 -23.53
C ALA B 129 22.31 -46.80 -23.83
N THR B 130 23.46 -47.17 -24.42
CA THR B 130 23.73 -48.58 -24.73
C THR B 130 24.81 -49.11 -23.81
N LYS B 131 24.46 -50.15 -23.04
CA LYS B 131 25.33 -50.72 -22.02
C LYS B 131 26.44 -51.55 -22.69
N ALA B 132 27.33 -52.10 -21.86
CA ALA B 132 28.44 -52.95 -22.32
C ALA B 132 27.98 -54.07 -23.29
N ASP B 133 26.87 -54.71 -22.91
CA ASP B 133 26.28 -55.82 -23.62
C ASP B 133 24.99 -55.48 -24.36
N GLY B 134 25.05 -54.65 -25.39
CA GLY B 134 23.84 -54.28 -26.12
C GLY B 134 22.63 -53.77 -25.30
N GLY B 135 22.47 -54.25 -24.05
CA GLY B 135 21.37 -53.82 -23.18
C GLY B 135 21.15 -52.32 -23.36
N THR B 136 19.92 -51.92 -23.71
CA THR B 136 19.63 -50.52 -23.99
C THR B 136 18.80 -49.82 -22.88
N GLN B 137 18.77 -48.48 -22.83
CA GLN B 137 17.96 -47.72 -21.84
C GLN B 137 17.53 -46.38 -22.42
N VAL B 138 16.23 -46.15 -22.61
CA VAL B 138 15.82 -44.90 -23.28
C VAL B 138 15.45 -43.78 -22.31
N ILE B 139 15.85 -42.57 -22.63
CA ILE B 139 15.46 -41.43 -21.81
C ILE B 139 14.78 -40.29 -22.56
N ASP B 140 13.47 -40.11 -22.34
CA ASP B 140 12.72 -38.94 -22.84
C ASP B 140 12.92 -37.79 -21.86
N THR B 141 13.46 -36.70 -22.36
CA THR B 141 13.90 -35.62 -21.51
C THR B 141 13.59 -34.26 -22.12
N LYS B 142 13.32 -33.31 -21.24
CA LYS B 142 13.04 -31.93 -21.59
C LYS B 142 14.31 -31.32 -22.16
N ASN B 143 15.34 -31.22 -21.34
CA ASN B 143 16.65 -30.76 -21.84
C ASN B 143 17.67 -31.85 -21.89
N ILE B 144 18.55 -31.83 -22.88
CA ILE B 144 19.66 -32.75 -22.76
C ILE B 144 20.96 -31.92 -22.67
N LEU B 145 21.85 -32.25 -21.75
CA LEU B 145 23.04 -31.45 -21.59
C LEU B 145 24.30 -32.24 -21.87
N ILE B 146 25.04 -31.82 -22.89
CA ILE B 146 26.26 -32.48 -23.38
C ILE B 146 27.53 -32.07 -22.59
N ALA B 147 28.15 -33.04 -21.92
CA ALA B 147 29.40 -32.79 -21.29
C ALA B 147 30.38 -33.99 -21.54
N THR B 148 30.51 -34.42 -22.80
CA THR B 148 31.30 -35.63 -23.09
C THR B 148 32.82 -35.49 -22.99
N GLY B 149 33.29 -34.35 -22.49
CA GLY B 149 34.71 -34.15 -22.27
C GLY B 149 35.67 -34.10 -23.43
N SER B 150 36.91 -34.54 -23.21
CA SER B 150 37.98 -34.45 -24.21
C SER B 150 38.73 -35.75 -24.20
N GLU B 151 39.64 -35.89 -25.16
CA GLU B 151 40.44 -37.11 -25.31
C GLU B 151 41.84 -36.68 -25.72
N VAL B 152 42.80 -37.60 -25.82
CA VAL B 152 44.17 -37.25 -26.18
C VAL B 152 44.28 -36.78 -27.63
N THR B 153 45.01 -35.70 -27.91
CA THR B 153 45.38 -35.41 -29.29
C THR B 153 46.50 -36.35 -29.81
N PRO B 154 46.29 -37.21 -30.81
CA PRO B 154 47.39 -38.12 -31.16
C PRO B 154 48.41 -37.44 -32.08
N PHE B 155 49.65 -37.95 -32.06
CA PHE B 155 50.78 -37.32 -32.74
C PHE B 155 50.97 -37.97 -34.09
N PRO B 156 51.05 -37.15 -35.15
CA PRO B 156 51.30 -37.60 -36.53
C PRO B 156 52.26 -38.82 -36.66
N GLY B 157 51.80 -39.91 -37.23
CA GLY B 157 52.66 -41.07 -37.37
C GLY B 157 53.42 -41.57 -36.16
N ILE B 158 52.76 -41.68 -35.00
CA ILE B 158 53.28 -42.35 -33.77
C ILE B 158 52.08 -42.95 -33.05
N THR B 159 52.15 -44.16 -32.56
CA THR B 159 50.91 -44.73 -32.03
C THR B 159 51.04 -45.00 -30.56
N ILE B 160 50.19 -44.39 -29.72
CA ILE B 160 50.20 -44.69 -28.27
C ILE B 160 49.73 -46.13 -27.97
N ASP B 161 50.58 -46.98 -27.45
CA ASP B 161 50.08 -48.30 -27.07
C ASP B 161 49.87 -48.42 -25.58
N GLU B 162 50.20 -47.33 -24.91
CA GLU B 162 50.08 -47.23 -23.46
C GLU B 162 50.95 -48.24 -22.70
N ASP B 163 52.04 -48.65 -23.30
CA ASP B 163 52.87 -49.63 -22.65
C ASP B 163 54.25 -49.07 -22.65
N THR B 164 54.73 -48.66 -23.83
CA THR B 164 56.06 -48.07 -23.91
C THR B 164 55.93 -46.74 -24.66
N ILE B 165 54.84 -46.54 -25.34
CA ILE B 165 54.60 -45.26 -25.91
C ILE B 165 53.27 -44.97 -25.31
N VAL B 166 53.27 -44.02 -24.41
CA VAL B 166 52.18 -43.79 -23.52
C VAL B 166 51.74 -42.37 -23.75
N SER B 167 50.55 -42.09 -23.25
CA SER B 167 50.02 -40.78 -23.18
C SER B 167 49.91 -40.52 -21.68
N SER B 168 49.22 -39.44 -21.35
CA SER B 168 49.12 -39.05 -19.97
C SER B 168 48.63 -40.25 -19.17
N THR B 169 47.56 -40.91 -19.61
CA THR B 169 47.07 -42.13 -18.94
C THR B 169 48.14 -43.12 -18.59
N GLY B 170 48.85 -43.56 -19.62
CA GLY B 170 49.82 -44.60 -19.45
C GLY B 170 50.81 -44.10 -18.44
N ALA B 171 51.28 -42.88 -18.70
CA ALA B 171 52.26 -42.24 -17.85
C ALA B 171 51.96 -42.36 -16.37
N LEU B 172 50.72 -42.12 -15.97
CA LEU B 172 50.36 -42.21 -14.56
C LEU B 172 50.38 -43.69 -14.00
N SER B 173 50.77 -44.66 -14.81
CA SER B 173 50.75 -46.04 -14.33
C SER B 173 51.99 -46.84 -14.77
N LEU B 174 53.12 -46.16 -14.92
CA LEU B 174 54.31 -46.84 -15.27
C LEU B 174 54.62 -47.88 -14.23
N LYS B 175 55.28 -48.94 -14.64
CA LYS B 175 55.49 -50.10 -13.75
C LYS B 175 56.85 -50.05 -13.06
N LYS B 176 57.75 -49.23 -13.59
CA LYS B 176 58.97 -48.89 -12.91
C LYS B 176 59.37 -47.54 -13.43
N VAL B 177 60.23 -46.86 -12.69
CA VAL B 177 60.84 -45.63 -13.16
C VAL B 177 61.67 -45.89 -14.43
N PRO B 178 61.26 -45.32 -15.56
CA PRO B 178 61.97 -45.55 -16.82
C PRO B 178 63.35 -44.91 -16.80
N GLU B 179 64.41 -45.61 -17.18
CA GLU B 179 65.73 -45.04 -17.11
C GLU B 179 65.84 -43.69 -17.88
N LYS B 180 65.50 -43.66 -19.15
CA LYS B 180 65.45 -42.45 -19.93
C LYS B 180 64.03 -42.20 -20.40
N MET B 181 63.56 -40.97 -20.26
CA MET B 181 62.22 -40.64 -20.74
C MET B 181 62.21 -39.40 -21.63
N VAL B 182 61.46 -39.50 -22.72
CA VAL B 182 61.28 -38.40 -23.61
C VAL B 182 59.85 -37.98 -23.54
N VAL B 183 59.62 -36.67 -23.56
CA VAL B 183 58.27 -36.10 -23.54
C VAL B 183 58.06 -35.23 -24.75
N ILE B 184 56.99 -35.51 -25.49
CA ILE B 184 56.70 -34.68 -26.64
C ILE B 184 55.69 -33.67 -26.17
N GLY B 185 56.14 -32.42 -26.10
CA GLY B 185 55.33 -31.26 -25.73
C GLY B 185 55.59 -30.72 -24.32
N ALA B 186 56.02 -29.45 -24.21
CA ALA B 186 56.24 -28.87 -22.88
C ALA B 186 55.06 -28.01 -22.37
N GLY B 187 53.84 -28.50 -22.56
CA GLY B 187 52.72 -27.82 -21.98
C GLY B 187 52.60 -28.22 -20.51
N VAL B 188 51.56 -27.72 -19.89
CA VAL B 188 51.23 -28.14 -18.54
C VAL B 188 51.31 -29.61 -18.26
N ILE B 189 50.43 -30.41 -18.86
CA ILE B 189 50.45 -31.87 -18.59
C ILE B 189 51.89 -32.41 -18.64
N GLY B 190 52.66 -31.76 -19.54
CA GLY B 190 53.99 -32.18 -19.94
C GLY B 190 55.01 -32.01 -18.84
N VAL B 191 55.37 -30.78 -18.56
CA VAL B 191 56.26 -30.53 -17.43
C VAL B 191 55.70 -31.27 -16.19
N GLU B 192 54.41 -31.26 -15.98
CA GLU B 192 53.87 -31.92 -14.80
C GLU B 192 54.34 -33.39 -14.66
N LEU B 193 53.98 -34.21 -15.65
CA LEU B 193 54.28 -35.64 -15.65
C LEU B 193 55.75 -35.94 -15.82
N GLY B 194 56.47 -35.06 -16.51
CA GLY B 194 57.85 -35.27 -16.78
C GLY B 194 58.54 -35.08 -15.45
N SER B 195 58.02 -34.13 -14.70
CA SER B 195 58.66 -33.80 -13.45
C SER B 195 58.47 -34.88 -12.38
N VAL B 196 57.42 -35.64 -12.50
CA VAL B 196 57.17 -36.66 -11.53
C VAL B 196 58.27 -37.69 -11.73
N TRP B 197 58.54 -38.09 -12.97
CA TRP B 197 59.44 -39.21 -13.17
C TRP B 197 60.88 -38.78 -13.10
N GLN B 198 61.14 -37.51 -13.40
CA GLN B 198 62.45 -36.95 -13.27
C GLN B 198 62.79 -36.94 -11.80
N ARG B 199 61.84 -36.59 -10.94
CA ARG B 199 62.10 -36.72 -9.51
C ARG B 199 62.27 -38.17 -9.02
N LEU B 200 61.74 -39.16 -9.70
CA LEU B 200 61.77 -40.52 -9.15
C LEU B 200 62.99 -41.29 -9.66
N GLY B 201 63.77 -40.67 -10.53
CA GLY B 201 65.03 -41.28 -10.93
C GLY B 201 65.24 -41.26 -12.43
N ALA B 202 64.14 -41.05 -13.17
CA ALA B 202 64.26 -40.97 -14.62
C ALA B 202 65.02 -39.74 -15.19
N ASP B 203 65.39 -39.92 -16.44
CA ASP B 203 66.12 -38.94 -17.20
C ASP B 203 65.22 -38.37 -18.27
N VAL B 204 64.54 -37.28 -17.96
CA VAL B 204 63.60 -36.80 -18.93
C VAL B 204 64.03 -35.59 -19.71
N THR B 205 63.76 -35.70 -21.00
CA THR B 205 63.93 -34.58 -21.92
C THR B 205 62.59 -34.29 -22.53
N ALA B 206 62.28 -33.00 -22.62
CA ALA B 206 61.02 -32.58 -23.17
C ALA B 206 61.20 -31.72 -24.41
N VAL B 207 60.70 -32.20 -25.54
CA VAL B 207 60.89 -31.54 -26.83
C VAL B 207 59.61 -30.82 -27.16
N GLU B 208 59.70 -29.59 -27.65
CA GLU B 208 58.53 -28.73 -27.77
C GLU B 208 58.68 -27.80 -28.98
N PHE B 209 57.61 -27.61 -29.76
CA PHE B 209 57.70 -26.88 -31.01
C PHE B 209 57.86 -25.40 -30.73
N LEU B 210 57.18 -24.94 -29.71
CA LEU B 210 57.19 -23.53 -29.39
C LEU B 210 58.47 -23.15 -28.62
N GLY B 211 58.73 -21.84 -28.52
CA GLY B 211 59.88 -21.35 -27.74
C GLY B 211 59.75 -21.19 -26.23
N HIS B 212 58.75 -21.80 -25.63
CA HIS B 212 58.57 -21.62 -24.20
C HIS B 212 57.91 -22.79 -23.53
N VAL B 213 58.29 -23.12 -22.31
CA VAL B 213 57.62 -24.23 -21.62
C VAL B 213 56.39 -23.67 -20.93
N GLY B 214 55.44 -24.54 -20.58
CA GLY B 214 54.18 -24.15 -19.91
C GLY B 214 53.22 -23.82 -21.01
N GLY B 215 51.93 -23.88 -20.83
CA GLY B 215 51.13 -23.93 -22.06
C GLY B 215 50.91 -22.65 -22.87
N VAL B 216 49.66 -22.37 -23.20
CA VAL B 216 49.32 -21.08 -23.79
C VAL B 216 48.89 -20.12 -22.67
N GLY B 217 48.99 -18.81 -22.92
CA GLY B 217 48.70 -17.82 -21.87
C GLY B 217 49.67 -17.60 -20.70
N ILE B 218 50.54 -18.56 -20.45
CA ILE B 218 51.62 -18.43 -19.49
C ILE B 218 52.43 -17.23 -19.91
N ASP B 219 52.98 -16.54 -18.92
CA ASP B 219 53.65 -15.29 -19.16
C ASP B 219 55.09 -15.58 -19.54
N MET B 220 55.58 -14.90 -20.57
CA MET B 220 56.92 -15.14 -21.07
C MET B 220 57.99 -15.13 -20.00
N GLU B 221 58.07 -14.06 -19.22
CA GLU B 221 59.14 -13.96 -18.22
C GLU B 221 59.02 -15.02 -17.10
N ILE B 222 57.80 -15.38 -16.73
CA ILE B 222 57.77 -16.41 -15.75
C ILE B 222 57.96 -17.77 -16.37
N SER B 223 57.75 -17.88 -17.69
CA SER B 223 57.99 -19.16 -18.34
C SER B 223 59.47 -19.40 -18.42
N LYS B 224 60.20 -18.39 -18.82
CA LYS B 224 61.64 -18.46 -18.86
C LYS B 224 62.16 -18.79 -17.49
N ASN B 225 61.67 -18.12 -16.45
CA ASN B 225 62.16 -18.44 -15.10
C ASN B 225 61.78 -19.84 -14.62
N PHE B 226 60.61 -20.30 -15.05
CA PHE B 226 60.10 -21.62 -14.67
C PHE B 226 61.01 -22.66 -15.30
N GLN B 227 61.26 -22.48 -16.59
CA GLN B 227 62.19 -23.32 -17.30
C GLN B 227 63.51 -23.35 -16.53
N ARG B 228 64.18 -22.20 -16.46
CA ARG B 228 65.45 -22.11 -15.72
C ARG B 228 65.52 -22.97 -14.44
N ILE B 229 64.43 -22.99 -13.69
CA ILE B 229 64.44 -23.70 -12.45
C ILE B 229 64.37 -25.15 -12.72
N LEU B 230 63.37 -25.56 -13.45
CA LEU B 230 63.20 -26.98 -13.72
C LEU B 230 64.51 -27.51 -14.34
N GLN B 231 65.27 -26.64 -15.00
CA GLN B 231 66.53 -27.15 -15.54
C GLN B 231 67.47 -27.56 -14.39
N LYS B 232 67.70 -26.67 -13.43
CA LYS B 232 68.61 -26.94 -12.31
C LYS B 232 68.21 -28.19 -11.51
N GLN B 233 66.91 -28.51 -11.53
CA GLN B 233 66.47 -29.74 -10.91
C GLN B 233 66.85 -30.97 -11.73
N GLY B 234 67.11 -30.84 -13.03
CA GLY B 234 67.51 -31.97 -13.86
C GLY B 234 66.61 -32.17 -15.08
N PHE B 235 65.53 -31.41 -15.14
CA PHE B 235 64.63 -31.51 -16.29
C PHE B 235 65.25 -30.86 -17.55
N LYS B 236 65.39 -31.67 -18.58
CA LYS B 236 66.06 -31.24 -19.80
C LYS B 236 65.02 -30.87 -20.87
N PHE B 237 65.23 -29.74 -21.56
CA PHE B 237 64.29 -29.26 -22.56
C PHE B 237 64.86 -29.02 -23.90
N LYS B 238 64.03 -29.21 -24.89
CA LYS B 238 64.45 -28.97 -26.23
C LYS B 238 63.35 -28.15 -26.85
N LEU B 239 63.60 -26.85 -26.90
CA LEU B 239 62.68 -25.85 -27.43
C LEU B 239 62.87 -25.63 -28.91
N ASN B 240 61.91 -24.97 -29.57
CA ASN B 240 61.94 -24.92 -31.04
C ASN B 240 62.52 -26.15 -31.73
N THR B 241 62.06 -27.30 -31.31
CA THR B 241 62.43 -28.54 -31.94
C THR B 241 61.17 -29.17 -32.41
N LYS B 242 61.23 -30.02 -33.42
CA LYS B 242 60.04 -30.75 -33.83
C LYS B 242 60.31 -32.22 -33.94
N VAL B 243 59.38 -33.07 -33.51
CA VAL B 243 59.65 -34.49 -33.59
C VAL B 243 59.13 -34.88 -34.94
N THR B 244 59.98 -35.53 -35.74
CA THR B 244 59.67 -35.99 -37.11
C THR B 244 59.23 -37.42 -37.09
N GLY B 245 59.60 -38.17 -36.07
CA GLY B 245 58.98 -39.48 -35.99
C GLY B 245 59.65 -40.36 -35.01
N ALA B 246 59.06 -41.50 -34.74
CA ALA B 246 59.71 -42.34 -33.78
C ALA B 246 59.70 -43.71 -34.32
N THR B 247 60.74 -44.44 -33.99
CA THR B 247 60.83 -45.82 -34.38
C THR B 247 61.21 -46.69 -33.16
N LYS B 248 60.52 -47.81 -33.04
CA LYS B 248 60.64 -48.70 -31.88
C LYS B 248 61.70 -49.79 -32.14
N LYS B 249 62.80 -49.72 -31.42
CA LYS B 249 63.95 -50.59 -31.67
C LYS B 249 63.78 -52.06 -31.28
N SER B 250 64.77 -52.89 -31.60
CA SER B 250 64.67 -54.35 -31.45
C SER B 250 64.74 -54.85 -30.01
N ASP B 251 65.72 -54.34 -29.28
CA ASP B 251 65.93 -54.69 -27.88
C ASP B 251 64.88 -54.16 -26.88
N GLY B 252 63.93 -53.35 -27.35
CA GLY B 252 62.96 -52.69 -26.48
C GLY B 252 62.90 -51.15 -26.46
N LYS B 253 64.04 -50.47 -26.70
CA LYS B 253 64.14 -48.99 -26.69
C LYS B 253 63.33 -48.33 -27.79
N ILE B 254 63.25 -47.00 -27.77
CA ILE B 254 62.51 -46.24 -28.78
C ILE B 254 63.38 -45.13 -29.27
N ASP B 255 63.31 -44.86 -30.57
CA ASP B 255 64.19 -43.86 -31.16
C ASP B 255 63.39 -42.72 -31.70
N VAL B 256 63.55 -41.53 -31.13
CA VAL B 256 62.81 -40.41 -31.68
C VAL B 256 63.69 -39.62 -32.59
N SER B 257 63.21 -39.33 -33.78
CA SER B 257 63.89 -38.35 -34.64
C SER B 257 63.38 -36.95 -34.36
N ILE B 258 64.30 -36.07 -33.94
CA ILE B 258 63.93 -34.70 -33.66
C ILE B 258 64.63 -33.79 -34.64
N GLU B 259 64.43 -32.50 -34.56
CA GLU B 259 64.94 -31.60 -35.60
C GLU B 259 64.51 -30.15 -35.35
N ALA B 260 65.29 -29.16 -35.77
CA ALA B 260 64.91 -27.76 -35.54
C ALA B 260 63.62 -27.46 -36.26
N ALA B 261 62.64 -27.00 -35.51
CA ALA B 261 61.41 -26.56 -36.11
C ALA B 261 61.69 -25.60 -37.32
N SER B 262 62.38 -24.50 -37.04
CA SER B 262 62.86 -23.52 -38.01
C SER B 262 63.47 -24.13 -39.29
N GLY B 263 64.75 -24.48 -39.26
CA GLY B 263 65.39 -25.25 -40.33
C GLY B 263 65.26 -26.77 -40.16
N GLY B 264 66.38 -27.50 -40.06
CA GLY B 264 66.32 -28.92 -39.84
C GLY B 264 67.63 -29.59 -39.46
N LYS B 265 68.24 -29.19 -38.34
CA LYS B 265 69.47 -29.84 -37.84
C LYS B 265 69.08 -31.12 -37.14
N ALA B 266 68.97 -32.18 -37.96
CA ALA B 266 68.36 -33.45 -37.56
C ALA B 266 69.19 -34.12 -36.50
N GLU B 267 68.60 -35.08 -35.75
CA GLU B 267 69.31 -35.80 -34.69
C GLU B 267 68.39 -36.77 -34.01
N VAL B 268 68.93 -37.85 -33.47
CA VAL B 268 68.11 -38.87 -32.80
C VAL B 268 68.24 -38.91 -31.27
N ILE B 269 67.18 -39.33 -30.58
CA ILE B 269 67.25 -39.55 -29.15
C ILE B 269 66.58 -40.88 -28.83
N THR B 270 67.40 -41.79 -28.35
CA THR B 270 66.93 -43.04 -27.84
C THR B 270 66.29 -42.77 -26.48
N CYS B 271 65.46 -43.70 -25.99
CA CYS B 271 64.86 -43.54 -24.67
C CYS B 271 64.02 -44.76 -24.39
N ASP B 272 63.69 -45.03 -23.16
CA ASP B 272 63.01 -46.28 -22.85
C ASP B 272 61.52 -46.14 -22.94
N VAL B 273 61.04 -44.91 -22.73
CA VAL B 273 59.61 -44.52 -22.70
C VAL B 273 59.33 -43.15 -23.34
N LEU B 274 58.35 -43.12 -24.23
CA LEU B 274 57.93 -41.91 -24.85
C LEU B 274 56.59 -41.50 -24.29
N LEU B 275 56.47 -40.27 -23.79
CA LEU B 275 55.19 -39.72 -23.34
C LEU B 275 54.65 -38.76 -24.31
N VAL B 276 53.58 -39.15 -25.00
CA VAL B 276 53.02 -38.29 -26.00
C VAL B 276 51.94 -37.43 -25.41
N CYS B 277 52.20 -36.14 -25.28
CA CYS B 277 51.18 -35.16 -24.91
C CYS B 277 51.44 -33.84 -25.65
N ILE B 278 50.84 -33.71 -26.83
CA ILE B 278 50.90 -32.45 -27.55
C ILE B 278 49.61 -31.69 -27.40
N GLY B 279 48.61 -32.32 -26.81
CA GLY B 279 47.33 -31.65 -26.57
C GLY B 279 46.13 -32.56 -26.32
N ARG B 280 45.00 -31.93 -26.02
CA ARG B 280 43.72 -32.63 -25.88
C ARG B 280 42.64 -32.07 -26.86
N ARG B 281 41.68 -32.90 -27.20
CA ARG B 281 40.69 -32.42 -28.13
C ARG B 281 39.35 -32.83 -27.64
N PRO B 282 38.33 -32.09 -28.04
CA PRO B 282 36.97 -32.31 -27.60
C PRO B 282 36.53 -33.66 -28.05
N PHE B 283 35.98 -34.49 -27.17
CA PHE B 283 35.57 -35.82 -27.58
C PHE B 283 34.09 -35.84 -27.74
N THR B 284 33.61 -36.34 -28.86
CA THR B 284 32.19 -36.15 -29.20
C THR B 284 31.68 -37.22 -30.16
N LYS B 285 32.22 -38.42 -30.05
CA LYS B 285 31.93 -39.48 -31.02
C LYS B 285 30.75 -40.33 -30.57
N ASN B 286 29.97 -40.81 -31.55
CA ASN B 286 28.77 -41.64 -31.31
C ASN B 286 27.67 -40.90 -30.60
N LEU B 287 27.63 -39.59 -30.76
CA LEU B 287 26.73 -38.77 -29.99
C LEU B 287 25.50 -38.47 -30.82
N GLY B 288 25.62 -38.68 -32.13
CA GLY B 288 24.53 -38.43 -33.04
C GLY B 288 24.38 -36.94 -33.39
N LEU B 289 25.46 -36.20 -33.28
CA LEU B 289 25.37 -34.78 -33.52
C LEU B 289 25.05 -34.51 -34.95
N GLU B 290 25.56 -35.36 -35.85
CA GLU B 290 25.46 -35.14 -37.29
C GLU B 290 24.03 -35.18 -37.71
N GLU B 291 23.38 -36.34 -37.51
CA GLU B 291 21.98 -36.54 -37.86
C GLU B 291 21.04 -35.58 -37.17
N LEU B 292 21.58 -34.54 -36.56
CA LEU B 292 20.83 -33.59 -35.79
C LEU B 292 21.14 -32.23 -36.32
N GLY B 293 22.10 -32.11 -37.19
CA GLY B 293 22.40 -30.80 -37.73
C GLY B 293 23.06 -29.87 -36.72
N ILE B 294 23.71 -30.41 -35.68
CA ILE B 294 24.70 -29.58 -35.01
C ILE B 294 26.04 -29.80 -35.67
N GLU B 295 26.53 -28.83 -36.43
CA GLU B 295 27.91 -28.88 -36.89
C GLU B 295 28.91 -28.62 -35.73
N LEU B 296 30.09 -29.25 -35.76
CA LEU B 296 31.16 -28.75 -34.88
C LEU B 296 31.96 -27.61 -35.49
N ASP B 297 32.71 -26.91 -34.67
CA ASP B 297 33.57 -25.88 -35.19
C ASP B 297 34.88 -26.55 -35.62
N PRO B 298 35.75 -25.86 -36.41
CA PRO B 298 36.98 -26.48 -36.94
C PRO B 298 37.90 -27.15 -35.93
N ARG B 299 38.02 -26.65 -34.70
CA ARG B 299 38.82 -27.35 -33.70
C ARG B 299 38.02 -28.52 -33.16
N GLY B 300 36.80 -28.71 -33.66
CA GLY B 300 35.98 -29.79 -33.20
C GLY B 300 35.07 -29.60 -31.97
N ARG B 301 35.04 -28.42 -31.40
CA ARG B 301 34.19 -28.12 -30.24
C ARG B 301 32.78 -27.77 -30.68
N ILE B 302 31.78 -28.02 -29.81
CA ILE B 302 30.37 -27.71 -30.11
C ILE B 302 30.10 -26.21 -29.98
N PRO B 303 29.71 -25.48 -31.03
CA PRO B 303 29.49 -24.04 -30.84
C PRO B 303 28.13 -23.76 -30.16
N VAL B 304 28.20 -23.08 -29.00
CA VAL B 304 27.06 -22.86 -28.14
C VAL B 304 26.91 -21.36 -28.00
N ASN B 305 25.75 -20.90 -27.57
CA ASN B 305 25.60 -19.48 -27.37
C ASN B 305 25.88 -19.10 -25.94
N THR B 306 25.20 -18.08 -25.48
CA THR B 306 25.46 -17.43 -24.23
C THR B 306 24.81 -18.16 -23.12
N ARG B 307 23.87 -19.02 -23.43
CA ARG B 307 23.25 -19.77 -22.35
C ARG B 307 23.73 -21.25 -22.39
N PHE B 308 24.71 -21.49 -23.25
CA PHE B 308 25.27 -22.79 -23.54
C PHE B 308 24.38 -23.66 -24.43
N GLN B 309 23.41 -23.04 -25.09
CA GLN B 309 22.62 -23.81 -26.02
C GLN B 309 23.24 -23.97 -27.40
N THR B 310 23.15 -25.16 -27.97
CA THR B 310 23.47 -25.36 -29.39
C THR B 310 22.43 -24.79 -30.35
N LYS B 311 22.56 -25.09 -31.64
CA LYS B 311 21.61 -24.69 -32.68
C LYS B 311 20.24 -25.27 -32.27
N ILE B 312 20.25 -26.34 -31.48
CA ILE B 312 18.99 -26.86 -30.98
C ILE B 312 18.81 -26.40 -29.53
N PRO B 313 17.87 -25.47 -29.37
CA PRO B 313 17.60 -24.74 -28.11
C PRO B 313 17.53 -25.52 -26.80
N ASN B 314 16.99 -26.71 -26.80
CA ASN B 314 16.92 -27.48 -25.55
C ASN B 314 18.12 -28.43 -25.31
N ILE B 315 19.12 -28.35 -26.20
CA ILE B 315 20.38 -29.12 -26.16
C ILE B 315 21.60 -28.25 -25.82
N TYR B 316 22.15 -28.41 -24.63
CA TYR B 316 23.23 -27.56 -24.18
C TYR B 316 24.55 -28.33 -24.13
N ALA B 317 25.66 -27.67 -24.44
CA ALA B 317 26.98 -28.27 -24.26
C ALA B 317 27.78 -27.40 -23.37
N ILE B 318 28.41 -28.00 -22.37
CA ILE B 318 29.38 -27.34 -21.53
C ILE B 318 30.57 -28.24 -21.25
N GLY B 319 31.59 -27.67 -20.63
CA GLY B 319 32.80 -28.39 -20.28
C GLY B 319 33.89 -28.26 -21.32
N ASP B 320 34.83 -29.18 -21.41
CA ASP B 320 35.78 -28.96 -22.48
C ASP B 320 35.40 -29.56 -23.83
N VAL B 321 34.13 -29.64 -24.13
CA VAL B 321 33.70 -29.99 -25.45
C VAL B 321 33.32 -28.66 -26.14
N VAL B 322 33.55 -27.56 -25.43
CA VAL B 322 33.25 -26.29 -26.02
C VAL B 322 34.35 -25.30 -25.70
N ALA B 323 34.30 -24.12 -26.32
CA ALA B 323 35.41 -23.18 -26.25
C ALA B 323 35.82 -22.69 -24.87
N GLY B 324 37.07 -22.26 -24.70
CA GLY B 324 37.54 -21.73 -23.44
C GLY B 324 38.50 -22.74 -22.82
N PRO B 325 39.25 -22.32 -21.81
CA PRO B 325 40.32 -23.18 -21.27
C PRO B 325 39.85 -24.60 -21.03
N MET B 326 40.62 -25.62 -21.38
CA MET B 326 40.16 -26.97 -21.04
C MET B 326 40.62 -27.26 -19.64
N LEU B 327 39.87 -26.80 -18.66
CA LEU B 327 40.24 -26.91 -17.29
C LEU B 327 39.06 -27.44 -16.48
N ALA B 328 39.34 -28.08 -15.35
CA ALA B 328 38.26 -28.64 -14.57
C ALA B 328 37.38 -27.58 -13.84
N HIS B 329 38.02 -26.57 -13.28
CA HIS B 329 37.23 -25.51 -12.69
C HIS B 329 36.39 -24.75 -13.67
N LYS B 330 36.84 -24.62 -14.93
CA LYS B 330 36.01 -24.04 -15.99
C LYS B 330 34.87 -24.96 -16.34
N ALA B 331 35.07 -26.28 -16.37
CA ALA B 331 33.92 -27.15 -16.63
C ALA B 331 32.91 -26.97 -15.56
N GLU B 332 33.33 -26.97 -14.30
CA GLU B 332 32.35 -27.01 -13.21
C GLU B 332 31.43 -25.80 -13.19
N ASP B 333 31.99 -24.61 -13.38
CA ASP B 333 31.22 -23.36 -13.45
C ASP B 333 30.24 -23.31 -14.61
N GLU B 334 30.66 -23.69 -15.80
CA GLU B 334 29.70 -23.75 -16.88
C GLU B 334 28.60 -24.72 -16.58
N GLY B 335 28.95 -25.82 -15.90
CA GLY B 335 27.97 -26.79 -15.45
C GLY B 335 26.96 -26.16 -14.54
N ILE B 336 27.43 -25.58 -13.42
CA ILE B 336 26.59 -24.76 -12.56
C ILE B 336 25.75 -23.73 -13.33
N ILE B 337 26.33 -22.83 -14.12
CA ILE B 337 25.49 -21.71 -14.50
C ILE B 337 24.68 -22.08 -15.72
N CYS B 338 25.01 -23.23 -16.30
CA CYS B 338 24.25 -23.67 -17.45
C CYS B 338 22.89 -24.05 -16.97
N VAL B 339 22.87 -24.95 -15.96
CA VAL B 339 21.62 -25.39 -15.32
C VAL B 339 20.89 -24.22 -14.66
N GLU B 340 21.59 -23.38 -13.92
CA GLU B 340 20.90 -22.21 -13.38
C GLU B 340 20.15 -21.46 -14.46
N GLY B 341 20.72 -21.34 -15.67
CA GLY B 341 20.04 -20.68 -16.78
C GLY B 341 18.83 -21.45 -17.30
N MET B 342 18.96 -22.77 -17.40
CA MET B 342 17.82 -23.58 -17.73
C MET B 342 16.75 -23.39 -16.67
N ALA B 343 17.14 -23.11 -15.44
CA ALA B 343 16.14 -22.82 -14.42
C ALA B 343 15.85 -21.34 -14.33
N GLY B 344 15.89 -20.60 -15.42
CA GLY B 344 15.42 -19.23 -15.37
C GLY B 344 16.43 -18.12 -15.21
N GLY B 345 17.47 -18.30 -14.40
CA GLY B 345 18.41 -17.24 -14.06
C GLY B 345 19.40 -16.69 -15.08
N ALA B 346 20.44 -16.07 -14.52
CA ALA B 346 21.43 -15.31 -15.28
C ALA B 346 22.64 -16.17 -15.56
N VAL B 347 23.19 -16.00 -16.75
CA VAL B 347 24.24 -16.89 -17.20
C VAL B 347 25.38 -16.08 -17.68
N HIS B 348 26.21 -15.59 -16.78
CA HIS B 348 27.38 -14.85 -17.22
C HIS B 348 28.58 -15.45 -16.56
N ILE B 349 29.65 -15.60 -17.34
CA ILE B 349 30.91 -16.09 -16.84
C ILE B 349 32.01 -15.31 -17.53
N ASP B 350 32.98 -14.88 -16.74
CA ASP B 350 34.01 -14.03 -17.26
C ASP B 350 35.28 -14.85 -17.31
N TYR B 351 35.60 -15.34 -18.50
CA TYR B 351 36.78 -16.16 -18.73
C TYR B 351 38.11 -15.41 -18.49
N ASN B 352 38.07 -14.14 -18.19
CA ASN B 352 39.31 -13.52 -17.84
C ASN B 352 39.71 -13.76 -16.40
N CYS B 353 38.96 -14.55 -15.66
CA CYS B 353 39.20 -14.67 -14.24
C CYS B 353 39.31 -16.07 -13.83
N VAL B 354 39.47 -16.96 -14.78
CA VAL B 354 39.56 -18.34 -14.42
C VAL B 354 41.06 -18.53 -14.32
N PRO B 355 41.56 -19.04 -13.20
CA PRO B 355 43.01 -19.19 -13.01
C PRO B 355 43.63 -20.27 -13.86
N SER B 356 44.95 -20.30 -13.91
CA SER B 356 45.68 -21.49 -14.38
C SER B 356 46.71 -21.93 -13.36
N VAL B 357 46.99 -23.21 -13.32
CA VAL B 357 47.92 -23.68 -12.31
C VAL B 357 48.71 -24.91 -12.74
N ILE B 358 50.03 -24.82 -12.65
CA ILE B 358 50.89 -25.95 -12.87
C ILE B 358 51.44 -26.57 -11.57
N TYR B 359 51.03 -27.79 -11.21
CA TYR B 359 51.36 -28.25 -9.82
C TYR B 359 52.70 -28.90 -9.61
N THR B 360 53.71 -28.44 -10.37
CA THR B 360 55.09 -28.82 -10.17
C THR B 360 55.55 -28.11 -8.90
N HIS B 361 56.84 -28.14 -8.63
CA HIS B 361 57.34 -27.43 -7.49
C HIS B 361 58.71 -26.94 -7.88
N PRO B 362 58.83 -25.64 -8.14
CA PRO B 362 57.85 -24.62 -7.75
C PRO B 362 56.54 -24.66 -8.55
N GLU B 363 55.53 -24.14 -7.91
CA GLU B 363 54.27 -24.01 -8.55
C GLU B 363 54.23 -22.81 -9.47
N VAL B 364 53.29 -22.83 -10.41
CA VAL B 364 53.18 -21.67 -11.28
C VAL B 364 51.71 -21.41 -11.36
N ALA B 365 51.28 -20.17 -11.23
CA ALA B 365 49.85 -19.94 -11.31
C ALA B 365 49.57 -18.58 -11.87
N TRP B 366 48.53 -18.38 -12.66
CA TRP B 366 48.20 -16.98 -13.04
C TRP B 366 46.73 -16.77 -13.25
N VAL B 367 46.34 -15.52 -13.35
CA VAL B 367 44.95 -15.18 -13.65
C VAL B 367 44.89 -13.76 -14.25
N GLY B 368 43.96 -13.48 -15.15
CA GLY B 368 44.03 -12.21 -15.87
C GLY B 368 44.97 -12.24 -17.06
N LYS B 369 45.62 -11.12 -17.47
CA LYS B 369 46.36 -11.14 -18.74
C LYS B 369 47.83 -11.11 -18.52
N SER B 370 48.60 -11.50 -19.55
CA SER B 370 50.04 -11.54 -19.52
C SER B 370 50.62 -10.32 -20.16
N GLU B 371 51.93 -10.15 -20.01
CA GLU B 371 52.55 -8.93 -20.47
C GLU B 371 52.25 -8.86 -21.97
N GLU B 372 52.31 -9.99 -22.65
CA GLU B 372 52.17 -9.97 -24.09
C GLU B 372 50.72 -9.92 -24.52
N GLN B 373 49.78 -10.35 -23.69
CA GLN B 373 48.38 -10.15 -24.07
C GLN B 373 48.10 -8.66 -23.98
N LEU B 374 48.56 -8.02 -22.92
CA LEU B 374 48.41 -6.57 -22.77
C LEU B 374 49.10 -5.83 -23.90
N LYS B 375 50.34 -6.17 -24.19
CA LYS B 375 51.11 -5.48 -25.21
C LYS B 375 50.48 -5.55 -26.58
N GLU B 376 49.93 -6.70 -26.95
CA GLU B 376 49.23 -6.74 -28.23
C GLU B 376 47.79 -6.19 -28.21
N GLU B 377 47.36 -5.66 -27.07
CA GLU B 377 46.04 -5.12 -26.94
C GLU B 377 46.12 -3.61 -26.90
N GLY B 378 47.33 -3.04 -26.81
CA GLY B 378 47.49 -1.59 -26.88
C GLY B 378 47.13 -1.01 -25.54
N ILE B 379 47.26 -1.84 -24.54
CA ILE B 379 47.00 -1.43 -23.18
C ILE B 379 48.30 -1.13 -22.41
N GLU B 380 48.32 0.07 -21.82
CA GLU B 380 49.45 0.60 -21.04
C GLU B 380 49.43 0.04 -19.65
N TYR B 381 50.53 -0.57 -19.18
CA TYR B 381 50.55 -1.09 -17.83
C TYR B 381 51.79 -0.77 -17.02
N LYS B 382 51.75 -1.15 -15.78
CA LYS B 382 52.92 -0.98 -14.95
C LYS B 382 53.14 -2.31 -14.20
N VAL B 383 54.36 -2.53 -13.72
CA VAL B 383 54.61 -3.85 -13.14
C VAL B 383 55.13 -3.85 -11.74
N GLY B 384 54.75 -4.88 -11.01
CA GLY B 384 55.16 -5.00 -9.63
C GLY B 384 55.59 -6.43 -9.34
N LYS B 385 56.75 -6.58 -8.70
CA LYS B 385 57.33 -7.91 -8.42
C LYS B 385 57.91 -8.08 -7.02
N PHE B 386 57.84 -9.30 -6.50
CA PHE B 386 58.45 -9.57 -5.23
C PHE B 386 58.90 -10.98 -5.18
N PRO B 387 60.19 -11.15 -4.90
CA PRO B 387 60.84 -12.45 -4.84
C PRO B 387 60.59 -13.18 -3.55
N PHE B 388 60.38 -14.47 -3.65
CA PHE B 388 59.99 -15.15 -2.44
C PHE B 388 61.21 -15.18 -1.54
N ALA B 389 62.36 -14.96 -2.18
CA ALA B 389 63.63 -14.81 -1.48
C ALA B 389 63.50 -13.73 -0.36
N ALA B 390 62.78 -12.64 -0.65
CA ALA B 390 62.50 -11.64 0.37
C ALA B 390 61.25 -11.89 1.23
N ASN B 391 60.64 -13.06 1.11
CA ASN B 391 59.44 -13.38 1.89
C ASN B 391 59.76 -14.19 3.11
N SER B 392 59.22 -13.75 4.22
CA SER B 392 59.50 -14.36 5.49
C SER B 392 59.23 -15.86 5.66
N ARG B 393 58.05 -16.31 5.22
CA ARG B 393 57.69 -17.72 5.36
C ARG B 393 58.39 -18.68 4.42
N ALA B 394 58.73 -18.19 3.25
CA ALA B 394 59.45 -18.98 2.29
C ALA B 394 60.88 -19.04 2.74
N LYS B 395 61.38 -17.99 3.36
CA LYS B 395 62.82 -17.97 3.70
C LYS B 395 62.96 -18.88 4.88
N THR B 396 62.06 -18.74 5.83
CA THR B 396 62.10 -19.56 7.01
C THR B 396 61.93 -21.01 6.58
N ASN B 397 61.21 -21.27 5.50
CA ASN B 397 60.92 -22.68 5.14
C ASN B 397 61.94 -23.37 4.25
N ALA B 398 63.06 -22.70 4.00
CA ALA B 398 64.09 -23.18 3.10
C ALA B 398 63.51 -23.46 1.70
N ASP B 399 62.52 -22.66 1.32
CA ASP B 399 61.88 -22.77 0.01
C ASP B 399 61.79 -21.41 -0.69
N THR B 400 62.81 -20.92 -1.36
CA THR B 400 62.72 -19.50 -1.77
C THR B 400 62.59 -19.23 -3.27
N ASP B 401 62.27 -20.28 -3.97
CA ASP B 401 62.25 -20.23 -5.41
C ASP B 401 61.13 -19.35 -5.92
N GLY B 402 61.46 -18.48 -6.87
CA GLY B 402 60.44 -17.71 -7.60
C GLY B 402 60.13 -16.30 -7.15
N MET B 403 59.00 -15.77 -7.62
CA MET B 403 58.62 -14.35 -7.47
C MET B 403 57.13 -14.19 -7.74
N VAL B 404 56.51 -13.11 -7.28
CA VAL B 404 55.12 -12.81 -7.70
C VAL B 404 55.12 -11.61 -8.67
N LYS B 405 54.37 -11.64 -9.74
CA LYS B 405 54.39 -10.48 -10.61
C LYS B 405 53.03 -10.01 -10.93
N ILE B 406 52.65 -8.81 -10.44
CA ILE B 406 51.32 -8.28 -10.81
C ILE B 406 51.39 -7.14 -11.87
N LEU B 407 50.44 -7.18 -12.81
CA LEU B 407 50.30 -6.14 -13.84
C LEU B 407 49.14 -5.16 -13.59
N GLY B 408 49.44 -3.89 -13.48
CA GLY B 408 48.35 -2.95 -13.26
C GLY B 408 48.22 -1.86 -14.33
N GLN B 409 46.97 -1.52 -14.63
CA GLN B 409 46.74 -0.57 -15.71
C GLN B 409 47.39 0.76 -15.34
N LYS B 410 48.13 1.34 -16.27
CA LYS B 410 49.01 2.42 -15.86
C LYS B 410 48.29 3.33 -14.92
N SER B 411 47.37 4.09 -15.50
CA SER B 411 46.82 5.26 -14.81
C SER B 411 45.78 4.89 -13.75
N THR B 412 45.05 3.80 -13.93
CA THR B 412 43.97 3.47 -12.97
C THR B 412 44.31 2.42 -11.92
N ASP B 413 45.58 2.18 -11.69
CA ASP B 413 45.98 1.16 -10.71
C ASP B 413 45.19 -0.14 -10.75
N ARG B 414 44.36 -0.35 -11.76
CA ARG B 414 43.47 -1.50 -11.76
C ARG B 414 44.21 -2.76 -12.16
N VAL B 415 44.13 -3.80 -11.31
CA VAL B 415 44.90 -5.03 -11.48
C VAL B 415 44.45 -5.74 -12.73
N LEU B 416 45.38 -6.21 -13.56
CA LEU B 416 45.02 -6.77 -14.87
C LEU B 416 45.50 -8.17 -15.03
N GLY B 417 46.54 -8.51 -14.30
CA GLY B 417 47.02 -9.88 -14.34
C GLY B 417 47.86 -10.07 -13.12
N ALA B 418 47.91 -11.30 -12.65
CA ALA B 418 48.65 -11.63 -11.46
C ALA B 418 49.35 -12.92 -11.82
N HIS B 419 50.63 -13.07 -11.49
CA HIS B 419 51.36 -14.24 -11.94
C HIS B 419 52.29 -14.64 -10.82
N ILE B 420 52.34 -15.95 -10.55
CA ILE B 420 53.04 -16.46 -9.39
C ILE B 420 53.85 -17.66 -9.75
N LEU B 421 55.13 -17.58 -9.41
CA LEU B 421 56.02 -18.71 -9.53
C LEU B 421 56.57 -18.84 -8.14
N GLY B 422 56.39 -19.99 -7.54
CA GLY B 422 56.85 -20.14 -6.16
C GLY B 422 56.02 -21.12 -5.36
N PRO B 423 56.36 -21.24 -4.09
CA PRO B 423 55.64 -22.18 -3.20
C PRO B 423 54.21 -21.64 -2.98
N GLY B 424 53.23 -22.50 -2.73
CA GLY B 424 51.84 -22.05 -2.59
C GLY B 424 51.14 -21.29 -3.71
N ALA B 425 51.77 -21.09 -4.85
CA ALA B 425 51.12 -20.42 -5.98
C ALA B 425 49.67 -20.82 -6.26
N GLY B 426 49.41 -22.12 -6.26
CA GLY B 426 48.07 -22.53 -6.66
C GLY B 426 47.00 -21.95 -5.75
N GLU B 427 47.32 -21.86 -4.48
CA GLU B 427 46.29 -21.41 -3.58
C GLU B 427 46.30 -19.91 -3.69
N MET B 428 47.49 -19.33 -3.85
CA MET B 428 47.58 -17.87 -3.90
C MET B 428 46.78 -17.21 -5.07
N VAL B 429 46.76 -17.86 -6.22
CA VAL B 429 46.03 -17.30 -7.32
C VAL B 429 44.53 -17.16 -7.02
N ASN B 430 44.02 -17.92 -6.06
CA ASN B 430 42.61 -17.79 -5.72
C ASN B 430 42.33 -16.48 -5.07
N GLU B 431 43.17 -16.07 -4.16
CA GLU B 431 43.08 -14.66 -3.73
C GLU B 431 43.08 -13.69 -4.94
N ALA B 432 43.94 -14.00 -5.91
CA ALA B 432 44.11 -13.16 -7.06
C ALA B 432 42.77 -12.99 -7.76
N ALA B 433 42.13 -14.14 -7.98
CA ALA B 433 40.91 -14.21 -8.74
C ALA B 433 39.82 -13.46 -8.04
N LEU B 434 39.83 -13.53 -6.72
CA LEU B 434 38.84 -12.80 -5.96
C LEU B 434 39.07 -11.33 -6.18
N ALA B 435 40.32 -10.91 -6.22
CA ALA B 435 40.63 -9.49 -6.43
C ALA B 435 40.22 -9.03 -7.82
N LEU B 436 40.21 -9.92 -8.82
CA LEU B 436 39.91 -9.53 -10.21
C LEU B 436 38.44 -9.38 -10.41
N GLU B 437 37.68 -10.30 -9.84
CA GLU B 437 36.25 -10.28 -9.92
C GLU B 437 35.70 -9.00 -9.25
N TYR B 438 36.47 -8.42 -8.34
CA TYR B 438 35.99 -7.24 -7.67
C TYR B 438 36.50 -6.02 -8.39
N GLY B 439 37.04 -6.21 -9.58
CA GLY B 439 37.63 -5.09 -10.27
C GLY B 439 38.59 -4.31 -9.38
N ALA B 440 39.24 -5.01 -8.45
CA ALA B 440 40.20 -4.42 -7.52
C ALA B 440 41.41 -3.89 -8.21
N SER B 441 41.91 -2.80 -7.64
CA SER B 441 43.13 -2.15 -8.05
C SER B 441 44.29 -2.51 -7.10
N CYS B 442 45.52 -2.36 -7.58
CA CYS B 442 46.72 -2.67 -6.80
C CYS B 442 46.66 -2.25 -5.37
N GLU B 443 46.25 -1.01 -5.20
CA GLU B 443 46.21 -0.47 -3.87
C GLU B 443 45.24 -1.19 -2.94
N ASP B 444 44.07 -1.54 -3.45
CA ASP B 444 43.14 -2.34 -2.68
C ASP B 444 43.83 -3.58 -2.07
N ILE B 445 44.65 -4.30 -2.82
CA ILE B 445 45.28 -5.46 -2.22
C ILE B 445 46.29 -4.99 -1.19
N ALA B 446 46.96 -3.88 -1.48
CA ALA B 446 48.04 -3.48 -0.59
C ALA B 446 47.50 -3.06 0.80
N ARG B 447 46.24 -2.65 0.86
CA ARG B 447 45.66 -2.17 2.10
C ARG B 447 45.26 -3.33 2.96
N VAL B 448 44.85 -4.44 2.35
CA VAL B 448 44.38 -5.63 3.09
C VAL B 448 45.45 -6.19 3.99
N CYS B 449 45.06 -6.67 5.15
CA CYS B 449 45.99 -7.09 6.15
C CYS B 449 46.18 -8.57 6.03
N HIS B 450 47.37 -9.00 5.57
CA HIS B 450 47.69 -10.43 5.43
C HIS B 450 48.46 -10.94 6.62
N ALA B 451 48.06 -12.12 7.09
CA ALA B 451 48.60 -12.69 8.29
C ALA B 451 50.08 -12.83 8.14
N HIS B 452 50.83 -12.71 9.23
CA HIS B 452 52.29 -12.91 9.18
C HIS B 452 52.67 -14.11 10.06
N PRO B 453 53.66 -14.91 9.64
CA PRO B 453 54.28 -14.80 8.32
C PRO B 453 53.58 -15.70 7.25
N THR B 454 53.22 -15.18 6.09
CA THR B 454 52.73 -16.08 5.05
C THR B 454 53.20 -15.71 3.62
N LEU B 455 53.29 -16.74 2.78
CA LEU B 455 53.48 -16.53 1.36
C LEU B 455 52.60 -15.39 0.78
N SER B 456 51.34 -15.32 1.21
CA SER B 456 50.43 -14.32 0.66
C SER B 456 50.96 -12.92 0.73
N GLU B 457 51.87 -12.68 1.68
CA GLU B 457 52.46 -11.37 1.90
C GLU B 457 53.22 -10.97 0.65
N ALA B 458 53.81 -11.95 -0.02
CA ALA B 458 54.44 -11.70 -1.33
C ALA B 458 53.45 -11.08 -2.30
N PHE B 459 52.24 -11.58 -2.21
CA PHE B 459 51.19 -11.13 -3.09
C PHE B 459 50.79 -9.72 -2.68
N ARG B 460 50.71 -9.45 -1.40
CA ARG B 460 50.47 -8.07 -1.01
C ARG B 460 51.62 -7.14 -1.40
N GLU B 461 52.86 -7.56 -1.09
CA GLU B 461 54.04 -6.76 -1.40
C GLU B 461 54.16 -6.41 -2.91
N ALA B 462 53.81 -7.36 -3.79
CA ALA B 462 53.95 -7.10 -5.21
C ALA B 462 52.95 -6.04 -5.67
N ASN B 463 51.75 -6.03 -5.09
CA ASN B 463 50.79 -5.01 -5.48
C ASN B 463 51.21 -3.64 -4.95
N LEU B 464 51.72 -3.64 -3.73
CA LEU B 464 52.11 -2.42 -3.15
C LEU B 464 53.15 -1.81 -4.08
N ALA B 465 54.07 -2.64 -4.57
CA ALA B 465 55.14 -2.17 -5.46
C ALA B 465 54.63 -1.71 -6.80
N ALA B 466 53.53 -2.28 -7.25
CA ALA B 466 52.97 -1.86 -8.49
C ALA B 466 52.26 -0.55 -8.25
N SER B 467 51.82 -0.29 -7.03
CA SER B 467 50.97 0.90 -6.89
C SER B 467 51.75 2.10 -6.52
N PHE B 468 52.33 2.05 -5.33
CA PHE B 468 53.30 3.04 -4.84
C PHE B 468 54.65 2.57 -5.53
N GLY B 469 55.60 3.44 -5.88
CA GLY B 469 56.86 2.97 -6.48
C GLY B 469 57.61 1.68 -5.99
N LYS B 470 57.58 1.40 -4.70
CA LYS B 470 58.42 0.34 -4.13
C LYS B 470 57.71 -0.34 -2.96
N SER B 471 58.07 -1.58 -2.65
CA SER B 471 57.57 -2.20 -1.42
C SER B 471 58.42 -1.94 -0.14
N ILE B 472 58.15 -2.69 0.93
CA ILE B 472 58.85 -2.52 2.20
C ILE B 472 60.02 -3.48 2.27
N ASN B 473 59.74 -4.78 2.15
CA ASN B 473 60.78 -5.81 2.27
C ASN B 473 61.66 -5.99 1.01
N PHE B 474 61.45 -5.17 -0.02
CA PHE B 474 62.37 -5.27 -1.12
C PHE B 474 62.53 -3.94 -1.86
N ALA C 1 -46.19 46.63 64.11
CA ALA C 1 -47.05 45.58 64.74
C ALA C 1 -47.81 44.77 63.68
N ASP C 2 -47.31 43.55 63.40
CA ASP C 2 -48.07 42.58 62.61
C ASP C 2 -49.56 42.61 63.07
N GLN C 3 -50.26 43.71 62.78
CA GLN C 3 -51.59 43.96 63.33
C GLN C 3 -52.57 42.80 63.05
N PRO C 4 -53.50 42.56 63.99
CA PRO C 4 -54.43 41.42 63.90
C PRO C 4 -55.32 41.63 62.70
N ILE C 5 -55.87 40.61 62.07
CA ILE C 5 -56.76 40.87 60.94
C ILE C 5 -58.17 40.58 61.38
N ASP C 6 -59.14 41.27 60.79
CA ASP C 6 -60.53 40.97 61.07
C ASP C 6 -61.09 40.23 59.89
N ALA C 7 -61.59 39.02 60.13
CA ALA C 7 -62.13 38.16 59.09
C ALA C 7 -63.40 37.58 59.63
N ASP C 8 -64.41 37.41 58.78
CA ASP C 8 -65.61 36.66 59.15
C ASP C 8 -65.31 35.21 59.26
N VAL C 9 -64.60 34.67 58.27
CA VAL C 9 -64.25 33.23 58.23
C VAL C 9 -62.75 32.86 58.12
N THR C 10 -62.29 32.02 59.04
CA THR C 10 -60.91 31.65 58.99
C THR C 10 -60.74 30.17 58.73
N VAL C 11 -60.21 29.85 57.58
CA VAL C 11 -60.00 28.48 57.24
C VAL C 11 -58.57 28.09 57.47
N ILE C 12 -58.36 27.04 58.23
CA ILE C 12 -57.03 26.48 58.47
C ILE C 12 -56.77 25.21 57.63
N GLY C 13 -55.77 25.27 56.76
CA GLY C 13 -55.47 24.18 55.87
C GLY C 13 -56.01 24.50 54.50
N SER C 14 -55.20 24.29 53.48
CA SER C 14 -55.58 24.64 52.15
C SER C 14 -55.70 23.40 51.32
N GLY C 15 -55.94 22.25 51.95
CA GLY C 15 -56.32 21.05 51.22
C GLY C 15 -57.59 21.28 50.41
N PRO C 16 -58.02 20.26 49.67
CA PRO C 16 -59.23 20.34 48.88
C PRO C 16 -60.43 20.61 49.76
N GLY C 17 -60.28 20.51 51.07
CA GLY C 17 -61.38 20.95 51.93
C GLY C 17 -61.32 22.45 52.16
N GLY C 18 -60.17 22.90 52.64
CA GLY C 18 -59.96 24.27 53.03
C GLY C 18 -59.91 25.26 51.86
N TYR C 19 -59.26 24.89 50.78
CA TYR C 19 -59.09 25.88 49.74
C TYR C 19 -60.41 26.09 49.05
N VAL C 20 -61.26 25.08 48.96
CA VAL C 20 -62.50 25.39 48.28
C VAL C 20 -63.42 26.04 49.25
N ALA C 21 -63.35 25.66 50.50
CA ALA C 21 -64.20 26.34 51.45
C ALA C 21 -63.83 27.78 51.39
N ALA C 22 -62.56 28.11 51.32
CA ALA C 22 -62.14 29.53 51.28
C ALA C 22 -62.69 30.23 50.02
N ILE C 23 -62.45 29.61 48.88
CA ILE C 23 -63.08 30.17 47.71
C ILE C 23 -64.60 30.34 47.88
N LYS C 24 -65.33 29.28 48.20
CA LYS C 24 -66.77 29.42 48.29
C LYS C 24 -67.16 30.56 49.21
N ALA C 25 -66.56 30.55 50.39
CA ALA C 25 -66.96 31.48 51.41
C ALA C 25 -66.73 32.95 50.90
N ALA C 26 -65.62 33.22 50.22
CA ALA C 26 -65.45 34.52 49.59
C ALA C 26 -66.62 34.81 48.70
N GLN C 27 -66.89 33.93 47.75
CA GLN C 27 -67.94 34.16 46.80
C GLN C 27 -69.29 34.41 47.48
N LEU C 28 -69.49 34.01 48.72
CA LEU C 28 -70.78 34.20 49.29
C LEU C 28 -70.82 35.54 50.00
N GLY C 29 -69.72 36.28 50.09
CA GLY C 29 -69.75 37.52 50.87
C GLY C 29 -68.78 37.64 52.03
N PHE C 30 -68.47 36.54 52.74
CA PHE C 30 -67.51 36.59 53.87
C PHE C 30 -66.10 37.06 53.53
N LYS C 31 -65.52 37.90 54.39
CA LYS C 31 -64.12 38.25 54.32
C LYS C 31 -63.49 37.04 54.84
N THR C 32 -62.77 36.31 53.99
CA THR C 32 -62.18 35.09 54.47
C THR C 32 -60.65 35.06 54.44
N VAL C 33 -60.07 34.14 55.21
CA VAL C 33 -58.62 33.95 55.27
C VAL C 33 -58.21 32.45 55.41
N CYS C 34 -57.15 32.07 54.72
CA CYS C 34 -56.80 30.69 54.67
C CYS C 34 -55.39 30.61 55.16
N ILE C 35 -55.16 29.76 56.15
CA ILE C 35 -53.82 29.62 56.66
C ILE C 35 -53.25 28.29 56.26
N GLU C 36 -51.97 28.23 55.89
CA GLU C 36 -51.37 27.01 55.39
C GLU C 36 -49.97 26.96 55.90
N LYS C 37 -49.59 25.89 56.60
CA LYS C 37 -48.22 25.81 57.06
C LYS C 37 -47.24 25.51 55.94
N ASN C 38 -47.60 24.64 54.99
CA ASN C 38 -46.65 24.34 53.88
C ASN C 38 -46.43 25.45 52.88
N GLU C 39 -45.37 25.32 52.10
CA GLU C 39 -44.98 26.37 51.17
C GLU C 39 -45.87 26.42 49.97
N THR C 40 -46.82 25.49 49.87
CA THR C 40 -47.57 25.35 48.64
C THR C 40 -49.03 25.10 49.00
N LEU C 41 -49.96 25.47 48.15
CA LEU C 41 -51.37 25.27 48.51
C LEU C 41 -51.91 23.86 48.17
N GLY C 42 -53.19 23.63 48.39
CA GLY C 42 -53.77 22.39 47.90
C GLY C 42 -53.56 21.13 48.74
N GLY C 43 -52.72 21.21 49.78
CA GLY C 43 -52.64 20.17 50.79
C GLY C 43 -52.14 18.82 50.29
N THR C 44 -52.71 17.72 50.81
CA THR C 44 -52.18 16.43 50.47
C THR C 44 -52.62 15.90 49.13
N CYS C 45 -53.81 16.28 48.67
CA CYS C 45 -54.22 15.85 47.35
C CYS C 45 -53.28 16.40 46.28
N LEU C 46 -53.01 17.67 46.32
CA LEU C 46 -52.30 18.22 45.21
C LEU C 46 -50.82 17.97 45.41
N ASN C 47 -50.40 17.88 46.65
CA ASN C 47 -48.96 17.96 46.92
C ASN C 47 -48.28 16.65 47.04
N VAL C 48 -49.00 15.65 47.55
CA VAL C 48 -48.38 14.35 47.77
C VAL C 48 -49.35 13.24 47.72
N GLY C 49 -50.57 13.49 47.26
CA GLY C 49 -51.54 12.42 47.14
C GLY C 49 -52.09 12.18 45.75
N CYS C 50 -53.37 12.48 45.55
CA CYS C 50 -54.06 12.27 44.29
C CYS C 50 -53.34 12.66 42.96
N ILE C 51 -52.94 13.91 42.87
CA ILE C 51 -52.43 14.43 41.61
C ILE C 51 -51.13 13.76 41.24
N PRO C 52 -50.16 13.82 42.11
CA PRO C 52 -48.88 13.21 41.78
C PRO C 52 -49.10 11.68 41.48
N SER C 53 -49.86 11.03 42.37
CA SER C 53 -50.24 9.66 42.24
C SER C 53 -50.79 9.33 40.87
N LYS C 54 -51.77 10.12 40.44
CA LYS C 54 -52.48 9.85 39.18
C LYS C 54 -51.62 10.12 38.01
N ALA C 55 -50.63 10.97 38.18
CA ALA C 55 -49.76 11.37 37.09
C ALA C 55 -48.81 10.22 36.69
N LEU C 56 -48.19 9.55 37.69
CA LEU C 56 -47.40 8.33 37.48
C LEU C 56 -48.24 7.14 36.94
N LEU C 57 -49.48 7.01 37.41
CA LEU C 57 -50.32 5.95 36.92
C LEU C 57 -50.50 6.23 35.45
N ASN C 58 -50.75 7.47 35.12
CA ASN C 58 -50.91 7.78 33.73
C ASN C 58 -49.68 7.47 32.83
N ASN C 59 -48.48 7.79 33.29
CA ASN C 59 -47.34 7.56 32.44
C ASN C 59 -46.86 6.16 32.56
N SER C 60 -46.94 5.60 33.76
CA SER C 60 -46.46 4.23 33.92
C SER C 60 -47.40 3.34 33.12
N HIS C 61 -48.57 3.84 32.78
CA HIS C 61 -49.46 3.08 31.96
C HIS C 61 -48.98 3.07 30.51
N TYR C 62 -48.83 4.27 29.97
CA TYR C 62 -48.42 4.45 28.60
C TYR C 62 -47.12 3.72 28.37
N TYR C 63 -46.23 3.73 29.35
CA TYR C 63 -44.96 3.07 29.21
C TYR C 63 -45.15 1.59 29.06
N HIS C 64 -46.00 1.03 29.90
CA HIS C 64 -46.27 -0.39 29.88
C HIS C 64 -46.79 -0.75 28.54
N MET C 65 -47.69 0.07 27.98
CA MET C 65 -48.30 -0.17 26.66
C MET C 65 -47.23 -0.06 25.57
N ALA C 66 -46.37 0.93 25.70
CA ALA C 66 -45.30 1.17 24.75
C ALA C 66 -44.31 0.02 24.79
N HIS C 67 -43.90 -0.30 25.98
CA HIS C 67 -42.82 -1.26 26.16
C HIS C 67 -43.29 -2.69 26.06
N GLY C 68 -44.54 -2.94 26.40
CA GLY C 68 -45.06 -4.30 26.50
C GLY C 68 -45.58 -4.77 25.18
N LYS C 69 -46.66 -5.55 25.09
CA LYS C 69 -47.01 -6.07 23.75
C LYS C 69 -48.17 -5.37 23.05
N ASP C 70 -48.87 -4.57 23.83
CA ASP C 70 -50.03 -3.85 23.36
C ASP C 70 -49.73 -3.02 22.12
N PHE C 71 -48.72 -2.15 22.14
CA PHE C 71 -48.58 -1.18 21.03
C PHE C 71 -48.16 -1.84 19.74
N ALA C 72 -47.19 -2.77 19.79
CA ALA C 72 -46.85 -3.60 18.62
C ALA C 72 -48.04 -4.34 17.99
N SER C 73 -49.11 -4.53 18.73
CA SER C 73 -50.19 -5.31 18.22
C SER C 73 -51.15 -4.40 17.51
N ARG C 74 -50.91 -3.10 17.62
CA ARG C 74 -51.74 -2.05 17.02
C ARG C 74 -51.01 -1.52 15.81
N GLY C 75 -49.73 -1.86 15.66
CA GLY C 75 -49.06 -1.49 14.43
C GLY C 75 -48.12 -0.34 14.62
N ILE C 76 -47.89 0.02 15.88
CA ILE C 76 -46.88 1.00 16.25
C ILE C 76 -45.60 0.27 16.64
N GLU C 77 -44.67 0.17 15.68
CA GLU C 77 -43.40 -0.50 15.94
C GLU C 77 -42.38 0.47 16.41
N MET C 78 -41.63 0.06 17.40
CA MET C 78 -40.59 0.90 17.90
C MET C 78 -39.44 0.06 18.40
N SER C 79 -38.37 0.09 17.63
CA SER C 79 -37.05 -0.25 18.07
C SER C 79 -36.92 -0.77 19.53
N GLU C 80 -36.65 0.17 20.44
CA GLU C 80 -36.16 -0.06 21.78
C GLU C 80 -37.11 0.82 22.50
N VAL C 81 -37.69 0.44 23.65
CA VAL C 81 -38.36 1.50 24.45
C VAL C 81 -37.63 1.70 25.76
N ARG C 82 -37.15 2.89 26.04
CA ARG C 82 -36.35 3.09 27.25
C ARG C 82 -37.08 3.97 28.25
N LEU C 83 -36.89 3.76 29.54
CA LEU C 83 -37.51 4.60 30.55
C LEU C 83 -36.57 5.65 31.08
N ASN C 84 -36.95 6.93 30.97
CA ASN C 84 -36.21 7.96 31.61
C ASN C 84 -37.04 8.43 32.73
N LEU C 85 -36.69 7.98 33.92
CA LEU C 85 -37.49 8.26 35.11
C LEU C 85 -37.59 9.71 35.55
N ASP C 86 -36.57 10.54 35.36
CA ASP C 86 -36.66 11.91 35.84
C ASP C 86 -37.51 12.71 34.91
N LYS C 87 -37.43 12.40 33.62
CA LYS C 87 -38.37 13.04 32.74
C LYS C 87 -39.72 12.64 33.29
N MET C 88 -39.98 11.35 33.44
CA MET C 88 -41.30 10.94 33.95
C MET C 88 -41.72 11.59 35.25
N MET C 89 -40.80 11.72 36.17
CA MET C 89 -40.99 12.43 37.45
C MET C 89 -41.14 13.95 37.26
N GLU C 90 -40.37 14.55 36.35
CA GLU C 90 -40.52 15.92 35.90
C GLU C 90 -41.95 16.17 35.43
N GLN C 91 -42.48 15.31 34.57
CA GLN C 91 -43.85 15.51 34.10
C GLN C 91 -44.78 15.73 35.27
N LYS C 92 -44.67 14.85 36.23
CA LYS C 92 -45.52 14.86 37.42
C LYS C 92 -45.29 16.14 38.19
N SER C 93 -44.06 16.43 38.54
CA SER C 93 -43.74 17.68 39.26
C SER C 93 -44.25 18.95 38.58
N THR C 94 -44.25 18.95 37.26
CA THR C 94 -44.69 20.11 36.50
C THR C 94 -46.21 20.30 36.59
N ALA C 95 -46.92 19.17 36.64
CA ALA C 95 -48.35 19.26 36.77
C ALA C 95 -48.64 19.75 38.18
N VAL C 96 -48.03 19.11 39.16
CA VAL C 96 -48.28 19.54 40.50
C VAL C 96 -48.07 21.03 40.62
N LYS C 97 -46.95 21.58 40.15
CA LYS C 97 -46.71 23.05 40.23
C LYS C 97 -47.72 23.91 39.51
N ALA C 98 -48.11 23.56 38.31
CA ALA C 98 -49.09 24.42 37.66
C ALA C 98 -50.33 24.50 38.52
N LEU C 99 -50.63 23.39 39.20
CA LEU C 99 -51.89 23.20 39.88
C LEU C 99 -51.81 23.89 41.19
N THR C 100 -50.66 23.89 41.82
CA THR C 100 -50.63 24.63 43.05
C THR C 100 -50.74 26.11 42.65
N GLY C 101 -50.14 26.41 41.51
CA GLY C 101 -50.09 27.80 41.06
C GLY C 101 -51.50 28.29 40.85
N GLY C 102 -52.43 27.38 40.47
CA GLY C 102 -53.80 27.78 40.16
C GLY C 102 -54.48 28.19 41.44
N ILE C 103 -54.33 27.35 42.45
CA ILE C 103 -55.03 27.54 43.69
C ILE C 103 -54.68 28.91 44.17
N ALA C 104 -53.41 29.23 44.12
CA ALA C 104 -52.97 30.50 44.67
C ALA C 104 -53.52 31.69 43.83
N HIS C 105 -53.62 31.47 42.54
CA HIS C 105 -54.19 32.46 41.66
C HIS C 105 -55.67 32.57 41.92
N LEU C 106 -56.37 31.45 42.16
CA LEU C 106 -57.79 31.53 42.47
C LEU C 106 -57.99 32.29 43.78
N PHE C 107 -57.06 32.16 44.72
CA PHE C 107 -57.20 32.85 45.95
C PHE C 107 -57.20 34.33 45.64
N LYS C 108 -56.17 34.80 44.93
CA LYS C 108 -56.09 36.23 44.58
C LYS C 108 -57.38 36.71 43.90
N GLN C 109 -57.90 35.92 43.00
CA GLN C 109 -59.08 36.29 42.29
C GLN C 109 -60.34 36.50 43.17
N ASN C 110 -60.51 35.72 44.24
CA ASN C 110 -61.70 35.81 45.05
C ASN C 110 -61.46 36.58 46.28
N LYS C 111 -60.27 37.17 46.35
CA LYS C 111 -59.82 38.13 47.38
C LYS C 111 -59.73 37.44 48.69
N VAL C 112 -59.50 36.13 48.63
CA VAL C 112 -59.20 35.30 49.79
C VAL C 112 -57.77 35.68 50.35
N VAL C 113 -57.69 35.97 51.64
CA VAL C 113 -56.41 36.38 52.21
C VAL C 113 -55.61 35.13 52.59
N HIS C 114 -54.40 34.99 52.07
CA HIS C 114 -53.57 33.82 52.36
C HIS C 114 -52.51 34.09 53.40
N VAL C 115 -52.45 33.32 54.46
CA VAL C 115 -51.41 33.55 55.47
C VAL C 115 -50.55 32.32 55.60
N ASN C 116 -49.24 32.50 55.51
CA ASN C 116 -48.33 31.35 55.58
C ASN C 116 -47.95 31.06 57.01
N GLY C 117 -48.60 30.13 57.67
CA GLY C 117 -48.10 29.82 59.00
C GLY C 117 -48.72 28.54 59.52
N TYR C 118 -48.23 28.13 60.68
CA TYR C 118 -48.88 27.13 61.48
C TYR C 118 -49.97 27.80 62.32
N GLY C 119 -51.24 27.53 62.02
CA GLY C 119 -52.34 28.08 62.81
C GLY C 119 -52.66 27.32 64.10
N LYS C 120 -52.81 28.08 65.19
CA LYS C 120 -53.18 27.59 66.51
C LYS C 120 -54.43 28.42 66.88
N ILE C 121 -55.49 27.75 67.32
CA ILE C 121 -56.68 28.46 67.72
C ILE C 121 -56.42 29.02 69.11
N THR C 122 -56.14 30.30 69.22
CA THR C 122 -55.80 30.83 70.52
C THR C 122 -57.04 31.33 71.32
N GLY C 123 -58.23 31.31 70.75
CA GLY C 123 -59.43 31.74 71.43
C GLY C 123 -60.66 31.41 70.61
N LYS C 124 -61.78 31.17 71.26
CA LYS C 124 -63.01 30.92 70.50
C LYS C 124 -63.14 31.79 69.23
N ASN C 125 -62.57 32.97 69.23
CA ASN C 125 -62.73 33.81 68.05
C ASN C 125 -61.43 34.39 67.54
N GLN C 126 -60.29 33.72 67.81
CA GLN C 126 -59.10 34.14 67.15
C GLN C 126 -58.13 33.01 66.75
N VAL C 127 -57.32 33.22 65.72
CA VAL C 127 -56.31 32.24 65.30
C VAL C 127 -54.94 32.88 65.02
N THR C 128 -53.88 32.29 65.54
CA THR C 128 -52.59 32.92 65.39
C THR C 128 -51.83 31.97 64.52
N ALA C 129 -51.39 32.47 63.37
CA ALA C 129 -50.56 31.69 62.48
C ALA C 129 -49.13 32.04 62.88
N THR C 130 -48.25 31.05 62.96
CA THR C 130 -46.87 31.29 63.35
C THR C 130 -45.98 30.93 62.22
N LYS C 131 -45.28 31.94 61.69
CA LYS C 131 -44.44 31.84 60.49
C LYS C 131 -43.11 31.09 60.82
N ALA C 132 -42.44 30.53 59.81
CA ALA C 132 -41.15 29.83 60.00
C ALA C 132 -40.13 30.49 60.98
N ASP C 133 -39.74 31.75 60.74
CA ASP C 133 -38.80 32.49 61.60
C ASP C 133 -39.25 32.74 63.07
N GLY C 134 -40.55 32.88 63.31
CA GLY C 134 -41.04 33.10 64.68
C GLY C 134 -42.17 34.11 64.75
N GLY C 135 -42.25 34.92 63.70
CA GLY C 135 -43.31 35.89 63.57
C GLY C 135 -44.67 35.24 63.68
N THR C 136 -45.63 36.00 64.22
CA THR C 136 -47.00 35.52 64.30
C THR C 136 -47.94 36.45 63.57
N GLN C 137 -49.06 35.90 63.21
CA GLN C 137 -50.12 36.67 62.64
C GLN C 137 -51.39 36.30 63.36
N VAL C 138 -51.89 37.18 64.21
CA VAL C 138 -53.22 37.02 64.83
C VAL C 138 -54.34 37.39 63.86
N ILE C 139 -55.36 36.55 63.87
CA ILE C 139 -56.57 36.73 63.09
C ILE C 139 -57.77 36.67 64.04
N ASP C 140 -58.52 37.77 64.12
CA ASP C 140 -59.80 37.78 64.83
C ASP C 140 -60.91 37.45 63.85
N THR C 141 -61.63 36.39 64.17
CA THR C 141 -62.52 35.86 63.20
C THR C 141 -63.83 35.49 63.86
N LYS C 142 -64.95 35.59 63.15
CA LYS C 142 -66.23 35.15 63.66
C LYS C 142 -66.40 33.59 63.65
N ASN C 143 -66.07 32.97 62.50
CA ASN C 143 -66.07 31.54 62.36
C ASN C 143 -64.69 31.01 62.05
N ILE C 144 -64.36 29.85 62.62
CA ILE C 144 -63.09 29.22 62.36
C ILE C 144 -63.41 27.92 61.69
N LEU C 145 -62.72 27.62 60.60
CA LEU C 145 -62.99 26.41 59.88
C LEU C 145 -61.74 25.53 59.85
N ILE C 146 -61.81 24.44 60.64
CA ILE C 146 -60.73 23.44 60.68
C ILE C 146 -60.68 22.51 59.49
N ALA C 147 -59.59 22.55 58.73
CA ALA C 147 -59.42 21.71 57.58
C ALA C 147 -57.99 21.19 57.65
N THR C 148 -57.69 20.50 58.73
CA THR C 148 -56.31 20.15 58.92
C THR C 148 -55.92 18.79 58.40
N GLY C 149 -56.88 18.13 57.82
CA GLY C 149 -56.51 16.95 57.04
C GLY C 149 -55.85 15.79 57.76
N SER C 150 -54.98 15.03 57.08
CA SER C 150 -54.49 13.77 57.63
C SER C 150 -53.00 13.57 57.38
N GLU C 151 -52.44 12.52 57.94
CA GLU C 151 -51.04 12.21 57.76
C GLU C 151 -50.97 10.72 57.64
N VAL C 152 -49.82 10.21 57.29
CA VAL C 152 -49.62 8.76 57.25
C VAL C 152 -49.70 8.12 58.63
N THR C 153 -50.57 7.14 58.81
CA THR C 153 -50.42 6.25 59.96
C THR C 153 -49.08 5.51 59.91
N PRO C 154 -48.20 5.72 60.88
CA PRO C 154 -46.92 5.01 60.91
C PRO C 154 -47.08 3.56 61.32
N PHE C 155 -46.08 2.75 61.01
CA PHE C 155 -46.07 1.34 61.43
C PHE C 155 -45.20 1.17 62.68
N PRO C 156 -45.80 0.66 63.73
CA PRO C 156 -45.05 0.40 64.98
C PRO C 156 -44.00 -0.68 64.78
N GLY C 157 -42.72 -0.26 64.84
CA GLY C 157 -41.56 -1.14 64.61
C GLY C 157 -40.72 -0.64 63.42
N ILE C 158 -41.12 -0.96 62.19
CA ILE C 158 -40.70 -0.22 60.99
C ILE C 158 -40.63 1.34 61.08
N THR C 159 -39.50 1.95 60.75
CA THR C 159 -39.41 3.39 60.84
C THR C 159 -39.25 4.00 59.47
N ILE C 160 -40.26 4.66 58.96
CA ILE C 160 -40.17 5.25 57.63
C ILE C 160 -39.01 6.21 57.61
N ASP C 161 -38.17 6.16 56.59
CA ASP C 161 -37.05 7.10 56.51
C ASP C 161 -37.05 7.84 55.14
N GLU C 162 -38.01 7.46 54.32
CA GLU C 162 -38.19 8.07 53.04
C GLU C 162 -36.98 7.85 52.14
N ASP C 163 -36.14 6.85 52.46
CA ASP C 163 -35.07 6.36 51.56
C ASP C 163 -35.36 4.99 51.03
N THR C 164 -35.00 3.98 51.84
CA THR C 164 -35.33 2.57 51.58
C THR C 164 -36.68 2.23 52.16
N ILE C 165 -37.02 2.84 53.28
CA ILE C 165 -38.34 2.62 53.81
C ILE C 165 -39.19 3.84 53.59
N VAL C 166 -40.20 3.69 52.75
CA VAL C 166 -40.92 4.88 52.34
C VAL C 166 -42.38 4.84 52.70
N SER C 167 -43.02 6.01 52.73
CA SER C 167 -44.46 6.08 52.77
C SER C 167 -44.96 6.41 51.37
N SER C 168 -46.15 6.96 51.24
CA SER C 168 -46.74 7.10 49.93
C SER C 168 -46.01 8.23 49.33
N THR C 169 -45.63 9.17 50.18
CA THR C 169 -44.96 10.30 49.63
C THR C 169 -43.55 9.90 49.19
N GLY C 170 -43.04 8.83 49.78
CA GLY C 170 -41.67 8.39 49.47
C GLY C 170 -41.65 7.81 48.06
N ALA C 171 -42.64 6.93 47.87
CA ALA C 171 -42.76 6.15 46.67
C ALA C 171 -43.21 6.99 45.48
N LEU C 172 -43.68 8.22 45.73
CA LEU C 172 -43.98 9.14 44.62
C LEU C 172 -42.72 9.78 44.03
N SER C 173 -41.58 9.53 44.71
CA SER C 173 -40.34 10.22 44.35
C SER C 173 -39.11 9.39 44.20
N LEU C 174 -39.25 8.06 44.23
CA LEU C 174 -38.09 7.16 44.09
C LEU C 174 -37.11 7.73 43.06
N LYS C 175 -35.82 7.43 43.23
CA LYS C 175 -34.88 7.96 42.26
C LYS C 175 -34.46 6.87 41.27
N LYS C 176 -35.07 5.70 41.34
CA LYS C 176 -34.83 4.71 40.33
C LYS C 176 -35.76 3.60 40.59
N VAL C 177 -36.05 2.82 39.57
CA VAL C 177 -36.93 1.68 39.76
C VAL C 177 -36.25 0.69 40.68
N PRO C 178 -36.89 0.35 41.77
CA PRO C 178 -36.38 -0.71 42.65
C PRO C 178 -36.45 -2.10 42.03
N GLU C 179 -35.45 -2.94 42.21
CA GLU C 179 -35.44 -4.24 41.61
C GLU C 179 -36.55 -5.07 42.22
N LYS C 180 -36.61 -5.09 43.55
CA LYS C 180 -37.70 -5.67 44.29
C LYS C 180 -38.36 -4.60 45.21
N MET C 181 -39.65 -4.76 45.51
CA MET C 181 -40.37 -3.86 46.41
C MET C 181 -41.52 -4.55 47.12
N VAL C 182 -41.60 -4.38 48.41
CA VAL C 182 -42.77 -4.92 49.06
C VAL C 182 -43.54 -3.79 49.69
N VAL C 183 -44.84 -3.86 49.48
CA VAL C 183 -45.78 -2.89 49.91
C VAL C 183 -46.55 -3.55 51.03
N ILE C 184 -46.54 -2.92 52.20
CA ILE C 184 -47.39 -3.30 53.31
C ILE C 184 -48.75 -2.60 53.23
N GLY C 185 -49.75 -3.34 52.75
CA GLY C 185 -51.13 -2.92 52.81
C GLY C 185 -51.63 -2.93 51.39
N ALA C 186 -52.66 -3.73 51.08
CA ALA C 186 -53.31 -3.62 49.77
C ALA C 186 -54.51 -2.65 49.74
N GLY C 187 -54.44 -1.47 50.31
CA GLY C 187 -55.56 -0.58 50.04
C GLY C 187 -55.51 0.10 48.66
N VAL C 188 -56.42 1.01 48.48
CA VAL C 188 -56.29 1.90 47.31
C VAL C 188 -54.92 2.56 47.09
N ILE C 189 -54.35 3.04 48.19
CA ILE C 189 -53.10 3.72 48.05
C ILE C 189 -52.01 2.72 47.75
N GLY C 190 -51.91 1.64 48.52
CA GLY C 190 -50.95 0.61 48.21
C GLY C 190 -51.11 0.07 46.79
N VAL C 191 -52.29 -0.54 46.41
CA VAL C 191 -52.45 -1.21 45.10
C VAL C 191 -52.00 -0.29 44.03
N GLU C 192 -52.43 0.98 44.11
CA GLU C 192 -52.09 1.98 43.12
C GLU C 192 -50.61 2.13 42.99
N LEU C 193 -49.95 2.52 44.06
CA LEU C 193 -48.50 2.77 43.98
C LEU C 193 -47.68 1.51 43.62
N GLY C 194 -48.01 0.39 44.23
CA GLY C 194 -47.33 -0.83 43.85
C GLY C 194 -47.48 -1.02 42.34
N SER C 195 -48.61 -0.61 41.77
CA SER C 195 -48.83 -0.88 40.38
C SER C 195 -48.09 0.13 39.48
N VAL C 196 -47.80 1.33 39.96
CA VAL C 196 -46.92 2.20 39.19
C VAL C 196 -45.57 1.52 38.85
N TRP C 197 -44.85 1.12 39.92
CA TRP C 197 -43.49 0.57 39.80
C TRP C 197 -43.56 -0.81 39.19
N GLN C 198 -44.70 -1.47 39.36
CA GLN C 198 -44.78 -2.84 38.88
C GLN C 198 -44.62 -2.73 37.40
N ARG C 199 -45.38 -1.81 36.80
CA ARG C 199 -45.27 -1.56 35.35
C ARG C 199 -43.89 -0.92 34.94
N LEU C 200 -43.28 -0.19 35.84
CA LEU C 200 -41.97 0.34 35.53
C LEU C 200 -40.91 -0.75 35.67
N GLY C 201 -41.32 -1.96 36.10
CA GLY C 201 -40.39 -3.04 36.14
C GLY C 201 -40.06 -3.67 37.47
N ALA C 202 -40.35 -3.03 38.61
CA ALA C 202 -40.19 -3.71 39.89
C ALA C 202 -40.98 -5.03 39.97
N ASP C 203 -40.51 -5.94 40.82
CA ASP C 203 -41.18 -7.17 41.14
C ASP C 203 -41.87 -6.74 42.40
N VAL C 204 -43.18 -6.50 42.35
CA VAL C 204 -43.81 -5.95 43.53
C VAL C 204 -44.63 -6.98 44.31
N THR C 205 -44.51 -7.02 45.64
CA THR C 205 -45.43 -7.81 46.49
C THR C 205 -46.16 -7.04 47.59
N ALA C 206 -47.43 -6.83 47.40
CA ALA C 206 -48.17 -6.25 48.51
C ALA C 206 -48.59 -7.27 49.56
N VAL C 207 -48.37 -6.89 50.82
CA VAL C 207 -48.79 -7.69 51.96
C VAL C 207 -50.06 -7.17 52.70
N GLU C 208 -51.08 -8.00 52.81
CA GLU C 208 -52.34 -7.56 53.38
C GLU C 208 -52.73 -8.37 54.62
N PHE C 209 -53.28 -7.69 55.63
CA PHE C 209 -53.73 -8.38 56.83
C PHE C 209 -55.06 -9.01 56.56
N LEU C 210 -55.91 -8.34 55.80
CA LEU C 210 -57.24 -8.84 55.57
C LEU C 210 -57.16 -9.84 54.44
N GLY C 211 -58.32 -10.39 54.07
CA GLY C 211 -58.34 -11.30 52.97
C GLY C 211 -58.91 -10.80 51.67
N HIS C 212 -58.74 -9.51 51.32
CA HIS C 212 -59.16 -9.02 49.99
C HIS C 212 -58.39 -7.78 49.62
N VAL C 213 -58.19 -7.54 48.33
CA VAL C 213 -57.43 -6.36 47.93
C VAL C 213 -58.40 -5.23 47.73
N GLY C 214 -58.00 -4.01 47.99
CA GLY C 214 -58.86 -2.88 47.66
C GLY C 214 -59.30 -2.31 48.97
N GLY C 215 -59.90 -1.15 48.99
CA GLY C 215 -60.17 -0.62 50.33
C GLY C 215 -61.12 -1.37 51.29
N VAL C 216 -62.00 -0.55 51.88
CA VAL C 216 -63.09 -0.97 52.72
C VAL C 216 -64.22 -0.67 51.78
N GLY C 217 -65.27 -1.46 51.90
CA GLY C 217 -66.48 -1.19 51.13
C GLY C 217 -66.43 -1.75 49.72
N ILE C 218 -65.26 -2.13 49.22
CA ILE C 218 -65.21 -2.62 47.85
C ILE C 218 -65.99 -3.93 47.84
N ASP C 219 -66.72 -4.20 46.78
CA ASP C 219 -67.53 -5.40 46.67
C ASP C 219 -66.62 -6.61 46.57
N MET C 220 -66.99 -7.75 47.17
CA MET C 220 -66.06 -8.87 47.23
C MET C 220 -65.86 -9.52 45.88
N GLU C 221 -66.94 -9.70 45.13
CA GLU C 221 -66.75 -10.32 43.85
C GLU C 221 -65.87 -9.35 43.02
N ILE C 222 -66.14 -8.07 43.03
CA ILE C 222 -65.27 -7.30 42.15
C ILE C 222 -63.84 -7.29 42.69
N SER C 223 -63.70 -7.28 44.00
CA SER C 223 -62.34 -7.46 44.54
C SER C 223 -61.53 -8.74 44.11
N LYS C 224 -62.12 -9.91 44.14
CA LYS C 224 -61.36 -11.06 43.71
C LYS C 224 -60.96 -10.95 42.23
N ASN C 225 -61.84 -10.40 41.43
CA ASN C 225 -61.58 -10.36 40.01
C ASN C 225 -60.51 -9.35 39.76
N PHE C 226 -60.56 -8.27 40.57
CA PHE C 226 -59.59 -7.24 40.57
C PHE C 226 -58.30 -7.93 40.84
N GLN C 227 -58.25 -8.61 41.97
CA GLN C 227 -57.05 -9.32 42.33
C GLN C 227 -56.48 -10.22 41.24
N ARG C 228 -57.25 -11.06 40.56
CA ARG C 228 -56.68 -11.84 39.45
C ARG C 228 -56.08 -11.00 38.32
N ILE C 229 -56.76 -9.98 37.84
CA ILE C 229 -56.21 -9.18 36.76
C ILE C 229 -54.89 -8.61 37.23
N LEU C 230 -54.80 -8.28 38.51
CA LEU C 230 -53.61 -7.59 38.90
C LEU C 230 -52.49 -8.64 38.88
N GLN C 231 -52.75 -9.79 39.49
CA GLN C 231 -51.81 -10.89 39.53
C GLN C 231 -51.31 -11.28 38.14
N LYS C 232 -52.25 -11.50 37.23
CA LYS C 232 -51.90 -11.76 35.86
C LYS C 232 -50.92 -10.69 35.32
N GLN C 233 -51.07 -9.45 35.75
CA GLN C 233 -50.12 -8.40 35.38
C GLN C 233 -48.72 -8.57 35.99
N GLY C 234 -48.60 -9.41 37.02
CA GLY C 234 -47.31 -9.64 37.67
C GLY C 234 -47.27 -9.23 39.11
N PHE C 235 -48.32 -8.56 39.56
CA PHE C 235 -48.45 -8.05 40.93
C PHE C 235 -48.68 -9.24 41.82
N LYS C 236 -47.84 -9.46 42.80
CA LYS C 236 -48.06 -10.57 43.73
C LYS C 236 -48.76 -10.13 45.04
N PHE C 237 -49.54 -11.03 45.62
CA PHE C 237 -50.26 -10.68 46.82
C PHE C 237 -50.01 -11.69 47.90
N LYS C 238 -49.90 -11.20 49.14
CA LYS C 238 -49.94 -12.07 50.28
C LYS C 238 -51.01 -11.61 51.22
N LEU C 239 -52.21 -12.12 51.01
CA LEU C 239 -53.34 -11.86 51.90
C LEU C 239 -53.38 -12.65 53.27
N ASN C 240 -54.24 -12.21 54.20
CA ASN C 240 -54.28 -12.72 55.57
C ASN C 240 -52.93 -13.08 56.13
N THR C 241 -52.04 -12.12 56.04
CA THR C 241 -50.67 -12.30 56.46
C THR C 241 -50.43 -11.10 57.31
N LYS C 242 -49.83 -11.30 58.48
CA LYS C 242 -49.48 -10.15 59.30
C LYS C 242 -47.98 -9.94 59.25
N VAL C 243 -47.59 -8.72 59.54
CA VAL C 243 -46.19 -8.34 59.38
C VAL C 243 -45.56 -8.21 60.72
N THR C 244 -44.76 -9.20 61.01
CA THR C 244 -44.07 -9.28 62.23
C THR C 244 -43.07 -8.14 62.46
N GLY C 245 -42.36 -7.70 61.43
CA GLY C 245 -41.26 -6.77 61.65
C GLY C 245 -40.36 -6.72 60.45
N ALA C 246 -39.54 -5.67 60.33
CA ALA C 246 -38.76 -5.44 59.10
C ALA C 246 -37.39 -5.03 59.55
N THR C 247 -36.33 -5.49 58.91
CA THR C 247 -35.00 -5.26 59.48
C THR C 247 -33.99 -4.91 58.41
N LYS C 248 -33.14 -3.92 58.64
CA LYS C 248 -32.28 -3.52 57.58
C LYS C 248 -31.09 -4.43 57.53
N LYS C 249 -30.92 -5.11 56.39
CA LYS C 249 -29.88 -6.13 56.14
C LYS C 249 -28.48 -5.59 55.83
N SER C 250 -27.46 -6.42 56.08
CA SER C 250 -26.07 -5.98 55.91
C SER C 250 -25.80 -5.16 54.64
N ASP C 251 -26.35 -5.58 53.52
CA ASP C 251 -26.09 -4.96 52.27
C ASP C 251 -27.13 -3.92 51.74
N GLY C 252 -27.95 -3.31 52.63
CA GLY C 252 -28.92 -2.26 52.28
C GLY C 252 -30.32 -2.72 51.86
N LYS C 253 -30.46 -4.04 51.77
CA LYS C 253 -31.76 -4.66 51.48
C LYS C 253 -32.58 -4.71 52.79
N ILE C 254 -33.89 -4.88 52.66
CA ILE C 254 -34.79 -4.90 53.82
C ILE C 254 -35.31 -6.32 53.99
N ASP C 255 -35.09 -6.91 55.14
CA ASP C 255 -35.77 -8.18 55.38
C ASP C 255 -37.13 -7.89 55.97
N VAL C 256 -38.18 -8.63 55.56
CA VAL C 256 -39.52 -8.35 56.11
C VAL C 256 -40.12 -9.65 56.59
N SER C 257 -40.50 -9.72 57.87
CA SER C 257 -41.03 -10.92 58.48
C SER C 257 -42.53 -10.98 58.42
N ILE C 258 -43.02 -12.05 57.85
CA ILE C 258 -44.40 -12.24 57.57
C ILE C 258 -44.92 -13.43 58.42
N GLU C 259 -46.22 -13.61 58.51
CA GLU C 259 -46.73 -14.73 59.26
C GLU C 259 -48.21 -14.79 58.99
N ALA C 260 -48.72 -15.98 58.73
CA ALA C 260 -50.16 -16.13 58.50
C ALA C 260 -50.91 -15.70 59.70
N ALA C 261 -52.01 -14.98 59.47
CA ALA C 261 -52.80 -14.38 60.54
C ALA C 261 -53.41 -15.40 61.50
N SER C 262 -53.47 -16.64 61.03
CA SER C 262 -54.05 -17.72 61.77
C SER C 262 -52.90 -18.61 62.02
N GLY C 263 -52.52 -19.37 61.02
CA GLY C 263 -51.28 -20.13 61.05
C GLY C 263 -50.13 -19.45 61.79
N GLY C 264 -49.00 -20.17 61.84
CA GLY C 264 -47.76 -19.68 62.40
C GLY C 264 -46.72 -19.79 61.31
N LYS C 265 -47.17 -19.58 60.07
CA LYS C 265 -46.26 -19.63 58.91
C LYS C 265 -45.32 -18.42 58.89
N ALA C 266 -44.17 -18.51 59.59
CA ALA C 266 -43.17 -17.42 59.62
C ALA C 266 -42.39 -17.47 58.33
N GLU C 267 -42.12 -16.35 57.71
CA GLU C 267 -41.44 -16.40 56.45
C GLU C 267 -40.75 -15.02 56.31
N VAL C 268 -39.65 -14.95 55.57
CA VAL C 268 -38.98 -13.65 55.43
C VAL C 268 -38.96 -13.24 53.99
N ILE C 269 -39.55 -12.14 53.59
CA ILE C 269 -39.30 -11.80 52.19
C ILE C 269 -38.32 -10.67 52.12
N THR C 270 -37.42 -10.70 51.15
CA THR C 270 -36.52 -9.53 51.01
C THR C 270 -36.85 -8.48 49.90
N CYS C 271 -36.45 -7.24 50.10
CA CYS C 271 -36.57 -6.23 49.04
C CYS C 271 -35.60 -5.09 49.17
N ASP C 272 -35.57 -4.32 48.11
CA ASP C 272 -34.84 -3.07 48.10
C ASP C 272 -35.64 -1.97 48.74
N VAL C 273 -36.92 -1.85 48.40
CA VAL C 273 -37.72 -0.78 48.94
C VAL C 273 -38.96 -1.33 49.57
N LEU C 274 -39.18 -0.95 50.82
CA LEU C 274 -40.34 -1.30 51.58
C LEU C 274 -41.25 -0.07 51.59
N LEU C 275 -42.49 -0.23 51.15
CA LEU C 275 -43.48 0.86 51.18
C LEU C 275 -44.55 0.52 52.22
N VAL C 276 -44.64 1.38 53.23
CA VAL C 276 -45.60 1.20 54.29
C VAL C 276 -46.79 2.10 53.97
N CYS C 277 -47.93 1.49 53.70
CA CYS C 277 -49.16 2.27 53.72
C CYS C 277 -50.31 1.50 54.32
N ILE C 278 -50.37 1.49 55.67
CA ILE C 278 -51.49 0.82 56.38
C ILE C 278 -52.67 1.77 56.66
N GLY C 279 -52.53 3.03 56.34
CA GLY C 279 -53.67 3.90 56.43
C GLY C 279 -53.23 5.31 56.67
N ARG C 280 -54.24 6.15 56.84
CA ARG C 280 -53.98 7.52 57.18
C ARG C 280 -54.79 7.93 58.43
N ARG C 281 -54.41 9.04 59.03
CA ARG C 281 -54.97 9.36 60.31
C ARG C 281 -55.22 10.84 60.32
N PRO C 282 -56.26 11.30 61.04
CA PRO C 282 -56.62 12.72 61.10
C PRO C 282 -55.50 13.50 61.75
N PHE C 283 -55.13 14.66 61.21
CA PHE C 283 -54.06 15.48 61.74
C PHE C 283 -54.56 16.67 62.54
N THR C 284 -54.23 16.80 63.83
CA THR C 284 -54.64 18.00 64.62
C THR C 284 -53.57 18.60 65.54
N LYS C 285 -52.33 18.18 65.43
CA LYS C 285 -51.26 18.70 66.27
C LYS C 285 -51.22 20.21 66.44
N ASN C 286 -50.88 20.63 67.66
CA ASN C 286 -50.64 22.05 67.90
C ASN C 286 -51.78 22.85 67.34
N LEU C 287 -53.01 22.35 67.39
CA LEU C 287 -54.14 23.21 67.03
C LEU C 287 -54.79 23.91 68.24
N GLY C 288 -54.44 23.46 69.42
CA GLY C 288 -54.95 24.03 70.62
C GLY C 288 -56.37 23.60 70.87
N LEU C 289 -56.79 22.41 70.46
CA LEU C 289 -58.14 21.97 70.75
C LEU C 289 -58.36 21.53 72.19
N GLU C 290 -57.34 20.98 72.83
CA GLU C 290 -57.53 20.40 74.17
C GLU C 290 -57.97 21.48 75.15
N GLU C 291 -57.27 22.60 75.07
CA GLU C 291 -57.62 23.78 75.87
C GLU C 291 -58.84 24.57 75.33
N LEU C 292 -59.51 24.08 74.31
CA LEU C 292 -60.75 24.68 73.91
C LEU C 292 -61.79 23.72 74.39
N GLY C 293 -61.33 22.61 74.97
CA GLY C 293 -62.22 21.59 75.44
C GLY C 293 -62.74 20.65 74.37
N ILE C 294 -62.29 20.82 73.11
CA ILE C 294 -62.73 19.86 72.09
C ILE C 294 -62.05 18.50 72.20
N GLU C 295 -62.81 17.48 72.58
CA GLU C 295 -62.26 16.17 72.74
C GLU C 295 -62.43 15.45 71.44
N LEU C 296 -61.44 14.63 71.07
CA LEU C 296 -61.50 13.90 69.81
C LEU C 296 -62.15 12.56 69.99
N ASP C 297 -62.64 11.97 68.90
CA ASP C 297 -63.18 10.62 69.00
C ASP C 297 -62.05 9.62 69.02
N PRO C 298 -62.33 8.37 69.39
CA PRO C 298 -61.26 7.43 69.66
C PRO C 298 -60.35 7.14 68.44
N ARG C 299 -60.75 7.53 67.23
CA ARG C 299 -59.88 7.43 66.07
C ARG C 299 -59.08 8.75 65.82
N GLY C 300 -59.26 9.76 66.66
CA GLY C 300 -58.58 11.01 66.48
C GLY C 300 -59.32 12.04 65.67
N ARG C 301 -60.54 11.72 65.29
CA ARG C 301 -61.30 12.65 64.48
C ARG C 301 -62.04 13.63 65.40
N ILE C 302 -62.57 14.72 64.83
CA ILE C 302 -63.11 15.82 65.61
C ILE C 302 -64.60 15.74 65.47
N PRO C 303 -65.35 15.29 66.46
CA PRO C 303 -66.81 15.16 66.34
C PRO C 303 -67.56 16.42 65.92
N VAL C 304 -68.54 16.28 65.05
CA VAL C 304 -69.24 17.41 64.59
C VAL C 304 -70.75 17.26 64.26
N ASN C 305 -71.40 18.41 64.16
CA ASN C 305 -72.80 18.59 63.87
C ASN C 305 -73.24 18.09 62.53
N THR C 306 -74.52 18.25 62.27
CA THR C 306 -74.98 17.90 60.96
C THR C 306 -74.86 19.20 60.19
N ARG C 307 -74.26 20.22 60.79
CA ARG C 307 -73.90 21.47 60.12
C ARG C 307 -72.37 21.65 60.24
N PHE C 308 -71.74 20.69 60.92
CA PHE C 308 -70.28 20.61 60.98
C PHE C 308 -69.69 21.47 62.04
N GLN C 309 -70.50 21.82 63.02
CA GLN C 309 -69.97 22.60 64.10
C GLN C 309 -69.43 21.65 65.18
N THR C 310 -68.44 22.12 65.92
CA THR C 310 -67.89 21.29 66.95
C THR C 310 -68.68 21.64 68.16
N LYS C 311 -68.25 21.17 69.32
CA LYS C 311 -68.89 21.53 70.60
C LYS C 311 -69.03 23.06 70.64
N ILE C 312 -68.01 23.79 70.20
CA ILE C 312 -68.13 25.24 70.12
C ILE C 312 -68.79 25.64 68.80
N PRO C 313 -69.88 26.39 68.85
CA PRO C 313 -70.76 26.55 67.68
C PRO C 313 -70.14 27.27 66.53
N ASN C 314 -69.22 28.21 66.77
CA ASN C 314 -68.73 29.03 65.70
C ASN C 314 -67.42 28.42 65.21
N ILE C 315 -67.11 27.19 65.72
CA ILE C 315 -65.97 26.42 65.19
C ILE C 315 -66.35 25.14 64.47
N TYR C 316 -65.83 24.98 63.25
CA TYR C 316 -66.20 23.84 62.36
C TYR C 316 -65.00 22.94 61.99
N ALA C 317 -65.29 21.85 61.32
CA ALA C 317 -64.25 20.98 60.88
C ALA C 317 -64.86 20.18 59.73
N ILE C 318 -64.14 20.00 58.63
CA ILE C 318 -64.63 19.21 57.48
C ILE C 318 -63.43 18.45 57.02
N GLY C 319 -63.49 17.73 55.92
CA GLY C 319 -62.32 17.00 55.46
C GLY C 319 -61.95 15.68 56.13
N ASP C 320 -60.67 15.29 55.96
CA ASP C 320 -60.22 14.01 56.51
C ASP C 320 -60.22 14.00 58.02
N VAL C 321 -60.20 15.22 58.57
CA VAL C 321 -60.06 15.38 60.00
C VAL C 321 -61.34 15.01 60.74
N VAL C 322 -62.37 14.60 60.02
CA VAL C 322 -63.70 14.42 60.54
C VAL C 322 -64.28 13.09 60.02
N ALA C 323 -65.36 12.57 60.59
CA ALA C 323 -65.92 11.27 60.19
C ALA C 323 -66.19 11.13 58.71
N GLY C 324 -66.24 9.90 58.21
CA GLY C 324 -66.55 9.67 56.81
C GLY C 324 -65.42 9.10 55.97
N PRO C 325 -65.67 8.85 54.69
CA PRO C 325 -64.63 8.47 53.70
C PRO C 325 -63.51 9.49 53.66
N MET C 326 -62.27 9.04 53.77
CA MET C 326 -61.22 10.04 53.69
C MET C 326 -60.86 10.25 52.25
N LEU C 327 -61.68 11.03 51.55
CA LEU C 327 -61.57 11.22 50.11
C LEU C 327 -61.59 12.71 49.75
N ALA C 328 -60.94 13.09 48.65
CA ALA C 328 -60.82 14.51 48.32
C ALA C 328 -62.14 15.15 48.04
N HIS C 329 -63.00 14.48 47.30
CA HIS C 329 -64.29 15.05 46.92
C HIS C 329 -65.26 14.93 48.07
N LYS C 330 -64.87 14.26 49.10
CA LYS C 330 -65.71 14.26 50.25
C LYS C 330 -65.33 15.50 51.05
N ALA C 331 -64.04 15.79 51.07
CA ALA C 331 -63.58 17.01 51.69
C ALA C 331 -64.18 18.21 51.02
N GLU C 332 -64.09 18.24 49.70
CA GLU C 332 -64.53 19.38 48.94
C GLU C 332 -65.98 19.69 49.17
N ASP C 333 -66.85 18.71 49.07
CA ASP C 333 -68.28 18.98 49.30
C ASP C 333 -68.61 19.41 50.74
N GLU C 334 -68.01 18.73 51.71
CA GLU C 334 -68.23 19.01 53.11
C GLU C 334 -67.96 20.45 53.34
N GLY C 335 -66.79 20.89 52.90
CA GLY C 335 -66.43 22.28 52.94
C GLY C 335 -67.48 23.17 52.27
N ILE C 336 -67.82 22.92 51.04
CA ILE C 336 -68.79 23.77 50.40
C ILE C 336 -70.09 23.95 51.13
N ILE C 337 -70.71 22.85 51.55
CA ILE C 337 -72.00 23.00 52.22
C ILE C 337 -71.80 23.76 53.55
N CYS C 338 -70.72 23.42 54.23
CA CYS C 338 -70.40 24.06 55.46
C CYS C 338 -70.59 25.54 55.38
N VAL C 339 -69.80 26.21 54.51
CA VAL C 339 -69.82 27.67 54.38
C VAL C 339 -71.14 28.19 53.87
N GLU C 340 -71.70 27.56 52.87
CA GLU C 340 -73.12 27.79 52.60
C GLU C 340 -74.04 27.71 53.85
N GLY C 341 -73.81 26.75 54.74
CA GLY C 341 -74.58 26.64 55.95
C GLY C 341 -74.34 27.77 56.93
N MET C 342 -73.08 28.10 57.18
CA MET C 342 -72.80 29.38 57.85
C MET C 342 -73.51 30.55 57.13
N ALA C 343 -73.74 30.46 55.83
CA ALA C 343 -74.44 31.57 55.22
C ALA C 343 -75.93 31.48 55.46
N GLY C 344 -76.37 30.52 56.25
CA GLY C 344 -77.80 30.35 56.45
C GLY C 344 -78.54 29.36 55.56
N GLY C 345 -77.95 28.96 54.43
CA GLY C 345 -78.51 27.88 53.61
C GLY C 345 -78.63 26.49 54.29
N ALA C 346 -79.04 25.47 53.55
CA ALA C 346 -79.11 24.15 54.16
C ALA C 346 -77.85 23.33 53.94
N VAL C 347 -77.68 22.33 54.80
CA VAL C 347 -76.52 21.47 54.70
C VAL C 347 -77.02 20.06 54.79
N HIS C 348 -77.05 19.40 53.66
CA HIS C 348 -77.32 17.99 53.67
C HIS C 348 -76.20 17.33 52.87
N ILE C 349 -75.84 16.12 53.23
CA ILE C 349 -75.03 15.32 52.33
C ILE C 349 -75.38 13.87 52.62
N ASP C 350 -75.46 13.05 51.58
CA ASP C 350 -75.67 11.63 51.79
C ASP C 350 -74.41 10.88 51.46
N TYR C 351 -73.75 10.38 52.50
CA TYR C 351 -72.51 9.63 52.36
C TYR C 351 -72.69 8.30 51.57
N ASN C 352 -73.91 7.95 51.35
CA ASN C 352 -74.16 6.78 50.54
C ASN C 352 -73.82 7.01 49.07
N CYS C 353 -73.91 8.26 48.63
CA CYS C 353 -73.71 8.59 47.20
C CYS C 353 -72.37 9.20 46.84
N VAL C 354 -71.39 8.99 47.69
CA VAL C 354 -70.09 9.46 47.36
C VAL C 354 -69.34 8.29 46.71
N PRO C 355 -68.83 8.44 45.50
CA PRO C 355 -68.18 7.34 44.77
C PRO C 355 -66.75 7.04 45.26
N SER C 356 -66.18 5.90 44.81
CA SER C 356 -64.80 5.57 45.16
C SER C 356 -64.12 5.07 43.97
N VAL C 357 -62.88 5.54 43.75
CA VAL C 357 -62.20 5.22 42.50
C VAL C 357 -60.79 4.74 42.74
N ILE C 358 -60.48 3.50 42.35
CA ILE C 358 -59.11 3.03 42.49
C ILE C 358 -58.51 3.00 41.09
N TYR C 359 -57.56 3.90 40.84
CA TYR C 359 -57.13 4.27 39.45
C TYR C 359 -56.02 3.45 38.79
N THR C 360 -56.01 2.15 39.07
CA THR C 360 -55.19 1.23 38.36
C THR C 360 -55.78 1.05 36.98
N HIS C 361 -55.22 0.10 36.24
CA HIS C 361 -55.79 -0.25 34.93
C HIS C 361 -55.81 -1.73 34.98
N PRO C 362 -56.99 -2.34 35.00
CA PRO C 362 -58.30 -1.64 34.93
C PRO C 362 -58.65 -0.82 36.17
N GLU C 363 -59.50 0.19 35.96
CA GLU C 363 -59.94 1.10 37.02
C GLU C 363 -60.95 0.28 37.76
N VAL C 364 -61.08 0.56 39.06
CA VAL C 364 -62.24 0.11 39.79
C VAL C 364 -62.97 1.30 40.38
N ALA C 365 -64.29 1.31 40.27
CA ALA C 365 -65.12 2.37 40.95
C ALA C 365 -66.41 1.76 41.38
N TRP C 366 -66.98 2.15 42.53
CA TRP C 366 -68.31 1.75 42.95
C TRP C 366 -68.88 2.86 43.81
N VAL C 367 -70.20 2.95 43.93
CA VAL C 367 -70.84 3.99 44.75
C VAL C 367 -72.05 3.26 45.20
N GLY C 368 -72.66 3.66 46.30
CA GLY C 368 -73.69 2.82 46.88
C GLY C 368 -73.25 1.46 47.49
N LYS C 369 -74.17 0.52 47.70
CA LYS C 369 -73.90 -0.61 48.60
C LYS C 369 -73.17 -1.75 47.94
N SER C 370 -72.34 -2.48 48.70
CA SER C 370 -71.81 -3.75 48.18
C SER C 370 -72.75 -4.90 48.47
N GLU C 371 -72.49 -6.03 47.84
CA GLU C 371 -73.36 -7.16 48.08
C GLU C 371 -73.28 -7.60 49.57
N GLU C 372 -72.07 -7.57 50.12
CA GLU C 372 -71.85 -7.91 51.50
C GLU C 372 -72.69 -7.01 52.38
N GLN C 373 -72.67 -5.71 52.13
CA GLN C 373 -73.43 -4.82 52.99
C GLN C 373 -74.88 -5.14 52.84
N LEU C 374 -75.34 -5.51 51.66
CA LEU C 374 -76.76 -5.78 51.59
C LEU C 374 -77.15 -7.05 52.35
N LYS C 375 -76.29 -8.05 52.38
CA LYS C 375 -76.53 -9.25 53.20
C LYS C 375 -76.58 -8.90 54.69
N GLU C 376 -75.60 -8.15 55.21
CA GLU C 376 -75.65 -7.70 56.59
C GLU C 376 -77.01 -7.15 56.97
N GLU C 377 -77.48 -6.16 56.22
CA GLU C 377 -78.75 -5.50 56.50
C GLU C 377 -79.95 -6.39 56.10
N GLY C 378 -79.69 -7.56 55.52
CA GLY C 378 -80.75 -8.48 55.12
C GLY C 378 -81.74 -7.91 54.10
N ILE C 379 -81.31 -6.92 53.33
CA ILE C 379 -82.12 -6.39 52.25
C ILE C 379 -82.28 -7.43 51.15
N GLU C 380 -83.42 -7.44 50.43
CA GLU C 380 -83.52 -8.31 49.22
C GLU C 380 -83.23 -7.54 47.92
N TYR C 381 -82.25 -8.02 47.18
CA TYR C 381 -81.85 -7.39 45.93
C TYR C 381 -81.66 -8.41 44.82
N LYS C 382 -81.68 -7.95 43.58
CA LYS C 382 -81.29 -8.81 42.51
C LYS C 382 -80.01 -8.20 42.00
N VAL C 383 -79.25 -8.91 41.18
CA VAL C 383 -78.04 -8.29 40.60
C VAL C 383 -78.01 -8.48 39.11
N GLY C 384 -77.42 -7.52 38.38
CA GLY C 384 -77.24 -7.62 36.94
C GLY C 384 -75.80 -7.30 36.67
N LYS C 385 -75.19 -8.06 35.79
CA LYS C 385 -73.80 -7.79 35.50
C LYS C 385 -73.52 -8.00 34.05
N PHE C 386 -72.61 -7.21 33.52
CA PHE C 386 -72.31 -7.19 32.10
C PHE C 386 -70.78 -7.09 31.97
N PRO C 387 -70.12 -7.94 31.17
CA PRO C 387 -68.64 -7.91 31.11
C PRO C 387 -68.18 -6.99 29.99
N PHE C 388 -67.21 -6.15 30.29
CA PHE C 388 -66.67 -5.29 29.24
C PHE C 388 -66.24 -6.03 27.94
N ALA C 389 -66.25 -7.36 28.00
CA ALA C 389 -65.79 -8.14 26.86
C ALA C 389 -66.91 -8.27 25.88
N ALA C 390 -68.09 -7.77 26.23
CA ALA C 390 -69.21 -7.84 25.30
C ALA C 390 -69.59 -6.44 24.88
N ASN C 391 -68.72 -5.52 25.23
CA ASN C 391 -68.98 -4.12 25.05
C ASN C 391 -68.17 -3.65 23.89
N SER C 392 -68.86 -3.22 22.86
CA SER C 392 -68.21 -2.62 21.67
C SER C 392 -67.00 -1.69 21.86
N ARG C 393 -67.18 -0.59 22.56
CA ARG C 393 -66.06 0.28 22.70
C ARG C 393 -64.92 -0.54 23.20
N ALA C 394 -65.16 -1.25 24.28
CA ALA C 394 -64.14 -2.03 24.89
C ALA C 394 -63.41 -2.97 23.91
N LYS C 395 -64.18 -3.67 23.09
CA LYS C 395 -63.65 -4.66 22.16
C LYS C 395 -62.87 -4.02 21.01
N THR C 396 -63.36 -2.87 20.56
CA THR C 396 -62.74 -2.10 19.53
C THR C 396 -61.39 -1.57 19.98
N ASN C 397 -61.28 -1.18 21.25
CA ASN C 397 -60.02 -0.63 21.73
C ASN C 397 -59.06 -1.74 22.17
N ALA C 398 -59.56 -2.99 22.15
CA ALA C 398 -58.88 -4.16 22.73
C ALA C 398 -58.46 -3.93 24.16
N ASP C 399 -59.45 -3.86 25.05
CA ASP C 399 -59.22 -3.62 26.46
C ASP C 399 -60.50 -4.06 27.16
N THR C 400 -60.66 -5.31 27.54
CA THR C 400 -61.99 -5.77 27.91
C THR C 400 -62.04 -6.60 29.19
N ASP C 401 -61.18 -6.29 30.13
CA ASP C 401 -61.22 -6.84 31.45
C ASP C 401 -62.38 -6.28 32.22
N GLY C 402 -62.95 -7.10 33.10
CA GLY C 402 -63.82 -6.55 34.11
C GLY C 402 -65.24 -6.51 33.66
N MET C 403 -66.06 -5.75 34.36
CA MET C 403 -67.47 -5.86 34.20
C MET C 403 -68.17 -4.73 34.97
N VAL C 404 -69.45 -4.56 34.70
CA VAL C 404 -70.28 -3.69 35.50
C VAL C 404 -71.26 -4.56 36.30
N LYS C 405 -71.42 -4.30 37.59
CA LYS C 405 -72.39 -5.07 38.39
C LYS C 405 -73.31 -4.12 39.10
N ILE C 406 -74.60 -4.22 38.78
CA ILE C 406 -75.62 -3.47 39.44
C ILE C 406 -76.30 -4.36 40.51
N LEU C 407 -76.40 -3.84 41.73
CA LEU C 407 -77.27 -4.35 42.74
C LEU C 407 -78.63 -3.68 42.72
N GLY C 408 -79.69 -4.47 42.54
CA GLY C 408 -81.00 -3.87 42.50
C GLY C 408 -81.89 -4.27 43.66
N GLN C 409 -82.60 -3.32 44.23
CA GLN C 409 -83.67 -3.61 45.14
C GLN C 409 -84.73 -4.53 44.50
N LYS C 410 -84.93 -5.71 45.04
CA LYS C 410 -85.88 -6.65 44.45
C LYS C 410 -87.30 -6.15 44.04
N SER C 411 -88.04 -5.48 44.93
CA SER C 411 -89.44 -5.15 44.61
C SER C 411 -89.56 -3.77 43.97
N THR C 412 -88.67 -2.86 44.32
CA THR C 412 -88.75 -1.53 43.77
C THR C 412 -87.80 -1.29 42.62
N ASP C 413 -86.86 -2.22 42.46
CA ASP C 413 -85.94 -2.17 41.32
C ASP C 413 -85.14 -0.89 41.46
N ARG C 414 -84.88 -0.51 42.70
CA ARG C 414 -84.15 0.72 42.97
C ARG C 414 -82.70 0.33 42.93
N VAL C 415 -81.85 1.15 42.36
CA VAL C 415 -80.46 0.78 42.36
C VAL C 415 -79.88 0.95 43.75
N LEU C 416 -79.09 0.00 44.22
CA LEU C 416 -78.61 0.08 45.58
C LEU C 416 -77.10 0.25 45.66
N GLY C 417 -76.42 -0.21 44.62
CA GLY C 417 -75.00 -0.06 44.54
C GLY C 417 -74.66 -0.34 43.11
N ALA C 418 -73.73 0.40 42.56
CA ALA C 418 -73.30 0.14 41.22
C ALA C 418 -71.79 -0.06 41.30
N HIS C 419 -71.31 -1.18 40.73
CA HIS C 419 -69.89 -1.63 40.82
C HIS C 419 -69.26 -1.92 39.48
N ILE C 420 -68.18 -1.20 39.17
CA ILE C 420 -67.58 -1.23 37.86
C ILE C 420 -66.09 -1.58 37.95
N LEU C 421 -65.63 -2.45 37.08
CA LEU C 421 -64.26 -2.93 37.06
C LEU C 421 -63.81 -2.95 35.61
N GLY C 422 -62.84 -2.15 35.23
CA GLY C 422 -62.50 -2.11 33.82
C GLY C 422 -62.37 -0.71 33.26
N PRO C 423 -62.21 -0.57 31.96
CA PRO C 423 -61.91 0.76 31.38
C PRO C 423 -62.92 1.83 31.73
N GLY C 424 -62.39 3.02 31.87
CA GLY C 424 -63.20 4.19 32.20
C GLY C 424 -64.15 4.09 33.36
N ALA C 425 -64.02 3.04 34.18
CA ALA C 425 -64.79 2.92 35.40
C ALA C 425 -64.74 4.25 36.10
N GLY C 426 -63.59 4.89 35.98
CA GLY C 426 -63.39 6.22 36.54
C GLY C 426 -64.47 7.26 36.31
N GLU C 427 -64.82 7.45 35.06
CA GLU C 427 -65.78 8.47 34.76
C GLU C 427 -67.18 7.98 34.95
N MET C 428 -67.33 6.68 34.74
CA MET C 428 -68.63 6.08 34.66
C MET C 428 -69.23 6.21 36.03
N VAL C 429 -68.43 6.13 37.08
CA VAL C 429 -69.03 6.06 38.41
C VAL C 429 -69.88 7.26 38.70
N ASN C 430 -69.53 8.43 38.13
CA ASN C 430 -70.38 9.61 38.28
C ASN C 430 -71.84 9.45 37.77
N GLU C 431 -72.07 8.75 36.65
CA GLU C 431 -73.42 8.56 36.17
C GLU C 431 -74.10 7.71 37.22
N ALA C 432 -73.42 6.65 37.65
CA ALA C 432 -74.03 5.90 38.70
C ALA C 432 -74.38 6.90 39.78
N ALA C 433 -73.45 7.80 40.09
CA ALA C 433 -73.63 8.65 41.27
C ALA C 433 -74.86 9.54 41.11
N LEU C 434 -75.02 10.15 39.94
CA LEU C 434 -76.19 10.96 39.68
C LEU C 434 -77.45 10.15 39.78
N ALA C 435 -77.41 8.96 39.24
CA ALA C 435 -78.59 8.16 39.28
C ALA C 435 -78.97 7.77 40.72
N LEU C 436 -78.00 7.44 41.54
CA LEU C 436 -78.31 7.10 42.92
C LEU C 436 -79.01 8.23 43.71
N GLU C 437 -78.68 9.47 43.29
CA GLU C 437 -79.13 10.72 43.86
C GLU C 437 -80.56 11.03 43.50
N TYR C 438 -81.03 10.50 42.39
CA TYR C 438 -82.39 10.71 41.97
C TYR C 438 -83.18 9.47 42.35
N GLY C 439 -82.57 8.56 43.09
CA GLY C 439 -83.29 7.41 43.59
C GLY C 439 -83.65 6.52 42.42
N ALA C 440 -82.78 6.50 41.44
CA ALA C 440 -83.08 5.82 40.21
C ALA C 440 -83.31 4.37 40.39
N SER C 441 -83.98 3.79 39.41
CA SER C 441 -84.18 2.38 39.38
C SER C 441 -83.41 1.88 38.18
N CYS C 442 -83.12 0.58 38.18
CA CYS C 442 -82.39 -0.07 37.13
C CYS C 442 -83.12 0.22 35.85
N GLU C 443 -84.43 0.37 35.95
CA GLU C 443 -85.18 0.56 34.74
C GLU C 443 -85.04 1.99 34.19
N ASP C 444 -84.91 2.99 35.06
CA ASP C 444 -84.77 4.36 34.60
C ASP C 444 -83.49 4.48 33.81
N ILE C 445 -82.45 3.80 34.29
CA ILE C 445 -81.12 3.94 33.73
C ILE C 445 -81.16 3.33 32.37
N ALA C 446 -81.79 2.16 32.31
CA ALA C 446 -81.73 1.34 31.12
C ALA C 446 -82.52 1.94 29.95
N ARG C 447 -83.48 2.82 30.28
CA ARG C 447 -84.25 3.57 29.27
C ARG C 447 -83.64 4.87 28.86
N VAL C 448 -82.54 5.31 29.47
CA VAL C 448 -81.83 6.47 28.92
C VAL C 448 -81.06 6.07 27.68
N CYS C 449 -81.03 6.95 26.70
CA CYS C 449 -80.41 6.56 25.48
C CYS C 449 -78.91 6.82 25.63
N HIS C 450 -78.08 5.77 25.69
CA HIS C 450 -76.65 6.03 25.75
C HIS C 450 -75.96 5.99 24.37
N ALA C 451 -75.03 6.93 24.16
CA ALA C 451 -74.24 7.08 22.93
C ALA C 451 -73.58 5.81 22.53
N HIS C 452 -73.57 5.53 21.24
CA HIS C 452 -72.83 4.37 20.73
C HIS C 452 -71.66 4.82 19.83
N PRO C 453 -70.56 4.10 19.96
CA PRO C 453 -70.40 3.09 21.02
C PRO C 453 -69.54 3.67 22.19
N THR C 454 -70.00 3.53 23.42
CA THR C 454 -69.19 4.04 24.54
C THR C 454 -69.09 3.00 25.64
N LEU C 455 -68.17 3.23 26.57
CA LEU C 455 -68.03 2.30 27.70
C LEU C 455 -69.29 2.30 28.55
N SER C 456 -69.84 3.47 28.69
CA SER C 456 -71.09 3.61 29.40
C SER C 456 -72.20 2.68 29.01
N GLU C 457 -72.19 2.09 27.81
CA GLU C 457 -73.31 1.23 27.46
C GLU C 457 -73.26 0.01 28.34
N ALA C 458 -72.19 -0.16 29.09
CA ALA C 458 -71.97 -1.38 29.78
C ALA C 458 -72.85 -1.27 31.00
N PHE C 459 -72.76 -0.13 31.65
CA PHE C 459 -73.57 0.28 32.80
C PHE C 459 -75.05 0.15 32.46
N ARG C 460 -75.43 0.78 31.36
CA ARG C 460 -76.80 0.66 30.83
C ARG C 460 -77.22 -0.80 30.76
N GLU C 461 -76.49 -1.63 30.04
CA GLU C 461 -76.85 -3.03 29.94
C GLU C 461 -76.97 -3.73 31.28
N ALA C 462 -76.12 -3.37 32.23
CA ALA C 462 -76.11 -4.12 33.44
C ALA C 462 -77.38 -3.85 34.15
N ASN C 463 -77.86 -2.63 33.98
CA ASN C 463 -79.16 -2.26 34.51
C ASN C 463 -80.30 -3.01 33.83
N LEU C 464 -80.22 -3.10 32.51
CA LEU C 464 -81.32 -3.66 31.79
C LEU C 464 -81.31 -5.10 32.26
N ALA C 465 -80.12 -5.61 32.50
CA ALA C 465 -80.00 -6.95 33.03
C ALA C 465 -80.71 -7.00 34.35
N ALA C 466 -80.39 -6.13 35.30
CA ALA C 466 -80.94 -6.34 36.64
C ALA C 466 -82.44 -6.14 36.66
N SER C 467 -82.98 -5.37 35.73
CA SER C 467 -84.42 -5.13 35.79
C SER C 467 -85.08 -6.15 34.94
N PHE C 468 -85.17 -5.92 33.64
CA PHE C 468 -85.74 -6.94 32.77
C PHE C 468 -85.32 -8.41 33.03
N GLY C 469 -84.06 -8.70 33.33
CA GLY C 469 -83.64 -10.07 33.58
C GLY C 469 -82.46 -10.55 32.72
N LYS C 470 -82.43 -10.16 31.44
CA LYS C 470 -81.31 -10.40 30.53
C LYS C 470 -81.11 -9.11 29.79
N SER C 471 -79.88 -8.89 29.33
CA SER C 471 -79.60 -7.71 28.52
C SER C 471 -79.62 -8.15 27.08
N ILE C 472 -79.17 -7.27 26.18
CA ILE C 472 -79.16 -7.67 24.78
C ILE C 472 -77.84 -8.24 24.28
N ASN C 473 -76.72 -7.57 24.53
CA ASN C 473 -75.47 -8.08 23.98
C ASN C 473 -74.86 -9.17 24.81
N PHE C 474 -75.54 -9.63 25.82
CA PHE C 474 -74.97 -10.72 26.58
C PHE C 474 -76.07 -11.66 27.12
N ALA D 1 -89.88 -22.29 -3.97
CA ALA D 1 -88.98 -21.94 -2.85
C ALA D 1 -88.80 -23.12 -1.90
N ASP D 2 -87.80 -23.03 -0.99
CA ASP D 2 -87.63 -24.00 0.10
C ASP D 2 -88.71 -23.79 1.22
N GLN D 3 -89.29 -24.91 1.70
CA GLN D 3 -90.34 -24.98 2.74
C GLN D 3 -90.67 -23.66 3.48
N PRO D 4 -91.71 -22.97 3.03
CA PRO D 4 -91.94 -21.61 3.51
C PRO D 4 -91.98 -21.66 5.03
N ILE D 5 -91.12 -20.95 5.79
CA ILE D 5 -91.28 -21.00 7.25
C ILE D 5 -92.26 -20.00 7.82
N ASP D 6 -92.63 -20.24 9.06
CA ASP D 6 -93.58 -19.40 9.76
C ASP D 6 -92.94 -18.60 10.90
N ALA D 7 -93.53 -17.46 11.22
CA ALA D 7 -92.95 -16.54 12.19
C ALA D 7 -93.91 -15.43 12.48
N ASP D 8 -93.69 -14.71 13.55
CA ASP D 8 -94.59 -13.61 13.80
C ASP D 8 -93.85 -12.28 13.74
N VAL D 9 -92.52 -12.31 13.70
CA VAL D 9 -91.75 -11.08 13.49
C VAL D 9 -90.58 -11.32 12.60
N THR D 10 -90.62 -10.78 11.40
CA THR D 10 -89.44 -10.94 10.59
C THR D 10 -88.75 -9.60 10.42
N VAL D 11 -87.44 -9.63 10.55
CA VAL D 11 -86.66 -8.43 10.55
C VAL D 11 -85.80 -8.48 9.34
N ILE D 12 -85.97 -7.50 8.46
CA ILE D 12 -85.10 -7.32 7.31
C ILE D 12 -84.07 -6.27 7.67
N GLY D 13 -82.86 -6.77 7.88
CA GLY D 13 -81.70 -5.96 8.16
C GLY D 13 -81.10 -6.37 9.48
N SER D 14 -79.77 -6.47 9.57
CA SER D 14 -79.14 -6.90 10.84
C SER D 14 -78.19 -5.88 11.43
N GLY D 15 -78.14 -4.67 10.89
CA GLY D 15 -77.41 -3.62 11.58
C GLY D 15 -77.95 -3.45 12.99
N PRO D 16 -77.42 -2.50 13.73
CA PRO D 16 -77.89 -2.29 15.10
C PRO D 16 -79.33 -1.80 14.95
N GLY D 17 -80.25 -2.12 15.85
CA GLY D 17 -81.58 -1.66 15.54
C GLY D 17 -82.24 -2.87 14.92
N GLY D 18 -81.83 -3.21 13.72
CA GLY D 18 -82.28 -4.48 13.19
C GLY D 18 -81.95 -5.66 14.11
N TYR D 19 -80.67 -5.86 14.35
CA TYR D 19 -80.24 -7.07 15.03
C TYR D 19 -80.66 -7.05 16.48
N VAL D 20 -80.65 -5.88 17.06
CA VAL D 20 -81.06 -5.72 18.41
C VAL D 20 -82.53 -6.05 18.56
N ALA D 21 -83.31 -5.64 17.59
CA ALA D 21 -84.73 -5.77 17.66
C ALA D 21 -85.04 -7.24 17.51
N ALA D 22 -84.23 -7.97 16.73
CA ALA D 22 -84.45 -9.41 16.66
C ALA D 22 -84.28 -10.01 18.08
N ILE D 23 -83.14 -9.75 18.70
CA ILE D 23 -82.89 -10.25 20.03
C ILE D 23 -84.03 -9.91 21.00
N LYS D 24 -84.69 -8.77 20.85
CA LYS D 24 -85.62 -8.32 21.88
C LYS D 24 -86.97 -8.95 21.63
N ALA D 25 -87.30 -9.10 20.37
CA ALA D 25 -88.55 -9.72 20.06
C ALA D 25 -88.40 -11.20 20.45
N ALA D 26 -87.30 -11.82 20.07
CA ALA D 26 -86.98 -13.15 20.64
C ALA D 26 -87.21 -13.21 22.16
N GLN D 27 -86.63 -12.26 22.91
CA GLN D 27 -86.78 -12.21 24.36
C GLN D 27 -88.19 -11.92 24.85
N LEU D 28 -88.99 -11.22 24.04
CA LEU D 28 -90.38 -10.98 24.44
C LEU D 28 -91.24 -12.23 24.26
N GLY D 29 -90.76 -13.20 23.49
CA GLY D 29 -91.49 -14.43 23.25
C GLY D 29 -92.05 -14.57 21.85
N PHE D 30 -91.64 -13.74 20.91
CA PHE D 30 -92.05 -13.91 19.53
C PHE D 30 -91.15 -14.90 18.75
N LYS D 31 -91.74 -15.87 18.03
CA LYS D 31 -91.02 -16.48 16.89
C LYS D 31 -90.47 -15.37 15.92
N THR D 32 -89.17 -15.25 15.81
CA THR D 32 -88.63 -14.11 15.09
C THR D 32 -87.50 -14.51 14.14
N VAL D 33 -87.44 -13.92 12.95
CA VAL D 33 -86.30 -14.21 12.06
C VAL D 33 -85.67 -12.94 11.45
N CYS D 34 -84.37 -13.03 11.12
CA CYS D 34 -83.65 -11.86 10.71
C CYS D 34 -83.02 -12.08 9.34
N ILE D 35 -83.47 -11.33 8.34
CA ILE D 35 -82.93 -11.47 7.01
C ILE D 35 -81.77 -10.50 6.91
N GLU D 36 -80.60 -10.99 6.46
CA GLU D 36 -79.47 -10.12 6.23
C GLU D 36 -78.84 -10.54 4.94
N LYS D 37 -78.74 -9.62 3.99
CA LYS D 37 -78.20 -9.95 2.70
C LYS D 37 -76.68 -10.04 2.67
N ASN D 38 -75.97 -9.47 3.64
CA ASN D 38 -74.48 -9.54 3.60
C ASN D 38 -73.90 -10.76 4.27
N GLU D 39 -72.65 -11.10 4.01
CA GLU D 39 -72.07 -12.28 4.67
C GLU D 39 -72.17 -12.21 6.18
N THR D 40 -71.94 -11.04 6.76
CA THR D 40 -71.92 -10.94 8.23
C THR D 40 -73.07 -10.11 8.74
N LEU D 41 -73.30 -10.21 10.04
CA LEU D 41 -74.32 -9.38 10.66
C LEU D 41 -73.75 -8.03 11.15
N GLY D 42 -74.55 -7.15 11.74
CA GLY D 42 -73.98 -5.92 12.25
C GLY D 42 -74.13 -4.69 11.37
N GLY D 43 -74.66 -4.90 10.17
CA GLY D 43 -75.01 -3.78 9.32
C GLY D 43 -73.85 -2.88 9.15
N THR D 44 -74.10 -1.61 8.89
CA THR D 44 -72.95 -0.83 8.45
C THR D 44 -72.05 -0.55 9.66
N CYS D 45 -72.66 0.01 10.67
CA CYS D 45 -72.02 0.30 11.94
C CYS D 45 -70.82 -0.57 12.17
N LEU D 46 -71.08 -1.87 12.21
CA LEU D 46 -70.09 -2.88 12.62
C LEU D 46 -69.09 -3.25 11.52
N ASN D 47 -69.56 -3.44 10.29
CA ASN D 47 -68.68 -3.83 9.18
C ASN D 47 -67.92 -2.70 8.48
N VAL D 48 -68.54 -1.56 8.23
CA VAL D 48 -67.82 -0.48 7.55
C VAL D 48 -67.92 0.89 8.21
N GLY D 49 -68.52 0.97 9.39
CA GLY D 49 -68.90 2.25 9.96
C GLY D 49 -68.27 2.68 11.26
N CYS D 50 -69.12 2.83 12.29
CA CYS D 50 -68.70 3.10 13.69
C CYS D 50 -67.45 2.30 14.12
N ILE D 51 -67.55 1.00 14.27
CA ILE D 51 -66.46 0.27 14.88
C ILE D 51 -65.15 0.48 14.17
N PRO D 52 -65.05 0.07 12.94
CA PRO D 52 -63.78 0.23 12.22
C PRO D 52 -63.20 1.65 12.37
N SER D 53 -64.00 2.70 12.21
CA SER D 53 -63.47 4.04 12.39
C SER D 53 -62.95 4.29 13.77
N LYS D 54 -63.64 3.80 14.81
CA LYS D 54 -63.10 3.96 16.17
C LYS D 54 -61.78 3.22 16.26
N ALA D 55 -61.80 1.93 15.92
CA ALA D 55 -60.60 1.10 15.94
C ALA D 55 -59.39 1.88 15.46
N LEU D 56 -59.55 2.62 14.34
CA LEU D 56 -58.44 3.39 13.76
C LEU D 56 -58.17 4.75 14.45
N LEU D 57 -59.19 5.47 14.90
CA LEU D 57 -58.83 6.71 15.58
C LEU D 57 -58.06 6.36 16.82
N ASN D 58 -58.46 5.26 17.46
CA ASN D 58 -57.89 4.90 18.71
C ASN D 58 -56.45 4.51 18.48
N ASN D 59 -56.19 3.82 17.38
CA ASN D 59 -54.90 3.21 17.16
C ASN D 59 -54.00 4.28 16.72
N SER D 60 -54.53 5.24 15.93
CA SER D 60 -53.73 6.33 15.39
C SER D 60 -53.40 7.33 16.45
N HIS D 61 -54.32 7.59 17.34
CA HIS D 61 -54.05 8.49 18.44
C HIS D 61 -52.85 7.97 19.19
N TYR D 62 -52.90 6.69 19.50
CA TYR D 62 -51.80 6.05 20.18
C TYR D 62 -50.49 6.24 19.39
N TYR D 63 -50.55 6.02 18.09
CA TYR D 63 -49.44 6.37 17.19
C TYR D 63 -49.01 7.82 17.27
N HIS D 64 -49.92 8.74 17.48
CA HIS D 64 -49.47 10.12 17.45
C HIS D 64 -48.73 10.49 18.69
N MET D 65 -49.05 9.80 19.77
CA MET D 65 -48.50 10.18 21.04
C MET D 65 -47.10 9.63 21.01
N ALA D 66 -46.99 8.45 20.44
CA ALA D 66 -45.77 7.70 20.58
C ALA D 66 -44.78 8.37 19.70
N HIS D 67 -45.27 8.87 18.58
CA HIS D 67 -44.38 9.38 17.52
C HIS D 67 -44.06 10.83 17.67
N GLY D 68 -45.04 11.61 18.13
CA GLY D 68 -44.92 13.03 18.42
C GLY D 68 -44.17 13.33 19.70
N LYS D 69 -44.64 14.28 20.50
CA LYS D 69 -43.83 14.64 21.65
C LYS D 69 -44.49 14.27 22.91
N ASP D 70 -45.66 13.67 22.83
CA ASP D 70 -46.32 13.24 24.05
C ASP D 70 -45.48 12.26 24.93
N PHE D 71 -45.07 11.12 24.37
CA PHE D 71 -44.37 10.12 25.13
C PHE D 71 -43.00 10.55 25.54
N ALA D 72 -42.36 11.37 24.73
CA ALA D 72 -41.02 11.79 25.05
C ALA D 72 -41.08 12.64 26.29
N SER D 73 -42.12 13.42 26.47
CA SER D 73 -42.22 14.21 27.65
C SER D 73 -42.67 13.47 28.90
N ARG D 74 -43.10 12.23 28.75
CA ARG D 74 -43.55 11.51 29.93
C ARG D 74 -42.45 10.62 30.41
N GLY D 75 -41.28 10.79 29.82
CA GLY D 75 -40.18 9.93 30.17
C GLY D 75 -40.13 8.61 29.41
N ILE D 76 -41.00 8.42 28.43
CA ILE D 76 -40.97 7.22 27.56
C ILE D 76 -40.13 7.45 26.33
N GLU D 77 -38.91 6.90 26.32
CA GLU D 77 -37.90 7.16 25.29
C GLU D 77 -37.76 6.04 24.23
N MET D 78 -37.91 6.40 22.96
CA MET D 78 -37.84 5.42 21.88
C MET D 78 -36.88 5.86 20.81
N SER D 79 -36.12 4.94 20.21
CA SER D 79 -35.18 5.32 19.11
C SER D 79 -35.83 5.76 17.80
N GLU D 80 -36.73 4.94 17.28
CA GLU D 80 -37.45 5.23 16.06
C GLU D 80 -38.84 4.71 16.33
N VAL D 81 -39.86 5.44 15.90
CA VAL D 81 -41.22 4.99 16.01
C VAL D 81 -41.76 4.77 14.58
N ARG D 82 -42.19 3.54 14.27
CA ARG D 82 -42.59 3.16 12.91
C ARG D 82 -44.06 2.72 12.83
N LEU D 83 -44.65 2.73 11.63
CA LEU D 83 -46.07 2.43 11.42
C LEU D 83 -46.14 1.23 10.51
N ASN D 84 -47.01 0.29 10.85
CA ASN D 84 -47.25 -0.94 10.13
C ASN D 84 -48.78 -1.03 9.90
N LEU D 85 -49.28 -0.42 8.83
CA LEU D 85 -50.72 -0.39 8.63
C LEU D 85 -51.33 -1.78 8.59
N ASP D 86 -50.70 -2.71 7.88
CA ASP D 86 -51.07 -4.13 7.96
C ASP D 86 -51.38 -4.56 9.38
N LYS D 87 -50.43 -4.45 10.29
CA LYS D 87 -50.74 -4.77 11.65
C LYS D 87 -51.90 -3.86 12.11
N MET D 88 -51.83 -2.55 11.85
CA MET D 88 -52.86 -1.69 12.45
C MET D 88 -54.20 -2.02 11.85
N MET D 89 -54.26 -2.25 10.55
CA MET D 89 -55.53 -2.58 9.96
C MET D 89 -56.05 -3.94 10.39
N GLU D 90 -55.17 -4.82 10.89
CA GLU D 90 -55.52 -6.17 11.33
C GLU D 90 -56.19 -6.06 12.66
N GLN D 91 -55.57 -5.36 13.61
CA GLN D 91 -56.23 -5.16 14.90
C GLN D 91 -57.69 -4.66 14.71
N LYS D 92 -57.86 -3.74 13.76
CA LYS D 92 -59.20 -3.36 13.37
C LYS D 92 -60.07 -4.57 12.90
N SER D 93 -59.65 -5.30 11.90
CA SER D 93 -60.37 -6.46 11.44
C SER D 93 -60.57 -7.49 12.52
N THR D 94 -59.58 -7.78 13.37
CA THR D 94 -59.83 -8.73 14.45
C THR D 94 -61.14 -8.36 15.16
N ALA D 95 -61.24 -7.07 15.45
CA ALA D 95 -62.32 -6.53 16.31
C ALA D 95 -63.63 -6.67 15.60
N VAL D 96 -63.58 -6.28 14.35
CA VAL D 96 -64.73 -6.49 13.53
C VAL D 96 -65.10 -7.99 13.55
N LYS D 97 -64.19 -8.87 13.20
CA LYS D 97 -64.52 -10.30 13.23
C LYS D 97 -65.09 -10.69 14.59
N ALA D 98 -64.50 -10.21 15.68
CA ALA D 98 -65.00 -10.56 17.02
C ALA D 98 -66.45 -10.21 17.22
N LEU D 99 -66.79 -8.93 17.04
CA LEU D 99 -68.17 -8.51 17.26
C LEU D 99 -69.19 -9.15 16.30
N THR D 100 -68.73 -9.43 15.10
CA THR D 100 -69.65 -9.95 14.11
C THR D 100 -69.96 -11.43 14.44
N GLY D 101 -68.94 -12.11 14.91
CA GLY D 101 -69.08 -13.50 15.30
C GLY D 101 -70.01 -13.42 16.48
N GLY D 102 -69.83 -12.36 17.25
CA GLY D 102 -70.61 -12.20 18.47
C GLY D 102 -72.10 -12.18 18.24
N ILE D 103 -72.55 -11.45 17.21
CA ILE D 103 -73.95 -11.17 17.04
C ILE D 103 -74.61 -12.41 16.64
N ALA D 104 -73.96 -13.16 15.77
CA ALA D 104 -74.45 -14.49 15.40
C ALA D 104 -74.66 -15.38 16.62
N HIS D 105 -73.68 -15.42 17.49
CA HIS D 105 -73.76 -16.13 18.75
C HIS D 105 -75.03 -15.77 19.52
N LEU D 106 -75.29 -14.46 19.65
CA LEU D 106 -76.48 -14.00 20.36
C LEU D 106 -77.77 -14.47 19.70
N PHE D 107 -77.81 -14.41 18.38
CA PHE D 107 -78.97 -14.86 17.64
C PHE D 107 -79.24 -16.28 18.03
N LYS D 108 -78.22 -17.11 17.98
CA LYS D 108 -78.40 -18.49 18.39
C LYS D 108 -78.93 -18.52 19.86
N GLN D 109 -78.21 -17.91 20.79
CA GLN D 109 -78.57 -17.93 22.20
C GLN D 109 -80.04 -17.61 22.49
N ASN D 110 -80.59 -16.68 21.70
CA ASN D 110 -81.96 -16.19 21.83
C ASN D 110 -82.90 -16.84 20.82
N LYS D 111 -82.38 -17.72 19.97
CA LYS D 111 -83.27 -18.55 19.14
C LYS D 111 -83.89 -17.70 18.07
N VAL D 112 -83.16 -16.70 17.62
CA VAL D 112 -83.54 -15.93 16.46
C VAL D 112 -83.16 -16.74 15.23
N VAL D 113 -84.05 -16.84 14.24
CA VAL D 113 -83.74 -17.56 13.02
C VAL D 113 -83.07 -16.61 12.03
N HIS D 114 -81.83 -16.94 11.66
CA HIS D 114 -81.04 -16.14 10.74
C HIS D 114 -81.25 -16.66 9.30
N VAL D 115 -81.58 -15.76 8.36
CA VAL D 115 -81.71 -16.16 6.96
C VAL D 115 -80.81 -15.32 6.07
N ASN D 116 -79.87 -15.95 5.37
CA ASN D 116 -79.02 -15.20 4.43
C ASN D 116 -79.89 -14.86 3.25
N GLY D 117 -79.64 -13.77 2.55
CA GLY D 117 -80.47 -13.50 1.40
C GLY D 117 -81.14 -12.15 1.41
N TYR D 118 -81.35 -11.61 0.21
CA TYR D 118 -81.89 -10.29 -0.04
C TYR D 118 -83.40 -10.31 0.06
N GLY D 119 -83.99 -9.69 1.07
CA GLY D 119 -85.40 -9.93 1.29
C GLY D 119 -86.21 -8.90 0.56
N LYS D 120 -87.41 -9.28 0.14
CA LYS D 120 -88.32 -8.34 -0.48
C LYS D 120 -89.71 -8.59 0.09
N ILE D 121 -90.54 -7.56 0.27
CA ILE D 121 -91.87 -7.85 0.80
C ILE D 121 -92.83 -8.25 -0.34
N THR D 122 -93.36 -9.46 -0.28
CA THR D 122 -94.22 -9.99 -1.35
C THR D 122 -95.68 -10.23 -0.90
N GLY D 123 -96.16 -9.45 0.07
CA GLY D 123 -97.53 -9.49 0.55
C GLY D 123 -97.57 -8.90 1.94
N LYS D 124 -98.65 -8.23 2.30
CA LYS D 124 -98.86 -7.79 3.68
C LYS D 124 -98.30 -8.74 4.77
N ASN D 125 -98.41 -10.07 4.62
CA ASN D 125 -97.87 -10.94 5.65
C ASN D 125 -96.88 -11.96 5.15
N GLN D 126 -95.93 -11.51 4.33
CA GLN D 126 -94.96 -12.42 3.73
C GLN D 126 -93.70 -11.75 3.18
N VAL D 127 -92.53 -12.29 3.51
CA VAL D 127 -91.25 -11.79 2.98
C VAL D 127 -90.52 -12.89 2.21
N THR D 128 -89.86 -12.49 1.13
CA THR D 128 -89.19 -13.47 0.30
C THR D 128 -87.71 -13.22 0.29
N ALA D 129 -86.98 -14.13 0.90
CA ALA D 129 -85.54 -13.99 0.96
C ALA D 129 -84.94 -14.70 -0.21
N THR D 130 -84.42 -14.01 -1.19
CA THR D 130 -83.82 -14.77 -2.25
C THR D 130 -82.30 -14.81 -2.09
N LYS D 131 -81.79 -16.01 -1.81
CA LYS D 131 -80.37 -16.25 -1.48
C LYS D 131 -79.41 -15.73 -2.55
N ALA D 132 -78.12 -15.90 -2.31
CA ALA D 132 -77.10 -15.48 -3.29
C ALA D 132 -77.47 -15.94 -4.71
N ASP D 133 -77.07 -17.15 -5.09
CA ASP D 133 -77.60 -17.83 -6.28
C ASP D 133 -79.14 -17.88 -6.17
N GLY D 134 -79.89 -17.37 -7.16
CA GLY D 134 -81.36 -17.36 -7.08
C GLY D 134 -81.89 -18.57 -6.31
N GLY D 135 -82.45 -18.37 -5.12
CA GLY D 135 -82.62 -19.52 -4.24
C GLY D 135 -83.55 -19.25 -3.09
N THR D 136 -84.67 -18.61 -3.42
CA THR D 136 -85.74 -18.18 -2.51
C THR D 136 -86.09 -18.98 -1.21
N GLN D 137 -86.43 -18.26 -0.15
CA GLN D 137 -86.92 -18.81 1.09
C GLN D 137 -88.02 -17.92 1.60
N VAL D 138 -89.23 -18.42 1.55
CA VAL D 138 -90.34 -17.53 1.83
C VAL D 138 -90.53 -17.62 3.31
N ILE D 139 -90.94 -16.51 3.92
CA ILE D 139 -91.27 -16.41 5.34
C ILE D 139 -92.62 -15.71 5.54
N ASP D 140 -93.62 -16.43 6.06
CA ASP D 140 -94.95 -15.82 6.29
C ASP D 140 -95.08 -15.35 7.76
N THR D 141 -95.56 -14.12 8.03
CA THR D 141 -95.37 -13.50 9.35
C THR D 141 -96.43 -12.51 9.73
N LYS D 142 -96.73 -12.34 11.01
CA LYS D 142 -97.72 -11.34 11.46
C LYS D 142 -97.19 -9.92 11.24
N ASN D 143 -95.88 -9.75 11.40
CA ASN D 143 -95.25 -8.44 11.39
C ASN D 143 -93.94 -8.41 10.63
N ILE D 144 -93.72 -7.36 9.87
CA ILE D 144 -92.46 -7.23 9.24
C ILE D 144 -91.82 -5.89 9.66
N LEU D 145 -90.54 -5.92 10.00
CA LEU D 145 -89.96 -4.72 10.50
C LEU D 145 -88.82 -4.36 9.57
N ILE D 146 -88.92 -3.22 8.89
CA ILE D 146 -87.84 -2.81 8.02
C ILE D 146 -86.76 -2.14 8.82
N ALA D 147 -85.55 -2.68 8.71
CA ALA D 147 -84.34 -2.00 9.19
C ALA D 147 -83.26 -2.09 8.14
N THR D 148 -83.46 -1.46 6.99
CA THR D 148 -82.61 -1.69 5.82
C THR D 148 -81.48 -0.66 5.79
N GLY D 149 -81.52 0.23 6.77
CA GLY D 149 -80.40 1.09 7.01
C GLY D 149 -80.15 2.03 5.86
N SER D 150 -78.88 2.32 5.59
CA SER D 150 -78.54 3.32 4.61
C SER D 150 -77.30 3.05 3.75
N GLU D 151 -76.98 3.99 2.88
CA GLU D 151 -75.80 3.88 2.00
C GLU D 151 -75.15 5.21 1.67
N VAL D 152 -74.01 5.14 1.01
CA VAL D 152 -73.35 6.41 0.71
C VAL D 152 -74.09 7.25 -0.30
N THR D 153 -74.14 8.53 -0.01
CA THR D 153 -74.72 9.44 -0.96
C THR D 153 -73.58 9.77 -1.87
N PRO D 154 -73.73 9.40 -3.14
CA PRO D 154 -72.78 9.72 -4.20
C PRO D 154 -72.79 11.21 -4.54
N PHE D 155 -71.63 11.74 -4.90
CA PHE D 155 -71.51 13.14 -5.32
C PHE D 155 -71.68 13.19 -6.81
N PRO D 156 -72.70 13.93 -7.27
CA PRO D 156 -73.07 14.01 -8.71
C PRO D 156 -71.92 14.55 -9.57
N GLY D 157 -71.26 13.67 -10.30
CA GLY D 157 -70.18 14.07 -11.20
C GLY D 157 -68.77 13.59 -10.87
N ILE D 158 -68.65 12.74 -9.85
CA ILE D 158 -67.39 12.23 -9.41
C ILE D 158 -67.64 10.79 -9.08
N THR D 159 -66.90 9.87 -9.67
CA THR D 159 -67.21 8.48 -9.41
C THR D 159 -66.28 7.83 -8.43
N ILE D 160 -66.88 7.23 -7.41
CA ILE D 160 -66.18 6.48 -6.37
C ILE D 160 -65.70 5.15 -6.95
N ASP D 161 -64.38 4.93 -7.03
CA ASP D 161 -63.82 3.62 -7.39
C ASP D 161 -63.19 2.86 -6.18
N GLU D 162 -63.25 3.42 -4.99
CA GLU D 162 -62.72 2.72 -3.85
C GLU D 162 -61.27 2.37 -4.13
N ASP D 163 -60.55 3.25 -4.81
CA ASP D 163 -59.14 3.03 -5.03
C ASP D 163 -58.46 4.31 -4.64
N THR D 164 -58.72 5.32 -5.47
CA THR D 164 -58.10 6.61 -5.39
C THR D 164 -59.21 7.68 -5.22
N ILE D 165 -60.41 7.46 -5.72
CA ILE D 165 -61.48 8.30 -5.20
C ILE D 165 -62.27 7.41 -4.28
N VAL D 166 -62.20 7.61 -2.96
CA VAL D 166 -62.92 6.68 -2.02
C VAL D 166 -64.02 7.30 -1.15
N SER D 167 -64.81 6.39 -0.58
CA SER D 167 -65.85 6.75 0.38
C SER D 167 -65.33 6.40 1.79
N SER D 168 -66.12 6.68 2.79
CA SER D 168 -65.83 6.15 4.10
C SER D 168 -65.30 4.67 4.04
N THR D 169 -65.96 3.80 3.30
CA THR D 169 -65.57 2.42 3.43
C THR D 169 -64.18 2.16 2.83
N GLY D 170 -63.86 2.93 1.80
CA GLY D 170 -62.56 2.88 1.19
C GLY D 170 -61.54 3.48 2.13
N ALA D 171 -61.75 4.70 2.67
CA ALA D 171 -60.80 5.35 3.55
C ALA D 171 -60.49 4.49 4.71
N LEU D 172 -61.41 3.59 5.02
CA LEU D 172 -61.26 2.70 6.17
C LEU D 172 -60.27 1.58 5.97
N SER D 173 -59.76 1.49 4.75
CA SER D 173 -58.96 0.33 4.33
C SER D 173 -57.89 0.70 3.36
N LEU D 174 -57.30 1.86 3.54
CA LEU D 174 -56.32 2.30 2.59
C LEU D 174 -55.21 1.33 2.79
N LYS D 175 -54.25 1.31 1.89
CA LYS D 175 -53.17 0.32 1.95
C LYS D 175 -51.83 1.02 2.20
N LYS D 176 -51.86 2.33 2.17
CA LYS D 176 -50.67 3.10 2.40
C LYS D 176 -51.04 4.54 2.72
N VAL D 177 -50.35 5.12 3.71
CA VAL D 177 -50.56 6.52 4.04
C VAL D 177 -50.40 7.40 2.81
N PRO D 178 -51.48 8.01 2.40
CA PRO D 178 -51.48 8.89 1.25
C PRO D 178 -50.71 10.15 1.55
N GLU D 179 -49.91 10.63 0.62
CA GLU D 179 -49.15 11.81 0.95
C GLU D 179 -50.02 13.06 1.15
N LYS D 180 -50.93 13.33 0.21
CA LYS D 180 -51.87 14.42 0.35
C LYS D 180 -53.28 13.85 0.23
N MET D 181 -54.32 14.49 0.75
CA MET D 181 -55.66 13.86 0.86
C MET D 181 -56.69 14.89 1.02
N VAL D 182 -57.77 14.83 0.28
CA VAL D 182 -58.74 15.90 0.38
C VAL D 182 -60.04 15.24 0.71
N VAL D 183 -60.71 15.75 1.71
CA VAL D 183 -61.94 15.17 2.15
C VAL D 183 -62.99 16.15 1.76
N ILE D 184 -64.15 15.64 1.35
CA ILE D 184 -65.23 16.44 0.86
C ILE D 184 -66.34 16.26 1.82
N GLY D 185 -66.40 17.20 2.75
CA GLY D 185 -67.45 17.28 3.73
C GLY D 185 -66.74 17.37 5.04
N ALA D 186 -66.91 18.45 5.75
CA ALA D 186 -66.36 18.52 7.06
C ALA D 186 -67.43 18.10 8.07
N GLY D 187 -68.31 17.15 7.72
CA GLY D 187 -69.28 16.67 8.70
C GLY D 187 -68.54 15.81 9.69
N VAL D 188 -69.29 15.03 10.45
CA VAL D 188 -68.71 14.06 11.41
C VAL D 188 -67.74 13.03 10.74
N ILE D 189 -68.22 12.23 9.79
CA ILE D 189 -67.37 11.22 9.19
C ILE D 189 -66.21 11.91 8.51
N GLY D 190 -66.39 12.98 7.76
CA GLY D 190 -65.27 13.76 7.24
C GLY D 190 -64.09 13.91 8.23
N VAL D 191 -64.34 14.54 9.38
CA VAL D 191 -63.32 14.76 10.38
C VAL D 191 -62.77 13.52 11.07
N GLU D 192 -63.66 12.65 11.53
CA GLU D 192 -63.17 11.42 12.06
C GLU D 192 -62.12 10.85 11.09
N LEU D 193 -62.50 10.59 9.85
CA LEU D 193 -61.57 10.00 8.89
C LEU D 193 -60.44 10.91 8.46
N GLY D 194 -60.71 12.18 8.22
CA GLY D 194 -59.58 13.06 7.93
C GLY D 194 -58.55 12.84 9.08
N SER D 195 -59.05 12.69 10.30
CA SER D 195 -58.18 12.76 11.44
C SER D 195 -57.34 11.46 11.63
N VAL D 196 -57.91 10.35 11.27
CA VAL D 196 -57.07 9.19 11.26
C VAL D 196 -55.85 9.37 10.37
N TRP D 197 -56.03 9.66 9.11
CA TRP D 197 -54.91 9.71 8.17
C TRP D 197 -53.94 10.85 8.51
N GLN D 198 -54.43 11.86 9.17
CA GLN D 198 -53.59 13.01 9.40
C GLN D 198 -52.53 12.73 10.43
N ARG D 199 -52.93 11.94 11.44
CA ARG D 199 -52.10 11.66 12.57
C ARG D 199 -51.11 10.64 12.11
N LEU D 200 -51.45 9.85 11.10
CA LEU D 200 -50.56 8.82 10.50
C LEU D 200 -49.65 9.51 9.50
N GLY D 201 -49.87 10.79 9.26
CA GLY D 201 -48.90 11.52 8.48
C GLY D 201 -49.35 12.19 7.21
N ALA D 202 -50.61 12.04 6.80
CA ALA D 202 -51.12 12.67 5.60
C ALA D 202 -51.15 14.21 5.74
N ASP D 203 -51.24 14.90 4.60
CA ASP D 203 -51.60 16.30 4.58
C ASP D 203 -53.08 16.40 4.16
N VAL D 204 -54.01 16.62 5.09
CA VAL D 204 -55.43 16.51 4.73
C VAL D 204 -56.09 17.84 4.73
N THR D 205 -57.10 18.00 3.89
CA THR D 205 -57.84 19.26 3.77
C THR D 205 -59.30 18.89 3.58
N ALA D 206 -60.19 19.38 4.45
CA ALA D 206 -61.59 19.13 4.27
C ALA D 206 -62.20 20.31 3.56
N VAL D 207 -62.95 20.02 2.50
CA VAL D 207 -63.75 21.03 1.88
C VAL D 207 -65.20 20.86 2.35
N GLU D 208 -65.77 21.91 2.95
CA GLU D 208 -67.20 21.97 3.27
C GLU D 208 -67.94 23.22 2.69
N PHE D 209 -69.14 22.98 2.15
CA PHE D 209 -70.14 24.01 1.76
C PHE D 209 -70.56 24.97 2.85
N LEU D 210 -70.85 24.46 4.05
CA LEU D 210 -71.20 25.30 5.18
C LEU D 210 -69.97 26.02 5.79
N GLY D 211 -70.21 26.96 6.70
CA GLY D 211 -69.15 27.65 7.40
C GLY D 211 -68.76 27.08 8.76
N HIS D 212 -69.18 25.87 9.10
CA HIS D 212 -68.65 25.15 10.29
C HIS D 212 -68.27 23.70 10.05
N VAL D 213 -67.19 23.23 10.63
CA VAL D 213 -66.95 21.78 10.63
C VAL D 213 -67.83 21.12 11.66
N GLY D 214 -67.93 19.82 11.66
CA GLY D 214 -68.76 19.17 12.64
C GLY D 214 -70.12 18.91 12.06
N GLY D 215 -70.93 18.16 12.76
CA GLY D 215 -72.24 17.83 12.20
C GLY D 215 -73.21 18.93 11.74
N VAL D 216 -74.47 18.62 11.99
CA VAL D 216 -75.61 19.47 11.84
C VAL D 216 -76.07 19.51 13.29
N GLY D 217 -76.54 20.66 13.74
CA GLY D 217 -76.93 20.78 15.14
C GLY D 217 -75.79 20.85 16.14
N ILE D 218 -74.59 21.07 15.68
CA ILE D 218 -73.51 21.17 16.61
C ILE D 218 -73.49 22.65 16.97
N ASP D 219 -73.30 22.94 18.25
CA ASP D 219 -73.23 24.30 18.76
C ASP D 219 -72.09 25.04 18.10
N MET D 220 -72.39 26.28 17.70
CA MET D 220 -71.48 26.97 16.82
C MET D 220 -70.21 27.38 17.48
N GLU D 221 -70.30 27.68 18.76
CA GLU D 221 -69.09 27.90 19.48
C GLU D 221 -68.23 26.65 19.55
N ILE D 222 -68.76 25.48 19.92
CA ILE D 222 -67.77 24.48 20.16
C ILE D 222 -67.24 24.06 18.82
N SER D 223 -68.05 24.25 17.78
CA SER D 223 -67.59 23.99 16.42
C SER D 223 -66.41 24.80 16.11
N LYS D 224 -66.48 26.09 16.27
CA LYS D 224 -65.31 26.90 15.92
C LYS D 224 -64.15 26.50 16.79
N ASN D 225 -64.38 26.17 18.07
CA ASN D 225 -63.23 25.80 18.89
C ASN D 225 -62.64 24.48 18.48
N PHE D 226 -63.48 23.50 18.20
CA PHE D 226 -63.06 22.27 17.56
C PHE D 226 -62.14 22.51 16.37
N GLN D 227 -62.63 23.28 15.42
CA GLN D 227 -61.92 23.51 14.19
C GLN D 227 -60.55 24.21 14.42
N ARG D 228 -60.61 25.30 15.18
CA ARG D 228 -59.42 25.99 15.66
C ARG D 228 -58.41 24.99 16.22
N ILE D 229 -58.88 23.99 16.97
CA ILE D 229 -57.98 22.95 17.48
C ILE D 229 -57.47 22.04 16.36
N LEU D 230 -58.35 21.57 15.47
CA LEU D 230 -57.89 20.61 14.47
C LEU D 230 -56.87 21.30 13.64
N GLN D 231 -57.06 22.59 13.46
CA GLN D 231 -56.13 23.39 12.68
C GLN D 231 -54.74 23.37 13.26
N LYS D 232 -54.60 23.38 14.58
CA LYS D 232 -53.28 23.26 15.22
C LYS D 232 -52.65 21.89 15.03
N GLN D 233 -53.45 20.84 14.92
CA GLN D 233 -52.88 19.51 14.72
C GLN D 233 -52.55 19.44 13.23
N GLY D 234 -52.66 20.57 12.53
CA GLY D 234 -52.33 20.66 11.11
C GLY D 234 -53.41 20.24 10.12
N PHE D 235 -54.63 20.10 10.60
CA PHE D 235 -55.71 19.53 9.79
C PHE D 235 -56.27 20.75 9.14
N LYS D 236 -56.33 20.83 7.81
CA LYS D 236 -56.71 22.10 7.19
C LYS D 236 -58.17 22.16 6.80
N PHE D 237 -58.77 23.33 6.79
CA PHE D 237 -60.17 23.42 6.35
C PHE D 237 -60.40 24.42 5.26
N LYS D 238 -61.37 24.18 4.38
CA LYS D 238 -61.74 25.11 3.31
C LYS D 238 -63.24 25.24 3.37
N LEU D 239 -63.70 26.13 4.26
CA LEU D 239 -65.12 26.27 4.59
C LEU D 239 -65.81 27.24 3.65
N ASN D 240 -67.13 27.08 3.56
CA ASN D 240 -67.96 27.93 2.68
C ASN D 240 -67.47 27.80 1.26
N THR D 241 -67.08 26.60 0.85
CA THR D 241 -66.65 26.42 -0.51
C THR D 241 -67.29 25.16 -1.09
N LYS D 242 -67.32 25.05 -2.41
CA LYS D 242 -67.89 23.86 -3.05
C LYS D 242 -66.94 23.34 -4.09
N VAL D 243 -67.09 22.06 -4.42
CA VAL D 243 -66.25 21.53 -5.47
C VAL D 243 -67.01 21.51 -6.83
N THR D 244 -66.42 22.14 -7.86
CA THR D 244 -66.97 22.23 -9.22
C THR D 244 -66.63 21.02 -10.05
N GLY D 245 -65.55 20.30 -9.68
CA GLY D 245 -65.23 18.97 -10.20
C GLY D 245 -63.91 18.32 -9.72
N ALA D 246 -63.66 17.09 -10.16
CA ALA D 246 -62.33 16.48 -10.02
C ALA D 246 -61.91 15.77 -11.30
N THR D 247 -60.65 15.91 -11.70
CA THR D 247 -60.08 15.08 -12.77
C THR D 247 -58.79 14.34 -12.35
N LYS D 248 -58.74 13.05 -12.70
CA LYS D 248 -57.58 12.21 -12.52
C LYS D 248 -56.41 12.73 -13.35
N LYS D 249 -55.25 12.89 -12.75
CA LYS D 249 -54.13 13.59 -13.39
C LYS D 249 -53.29 12.57 -14.11
N SER D 250 -52.24 13.03 -14.80
CA SER D 250 -51.32 12.13 -15.50
C SER D 250 -50.54 11.13 -14.62
N ASP D 251 -50.22 11.56 -13.40
CA ASP D 251 -49.43 10.78 -12.44
C ASP D 251 -50.33 9.99 -11.50
N GLY D 252 -51.61 10.29 -11.44
CA GLY D 252 -52.47 9.60 -10.51
C GLY D 252 -53.10 10.41 -9.42
N LYS D 253 -52.41 11.49 -9.04
CA LYS D 253 -52.99 12.51 -8.16
C LYS D 253 -54.28 12.98 -8.77
N ILE D 254 -55.21 13.44 -7.93
CA ILE D 254 -56.51 13.90 -8.41
C ILE D 254 -56.48 15.39 -8.29
N ASP D 255 -56.97 16.11 -9.29
CA ASP D 255 -57.06 17.55 -9.22
C ASP D 255 -58.49 17.95 -8.91
N VAL D 256 -58.77 18.59 -7.77
CA VAL D 256 -60.13 19.04 -7.45
C VAL D 256 -60.25 20.53 -7.57
N SER D 257 -61.28 20.91 -8.30
CA SER D 257 -61.58 22.30 -8.59
C SER D 257 -62.57 22.71 -7.54
N ILE D 258 -62.15 23.59 -6.65
CA ILE D 258 -63.06 24.16 -5.67
C ILE D 258 -63.35 25.65 -5.98
N GLU D 259 -64.33 26.22 -5.29
CA GLU D 259 -64.78 27.55 -5.61
C GLU D 259 -65.61 28.11 -4.51
N ALA D 260 -65.39 29.36 -4.15
CA ALA D 260 -66.22 30.00 -3.12
C ALA D 260 -67.67 29.59 -3.25
N ALA D 261 -68.29 29.19 -2.15
CA ALA D 261 -69.66 28.72 -2.20
C ALA D 261 -70.56 29.76 -2.79
N SER D 262 -70.41 30.98 -2.32
CA SER D 262 -71.27 32.03 -2.79
C SER D 262 -70.71 32.43 -4.14
N GLY D 263 -69.83 33.44 -4.09
CA GLY D 263 -69.09 33.96 -5.23
C GLY D 263 -68.39 32.87 -6.03
N GLY D 264 -67.15 33.13 -6.46
CA GLY D 264 -66.49 32.22 -7.36
C GLY D 264 -65.00 32.35 -7.36
N LYS D 265 -64.39 32.41 -6.18
CA LYS D 265 -62.95 32.53 -6.08
C LYS D 265 -62.28 31.18 -6.33
N ALA D 266 -62.37 30.68 -7.56
CA ALA D 266 -61.85 29.36 -7.91
C ALA D 266 -60.38 29.09 -7.61
N GLU D 267 -60.05 27.82 -7.58
CA GLU D 267 -58.78 27.35 -7.09
C GLU D 267 -58.80 25.89 -7.48
N VAL D 268 -57.65 25.24 -7.47
CA VAL D 268 -57.60 23.78 -7.67
C VAL D 268 -56.74 23.25 -6.56
N ILE D 269 -57.23 22.27 -5.82
CA ILE D 269 -56.39 21.61 -4.85
C ILE D 269 -56.03 20.26 -5.43
N THR D 270 -54.82 19.80 -5.21
CA THR D 270 -54.47 18.52 -5.80
C THR D 270 -53.97 17.50 -4.80
N CYS D 271 -54.51 16.29 -4.86
CA CYS D 271 -54.25 15.28 -3.82
C CYS D 271 -54.04 13.88 -4.41
N ASP D 272 -53.66 12.94 -3.56
CA ASP D 272 -53.46 11.53 -3.87
C ASP D 272 -54.72 10.68 -3.68
N VAL D 273 -55.60 11.14 -2.79
CA VAL D 273 -56.76 10.36 -2.44
C VAL D 273 -57.82 11.32 -2.15
N LEU D 274 -58.97 11.10 -2.77
CA LEU D 274 -60.11 11.95 -2.57
C LEU D 274 -61.18 11.23 -1.75
N LEU D 275 -61.43 11.75 -0.54
CA LEU D 275 -62.42 11.18 0.31
C LEU D 275 -63.76 11.86 0.09
N VAL D 276 -64.74 11.07 -0.34
CA VAL D 276 -66.01 11.64 -0.73
C VAL D 276 -67.18 11.34 0.24
N CYS D 277 -67.43 12.22 1.19
CA CYS D 277 -68.53 12.00 2.14
C CYS D 277 -69.44 13.21 2.40
N ILE D 278 -70.38 13.37 1.48
CA ILE D 278 -71.39 14.38 1.48
C ILE D 278 -72.45 13.98 2.46
N GLY D 279 -72.60 12.69 2.72
CA GLY D 279 -73.65 12.24 3.62
C GLY D 279 -74.07 10.81 3.43
N ARG D 280 -75.21 10.47 4.00
CA ARG D 280 -75.79 9.16 3.69
C ARG D 280 -77.28 9.27 3.44
N ARG D 281 -77.84 8.23 2.80
CA ARG D 281 -79.28 8.19 2.53
C ARG D 281 -79.90 6.84 2.86
N PRO D 282 -81.17 6.84 3.15
CA PRO D 282 -81.88 5.59 3.46
C PRO D 282 -81.70 4.61 2.31
N PHE D 283 -81.86 3.31 2.59
CA PHE D 283 -81.74 2.25 1.58
C PHE D 283 -83.02 1.42 1.54
N THR D 284 -83.68 1.41 0.39
CA THR D 284 -84.98 0.78 0.26
C THR D 284 -85.01 -0.04 -1.02
N LYS D 285 -83.86 -0.11 -1.66
CA LYS D 285 -83.75 -0.80 -2.93
C LYS D 285 -84.39 -2.24 -2.88
N ASN D 286 -85.20 -2.52 -3.90
CA ASN D 286 -85.80 -3.85 -4.17
C ASN D 286 -86.48 -4.52 -3.04
N LEU D 287 -86.90 -3.74 -2.08
CA LEU D 287 -87.55 -4.23 -0.89
C LEU D 287 -89.01 -4.39 -1.29
N GLY D 288 -89.42 -3.55 -2.24
CA GLY D 288 -90.72 -3.66 -2.87
C GLY D 288 -91.80 -2.85 -2.21
N LEU D 289 -91.45 -1.67 -1.74
CA LEU D 289 -92.46 -0.81 -1.16
C LEU D 289 -93.38 -0.18 -2.22
N GLU D 290 -92.78 0.11 -3.38
CA GLU D 290 -93.40 0.81 -4.51
C GLU D 290 -94.81 0.32 -4.69
N GLU D 291 -94.89 -1.01 -4.86
CA GLU D 291 -96.12 -1.76 -5.05
C GLU D 291 -96.87 -2.14 -3.75
N LEU D 292 -96.90 -1.27 -2.76
CA LEU D 292 -97.67 -1.54 -1.55
C LEU D 292 -98.23 -0.20 -1.11
N GLY D 293 -97.90 0.83 -1.89
CA GLY D 293 -98.41 2.16 -1.66
C GLY D 293 -97.75 2.78 -0.44
N ILE D 294 -96.67 2.16 0.04
CA ILE D 294 -95.83 2.86 0.99
C ILE D 294 -94.91 3.79 0.20
N GLU D 295 -95.04 5.08 0.49
CA GLU D 295 -94.32 6.05 -0.30
C GLU D 295 -93.25 6.67 0.51
N LEU D 296 -92.06 6.70 -0.05
CA LEU D 296 -90.93 7.23 0.68
C LEU D 296 -91.14 8.74 0.81
N ASP D 297 -90.82 9.29 1.97
CA ASP D 297 -90.87 10.74 2.05
C ASP D 297 -90.00 11.32 0.93
N PRO D 298 -89.94 12.62 0.81
CA PRO D 298 -89.11 13.19 -0.23
C PRO D 298 -87.65 13.03 0.08
N ARG D 299 -87.29 12.43 1.20
CA ARG D 299 -85.84 12.24 1.39
C ARG D 299 -85.33 10.86 1.12
N GLY D 300 -86.19 9.94 0.67
CA GLY D 300 -85.84 8.55 0.62
C GLY D 300 -86.36 7.77 1.82
N ARG D 301 -86.79 8.46 2.89
CA ARG D 301 -87.11 7.81 4.15
C ARG D 301 -88.45 7.13 4.21
N ILE D 302 -88.63 6.21 5.13
CA ILE D 302 -89.93 5.59 5.24
C ILE D 302 -90.77 6.30 6.29
N PRO D 303 -91.88 6.90 5.87
CA PRO D 303 -92.74 7.61 6.82
C PRO D 303 -93.47 6.60 7.72
N VAL D 304 -93.28 6.78 9.04
CA VAL D 304 -93.83 5.94 10.11
C VAL D 304 -94.44 6.90 11.10
N ASN D 305 -95.31 6.36 11.93
CA ASN D 305 -96.01 7.14 12.89
C ASN D 305 -95.34 6.86 14.22
N THR D 306 -95.87 7.40 15.29
CA THR D 306 -95.26 7.27 16.57
C THR D 306 -95.01 5.87 17.13
N ARG D 307 -95.68 4.81 16.63
CA ARG D 307 -95.44 3.41 17.08
C ARG D 307 -94.49 2.71 16.09
N PHE D 308 -94.14 3.43 15.04
CA PHE D 308 -93.24 2.89 14.07
C PHE D 308 -93.85 2.12 12.94
N GLN D 309 -95.17 2.18 12.80
CA GLN D 309 -95.83 1.49 11.69
C GLN D 309 -95.90 2.39 10.48
N THR D 310 -96.05 1.78 9.33
CA THR D 310 -96.16 2.51 8.08
C THR D 310 -97.64 2.66 7.77
N LYS D 311 -98.00 3.19 6.62
CA LYS D 311 -99.39 3.08 6.17
C LYS D 311 -99.97 1.65 6.40
N ILE D 312 -99.18 0.61 6.19
CA ILE D 312 -99.68 -0.73 6.48
C ILE D 312 -99.39 -1.18 7.95
N PRO D 313 -100.49 -1.36 8.70
CA PRO D 313 -100.49 -1.42 10.16
C PRO D 313 -99.54 -2.42 10.81
N ASN D 314 -99.13 -3.45 10.08
CA ASN D 314 -98.26 -4.45 10.65
C ASN D 314 -96.88 -4.38 10.04
N ILE D 315 -96.65 -3.41 9.17
CA ILE D 315 -95.28 -3.24 8.74
C ILE D 315 -94.62 -2.07 9.44
N TYR D 316 -93.52 -2.33 10.15
CA TYR D 316 -92.78 -1.24 10.81
C TYR D 316 -91.39 -1.05 10.22
N ALA D 317 -90.83 0.10 10.58
CA ALA D 317 -89.55 0.56 10.06
C ALA D 317 -88.80 1.36 11.14
N ILE D 318 -87.53 1.03 11.35
CA ILE D 318 -86.72 1.79 12.30
C ILE D 318 -85.30 1.97 11.80
N GLY D 319 -84.54 2.88 12.40
CA GLY D 319 -83.14 3.02 12.04
C GLY D 319 -82.93 4.16 11.05
N ASP D 320 -82.03 3.98 10.08
CA ASP D 320 -81.68 5.12 9.25
C ASP D 320 -82.68 5.35 8.13
N VAL D 321 -83.45 4.29 7.87
CA VAL D 321 -84.49 4.24 6.87
C VAL D 321 -85.63 5.17 7.33
N VAL D 322 -85.79 5.36 8.62
CA VAL D 322 -86.85 6.26 9.06
C VAL D 322 -86.22 7.59 9.42
N ALA D 323 -87.05 8.55 9.83
CA ALA D 323 -86.59 9.91 10.08
C ALA D 323 -85.95 10.07 11.44
N GLY D 324 -85.19 11.16 11.58
CA GLY D 324 -84.37 11.41 12.75
C GLY D 324 -82.90 11.37 12.41
N PRO D 325 -82.05 11.46 13.40
CA PRO D 325 -80.61 11.39 13.19
C PRO D 325 -80.19 9.99 12.72
N MET D 326 -79.13 9.89 11.93
CA MET D 326 -78.65 8.56 11.48
C MET D 326 -77.55 8.07 12.39
N LEU D 327 -77.93 7.68 13.60
CA LEU D 327 -77.00 7.14 14.58
C LEU D 327 -77.38 5.74 15.06
N ALA D 328 -76.36 4.99 15.46
CA ALA D 328 -76.50 3.62 15.93
C ALA D 328 -77.41 3.62 17.12
N HIS D 329 -77.16 4.47 18.12
CA HIS D 329 -77.96 4.38 19.36
C HIS D 329 -79.40 4.71 19.11
N LYS D 330 -79.64 5.54 18.09
CA LYS D 330 -80.99 6.00 17.79
C LYS D 330 -81.71 4.80 17.22
N ALA D 331 -81.08 4.11 16.26
CA ALA D 331 -81.69 2.96 15.61
C ALA D 331 -81.96 1.82 16.56
N GLU D 332 -81.02 1.63 17.47
CA GLU D 332 -81.02 0.53 18.35
C GLU D 332 -82.13 0.80 19.34
N ASP D 333 -82.47 2.08 19.52
CA ASP D 333 -83.45 2.45 20.54
C ASP D 333 -84.83 2.31 19.92
N GLU D 334 -84.98 2.85 18.71
CA GLU D 334 -86.15 2.57 17.89
C GLU D 334 -86.47 1.08 17.85
N GLY D 335 -85.48 0.26 17.55
CA GLY D 335 -85.65 -1.18 17.53
C GLY D 335 -86.35 -1.74 18.76
N ILE D 336 -85.86 -1.38 19.94
CA ILE D 336 -86.43 -1.89 21.17
C ILE D 336 -87.83 -1.36 21.48
N ILE D 337 -87.97 -0.03 21.54
CA ILE D 337 -89.27 0.56 21.86
C ILE D 337 -90.30 0.15 20.85
N CYS D 338 -89.88 -0.11 19.61
CA CYS D 338 -90.74 -0.71 18.59
C CYS D 338 -91.31 -2.10 18.84
N VAL D 339 -90.46 -3.06 19.20
CA VAL D 339 -90.93 -4.43 19.32
C VAL D 339 -91.54 -4.62 20.66
N GLU D 340 -91.47 -3.60 21.49
CA GLU D 340 -92.04 -3.71 22.80
C GLU D 340 -93.45 -3.23 22.61
N GLY D 341 -93.61 -2.23 21.73
CA GLY D 341 -94.92 -1.73 21.31
C GLY D 341 -95.77 -2.83 20.68
N MET D 342 -95.13 -3.64 19.85
CA MET D 342 -95.81 -4.75 19.26
C MET D 342 -96.19 -5.78 20.33
N ALA D 343 -95.90 -5.56 21.59
CA ALA D 343 -96.37 -6.53 22.59
C ALA D 343 -97.23 -5.84 23.63
N GLY D 344 -97.65 -4.61 23.34
CA GLY D 344 -98.57 -3.87 24.18
C GLY D 344 -98.01 -2.59 24.77
N GLY D 345 -96.69 -2.50 24.86
CA GLY D 345 -96.08 -1.42 25.62
C GLY D 345 -96.09 -0.02 25.02
N ALA D 346 -95.55 0.95 25.77
CA ALA D 346 -95.42 2.36 25.37
C ALA D 346 -94.48 2.59 24.22
N VAL D 347 -94.38 3.83 23.75
CA VAL D 347 -93.57 4.09 22.56
C VAL D 347 -93.06 5.51 22.49
N HIS D 348 -92.97 6.16 23.64
CA HIS D 348 -92.40 7.48 23.67
C HIS D 348 -90.87 7.31 23.58
N ILE D 349 -90.22 8.07 22.69
CA ILE D 349 -88.78 8.23 22.73
C ILE D 349 -88.56 9.70 22.46
N ASP D 350 -87.80 10.35 23.33
CA ASP D 350 -87.65 11.80 23.26
C ASP D 350 -86.37 11.96 22.51
N TYR D 351 -86.50 12.38 21.25
CA TYR D 351 -85.37 12.59 20.36
C TYR D 351 -84.48 13.72 20.79
N ASN D 352 -84.85 14.44 21.83
CA ASN D 352 -83.99 15.53 22.28
C ASN D 352 -83.03 15.12 23.40
N CYS D 353 -83.08 13.83 23.70
CA CYS D 353 -82.20 13.23 24.66
C CYS D 353 -81.17 12.36 24.02
N VAL D 354 -81.21 12.12 22.70
CA VAL D 354 -80.19 11.27 22.06
C VAL D 354 -78.88 12.05 21.85
N PRO D 355 -77.76 11.49 22.32
CA PRO D 355 -76.43 12.13 22.29
C PRO D 355 -75.67 12.07 20.95
N SER D 356 -74.76 12.99 20.71
CA SER D 356 -74.02 12.99 19.46
C SER D 356 -72.57 12.95 19.81
N VAL D 357 -71.78 12.13 19.11
CA VAL D 357 -70.35 12.09 19.33
C VAL D 357 -69.41 12.09 18.13
N ILE D 358 -68.36 12.89 18.19
CA ILE D 358 -67.27 12.78 17.26
C ILE D 358 -66.02 12.27 17.94
N TYR D 359 -65.45 11.14 17.53
CA TYR D 359 -64.39 10.54 18.33
C TYR D 359 -63.00 10.95 17.99
N THR D 360 -62.87 12.14 17.46
CA THR D 360 -61.53 12.61 17.29
C THR D 360 -60.99 12.76 18.67
N HIS D 361 -59.88 13.46 18.77
CA HIS D 361 -59.23 13.79 20.03
C HIS D 361 -58.61 15.18 19.83
N PRO D 362 -59.24 16.22 20.37
CA PRO D 362 -60.28 16.10 21.41
C PRO D 362 -61.59 15.52 20.92
N GLU D 363 -62.21 14.69 21.73
CA GLU D 363 -63.57 14.29 21.42
C GLU D 363 -64.52 15.50 21.46
N VAL D 364 -65.64 15.38 20.74
CA VAL D 364 -66.73 16.33 20.86
C VAL D 364 -68.00 15.54 21.11
N ALA D 365 -68.76 15.88 22.16
CA ALA D 365 -70.05 15.27 22.40
C ALA D 365 -71.04 16.32 22.86
N TRP D 366 -72.33 16.09 22.58
CA TRP D 366 -73.37 17.04 22.96
C TRP D 366 -74.74 16.39 22.91
N VAL D 367 -75.64 16.93 23.68
CA VAL D 367 -76.99 16.47 23.73
C VAL D 367 -77.80 17.66 24.18
N GLY D 368 -79.06 17.71 23.82
CA GLY D 368 -79.84 18.86 24.22
C GLY D 368 -79.84 19.78 23.05
N LYS D 369 -80.31 20.97 23.32
CA LYS D 369 -80.39 22.05 22.34
C LYS D 369 -79.09 22.79 22.32
N SER D 370 -78.73 23.31 21.15
CA SER D 370 -77.55 24.17 21.03
C SER D 370 -77.96 25.61 21.29
N GLU D 371 -76.99 26.47 21.47
CA GLU D 371 -77.25 27.90 21.60
C GLU D 371 -78.03 28.44 20.39
N GLU D 372 -77.67 28.05 19.17
CA GLU D 372 -78.37 28.57 18.00
C GLU D 372 -79.83 28.16 17.99
N GLN D 373 -80.11 26.89 18.31
CA GLN D 373 -81.49 26.40 18.34
C GLN D 373 -82.34 27.11 19.38
N LEU D 374 -81.71 27.50 20.47
CA LEU D 374 -82.34 28.25 21.52
C LEU D 374 -82.81 29.56 20.92
N LYS D 375 -81.85 30.46 20.61
CA LYS D 375 -82.14 31.71 19.90
C LYS D 375 -83.20 31.59 18.82
N GLU D 376 -83.10 30.56 17.98
CA GLU D 376 -84.08 30.41 16.90
C GLU D 376 -85.37 30.47 17.58
N GLU D 377 -85.60 29.51 18.47
CA GLU D 377 -86.91 29.35 19.09
C GLU D 377 -87.20 30.36 20.20
N GLY D 378 -86.35 31.40 20.30
CA GLY D 378 -86.50 32.48 21.27
C GLY D 378 -86.61 31.97 22.70
N ILE D 379 -85.52 31.53 23.32
CA ILE D 379 -85.65 31.01 24.68
C ILE D 379 -84.65 31.68 25.62
N GLU D 380 -85.16 32.27 26.69
CA GLU D 380 -84.31 32.91 27.69
C GLU D 380 -83.37 31.87 28.24
N TYR D 381 -82.09 31.98 27.93
CA TYR D 381 -81.17 31.06 28.56
C TYR D 381 -80.00 31.79 29.16
N LYS D 382 -79.21 31.04 29.91
CA LYS D 382 -78.05 31.53 30.59
C LYS D 382 -77.02 30.44 30.27
N VAL D 383 -75.74 30.76 30.32
CA VAL D 383 -74.77 29.73 29.96
C VAL D 383 -73.63 29.67 30.94
N GLY D 384 -73.24 28.45 31.35
CA GLY D 384 -72.06 28.24 32.16
C GLY D 384 -71.00 27.47 31.40
N LYS D 385 -69.73 27.72 31.73
CA LYS D 385 -68.59 27.28 30.93
C LYS D 385 -67.41 26.96 31.79
N PHE D 386 -66.78 25.82 31.58
CA PHE D 386 -65.60 25.44 32.35
C PHE D 386 -64.58 24.93 31.37
N PRO D 387 -63.38 25.42 31.43
CA PRO D 387 -62.39 24.90 30.47
C PRO D 387 -61.64 23.73 31.13
N PHE D 388 -61.20 22.80 30.28
CA PHE D 388 -60.56 21.64 30.72
C PHE D 388 -59.22 21.98 31.27
N ALA D 389 -58.62 23.09 30.83
CA ALA D 389 -57.36 23.53 31.41
C ALA D 389 -57.41 23.69 32.93
N ALA D 390 -58.58 24.02 33.50
CA ALA D 390 -58.73 24.05 34.97
C ALA D 390 -59.10 22.70 35.61
N ASN D 391 -59.35 21.66 34.82
CA ASN D 391 -59.74 20.39 35.43
C ASN D 391 -58.52 19.69 35.96
N SER D 392 -58.54 19.21 37.21
CA SER D 392 -57.36 18.50 37.78
C SER D 392 -57.02 17.26 37.01
N ARG D 393 -57.98 16.43 36.70
CA ARG D 393 -57.55 15.17 36.11
C ARG D 393 -56.93 15.44 34.72
N ALA D 394 -57.42 16.43 34.01
CA ALA D 394 -56.94 16.67 32.68
C ALA D 394 -55.71 17.50 32.70
N LYS D 395 -55.36 18.13 33.82
CA LYS D 395 -54.13 18.90 33.76
C LYS D 395 -53.00 17.92 34.02
N THR D 396 -53.28 17.00 34.96
CA THR D 396 -52.41 15.91 35.38
C THR D 396 -51.97 15.12 34.17
N ASN D 397 -52.94 14.57 33.43
CA ASN D 397 -52.68 13.62 32.39
C ASN D 397 -52.14 14.37 31.26
N ALA D 398 -52.04 15.68 31.45
CA ALA D 398 -51.58 16.55 30.38
C ALA D 398 -52.39 16.47 29.06
N ASP D 399 -53.71 16.75 29.15
CA ASP D 399 -54.59 16.97 28.01
C ASP D 399 -55.59 18.07 28.35
N THR D 400 -55.18 19.32 28.14
CA THR D 400 -55.97 20.51 28.51
C THR D 400 -57.01 21.08 27.50
N ASP D 401 -56.93 20.73 26.22
CA ASP D 401 -57.80 21.41 25.25
C ASP D 401 -59.27 21.36 25.58
N GLY D 402 -59.94 22.46 25.23
CA GLY D 402 -61.40 22.47 25.14
C GLY D 402 -62.16 22.80 26.39
N MET D 403 -63.43 22.44 26.42
CA MET D 403 -64.27 22.85 27.54
C MET D 403 -65.70 22.31 27.55
N VAL D 404 -66.43 22.58 28.61
CA VAL D 404 -67.77 22.12 28.72
C VAL D 404 -68.55 23.35 28.74
N LYS D 405 -69.68 23.36 28.08
CA LYS D 405 -70.57 24.52 28.10
C LYS D 405 -71.97 24.02 28.33
N ILE D 406 -72.63 24.41 29.42
CA ILE D 406 -73.98 23.90 29.58
C ILE D 406 -74.92 25.06 29.51
N LEU D 407 -76.09 24.85 28.89
CA LEU D 407 -77.03 25.88 28.56
C LEU D 407 -78.30 25.66 29.32
N GLY D 408 -78.58 26.51 30.31
CA GLY D 408 -79.79 26.38 31.10
C GLY D 408 -80.86 27.45 30.92
N GLN D 409 -82.13 27.06 31.14
CA GLN D 409 -83.30 27.96 31.11
C GLN D 409 -83.15 29.05 32.16
N LYS D 410 -83.26 30.32 31.75
CA LYS D 410 -82.91 31.41 32.65
C LYS D 410 -83.81 31.57 33.88
N SER D 411 -85.05 31.07 33.81
CA SER D 411 -85.99 31.08 34.93
C SER D 411 -85.96 29.76 35.67
N THR D 412 -86.56 28.72 35.11
CA THR D 412 -86.58 27.49 35.86
C THR D 412 -85.22 26.92 36.21
N ASP D 413 -84.17 27.27 35.47
CA ASP D 413 -82.83 26.66 35.67
C ASP D 413 -82.69 25.21 35.12
N ARG D 414 -83.43 24.86 34.08
CA ARG D 414 -83.41 23.51 33.53
C ARG D 414 -82.32 23.40 32.52
N VAL D 415 -81.57 22.32 32.49
CA VAL D 415 -80.49 22.29 31.52
C VAL D 415 -81.16 21.99 30.20
N LEU D 416 -80.85 22.75 29.19
CA LEU D 416 -81.50 22.49 27.94
C LEU D 416 -80.54 21.88 26.98
N GLY D 417 -79.25 22.10 27.18
CA GLY D 417 -78.27 21.46 26.34
C GLY D 417 -76.92 21.39 27.03
N ALA D 418 -76.09 20.40 26.65
CA ALA D 418 -74.74 20.19 27.17
C ALA D 418 -73.83 19.98 25.97
N HIS D 419 -72.66 20.60 25.97
CA HIS D 419 -71.72 20.51 24.90
C HIS D 419 -70.38 20.20 25.52
N ILE D 420 -69.72 19.11 25.15
CA ILE D 420 -68.44 18.82 25.76
C ILE D 420 -67.45 18.78 24.65
N LEU D 421 -66.35 19.51 24.79
CA LEU D 421 -65.25 19.48 23.82
C LEU D 421 -63.91 19.18 24.55
N GLY D 422 -63.36 18.00 24.35
CA GLY D 422 -62.11 17.66 24.97
C GLY D 422 -62.21 16.24 25.46
N PRO D 423 -61.27 15.86 26.27
CA PRO D 423 -61.09 14.45 26.64
C PRO D 423 -62.32 13.71 27.29
N GLY D 424 -62.47 12.43 27.00
CA GLY D 424 -63.52 11.68 27.65
C GLY D 424 -64.90 12.25 27.33
N ALA D 425 -64.95 13.15 26.37
CA ALA D 425 -66.24 13.77 26.04
C ALA D 425 -67.36 12.79 25.69
N GLY D 426 -67.02 11.72 24.98
CA GLY D 426 -68.02 10.75 24.56
C GLY D 426 -68.55 9.99 25.77
N GLU D 427 -67.70 9.77 26.77
CA GLU D 427 -68.17 9.17 27.97
C GLU D 427 -69.08 10.06 28.89
N MET D 428 -68.92 11.38 28.80
CA MET D 428 -69.42 12.29 29.82
C MET D 428 -70.83 12.58 29.43
N VAL D 429 -71.03 12.58 28.12
CA VAL D 429 -72.30 12.98 27.52
C VAL D 429 -73.43 12.02 27.94
N ASN D 430 -73.09 10.84 28.42
CA ASN D 430 -74.10 9.88 28.82
C ASN D 430 -74.64 10.27 30.15
N GLU D 431 -73.89 11.05 30.87
CA GLU D 431 -74.41 11.52 32.12
C GLU D 431 -75.33 12.73 31.86
N ALA D 432 -74.89 13.70 31.06
CA ALA D 432 -75.83 14.68 30.57
C ALA D 432 -77.12 14.06 29.98
N ALA D 433 -77.05 12.96 29.26
CA ALA D 433 -78.27 12.27 28.80
C ALA D 433 -79.10 11.97 30.00
N LEU D 434 -78.55 11.19 30.91
CA LEU D 434 -79.31 10.79 32.06
C LEU D 434 -79.89 12.02 32.75
N ALA D 435 -79.19 13.13 32.68
CA ALA D 435 -79.67 14.30 33.38
C ALA D 435 -80.80 14.98 32.64
N LEU D 436 -80.77 15.02 31.31
CA LEU D 436 -81.89 15.63 30.55
C LEU D 436 -83.10 14.73 30.70
N GLU D 437 -82.86 13.44 30.88
CA GLU D 437 -83.97 12.50 30.91
C GLU D 437 -84.68 12.58 32.23
N TYR D 438 -84.20 13.40 33.15
CA TYR D 438 -84.83 13.49 34.42
C TYR D 438 -85.22 14.88 34.53
N GLY D 439 -85.04 15.64 33.45
CA GLY D 439 -85.22 17.09 33.43
C GLY D 439 -84.53 17.74 34.61
N ALA D 440 -83.25 17.43 34.76
CA ALA D 440 -82.41 18.04 35.79
C ALA D 440 -82.21 19.50 35.55
N SER D 441 -82.03 20.21 36.66
CA SER D 441 -81.57 21.58 36.66
C SER D 441 -80.04 21.67 36.85
N CYS D 442 -79.43 22.76 36.37
CA CYS D 442 -77.99 22.91 36.60
C CYS D 442 -77.75 22.60 38.07
N GLU D 443 -78.61 23.07 38.94
CA GLU D 443 -78.28 22.99 40.34
C GLU D 443 -78.38 21.55 40.85
N ASP D 444 -79.35 20.76 40.38
CA ASP D 444 -79.41 19.33 40.70
C ASP D 444 -78.04 18.68 40.55
N ILE D 445 -77.47 18.87 39.37
CA ILE D 445 -76.19 18.30 38.99
C ILE D 445 -75.04 18.88 39.77
N ALA D 446 -74.99 20.20 39.89
CA ALA D 446 -73.96 20.79 40.73
C ALA D 446 -73.90 20.13 42.13
N ARG D 447 -75.04 19.71 42.68
CA ARG D 447 -75.12 19.24 44.06
C ARG D 447 -74.73 17.80 44.12
N VAL D 448 -74.63 17.13 42.98
CA VAL D 448 -74.23 15.74 42.91
C VAL D 448 -72.75 15.56 43.19
N CYS D 449 -72.39 14.56 44.02
CA CYS D 449 -70.98 14.38 44.38
C CYS D 449 -70.18 13.63 43.32
N HIS D 450 -69.31 14.31 42.55
CA HIS D 450 -68.56 13.60 41.48
C HIS D 450 -67.19 13.21 42.02
N ALA D 451 -66.69 11.99 41.73
CA ALA D 451 -65.35 11.59 42.21
C ALA D 451 -64.29 12.55 41.74
N HIS D 452 -63.29 12.78 42.59
CA HIS D 452 -62.13 13.63 42.29
C HIS D 452 -60.92 12.73 42.32
N PRO D 453 -59.99 12.85 41.34
CA PRO D 453 -60.13 13.77 40.21
C PRO D 453 -60.63 13.06 38.96
N THR D 454 -61.76 13.48 38.38
CA THR D 454 -62.20 12.96 37.10
C THR D 454 -62.49 14.08 36.10
N LEU D 455 -62.60 13.70 34.81
CA LEU D 455 -62.95 14.71 33.77
C LEU D 455 -64.36 15.22 34.05
N SER D 456 -65.20 14.29 34.45
CA SER D 456 -66.57 14.59 34.79
C SER D 456 -66.79 15.80 35.67
N GLU D 457 -65.73 16.20 36.33
CA GLU D 457 -65.85 17.27 37.26
C GLU D 457 -66.05 18.58 36.56
N ALA D 458 -65.68 18.70 35.30
CA ALA D 458 -65.75 19.96 34.57
C ALA D 458 -67.18 20.17 34.13
N PHE D 459 -67.91 19.06 34.11
CA PHE D 459 -69.31 19.07 33.76
C PHE D 459 -70.04 19.53 35.02
N ARG D 460 -69.56 19.05 36.16
CA ARG D 460 -70.16 19.44 37.41
C ARG D 460 -69.92 20.91 37.60
N GLU D 461 -68.68 21.34 37.43
CA GLU D 461 -68.37 22.72 37.64
C GLU D 461 -69.07 23.60 36.61
N ALA D 462 -69.20 23.12 35.38
CA ALA D 462 -69.86 23.94 34.38
C ALA D 462 -71.33 24.12 34.78
N ASN D 463 -71.90 23.09 35.40
CA ASN D 463 -73.29 23.16 35.86
C ASN D 463 -73.38 24.16 37.03
N LEU D 464 -72.29 24.30 37.77
CA LEU D 464 -72.30 25.14 38.95
C LEU D 464 -72.27 26.57 38.44
N ALA D 465 -71.53 26.82 37.39
CA ALA D 465 -71.32 28.14 36.91
C ALA D 465 -72.57 28.61 36.22
N ALA D 466 -73.48 27.71 35.86
CA ALA D 466 -74.76 28.19 35.36
C ALA D 466 -75.88 28.28 36.41
N SER D 467 -75.58 28.02 37.69
CA SER D 467 -76.51 28.13 38.84
C SER D 467 -76.21 29.38 39.67
N PHE D 468 -75.42 29.17 40.73
CA PHE D 468 -74.62 30.26 41.25
C PHE D 468 -74.07 31.00 40.00
N GLY D 469 -73.70 32.26 40.10
CA GLY D 469 -73.05 32.93 38.94
C GLY D 469 -71.71 32.38 38.38
N LYS D 470 -70.71 32.17 39.24
CA LYS D 470 -69.44 31.53 38.94
C LYS D 470 -69.22 30.13 39.63
N SER D 471 -68.03 29.59 39.41
CA SER D 471 -67.71 28.27 39.89
C SER D 471 -66.43 28.32 40.77
N ILE D 472 -66.01 27.18 41.29
CA ILE D 472 -64.94 27.26 42.22
C ILE D 472 -63.64 27.40 41.51
N ASN D 473 -63.31 26.39 40.72
CA ASN D 473 -62.02 26.28 40.08
C ASN D 473 -61.69 27.17 38.91
N PHE D 474 -62.61 28.01 38.52
CA PHE D 474 -62.31 28.92 37.46
C PHE D 474 -63.06 30.24 37.63
N ALA E 1 -11.88 -31.51 79.78
CA ALA E 1 -10.58 -31.93 79.16
C ALA E 1 -9.59 -30.76 79.02
N ASP E 2 -9.31 -30.37 77.78
CA ASP E 2 -8.47 -29.20 77.46
C ASP E 2 -8.98 -27.86 78.06
N GLN E 3 -8.24 -27.31 79.03
CA GLN E 3 -8.72 -26.18 79.84
C GLN E 3 -9.26 -24.96 79.02
N PRO E 4 -10.57 -24.64 79.20
CA PRO E 4 -11.22 -23.46 78.62
C PRO E 4 -10.38 -22.20 78.38
N ILE E 5 -10.45 -21.64 77.19
CA ILE E 5 -9.83 -20.36 76.86
C ILE E 5 -10.87 -19.26 76.90
N ASP E 6 -10.58 -18.16 77.56
CA ASP E 6 -11.49 -17.03 77.53
C ASP E 6 -11.07 -16.12 76.42
N ALA E 7 -12.05 -15.45 75.81
CA ALA E 7 -11.75 -14.50 74.71
C ALA E 7 -12.83 -13.44 74.46
N ASP E 8 -12.45 -12.35 73.80
CA ASP E 8 -13.44 -11.36 73.44
C ASP E 8 -14.14 -11.58 72.11
N VAL E 9 -13.43 -12.16 71.14
CA VAL E 9 -13.92 -12.30 69.78
C VAL E 9 -13.39 -13.59 69.34
N THR E 10 -14.26 -14.52 69.04
CA THR E 10 -13.80 -15.79 68.49
C THR E 10 -14.18 -15.90 67.00
N VAL E 11 -13.18 -15.76 66.13
CA VAL E 11 -13.39 -15.83 64.68
C VAL E 11 -13.33 -17.25 64.13
N ILE E 12 -14.36 -17.68 63.44
CA ILE E 12 -14.35 -19.09 63.03
C ILE E 12 -14.13 -19.07 61.57
N GLY E 13 -13.02 -19.71 61.11
CA GLY E 13 -12.60 -19.66 59.71
C GLY E 13 -11.48 -18.64 59.51
N SER E 14 -10.41 -19.03 58.80
CA SER E 14 -9.27 -18.15 58.65
C SER E 14 -9.11 -17.67 57.18
N GLY E 15 -10.15 -17.78 56.40
CA GLY E 15 -10.12 -17.27 55.05
C GLY E 15 -9.78 -15.80 55.04
N PRO E 16 -9.81 -15.17 53.86
CA PRO E 16 -9.57 -13.73 53.73
C PRO E 16 -10.34 -12.91 54.74
N GLY E 17 -11.67 -13.01 54.79
CA GLY E 17 -12.34 -12.41 55.94
C GLY E 17 -12.04 -13.38 57.07
N GLY E 18 -12.27 -13.04 58.30
CA GLY E 18 -11.93 -14.03 59.30
C GLY E 18 -10.47 -13.95 59.71
N TYR E 19 -9.57 -14.26 58.80
CA TYR E 19 -8.15 -14.05 59.17
C TYR E 19 -7.86 -12.50 59.32
N VAL E 20 -8.40 -11.64 58.49
CA VAL E 20 -8.12 -10.21 58.78
C VAL E 20 -9.00 -9.65 59.92
N ALA E 21 -10.25 -10.11 60.01
CA ALA E 21 -11.07 -9.75 61.17
C ALA E 21 -10.29 -9.95 62.43
N ALA E 22 -9.75 -11.15 62.57
CA ALA E 22 -8.99 -11.53 63.73
C ALA E 22 -7.88 -10.52 64.00
N ILE E 23 -7.06 -10.28 63.00
CA ILE E 23 -5.86 -9.50 63.24
C ILE E 23 -6.31 -8.09 63.60
N LYS E 24 -7.39 -7.64 62.99
CA LYS E 24 -7.88 -6.30 63.28
C LYS E 24 -8.54 -6.23 64.63
N ALA E 25 -9.32 -7.27 64.95
CA ALA E 25 -9.95 -7.33 66.26
C ALA E 25 -8.84 -7.14 67.26
N ALA E 26 -7.81 -7.96 67.07
CA ALA E 26 -6.58 -7.89 67.87
C ALA E 26 -5.88 -6.52 67.88
N GLN E 27 -5.81 -5.84 66.76
CA GLN E 27 -5.12 -4.55 66.76
C GLN E 27 -5.91 -3.46 67.49
N LEU E 28 -7.18 -3.73 67.77
CA LEU E 28 -8.04 -2.76 68.46
C LEU E 28 -7.91 -3.00 69.95
N GLY E 29 -7.95 -4.26 70.33
CA GLY E 29 -7.66 -4.53 71.71
C GLY E 29 -8.23 -5.85 72.13
N PHE E 30 -9.16 -6.37 71.37
CA PHE E 30 -9.83 -7.56 71.85
C PHE E 30 -8.86 -8.69 71.94
N LYS E 31 -8.97 -9.49 72.98
CA LYS E 31 -8.28 -10.75 72.99
C LYS E 31 -9.09 -11.63 72.06
N THR E 32 -8.49 -12.06 70.95
CA THR E 32 -9.19 -12.81 69.90
C THR E 32 -8.68 -14.25 69.81
N VAL E 33 -9.40 -15.11 69.11
CA VAL E 33 -8.99 -16.50 68.88
C VAL E 33 -9.59 -16.95 67.56
N CYS E 34 -8.77 -17.47 66.66
CA CYS E 34 -9.27 -17.85 65.36
C CYS E 34 -9.24 -19.33 65.24
N ILE E 35 -10.37 -19.93 64.90
CA ILE E 35 -10.49 -21.37 64.87
C ILE E 35 -10.50 -21.84 63.43
N GLU E 36 -9.48 -22.58 63.01
CA GLU E 36 -9.47 -23.02 61.62
C GLU E 36 -9.41 -24.50 61.50
N LYS E 37 -10.41 -25.07 60.84
CA LYS E 37 -10.49 -26.53 60.75
C LYS E 37 -9.42 -27.17 59.89
N ASN E 38 -8.83 -26.41 58.97
CA ASN E 38 -7.90 -26.92 57.97
C ASN E 38 -6.49 -26.95 58.42
N GLU E 39 -5.67 -27.60 57.61
CA GLU E 39 -4.27 -27.75 57.93
C GLU E 39 -3.48 -26.44 57.98
N THR E 40 -3.90 -25.40 57.26
CA THR E 40 -3.19 -24.13 57.28
C THR E 40 -4.19 -23.02 57.19
N LEU E 41 -3.69 -21.81 57.26
CA LEU E 41 -4.62 -20.68 57.21
C LEU E 41 -4.86 -20.21 55.78
N GLY E 42 -5.86 -19.36 55.60
CA GLY E 42 -5.99 -18.65 54.35
C GLY E 42 -7.25 -19.03 53.66
N GLY E 43 -7.86 -20.14 54.04
CA GLY E 43 -9.07 -20.59 53.39
C GLY E 43 -8.99 -20.73 51.86
N THR E 44 -10.12 -20.65 51.18
CA THR E 44 -10.04 -20.99 49.78
C THR E 44 -9.31 -19.92 48.99
N CYS E 45 -9.30 -18.70 49.47
CA CYS E 45 -8.58 -17.71 48.71
C CYS E 45 -7.13 -18.15 48.50
N LEU E 46 -6.43 -18.14 49.60
CA LEU E 46 -5.05 -18.57 49.65
C LEU E 46 -4.81 -20.01 49.20
N ASN E 47 -5.52 -20.96 49.79
CA ASN E 47 -5.20 -22.34 49.50
C ASN E 47 -5.68 -22.92 48.16
N VAL E 48 -6.86 -22.55 47.64
CA VAL E 48 -7.37 -23.23 46.44
C VAL E 48 -8.23 -22.33 45.58
N GLY E 49 -7.85 -21.06 45.44
CA GLY E 49 -8.68 -20.06 44.82
C GLY E 49 -7.91 -18.96 44.16
N CYS E 50 -8.00 -17.75 44.71
CA CYS E 50 -7.42 -16.58 44.12
C CYS E 50 -5.97 -16.91 43.83
N ILE E 51 -5.26 -17.33 44.86
CA ILE E 51 -3.80 -17.39 44.76
C ILE E 51 -3.27 -18.43 43.74
N PRO E 52 -3.52 -19.72 43.94
CA PRO E 52 -3.07 -20.67 42.95
C PRO E 52 -3.45 -20.18 41.52
N SER E 53 -4.67 -19.65 41.34
CA SER E 53 -5.14 -19.22 40.02
C SER E 53 -4.32 -18.12 39.44
N LYS E 54 -4.14 -17.05 40.21
CA LYS E 54 -3.29 -16.03 39.66
C LYS E 54 -1.87 -16.60 39.33
N ALA E 55 -1.42 -17.58 40.08
CA ALA E 55 -0.10 -18.14 39.79
C ALA E 55 -0.06 -18.82 38.41
N LEU E 56 -0.89 -19.83 38.22
CA LEU E 56 -0.95 -20.50 36.94
C LEU E 56 -1.34 -19.52 35.80
N LEU E 57 -2.15 -18.50 36.10
CA LEU E 57 -2.61 -17.60 35.03
C LEU E 57 -1.42 -16.88 34.60
N ASN E 58 -0.60 -16.53 35.58
CA ASN E 58 0.62 -15.82 35.30
C ASN E 58 1.63 -16.68 34.57
N ASN E 59 1.87 -17.88 35.04
CA ASN E 59 2.80 -18.75 34.36
C ASN E 59 2.40 -19.22 32.94
N SER E 60 1.13 -19.65 32.83
CA SER E 60 0.59 -20.08 31.56
C SER E 60 0.74 -18.91 30.59
N HIS E 61 0.68 -17.70 31.10
CA HIS E 61 0.71 -16.57 30.20
C HIS E 61 2.09 -16.32 29.57
N TYR E 62 3.13 -16.38 30.40
CA TYR E 62 4.44 -16.26 29.86
C TYR E 62 4.78 -17.45 29.02
N TYR E 63 4.30 -18.65 29.40
CA TYR E 63 4.58 -19.83 28.58
C TYR E 63 4.13 -19.59 27.15
N HIS E 64 2.94 -19.03 27.02
CA HIS E 64 2.37 -18.75 25.75
C HIS E 64 3.05 -17.63 24.97
N MET E 65 3.61 -16.63 25.64
CA MET E 65 4.28 -15.68 24.78
C MET E 65 5.58 -16.33 24.30
N ALA E 66 6.25 -17.04 25.18
CA ALA E 66 7.49 -17.71 24.80
C ALA E 66 7.32 -18.67 23.64
N HIS E 67 6.27 -19.46 23.75
CA HIS E 67 5.95 -20.55 22.84
C HIS E 67 5.19 -20.04 21.59
N GLY E 68 4.40 -19.01 21.73
CA GLY E 68 3.72 -18.52 20.55
C GLY E 68 4.63 -17.71 19.66
N LYS E 69 4.08 -16.68 19.03
CA LYS E 69 4.87 -15.86 18.11
C LYS E 69 5.13 -14.50 18.71
N ASP E 70 4.85 -14.36 19.99
CA ASP E 70 5.07 -13.10 20.65
C ASP E 70 6.53 -12.80 20.73
N PHE E 71 7.21 -13.55 21.59
CA PHE E 71 8.63 -13.38 21.82
C PHE E 71 9.39 -13.30 20.50
N ALA E 72 9.02 -14.13 19.54
CA ALA E 72 9.69 -14.09 18.26
C ALA E 72 9.57 -12.68 17.66
N SER E 73 8.39 -12.08 17.75
CA SER E 73 8.19 -10.76 17.13
C SER E 73 8.97 -9.64 17.79
N ARG E 74 9.54 -9.95 18.97
CA ARG E 74 10.31 -8.97 19.74
C ARG E 74 11.80 -9.28 19.74
N GLY E 75 12.19 -10.34 19.05
CA GLY E 75 13.59 -10.54 18.75
C GLY E 75 14.25 -11.37 19.80
N ILE E 76 13.45 -11.96 20.65
CA ILE E 76 13.94 -12.92 21.60
C ILE E 76 13.64 -14.26 21.00
N GLU E 77 14.62 -15.02 20.56
CA GLU E 77 14.26 -16.28 19.88
C GLU E 77 14.76 -17.53 20.49
N MET E 78 13.94 -18.23 21.24
CA MET E 78 14.35 -19.55 21.65
C MET E 78 14.00 -20.61 20.59
N SER E 79 14.75 -21.72 20.55
CA SER E 79 14.51 -22.70 19.52
C SER E 79 13.44 -23.77 19.86
N GLU E 80 13.48 -24.36 21.05
CA GLU E 80 12.50 -25.36 21.36
C GLU E 80 11.97 -24.80 22.62
N VAL E 81 10.68 -24.63 22.76
CA VAL E 81 10.19 -24.19 24.05
C VAL E 81 9.41 -25.37 24.51
N ARG E 82 9.57 -25.80 25.76
CA ARG E 82 8.84 -26.96 26.29
C ARG E 82 8.24 -26.61 27.65
N LEU E 83 7.18 -27.30 28.07
CA LEU E 83 6.55 -27.02 29.33
C LEU E 83 6.95 -28.08 30.33
N ASN E 84 7.25 -27.68 31.55
CA ASN E 84 7.63 -28.58 32.63
C ASN E 84 6.58 -28.35 33.67
N LEU E 85 5.52 -29.14 33.60
CA LEU E 85 4.33 -28.81 34.35
C LEU E 85 4.66 -28.84 35.83
N ASP E 86 5.45 -29.83 36.26
CA ASP E 86 5.72 -30.04 37.68
C ASP E 86 6.45 -28.88 38.31
N LYS E 87 7.29 -28.21 37.54
CA LYS E 87 7.99 -27.09 38.10
C LYS E 87 7.15 -25.84 38.04
N MET E 88 6.23 -25.79 37.07
CA MET E 88 5.24 -24.70 37.05
C MET E 88 4.26 -24.70 38.26
N MET E 89 3.77 -25.91 38.57
CA MET E 89 2.96 -26.21 39.71
C MET E 89 3.79 -26.01 40.96
N GLU E 90 5.09 -26.14 40.88
CA GLU E 90 5.82 -25.94 42.11
C GLU E 90 6.08 -24.45 42.33
N GLN E 91 6.22 -23.67 41.26
CA GLN E 91 6.25 -22.22 41.46
C GLN E 91 5.04 -21.86 42.33
N LYS E 92 3.87 -22.23 41.83
CA LYS E 92 2.59 -22.10 42.52
C LYS E 92 2.64 -22.43 43.97
N SER E 93 2.78 -23.73 44.25
CA SER E 93 2.71 -24.27 45.59
C SER E 93 3.63 -23.52 46.55
N THR E 94 4.80 -23.20 46.02
CA THR E 94 5.78 -22.45 46.74
C THR E 94 5.24 -21.13 47.23
N ALA E 95 4.48 -20.41 46.39
CA ALA E 95 3.91 -19.11 46.78
C ALA E 95 2.79 -19.32 47.76
N VAL E 96 1.89 -20.23 47.46
CA VAL E 96 0.87 -20.58 48.44
C VAL E 96 1.51 -20.79 49.78
N LYS E 97 2.57 -21.58 49.84
CA LYS E 97 3.16 -21.80 51.17
C LYS E 97 3.71 -20.58 51.85
N ALA E 98 4.26 -19.66 51.09
CA ALA E 98 4.95 -18.53 51.66
C ALA E 98 3.89 -17.66 52.25
N LEU E 99 2.75 -17.57 51.56
CA LEU E 99 1.68 -16.71 52.03
C LEU E 99 1.07 -17.28 53.27
N THR E 100 0.64 -18.54 53.25
CA THR E 100 0.07 -19.16 54.46
C THR E 100 1.03 -19.06 55.63
N GLY E 101 2.32 -19.22 55.34
CA GLY E 101 3.34 -19.03 56.34
C GLY E 101 3.23 -17.64 56.92
N GLY E 102 2.99 -16.61 56.10
CA GLY E 102 2.92 -15.23 56.58
C GLY E 102 1.69 -14.95 57.43
N ILE E 103 0.58 -15.61 57.14
CA ILE E 103 -0.56 -15.48 58.05
C ILE E 103 -0.14 -15.95 59.46
N ALA E 104 0.48 -17.13 59.56
CA ALA E 104 0.70 -17.75 60.89
C ALA E 104 1.61 -16.83 61.65
N HIS E 105 2.45 -16.13 60.93
CA HIS E 105 3.46 -15.32 61.56
C HIS E 105 2.76 -14.06 61.98
N LEU E 106 1.87 -13.60 61.11
CA LEU E 106 0.96 -12.47 61.42
C LEU E 106 0.09 -12.62 62.71
N PHE E 107 -0.38 -13.83 62.95
CA PHE E 107 -1.18 -14.10 64.13
C PHE E 107 -0.34 -14.10 65.39
N LYS E 108 0.78 -14.81 65.36
CA LYS E 108 1.78 -14.78 66.46
C LYS E 108 2.21 -13.35 66.73
N GLN E 109 2.60 -12.64 65.68
CA GLN E 109 3.01 -11.26 65.90
C GLN E 109 1.92 -10.34 66.40
N ASN E 110 0.66 -10.54 66.02
CA ASN E 110 -0.43 -9.64 66.52
C ASN E 110 -1.10 -10.23 67.74
N LYS E 111 -0.51 -11.27 68.29
CA LYS E 111 -1.01 -11.91 69.50
C LYS E 111 -2.36 -12.57 69.33
N VAL E 112 -2.60 -13.05 68.14
CA VAL E 112 -3.81 -13.84 67.93
C VAL E 112 -3.62 -15.32 68.27
N VAL E 113 -4.59 -15.89 68.92
CA VAL E 113 -4.49 -17.25 69.38
C VAL E 113 -5.11 -18.26 68.44
N HIS E 114 -4.37 -18.85 67.51
CA HIS E 114 -4.93 -19.79 66.55
C HIS E 114 -5.38 -21.10 67.22
N VAL E 115 -6.63 -21.56 67.04
CA VAL E 115 -6.98 -22.91 67.47
C VAL E 115 -7.35 -23.83 66.31
N ASN E 116 -6.53 -24.84 66.05
CA ASN E 116 -6.81 -25.79 64.98
C ASN E 116 -7.83 -26.82 65.42
N GLY E 117 -8.99 -26.83 64.75
CA GLY E 117 -10.09 -27.76 65.00
C GLY E 117 -11.37 -27.39 64.26
N TYR E 118 -12.35 -28.27 64.26
CA TYR E 118 -13.61 -27.91 63.65
C TYR E 118 -14.50 -27.32 64.74
N GLY E 119 -14.94 -26.08 64.51
CA GLY E 119 -15.62 -25.26 65.53
C GLY E 119 -17.12 -25.23 65.42
N LYS E 120 -17.81 -25.28 66.55
CA LYS E 120 -19.29 -25.45 66.60
C LYS E 120 -19.76 -24.48 67.64
N ILE E 121 -20.91 -23.84 67.50
CA ILE E 121 -21.31 -22.85 68.50
C ILE E 121 -22.23 -23.58 69.48
N THR E 122 -21.68 -23.95 70.63
CA THR E 122 -22.39 -24.77 71.58
C THR E 122 -23.19 -23.91 72.51
N GLY E 123 -23.07 -22.58 72.39
CA GLY E 123 -23.77 -21.58 73.23
C GLY E 123 -23.83 -20.12 72.74
N LYS E 124 -24.53 -19.24 73.43
CA LYS E 124 -24.48 -17.83 73.06
C LYS E 124 -23.06 -17.32 73.21
N ASN E 125 -22.30 -17.93 74.13
CA ASN E 125 -20.97 -17.40 74.44
C ASN E 125 -19.95 -18.46 74.47
N GLN E 126 -20.14 -19.47 73.64
CA GLN E 126 -19.29 -20.61 73.68
C GLN E 126 -19.14 -21.39 72.35
N VAL E 127 -17.91 -21.61 71.92
CA VAL E 127 -17.59 -22.34 70.72
C VAL E 127 -16.71 -23.52 71.12
N THR E 128 -16.99 -24.68 70.54
CA THR E 128 -16.17 -25.85 70.79
C THR E 128 -15.48 -26.22 69.47
N ALA E 129 -14.16 -26.04 69.45
CA ALA E 129 -13.29 -26.59 68.43
C ALA E 129 -13.02 -28.07 68.75
N THR E 130 -13.25 -28.94 67.77
CA THR E 130 -13.11 -30.40 67.91
C THR E 130 -11.99 -30.87 67.01
N LYS E 131 -10.95 -31.49 67.55
CA LYS E 131 -9.85 -31.95 66.71
C LYS E 131 -10.10 -33.29 65.98
N ALA E 132 -9.22 -33.66 65.02
CA ALA E 132 -9.51 -34.82 64.15
C ALA E 132 -9.54 -36.11 64.96
N ASP E 133 -8.86 -36.06 66.09
CA ASP E 133 -8.73 -37.19 66.98
C ASP E 133 -9.54 -36.97 68.27
N GLY E 134 -10.77 -36.49 68.14
CA GLY E 134 -11.71 -36.49 69.27
C GLY E 134 -11.58 -35.42 70.36
N GLY E 135 -10.36 -34.96 70.63
CA GLY E 135 -10.14 -33.99 71.71
C GLY E 135 -10.68 -32.60 71.41
N THR E 136 -11.30 -31.95 72.38
CA THR E 136 -11.96 -30.65 72.17
C THR E 136 -11.32 -29.45 72.87
N GLN E 137 -11.51 -28.26 72.29
CA GLN E 137 -11.13 -27.00 72.93
C GLN E 137 -12.38 -26.15 73.12
N VAL E 138 -12.67 -25.71 74.36
CA VAL E 138 -13.81 -24.84 74.59
C VAL E 138 -13.39 -23.38 74.59
N ILE E 139 -14.04 -22.52 73.82
CA ILE E 139 -13.78 -21.09 73.96
C ILE E 139 -14.98 -20.36 74.57
N ASP E 140 -14.82 -19.75 75.74
CA ASP E 140 -15.82 -18.83 76.30
C ASP E 140 -15.65 -17.35 75.77
N THR E 141 -16.61 -16.86 75.00
CA THR E 141 -16.34 -15.65 74.27
C THR E 141 -17.47 -14.60 74.27
N LYS E 142 -17.12 -13.31 74.35
CA LYS E 142 -18.15 -12.27 74.39
C LYS E 142 -18.84 -12.28 73.03
N ASN E 143 -18.07 -12.03 71.98
CA ASN E 143 -18.61 -12.12 70.64
C ASN E 143 -18.13 -13.29 69.78
N ILE E 144 -18.89 -13.58 68.74
CA ILE E 144 -18.55 -14.60 67.79
C ILE E 144 -18.67 -14.02 66.36
N LEU E 145 -17.62 -14.16 65.57
CA LEU E 145 -17.69 -13.70 64.22
C LEU E 145 -17.59 -14.91 63.37
N ILE E 146 -18.63 -15.25 62.61
CA ILE E 146 -18.64 -16.43 61.75
C ILE E 146 -18.13 -16.11 60.38
N ALA E 147 -17.02 -16.71 60.02
CA ALA E 147 -16.32 -16.43 58.78
C ALA E 147 -16.02 -17.74 58.05
N THR E 148 -16.99 -18.67 58.02
CA THR E 148 -16.79 -20.02 57.47
C THR E 148 -16.98 -20.11 55.97
N GLY E 149 -17.10 -18.98 55.31
CA GLY E 149 -16.98 -19.01 53.87
C GLY E 149 -17.85 -19.90 53.00
N SER E 150 -17.22 -20.62 52.08
CA SER E 150 -17.94 -21.30 51.04
C SER E 150 -17.31 -22.60 50.54
N GLU E 151 -18.02 -23.26 49.61
CA GLU E 151 -17.58 -24.52 49.02
C GLU E 151 -18.10 -24.58 47.59
N VAL E 152 -17.53 -25.45 46.76
CA VAL E 152 -18.00 -25.74 45.38
C VAL E 152 -19.41 -26.31 45.33
N THR E 153 -20.24 -25.74 44.47
CA THR E 153 -21.58 -26.27 44.24
C THR E 153 -21.62 -27.52 43.35
N PRO E 154 -21.98 -28.67 43.89
CA PRO E 154 -21.94 -29.89 43.10
C PRO E 154 -23.01 -29.82 41.98
N PHE E 155 -22.70 -30.37 40.83
CA PHE E 155 -23.69 -30.56 39.80
C PHE E 155 -24.37 -31.96 39.99
N PRO E 156 -25.68 -32.03 40.04
CA PRO E 156 -26.32 -33.33 40.30
C PRO E 156 -26.17 -34.28 39.13
N GLY E 157 -25.70 -35.49 39.43
CA GLY E 157 -25.54 -36.50 38.41
C GLY E 157 -24.25 -36.47 37.62
N ILE E 158 -23.25 -35.83 38.21
CA ILE E 158 -21.91 -35.78 37.69
C ILE E 158 -21.11 -35.77 38.99
N THR E 159 -20.33 -36.79 39.27
CA THR E 159 -19.65 -36.80 40.56
C THR E 159 -18.22 -36.29 40.43
N ILE E 160 -17.92 -35.17 41.08
CA ILE E 160 -16.53 -34.68 41.15
C ILE E 160 -15.66 -35.79 41.80
N ASP E 161 -14.59 -36.22 41.15
CA ASP E 161 -13.68 -37.17 41.78
C ASP E 161 -12.28 -36.56 41.95
N GLU E 162 -12.16 -35.31 41.52
CA GLU E 162 -10.95 -34.57 41.63
C GLU E 162 -9.82 -35.33 40.97
N ASP E 163 -10.07 -35.78 39.74
CA ASP E 163 -9.13 -36.59 39.00
C ASP E 163 -9.29 -36.38 37.51
N THR E 164 -10.35 -36.93 36.93
CA THR E 164 -10.67 -36.69 35.51
C THR E 164 -11.85 -35.72 35.43
N ILE E 165 -12.68 -35.76 36.47
CA ILE E 165 -13.74 -34.80 36.66
C ILE E 165 -13.41 -33.96 37.86
N VAL E 166 -13.12 -32.68 37.62
CA VAL E 166 -12.65 -31.87 38.71
C VAL E 166 -13.49 -30.67 39.04
N SER E 167 -13.14 -30.07 40.17
CA SER E 167 -13.72 -28.87 40.70
C SER E 167 -12.64 -27.83 40.46
N SER E 168 -12.87 -26.59 40.87
CA SER E 168 -11.87 -25.59 40.62
C SER E 168 -10.62 -26.14 41.25
N THR E 169 -10.77 -26.88 42.35
CA THR E 169 -9.55 -27.25 43.06
C THR E 169 -8.82 -28.40 42.46
N GLY E 170 -9.53 -29.31 41.81
CA GLY E 170 -8.89 -30.46 41.17
C GLY E 170 -8.18 -29.94 39.94
N ALA E 171 -8.79 -28.93 39.30
CA ALA E 171 -8.27 -28.22 38.11
C ALA E 171 -7.02 -27.39 38.36
N LEU E 172 -6.71 -27.02 39.57
CA LEU E 172 -5.51 -26.25 39.78
C LEU E 172 -4.26 -27.11 39.94
N SER E 173 -4.46 -28.41 39.90
CA SER E 173 -3.42 -29.38 40.22
C SER E 173 -3.38 -30.57 39.25
N LEU E 174 -3.93 -30.43 38.04
CA LEU E 174 -3.88 -31.51 37.07
C LEU E 174 -2.41 -31.99 36.94
N LYS E 175 -2.23 -33.24 36.56
CA LYS E 175 -0.85 -33.73 36.40
C LYS E 175 -0.28 -33.49 35.01
N LYS E 176 -1.12 -33.27 34.02
CA LYS E 176 -0.63 -33.09 32.66
C LYS E 176 -1.67 -32.33 31.89
N VAL E 177 -1.26 -31.51 30.95
CA VAL E 177 -2.28 -30.72 30.30
C VAL E 177 -3.15 -31.69 29.52
N PRO E 178 -4.48 -31.58 29.67
CA PRO E 178 -5.41 -32.47 28.97
C PRO E 178 -5.45 -32.10 27.49
N GLU E 179 -5.62 -33.09 26.62
CA GLU E 179 -5.66 -32.83 25.19
C GLU E 179 -6.91 -32.04 24.76
N LYS E 180 -8.05 -32.42 25.37
CA LYS E 180 -9.34 -31.80 25.13
C LYS E 180 -9.94 -31.62 26.47
N MET E 181 -10.55 -30.48 26.75
CA MET E 181 -11.22 -30.18 28.04
C MET E 181 -12.53 -29.40 27.87
N VAL E 182 -13.59 -29.81 28.56
CA VAL E 182 -14.79 -28.97 28.58
C VAL E 182 -15.04 -28.40 29.97
N VAL E 183 -15.60 -27.20 30.03
CA VAL E 183 -15.86 -26.59 31.30
C VAL E 183 -17.33 -26.28 31.42
N ILE E 184 -17.97 -26.75 32.47
CA ILE E 184 -19.36 -26.37 32.67
C ILE E 184 -19.45 -24.99 33.37
N GLY E 185 -19.90 -23.97 32.63
CA GLY E 185 -20.02 -22.63 33.21
C GLY E 185 -19.04 -21.61 32.70
N ALA E 186 -19.47 -20.58 32.02
CA ALA E 186 -18.48 -19.57 31.53
C ALA E 186 -18.37 -18.42 32.45
N GLY E 187 -18.47 -18.68 33.77
CA GLY E 187 -18.35 -17.66 34.79
C GLY E 187 -16.88 -17.34 35.04
N VAL E 188 -16.63 -16.50 36.04
CA VAL E 188 -15.29 -15.98 36.20
C VAL E 188 -14.39 -17.13 36.37
N ILE E 189 -14.68 -18.04 37.31
CA ILE E 189 -13.72 -19.13 37.59
C ILE E 189 -13.61 -20.03 36.38
N GLY E 190 -14.72 -20.24 35.70
CA GLY E 190 -14.73 -21.03 34.47
C GLY E 190 -13.70 -20.61 33.44
N VAL E 191 -13.67 -19.33 33.06
CA VAL E 191 -12.81 -18.93 31.95
C VAL E 191 -11.40 -18.64 32.39
N GLU E 192 -11.13 -18.60 33.69
CA GLU E 192 -9.75 -18.43 34.12
C GLU E 192 -9.12 -19.81 34.07
N LEU E 193 -9.65 -20.78 34.85
CA LEU E 193 -9.14 -22.14 34.83
C LEU E 193 -9.16 -22.74 33.39
N GLY E 194 -10.20 -22.49 32.62
CA GLY E 194 -10.12 -22.82 31.21
C GLY E 194 -9.06 -22.00 30.45
N SER E 195 -8.89 -20.72 30.73
CA SER E 195 -7.83 -20.00 30.00
C SER E 195 -6.37 -20.48 30.21
N VAL E 196 -6.15 -21.09 31.38
CA VAL E 196 -4.85 -21.52 31.78
C VAL E 196 -4.53 -22.72 30.94
N TRP E 197 -5.40 -23.71 30.93
CA TRP E 197 -5.02 -24.94 30.28
C TRP E 197 -5.11 -24.69 28.80
N GLN E 198 -5.94 -23.74 28.45
CA GLN E 198 -5.99 -23.42 27.03
C GLN E 198 -4.61 -22.97 26.58
N ARG E 199 -3.99 -22.09 27.34
CA ARG E 199 -2.68 -21.52 27.04
C ARG E 199 -1.54 -22.53 27.08
N LEU E 200 -1.77 -23.64 27.74
CA LEU E 200 -0.74 -24.60 27.90
C LEU E 200 -0.97 -25.71 26.93
N GLY E 201 -1.83 -25.50 25.96
CA GLY E 201 -2.04 -26.57 25.00
C GLY E 201 -3.48 -27.03 24.82
N ALA E 202 -4.09 -27.54 25.87
CA ALA E 202 -5.45 -28.01 25.85
C ALA E 202 -6.35 -27.33 24.83
N ASP E 203 -7.19 -28.16 24.21
CA ASP E 203 -8.29 -27.76 23.34
C ASP E 203 -9.47 -27.50 24.27
N VAL E 204 -9.91 -26.24 24.43
CA VAL E 204 -10.88 -26.05 25.52
C VAL E 204 -12.22 -25.59 25.07
N THR E 205 -13.27 -26.08 25.75
CA THR E 205 -14.63 -25.63 25.46
C THR E 205 -15.44 -25.35 26.71
N ALA E 206 -16.06 -24.15 26.84
CA ALA E 206 -16.95 -23.80 27.98
C ALA E 206 -18.43 -23.86 27.61
N VAL E 207 -19.21 -24.47 28.49
CA VAL E 207 -20.64 -24.69 28.26
C VAL E 207 -21.50 -23.90 29.26
N GLU E 208 -22.09 -22.81 28.82
CA GLU E 208 -22.89 -21.94 29.66
C GLU E 208 -24.38 -22.02 29.34
N PHE E 209 -25.16 -22.17 30.39
CA PHE E 209 -26.58 -22.05 30.29
C PHE E 209 -27.07 -20.68 29.83
N LEU E 210 -26.60 -19.60 30.42
CA LEU E 210 -26.93 -18.25 30.00
C LEU E 210 -26.38 -17.83 28.64
N GLY E 211 -26.61 -16.58 28.28
CA GLY E 211 -26.23 -16.07 26.97
C GLY E 211 -24.94 -15.26 26.94
N HIS E 212 -24.15 -15.35 28.01
CA HIS E 212 -22.90 -14.60 28.01
C HIS E 212 -21.85 -15.18 28.94
N VAL E 213 -20.63 -14.80 28.67
CA VAL E 213 -19.48 -15.23 29.39
C VAL E 213 -19.25 -14.17 30.42
N GLY E 214 -18.79 -14.59 31.59
CA GLY E 214 -18.29 -13.69 32.60
C GLY E 214 -19.03 -13.55 33.91
N GLY E 215 -20.20 -14.14 34.02
CA GLY E 215 -20.94 -14.07 35.29
C GLY E 215 -21.76 -12.82 35.64
N VAL E 216 -22.54 -12.88 36.73
CA VAL E 216 -23.48 -11.77 36.96
C VAL E 216 -22.80 -10.43 37.06
N GLY E 217 -23.45 -9.41 36.48
CA GLY E 217 -23.13 -8.00 36.68
C GLY E 217 -22.18 -7.38 35.65
N ILE E 218 -21.71 -8.20 34.73
CA ILE E 218 -20.76 -7.74 33.75
C ILE E 218 -21.50 -6.85 32.75
N ASP E 219 -20.79 -5.92 32.15
CA ASP E 219 -21.46 -5.20 31.13
C ASP E 219 -21.64 -6.07 29.88
N MET E 220 -22.80 -6.06 29.24
CA MET E 220 -23.01 -6.97 28.10
C MET E 220 -22.03 -6.74 27.01
N GLU E 221 -21.86 -5.49 26.63
CA GLU E 221 -21.06 -5.21 25.46
C GLU E 221 -19.64 -5.60 25.73
N ILE E 222 -19.13 -5.25 26.91
CA ILE E 222 -17.80 -5.72 27.16
C ILE E 222 -17.77 -7.24 27.34
N SER E 223 -18.79 -7.89 27.87
CA SER E 223 -18.74 -9.36 27.95
C SER E 223 -18.62 -9.98 26.55
N LYS E 224 -19.44 -9.47 25.64
CA LYS E 224 -19.29 -9.86 24.24
C LYS E 224 -17.88 -9.58 23.68
N ASN E 225 -17.29 -8.40 23.85
CA ASN E 225 -15.98 -8.22 23.23
C ASN E 225 -14.91 -9.12 23.76
N PHE E 226 -14.99 -9.32 25.07
CA PHE E 226 -14.24 -10.29 25.82
C PHE E 226 -14.33 -11.69 25.18
N GLN E 227 -15.54 -12.18 24.93
CA GLN E 227 -15.73 -13.52 24.40
C GLN E 227 -15.13 -13.61 23.04
N ARG E 228 -15.18 -12.49 22.31
CA ARG E 228 -14.60 -12.50 21.01
C ARG E 228 -13.07 -12.64 21.13
N ILE E 229 -12.45 -12.02 22.12
CA ILE E 229 -11.01 -12.13 22.12
C ILE E 229 -10.70 -13.63 22.48
N LEU E 230 -11.38 -14.14 23.50
CA LEU E 230 -11.11 -15.48 23.97
C LEU E 230 -11.31 -16.54 22.88
N GLN E 231 -12.26 -16.28 21.99
CA GLN E 231 -12.53 -17.18 20.89
C GLN E 231 -11.39 -17.19 19.93
N LYS E 232 -10.77 -16.03 19.72
CA LYS E 232 -9.67 -15.93 18.82
C LYS E 232 -8.39 -16.42 19.44
N GLN E 233 -8.38 -16.72 20.74
CA GLN E 233 -7.24 -17.39 21.38
C GLN E 233 -7.47 -18.90 21.41
N GLY E 234 -8.58 -19.37 20.85
CA GLY E 234 -8.76 -20.80 20.72
C GLY E 234 -9.84 -21.34 21.63
N PHE E 235 -10.24 -20.48 22.57
CA PHE E 235 -11.27 -20.79 23.54
C PHE E 235 -12.61 -20.98 22.82
N LYS E 236 -13.30 -22.08 23.04
CA LYS E 236 -14.55 -22.33 22.32
C LYS E 236 -15.73 -22.12 23.24
N PHE E 237 -16.81 -21.53 22.74
CA PHE E 237 -17.99 -21.38 23.63
C PHE E 237 -19.30 -21.96 23.11
N LYS E 238 -20.03 -22.62 23.99
CA LYS E 238 -21.36 -23.07 23.69
C LYS E 238 -22.26 -22.28 24.60
N LEU E 239 -22.76 -21.13 24.21
CA LEU E 239 -23.67 -20.41 25.14
C LEU E 239 -25.06 -20.97 25.08
N ASN E 240 -25.93 -20.54 25.99
CA ASN E 240 -27.34 -20.95 26.04
C ASN E 240 -27.47 -22.45 25.86
N THR E 241 -26.59 -23.20 26.49
CA THR E 241 -26.65 -24.61 26.32
C THR E 241 -26.78 -25.13 27.69
N LYS E 242 -27.16 -26.39 27.81
CA LYS E 242 -27.42 -26.97 29.10
C LYS E 242 -26.76 -28.34 29.12
N VAL E 243 -26.14 -28.72 30.23
CA VAL E 243 -25.62 -30.11 30.26
C VAL E 243 -26.63 -31.04 30.86
N THR E 244 -27.01 -32.01 30.07
CA THR E 244 -27.90 -33.05 30.49
C THR E 244 -27.19 -34.08 31.34
N GLY E 245 -25.96 -34.42 31.00
CA GLY E 245 -25.25 -35.40 31.81
C GLY E 245 -23.92 -35.94 31.30
N ALA E 246 -23.00 -36.21 32.21
CA ALA E 246 -21.74 -36.71 31.76
C ALA E 246 -21.60 -38.12 32.27
N THR E 247 -20.82 -38.91 31.54
CA THR E 247 -20.38 -40.21 32.04
C THR E 247 -18.98 -40.49 31.56
N LYS E 248 -18.27 -41.28 32.33
CA LYS E 248 -16.88 -41.55 32.07
C LYS E 248 -16.72 -42.91 31.36
N LYS E 249 -16.20 -42.85 30.14
CA LYS E 249 -16.05 -43.99 29.26
C LYS E 249 -14.88 -44.96 29.55
N SER E 250 -14.92 -46.16 29.00
CA SER E 250 -13.98 -47.18 29.41
C SER E 250 -12.54 -46.78 29.09
N ASP E 251 -12.27 -46.07 28.00
CA ASP E 251 -10.96 -45.45 27.84
C ASP E 251 -10.99 -44.20 28.68
N GLY E 252 -9.88 -43.51 28.86
CA GLY E 252 -9.98 -42.43 29.84
C GLY E 252 -10.97 -41.31 29.54
N LYS E 253 -11.46 -41.27 28.29
CA LYS E 253 -12.18 -40.13 27.75
C LYS E 253 -13.55 -39.99 28.46
N ILE E 254 -14.08 -38.78 28.55
CA ILE E 254 -15.41 -38.57 29.12
C ILE E 254 -16.34 -37.90 28.13
N ASP E 255 -17.54 -38.39 28.05
CA ASP E 255 -18.53 -37.84 27.12
C ASP E 255 -19.59 -37.07 27.95
N VAL E 256 -19.80 -35.79 27.68
CA VAL E 256 -20.90 -35.00 28.30
C VAL E 256 -22.03 -34.75 27.31
N SER E 257 -23.29 -34.81 27.78
CA SER E 257 -24.45 -34.63 26.88
C SER E 257 -25.01 -33.28 27.06
N ILE E 258 -24.99 -32.48 26.01
CA ILE E 258 -25.47 -31.11 26.10
C ILE E 258 -26.77 -30.95 25.33
N GLU E 259 -27.41 -29.81 25.44
CA GLU E 259 -28.67 -29.58 24.76
C GLU E 259 -28.93 -28.09 24.79
N ALA E 260 -29.61 -27.59 23.76
CA ALA E 260 -29.92 -26.18 23.73
C ALA E 260 -30.73 -25.84 24.94
N ALA E 261 -30.37 -24.77 25.65
CA ALA E 261 -31.01 -24.43 26.93
C ALA E 261 -32.54 -24.43 26.92
N SER E 262 -33.13 -23.89 25.86
CA SER E 262 -34.59 -23.90 25.72
C SER E 262 -35.03 -25.19 25.03
N GLY E 263 -35.23 -25.09 23.72
CA GLY E 263 -35.36 -26.25 22.82
C GLY E 263 -34.61 -27.56 23.12
N GLY E 264 -34.01 -28.13 22.07
CA GLY E 264 -33.43 -29.46 22.22
C GLY E 264 -32.55 -29.94 21.09
N LYS E 265 -31.53 -29.17 20.70
CA LYS E 265 -30.55 -29.68 19.75
C LYS E 265 -29.61 -30.54 20.58
N ALA E 266 -29.96 -31.81 20.81
CA ALA E 266 -29.09 -32.74 21.55
C ALA E 266 -27.76 -32.87 20.82
N GLU E 267 -26.70 -33.28 21.50
CA GLU E 267 -25.37 -33.37 20.91
C GLU E 267 -24.48 -33.95 22.02
N VAL E 268 -23.35 -34.56 21.65
CA VAL E 268 -22.43 -35.00 22.70
C VAL E 268 -21.03 -34.40 22.51
N ILE E 269 -20.43 -33.92 23.61
CA ILE E 269 -19.08 -33.40 23.62
C ILE E 269 -18.23 -34.37 24.37
N THR E 270 -17.12 -34.77 23.78
CA THR E 270 -16.22 -35.69 24.47
C THR E 270 -14.84 -35.06 24.81
N CYS E 271 -14.24 -35.47 25.91
CA CYS E 271 -13.04 -34.76 26.41
C CYS E 271 -12.30 -35.59 27.44
N ASP E 272 -11.14 -35.09 27.89
CA ASP E 272 -10.26 -35.84 28.78
C ASP E 272 -10.46 -35.41 30.21
N VAL E 273 -10.70 -34.11 30.38
CA VAL E 273 -11.03 -33.51 31.67
C VAL E 273 -12.30 -32.70 31.63
N LEU E 274 -13.01 -32.74 32.74
CA LEU E 274 -14.30 -32.09 32.83
C LEU E 274 -14.28 -31.21 34.06
N LEU E 275 -14.22 -29.91 33.84
CA LEU E 275 -14.28 -29.01 34.98
C LEU E 275 -15.71 -28.60 35.33
N VAL E 276 -16.04 -28.83 36.59
CA VAL E 276 -17.32 -28.30 37.04
C VAL E 276 -17.28 -26.92 37.70
N CYS E 277 -17.91 -25.93 37.10
CA CYS E 277 -17.88 -24.60 37.67
C CYS E 277 -19.23 -24.00 37.87
N ILE E 278 -20.19 -24.82 38.16
CA ILE E 278 -21.56 -24.40 38.41
C ILE E 278 -21.70 -23.15 39.30
N GLY E 279 -20.83 -22.97 40.31
CA GLY E 279 -20.94 -21.87 41.22
C GLY E 279 -20.45 -22.34 42.56
N ARG E 280 -20.71 -21.52 43.59
CA ARG E 280 -20.25 -21.78 44.97
C ARG E 280 -21.24 -21.34 46.10
N ARG E 281 -21.78 -22.32 46.81
CA ARG E 281 -22.62 -22.04 47.95
C ARG E 281 -21.84 -21.80 49.23
N PRO E 282 -22.42 -21.00 50.10
CA PRO E 282 -21.98 -20.74 51.47
C PRO E 282 -21.86 -21.98 52.30
N PHE E 283 -20.77 -22.04 53.06
CA PHE E 283 -20.48 -23.18 53.93
C PHE E 283 -20.82 -22.83 55.35
N THR E 284 -21.69 -23.63 55.97
CA THR E 284 -22.07 -23.42 57.36
C THR E 284 -22.28 -24.68 58.11
N LYS E 285 -21.94 -25.80 57.52
CA LYS E 285 -22.25 -27.12 58.10
C LYS E 285 -21.71 -27.41 59.53
N ASN E 286 -22.56 -27.99 60.36
CA ASN E 286 -22.21 -28.39 61.73
C ASN E 286 -21.63 -27.30 62.59
N LEU E 287 -22.14 -26.11 62.39
CA LEU E 287 -21.70 -24.90 63.07
C LEU E 287 -22.69 -24.63 64.21
N GLY E 288 -23.85 -25.26 64.12
CA GLY E 288 -24.80 -25.22 65.20
C GLY E 288 -25.87 -24.17 65.01
N LEU E 289 -26.07 -23.67 63.80
CA LEU E 289 -27.00 -22.57 63.69
C LEU E 289 -28.46 -22.97 63.92
N GLU E 290 -28.76 -24.22 63.64
CA GLU E 290 -30.15 -24.63 63.55
C GLU E 290 -30.59 -24.50 65.00
N GLU E 291 -29.79 -25.12 65.88
CA GLU E 291 -30.01 -25.19 67.32
C GLU E 291 -29.90 -23.86 68.09
N LEU E 292 -29.28 -22.85 67.50
CA LEU E 292 -29.32 -21.52 68.10
C LEU E 292 -30.57 -20.84 67.59
N GLY E 293 -30.95 -21.13 66.35
CA GLY E 293 -32.21 -20.64 65.88
C GLY E 293 -31.83 -19.52 64.96
N ILE E 294 -30.74 -19.72 64.24
CA ILE E 294 -30.44 -18.81 63.15
C ILE E 294 -30.88 -19.49 61.85
N GLU E 295 -31.86 -18.94 61.16
CA GLU E 295 -32.30 -19.57 59.95
C GLU E 295 -31.51 -19.00 58.78
N LEU E 296 -31.30 -19.81 57.73
CA LEU E 296 -30.54 -19.40 56.55
C LEU E 296 -31.43 -18.80 55.47
N ASP E 297 -30.92 -17.87 54.65
CA ASP E 297 -31.80 -17.33 53.64
C ASP E 297 -31.94 -18.44 52.62
N PRO E 298 -32.82 -18.30 51.63
CA PRO E 298 -33.01 -19.37 50.67
C PRO E 298 -31.79 -19.73 49.85
N ARG E 299 -30.67 -19.02 49.90
CA ARG E 299 -29.49 -19.46 49.17
C ARG E 299 -28.41 -20.12 49.99
N GLY E 300 -28.67 -20.31 51.30
CA GLY E 300 -27.72 -20.87 52.26
C GLY E 300 -26.92 -19.78 53.01
N ARG E 301 -27.27 -18.51 52.84
CA ARG E 301 -26.46 -17.46 53.41
C ARG E 301 -27.01 -17.10 54.73
N ILE E 302 -26.16 -16.80 55.71
CA ILE E 302 -26.61 -16.39 57.02
C ILE E 302 -27.12 -14.96 56.88
N PRO E 303 -28.39 -14.73 57.22
CA PRO E 303 -28.95 -13.38 57.17
C PRO E 303 -28.42 -12.51 58.33
N VAL E 304 -27.75 -11.39 58.02
CA VAL E 304 -27.08 -10.54 59.01
C VAL E 304 -27.64 -9.18 58.82
N ASN E 305 -27.52 -8.34 59.84
CA ASN E 305 -28.16 -7.04 59.81
C ASN E 305 -27.20 -5.96 59.33
N THR E 306 -27.44 -4.69 59.67
CA THR E 306 -26.52 -3.63 59.21
C THR E 306 -25.13 -3.70 59.76
N ARG E 307 -24.99 -4.09 61.03
CA ARG E 307 -23.69 -4.19 61.66
C ARG E 307 -23.12 -5.58 61.60
N PHE E 308 -23.57 -6.33 60.62
CA PHE E 308 -23.14 -7.68 60.40
C PHE E 308 -23.46 -8.64 61.54
N GLN E 309 -24.55 -8.41 62.26
CA GLN E 309 -24.92 -9.31 63.32
C GLN E 309 -26.19 -10.14 63.04
N THR E 310 -26.09 -11.41 63.40
CA THR E 310 -27.23 -12.34 63.28
C THR E 310 -28.43 -11.99 64.15
N LYS E 311 -29.40 -12.90 64.14
CA LYS E 311 -30.60 -12.76 64.94
C LYS E 311 -30.21 -12.82 66.43
N ILE E 312 -29.14 -13.53 66.73
CA ILE E 312 -28.60 -13.49 68.07
C ILE E 312 -27.52 -12.38 68.15
N PRO E 313 -27.82 -11.35 68.93
CA PRO E 313 -27.10 -10.06 68.90
C PRO E 313 -25.56 -10.01 68.96
N ASN E 314 -24.86 -10.96 69.58
CA ASN E 314 -23.38 -10.95 69.71
C ASN E 314 -22.75 -12.04 68.81
N ILE E 315 -23.58 -12.69 68.02
CA ILE E 315 -23.12 -13.48 66.91
C ILE E 315 -23.17 -12.73 65.51
N TYR E 316 -21.99 -12.62 64.93
CA TYR E 316 -21.79 -12.00 63.64
C TYR E 316 -21.35 -12.90 62.46
N ALA E 317 -21.51 -12.41 61.25
CA ALA E 317 -21.18 -13.15 60.07
C ALA E 317 -20.66 -12.23 58.98
N ILE E 318 -19.64 -12.71 58.24
CA ILE E 318 -19.02 -11.94 57.18
C ILE E 318 -18.53 -12.81 56.03
N GLY E 319 -18.17 -12.18 54.93
CA GLY E 319 -17.62 -12.92 53.80
C GLY E 319 -18.58 -13.83 53.03
N ASP E 320 -18.04 -14.85 52.36
CA ASP E 320 -18.78 -15.68 51.44
C ASP E 320 -20.05 -16.23 52.00
N VAL E 321 -20.12 -16.36 53.32
CA VAL E 321 -21.27 -16.98 54.03
C VAL E 321 -22.43 -15.99 54.19
N VAL E 322 -22.31 -14.82 53.57
CA VAL E 322 -23.22 -13.73 53.80
C VAL E 322 -23.46 -12.92 52.52
N ALA E 323 -24.63 -12.33 52.41
CA ALA E 323 -24.98 -11.50 51.25
C ALA E 323 -23.92 -10.54 50.66
N GLY E 324 -23.91 -10.43 49.34
CA GLY E 324 -22.91 -9.64 48.64
C GLY E 324 -22.10 -10.52 47.67
N PRO E 325 -21.36 -9.85 46.78
CA PRO E 325 -20.44 -10.47 45.84
C PRO E 325 -19.57 -11.48 46.57
N MET E 326 -19.23 -12.63 46.00
CA MET E 326 -18.36 -13.54 46.74
C MET E 326 -16.92 -13.33 46.27
N LEU E 327 -16.31 -12.30 46.84
CA LEU E 327 -14.95 -11.91 46.51
C LEU E 327 -14.03 -11.66 47.76
N ALA E 328 -12.80 -12.11 47.71
CA ALA E 328 -11.92 -11.96 48.84
C ALA E 328 -11.84 -10.57 49.40
N HIS E 329 -11.67 -9.57 48.59
CA HIS E 329 -11.56 -8.23 49.18
C HIS E 329 -12.85 -7.74 49.83
N LYS E 330 -13.97 -8.34 49.43
CA LYS E 330 -15.26 -8.03 50.05
C LYS E 330 -15.30 -8.67 51.46
N ALA E 331 -14.76 -9.87 51.60
CA ALA E 331 -14.79 -10.53 52.88
C ALA E 331 -13.85 -9.79 53.80
N GLU E 332 -12.77 -9.22 53.27
CA GLU E 332 -11.82 -8.56 54.17
C GLU E 332 -12.41 -7.30 54.73
N ASP E 333 -12.98 -6.47 53.88
CA ASP E 333 -13.59 -5.21 54.35
C ASP E 333 -14.76 -5.43 55.29
N GLU E 334 -15.58 -6.45 55.03
CA GLU E 334 -16.64 -6.77 55.97
C GLU E 334 -15.98 -7.16 57.27
N GLY E 335 -15.06 -8.09 57.22
CA GLY E 335 -14.34 -8.49 58.43
C GLY E 335 -13.75 -7.33 59.22
N ILE E 336 -13.14 -6.36 58.53
CA ILE E 336 -12.51 -5.20 59.20
C ILE E 336 -13.57 -4.23 59.74
N ILE E 337 -14.62 -3.95 58.98
CA ILE E 337 -15.60 -3.01 59.52
C ILE E 337 -16.49 -3.70 60.50
N CYS E 338 -16.61 -5.00 60.42
CA CYS E 338 -17.46 -5.65 61.40
C CYS E 338 -16.91 -5.51 62.84
N VAL E 339 -15.60 -5.76 63.02
CA VAL E 339 -15.02 -5.76 64.36
C VAL E 339 -14.78 -4.36 64.75
N GLU E 340 -14.57 -3.49 63.75
CA GLU E 340 -14.37 -2.08 63.98
C GLU E 340 -15.63 -1.63 64.71
N GLY E 341 -16.74 -2.26 64.37
CA GLY E 341 -18.06 -1.91 64.89
C GLY E 341 -18.32 -2.54 66.23
N MET E 342 -18.00 -3.82 66.39
CA MET E 342 -18.01 -4.37 67.76
C MET E 342 -17.36 -3.34 68.73
N ALA E 343 -16.38 -2.60 68.22
CA ALA E 343 -15.58 -1.69 69.02
C ALA E 343 -16.22 -0.31 69.12
N GLY E 344 -17.36 -0.12 68.48
CA GLY E 344 -18.08 1.13 68.66
C GLY E 344 -17.98 2.02 67.46
N GLY E 345 -17.48 1.48 66.35
CA GLY E 345 -17.27 2.35 65.21
C GLY E 345 -18.49 2.37 64.33
N ALA E 346 -18.31 2.96 63.15
CA ALA E 346 -19.34 2.99 62.11
C ALA E 346 -19.31 1.73 61.28
N VAL E 347 -20.45 1.34 60.72
CA VAL E 347 -20.38 0.32 59.70
C VAL E 347 -21.06 0.71 58.39
N HIS E 348 -20.53 1.70 57.67
CA HIS E 348 -20.96 1.93 56.29
C HIS E 348 -20.06 1.15 55.32
N ILE E 349 -20.64 0.38 54.41
CA ILE E 349 -19.84 -0.19 53.34
C ILE E 349 -20.63 -0.05 52.04
N ASP E 350 -20.02 0.51 51.01
CA ASP E 350 -20.83 0.74 49.81
C ASP E 350 -20.61 -0.35 48.73
N TYR E 351 -21.60 -1.23 48.54
CA TYR E 351 -21.37 -2.43 47.73
C TYR E 351 -21.37 -2.11 46.26
N ASN E 352 -21.84 -0.93 45.97
CA ASN E 352 -21.75 -0.44 44.63
C ASN E 352 -20.31 -0.09 44.28
N CYS E 353 -19.48 0.12 45.27
CA CYS E 353 -18.14 0.57 45.01
C CYS E 353 -17.15 -0.53 45.02
N VAL E 354 -17.60 -1.75 44.82
CA VAL E 354 -16.74 -2.91 44.88
C VAL E 354 -16.35 -3.42 43.46
N PRO E 355 -15.06 -3.56 43.20
CA PRO E 355 -14.56 -4.04 41.93
C PRO E 355 -14.79 -5.53 41.72
N SER E 356 -14.80 -5.93 40.46
CA SER E 356 -14.76 -7.32 40.10
C SER E 356 -13.66 -7.30 39.10
N VAL E 357 -12.83 -8.33 39.07
CA VAL E 357 -11.75 -8.44 38.07
C VAL E 357 -11.61 -9.88 37.56
N ILE E 358 -11.66 -10.08 36.24
CA ILE E 358 -11.27 -11.38 35.66
C ILE E 358 -9.80 -11.33 35.31
N TYR E 359 -9.00 -12.26 35.80
CA TYR E 359 -7.56 -12.19 35.60
C TYR E 359 -7.00 -12.84 34.29
N THR E 360 -7.82 -13.01 33.27
CA THR E 360 -7.38 -13.67 32.07
C THR E 360 -6.54 -12.64 31.41
N HIS E 361 -6.13 -12.88 30.19
CA HIS E 361 -5.38 -11.89 29.42
C HIS E 361 -5.90 -11.91 28.02
N PRO E 362 -6.67 -10.87 27.61
CA PRO E 362 -6.76 -9.57 28.32
C PRO E 362 -7.52 -9.66 29.63
N GLU E 363 -7.33 -8.71 30.54
CA GLU E 363 -8.12 -8.76 31.78
C GLU E 363 -9.46 -8.09 31.64
N VAL E 364 -10.27 -8.20 32.67
CA VAL E 364 -11.57 -7.56 32.63
C VAL E 364 -11.72 -7.10 34.03
N ALA E 365 -12.08 -5.86 34.27
CA ALA E 365 -12.42 -5.39 35.61
C ALA E 365 -13.52 -4.32 35.48
N TRP E 366 -14.42 -4.20 36.45
CA TRP E 366 -15.43 -3.18 36.35
C TRP E 366 -15.93 -2.85 37.73
N VAL E 367 -16.62 -1.74 37.89
CA VAL E 367 -17.08 -1.29 39.22
C VAL E 367 -18.23 -0.36 39.01
N GLY E 368 -19.13 -0.26 39.99
CA GLY E 368 -20.40 0.41 39.73
C GLY E 368 -21.39 -0.28 38.81
N LYS E 369 -22.23 0.48 38.11
CA LYS E 369 -23.34 -0.16 37.38
C LYS E 369 -23.02 -0.44 35.91
N SER E 370 -23.70 -1.43 35.32
CA SER E 370 -23.60 -1.65 33.88
C SER E 370 -24.75 -1.01 33.12
N GLU E 371 -24.56 -0.84 31.80
CA GLU E 371 -25.65 -0.37 30.92
C GLU E 371 -27.01 -1.10 31.14
N GLU E 372 -27.02 -2.40 31.37
CA GLU E 372 -28.27 -3.10 31.60
C GLU E 372 -28.90 -2.75 32.95
N GLN E 373 -28.05 -2.53 33.94
CA GLN E 373 -28.64 -2.15 35.21
C GLN E 373 -29.14 -0.72 35.05
N LEU E 374 -28.33 0.15 34.44
CA LEU E 374 -28.70 1.54 34.41
C LEU E 374 -29.97 1.61 33.64
N LYS E 375 -30.17 0.64 32.79
CA LYS E 375 -31.32 0.73 31.96
C LYS E 375 -32.57 0.24 32.63
N GLU E 376 -32.49 -0.72 33.55
CA GLU E 376 -33.70 -1.23 34.20
C GLU E 376 -34.04 -0.27 35.29
N GLU E 377 -33.07 0.56 35.64
CA GLU E 377 -33.27 1.50 36.73
C GLU E 377 -34.02 2.73 36.27
N GLY E 378 -34.07 2.96 34.97
CA GLY E 378 -34.64 4.19 34.46
C GLY E 378 -33.65 5.34 34.51
N ILE E 379 -32.36 5.03 34.47
CA ILE E 379 -31.38 6.10 34.47
C ILE E 379 -30.87 6.60 33.09
N GLU E 380 -31.02 7.89 32.88
CA GLU E 380 -30.53 8.53 31.67
C GLU E 380 -29.02 8.69 31.77
N TYR E 381 -28.24 8.03 30.92
CA TYR E 381 -26.79 8.18 30.97
C TYR E 381 -26.16 8.37 29.61
N LYS E 382 -24.94 8.91 29.61
CA LYS E 382 -24.14 9.05 28.39
C LYS E 382 -22.96 8.11 28.53
N VAL E 383 -22.31 7.76 27.41
CA VAL E 383 -21.20 6.83 27.49
C VAL E 383 -19.94 7.29 26.73
N GLY E 384 -18.77 7.25 27.38
CA GLY E 384 -17.52 7.43 26.66
C GLY E 384 -16.66 6.13 26.59
N LYS E 385 -16.12 5.81 25.41
CA LYS E 385 -15.26 4.64 25.19
C LYS E 385 -13.90 5.05 24.65
N PHE E 386 -12.90 4.23 24.96
CA PHE E 386 -11.56 4.43 24.41
C PHE E 386 -10.94 3.10 24.17
N PRO E 387 -10.49 2.83 22.95
CA PRO E 387 -9.95 1.50 22.63
C PRO E 387 -8.50 1.45 23.02
N PHE E 388 -8.04 0.40 23.70
CA PHE E 388 -6.60 0.29 23.90
C PHE E 388 -5.73 0.50 22.67
N ALA E 389 -6.21 0.09 21.48
CA ALA E 389 -5.50 0.30 20.22
C ALA E 389 -5.02 1.69 20.02
N ALA E 390 -5.56 2.66 20.76
CA ALA E 390 -5.13 4.04 20.58
C ALA E 390 -4.38 4.63 21.80
N ASN E 391 -3.98 3.77 22.74
CA ASN E 391 -3.31 4.12 23.99
C ASN E 391 -1.84 3.91 23.80
N SER E 392 -1.03 4.93 24.10
CA SER E 392 0.35 4.82 23.71
C SER E 392 1.09 3.63 24.31
N ARG E 393 0.88 3.32 25.58
CA ARG E 393 1.66 2.28 26.22
C ARG E 393 1.19 0.96 25.72
N ALA E 394 -0.09 0.84 25.49
CA ALA E 394 -0.61 -0.41 24.99
C ALA E 394 0.03 -0.71 23.67
N LYS E 395 0.15 0.32 22.85
CA LYS E 395 0.60 0.24 21.46
C LYS E 395 2.07 -0.11 21.34
N THR E 396 2.86 0.49 22.20
CA THR E 396 4.26 0.18 22.34
C THR E 396 4.47 -1.23 22.80
N ASN E 397 3.65 -1.68 23.74
CA ASN E 397 3.86 -3.00 24.31
C ASN E 397 3.38 -4.06 23.37
N ALA E 398 2.64 -3.64 22.36
CA ALA E 398 2.04 -4.58 21.42
C ALA E 398 1.07 -5.42 22.16
N ASP E 399 0.20 -4.75 22.91
CA ASP E 399 -0.86 -5.45 23.63
C ASP E 399 -1.97 -4.44 23.51
N THR E 400 -2.91 -4.68 22.59
CA THR E 400 -3.78 -3.58 22.16
C THR E 400 -5.27 -3.96 22.07
N ASP E 401 -5.63 -5.11 22.64
CA ASP E 401 -7.03 -5.49 22.74
C ASP E 401 -7.82 -4.63 23.72
N GLY E 402 -9.10 -4.43 23.42
CA GLY E 402 -10.04 -3.90 24.39
C GLY E 402 -10.24 -2.40 24.49
N MET E 403 -10.93 -2.04 25.55
CA MET E 403 -11.29 -0.64 25.72
C MET E 403 -11.68 -0.40 27.13
N VAL E 404 -11.87 0.86 27.45
CA VAL E 404 -12.31 1.28 28.76
C VAL E 404 -13.65 1.84 28.45
N LYS E 405 -14.61 1.73 29.34
CA LYS E 405 -15.95 2.28 29.03
C LYS E 405 -16.49 2.91 30.28
N ILE E 406 -16.98 4.11 30.18
CA ILE E 406 -17.48 4.86 31.31
C ILE E 406 -18.97 5.25 31.13
N LEU E 407 -19.76 5.18 32.18
CA LEU E 407 -21.16 5.60 32.11
C LEU E 407 -21.22 6.78 33.05
N GLY E 408 -21.81 7.87 32.53
CA GLY E 408 -21.92 9.11 33.25
C GLY E 408 -23.39 9.40 33.30
N GLN E 409 -23.88 9.82 34.47
CA GLN E 409 -25.24 10.32 34.45
C GLN E 409 -25.33 11.58 33.49
N LYS E 410 -26.37 11.57 32.64
CA LYS E 410 -26.63 12.53 31.56
C LYS E 410 -26.62 14.01 31.94
N SER E 411 -27.16 14.34 33.12
CA SER E 411 -27.21 15.74 33.59
C SER E 411 -26.14 16.11 34.58
N THR E 412 -25.96 15.26 35.60
CA THR E 412 -24.96 15.54 36.61
C THR E 412 -23.53 15.26 36.13
N ASP E 413 -23.35 14.23 35.31
CA ASP E 413 -22.02 13.89 34.79
C ASP E 413 -21.26 13.03 35.79
N ARG E 414 -22.01 12.45 36.73
CA ARG E 414 -21.48 11.51 37.73
C ARG E 414 -21.16 10.11 37.15
N VAL E 415 -20.07 9.53 37.59
CA VAL E 415 -19.68 8.21 37.11
C VAL E 415 -20.54 7.04 37.72
N LEU E 416 -21.33 6.37 36.89
CA LEU E 416 -22.26 5.37 37.39
C LEU E 416 -21.61 4.01 37.28
N GLY E 417 -20.72 3.89 36.30
CA GLY E 417 -19.87 2.70 36.25
C GLY E 417 -18.63 2.81 35.34
N ALA E 418 -17.64 1.92 35.54
CA ALA E 418 -16.43 1.93 34.74
C ALA E 418 -16.02 0.56 34.44
N HIS E 419 -15.83 0.25 33.15
CA HIS E 419 -15.52 -1.14 32.78
C HIS E 419 -14.34 -1.25 31.86
N ILE E 420 -13.34 -2.04 32.21
CA ILE E 420 -12.11 -2.12 31.44
C ILE E 420 -12.00 -3.51 30.90
N LEU E 421 -11.91 -3.64 29.58
CA LEU E 421 -11.52 -4.89 28.99
C LEU E 421 -10.19 -4.62 28.37
N GLY E 422 -9.10 -5.18 28.89
CA GLY E 422 -7.78 -4.87 28.34
C GLY E 422 -6.54 -5.09 29.22
N PRO E 423 -5.36 -4.68 28.75
CA PRO E 423 -4.09 -4.61 29.51
C PRO E 423 -4.18 -4.12 30.94
N GLY E 424 -3.95 -4.99 31.93
CA GLY E 424 -3.88 -4.54 33.32
C GLY E 424 -5.08 -3.69 33.79
N ALA E 425 -6.28 -4.10 33.41
CA ALA E 425 -7.53 -3.58 33.98
C ALA E 425 -7.57 -3.71 35.50
N GLY E 426 -7.12 -4.85 36.02
CA GLY E 426 -7.26 -5.16 37.42
C GLY E 426 -6.65 -4.07 38.29
N GLU E 427 -5.53 -3.51 37.83
CA GLU E 427 -4.86 -2.42 38.55
C GLU E 427 -5.70 -1.16 38.40
N MET E 428 -6.11 -0.93 37.16
CA MET E 428 -6.81 0.30 36.75
C MET E 428 -8.13 0.50 37.47
N VAL E 429 -8.79 -0.59 37.85
CA VAL E 429 -10.16 -0.44 38.31
C VAL E 429 -10.10 0.18 39.67
N ASN E 430 -8.92 0.06 40.25
CA ASN E 430 -8.71 0.56 41.57
C ASN E 430 -8.77 2.08 41.57
N GLU E 431 -8.40 2.73 40.47
CA GLU E 431 -8.50 4.16 40.49
C GLU E 431 -9.94 4.44 40.26
N ALA E 432 -10.58 3.61 39.46
CA ALA E 432 -11.99 3.84 39.22
C ALA E 432 -12.73 3.75 40.54
N ALA E 433 -12.34 2.82 41.38
CA ALA E 433 -13.02 2.64 42.66
C ALA E 433 -12.91 3.93 43.49
N LEU E 434 -11.68 4.43 43.69
CA LEU E 434 -11.46 5.69 44.38
C LEU E 434 -12.32 6.78 43.74
N ALA E 435 -12.26 6.90 42.44
CA ALA E 435 -13.17 7.81 41.76
C ALA E 435 -14.62 7.70 42.24
N LEU E 436 -15.18 6.51 42.14
CA LEU E 436 -16.58 6.32 42.48
C LEU E 436 -16.89 6.59 43.94
N GLU E 437 -16.03 6.10 44.78
CA GLU E 437 -16.12 6.44 46.16
C GLU E 437 -16.22 7.95 46.40
N TYR E 438 -15.58 8.77 45.60
CA TYR E 438 -15.64 10.18 45.91
C TYR E 438 -16.78 10.82 45.19
N GLY E 439 -17.60 9.99 44.55
CA GLY E 439 -18.69 10.52 43.75
C GLY E 439 -18.19 11.39 42.61
N ALA E 440 -17.10 10.97 42.01
CA ALA E 440 -16.47 11.80 41.02
C ALA E 440 -17.37 11.96 39.80
N SER E 441 -17.09 12.95 38.97
CA SER E 441 -17.73 13.06 37.69
C SER E 441 -16.72 12.76 36.55
N CYS E 442 -17.19 12.56 35.34
CA CYS E 442 -16.25 12.34 34.30
C CYS E 442 -15.36 13.54 34.16
N GLU E 443 -15.84 14.78 34.32
CA GLU E 443 -14.96 15.92 34.22
C GLU E 443 -13.86 15.85 35.27
N ASP E 444 -14.12 15.28 36.43
CA ASP E 444 -13.09 15.30 37.48
C ASP E 444 -11.94 14.47 37.07
N ILE E 445 -12.19 13.36 36.35
CA ILE E 445 -11.16 12.35 36.16
C ILE E 445 -10.33 12.76 35.00
N ALA E 446 -11.01 13.26 33.98
CA ALA E 446 -10.34 13.81 32.79
C ALA E 446 -9.46 14.98 33.14
N ARG E 447 -9.93 15.77 34.08
CA ARG E 447 -9.21 16.89 34.59
C ARG E 447 -7.95 16.52 35.44
N VAL E 448 -7.67 15.25 35.61
CA VAL E 448 -6.57 14.77 36.48
C VAL E 448 -5.35 14.26 35.71
N CYS E 449 -4.20 14.79 36.07
CA CYS E 449 -3.05 14.55 35.23
C CYS E 449 -2.45 13.16 35.41
N HIS E 450 -2.67 12.21 34.48
CA HIS E 450 -2.21 10.80 34.54
C HIS E 450 -0.92 10.79 33.76
N ALA E 451 0.11 10.15 34.26
CA ALA E 451 1.37 10.05 33.54
C ALA E 451 1.33 9.48 32.09
N HIS E 452 2.23 9.97 31.24
CA HIS E 452 2.46 9.43 29.88
C HIS E 452 3.75 8.61 29.91
N PRO E 453 3.73 7.41 29.34
CA PRO E 453 2.57 6.78 28.75
C PRO E 453 2.15 5.60 29.65
N THR E 454 0.87 5.51 30.01
CA THR E 454 0.45 4.48 30.91
C THR E 454 -0.88 4.11 30.37
N LEU E 455 -1.27 2.85 30.61
CA LEU E 455 -2.57 2.32 30.20
C LEU E 455 -3.70 3.18 30.77
N SER E 456 -3.42 3.78 31.89
CA SER E 456 -4.38 4.52 32.62
C SER E 456 -4.82 5.74 31.89
N GLU E 457 -4.08 6.13 30.87
CA GLU E 457 -4.50 7.27 30.10
C GLU E 457 -5.78 6.92 29.36
N ALA E 458 -5.92 5.65 29.01
CA ALA E 458 -7.19 5.18 28.44
C ALA E 458 -8.37 5.45 29.39
N PHE E 459 -8.20 5.18 30.68
CA PHE E 459 -9.20 5.62 31.65
C PHE E 459 -9.49 7.14 31.53
N ARG E 460 -8.45 7.93 31.51
CA ARG E 460 -8.61 9.38 31.41
C ARG E 460 -9.40 9.74 30.20
N GLU E 461 -8.97 9.21 29.06
CA GLU E 461 -9.55 9.57 27.80
C GLU E 461 -10.99 9.21 27.71
N ALA E 462 -11.38 8.09 28.30
CA ALA E 462 -12.73 7.60 28.17
C ALA E 462 -13.62 8.55 28.93
N ASN E 463 -13.08 9.02 30.04
CA ASN E 463 -13.84 9.94 30.82
C ASN E 463 -13.95 11.26 30.09
N LEU E 464 -12.91 11.59 29.32
CA LEU E 464 -12.91 12.86 28.63
C LEU E 464 -13.96 12.81 27.53
N ALA E 465 -14.13 11.62 26.99
CA ALA E 465 -15.03 11.40 25.87
C ALA E 465 -16.43 11.40 26.44
N ALA E 466 -16.60 10.91 27.65
CA ALA E 466 -17.97 10.95 28.19
C ALA E 466 -18.29 12.38 28.54
N SER E 467 -17.45 12.96 29.38
CA SER E 467 -17.61 14.33 29.83
C SER E 467 -17.79 15.34 28.74
N PHE E 468 -16.88 15.42 27.77
CA PHE E 468 -16.87 16.52 26.78
C PHE E 468 -17.47 16.07 25.47
N GLY E 469 -17.67 14.77 25.32
CA GLY E 469 -18.31 14.25 24.12
C GLY E 469 -17.30 13.67 23.16
N LYS E 470 -16.02 13.68 23.51
CA LYS E 470 -15.02 13.12 22.63
C LYS E 470 -13.61 13.23 23.16
N SER E 471 -12.73 12.32 22.74
CA SER E 471 -11.43 12.32 23.36
C SER E 471 -10.49 13.03 22.47
N ILE E 472 -9.24 12.88 22.79
CA ILE E 472 -8.29 13.65 22.10
C ILE E 472 -7.50 12.70 21.21
N ASN E 473 -7.34 11.43 21.63
CA ASN E 473 -6.59 10.42 20.86
C ASN E 473 -7.34 9.41 20.00
N PHE E 474 -8.65 9.49 20.03
CA PHE E 474 -9.41 8.63 19.17
C PHE E 474 -10.71 9.28 18.86
N ALA F 1 5.77 31.15 -1.73
CA ALA F 1 5.40 30.10 -2.71
C ALA F 1 3.89 29.81 -2.71
N ASP F 2 3.35 29.38 -1.56
CA ASP F 2 1.90 29.14 -1.41
C ASP F 2 1.08 30.41 -0.98
N GLN F 3 -0.08 30.61 -1.60
CA GLN F 3 -1.12 31.56 -1.17
C GLN F 3 -1.33 31.47 0.36
N PRO F 4 -1.45 32.60 1.09
CA PRO F 4 -1.51 32.56 2.56
C PRO F 4 -2.82 32.00 3.15
N ILE F 5 -2.76 31.50 4.39
CA ILE F 5 -3.92 30.93 5.10
C ILE F 5 -4.22 31.58 6.43
N ASP F 6 -5.50 31.61 6.78
CA ASP F 6 -5.98 32.24 8.00
C ASP F 6 -6.26 31.19 9.04
N ALA F 7 -5.85 31.45 10.29
CA ALA F 7 -6.17 30.57 11.41
C ALA F 7 -6.51 31.39 12.62
N ASP F 8 -7.12 30.79 13.63
CA ASP F 8 -7.38 31.50 14.87
C ASP F 8 -6.24 31.16 15.82
N VAL F 9 -5.53 30.08 15.54
CA VAL F 9 -4.52 29.55 16.45
C VAL F 9 -3.53 28.85 15.57
N THR F 10 -2.26 29.14 15.73
CA THR F 10 -1.30 28.44 14.92
C THR F 10 -0.43 27.81 15.96
N VAL F 11 -0.18 26.52 15.88
CA VAL F 11 0.68 25.92 16.87
C VAL F 11 2.02 25.73 16.22
N ILE F 12 3.13 25.98 16.92
CA ILE F 12 4.45 25.54 16.40
C ILE F 12 4.96 24.29 17.16
N GLY F 13 4.93 23.15 16.50
CA GLY F 13 5.43 21.91 17.09
C GLY F 13 4.37 20.82 17.25
N SER F 14 4.74 19.57 17.18
CA SER F 14 3.67 18.59 17.25
C SER F 14 4.14 17.50 18.14
N GLY F 15 4.78 17.88 19.22
CA GLY F 15 5.15 16.95 20.23
C GLY F 15 3.84 16.79 20.91
N PRO F 16 3.80 16.07 22.05
CA PRO F 16 2.59 15.94 22.84
C PRO F 16 2.29 17.35 23.23
N GLY F 17 1.17 17.67 23.81
CA GLY F 17 1.10 19.09 24.11
C GLY F 17 0.95 19.99 22.87
N GLY F 18 1.96 20.05 22.02
CA GLY F 18 1.86 20.77 20.75
C GLY F 18 0.74 20.28 19.88
N TYR F 19 0.80 19.00 19.55
CA TYR F 19 -0.26 18.37 18.77
C TYR F 19 -1.56 18.15 19.56
N VAL F 20 -1.48 17.84 20.86
CA VAL F 20 -2.71 17.66 21.67
C VAL F 20 -3.53 18.93 21.73
N ALA F 21 -2.75 20.03 21.73
CA ALA F 21 -3.18 21.39 21.81
C ALA F 21 -3.87 21.75 20.52
N ALA F 22 -3.20 21.43 19.41
CA ALA F 22 -3.73 21.67 18.07
C ALA F 22 -5.16 21.09 17.91
N ILE F 23 -5.32 19.82 18.25
CA ILE F 23 -6.59 19.16 18.22
C ILE F 23 -7.66 19.74 19.17
N LYS F 24 -7.27 19.98 20.41
CA LYS F 24 -8.24 20.55 21.33
C LYS F 24 -8.80 21.83 20.67
N ALA F 25 -7.93 22.69 20.19
CA ALA F 25 -8.41 23.95 19.61
C ALA F 25 -9.38 23.74 18.44
N ALA F 26 -9.09 22.76 17.62
CA ALA F 26 -10.03 22.46 16.57
C ALA F 26 -11.30 21.93 17.20
N GLN F 27 -11.23 21.17 18.29
CA GLN F 27 -12.46 20.64 18.87
C GLN F 27 -13.26 21.76 19.57
N LEU F 28 -12.67 22.92 19.74
CA LEU F 28 -13.45 23.96 20.41
C LEU F 28 -14.00 24.93 19.38
N GLY F 29 -13.88 24.56 18.11
CA GLY F 29 -14.24 25.47 17.03
C GLY F 29 -13.19 26.48 16.50
N PHE F 30 -11.97 26.44 17.03
CA PHE F 30 -10.95 27.22 16.37
C PHE F 30 -10.51 26.57 15.05
N LYS F 31 -10.42 27.38 14.00
CA LYS F 31 -9.71 27.02 12.77
C LYS F 31 -8.23 27.06 13.10
N THR F 32 -7.53 25.96 12.89
CA THR F 32 -6.18 25.86 13.43
C THR F 32 -5.18 25.13 12.51
N VAL F 33 -3.91 25.56 12.59
CA VAL F 33 -2.81 25.03 11.81
C VAL F 33 -1.64 24.75 12.71
N CYS F 34 -0.95 23.67 12.40
CA CYS F 34 0.08 23.12 13.25
C CYS F 34 1.29 22.96 12.35
N ILE F 35 2.32 23.74 12.61
CA ILE F 35 3.55 23.64 11.86
C ILE F 35 4.51 22.66 12.53
N GLU F 36 5.03 21.67 11.80
CA GLU F 36 6.07 20.80 12.35
C GLU F 36 7.21 20.69 11.35
N LYS F 37 8.42 20.99 11.80
CA LYS F 37 9.56 21.03 10.91
C LYS F 37 10.00 19.64 10.45
N ASN F 38 9.75 18.62 11.23
CA ASN F 38 10.18 17.26 10.82
C ASN F 38 9.28 16.52 9.82
N GLU F 39 9.79 15.45 9.27
CA GLU F 39 8.99 14.70 8.31
C GLU F 39 7.78 14.06 9.00
N THR F 40 7.95 13.62 10.24
CA THR F 40 6.85 13.02 10.95
C THR F 40 6.35 13.87 12.12
N LEU F 41 5.10 13.62 12.54
CA LEU F 41 4.53 14.33 13.69
C LEU F 41 4.90 13.55 14.95
N GLY F 42 4.64 14.11 16.14
CA GLY F 42 4.76 13.33 17.35
C GLY F 42 5.88 13.78 18.28
N GLY F 43 6.65 14.77 17.80
CA GLY F 43 7.63 15.41 18.62
C GLY F 43 8.68 14.47 19.16
N THR F 44 9.43 14.90 20.15
CA THR F 44 10.53 14.11 20.59
C THR F 44 10.00 12.97 21.41
N CYS F 45 8.93 13.19 22.14
CA CYS F 45 8.39 12.06 22.91
C CYS F 45 8.17 10.72 22.10
N LEU F 46 7.65 10.87 20.87
CA LEU F 46 7.16 9.75 20.10
C LEU F 46 8.16 9.27 19.03
N ASN F 47 9.03 10.18 18.61
CA ASN F 47 10.02 9.87 17.62
C ASN F 47 11.35 9.41 18.13
N VAL F 48 11.77 9.82 19.31
CA VAL F 48 13.06 9.38 19.83
C VAL F 48 13.08 9.46 21.36
N GLY F 49 11.92 9.56 22.00
CA GLY F 49 11.84 9.69 23.42
C GLY F 49 11.13 8.57 24.12
N CYS F 50 10.02 8.91 24.77
CA CYS F 50 9.26 8.05 25.64
C CYS F 50 9.00 6.67 25.00
N ILE F 51 8.18 6.66 23.94
CA ILE F 51 7.86 5.47 23.14
C ILE F 51 9.02 4.56 22.71
N PRO F 52 10.03 5.05 22.02
CA PRO F 52 11.11 4.14 21.64
C PRO F 52 11.73 3.48 22.87
N SER F 53 11.99 4.26 23.91
CA SER F 53 12.72 3.68 25.05
C SER F 53 11.81 2.76 25.85
N LYS F 54 10.50 2.96 25.65
CA LYS F 54 9.50 2.18 26.30
C LYS F 54 9.46 0.82 25.63
N ALA F 55 9.68 0.79 24.31
CA ALA F 55 9.66 -0.49 23.62
C ALA F 55 10.86 -1.28 24.03
N LEU F 56 12.00 -0.61 24.09
CA LEU F 56 13.20 -1.35 24.33
C LEU F 56 13.13 -1.83 25.78
N LEU F 57 12.49 -1.02 26.62
CA LEU F 57 12.47 -1.41 28.02
C LEU F 57 11.66 -2.68 28.13
N ASN F 58 10.60 -2.74 27.35
CA ASN F 58 9.65 -3.81 27.48
C ASN F 58 10.31 -5.05 26.91
N ASN F 59 10.90 -4.90 25.73
CA ASN F 59 11.52 -6.05 25.11
C ASN F 59 12.73 -6.53 25.89
N SER F 60 13.57 -5.61 26.38
CA SER F 60 14.72 -6.00 27.15
C SER F 60 14.31 -6.67 28.43
N HIS F 61 13.20 -6.26 29.01
CA HIS F 61 12.84 -6.88 30.26
C HIS F 61 12.53 -8.33 29.95
N TYR F 62 11.75 -8.51 28.91
CA TYR F 62 11.32 -9.85 28.52
C TYR F 62 12.50 -10.75 28.22
N TYR F 63 13.44 -10.21 27.44
CA TYR F 63 14.59 -10.97 27.05
C TYR F 63 15.26 -11.37 28.32
N HIS F 64 15.17 -10.55 29.32
CA HIS F 64 15.86 -10.87 30.54
C HIS F 64 15.21 -11.97 31.33
N MET F 65 13.89 -11.93 31.54
CA MET F 65 13.17 -13.07 32.09
C MET F 65 13.43 -14.44 31.40
N ALA F 66 13.63 -14.47 30.11
CA ALA F 66 13.75 -15.72 29.42
C ALA F 66 15.20 -16.22 29.50
N HIS F 67 16.09 -15.26 29.46
CA HIS F 67 17.48 -15.59 29.37
C HIS F 67 18.11 -15.85 30.73
N GLY F 68 17.49 -15.33 31.78
CA GLY F 68 17.97 -15.54 33.13
C GLY F 68 17.21 -16.68 33.76
N LYS F 69 16.90 -16.56 35.05
CA LYS F 69 16.31 -17.67 35.77
C LYS F 69 14.81 -17.54 35.94
N ASP F 70 14.23 -16.39 35.60
CA ASP F 70 12.82 -16.18 35.87
C ASP F 70 12.00 -17.25 35.20
N PHE F 71 12.21 -17.43 33.92
CA PHE F 71 11.30 -18.26 33.17
C PHE F 71 11.55 -19.72 33.53
N ALA F 72 12.81 -20.01 33.78
CA ALA F 72 13.14 -21.38 34.06
C ALA F 72 12.41 -21.77 35.34
N SER F 73 12.48 -20.93 36.34
CA SER F 73 11.85 -21.22 37.63
C SER F 73 10.34 -21.42 37.56
N ARG F 74 9.73 -21.09 36.40
CA ARG F 74 8.29 -21.24 36.14
C ARG F 74 7.89 -22.49 35.31
N GLY F 75 8.80 -23.44 35.16
CA GLY F 75 8.55 -24.56 34.27
C GLY F 75 8.55 -24.29 32.77
N ILE F 76 9.14 -23.19 32.33
CA ILE F 76 9.26 -22.83 30.92
C ILE F 76 10.67 -23.20 30.42
N GLU F 77 10.96 -24.52 30.34
CA GLU F 77 12.24 -25.04 29.90
C GLU F 77 12.38 -24.66 28.44
N MET F 78 13.52 -24.02 28.13
CA MET F 78 13.77 -23.43 26.83
C MET F 78 15.12 -23.79 26.27
N SER F 79 15.16 -23.91 24.94
CA SER F 79 16.35 -24.22 24.14
C SER F 79 17.48 -23.32 24.59
N GLU F 80 17.77 -22.29 23.82
CA GLU F 80 18.78 -21.34 24.20
C GLU F 80 18.15 -20.11 23.74
N VAL F 81 18.20 -19.08 24.56
CA VAL F 81 17.54 -17.86 24.20
C VAL F 81 18.51 -17.03 23.48
N ARG F 82 18.15 -16.60 22.28
CA ARG F 82 19.05 -15.76 21.51
C ARG F 82 18.35 -14.47 21.24
N LEU F 83 19.13 -13.38 21.22
CA LEU F 83 18.67 -12.03 21.00
C LEU F 83 18.95 -11.68 19.58
N ASN F 84 17.94 -11.34 18.81
CA ASN F 84 18.17 -10.87 17.43
C ASN F 84 17.91 -9.39 17.44
N LEU F 85 18.93 -8.63 17.78
CA LEU F 85 18.77 -7.21 18.00
C LEU F 85 18.00 -6.46 16.91
N ASP F 86 18.31 -6.78 15.66
CA ASP F 86 17.46 -6.35 14.58
C ASP F 86 15.94 -6.37 14.78
N LYS F 87 15.38 -7.58 14.94
CA LYS F 87 13.95 -7.77 15.05
C LYS F 87 13.46 -7.03 16.26
N MET F 88 14.29 -6.97 17.29
CA MET F 88 13.85 -6.24 18.46
C MET F 88 13.64 -4.79 18.16
N MET F 89 14.58 -4.20 17.42
CA MET F 89 14.51 -2.76 17.06
C MET F 89 13.30 -2.58 16.17
N GLU F 90 13.12 -3.51 15.25
CA GLU F 90 12.08 -3.36 14.24
C GLU F 90 10.70 -3.37 14.88
N GLN F 91 10.52 -4.18 15.92
CA GLN F 91 9.31 -4.12 16.72
C GLN F 91 9.06 -2.73 17.35
N LYS F 92 10.11 -2.05 17.79
CA LYS F 92 10.00 -0.68 18.24
C LYS F 92 9.63 0.28 17.11
N SER F 93 10.32 0.17 15.98
CA SER F 93 10.09 1.10 14.88
C SER F 93 8.68 1.00 14.38
N THR F 94 8.11 -0.19 14.50
CA THR F 94 6.79 -0.52 14.00
C THR F 94 5.85 0.31 14.86
N ALA F 95 6.06 0.19 16.16
CA ALA F 95 5.21 0.86 17.13
C ALA F 95 5.22 2.32 16.81
N VAL F 96 6.41 2.89 16.68
CA VAL F 96 6.51 4.32 16.40
C VAL F 96 5.77 4.71 15.15
N LYS F 97 6.04 4.02 14.05
CA LYS F 97 5.31 4.33 12.86
C LYS F 97 3.80 4.32 13.09
N ALA F 98 3.26 3.28 13.74
CA ALA F 98 1.82 3.25 13.88
C ALA F 98 1.45 4.60 14.50
N LEU F 99 2.05 4.87 15.64
CA LEU F 99 1.56 5.99 16.39
C LEU F 99 1.78 7.31 15.60
N THR F 100 2.94 7.51 14.99
CA THR F 100 3.15 8.73 14.24
C THR F 100 2.03 8.92 13.19
N GLY F 101 1.56 7.80 12.66
CA GLY F 101 0.67 7.89 11.54
C GLY F 101 -0.67 8.09 12.17
N GLY F 102 -0.92 7.43 13.30
CA GLY F 102 -2.10 7.77 14.11
C GLY F 102 -2.35 9.28 14.30
N ILE F 103 -1.31 10.06 14.53
CA ILE F 103 -1.49 11.48 14.81
C ILE F 103 -1.88 12.19 13.55
N ALA F 104 -1.27 11.83 12.43
CA ALA F 104 -1.70 12.44 11.18
C ALA F 104 -3.18 12.22 11.03
N HIS F 105 -3.65 11.01 11.30
CA HIS F 105 -5.07 10.73 11.16
C HIS F 105 -6.01 11.54 12.10
N LEU F 106 -5.52 11.86 13.29
CA LEU F 106 -6.29 12.60 14.26
C LEU F 106 -6.41 14.00 13.78
N PHE F 107 -5.29 14.59 13.36
CA PHE F 107 -5.26 15.92 12.78
C PHE F 107 -6.21 15.96 11.61
N LYS F 108 -6.25 14.89 10.79
CA LYS F 108 -7.14 14.87 9.62
C LYS F 108 -8.63 14.90 9.97
N GLN F 109 -9.06 14.05 10.88
CA GLN F 109 -10.46 14.05 11.24
C GLN F 109 -10.87 15.20 12.09
N ASN F 110 -10.03 15.66 12.98
CA ASN F 110 -10.34 16.87 13.72
C ASN F 110 -10.14 18.13 12.90
N LYS F 111 -9.89 18.01 11.60
CA LYS F 111 -9.73 19.16 10.69
C LYS F 111 -8.65 20.15 11.06
N VAL F 112 -7.55 19.64 11.59
CA VAL F 112 -6.38 20.39 11.93
C VAL F 112 -5.60 20.35 10.65
N VAL F 113 -4.97 21.50 10.35
CA VAL F 113 -4.30 21.73 9.09
C VAL F 113 -2.82 21.66 9.32
N HIS F 114 -2.15 20.84 8.54
CA HIS F 114 -0.81 20.45 8.91
C HIS F 114 0.14 21.03 7.95
N VAL F 115 0.97 21.95 8.40
CA VAL F 115 2.03 22.49 7.56
C VAL F 115 3.44 21.95 7.87
N ASN F 116 4.07 21.28 6.91
CA ASN F 116 5.44 20.80 7.08
C ASN F 116 6.43 21.90 6.72
N GLY F 117 7.04 22.50 7.73
CA GLY F 117 8.03 23.52 7.48
C GLY F 117 8.56 24.09 8.77
N TYR F 118 9.45 25.07 8.65
CA TYR F 118 10.18 25.56 9.81
C TYR F 118 9.63 26.92 10.15
N GLY F 119 8.99 27.00 11.29
CA GLY F 119 8.27 28.19 11.67
C GLY F 119 9.16 29.26 12.23
N LYS F 120 8.92 30.49 11.79
CA LYS F 120 9.48 31.69 12.39
C LYS F 120 8.28 32.59 12.65
N ILE F 121 8.13 33.13 13.86
CA ILE F 121 7.12 34.15 14.08
C ILE F 121 7.62 35.41 13.38
N THR F 122 6.97 35.77 12.29
CA THR F 122 7.42 36.90 11.52
C THR F 122 6.54 38.14 11.71
N GLY F 123 5.97 38.29 12.91
CA GLY F 123 5.17 39.45 13.25
C GLY F 123 3.94 39.12 14.08
N LYS F 124 3.88 39.65 15.30
CA LYS F 124 2.75 39.49 16.22
C LYS F 124 1.71 38.51 15.71
N ASN F 125 1.10 38.78 14.53
CA ASN F 125 0.01 37.96 14.01
C ASN F 125 0.33 37.18 12.77
N GLN F 126 1.53 36.63 12.68
CA GLN F 126 1.94 35.94 11.48
C GLN F 126 3.08 34.96 11.71
N VAL F 127 3.06 33.83 11.00
CA VAL F 127 4.09 32.85 11.17
C VAL F 127 4.49 32.44 9.81
N THR F 128 5.77 32.22 9.57
CA THR F 128 6.23 31.85 8.23
C THR F 128 6.97 30.53 8.32
N ALA F 129 6.33 29.44 7.87
CA ALA F 129 6.97 28.14 7.90
C ALA F 129 7.82 28.15 6.67
N THR F 130 9.01 27.57 6.70
CA THR F 130 9.78 27.58 5.48
C THR F 130 10.30 26.18 5.16
N LYS F 131 9.77 25.58 4.08
CA LYS F 131 10.07 24.17 3.76
C LYS F 131 11.54 23.95 3.50
N ALA F 132 12.01 22.71 3.44
CA ALA F 132 13.46 22.54 3.34
C ALA F 132 14.01 22.71 1.91
N ASP F 133 13.11 22.95 0.95
CA ASP F 133 13.49 23.30 -0.43
C ASP F 133 13.13 24.76 -0.79
N GLY F 134 13.39 25.69 0.12
CA GLY F 134 13.16 27.09 -0.17
C GLY F 134 11.73 27.58 -0.37
N GLY F 135 10.74 26.69 -0.44
CA GLY F 135 9.34 27.12 -0.42
C GLY F 135 8.89 27.80 0.88
N THR F 136 7.73 28.44 0.87
CA THR F 136 7.34 29.34 1.96
C THR F 136 5.82 29.43 2.07
N GLN F 137 5.32 29.27 3.29
CA GLN F 137 3.87 29.28 3.58
C GLN F 137 3.61 30.29 4.67
N VAL F 138 2.81 31.31 4.40
CA VAL F 138 2.57 32.32 5.43
C VAL F 138 1.23 32.22 6.10
N ILE F 139 1.19 32.04 7.41
CA ILE F 139 -0.06 31.91 8.10
C ILE F 139 -0.33 33.20 8.81
N ASP F 140 -1.43 33.85 8.48
CA ASP F 140 -1.90 34.93 9.33
C ASP F 140 -2.82 34.39 10.43
N THR F 141 -2.46 34.66 11.66
CA THR F 141 -3.18 34.04 12.74
C THR F 141 -3.47 34.99 13.87
N LYS F 142 -4.63 34.80 14.47
CA LYS F 142 -5.08 35.58 15.59
C LYS F 142 -4.28 35.32 16.87
N ASN F 143 -3.94 34.07 17.15
CA ASN F 143 -3.07 33.75 18.31
C ASN F 143 -2.02 32.85 17.76
N ILE F 144 -0.85 32.79 18.38
CA ILE F 144 0.13 31.81 17.94
C ILE F 144 0.58 31.08 19.16
N LEU F 145 0.94 29.81 19.06
CA LEU F 145 1.26 28.99 20.24
C LEU F 145 2.62 28.30 20.11
N ILE F 146 3.61 28.67 20.91
CA ILE F 146 4.91 28.00 20.75
C ILE F 146 4.93 26.69 21.54
N ALA F 147 5.28 25.60 20.86
CA ALA F 147 5.42 24.30 21.53
C ALA F 147 6.65 23.59 20.97
N THR F 148 7.68 24.37 20.79
CA THR F 148 8.92 23.89 20.20
C THR F 148 9.73 22.86 21.05
N GLY F 149 9.46 22.74 22.33
CA GLY F 149 10.05 21.65 23.06
C GLY F 149 11.50 21.75 23.33
N SER F 150 12.16 20.61 23.43
CA SER F 150 13.53 20.56 23.90
C SER F 150 14.42 19.74 23.00
N GLU F 151 15.69 19.64 23.36
CA GLU F 151 16.70 18.91 22.59
C GLU F 151 17.86 18.63 23.50
N VAL F 152 18.70 17.66 23.12
CA VAL F 152 19.69 17.11 24.03
C VAL F 152 20.63 18.23 24.36
N THR F 153 21.06 18.24 25.64
CA THR F 153 22.02 19.19 26.16
C THR F 153 23.40 18.63 25.96
N PRO F 154 24.21 19.39 25.25
CA PRO F 154 25.51 18.93 24.83
C PRO F 154 26.54 19.00 25.95
N PHE F 155 27.50 18.10 25.92
CA PHE F 155 28.60 18.14 26.87
C PHE F 155 29.80 18.85 26.18
N PRO F 156 30.32 19.88 26.79
CA PRO F 156 31.38 20.63 26.09
C PRO F 156 32.67 19.83 26.19
N GLY F 157 33.31 19.63 25.03
CA GLY F 157 34.53 18.86 24.93
C GLY F 157 34.31 17.45 24.44
N ILE F 158 33.11 16.92 24.63
CA ILE F 158 32.75 15.61 24.08
C ILE F 158 31.75 15.79 22.94
N THR F 159 32.09 15.38 21.72
CA THR F 159 31.18 15.63 20.60
C THR F 159 30.37 14.39 20.28
N ILE F 160 29.04 14.48 20.34
CA ILE F 160 28.20 13.33 20.01
C ILE F 160 28.24 13.14 18.50
N ASP F 161 28.56 11.94 18.02
CA ASP F 161 28.60 11.74 16.57
C ASP F 161 27.59 10.70 16.23
N GLU F 162 26.89 10.26 17.27
CA GLU F 162 25.72 9.45 17.10
C GLU F 162 26.19 8.16 16.54
N ASP F 163 27.48 7.96 16.64
CA ASP F 163 28.12 6.73 16.20
C ASP F 163 28.50 5.85 17.40
N THR F 164 29.58 6.24 18.06
CA THR F 164 30.23 5.55 19.14
C THR F 164 30.08 6.41 20.41
N ILE F 165 29.89 7.72 20.24
CA ILE F 165 29.57 8.61 21.35
C ILE F 165 28.17 9.09 21.08
N VAL F 166 27.21 8.70 21.94
CA VAL F 166 25.79 8.77 21.57
C VAL F 166 24.97 9.58 22.55
N SER F 167 23.93 10.25 22.05
CA SER F 167 22.87 10.88 22.84
C SER F 167 21.79 9.84 23.05
N SER F 168 20.72 10.19 23.74
CA SER F 168 19.65 9.23 23.99
C SER F 168 19.16 8.66 22.68
N THR F 169 19.43 9.38 21.59
CA THR F 169 18.86 8.90 20.34
C THR F 169 19.69 7.79 19.64
N GLY F 170 21.02 7.95 19.62
CA GLY F 170 21.85 6.93 19.03
C GLY F 170 21.73 5.68 19.90
N ALA F 171 21.58 5.89 21.19
CA ALA F 171 21.59 4.84 22.16
C ALA F 171 20.36 3.95 22.00
N LEU F 172 19.33 4.50 21.39
CA LEU F 172 18.06 3.89 21.13
C LEU F 172 18.13 3.16 19.80
N SER F 173 19.29 3.23 19.14
CA SER F 173 19.44 2.56 17.87
C SER F 173 20.81 1.96 17.66
N LEU F 174 21.37 1.31 18.69
CA LEU F 174 22.67 0.68 18.48
C LEU F 174 22.44 -0.48 17.52
N LYS F 175 23.44 -0.85 16.72
CA LYS F 175 23.26 -1.99 15.85
C LYS F 175 23.87 -3.24 16.42
N LYS F 176 24.51 -3.12 17.58
CA LYS F 176 24.99 -4.29 18.28
C LYS F 176 25.05 -3.95 19.78
N VAL F 177 24.79 -4.94 20.62
CA VAL F 177 24.92 -4.79 22.05
C VAL F 177 26.38 -4.49 22.21
N PRO F 178 26.74 -3.38 22.82
CA PRO F 178 28.15 -3.03 22.98
C PRO F 178 28.72 -3.90 24.05
N GLU F 179 29.99 -4.23 24.01
CA GLU F 179 30.56 -5.13 25.02
C GLU F 179 30.55 -4.44 26.39
N LYS F 180 30.79 -3.13 26.35
CA LYS F 180 30.93 -2.30 27.53
C LYS F 180 30.36 -0.93 27.20
N MET F 181 29.68 -0.31 28.17
CA MET F 181 29.09 0.99 27.92
C MET F 181 29.06 1.89 29.12
N VAL F 182 29.52 3.12 28.91
CA VAL F 182 29.55 4.16 29.92
C VAL F 182 28.42 5.16 29.63
N VAL F 183 27.76 5.67 30.68
CA VAL F 183 26.60 6.54 30.53
C VAL F 183 26.89 7.67 31.44
N ILE F 184 26.89 8.87 30.89
CA ILE F 184 27.21 10.05 31.67
C ILE F 184 25.89 10.58 32.11
N GLY F 185 25.65 10.66 33.43
CA GLY F 185 24.35 11.09 33.94
C GLY F 185 23.50 9.90 34.34
N ALA F 186 23.15 9.83 35.58
CA ALA F 186 22.20 8.83 35.97
C ALA F 186 20.90 9.53 36.33
N GLY F 187 20.40 10.41 35.44
CA GLY F 187 19.03 10.88 35.54
C GLY F 187 18.10 9.73 35.12
N VAL F 188 16.86 10.07 34.77
CA VAL F 188 15.87 9.02 34.46
C VAL F 188 16.24 8.37 33.14
N ILE F 189 16.46 9.22 32.13
CA ILE F 189 16.78 8.78 30.78
C ILE F 189 18.03 7.92 30.85
N GLY F 190 19.05 8.44 31.51
CA GLY F 190 20.22 7.70 31.85
C GLY F 190 20.09 6.31 32.44
N VAL F 191 19.25 6.07 33.45
CA VAL F 191 19.19 4.69 33.95
C VAL F 191 18.26 3.78 33.16
N GLU F 192 17.44 4.37 32.32
CA GLU F 192 16.57 3.55 31.53
C GLU F 192 17.44 2.97 30.46
N LEU F 193 17.84 3.85 29.52
CA LEU F 193 18.74 3.44 28.47
C LEU F 193 19.80 2.51 29.04
N GLY F 194 20.59 3.01 29.99
CA GLY F 194 21.52 2.15 30.69
C GLY F 194 21.03 0.72 30.94
N SER F 195 19.84 0.61 31.49
CA SER F 195 19.27 -0.65 31.94
C SER F 195 18.88 -1.61 30.79
N VAL F 196 18.40 -1.05 29.70
CA VAL F 196 18.18 -1.86 28.54
C VAL F 196 19.45 -2.55 28.08
N TRP F 197 20.53 -1.84 27.85
CA TRP F 197 21.67 -2.50 27.28
C TRP F 197 22.22 -3.47 28.30
N GLN F 198 22.13 -3.05 29.56
CA GLN F 198 22.52 -3.92 30.66
C GLN F 198 21.82 -5.25 30.46
N ARG F 199 20.50 -5.21 30.36
CA ARG F 199 19.67 -6.43 30.24
C ARG F 199 20.06 -7.28 29.04
N LEU F 200 20.36 -6.63 27.90
CA LEU F 200 20.65 -7.39 26.72
C LEU F 200 22.06 -7.94 26.77
N GLY F 201 22.88 -7.50 27.73
CA GLY F 201 24.23 -8.04 27.79
C GLY F 201 25.38 -7.08 28.00
N ALA F 202 25.17 -5.79 27.78
CA ALA F 202 26.25 -4.85 27.96
C ALA F 202 26.73 -4.80 29.41
N ASP F 203 27.99 -4.41 29.59
CA ASP F 203 28.49 -4.05 30.91
C ASP F 203 28.35 -2.54 31.10
N VAL F 204 27.34 -2.14 31.86
CA VAL F 204 27.04 -0.73 32.01
C VAL F 204 27.54 -0.03 33.31
N THR F 205 27.96 1.23 33.19
CA THR F 205 28.43 2.04 34.32
C THR F 205 27.98 3.45 34.06
N ALA F 206 27.22 3.94 35.02
CA ALA F 206 26.61 5.24 34.95
C ALA F 206 27.39 6.07 35.96
N VAL F 207 27.88 7.20 35.46
CA VAL F 207 28.71 8.14 36.19
C VAL F 207 27.91 9.41 36.46
N GLU F 208 27.76 9.76 37.74
CA GLU F 208 26.86 10.83 38.13
C GLU F 208 27.58 11.82 39.00
N PHE F 209 27.25 13.09 38.77
CA PHE F 209 27.81 14.20 39.55
C PHE F 209 27.28 14.33 41.00
N LEU F 210 26.01 14.12 41.22
CA LEU F 210 25.44 14.10 42.58
C LEU F 210 25.49 12.73 43.33
N GLY F 211 24.73 12.67 44.43
CA GLY F 211 24.80 11.58 45.39
C GLY F 211 23.73 10.54 45.24
N HIS F 212 22.94 10.63 44.16
CA HIS F 212 21.90 9.65 43.91
C HIS F 212 21.54 9.46 42.42
N VAL F 213 20.91 8.33 42.13
CA VAL F 213 20.36 7.99 40.82
C VAL F 213 18.96 8.50 40.75
N GLY F 214 18.39 8.60 39.56
CA GLY F 214 17.03 9.10 39.43
C GLY F 214 17.06 10.61 39.32
N GLY F 215 15.98 11.24 38.92
CA GLY F 215 16.09 12.68 38.77
C GLY F 215 16.20 13.60 40.00
N VAL F 216 15.59 14.78 39.83
CA VAL F 216 15.32 15.74 40.90
C VAL F 216 13.97 15.33 41.50
N GLY F 217 13.79 15.65 42.78
CA GLY F 217 12.54 15.41 43.40
C GLY F 217 12.42 13.94 43.80
N ILE F 218 13.30 13.12 43.26
CA ILE F 218 13.28 11.72 43.62
C ILE F 218 13.43 11.77 45.11
N ASP F 219 12.71 10.90 45.81
CA ASP F 219 12.87 10.76 47.26
C ASP F 219 14.15 9.97 47.50
N MET F 220 14.93 10.41 48.48
CA MET F 220 16.21 9.81 48.84
C MET F 220 16.18 8.35 49.34
N GLU F 221 15.25 8.07 50.24
CA GLU F 221 15.10 6.72 50.68
C GLU F 221 14.85 5.78 49.49
N ILE F 222 13.96 6.12 48.56
CA ILE F 222 13.74 5.21 47.47
C ILE F 222 14.83 5.21 46.41
N SER F 223 15.44 6.35 46.13
CA SER F 223 16.59 6.39 45.22
C SER F 223 17.67 5.42 45.69
N LYS F 224 18.12 5.57 46.91
CA LYS F 224 18.98 4.58 47.58
C LYS F 224 18.56 3.13 47.41
N ASN F 225 17.29 2.81 47.63
CA ASN F 225 16.79 1.46 47.47
C ASN F 225 16.80 1.12 46.01
N PHE F 226 16.37 2.09 45.22
CA PHE F 226 16.33 1.88 43.79
C PHE F 226 17.72 1.50 43.38
N GLN F 227 18.67 2.42 43.52
CA GLN F 227 20.06 2.09 43.28
C GLN F 227 20.55 0.73 43.78
N ARG F 228 20.14 0.34 44.96
CA ARG F 228 20.64 -0.91 45.48
C ARG F 228 20.10 -2.08 44.67
N ILE F 229 18.93 -1.91 44.09
CA ILE F 229 18.35 -3.00 43.30
C ILE F 229 19.08 -3.08 41.95
N LEU F 230 19.28 -1.94 41.32
CA LEU F 230 19.93 -1.89 40.03
C LEU F 230 21.30 -2.51 40.11
N GLN F 231 22.05 -2.12 41.10
CA GLN F 231 23.35 -2.72 41.26
C GLN F 231 23.26 -4.22 41.45
N LYS F 232 22.18 -4.70 42.05
CA LYS F 232 22.07 -6.14 42.28
C LYS F 232 21.80 -6.85 40.97
N GLN F 233 21.29 -6.06 40.01
CA GLN F 233 21.09 -6.60 38.68
C GLN F 233 22.39 -6.61 37.88
N GLY F 234 23.44 -5.98 38.40
CA GLY F 234 24.71 -5.82 37.69
C GLY F 234 24.98 -4.42 37.13
N PHE F 235 24.04 -3.49 37.24
CA PHE F 235 24.24 -2.10 36.79
C PHE F 235 25.29 -1.41 37.71
N LYS F 236 26.37 -0.85 37.18
CA LYS F 236 27.33 -0.20 38.09
C LYS F 236 27.12 1.31 38.20
N PHE F 237 27.62 1.89 39.29
CA PHE F 237 27.39 3.33 39.47
C PHE F 237 28.60 4.04 40.00
N LYS F 238 28.85 5.23 39.50
CA LYS F 238 29.94 6.03 40.03
C LYS F 238 29.38 7.38 40.34
N LEU F 239 28.78 7.49 41.52
CA LEU F 239 28.17 8.74 41.98
C LEU F 239 29.24 9.65 42.56
N ASN F 240 28.86 10.91 42.78
CA ASN F 240 29.77 11.95 43.24
C ASN F 240 31.03 11.98 42.44
N THR F 241 30.89 11.91 41.12
CA THR F 241 32.01 11.81 40.19
C THR F 241 31.72 12.72 39.01
N LYS F 242 32.73 13.43 38.52
CA LYS F 242 32.51 14.25 37.34
C LYS F 242 33.36 13.73 36.21
N VAL F 243 33.01 14.03 34.97
CA VAL F 243 33.81 13.47 33.89
C VAL F 243 34.67 14.63 33.43
N THR F 244 35.99 14.48 33.45
CA THR F 244 36.87 15.53 32.92
C THR F 244 37.05 15.57 31.38
N GLY F 245 36.97 14.41 30.72
CA GLY F 245 37.07 14.34 29.28
C GLY F 245 36.95 12.91 28.77
N ALA F 246 37.06 12.77 27.45
CA ALA F 246 36.94 11.49 26.78
C ALA F 246 37.70 11.56 25.47
N THR F 247 38.49 10.54 25.15
CA THR F 247 39.10 10.51 23.81
C THR F 247 38.89 9.16 23.13
N LYS F 248 38.77 9.15 21.81
CA LYS F 248 38.54 7.92 21.11
C LYS F 248 39.87 7.24 20.92
N LYS F 249 40.02 6.02 21.44
CA LYS F 249 41.27 5.27 21.37
C LYS F 249 41.68 4.74 19.98
N SER F 250 42.87 4.18 19.93
CA SER F 250 43.40 3.69 18.66
C SER F 250 42.48 2.66 18.06
N ASP F 251 42.00 1.74 18.88
CA ASP F 251 41.17 0.65 18.44
C ASP F 251 39.68 0.89 18.59
N GLY F 252 39.22 2.11 18.33
CA GLY F 252 37.79 2.38 18.33
C GLY F 252 37.13 2.44 19.69
N LYS F 253 37.76 1.90 20.73
CA LYS F 253 37.24 2.04 22.10
C LYS F 253 37.18 3.51 22.53
N ILE F 254 36.47 3.79 23.63
CA ILE F 254 36.45 5.15 24.23
C ILE F 254 37.05 5.20 25.62
N ASP F 255 37.93 6.17 25.82
CA ASP F 255 38.47 6.43 27.14
C ASP F 255 37.87 7.69 27.75
N VAL F 256 37.37 7.53 28.98
CA VAL F 256 36.76 8.60 29.78
C VAL F 256 37.54 8.85 31.04
N SER F 257 37.88 10.09 31.31
CA SER F 257 38.61 10.42 32.50
C SER F 257 37.63 11.06 33.47
N ILE F 258 37.31 10.34 34.53
CA ILE F 258 36.41 10.89 35.49
C ILE F 258 37.32 11.33 36.60
N GLU F 259 36.75 12.00 37.61
CA GLU F 259 37.46 12.48 38.80
C GLU F 259 36.41 12.68 39.87
N ALA F 260 36.76 12.45 41.14
CA ALA F 260 35.84 12.73 42.25
C ALA F 260 35.27 14.14 42.12
N ALA F 261 34.02 14.32 42.54
CA ALA F 261 33.37 15.61 42.33
C ALA F 261 34.04 16.78 43.09
N SER F 262 34.15 16.64 44.41
CA SER F 262 34.80 17.62 45.28
C SER F 262 36.30 17.65 45.12
N GLY F 263 37.00 16.65 45.68
CA GLY F 263 38.44 16.46 45.49
C GLY F 263 38.84 16.10 44.06
N GLY F 264 39.80 15.18 43.90
CA GLY F 264 40.24 14.79 42.59
C GLY F 264 40.82 13.40 42.50
N LYS F 265 40.00 12.35 42.50
CA LYS F 265 40.51 10.98 42.33
C LYS F 265 40.66 10.62 40.86
N ALA F 266 41.74 11.11 40.23
CA ALA F 266 41.96 10.91 38.80
C ALA F 266 41.86 9.43 38.48
N GLU F 267 41.09 9.12 37.44
CA GLU F 267 40.79 7.74 37.13
C GLU F 267 40.39 7.70 35.66
N VAL F 268 40.54 6.55 35.03
CA VAL F 268 40.17 6.47 33.63
C VAL F 268 39.35 5.18 33.36
N ILE F 269 38.20 5.36 32.72
CA ILE F 269 37.32 4.28 32.34
C ILE F 269 37.31 4.19 30.81
N THR F 270 37.36 2.97 30.34
CA THR F 270 37.37 2.68 28.94
C THR F 270 36.01 2.01 28.57
N CYS F 271 35.45 2.26 27.40
CA CYS F 271 34.22 1.61 27.04
C CYS F 271 34.07 1.58 25.54
N ASP F 272 33.02 0.89 25.06
CA ASP F 272 32.78 0.68 23.63
C ASP F 272 31.80 1.73 23.09
N VAL F 273 30.94 2.24 23.97
CA VAL F 273 29.97 3.28 23.65
C VAL F 273 29.90 4.27 24.83
N LEU F 274 29.81 5.54 24.52
CA LEU F 274 29.62 6.55 25.53
C LEU F 274 28.25 7.23 25.28
N LEU F 275 27.38 7.20 26.30
CA LEU F 275 26.06 7.72 26.18
C LEU F 275 26.04 8.94 27.00
N VAL F 276 25.99 10.08 26.31
CA VAL F 276 26.00 11.38 26.93
C VAL F 276 24.60 11.89 27.16
N CYS F 277 24.05 11.70 28.36
CA CYS F 277 22.80 12.35 28.70
C CYS F 277 22.97 13.08 30.04
N ILE F 278 23.42 14.31 29.95
CA ILE F 278 23.54 15.06 31.16
C ILE F 278 22.38 16.01 31.31
N GLY F 279 21.64 16.18 30.25
CA GLY F 279 20.49 17.04 30.35
C GLY F 279 19.78 17.16 29.04
N ARG F 280 18.72 17.95 29.09
CA ARG F 280 17.87 18.19 27.98
C ARG F 280 17.51 19.67 28.10
N ARG F 281 17.38 20.46 27.02
CA ARG F 281 17.18 21.93 27.19
C ARG F 281 16.25 22.59 26.16
N PRO F 282 15.62 23.71 26.50
CA PRO F 282 14.51 24.25 25.72
C PRO F 282 15.02 24.66 24.38
N PHE F 283 14.16 24.60 23.37
CA PHE F 283 14.58 24.76 22.00
C PHE F 283 13.75 25.84 21.35
N THR F 284 14.46 26.86 20.84
CA THR F 284 13.85 28.11 20.45
C THR F 284 14.49 28.68 19.21
N LYS F 285 15.38 27.92 18.59
CA LYS F 285 16.18 28.49 17.49
C LYS F 285 15.35 28.89 16.30
N ASN F 286 15.77 29.97 15.63
CA ASN F 286 15.12 30.47 14.41
C ASN F 286 13.63 30.55 14.51
N LEU F 287 13.15 31.18 15.58
CA LEU F 287 11.72 31.24 15.83
C LEU F 287 11.38 32.67 15.77
N GLY F 288 12.44 33.47 15.88
CA GLY F 288 12.41 34.93 15.79
C GLY F 288 12.02 35.60 17.10
N LEU F 289 12.31 34.92 18.21
CA LEU F 289 11.95 35.42 19.51
C LEU F 289 12.68 36.75 19.79
N GLU F 290 13.88 36.89 19.25
CA GLU F 290 14.53 38.16 19.40
C GLU F 290 13.94 39.33 18.62
N GLU F 291 13.47 39.13 17.39
CA GLU F 291 12.87 40.24 16.66
C GLU F 291 11.63 40.74 17.36
N LEU F 292 11.08 39.94 18.27
CA LEU F 292 9.82 40.28 18.94
C LEU F 292 10.04 40.79 20.32
N GLY F 293 11.27 40.76 20.77
CA GLY F 293 11.58 41.26 22.08
C GLY F 293 11.05 40.42 23.21
N ILE F 294 10.94 39.10 22.99
CA ILE F 294 10.70 38.13 24.08
C ILE F 294 12.01 37.58 24.64
N GLU F 295 12.47 38.07 25.80
CA GLU F 295 13.66 37.48 26.44
C GLU F 295 13.29 36.13 27.06
N LEU F 296 14.24 35.20 27.00
CA LEU F 296 14.09 33.95 27.69
C LEU F 296 14.69 34.12 29.05
N ASP F 297 14.37 33.24 29.98
CA ASP F 297 14.97 33.29 31.29
C ASP F 297 16.39 32.75 31.16
N PRO F 298 17.25 32.93 32.17
CA PRO F 298 18.64 32.45 32.06
C PRO F 298 18.67 31.13 31.36
N ARG F 299 18.06 30.08 31.91
CA ARG F 299 18.15 28.74 31.33
C ARG F 299 17.59 28.47 29.93
N GLY F 300 17.12 29.48 29.21
CA GLY F 300 16.57 29.21 27.89
C GLY F 300 15.07 28.93 27.76
N ARG F 301 14.30 28.99 28.85
CA ARG F 301 12.85 28.87 28.80
C ARG F 301 12.21 30.19 28.52
N ILE F 302 11.15 30.17 27.72
CA ILE F 302 10.28 31.34 27.49
C ILE F 302 9.46 31.49 28.77
N PRO F 303 9.64 32.58 29.48
CA PRO F 303 8.85 32.79 30.70
C PRO F 303 7.40 33.06 30.25
N VAL F 304 6.39 32.68 31.03
CA VAL F 304 5.00 32.81 30.59
C VAL F 304 4.20 33.07 31.85
N ASN F 305 2.99 33.65 31.76
CA ASN F 305 2.13 33.76 32.95
C ASN F 305 1.29 32.50 33.20
N THR F 306 0.25 32.59 34.03
CA THR F 306 -0.59 31.41 34.34
C THR F 306 -1.55 31.02 33.23
N ARG F 307 -1.85 31.95 32.32
CA ARG F 307 -2.67 31.62 31.16
C ARG F 307 -1.76 31.21 30.00
N PHE F 308 -0.46 31.11 30.33
CA PHE F 308 0.63 30.58 29.49
C PHE F 308 0.95 31.53 28.42
N GLN F 309 0.61 32.80 28.62
CA GLN F 309 0.88 33.79 27.60
C GLN F 309 2.18 34.43 27.85
N THR F 310 2.91 34.66 26.78
CA THR F 310 4.17 35.34 26.93
C THR F 310 3.89 36.82 27.14
N LYS F 311 4.97 37.58 27.20
CA LYS F 311 4.89 39.03 27.23
C LYS F 311 3.99 39.61 26.14
N ILE F 312 4.01 39.15 24.91
CA ILE F 312 2.98 39.66 24.04
C ILE F 312 1.73 38.75 24.15
N PRO F 313 0.54 39.34 24.38
CA PRO F 313 -0.68 38.66 24.85
C PRO F 313 -1.32 37.57 24.02
N ASN F 314 -1.14 37.55 22.71
CA ASN F 314 -1.73 36.44 21.98
C ASN F 314 -0.75 35.28 21.74
N ILE F 315 0.52 35.47 22.12
CA ILE F 315 1.52 34.43 21.95
C ILE F 315 1.65 33.60 23.20
N TYR F 316 1.34 32.33 23.10
CA TYR F 316 1.32 31.52 24.27
C TYR F 316 2.48 30.61 24.10
N ALA F 317 2.79 29.81 25.11
CA ALA F 317 3.87 28.84 25.02
C ALA F 317 3.69 27.78 26.13
N ILE F 318 3.94 26.52 25.83
CA ILE F 318 3.80 25.47 26.83
C ILE F 318 4.69 24.33 26.43
N GLY F 319 4.87 23.39 27.32
CA GLY F 319 5.68 22.25 26.98
C GLY F 319 7.09 22.49 27.44
N ASP F 320 8.03 21.85 26.77
CA ASP F 320 9.37 21.75 27.30
C ASP F 320 10.12 23.06 27.24
N VAL F 321 9.59 24.02 26.47
CA VAL F 321 10.20 25.32 26.20
C VAL F 321 9.84 26.31 27.30
N VAL F 322 8.94 25.94 28.23
CA VAL F 322 8.56 26.81 29.39
C VAL F 322 8.94 26.19 30.70
N ALA F 323 8.63 26.85 31.80
CA ALA F 323 9.12 26.39 33.10
C ALA F 323 8.54 25.03 33.52
N GLY F 324 8.88 24.52 34.71
CA GLY F 324 8.28 23.29 35.23
C GLY F 324 9.01 22.04 34.80
N PRO F 325 8.54 20.84 35.20
CA PRO F 325 9.09 19.51 34.78
C PRO F 325 9.08 19.24 33.29
N MET F 326 10.10 18.59 32.73
CA MET F 326 10.06 18.23 31.32
C MET F 326 9.41 16.86 31.05
N LEU F 327 8.09 16.83 31.13
CA LEU F 327 7.41 15.56 30.92
C LEU F 327 6.39 15.69 29.81
N ALA F 328 6.02 14.56 29.25
CA ALA F 328 5.03 14.55 28.22
C ALA F 328 3.65 14.86 28.80
N HIS F 329 3.29 14.28 29.94
CA HIS F 329 1.90 14.43 30.40
C HIS F 329 1.73 15.86 30.78
N LYS F 330 2.82 16.49 31.14
CA LYS F 330 2.76 17.90 31.52
C LYS F 330 2.46 18.73 30.31
N ALA F 331 3.36 18.74 29.34
CA ALA F 331 3.15 19.42 28.07
C ALA F 331 1.73 19.32 27.65
N GLU F 332 1.22 18.09 27.67
CA GLU F 332 -0.08 17.77 27.10
C GLU F 332 -1.11 18.57 27.83
N ASP F 333 -0.98 18.68 29.16
CA ASP F 333 -1.98 19.40 29.97
C ASP F 333 -1.96 20.86 29.71
N GLU F 334 -0.75 21.43 29.68
CA GLU F 334 -0.60 22.81 29.38
C GLU F 334 -1.21 23.08 28.03
N GLY F 335 -0.88 22.22 27.09
CA GLY F 335 -1.46 22.31 25.77
C GLY F 335 -2.97 22.49 25.94
N ILE F 336 -3.61 21.46 26.47
CA ILE F 336 -5.03 21.53 26.63
C ILE F 336 -5.50 22.80 27.34
N ILE F 337 -5.07 23.03 28.58
CA ILE F 337 -5.72 24.03 29.41
C ILE F 337 -5.34 25.36 28.85
N CYS F 338 -4.19 25.43 28.19
CA CYS F 338 -3.81 26.67 27.59
C CYS F 338 -4.88 27.10 26.67
N VAL F 339 -5.12 26.35 25.60
CA VAL F 339 -6.11 26.70 24.57
C VAL F 339 -7.55 26.76 25.10
N GLU F 340 -7.83 25.94 26.12
CA GLU F 340 -9.12 25.99 26.74
C GLU F 340 -9.23 27.32 27.45
N GLY F 341 -8.08 27.91 27.72
CA GLY F 341 -7.97 29.27 28.21
C GLY F 341 -8.34 30.28 27.15
N MET F 342 -7.82 30.10 25.94
CA MET F 342 -8.04 31.10 24.90
C MET F 342 -9.50 31.14 24.65
N ALA F 343 -10.20 30.12 25.11
CA ALA F 343 -11.59 30.06 24.81
C ALA F 343 -12.52 30.57 25.94
N GLY F 344 -11.95 31.26 26.94
CA GLY F 344 -12.75 31.83 28.02
C GLY F 344 -12.59 31.00 29.28
N GLY F 345 -12.28 29.71 29.12
CA GLY F 345 -12.09 28.81 30.25
C GLY F 345 -11.18 29.28 31.36
N ALA F 346 -11.18 28.56 32.48
CA ALA F 346 -10.21 28.77 33.58
C ALA F 346 -8.83 28.19 33.25
N VAL F 347 -7.84 28.47 34.07
CA VAL F 347 -6.51 27.95 33.78
C VAL F 347 -5.84 27.46 35.01
N HIS F 348 -6.38 26.45 35.68
CA HIS F 348 -5.63 25.97 36.86
C HIS F 348 -4.85 24.69 36.54
N ILE F 349 -3.62 24.61 37.04
CA ILE F 349 -2.76 23.42 36.92
C ILE F 349 -1.89 23.15 38.17
N ASP F 350 -2.00 21.97 38.75
CA ASP F 350 -1.30 21.79 40.02
C ASP F 350 -0.05 20.92 39.93
N TYR F 351 1.10 21.58 39.87
CA TYR F 351 2.39 20.90 39.67
C TYR F 351 2.74 19.93 40.80
N ASN F 352 2.10 20.08 41.92
CA ASN F 352 2.41 19.15 42.95
C ASN F 352 1.76 17.80 42.73
N CYS F 353 0.85 17.74 41.77
CA CYS F 353 0.17 16.48 41.49
C CYS F 353 0.62 15.89 40.17
N VAL F 354 1.68 16.41 39.57
CA VAL F 354 2.15 15.74 38.38
C VAL F 354 3.10 14.58 38.78
N PRO F 355 2.79 13.39 38.27
CA PRO F 355 3.52 12.16 38.58
C PRO F 355 4.78 12.10 37.77
N SER F 356 5.73 11.31 38.23
CA SER F 356 6.92 11.06 37.44
C SER F 356 7.09 9.58 37.53
N VAL F 357 7.59 8.97 36.45
CA VAL F 357 7.75 7.52 36.44
C VAL F 357 9.08 7.11 35.87
N ILE F 358 9.69 6.05 36.39
CA ILE F 358 10.89 5.56 35.77
C ILE F 358 10.56 4.14 35.28
N TYR F 359 10.50 3.86 33.97
CA TYR F 359 10.12 2.53 33.51
C TYR F 359 11.22 1.43 33.49
N THR F 360 12.13 1.45 34.43
CA THR F 360 12.97 0.31 34.59
C THR F 360 12.09 -0.78 35.23
N HIS F 361 12.70 -1.88 35.65
CA HIS F 361 12.02 -2.88 36.43
C HIS F 361 13.02 -3.43 37.48
N PRO F 362 12.76 -3.20 38.77
CA PRO F 362 11.53 -2.57 39.27
C PRO F 362 11.29 -1.16 38.72
N GLU F 363 10.03 -0.67 38.76
CA GLU F 363 9.71 0.71 38.31
C GLU F 363 9.71 1.71 39.45
N VAL F 364 9.79 3.00 39.14
CA VAL F 364 9.75 4.02 40.17
C VAL F 364 8.78 5.13 39.75
N ALA F 365 8.00 5.58 40.71
CA ALA F 365 7.06 6.62 40.41
C ALA F 365 6.63 7.29 41.68
N TRP F 366 6.41 8.58 41.57
CA TRP F 366 6.07 9.31 42.74
C TRP F 366 5.42 10.57 42.25
N VAL F 367 4.70 11.18 43.19
CA VAL F 367 3.95 12.40 43.00
C VAL F 367 3.85 12.98 44.41
N GLY F 368 3.79 14.29 44.54
CA GLY F 368 3.65 14.86 45.84
C GLY F 368 5.04 15.29 46.23
N LYS F 369 5.47 15.05 47.47
CA LYS F 369 6.73 15.62 47.90
C LYS F 369 7.64 14.59 48.55
N SER F 370 8.95 14.71 48.35
CA SER F 370 9.87 13.79 49.03
C SER F 370 10.05 14.19 50.44
N GLU F 371 10.50 13.29 51.29
CA GLU F 371 10.87 13.68 52.65
C GLU F 371 11.70 14.94 52.63
N GLU F 372 12.66 15.04 51.74
CA GLU F 372 13.58 16.16 51.82
C GLU F 372 12.92 17.49 51.49
N GLN F 373 11.93 17.45 50.60
CA GLN F 373 11.10 18.62 50.30
C GLN F 373 10.38 18.97 51.58
N LEU F 374 9.83 17.97 52.26
CA LEU F 374 9.03 18.21 53.46
C LEU F 374 9.86 18.72 54.62
N LYS F 375 10.94 18.02 54.90
CA LYS F 375 11.88 18.44 55.91
C LYS F 375 12.42 19.86 55.66
N GLU F 376 12.58 20.26 54.41
CA GLU F 376 13.19 21.56 54.17
C GLU F 376 12.15 22.65 54.17
N GLU F 377 10.88 22.25 54.19
CA GLU F 377 9.73 23.17 54.26
C GLU F 377 9.21 23.17 55.66
N GLY F 378 9.85 22.43 56.55
CA GLY F 378 9.47 22.42 57.95
C GLY F 378 8.09 21.89 58.23
N ILE F 379 7.56 21.07 57.33
CA ILE F 379 6.24 20.47 57.54
C ILE F 379 6.38 19.23 58.41
N GLU F 380 5.55 19.10 59.43
CA GLU F 380 5.54 17.91 60.30
C GLU F 380 4.69 16.79 59.69
N TYR F 381 5.31 15.65 59.34
CA TYR F 381 4.62 14.54 58.68
C TYR F 381 4.86 13.25 59.41
N LYS F 382 4.09 12.22 59.06
CA LYS F 382 4.36 10.86 59.48
C LYS F 382 4.60 10.05 58.21
N VAL F 383 4.95 8.76 58.33
CA VAL F 383 5.17 7.96 57.13
C VAL F 383 4.71 6.56 57.21
N GLY F 384 3.95 6.15 56.18
CA GLY F 384 3.51 4.77 55.99
C GLY F 384 4.25 3.98 54.91
N LYS F 385 4.85 2.85 55.31
CA LYS F 385 5.58 1.96 54.40
C LYS F 385 4.99 0.57 54.30
N PHE F 386 4.76 0.13 53.05
CA PHE F 386 4.35 -1.24 52.78
C PHE F 386 5.25 -1.94 51.75
N PRO F 387 5.86 -3.06 52.15
CA PRO F 387 6.81 -3.82 51.32
C PRO F 387 6.11 -4.73 50.32
N PHE F 388 6.51 -4.64 49.05
CA PHE F 388 5.87 -5.47 48.06
C PHE F 388 5.93 -6.95 48.39
N ALA F 389 6.94 -7.36 49.14
CA ALA F 389 7.13 -8.75 49.50
C ALA F 389 5.96 -9.26 50.35
N ALA F 390 5.18 -8.32 50.91
CA ALA F 390 3.97 -8.63 51.64
C ALA F 390 2.67 -8.50 50.79
N ASN F 391 2.79 -8.22 49.50
CA ASN F 391 1.65 -7.97 48.66
C ASN F 391 1.38 -9.26 47.97
N SER F 392 0.13 -9.70 47.99
CA SER F 392 -0.22 -11.01 47.51
C SER F 392 -0.07 -11.13 46.00
N ARG F 393 -0.47 -10.14 45.24
CA ARG F 393 -0.28 -10.28 43.81
C ARG F 393 1.22 -10.45 43.57
N ALA F 394 1.98 -9.42 43.91
CA ALA F 394 3.41 -9.41 43.72
C ALA F 394 4.04 -10.69 44.22
N LYS F 395 3.51 -11.34 45.23
CA LYS F 395 4.21 -12.53 45.72
C LYS F 395 3.91 -13.80 44.90
N THR F 396 2.72 -13.91 44.33
CA THR F 396 2.44 -15.09 43.51
C THR F 396 3.07 -14.98 42.10
N ASN F 397 3.34 -13.75 41.68
CA ASN F 397 4.01 -13.48 40.42
C ASN F 397 5.52 -13.51 40.62
N ALA F 398 5.95 -13.86 41.83
CA ALA F 398 7.36 -13.99 42.14
C ALA F 398 8.11 -12.70 41.97
N ASP F 399 7.39 -11.58 41.85
CA ASP F 399 8.05 -10.30 41.64
C ASP F 399 8.00 -9.31 42.86
N THR F 400 8.79 -9.54 43.92
CA THR F 400 8.59 -8.84 45.20
C THR F 400 9.43 -7.59 45.50
N ASP F 401 10.22 -7.12 44.54
CA ASP F 401 11.09 -5.93 44.79
C ASP F 401 10.28 -4.71 45.22
N GLY F 402 10.77 -4.04 46.27
CA GLY F 402 10.31 -2.71 46.63
C GLY F 402 9.21 -2.50 47.67
N MET F 403 8.69 -1.28 47.69
CA MET F 403 7.71 -0.86 48.67
C MET F 403 6.95 0.35 48.18
N VAL F 404 5.87 0.65 48.90
CA VAL F 404 5.18 1.88 48.75
C VAL F 404 5.35 2.74 49.99
N LYS F 405 5.78 3.98 49.80
CA LYS F 405 6.00 4.84 50.95
C LYS F 405 5.12 6.00 50.75
N ILE F 406 4.23 6.27 51.71
CA ILE F 406 3.35 7.43 51.60
C ILE F 406 3.70 8.36 52.77
N LEU F 407 3.71 9.67 52.55
CA LEU F 407 3.93 10.62 53.61
C LEU F 407 2.75 11.56 53.81
N GLY F 408 2.24 11.66 55.02
CA GLY F 408 1.14 12.57 55.25
C GLY F 408 1.30 13.49 56.45
N GLN F 409 0.66 14.66 56.39
CA GLN F 409 0.68 15.65 57.47
C GLN F 409 0.23 14.95 58.76
N LYS F 410 0.95 15.25 59.86
CA LYS F 410 0.79 14.54 61.13
C LYS F 410 -0.56 14.79 61.79
N SER F 411 -1.15 15.95 61.56
CA SER F 411 -2.38 16.30 62.27
C SER F 411 -3.60 16.16 61.35
N THR F 412 -3.57 16.84 60.18
CA THR F 412 -4.65 16.77 59.17
C THR F 412 -4.72 15.34 58.63
N ASP F 413 -3.55 14.73 58.47
CA ASP F 413 -3.41 13.36 58.02
C ASP F 413 -3.53 13.31 56.53
N ARG F 414 -3.46 14.48 55.91
CA ARG F 414 -3.57 14.58 54.47
C ARG F 414 -2.34 13.91 53.84
N VAL F 415 -2.51 13.29 52.68
CA VAL F 415 -1.35 12.73 51.98
C VAL F 415 -0.62 13.90 51.32
N LEU F 416 0.71 13.84 51.31
CA LEU F 416 1.50 14.94 50.82
C LEU F 416 2.42 14.50 49.74
N GLY F 417 2.56 13.17 49.65
CA GLY F 417 3.42 12.47 48.68
C GLY F 417 3.28 10.95 48.74
N ALA F 418 3.25 10.30 47.58
CA ALA F 418 3.23 8.85 47.52
C ALA F 418 4.38 8.49 46.66
N HIS F 419 5.05 7.41 47.04
CA HIS F 419 6.31 7.05 46.42
C HIS F 419 6.35 5.53 46.31
N ILE F 420 6.64 5.06 45.10
CA ILE F 420 6.51 3.64 44.84
C ILE F 420 7.71 3.08 44.13
N LEU F 421 8.27 2.01 44.68
CA LEU F 421 9.28 1.33 43.96
C LEU F 421 8.88 -0.14 43.89
N GLY F 422 8.76 -0.67 42.68
CA GLY F 422 8.28 -2.03 42.55
C GLY F 422 7.38 -2.18 41.36
N PRO F 423 6.89 -3.39 41.22
CA PRO F 423 6.12 -3.81 40.05
C PRO F 423 4.86 -2.97 39.90
N GLY F 424 4.65 -2.37 38.71
CA GLY F 424 3.36 -1.72 38.47
C GLY F 424 3.31 -0.32 39.00
N ALA F 425 4.45 0.23 39.40
CA ALA F 425 4.45 1.57 39.96
C ALA F 425 3.89 2.57 38.96
N GLY F 426 4.02 2.30 37.68
CA GLY F 426 3.72 3.39 36.79
C GLY F 426 2.24 3.54 36.65
N GLU F 427 1.53 2.42 36.76
CA GLU F 427 0.07 2.46 36.64
C GLU F 427 -0.52 2.88 38.01
N MET F 428 0.11 2.39 39.08
CA MET F 428 -0.30 2.59 40.47
C MET F 428 -0.25 4.01 40.90
N VAL F 429 0.78 4.75 40.45
CA VAL F 429 0.87 6.18 40.78
C VAL F 429 -0.30 7.06 40.32
N ASN F 430 -1.17 6.62 39.41
CA ASN F 430 -2.19 7.57 38.97
C ASN F 430 -3.34 7.54 39.92
N GLU F 431 -3.39 6.48 40.70
CA GLU F 431 -4.45 6.40 41.64
C GLU F 431 -4.03 7.38 42.68
N ALA F 432 -2.73 7.51 42.87
CA ALA F 432 -2.25 8.40 43.93
C ALA F 432 -2.38 9.82 43.43
N ALA F 433 -2.15 10.01 42.14
CA ALA F 433 -2.22 11.34 41.59
C ALA F 433 -3.67 11.74 41.65
N LEU F 434 -4.57 10.78 41.66
CA LEU F 434 -5.96 11.15 41.71
C LEU F 434 -6.37 11.49 43.12
N ALA F 435 -5.83 10.77 44.08
CA ALA F 435 -6.17 11.02 45.45
C ALA F 435 -5.68 12.41 45.86
N LEU F 436 -4.49 12.80 45.41
CA LEU F 436 -4.00 14.18 45.58
C LEU F 436 -4.98 15.22 45.06
N GLU F 437 -5.57 14.94 43.92
CA GLU F 437 -6.43 15.91 43.31
C GLU F 437 -7.59 16.21 44.20
N TYR F 438 -8.11 15.16 44.86
CA TYR F 438 -9.24 15.31 45.74
C TYR F 438 -8.75 15.77 47.06
N GLY F 439 -7.43 15.98 47.18
CA GLY F 439 -6.80 16.32 48.45
C GLY F 439 -7.12 15.34 49.55
N ALA F 440 -6.90 14.06 49.32
CA ALA F 440 -7.33 13.07 50.30
C ALA F 440 -6.39 13.01 51.46
N SER F 441 -6.84 12.21 52.43
CA SER F 441 -6.04 11.81 53.57
C SER F 441 -5.77 10.34 53.46
N CYS F 442 -4.81 9.87 54.24
CA CYS F 442 -4.46 8.47 54.31
C CYS F 442 -5.67 7.59 54.60
N GLU F 443 -6.54 8.04 55.49
CA GLU F 443 -7.72 7.28 55.77
C GLU F 443 -8.65 7.14 54.59
N ASP F 444 -8.91 8.23 53.86
CA ASP F 444 -9.76 8.13 52.68
C ASP F 444 -9.31 7.04 51.81
N ILE F 445 -8.00 6.98 51.57
CA ILE F 445 -7.44 5.94 50.74
C ILE F 445 -7.53 4.55 51.32
N ALA F 446 -7.31 4.40 52.63
CA ALA F 446 -7.39 3.09 53.24
C ALA F 446 -8.84 2.58 53.22
N ARG F 447 -9.79 3.50 53.25
CA ARG F 447 -11.21 3.18 53.26
C ARG F 447 -11.73 2.60 51.95
N VAL F 448 -11.17 3.03 50.82
CA VAL F 448 -11.62 2.52 49.54
C VAL F 448 -11.44 1.02 49.40
N CYS F 449 -12.39 0.37 48.75
CA CYS F 449 -12.26 -1.04 48.54
C CYS F 449 -11.40 -1.35 47.31
N HIS F 450 -10.17 -1.85 47.49
CA HIS F 450 -9.27 -2.21 46.39
C HIS F 450 -9.40 -3.69 46.06
N ALA F 451 -9.25 -4.04 44.79
CA ALA F 451 -9.41 -5.41 44.36
C ALA F 451 -8.31 -6.33 44.92
N HIS F 452 -8.69 -7.55 45.32
CA HIS F 452 -7.70 -8.54 45.77
C HIS F 452 -7.69 -9.76 44.88
N PRO F 453 -6.51 -10.14 44.39
CA PRO F 453 -5.25 -9.51 44.78
C PRO F 453 -4.70 -8.62 43.68
N THR F 454 -4.12 -7.51 44.05
CA THR F 454 -3.56 -6.56 43.07
C THR F 454 -2.43 -5.85 43.77
N LEU F 455 -1.58 -5.31 42.91
CA LEU F 455 -0.44 -4.57 43.37
C LEU F 455 -0.94 -3.33 44.19
N SER F 456 -2.01 -2.68 43.74
CA SER F 456 -2.65 -1.61 44.46
C SER F 456 -2.87 -1.78 45.96
N GLU F 457 -3.23 -2.99 46.40
CA GLU F 457 -3.49 -3.22 47.82
C GLU F 457 -2.31 -2.71 48.65
N ALA F 458 -1.11 -2.86 48.11
CA ALA F 458 0.06 -2.35 48.76
C ALA F 458 -0.03 -0.88 48.94
N PHE F 459 -0.68 -0.20 48.02
CA PHE F 459 -0.80 1.23 48.15
C PHE F 459 -1.80 1.55 49.24
N ARG F 460 -2.81 0.70 49.37
CA ARG F 460 -3.84 0.88 50.38
C ARG F 460 -3.15 0.68 51.67
N GLU F 461 -2.42 -0.42 51.79
CA GLU F 461 -1.97 -0.86 53.11
C GLU F 461 -1.03 0.15 53.74
N ALA F 462 -0.34 0.91 52.90
CA ALA F 462 0.73 1.74 53.42
C ALA F 462 -0.06 2.85 53.86
N ASN F 463 -0.99 3.29 53.03
CA ASN F 463 -1.85 4.36 53.48
C ASN F 463 -2.54 4.08 54.82
N LEU F 464 -3.02 2.86 54.98
CA LEU F 464 -3.61 2.47 56.24
C LEU F 464 -2.49 2.60 57.31
N ALA F 465 -1.39 1.89 57.15
CA ALA F 465 -0.26 2.05 58.05
C ALA F 465 0.12 3.51 58.35
N ALA F 466 0.00 4.43 57.40
CA ALA F 466 0.23 5.82 57.80
C ALA F 466 -0.78 6.38 58.81
N SER F 467 -2.09 6.18 58.58
CA SER F 467 -3.11 6.82 59.42
C SER F 467 -3.30 6.06 60.74
N PHE F 468 -4.03 4.95 60.74
CA PHE F 468 -4.02 4.01 61.88
C PHE F 468 -2.52 3.70 62.06
N GLY F 469 -2.06 3.23 63.21
CA GLY F 469 -0.62 2.98 63.34
C GLY F 469 0.13 1.90 62.52
N LYS F 470 -0.61 0.92 62.01
CA LYS F 470 -0.13 -0.33 61.39
C LYS F 470 -1.17 -1.01 60.47
N SER F 471 -0.75 -1.86 59.55
CA SER F 471 -1.70 -2.46 58.63
C SER F 471 -1.88 -3.92 58.92
N ILE F 472 -2.72 -4.60 58.14
CA ILE F 472 -3.02 -5.97 58.50
C ILE F 472 -1.94 -6.92 58.09
N ASN F 473 -1.46 -6.81 56.87
CA ASN F 473 -0.60 -7.88 56.37
C ASN F 473 0.88 -7.62 56.67
N PHE F 474 1.11 -6.59 57.47
CA PHE F 474 2.48 -6.21 57.80
C PHE F 474 2.51 -5.05 58.87
N ALA G 1 -41.99 34.14 -47.33
CA ALA G 1 -43.49 34.07 -47.35
C ALA G 1 -44.01 32.63 -47.46
N ASP G 2 -43.56 31.73 -46.57
CA ASP G 2 -44.04 30.33 -46.52
C ASP G 2 -45.52 30.23 -46.07
N GLN G 3 -46.38 29.64 -46.91
CA GLN G 3 -47.83 29.56 -46.66
C GLN G 3 -48.23 28.55 -45.55
N PRO G 4 -49.51 28.48 -45.17
CA PRO G 4 -49.94 27.60 -44.07
C PRO G 4 -49.72 26.12 -44.39
N ILE G 5 -49.44 25.27 -43.39
CA ILE G 5 -49.34 23.81 -43.59
C ILE G 5 -50.39 23.13 -42.76
N ASP G 6 -50.88 21.99 -43.21
CA ASP G 6 -51.89 21.27 -42.43
C ASP G 6 -51.28 20.20 -41.58
N ALA G 7 -51.90 19.88 -40.44
CA ALA G 7 -51.29 18.81 -39.65
C ALA G 7 -52.22 17.94 -38.81
N ASP G 8 -51.82 16.72 -38.52
CA ASP G 8 -52.54 15.94 -37.53
C ASP G 8 -51.96 16.32 -36.19
N VAL G 9 -50.63 16.38 -36.14
CA VAL G 9 -49.97 16.63 -34.88
C VAL G 9 -48.84 17.64 -35.05
N THR G 10 -48.72 18.54 -34.10
CA THR G 10 -47.69 19.56 -34.19
C THR G 10 -46.94 19.61 -32.89
N VAL G 11 -45.71 19.10 -32.92
CA VAL G 11 -44.94 19.10 -31.73
C VAL G 11 -44.15 20.39 -31.58
N ILE G 12 -44.27 21.03 -30.41
CA ILE G 12 -43.39 22.13 -30.07
C ILE G 12 -42.31 21.59 -29.14
N GLY G 13 -41.06 21.72 -29.55
CA GLY G 13 -39.98 21.15 -28.77
C GLY G 13 -39.44 19.94 -29.51
N SER G 14 -38.11 19.75 -29.56
CA SER G 14 -37.61 18.51 -30.14
C SER G 14 -36.62 17.78 -29.25
N GLY G 15 -36.78 17.82 -27.95
CA GLY G 15 -35.99 16.97 -27.09
C GLY G 15 -36.56 15.55 -26.98
N PRO G 16 -36.03 14.79 -26.03
CA PRO G 16 -36.32 13.39 -25.90
C PRO G 16 -37.79 13.13 -25.94
N GLY G 17 -38.58 13.83 -25.18
CA GLY G 17 -40.02 13.79 -25.42
C GLY G 17 -40.21 14.76 -26.60
N GLY G 18 -40.92 14.40 -27.66
CA GLY G 18 -40.99 15.40 -28.73
C GLY G 18 -40.42 15.00 -30.08
N TYR G 19 -39.11 14.87 -30.14
CA TYR G 19 -38.56 14.26 -31.32
C TYR G 19 -39.09 12.81 -31.35
N VAL G 20 -39.19 12.12 -30.19
CA VAL G 20 -39.69 10.75 -30.29
C VAL G 20 -41.19 10.76 -30.35
N ALA G 21 -41.82 11.74 -29.75
CA ALA G 21 -43.27 11.77 -29.81
C ALA G 21 -43.64 11.92 -31.30
N ALA G 22 -42.97 12.85 -31.97
CA ALA G 22 -43.18 13.14 -33.40
C ALA G 22 -42.95 11.98 -34.37
N ILE G 23 -41.87 11.25 -34.16
CA ILE G 23 -41.61 10.12 -35.04
C ILE G 23 -42.72 9.08 -34.78
N LYS G 24 -43.11 8.89 -33.52
CA LYS G 24 -44.10 7.87 -33.27
C LYS G 24 -45.38 8.26 -33.92
N ALA G 25 -45.64 9.57 -33.95
CA ALA G 25 -46.87 10.10 -34.57
C ALA G 25 -46.91 9.81 -36.04
N ALA G 26 -45.80 10.08 -36.71
CA ALA G 26 -45.74 9.86 -38.14
C ALA G 26 -45.90 8.38 -38.38
N GLN G 27 -45.34 7.59 -37.47
CA GLN G 27 -45.30 6.16 -37.62
C GLN G 27 -46.66 5.55 -37.33
N LEU G 28 -47.57 6.30 -36.75
CA LEU G 28 -48.91 5.75 -36.60
C LEU G 28 -49.81 6.25 -37.73
N GLY G 29 -49.20 6.98 -38.67
CA GLY G 29 -49.87 7.55 -39.83
C GLY G 29 -50.29 8.98 -39.63
N PHE G 30 -49.71 9.69 -38.68
CA PHE G 30 -50.14 11.07 -38.52
C PHE G 30 -49.27 11.99 -39.41
N LYS G 31 -49.95 12.88 -40.12
CA LYS G 31 -49.27 13.97 -40.79
C LYS G 31 -48.80 14.90 -39.68
N THR G 32 -47.54 14.78 -39.27
CA THR G 32 -47.00 15.51 -38.12
C THR G 32 -45.89 16.53 -38.47
N VAL G 33 -45.69 17.53 -37.61
CA VAL G 33 -44.71 18.58 -37.88
C VAL G 33 -44.11 18.99 -36.58
N CYS G 34 -42.78 19.06 -36.52
CA CYS G 34 -42.11 19.43 -35.30
C CYS G 34 -41.43 20.80 -35.33
N ILE G 35 -41.85 21.73 -34.48
CA ILE G 35 -41.17 23.02 -34.39
C ILE G 35 -40.01 22.99 -33.37
N GLU G 36 -38.84 23.51 -33.75
CA GLU G 36 -37.75 23.58 -32.77
C GLU G 36 -36.99 24.90 -32.86
N LYS G 37 -37.12 25.69 -31.79
CA LYS G 37 -36.44 26.97 -31.57
C LYS G 37 -34.96 26.97 -32.01
N ASN G 38 -34.21 25.97 -31.56
CA ASN G 38 -32.78 25.90 -31.82
C ASN G 38 -32.41 25.35 -33.22
N GLU G 39 -31.11 25.40 -33.51
CA GLU G 39 -30.56 25.01 -34.80
C GLU G 39 -30.14 23.53 -34.87
N THR G 40 -30.22 22.82 -33.74
CA THR G 40 -30.07 21.34 -33.61
C THR G 40 -31.29 20.80 -32.95
N LEU G 41 -31.51 19.51 -33.17
CA LEU G 41 -32.60 18.82 -32.52
C LEU G 41 -32.09 18.20 -31.24
N GLY G 42 -32.93 17.43 -30.55
CA GLY G 42 -32.51 16.70 -29.37
C GLY G 42 -32.79 17.38 -28.03
N GLY G 43 -32.84 18.72 -28.01
CA GLY G 43 -33.17 19.41 -26.77
C GLY G 43 -32.03 19.54 -25.79
N THR G 44 -32.33 19.57 -24.50
CA THR G 44 -31.22 19.87 -23.62
C THR G 44 -30.41 18.62 -23.52
N CYS G 45 -31.11 17.51 -23.30
CA CYS G 45 -30.51 16.20 -23.15
C CYS G 45 -29.31 16.02 -24.07
N LEU G 46 -29.60 16.00 -25.36
CA LEU G 46 -28.59 15.82 -26.38
C LEU G 46 -27.60 17.00 -26.59
N ASN G 47 -28.04 18.23 -26.39
CA ASN G 47 -27.14 19.33 -26.63
C ASN G 47 -26.27 19.82 -25.50
N VAL G 48 -26.82 19.77 -24.29
CA VAL G 48 -26.14 20.32 -23.12
C VAL G 48 -26.47 19.54 -21.86
N GLY G 49 -26.92 18.30 -22.00
CA GLY G 49 -27.32 17.54 -20.83
C GLY G 49 -26.65 16.19 -20.73
N CYS G 50 -27.52 15.17 -20.60
CA CYS G 50 -27.24 13.75 -20.67
C CYS G 50 -25.93 13.40 -21.44
N ILE G 51 -26.05 13.32 -22.76
CA ILE G 51 -24.94 12.96 -23.62
C ILE G 51 -23.61 13.69 -23.37
N PRO G 52 -23.55 15.01 -23.52
CA PRO G 52 -22.27 15.70 -23.39
C PRO G 52 -21.62 15.26 -22.05
N SER G 53 -22.48 15.26 -21.06
CA SER G 53 -22.12 14.91 -19.72
C SER G 53 -21.58 13.45 -19.53
N LYS G 54 -22.26 12.47 -20.11
CA LYS G 54 -21.87 11.05 -20.01
C LYS G 54 -20.54 10.96 -20.72
N ALA G 55 -20.38 11.78 -21.74
CA ALA G 55 -19.22 11.64 -22.59
C ALA G 55 -18.01 12.07 -21.76
N LEU G 56 -18.20 13.15 -21.01
CA LEU G 56 -17.14 13.65 -20.20
C LEU G 56 -16.88 12.69 -19.07
N LEU G 57 -17.97 12.20 -18.48
CA LEU G 57 -17.88 11.26 -17.35
C LEU G 57 -17.08 10.05 -17.81
N ASN G 58 -17.50 9.51 -18.96
CA ASN G 58 -16.79 8.41 -19.56
C ASN G 58 -15.28 8.73 -19.74
N ASN G 59 -14.92 9.80 -20.43
CA ASN G 59 -13.50 9.99 -20.69
C ASN G 59 -12.70 10.36 -19.47
N SER G 60 -13.31 11.07 -18.55
CA SER G 60 -12.54 11.44 -17.41
C SER G 60 -12.24 10.21 -16.54
N HIS G 61 -13.21 9.31 -16.49
CA HIS G 61 -13.02 8.08 -15.76
C HIS G 61 -11.80 7.28 -16.30
N TYR G 62 -11.63 7.21 -17.62
CA TYR G 62 -10.45 6.58 -18.20
C TYR G 62 -9.19 7.36 -17.81
N TYR G 63 -9.29 8.66 -17.77
CA TYR G 63 -8.12 9.45 -17.44
C TYR G 63 -7.62 9.17 -16.04
N HIS G 64 -8.56 8.98 -15.14
CA HIS G 64 -8.25 8.66 -13.76
C HIS G 64 -7.60 7.26 -13.63
N MET G 65 -8.10 6.29 -14.39
CA MET G 65 -7.56 4.96 -14.24
C MET G 65 -6.15 5.00 -14.77
N ALA G 66 -5.94 5.67 -15.89
CA ALA G 66 -4.62 5.74 -16.51
C ALA G 66 -3.67 6.52 -15.65
N HIS G 67 -4.18 7.57 -15.03
CA HIS G 67 -3.34 8.47 -14.26
C HIS G 67 -3.06 8.00 -12.85
N GLY G 68 -3.97 7.26 -12.23
CA GLY G 68 -3.78 6.85 -10.84
C GLY G 68 -3.19 5.45 -10.67
N LYS G 69 -3.34 4.89 -9.48
CA LYS G 69 -2.80 3.57 -9.20
C LYS G 69 -3.36 2.41 -10.05
N ASP G 70 -4.48 2.66 -10.75
CA ASP G 70 -5.23 1.60 -11.43
C ASP G 70 -4.48 0.82 -12.54
N PHE G 71 -3.95 1.49 -13.54
CA PHE G 71 -3.37 0.74 -14.63
C PHE G 71 -2.07 0.11 -14.17
N ALA G 72 -1.25 0.90 -13.49
CA ALA G 72 -0.04 0.38 -12.88
C ALA G 72 -0.31 -0.99 -12.24
N SER G 73 -1.45 -1.11 -11.58
CA SER G 73 -1.76 -2.33 -10.88
C SER G 73 -2.19 -3.43 -11.79
N ARG G 74 -2.71 -3.14 -12.98
CA ARG G 74 -3.08 -4.18 -13.96
C ARG G 74 -1.85 -4.62 -14.75
N GLY G 75 -0.78 -3.85 -14.69
CA GLY G 75 0.49 -4.25 -15.29
C GLY G 75 0.75 -3.44 -16.53
N ILE G 76 -0.12 -2.44 -16.75
CA ILE G 76 0.02 -1.50 -17.87
C ILE G 76 0.82 -0.28 -17.46
N GLU G 77 2.09 -0.29 -17.81
CA GLU G 77 2.99 0.76 -17.34
C GLU G 77 3.14 1.90 -18.33
N MET G 78 2.85 3.11 -17.90
CA MET G 78 3.19 4.22 -18.77
C MET G 78 3.97 5.26 -18.01
N SER G 79 4.85 5.98 -18.74
CA SER G 79 5.80 6.93 -18.14
C SER G 79 5.11 8.25 -17.79
N GLU G 80 4.27 8.73 -18.68
CA GLU G 80 3.60 9.96 -18.38
C GLU G 80 2.28 9.94 -19.07
N VAL G 81 1.30 10.60 -18.45
CA VAL G 81 -0.06 10.61 -18.94
C VAL G 81 -0.54 12.03 -18.91
N ARG G 82 -0.55 12.70 -20.05
CA ARG G 82 -0.98 14.09 -20.06
C ARG G 82 -2.46 14.16 -20.34
N LEU G 83 -3.07 15.29 -20.06
CA LEU G 83 -4.47 15.43 -20.36
C LEU G 83 -4.63 16.43 -21.44
N ASN G 84 -4.94 16.02 -22.65
CA ASN G 84 -5.20 17.00 -23.67
C ASN G 84 -6.65 17.37 -23.60
N LEU G 85 -6.99 18.31 -22.73
CA LEU G 85 -8.37 18.72 -22.58
C LEU G 85 -9.12 18.98 -23.89
N ASP G 86 -8.42 19.51 -24.88
CA ASP G 86 -9.05 19.88 -26.12
C ASP G 86 -9.45 18.71 -26.95
N LYS G 87 -8.66 17.64 -26.95
CA LYS G 87 -9.10 16.42 -27.63
C LYS G 87 -10.19 15.69 -26.85
N MET G 88 -10.24 15.88 -25.54
CA MET G 88 -11.34 15.36 -24.76
C MET G 88 -12.66 16.05 -25.09
N MET G 89 -12.65 17.37 -25.10
CA MET G 89 -13.84 18.12 -25.46
C MET G 89 -14.15 17.93 -26.97
N GLU G 90 -13.21 17.33 -27.65
CA GLU G 90 -13.34 17.08 -29.07
C GLU G 90 -14.14 15.80 -29.26
N GLN G 91 -13.83 14.79 -28.44
CA GLN G 91 -14.54 13.53 -28.47
C GLN G 91 -15.98 13.89 -28.34
N LYS G 92 -16.30 14.51 -27.20
CA LYS G 92 -17.64 14.97 -26.80
C LYS G 92 -18.40 15.79 -27.84
N SER G 93 -17.82 16.88 -28.37
CA SER G 93 -18.51 17.65 -29.42
C SER G 93 -18.89 16.81 -30.64
N THR G 94 -17.98 15.92 -31.02
CA THR G 94 -18.20 14.99 -32.10
C THR G 94 -19.37 14.03 -31.87
N ALA G 95 -19.36 13.33 -30.72
CA ALA G 95 -20.46 12.47 -30.33
C ALA G 95 -21.83 13.20 -30.39
N VAL G 96 -21.96 14.33 -29.73
CA VAL G 96 -23.18 15.11 -29.82
C VAL G 96 -23.59 15.33 -31.30
N LYS G 97 -22.69 15.92 -32.09
CA LYS G 97 -23.07 16.35 -33.44
C LYS G 97 -23.53 15.23 -34.39
N ALA G 98 -23.02 14.03 -34.14
CA ALA G 98 -23.38 12.82 -34.86
C ALA G 98 -24.84 12.48 -34.56
N LEU G 99 -25.16 12.59 -33.28
CA LEU G 99 -26.44 12.17 -32.75
C LEU G 99 -27.57 13.14 -33.11
N THR G 100 -27.32 14.44 -32.95
CA THR G 100 -28.19 15.47 -33.50
C THR G 100 -28.46 15.16 -34.96
N GLY G 101 -27.40 14.85 -35.69
CA GLY G 101 -27.48 14.44 -37.09
C GLY G 101 -28.42 13.26 -37.18
N GLY G 102 -28.15 12.23 -36.41
CA GLY G 102 -29.00 11.05 -36.47
C GLY G 102 -30.49 11.35 -36.46
N ILE G 103 -30.89 12.41 -35.72
CA ILE G 103 -32.31 12.80 -35.56
C ILE G 103 -32.80 13.53 -36.79
N ALA G 104 -32.02 14.50 -37.25
CA ALA G 104 -32.41 15.22 -38.43
C ALA G 104 -32.70 14.17 -39.50
N HIS G 105 -31.81 13.18 -39.59
CA HIS G 105 -31.94 12.14 -40.60
C HIS G 105 -33.14 11.21 -40.33
N LEU G 106 -33.48 11.01 -39.05
CA LEU G 106 -34.64 10.19 -38.67
C LEU G 106 -35.93 10.90 -39.05
N PHE G 107 -35.91 12.22 -38.99
CA PHE G 107 -37.08 13.00 -39.31
C PHE G 107 -37.41 12.86 -40.82
N LYS G 108 -36.38 13.07 -41.65
CA LYS G 108 -36.52 12.97 -43.09
C LYS G 108 -36.94 11.60 -43.41
N GLN G 109 -36.49 10.63 -42.61
CA GLN G 109 -36.79 9.25 -42.89
C GLN G 109 -38.25 8.97 -42.64
N ASN G 110 -38.77 9.44 -41.52
CA ASN G 110 -40.12 9.07 -41.13
C ASN G 110 -41.09 10.10 -41.61
N LYS G 111 -40.63 11.01 -42.48
CA LYS G 111 -41.51 12.01 -43.11
C LYS G 111 -42.13 12.93 -42.04
N VAL G 112 -41.25 13.46 -41.22
CA VAL G 112 -41.69 14.39 -40.22
C VAL G 112 -41.20 15.71 -40.73
N VAL G 113 -42.09 16.69 -40.72
CA VAL G 113 -41.78 18.04 -41.14
C VAL G 113 -41.14 18.85 -40.03
N HIS G 114 -39.85 19.04 -40.16
CA HIS G 114 -39.11 19.90 -39.27
C HIS G 114 -39.25 21.39 -39.69
N VAL G 115 -39.54 22.26 -38.71
CA VAL G 115 -39.68 23.72 -38.93
C VAL G 115 -38.94 24.59 -37.90
N ASN G 116 -37.67 24.93 -38.17
CA ASN G 116 -36.93 25.88 -37.34
C ASN G 116 -37.74 27.12 -37.00
N GLY G 117 -37.75 27.53 -35.73
CA GLY G 117 -38.56 28.64 -35.27
C GLY G 117 -39.13 28.48 -33.86
N TYR G 118 -39.28 29.62 -33.20
CA TYR G 118 -39.86 29.65 -31.86
C TYR G 118 -41.38 29.69 -32.04
N GLY G 119 -42.04 28.53 -31.92
CA GLY G 119 -43.49 28.44 -32.04
C GLY G 119 -44.27 29.02 -30.85
N LYS G 120 -45.50 29.40 -31.14
CA LYS G 120 -46.37 29.96 -30.13
C LYS G 120 -47.78 29.56 -30.46
N ILE G 121 -48.45 28.81 -29.58
CA ILE G 121 -49.83 28.42 -29.84
C ILE G 121 -50.65 29.69 -30.01
N THR G 122 -51.17 29.93 -31.20
CA THR G 122 -51.91 31.20 -31.41
C THR G 122 -53.41 31.00 -31.52
N GLY G 123 -53.86 29.77 -31.62
CA GLY G 123 -55.29 29.49 -31.59
C GLY G 123 -55.50 28.04 -31.18
N LYS G 124 -56.73 27.64 -30.89
CA LYS G 124 -57.02 26.27 -30.45
C LYS G 124 -56.40 25.24 -31.41
N ASN G 125 -56.47 25.55 -32.69
CA ASN G 125 -55.94 24.64 -33.66
C ASN G 125 -54.83 25.23 -34.53
N GLN G 126 -53.96 26.04 -33.95
CA GLN G 126 -52.90 26.56 -34.78
C GLN G 126 -51.77 27.25 -34.04
N VAL G 127 -50.58 27.07 -34.61
CA VAL G 127 -49.33 27.36 -33.97
C VAL G 127 -48.57 28.10 -35.00
N THR G 128 -47.92 29.16 -34.57
CA THR G 128 -47.22 30.04 -35.49
C THR G 128 -45.77 30.08 -35.03
N ALA G 129 -44.84 29.67 -35.89
CA ALA G 129 -43.40 29.71 -35.54
C ALA G 129 -42.75 30.99 -36.06
N THR G 130 -41.56 31.34 -35.57
CA THR G 130 -41.08 32.69 -35.83
C THR G 130 -39.62 32.65 -36.04
N LYS G 131 -39.18 32.79 -37.28
CA LYS G 131 -37.76 32.57 -37.55
C LYS G 131 -36.99 33.54 -36.71
N ALA G 132 -35.67 33.33 -36.65
CA ALA G 132 -34.74 34.20 -35.89
C ALA G 132 -34.81 35.68 -36.35
N ASP G 133 -34.64 35.89 -37.67
CA ASP G 133 -34.86 37.19 -38.29
C ASP G 133 -36.28 37.73 -38.01
N GLY G 134 -37.30 37.06 -38.54
CA GLY G 134 -38.67 37.50 -38.29
C GLY G 134 -39.72 36.97 -39.25
N GLY G 135 -39.32 36.04 -40.11
CA GLY G 135 -40.27 35.30 -40.92
C GLY G 135 -41.30 34.68 -40.01
N THR G 136 -42.16 33.84 -40.56
CA THR G 136 -43.28 33.33 -39.79
C THR G 136 -44.04 32.23 -40.50
N GLN G 137 -43.87 31.00 -40.04
CA GLN G 137 -44.55 29.86 -40.66
C GLN G 137 -45.73 29.54 -39.82
N VAL G 138 -46.82 29.11 -40.44
CA VAL G 138 -47.99 28.82 -39.65
C VAL G 138 -48.44 27.36 -39.72
N ILE G 139 -48.78 26.74 -38.59
CA ILE G 139 -49.29 25.38 -38.66
C ILE G 139 -50.73 25.32 -38.24
N ASP G 140 -51.54 24.56 -38.97
CA ASP G 140 -52.98 24.50 -38.74
C ASP G 140 -53.38 23.07 -38.45
N THR G 141 -53.06 22.61 -37.24
CA THR G 141 -53.05 21.21 -36.92
C THR G 141 -54.24 20.97 -36.04
N LYS G 142 -54.77 19.73 -36.02
CA LYS G 142 -55.87 19.41 -35.10
C LYS G 142 -55.51 18.89 -33.70
N ASN G 143 -54.22 18.70 -33.45
CA ASN G 143 -53.77 18.33 -32.13
C ASN G 143 -52.45 18.98 -31.91
N ILE G 144 -52.19 19.52 -30.71
CA ILE G 144 -50.86 20.07 -30.37
C ILE G 144 -50.24 19.39 -29.17
N LEU G 145 -48.95 19.15 -29.27
CA LEU G 145 -48.25 18.48 -28.22
C LEU G 145 -47.17 19.43 -27.70
N ILE G 146 -47.30 19.90 -26.45
CA ILE G 146 -46.31 20.83 -25.94
C ILE G 146 -45.20 20.04 -25.30
N ALA G 147 -44.00 20.06 -25.88
CA ALA G 147 -42.87 19.36 -25.29
C ALA G 147 -41.68 20.28 -25.13
N THR G 148 -41.78 21.37 -24.38
CA THR G 148 -40.73 22.41 -24.40
C THR G 148 -39.65 22.23 -23.30
N GLY G 149 -39.79 21.15 -22.55
CA GLY G 149 -38.79 20.77 -21.60
C GLY G 149 -38.59 21.76 -20.49
N SER G 150 -37.31 22.07 -20.26
CA SER G 150 -36.85 22.70 -19.02
C SER G 150 -35.76 23.77 -19.25
N GLU G 151 -35.39 24.45 -18.17
CA GLU G 151 -34.19 25.30 -18.15
C GLU G 151 -33.59 25.33 -16.76
N VAL G 152 -32.32 25.73 -16.70
CA VAL G 152 -31.64 25.93 -15.41
C VAL G 152 -32.47 26.83 -14.47
N THR G 153 -32.57 26.48 -13.18
CA THR G 153 -33.14 27.36 -12.15
C THR G 153 -32.03 28.25 -11.68
N PRO G 154 -32.18 29.56 -11.84
CA PRO G 154 -31.16 30.54 -11.45
C PRO G 154 -31.15 30.83 -9.96
N PHE G 155 -29.96 30.95 -9.39
CA PHE G 155 -29.75 31.24 -7.98
C PHE G 155 -29.87 32.73 -7.68
N PRO G 156 -30.88 33.16 -6.91
CA PRO G 156 -31.17 34.59 -6.72
C PRO G 156 -29.95 35.39 -6.21
N GLY G 157 -29.59 36.48 -6.90
CA GLY G 157 -28.40 37.24 -6.54
C GLY G 157 -27.20 36.96 -7.43
N ILE G 158 -26.63 35.77 -7.27
CA ILE G 158 -25.60 35.17 -8.15
C ILE G 158 -26.01 35.17 -9.63
N THR G 159 -25.35 35.95 -10.47
CA THR G 159 -25.73 35.97 -11.87
C THR G 159 -24.87 35.05 -12.76
N ILE G 160 -25.46 33.98 -13.28
CA ILE G 160 -24.76 33.11 -14.22
C ILE G 160 -24.24 33.86 -15.46
N ASP G 161 -22.93 33.84 -15.70
CA ASP G 161 -22.33 34.58 -16.79
C ASP G 161 -21.74 33.63 -17.83
N GLU G 162 -21.67 32.36 -17.48
CA GLU G 162 -21.19 31.31 -18.40
C GLU G 162 -19.74 31.53 -18.78
N ASP G 163 -18.97 31.96 -17.81
CA ASP G 163 -17.54 32.16 -17.95
C ASP G 163 -16.84 31.60 -16.70
N THR G 164 -17.13 32.19 -15.53
CA THR G 164 -16.57 31.76 -14.26
C THR G 164 -17.73 31.35 -13.38
N ILE G 165 -18.91 31.85 -13.73
CA ILE G 165 -20.13 31.44 -13.05
C ILE G 165 -20.98 30.70 -14.06
N VAL G 166 -20.74 29.41 -14.12
CA VAL G 166 -21.33 28.58 -15.15
C VAL G 166 -22.49 27.83 -14.58
N SER G 167 -23.32 27.33 -15.49
CA SER G 167 -24.39 26.45 -15.17
C SER G 167 -23.88 25.09 -15.60
N SER G 168 -24.78 24.13 -15.69
CA SER G 168 -24.42 22.81 -16.16
C SER G 168 -23.88 23.01 -17.57
N THR G 169 -24.51 23.94 -18.26
CA THR G 169 -24.24 24.09 -19.67
C THR G 169 -22.84 24.59 -19.94
N GLY G 170 -22.32 25.44 -19.09
CA GLY G 170 -21.00 25.98 -19.38
C GLY G 170 -19.89 25.21 -18.70
N ALA G 171 -20.27 24.44 -17.68
CA ALA G 171 -19.34 23.56 -16.99
C ALA G 171 -18.95 22.47 -17.94
N LEU G 172 -19.79 22.18 -18.93
CA LEU G 172 -19.53 21.10 -19.85
C LEU G 172 -18.54 21.51 -20.94
N SER G 173 -18.19 22.79 -20.89
CA SER G 173 -17.32 23.36 -21.92
C SER G 173 -16.31 24.30 -21.31
N LEU G 174 -15.50 23.86 -20.36
CA LEU G 174 -14.44 24.72 -19.87
C LEU G 174 -13.22 24.73 -20.83
N LYS G 175 -12.25 25.58 -20.56
CA LYS G 175 -11.12 25.62 -21.47
C LYS G 175 -9.88 25.26 -20.68
N LYS G 176 -10.07 24.74 -19.48
CA LYS G 176 -8.96 24.21 -18.70
C LYS G 176 -9.49 23.67 -17.37
N VAL G 177 -8.75 22.80 -16.70
CA VAL G 177 -9.26 22.41 -15.42
C VAL G 177 -9.03 23.54 -14.40
N PRO G 178 -10.10 24.01 -13.75
CA PRO G 178 -10.01 25.06 -12.76
C PRO G 178 -9.23 24.62 -11.52
N GLU G 179 -8.30 25.42 -11.03
CA GLU G 179 -7.47 24.95 -9.93
C GLU G 179 -8.38 24.45 -8.82
N LYS G 180 -9.40 25.25 -8.50
CA LYS G 180 -10.37 24.98 -7.43
C LYS G 180 -11.72 25.23 -8.05
N MET G 181 -12.75 24.54 -7.56
CA MET G 181 -14.12 24.80 -8.04
C MET G 181 -15.19 24.51 -6.97
N VAL G 182 -16.27 25.29 -6.89
CA VAL G 182 -17.32 24.92 -5.96
C VAL G 182 -18.61 24.71 -6.67
N VAL G 183 -19.45 23.88 -6.09
CA VAL G 183 -20.64 23.49 -6.81
C VAL G 183 -21.84 23.79 -5.94
N ILE G 184 -22.72 24.68 -6.36
CA ILE G 184 -23.87 24.87 -5.52
C ILE G 184 -24.93 23.79 -5.73
N GLY G 185 -25.10 22.95 -4.72
CA GLY G 185 -26.05 21.84 -4.74
C GLY G 185 -25.44 20.47 -5.09
N ALA G 186 -25.72 19.46 -4.28
CA ALA G 186 -25.16 18.13 -4.52
C ALA G 186 -26.20 17.17 -4.98
N GLY G 187 -27.08 17.59 -5.90
CA GLY G 187 -28.03 16.67 -6.51
C GLY G 187 -27.31 15.94 -7.64
N VAL G 188 -28.03 15.10 -8.35
CA VAL G 188 -27.41 14.38 -9.47
C VAL G 188 -26.53 15.23 -10.41
N ILE G 189 -27.10 16.25 -11.06
CA ILE G 189 -26.32 17.02 -12.06
C ILE G 189 -25.08 17.58 -11.36
N GLY G 190 -25.29 18.16 -10.19
CA GLY G 190 -24.16 18.61 -9.41
C GLY G 190 -22.99 17.66 -9.15
N VAL G 191 -23.26 16.46 -8.58
CA VAL G 191 -22.19 15.53 -8.24
C VAL G 191 -21.59 14.89 -9.47
N GLU G 192 -22.33 14.88 -10.57
CA GLU G 192 -21.78 14.31 -11.80
C GLU G 192 -20.74 15.31 -12.28
N LEU G 193 -21.11 16.57 -12.48
CA LEU G 193 -20.19 17.49 -13.16
C LEU G 193 -19.00 17.75 -12.28
N GLY G 194 -19.28 17.95 -11.00
CA GLY G 194 -18.22 18.12 -10.04
C GLY G 194 -17.25 16.98 -10.16
N SER G 195 -17.75 15.75 -10.10
CA SER G 195 -16.85 14.62 -10.21
C SER G 195 -16.08 14.56 -11.50
N VAL G 196 -16.71 14.97 -12.61
CA VAL G 196 -16.01 15.07 -13.89
C VAL G 196 -14.69 15.84 -13.73
N TRP G 197 -14.76 17.08 -13.24
CA TRP G 197 -13.57 17.93 -13.04
C TRP G 197 -12.59 17.49 -11.92
N GLN G 198 -13.13 16.81 -10.91
CA GLN G 198 -12.32 16.34 -9.78
C GLN G 198 -11.34 15.29 -10.25
N ARG G 199 -11.75 14.50 -11.22
CA ARG G 199 -10.85 13.47 -11.74
C ARG G 199 -9.79 14.14 -12.58
N LEU G 200 -10.11 15.32 -13.06
CA LEU G 200 -9.21 16.02 -13.95
C LEU G 200 -8.09 16.80 -13.23
N GLY G 201 -8.24 17.05 -11.93
CA GLY G 201 -7.30 17.79 -11.12
C GLY G 201 -7.92 18.89 -10.23
N ALA G 202 -9.09 19.39 -10.60
CA ALA G 202 -9.71 20.46 -9.83
C ALA G 202 -9.96 20.06 -8.39
N ASP G 203 -9.75 21.02 -7.48
CA ASP G 203 -10.16 20.85 -6.09
C ASP G 203 -11.64 21.18 -6.05
N VAL G 204 -12.49 20.17 -5.88
CA VAL G 204 -13.90 20.41 -6.02
C VAL G 204 -14.56 20.29 -4.68
N THR G 205 -15.50 21.20 -4.41
CA THR G 205 -16.30 21.17 -3.21
C THR G 205 -17.75 21.47 -3.49
N ALA G 206 -18.67 20.64 -3.01
CA ALA G 206 -20.07 20.90 -3.35
C ALA G 206 -20.77 21.33 -2.08
N VAL G 207 -21.82 22.12 -2.24
CA VAL G 207 -22.41 22.80 -1.12
C VAL G 207 -23.91 22.65 -1.17
N GLU G 208 -24.46 21.81 -0.30
CA GLU G 208 -25.86 21.46 -0.38
C GLU G 208 -26.60 21.89 0.88
N PHE G 209 -27.71 22.61 0.68
CA PHE G 209 -28.66 22.88 1.75
C PHE G 209 -29.09 21.59 2.53
N LEU G 210 -29.49 20.55 1.78
CA LEU G 210 -30.10 19.35 2.35
C LEU G 210 -29.02 18.54 2.97
N GLY G 211 -29.42 17.53 3.74
CA GLY G 211 -28.54 16.74 4.56
C GLY G 211 -27.96 15.55 3.86
N HIS G 212 -28.03 15.53 2.54
CA HIS G 212 -27.49 14.39 1.78
C HIS G 212 -27.25 14.68 0.30
N VAL G 213 -26.52 13.74 -0.30
CA VAL G 213 -26.12 13.83 -1.69
C VAL G 213 -27.04 13.00 -2.51
N GLY G 214 -26.96 13.17 -3.80
CA GLY G 214 -27.77 12.36 -4.70
C GLY G 214 -29.01 13.16 -4.95
N GLY G 215 -29.99 12.62 -5.66
CA GLY G 215 -31.16 13.45 -5.90
C GLY G 215 -32.19 13.69 -4.79
N VAL G 216 -33.43 13.63 -5.24
CA VAL G 216 -34.63 13.42 -4.46
C VAL G 216 -35.09 11.95 -4.53
N GLY G 217 -35.49 11.39 -3.39
CA GLY G 217 -36.01 10.02 -3.40
C GLY G 217 -34.92 8.96 -3.41
N ILE G 218 -33.66 9.40 -3.31
CA ILE G 218 -32.52 8.50 -3.22
C ILE G 218 -32.47 7.91 -1.83
N ASP G 219 -32.30 6.61 -1.72
CA ASP G 219 -32.30 6.00 -0.42
C ASP G 219 -31.16 6.64 0.44
N MET G 220 -31.46 7.01 1.67
CA MET G 220 -30.45 7.52 2.66
C MET G 220 -29.18 6.65 2.84
N GLU G 221 -29.37 5.36 3.07
CA GLU G 221 -28.25 4.45 3.19
C GLU G 221 -27.34 4.50 2.01
N ILE G 222 -27.85 4.32 0.79
CA ILE G 222 -26.89 4.30 -0.30
C ILE G 222 -26.36 5.71 -0.52
N SER G 223 -27.19 6.70 -0.25
CA SER G 223 -26.78 8.08 -0.50
C SER G 223 -25.56 8.43 0.40
N LYS G 224 -25.58 7.94 1.64
CA LYS G 224 -24.44 8.07 2.58
C LYS G 224 -23.20 7.29 2.13
N ASN G 225 -23.36 6.01 1.86
CA ASN G 225 -22.31 5.24 1.29
C ASN G 225 -21.74 5.88 0.02
N PHE G 226 -22.60 6.53 -0.74
CA PHE G 226 -22.17 7.20 -1.96
C PHE G 226 -21.31 8.39 -1.61
N GLN G 227 -21.84 9.24 -0.76
CA GLN G 227 -21.08 10.38 -0.28
C GLN G 227 -19.68 9.95 0.20
N ARG G 228 -19.64 8.88 1.01
CA ARG G 228 -18.42 8.42 1.67
C ARG G 228 -17.39 7.86 0.67
N ILE G 229 -17.85 7.24 -0.42
CA ILE G 229 -16.95 6.77 -1.48
C ILE G 229 -16.42 7.98 -2.26
N LEU G 230 -17.34 8.87 -2.67
CA LEU G 230 -16.95 10.09 -3.40
C LEU G 230 -15.90 10.88 -2.64
N GLN G 231 -15.98 10.87 -1.31
CA GLN G 231 -15.03 11.63 -0.52
C GLN G 231 -13.64 10.99 -0.58
N LYS G 232 -13.54 9.69 -0.29
CA LYS G 232 -12.27 9.00 -0.41
C LYS G 232 -11.62 9.30 -1.76
N GLN G 233 -12.37 9.74 -2.75
CA GLN G 233 -11.79 10.00 -4.04
C GLN G 233 -11.32 11.44 -4.04
N GLY G 234 -11.72 12.21 -3.03
CA GLY G 234 -11.32 13.62 -2.97
C GLY G 234 -12.40 14.67 -3.27
N PHE G 235 -13.63 14.21 -3.42
CA PHE G 235 -14.70 15.12 -3.67
C PHE G 235 -15.06 15.63 -2.30
N LYS G 236 -15.17 16.95 -2.17
CA LYS G 236 -15.36 17.54 -0.85
C LYS G 236 -16.81 17.91 -0.65
N PHE G 237 -17.38 17.55 0.50
CA PHE G 237 -18.75 17.99 0.78
C PHE G 237 -18.94 18.98 1.93
N LYS G 238 -20.08 19.67 1.89
CA LYS G 238 -20.52 20.60 2.92
C LYS G 238 -22.04 20.70 2.83
N LEU G 239 -22.74 19.98 3.69
CA LEU G 239 -24.17 19.90 3.51
C LEU G 239 -24.89 20.54 4.68
N ASN G 240 -26.16 20.80 4.52
CA ASN G 240 -26.86 21.58 5.51
C ASN G 240 -26.18 22.91 5.46
N THR G 241 -25.83 23.29 4.26
CA THR G 241 -25.03 24.46 4.12
C THR G 241 -25.66 25.40 3.11
N LYS G 242 -26.06 26.59 3.59
CA LYS G 242 -26.68 27.60 2.76
C LYS G 242 -25.60 28.51 2.20
N VAL G 243 -25.76 28.99 0.99
CA VAL G 243 -24.84 30.01 0.54
C VAL G 243 -25.61 31.32 0.70
N THR G 244 -24.89 32.40 1.01
CA THR G 244 -25.49 33.72 1.25
C THR G 244 -25.21 34.69 0.11
N GLY G 245 -24.25 34.37 -0.75
CA GLY G 245 -23.97 35.21 -1.87
C GLY G 245 -22.55 34.95 -2.28
N ALA G 246 -22.22 35.38 -3.50
CA ALA G 246 -20.85 35.34 -3.96
C ALA G 246 -20.43 36.65 -4.72
N THR G 247 -19.13 36.98 -4.70
CA THR G 247 -18.64 38.11 -5.50
C THR G 247 -17.26 37.85 -6.05
N LYS G 248 -17.11 38.16 -7.33
CA LYS G 248 -15.89 37.99 -8.09
C LYS G 248 -14.89 39.05 -7.68
N LYS G 249 -13.76 38.63 -7.12
CA LYS G 249 -12.75 39.54 -6.61
C LYS G 249 -11.91 40.10 -7.74
N SER G 250 -10.92 40.92 -7.39
CA SER G 250 -10.10 41.65 -8.36
C SER G 250 -9.06 40.73 -8.96
N ASP G 251 -8.81 39.65 -8.26
CA ASP G 251 -7.86 38.63 -8.67
C ASP G 251 -8.38 37.89 -9.91
N GLY G 252 -9.64 38.13 -10.29
CA GLY G 252 -10.31 37.34 -11.32
C GLY G 252 -10.96 36.07 -10.76
N LYS G 253 -10.63 35.78 -9.50
CA LYS G 253 -11.14 34.64 -8.76
C LYS G 253 -12.54 34.95 -8.21
N ILE G 254 -13.14 34.01 -7.48
CA ILE G 254 -14.47 34.26 -6.91
C ILE G 254 -14.64 33.76 -5.48
N ASP G 255 -15.42 34.49 -4.69
CA ASP G 255 -15.62 34.14 -3.27
C ASP G 255 -17.07 33.99 -2.83
N VAL G 256 -17.41 32.79 -2.38
CA VAL G 256 -18.77 32.45 -2.04
C VAL G 256 -18.94 32.34 -0.54
N SER G 257 -19.90 33.07 0.01
CA SER G 257 -20.05 33.13 1.45
C SER G 257 -21.02 32.07 1.82
N ILE G 258 -20.60 31.08 2.59
CA ILE G 258 -21.52 30.04 3.01
C ILE G 258 -21.85 30.29 4.45
N GLU G 259 -22.56 29.36 5.07
CA GLU G 259 -23.02 29.56 6.41
C GLU G 259 -23.94 28.40 6.68
N ALA G 260 -23.87 27.84 7.88
CA ALA G 260 -24.73 26.75 8.24
C ALA G 260 -26.15 27.02 7.80
N ALA G 261 -26.93 25.95 7.67
CA ALA G 261 -28.29 26.07 7.20
C ALA G 261 -29.06 26.86 8.22
N SER G 262 -29.14 26.32 9.43
CA SER G 262 -29.90 26.92 10.52
C SER G 262 -29.20 28.15 11.17
N GLY G 263 -28.10 27.89 11.92
CA GLY G 263 -27.33 28.93 12.57
C GLY G 263 -26.54 29.89 11.67
N GLY G 264 -25.26 30.07 12.02
CA GLY G 264 -24.39 31.00 11.33
C GLY G 264 -22.92 30.75 11.60
N LYS G 265 -22.39 29.64 11.09
CA LYS G 265 -20.94 29.40 11.15
C LYS G 265 -20.29 30.19 9.99
N ALA G 266 -20.74 31.42 9.79
CA ALA G 266 -20.23 32.29 8.74
C ALA G 266 -18.84 31.89 8.27
N GLU G 267 -18.71 31.38 7.05
CA GLU G 267 -17.40 31.21 6.45
C GLU G 267 -17.37 31.65 4.97
N VAL G 268 -16.17 31.66 4.42
CA VAL G 268 -15.98 32.12 3.05
C VAL G 268 -15.10 31.07 2.35
N ILE G 269 -15.58 30.57 1.21
CA ILE G 269 -14.79 29.68 0.38
C ILE G 269 -14.51 30.44 -0.90
N THR G 270 -13.31 30.22 -1.40
CA THR G 270 -12.92 30.94 -2.57
C THR G 270 -12.67 29.90 -3.65
N CYS G 271 -12.83 30.28 -4.91
CA CYS G 271 -12.70 29.30 -5.95
C CYS G 271 -12.46 30.01 -7.27
N ASP G 272 -12.25 29.26 -8.35
CA ASP G 272 -11.94 29.81 -9.69
C ASP G 272 -13.14 29.67 -10.62
N VAL G 273 -13.90 28.61 -10.43
CA VAL G 273 -15.17 28.44 -11.12
C VAL G 273 -16.30 28.11 -10.12
N LEU G 274 -17.49 28.53 -10.48
CA LEU G 274 -18.61 28.33 -9.61
C LEU G 274 -19.68 27.74 -10.47
N LEU G 275 -20.11 26.55 -10.07
CA LEU G 275 -21.15 25.82 -10.76
C LEU G 275 -22.45 25.92 -10.00
N VAL G 276 -23.49 26.38 -10.70
CA VAL G 276 -24.82 26.53 -10.11
C VAL G 276 -25.82 25.41 -10.50
N CYS G 277 -25.99 24.45 -9.62
CA CYS G 277 -26.91 23.36 -9.91
C CYS G 277 -28.01 23.37 -8.92
N ILE G 278 -28.69 24.50 -8.79
CA ILE G 278 -29.84 24.58 -7.92
C ILE G 278 -30.86 23.54 -8.35
N GLY G 279 -31.29 23.60 -9.59
CA GLY G 279 -32.36 22.76 -10.05
C GLY G 279 -32.67 23.20 -11.47
N ARG G 280 -33.69 22.59 -12.01
CA ARG G 280 -34.17 22.93 -13.33
C ARG G 280 -35.64 23.30 -13.07
N ARG G 281 -36.29 24.01 -13.97
CA ARG G 281 -37.69 24.28 -13.78
C ARG G 281 -38.31 24.16 -15.17
N PRO G 282 -39.60 23.81 -15.28
CA PRO G 282 -40.24 23.69 -16.59
C PRO G 282 -40.15 25.01 -17.34
N PHE G 283 -40.03 24.93 -18.67
CA PHE G 283 -39.97 26.08 -19.53
C PHE G 283 -41.30 26.23 -20.30
N THR G 284 -42.05 27.30 -20.11
CA THR G 284 -43.20 27.56 -20.99
C THR G 284 -43.33 28.94 -21.59
N LYS G 285 -42.20 29.63 -21.76
CA LYS G 285 -42.18 31.07 -22.03
C LYS G 285 -42.74 31.46 -23.40
N ASN G 286 -43.59 32.48 -23.44
CA ASN G 286 -44.03 33.04 -24.71
C ASN G 286 -44.67 32.01 -25.60
N LEU G 287 -45.19 30.96 -24.97
CA LEU G 287 -45.81 29.86 -25.67
C LEU G 287 -47.24 30.21 -26.09
N GLY G 288 -47.80 31.22 -25.44
CA GLY G 288 -49.16 31.64 -25.72
C GLY G 288 -50.22 30.90 -24.93
N LEU G 289 -49.87 30.29 -23.81
CA LEU G 289 -50.86 29.49 -23.11
C LEU G 289 -51.57 30.35 -22.11
N GLU G 290 -50.98 31.48 -21.76
CA GLU G 290 -51.69 32.36 -20.84
C GLU G 290 -53.04 32.81 -21.41
N GLU G 291 -53.07 33.27 -22.66
CA GLU G 291 -54.33 33.68 -23.29
C GLU G 291 -55.20 32.51 -23.72
N LEU G 292 -54.72 31.30 -23.50
CA LEU G 292 -55.49 30.14 -23.88
C LEU G 292 -56.42 29.72 -22.77
N GLY G 293 -56.07 30.07 -21.55
CA GLY G 293 -56.81 29.62 -20.40
C GLY G 293 -56.08 28.50 -19.69
N ILE G 294 -54.87 28.17 -20.17
CA ILE G 294 -54.10 27.11 -19.56
C ILE G 294 -53.36 27.65 -18.34
N GLU G 295 -53.93 27.37 -17.16
CA GLU G 295 -53.38 27.84 -15.90
C GLU G 295 -52.26 26.88 -15.46
N LEU G 296 -51.18 27.41 -14.92
CA LEU G 296 -50.01 26.58 -14.59
C LEU G 296 -50.08 26.05 -13.16
N ASP G 297 -49.06 25.30 -12.77
CA ASP G 297 -48.87 24.74 -11.44
C ASP G 297 -48.46 25.82 -10.47
N PRO G 298 -48.36 25.45 -9.20
CA PRO G 298 -47.50 26.20 -8.29
C PRO G 298 -46.00 26.26 -8.70
N ARG G 299 -45.49 25.36 -9.54
CA ARG G 299 -44.06 25.49 -9.90
C ARG G 299 -43.79 25.84 -11.36
N GLY G 300 -44.84 25.80 -12.17
CA GLY G 300 -44.72 26.27 -13.54
C GLY G 300 -44.86 25.15 -14.53
N ARG G 301 -45.50 24.03 -14.12
CA ARG G 301 -45.71 22.86 -14.97
C ARG G 301 -47.14 22.89 -15.45
N ILE G 302 -47.41 22.35 -16.61
CA ILE G 302 -48.77 22.30 -17.05
C ILE G 302 -49.51 21.10 -16.45
N PRO G 303 -50.66 21.36 -15.82
CA PRO G 303 -51.56 20.26 -15.41
C PRO G 303 -52.14 19.43 -16.57
N VAL G 304 -51.85 18.13 -16.62
CA VAL G 304 -52.41 17.33 -17.73
C VAL G 304 -53.12 16.18 -17.11
N ASN G 305 -54.03 15.62 -17.88
CA ASN G 305 -54.81 14.54 -17.36
C ASN G 305 -54.24 13.24 -17.77
N THR G 306 -55.04 12.21 -17.60
CA THR G 306 -54.61 10.83 -17.75
C THR G 306 -54.07 10.57 -19.11
N ARG G 307 -54.82 10.92 -20.14
CA ARG G 307 -54.27 10.79 -21.49
C ARG G 307 -53.32 11.94 -21.87
N PHE G 308 -52.82 12.64 -20.86
CA PHE G 308 -51.91 13.72 -21.12
C PHE G 308 -52.44 15.00 -21.76
N GLN G 309 -53.73 15.30 -21.58
CA GLN G 309 -54.35 16.45 -22.24
C GLN G 309 -54.63 17.48 -21.23
N THR G 310 -54.46 18.74 -21.64
CA THR G 310 -54.65 19.90 -20.79
C THR G 310 -56.14 20.12 -20.68
N LYS G 311 -56.55 21.26 -20.09
CA LYS G 311 -57.98 21.53 -19.96
C LYS G 311 -58.60 21.82 -21.33
N ILE G 312 -57.73 22.00 -22.35
CA ILE G 312 -58.11 22.08 -23.77
C ILE G 312 -57.82 20.77 -24.50
N PRO G 313 -58.86 20.03 -24.79
CA PRO G 313 -58.75 18.62 -25.20
C PRO G 313 -57.81 18.29 -26.34
N ASN G 314 -57.79 19.00 -27.45
CA ASN G 314 -56.83 18.69 -28.47
C ASN G 314 -55.35 19.07 -28.14
N ILE G 315 -55.11 19.65 -26.95
CA ILE G 315 -53.75 20.08 -26.58
C ILE G 315 -53.19 19.30 -25.45
N TYR G 316 -51.98 18.76 -25.63
CA TYR G 316 -51.30 17.86 -24.68
C TYR G 316 -49.99 18.44 -24.24
N ALA G 317 -49.36 17.79 -23.26
CA ALA G 317 -48.01 18.16 -22.86
C ALA G 317 -47.33 16.99 -22.22
N ILE G 318 -46.02 16.92 -22.42
CA ILE G 318 -45.19 15.83 -21.94
C ILE G 318 -43.81 16.28 -21.52
N GLY G 319 -43.06 15.42 -20.85
CA GLY G 319 -41.67 15.76 -20.55
C GLY G 319 -41.56 16.74 -19.42
N ASP G 320 -40.43 17.43 -19.32
CA ASP G 320 -40.19 18.28 -18.14
C ASP G 320 -41.34 19.24 -17.78
N VAL G 321 -41.97 19.72 -18.84
CA VAL G 321 -43.00 20.74 -18.73
C VAL G 321 -44.21 20.14 -17.99
N VAL G 322 -44.19 18.85 -17.76
CA VAL G 322 -45.34 18.25 -17.15
C VAL G 322 -44.93 17.54 -15.88
N ALA G 323 -45.93 17.14 -15.08
CA ALA G 323 -45.76 16.45 -13.78
C ALA G 323 -44.97 15.15 -13.87
N GLY G 324 -44.09 14.86 -12.90
CA GLY G 324 -43.31 13.61 -12.75
C GLY G 324 -41.83 13.84 -12.46
N PRO G 325 -40.98 12.83 -12.52
CA PRO G 325 -39.51 13.03 -12.55
C PRO G 325 -38.99 13.62 -13.86
N MET G 326 -38.12 14.64 -13.77
CA MET G 326 -37.50 15.34 -14.91
C MET G 326 -36.31 14.61 -15.52
N LEU G 327 -36.63 13.59 -16.31
CA LEU G 327 -35.63 12.71 -16.90
C LEU G 327 -35.95 12.38 -18.35
N ALA G 328 -34.91 12.15 -19.14
CA ALA G 328 -35.13 11.84 -20.53
C ALA G 328 -35.96 10.58 -20.78
N HIS G 329 -35.78 9.47 -20.07
CA HIS G 329 -36.62 8.30 -20.40
C HIS G 329 -38.08 8.54 -20.01
N LYS G 330 -38.27 9.54 -19.19
CA LYS G 330 -39.59 9.92 -18.74
C LYS G 330 -40.25 10.65 -19.89
N ALA G 331 -39.53 11.55 -20.50
CA ALA G 331 -40.07 12.29 -21.59
C ALA G 331 -40.45 11.34 -22.71
N GLU G 332 -39.57 10.41 -23.09
CA GLU G 332 -39.91 9.49 -24.16
C GLU G 332 -41.08 8.55 -23.80
N ASP G 333 -41.08 7.93 -22.62
CA ASP G 333 -42.24 7.11 -22.37
C ASP G 333 -43.48 7.95 -22.65
N GLU G 334 -43.52 9.17 -22.13
CA GLU G 334 -44.76 9.98 -22.19
C GLU G 334 -45.14 10.34 -23.63
N GLY G 335 -44.15 10.78 -24.41
CA GLY G 335 -44.31 11.07 -25.81
C GLY G 335 -44.84 9.88 -26.56
N ILE G 336 -44.39 8.68 -26.23
CA ILE G 336 -44.86 7.50 -26.95
C ILE G 336 -46.33 7.24 -26.63
N ILE G 337 -46.66 7.25 -25.33
CA ILE G 337 -48.04 6.97 -24.97
C ILE G 337 -48.93 8.16 -25.22
N CYS G 338 -48.39 9.37 -25.13
CA CYS G 338 -49.26 10.51 -25.37
C CYS G 338 -49.85 10.33 -26.76
N VAL G 339 -48.99 10.25 -27.79
CA VAL G 339 -49.46 10.13 -29.17
C VAL G 339 -50.14 8.81 -29.45
N GLU G 340 -49.62 7.75 -28.90
CA GLU G 340 -50.28 6.45 -29.02
C GLU G 340 -51.71 6.63 -28.58
N GLY G 341 -51.92 7.70 -27.84
CA GLY G 341 -53.20 7.96 -27.25
C GLY G 341 -54.03 8.75 -28.22
N MET G 342 -53.41 9.73 -28.86
CA MET G 342 -54.14 10.48 -29.86
C MET G 342 -54.80 9.57 -30.88
N ALA G 343 -54.20 8.44 -31.17
CA ALA G 343 -54.87 7.45 -32.00
C ALA G 343 -55.54 6.40 -31.10
N GLY G 344 -55.47 5.13 -31.51
CA GLY G 344 -55.94 4.05 -30.64
C GLY G 344 -56.23 4.41 -29.17
N GLY G 345 -55.26 4.15 -28.29
CA GLY G 345 -55.23 4.87 -27.04
C GLY G 345 -55.42 4.11 -25.74
N ALA G 346 -54.48 3.24 -25.38
CA ALA G 346 -54.42 2.88 -23.98
C ALA G 346 -53.25 3.67 -23.42
N VAL G 347 -53.49 4.46 -22.40
CA VAL G 347 -52.43 5.33 -21.91
C VAL G 347 -52.27 5.01 -20.45
N HIS G 348 -51.18 4.36 -20.11
CA HIS G 348 -50.99 3.89 -18.79
C HIS G 348 -49.50 4.02 -18.54
N ILE G 349 -49.08 4.71 -17.48
CA ILE G 349 -47.64 4.76 -17.14
C ILE G 349 -47.46 4.61 -15.68
N ASP G 350 -46.46 3.87 -15.25
CA ASP G 350 -46.29 3.51 -13.84
C ASP G 350 -45.09 4.33 -13.33
N TYR G 351 -45.29 5.34 -12.51
CA TYR G 351 -44.16 6.26 -12.31
C TYR G 351 -43.21 5.73 -11.26
N ASN G 352 -43.64 4.65 -10.64
CA ASN G 352 -42.89 3.92 -9.64
C ASN G 352 -41.98 2.85 -10.27
N CYS G 353 -42.15 2.56 -11.56
CA CYS G 353 -41.26 1.65 -12.25
C CYS G 353 -40.24 2.37 -13.13
N VAL G 354 -40.20 3.69 -13.08
CA VAL G 354 -39.18 4.42 -13.84
C VAL G 354 -37.83 4.68 -13.09
N PRO G 355 -36.76 4.09 -13.60
CA PRO G 355 -35.43 4.13 -13.03
C PRO G 355 -34.78 5.52 -12.86
N SER G 356 -33.79 5.57 -11.97
CA SER G 356 -32.95 6.74 -11.77
C SER G 356 -31.51 6.32 -11.91
N VAL G 357 -30.66 7.18 -12.51
CA VAL G 357 -29.23 6.87 -12.53
C VAL G 357 -28.28 8.07 -12.29
N ILE G 358 -27.25 7.90 -11.48
CA ILE G 358 -26.24 8.93 -11.44
C ILE G 358 -24.95 8.29 -11.96
N TYR G 359 -24.37 8.84 -13.04
CA TYR G 359 -23.35 8.13 -13.84
C TYR G 359 -21.93 8.31 -13.42
N THR G 360 -21.75 8.50 -12.12
CA THR G 360 -20.40 8.61 -11.59
C THR G 360 -19.89 7.19 -11.54
N HIS G 361 -18.69 7.03 -10.99
CA HIS G 361 -18.09 5.75 -10.72
C HIS G 361 -17.68 5.76 -9.25
N PRO G 362 -18.28 4.88 -8.46
CA PRO G 362 -19.29 3.91 -8.92
C PRO G 362 -20.63 4.52 -9.29
N GLU G 363 -21.35 3.77 -10.10
CA GLU G 363 -22.64 4.21 -10.56
C GLU G 363 -23.59 4.06 -9.38
N VAL G 364 -24.63 4.90 -9.31
CA VAL G 364 -25.71 4.73 -8.36
C VAL G 364 -26.91 4.65 -9.21
N ALA G 365 -27.75 3.66 -8.96
CA ALA G 365 -29.01 3.58 -9.71
C ALA G 365 -29.99 2.98 -8.78
N TRP G 366 -31.29 3.10 -9.08
CA TRP G 366 -32.36 2.58 -8.25
C TRP G 366 -33.73 2.78 -8.94
N VAL G 367 -34.72 2.02 -8.45
CA VAL G 367 -36.07 2.09 -8.98
C VAL G 367 -36.96 1.71 -7.85
N GLY G 368 -38.23 2.04 -7.91
CA GLY G 368 -39.13 1.75 -6.83
C GLY G 368 -39.00 2.74 -5.69
N LYS G 369 -39.34 2.29 -4.50
CA LYS G 369 -39.37 3.16 -3.32
C LYS G 369 -38.09 3.05 -2.48
N SER G 370 -37.85 4.00 -1.60
CA SER G 370 -36.65 3.97 -0.77
C SER G 370 -37.12 3.57 0.60
N GLU G 371 -36.22 3.14 1.48
CA GLU G 371 -36.60 2.81 2.84
C GLU G 371 -37.37 3.97 3.43
N GLU G 372 -36.89 5.19 3.22
CA GLU G 372 -37.52 6.39 3.75
C GLU G 372 -38.97 6.62 3.30
N GLN G 373 -39.27 6.43 2.00
CA GLN G 373 -40.65 6.44 1.59
C GLN G 373 -41.43 5.25 2.16
N LEU G 374 -40.94 4.02 2.06
CA LEU G 374 -41.73 2.91 2.65
C LEU G 374 -42.15 3.18 4.06
N LYS G 375 -41.25 3.84 4.80
CA LYS G 375 -41.47 4.07 6.21
C LYS G 375 -42.56 5.07 6.40
N GLU G 376 -42.41 6.24 5.77
CA GLU G 376 -43.49 7.23 5.72
C GLU G 376 -44.80 6.69 5.20
N GLU G 377 -44.74 5.74 4.30
CA GLU G 377 -45.94 5.20 3.76
C GLU G 377 -46.57 4.23 4.72
N GLY G 378 -45.82 3.78 5.72
CA GLY G 378 -46.36 2.84 6.67
C GLY G 378 -46.32 1.39 6.18
N ILE G 379 -45.36 1.09 5.32
CA ILE G 379 -45.29 -0.23 4.71
C ILE G 379 -44.29 -1.09 5.43
N GLU G 380 -44.75 -2.19 6.00
CA GLU G 380 -43.93 -3.18 6.66
C GLU G 380 -43.16 -3.95 5.60
N TYR G 381 -41.83 -3.87 5.63
CA TYR G 381 -41.03 -4.59 4.66
C TYR G 381 -39.78 -5.30 5.27
N LYS G 382 -38.99 -5.90 4.40
CA LYS G 382 -37.72 -6.53 4.78
C LYS G 382 -36.61 -6.12 3.78
N VAL G 383 -35.36 -6.38 4.12
CA VAL G 383 -34.26 -5.91 3.28
C VAL G 383 -33.12 -6.89 3.04
N GLY G 384 -32.72 -7.12 1.78
CA GLY G 384 -31.57 -7.97 1.49
C GLY G 384 -30.51 -7.07 0.88
N LYS G 385 -29.26 -7.32 1.26
CA LYS G 385 -28.12 -6.54 0.79
C LYS G 385 -27.07 -7.52 0.33
N PHE G 386 -26.21 -7.06 -0.57
CA PHE G 386 -25.14 -7.89 -1.10
C PHE G 386 -24.01 -6.99 -1.60
N PRO G 387 -22.83 -7.16 -1.05
CA PRO G 387 -21.78 -6.22 -1.35
C PRO G 387 -21.12 -6.66 -2.60
N PHE G 388 -20.69 -5.71 -3.42
CA PHE G 388 -19.97 -6.06 -4.60
C PHE G 388 -18.73 -6.81 -4.24
N ALA G 389 -18.20 -6.49 -3.08
CA ALA G 389 -16.97 -7.12 -2.61
C ALA G 389 -17.09 -8.62 -2.57
N ALA G 390 -18.30 -9.13 -2.46
CA ALA G 390 -18.46 -10.57 -2.58
C ALA G 390 -18.89 -11.07 -3.94
N ASN G 391 -18.81 -10.23 -5.00
CA ASN G 391 -19.22 -10.59 -6.35
C ASN G 391 -18.05 -11.04 -7.21
N SER G 392 -18.19 -12.17 -7.88
CA SER G 392 -17.09 -12.65 -8.74
C SER G 392 -16.68 -11.67 -9.82
N ARG G 393 -17.57 -11.19 -10.64
CA ARG G 393 -17.11 -10.34 -11.72
C ARG G 393 -16.49 -9.03 -11.18
N ALA G 394 -17.08 -8.46 -10.12
CA ALA G 394 -16.51 -7.26 -9.49
C ALA G 394 -15.12 -7.51 -8.90
N LYS G 395 -14.97 -8.56 -8.11
CA LYS G 395 -13.67 -8.89 -7.52
C LYS G 395 -12.61 -9.00 -8.63
N THR G 396 -12.94 -9.76 -9.65
CA THR G 396 -12.04 -10.13 -10.72
C THR G 396 -11.50 -8.97 -11.50
N ASN G 397 -12.37 -8.04 -11.84
CA ASN G 397 -11.97 -6.76 -12.41
C ASN G 397 -11.48 -5.80 -11.38
N ALA G 398 -11.40 -6.22 -10.12
CA ALA G 398 -10.87 -5.38 -9.07
C ALA G 398 -11.63 -4.09 -9.01
N ASP G 399 -12.94 -4.19 -9.12
CA ASP G 399 -13.80 -3.05 -8.94
C ASP G 399 -14.90 -3.37 -7.93
N THR G 400 -14.64 -3.18 -6.64
CA THR G 400 -15.59 -3.61 -5.62
C THR G 400 -16.07 -2.48 -4.69
N ASP G 401 -17.07 -1.74 -5.09
CA ASP G 401 -17.54 -0.71 -4.20
C ASP G 401 -19.00 -0.96 -4.06
N GLY G 402 -19.55 -0.71 -2.91
CA GLY G 402 -20.98 -0.61 -2.88
C GLY G 402 -21.70 -1.94 -2.86
N MET G 403 -22.99 -1.88 -3.20
CA MET G 403 -23.81 -3.07 -3.07
C MET G 403 -25.13 -2.90 -3.70
N VAL G 404 -25.88 -3.99 -3.78
CA VAL G 404 -27.26 -3.94 -4.17
C VAL G 404 -28.08 -3.98 -2.87
N LYS G 405 -29.19 -3.26 -2.82
CA LYS G 405 -30.09 -3.36 -1.68
C LYS G 405 -31.49 -3.51 -2.24
N ILE G 406 -32.15 -4.65 -1.97
CA ILE G 406 -33.54 -4.87 -2.38
C ILE G 406 -34.49 -4.68 -1.20
N LEU G 407 -35.68 -4.15 -1.38
CA LEU G 407 -36.68 -4.09 -0.30
C LEU G 407 -37.95 -4.77 -0.72
N GLY G 408 -38.43 -5.77 0.04
CA GLY G 408 -39.66 -6.46 -0.34
C GLY G 408 -40.74 -6.27 0.71
N GLN G 409 -42.00 -6.19 0.29
CA GLN G 409 -43.12 -6.28 1.19
C GLN G 409 -42.98 -7.56 2.13
N LYS G 410 -43.08 -7.38 3.44
CA LYS G 410 -42.68 -8.45 4.36
C LYS G 410 -43.54 -9.71 4.41
N SER G 411 -44.71 -9.65 3.79
CA SER G 411 -45.63 -10.80 3.77
C SER G 411 -45.96 -11.24 2.34
N THR G 412 -45.91 -10.32 1.35
CA THR G 412 -46.02 -10.77 -0.07
C THR G 412 -44.69 -10.95 -0.84
N ASP G 413 -43.60 -10.49 -0.24
CA ASP G 413 -42.29 -10.68 -0.84
C ASP G 413 -42.13 -9.91 -2.14
N ARG G 414 -43.02 -8.95 -2.37
CA ARG G 414 -43.00 -8.13 -3.57
C ARG G 414 -41.84 -7.16 -3.52
N VAL G 415 -41.10 -7.03 -4.59
CA VAL G 415 -40.02 -6.05 -4.57
C VAL G 415 -40.66 -4.66 -4.58
N LEU G 416 -40.26 -3.79 -3.64
CA LEU G 416 -40.79 -2.45 -3.56
C LEU G 416 -39.80 -1.34 -4.03
N GLY G 417 -38.52 -1.70 -4.10
CA GLY G 417 -37.55 -0.83 -4.69
C GLY G 417 -36.22 -1.53 -4.63
N ALA G 418 -35.38 -1.25 -5.62
CA ALA G 418 -34.07 -1.88 -5.72
C ALA G 418 -33.05 -0.79 -5.84
N HIS G 419 -31.97 -0.90 -5.09
CA HIS G 419 -30.99 0.16 -5.10
C HIS G 419 -29.64 -0.49 -5.25
N ILE G 420 -28.90 -0.08 -6.30
CA ILE G 420 -27.52 -0.49 -6.54
C ILE G 420 -26.59 0.65 -6.37
N LEU G 421 -25.41 0.35 -5.86
CA LEU G 421 -24.37 1.34 -5.78
C LEU G 421 -23.12 0.61 -6.05
N GLY G 422 -22.51 0.86 -7.20
CA GLY G 422 -21.30 0.13 -7.57
C GLY G 422 -21.13 0.17 -9.08
N PRO G 423 -20.30 -0.72 -9.63
CA PRO G 423 -20.08 -0.75 -11.09
C PRO G 423 -21.30 -1.21 -11.92
N GLY G 424 -21.48 -0.57 -13.07
CA GLY G 424 -22.57 -0.89 -13.98
C GLY G 424 -23.97 -0.78 -13.40
N ALA G 425 -24.14 0.12 -12.46
CA ALA G 425 -25.40 0.12 -11.73
C ALA G 425 -26.42 0.64 -12.76
N GLY G 426 -25.93 1.46 -13.68
CA GLY G 426 -26.81 1.92 -14.74
C GLY G 426 -27.56 0.78 -15.45
N GLU G 427 -26.85 -0.19 -15.91
CA GLU G 427 -27.50 -1.16 -16.76
C GLU G 427 -28.30 -2.17 -15.96
N MET G 428 -27.78 -2.51 -14.78
CA MET G 428 -28.46 -3.43 -13.89
C MET G 428 -29.85 -3.01 -13.51
N VAL G 429 -30.02 -1.74 -13.24
CA VAL G 429 -31.32 -1.25 -12.79
C VAL G 429 -32.41 -1.52 -13.84
N ASN G 430 -32.02 -1.69 -15.09
CA ASN G 430 -33.03 -1.94 -16.10
C ASN G 430 -33.73 -3.21 -15.85
N GLU G 431 -32.96 -4.23 -15.44
CA GLU G 431 -33.50 -5.53 -15.04
C GLU G 431 -34.53 -5.36 -13.93
N ALA G 432 -34.18 -4.68 -12.84
CA ALA G 432 -35.17 -4.31 -11.79
C ALA G 432 -36.41 -3.63 -12.35
N ALA G 433 -36.26 -2.63 -13.20
CA ALA G 433 -37.43 -1.94 -13.71
C ALA G 433 -38.40 -2.92 -14.33
N LEU G 434 -37.87 -3.90 -15.05
CA LEU G 434 -38.69 -4.96 -15.63
C LEU G 434 -39.26 -5.81 -14.52
N ALA G 435 -38.43 -6.17 -13.55
CA ALA G 435 -38.96 -6.97 -12.49
C ALA G 435 -40.13 -6.26 -11.80
N LEU G 436 -39.99 -4.95 -11.63
CA LEU G 436 -40.99 -4.16 -10.92
C LEU G 436 -42.26 -4.15 -11.73
N GLU G 437 -42.06 -3.85 -13.01
CA GLU G 437 -43.12 -3.84 -13.96
C GLU G 437 -43.96 -5.11 -13.93
N TYR G 438 -43.33 -6.27 -13.93
CA TYR G 438 -44.06 -7.55 -13.80
C TYR G 438 -44.62 -7.85 -12.41
N GLY G 439 -44.43 -6.93 -11.47
CA GLY G 439 -44.92 -7.18 -10.14
C GLY G 439 -44.18 -8.30 -9.38
N ALA G 440 -43.02 -8.69 -9.87
CA ALA G 440 -42.12 -9.69 -9.31
C ALA G 440 -41.97 -9.63 -7.82
N SER G 441 -41.73 -10.79 -7.23
CA SER G 441 -41.30 -10.90 -5.88
C SER G 441 -39.79 -11.20 -5.82
N CYS G 442 -39.25 -11.18 -4.62
CA CYS G 442 -37.88 -11.46 -4.45
C CYS G 442 -37.66 -12.87 -4.86
N GLU G 443 -38.64 -13.71 -4.64
CA GLU G 443 -38.39 -15.11 -4.90
C GLU G 443 -38.35 -15.38 -6.38
N ASP G 444 -39.22 -14.68 -7.11
CA ASP G 444 -39.22 -14.82 -8.55
C ASP G 444 -37.84 -14.47 -9.02
N ILE G 445 -37.34 -13.31 -8.64
CA ILE G 445 -36.14 -12.89 -9.31
C ILE G 445 -34.99 -13.76 -8.84
N ALA G 446 -35.14 -14.41 -7.71
CA ALA G 446 -34.03 -15.26 -7.31
C ALA G 446 -33.90 -16.47 -8.19
N ARG G 447 -34.97 -16.94 -8.78
CA ARG G 447 -34.87 -18.23 -9.43
C ARG G 447 -34.62 -18.07 -10.90
N VAL G 448 -34.32 -16.87 -11.29
CA VAL G 448 -33.89 -16.64 -12.62
C VAL G 448 -32.37 -16.93 -12.68
N CYS G 449 -31.96 -17.53 -13.79
CA CYS G 449 -30.61 -17.94 -13.93
C CYS G 449 -29.79 -16.81 -14.53
N HIS G 450 -28.74 -16.34 -13.84
CA HIS G 450 -27.96 -15.14 -14.34
C HIS G 450 -26.62 -15.67 -14.73
N ALA G 451 -26.00 -15.07 -15.73
CA ALA G 451 -24.75 -15.60 -16.19
C ALA G 451 -23.76 -15.36 -15.09
N HIS G 452 -22.86 -16.31 -14.94
CA HIS G 452 -21.73 -16.21 -14.04
C HIS G 452 -20.50 -16.08 -14.85
N PRO G 453 -19.63 -15.18 -14.54
CA PRO G 453 -19.81 -14.15 -13.54
C PRO G 453 -20.17 -12.74 -14.13
N THR G 454 -21.22 -12.11 -13.61
CA THR G 454 -21.60 -10.77 -14.03
C THR G 454 -21.97 -10.04 -12.74
N LEU G 455 -21.90 -8.73 -12.82
CA LEU G 455 -22.27 -7.82 -11.76
C LEU G 455 -23.69 -8.13 -11.35
N SER G 456 -24.44 -8.65 -12.29
CA SER G 456 -25.86 -8.81 -12.09
C SER G 456 -26.20 -9.85 -11.06
N GLU G 457 -25.19 -10.66 -10.73
CA GLU G 457 -25.37 -11.78 -9.85
C GLU G 457 -25.60 -11.26 -8.49
N ALA G 458 -25.08 -10.07 -8.18
CA ALA G 458 -25.30 -9.44 -6.87
C ALA G 458 -26.75 -8.99 -6.77
N PHE G 459 -27.35 -8.70 -7.90
CA PHE G 459 -28.70 -8.22 -7.90
C PHE G 459 -29.60 -9.42 -7.57
N ARG G 460 -29.11 -10.62 -7.87
CA ARG G 460 -29.92 -11.79 -7.66
C ARG G 460 -29.64 -12.25 -6.26
N GLU G 461 -28.41 -12.07 -5.82
CA GLU G 461 -28.01 -12.51 -4.52
C GLU G 461 -28.78 -11.66 -3.52
N ALA G 462 -28.96 -10.37 -3.82
CA ALA G 462 -29.71 -9.53 -2.90
C ALA G 462 -31.16 -10.02 -2.75
N ASN G 463 -31.84 -10.18 -3.87
CA ASN G 463 -33.15 -10.77 -3.81
C ASN G 463 -33.30 -12.11 -3.01
N LEU G 464 -32.29 -12.97 -3.11
CA LEU G 464 -32.25 -14.22 -2.40
C LEU G 464 -32.27 -13.84 -0.92
N ALA G 465 -31.40 -12.93 -0.53
CA ALA G 465 -31.26 -12.55 0.88
C ALA G 465 -32.57 -12.09 1.35
N ALA G 466 -33.35 -11.47 0.50
CA ALA G 466 -34.50 -10.77 1.01
C ALA G 466 -35.56 -11.75 1.16
N SER G 467 -35.60 -12.75 0.29
CA SER G 467 -36.65 -13.74 0.43
C SER G 467 -36.34 -14.96 1.31
N PHE G 468 -35.14 -15.53 1.25
CA PHE G 468 -34.88 -16.75 2.03
C PHE G 468 -34.33 -16.34 3.40
N GLY G 469 -33.90 -15.07 3.48
CA GLY G 469 -33.27 -14.57 4.68
C GLY G 469 -31.74 -14.57 4.63
N LYS G 470 -31.16 -15.22 3.62
CA LYS G 470 -29.72 -15.17 3.42
C LYS G 470 -29.28 -15.68 2.05
N SER G 471 -28.23 -15.08 1.56
CA SER G 471 -27.66 -15.48 0.28
C SER G 471 -26.67 -16.64 0.51
N ILE G 472 -26.23 -17.28 -0.56
CA ILE G 472 -25.21 -18.30 -0.40
C ILE G 472 -23.73 -17.82 -0.48
N ASN G 473 -23.51 -16.60 -1.00
CA ASN G 473 -22.16 -16.11 -1.19
C ASN G 473 -21.72 -15.07 -0.25
N PHE G 474 -22.64 -14.53 0.53
CA PHE G 474 -22.19 -13.54 1.48
C PHE G 474 -22.61 -13.81 2.93
N ALA H 1 -6.59 -40.30 13.40
CA ALA H 1 -7.26 -39.00 13.07
C ALA H 1 -8.37 -39.25 12.03
N ASP H 2 -8.95 -40.45 12.08
CA ASP H 2 -9.78 -40.90 10.98
C ASP H 2 -11.26 -41.22 11.32
N GLN H 3 -11.65 -41.09 12.59
CA GLN H 3 -12.99 -41.51 12.99
C GLN H 3 -14.11 -41.15 11.98
N PRO H 4 -14.94 -42.10 11.60
CA PRO H 4 -15.93 -41.87 10.58
C PRO H 4 -16.90 -40.82 11.04
N ILE H 5 -17.26 -39.93 10.14
CA ILE H 5 -18.21 -38.87 10.44
C ILE H 5 -19.56 -39.10 9.73
N ASP H 6 -20.67 -38.68 10.35
CA ASP H 6 -22.01 -38.84 9.78
C ASP H 6 -22.58 -37.55 9.21
N ALA H 7 -23.13 -37.59 8.01
CA ALA H 7 -23.71 -36.40 7.40
C ALA H 7 -25.06 -36.69 6.70
N ASP H 8 -25.96 -35.71 6.58
CA ASP H 8 -27.20 -35.91 5.84
C ASP H 8 -26.94 -35.93 4.34
N VAL H 9 -25.89 -35.18 3.95
CA VAL H 9 -25.48 -34.96 2.57
C VAL H 9 -23.95 -34.90 2.56
N THR H 10 -23.29 -35.54 1.58
CA THR H 10 -21.88 -35.27 1.35
C THR H 10 -21.71 -34.95 -0.11
N VAL H 11 -21.22 -33.75 -0.42
CA VAL H 11 -20.97 -33.33 -1.78
C VAL H 11 -19.55 -33.66 -2.22
N ILE H 12 -19.39 -34.21 -3.40
CA ILE H 12 -18.05 -34.59 -3.83
C ILE H 12 -17.60 -33.63 -4.92
N GLY H 13 -16.70 -32.72 -4.56
CA GLY H 13 -16.33 -31.70 -5.53
C GLY H 13 -16.77 -30.36 -5.01
N SER H 14 -15.95 -29.33 -5.17
CA SER H 14 -16.32 -28.04 -4.62
C SER H 14 -16.18 -26.89 -5.62
N GLY H 15 -16.40 -27.19 -6.89
CA GLY H 15 -16.57 -26.18 -7.90
C GLY H 15 -17.91 -25.55 -7.74
N PRO H 16 -18.32 -24.63 -8.62
CA PRO H 16 -19.63 -23.99 -8.44
C PRO H 16 -20.62 -25.15 -8.27
N GLY H 17 -21.74 -25.02 -7.62
CA GLY H 17 -22.51 -26.26 -7.74
C GLY H 17 -22.22 -27.26 -6.63
N GLY H 18 -20.99 -27.76 -6.57
CA GLY H 18 -20.54 -28.49 -5.40
C GLY H 18 -20.67 -27.63 -4.17
N TYR H 19 -20.05 -26.47 -4.27
CA TYR H 19 -19.79 -25.68 -3.09
C TYR H 19 -20.99 -24.90 -2.78
N VAL H 20 -21.75 -24.65 -3.82
CA VAL H 20 -22.98 -23.89 -3.73
C VAL H 20 -24.05 -24.79 -3.25
N ALA H 21 -24.18 -25.99 -3.80
CA ALA H 21 -25.04 -26.98 -3.12
C ALA H 21 -24.64 -27.14 -1.70
N ALA H 22 -23.34 -27.24 -1.44
CA ALA H 22 -22.87 -27.53 -0.05
C ALA H 22 -23.43 -26.55 0.96
N ILE H 23 -23.21 -25.28 0.62
CA ILE H 23 -23.74 -24.17 1.38
C ILE H 23 -25.28 -24.21 1.53
N LYS H 24 -25.96 -24.32 0.41
CA LYS H 24 -27.39 -24.36 0.49
C LYS H 24 -27.86 -25.44 1.46
N ALA H 25 -27.32 -26.65 1.31
CA ALA H 25 -27.75 -27.82 2.08
C ALA H 25 -27.56 -27.57 3.58
N ALA H 26 -26.43 -27.04 3.92
CA ALA H 26 -26.27 -26.54 5.25
C ALA H 26 -27.38 -25.52 5.61
N GLN H 27 -27.50 -24.41 4.89
CA GLN H 27 -28.56 -23.48 5.19
C GLN H 27 -30.02 -24.03 5.37
N LEU H 28 -30.39 -25.23 4.87
CA LEU H 28 -31.73 -25.79 5.07
C LEU H 28 -31.72 -26.79 6.22
N GLY H 29 -30.61 -26.83 6.96
CA GLY H 29 -30.50 -27.69 8.13
C GLY H 29 -30.12 -29.10 7.80
N PHE H 30 -29.36 -29.31 6.74
CA PHE H 30 -28.74 -30.62 6.51
C PHE H 30 -27.32 -30.52 7.11
N LYS H 31 -26.91 -31.57 7.83
CA LYS H 31 -25.52 -31.73 8.19
C LYS H 31 -24.73 -31.96 6.87
N THR H 32 -23.90 -31.05 6.45
CA THR H 32 -23.22 -31.30 5.19
C THR H 32 -21.74 -31.50 5.27
N VAL H 33 -21.25 -32.32 4.36
CA VAL H 33 -19.81 -32.45 4.12
C VAL H 33 -19.55 -32.13 2.65
N CYS H 34 -18.45 -31.44 2.36
CA CYS H 34 -18.00 -31.23 0.98
C CYS H 34 -16.59 -31.72 0.89
N ILE H 35 -16.30 -32.57 -0.10
CA ILE H 35 -14.97 -33.23 -0.29
C ILE H 35 -14.22 -32.65 -1.50
N GLU H 36 -12.95 -32.34 -1.35
CA GLU H 36 -12.31 -31.68 -2.47
C GLU H 36 -10.90 -32.13 -2.54
N LYS H 37 -10.55 -32.70 -3.68
CA LYS H 37 -9.19 -33.20 -3.81
C LYS H 37 -8.20 -32.05 -3.98
N ASN H 38 -8.46 -31.01 -4.74
CA ASN H 38 -7.39 -30.03 -4.90
C ASN H 38 -7.04 -29.17 -3.69
N GLU H 39 -5.82 -28.70 -3.61
CA GLU H 39 -5.46 -27.86 -2.44
C GLU H 39 -6.33 -26.60 -2.23
N THR H 40 -7.16 -26.20 -3.21
CA THR H 40 -8.10 -25.11 -3.00
C THR H 40 -9.50 -25.42 -3.56
N LEU H 41 -10.53 -24.85 -2.93
CA LEU H 41 -11.89 -25.01 -3.43
C LEU H 41 -12.19 -24.08 -4.60
N GLY H 42 -13.35 -24.18 -5.21
CA GLY H 42 -13.68 -23.28 -6.28
C GLY H 42 -13.83 -23.99 -7.59
N GLY H 43 -13.09 -25.11 -7.75
CA GLY H 43 -13.24 -26.10 -8.84
C GLY H 43 -12.61 -25.58 -10.08
N THR H 44 -12.94 -26.17 -11.25
CA THR H 44 -12.31 -25.59 -12.47
C THR H 44 -12.67 -24.12 -12.65
N CYS H 45 -13.92 -23.73 -12.46
CA CYS H 45 -14.30 -22.37 -12.80
C CYS H 45 -13.42 -21.31 -12.11
N LEU H 46 -13.26 -21.47 -10.81
CA LEU H 46 -12.55 -20.49 -10.04
C LEU H 46 -11.00 -20.54 -10.27
N ASN H 47 -10.34 -21.70 -10.07
CA ASN H 47 -8.88 -21.80 -10.06
C ASN H 47 -8.13 -21.70 -11.40
N VAL H 48 -8.84 -22.04 -12.51
CA VAL H 48 -8.24 -22.27 -13.85
C VAL H 48 -9.20 -22.00 -15.04
N GLY H 49 -10.36 -21.40 -14.79
CA GLY H 49 -11.37 -21.28 -15.82
C GLY H 49 -11.87 -19.87 -15.95
N CYS H 50 -13.14 -19.75 -15.60
CA CYS H 50 -13.93 -18.54 -15.68
C CYS H 50 -13.11 -17.38 -15.07
N ILE H 51 -12.70 -17.49 -13.78
CA ILE H 51 -12.05 -16.37 -13.09
C ILE H 51 -10.73 -15.83 -13.71
N PRO H 52 -9.73 -16.68 -13.85
CA PRO H 52 -8.45 -16.22 -14.41
C PRO H 52 -8.76 -15.54 -15.76
N SER H 53 -9.52 -16.23 -16.62
CA SER H 53 -9.75 -15.70 -17.94
C SER H 53 -10.46 -14.32 -18.00
N LYS H 54 -11.54 -14.14 -17.21
CA LYS H 54 -12.17 -12.85 -17.18
C LYS H 54 -11.17 -11.77 -16.76
N ALA H 55 -10.22 -12.12 -15.91
CA ALA H 55 -9.25 -11.22 -15.40
C ALA H 55 -8.29 -10.78 -16.55
N LEU H 56 -7.72 -11.78 -17.25
CA LEU H 56 -6.79 -11.49 -18.34
C LEU H 56 -7.49 -10.78 -19.49
N LEU H 57 -8.74 -11.16 -19.73
CA LEU H 57 -9.60 -10.46 -20.66
C LEU H 57 -9.74 -9.03 -20.22
N ASN H 58 -10.10 -8.80 -18.96
CA ASN H 58 -10.32 -7.48 -18.51
C ASN H 58 -9.04 -6.62 -18.66
N ASN H 59 -7.92 -7.08 -18.10
CA ASN H 59 -6.69 -6.31 -18.15
C ASN H 59 -6.14 -6.18 -19.57
N SER H 60 -6.28 -7.18 -20.41
CA SER H 60 -5.74 -7.03 -21.75
C SER H 60 -6.57 -6.01 -22.54
N HIS H 61 -7.86 -5.89 -22.21
CA HIS H 61 -8.67 -4.83 -22.77
C HIS H 61 -8.03 -3.47 -22.57
N TYR H 62 -7.91 -3.07 -21.32
CA TYR H 62 -7.31 -1.78 -20.97
C TYR H 62 -6.01 -1.63 -21.68
N TYR H 63 -5.20 -2.66 -21.69
CA TYR H 63 -3.93 -2.52 -22.37
C TYR H 63 -4.11 -2.15 -23.85
N HIS H 64 -5.10 -2.69 -24.54
CA HIS H 64 -5.20 -2.44 -25.96
C HIS H 64 -5.77 -1.03 -26.17
N MET H 65 -6.53 -0.61 -25.16
CA MET H 65 -7.24 0.67 -25.22
C MET H 65 -6.26 1.78 -24.99
N ALA H 66 -5.35 1.54 -24.06
CA ALA H 66 -4.27 2.44 -23.74
C ALA H 66 -3.11 2.34 -24.75
N HIS H 67 -2.93 1.21 -25.43
CA HIS H 67 -1.76 1.03 -26.31
C HIS H 67 -2.11 1.47 -27.73
N GLY H 68 -3.34 1.25 -28.12
CA GLY H 68 -3.72 1.43 -29.50
C GLY H 68 -4.28 2.80 -29.70
N LYS H 69 -5.24 2.94 -30.61
CA LYS H 69 -5.77 4.25 -30.98
C LYS H 69 -6.78 4.85 -29.98
N ASP H 70 -7.33 4.03 -29.08
CA ASP H 70 -8.48 4.49 -28.29
C ASP H 70 -8.25 5.71 -27.45
N PHE H 71 -7.58 5.50 -26.32
CA PHE H 71 -7.35 6.49 -25.29
C PHE H 71 -6.91 7.81 -25.85
N ALA H 72 -5.87 7.77 -26.68
CA ALA H 72 -5.32 8.99 -27.32
C ALA H 72 -6.39 9.89 -27.99
N SER H 73 -7.45 9.29 -28.53
CA SER H 73 -8.52 10.04 -29.16
C SER H 73 -9.50 10.64 -28.13
N ARG H 74 -9.31 10.30 -26.85
CA ARG H 74 -10.14 10.85 -25.77
C ARG H 74 -9.42 11.97 -25.05
N GLY H 75 -8.30 12.39 -25.61
CA GLY H 75 -7.49 13.41 -24.97
C GLY H 75 -6.60 12.87 -23.86
N ILE H 76 -6.28 11.58 -23.93
CA ILE H 76 -5.40 10.97 -22.98
C ILE H 76 -4.10 10.57 -23.66
N GLU H 77 -3.30 11.59 -23.95
CA GLU H 77 -1.96 11.46 -24.49
C GLU H 77 -1.04 10.68 -23.58
N MET H 78 -0.20 9.83 -24.14
CA MET H 78 0.68 9.00 -23.33
C MET H 78 2.12 8.92 -23.86
N SER H 79 3.06 8.86 -22.90
CA SER H 79 4.49 8.76 -23.18
C SER H 79 4.80 7.50 -23.97
N GLU H 80 4.85 6.35 -23.29
CA GLU H 80 4.88 5.08 -23.98
C GLU H 80 4.13 4.04 -23.17
N VAL H 81 3.58 3.02 -23.82
CA VAL H 81 2.78 2.09 -23.08
C VAL H 81 3.35 0.68 -23.04
N ARG H 82 3.73 0.24 -21.85
CA ARG H 82 4.51 -0.98 -21.71
C ARG H 82 3.72 -2.08 -20.98
N LEU H 83 3.91 -3.31 -21.44
CA LEU H 83 3.28 -4.46 -20.84
C LEU H 83 4.10 -4.86 -19.65
N ASN H 84 3.63 -5.82 -18.89
CA ASN H 84 4.32 -6.33 -17.75
C ASN H 84 3.53 -7.58 -17.34
N LEU H 85 3.74 -8.68 -18.05
CA LEU H 85 2.95 -9.85 -17.77
C LEU H 85 2.89 -10.22 -16.29
N ASP H 86 4.02 -10.05 -15.62
CA ASP H 86 4.13 -10.52 -14.26
C ASP H 86 3.11 -9.77 -13.41
N LYS H 87 3.10 -8.44 -13.50
CA LYS H 87 2.22 -7.67 -12.66
C LYS H 87 0.78 -8.01 -13.06
N MET H 88 0.58 -8.34 -14.32
CA MET H 88 -0.77 -8.67 -14.80
C MET H 88 -1.25 -10.04 -14.41
N MET H 89 -0.40 -11.07 -14.43
CA MET H 89 -0.81 -12.37 -13.89
C MET H 89 -0.93 -12.36 -12.39
N GLU H 90 -0.20 -11.46 -11.74
CA GLU H 90 -0.37 -11.36 -10.30
C GLU H 90 -1.78 -10.83 -10.01
N GLN H 91 -2.06 -9.62 -10.45
CA GLN H 91 -3.42 -9.13 -10.41
C GLN H 91 -4.43 -10.24 -10.71
N LYS H 92 -4.07 -11.18 -11.55
CA LYS H 92 -4.98 -12.26 -11.91
C LYS H 92 -5.09 -13.19 -10.77
N SER H 93 -3.95 -13.77 -10.37
CA SER H 93 -3.91 -14.86 -9.36
C SER H 93 -4.20 -14.34 -7.94
N THR H 94 -4.07 -13.03 -7.72
CA THR H 94 -4.50 -12.47 -6.46
C THR H 94 -6.02 -12.52 -6.29
N ALA H 95 -6.74 -12.17 -7.35
CA ALA H 95 -8.20 -12.27 -7.39
C ALA H 95 -8.66 -13.70 -7.15
N VAL H 96 -7.94 -14.65 -7.72
CA VAL H 96 -8.32 -16.03 -7.58
C VAL H 96 -8.20 -16.40 -6.10
N LYS H 97 -7.06 -16.10 -5.48
CA LYS H 97 -6.84 -16.46 -4.09
C LYS H 97 -7.85 -15.80 -3.19
N ALA H 98 -8.14 -14.53 -3.51
CA ALA H 98 -9.20 -13.80 -2.83
C ALA H 98 -10.52 -14.60 -2.86
N LEU H 99 -11.06 -14.87 -4.06
CA LEU H 99 -12.27 -15.68 -4.14
C LEU H 99 -12.08 -17.06 -3.48
N THR H 100 -10.91 -17.70 -3.57
CA THR H 100 -10.79 -19.07 -3.03
C THR H 100 -10.82 -19.12 -1.48
N GLY H 101 -10.19 -18.14 -0.83
CA GLY H 101 -10.33 -17.94 0.59
C GLY H 101 -11.80 -17.65 0.90
N GLY H 102 -12.44 -16.74 0.12
CA GLY H 102 -13.89 -16.59 0.14
C GLY H 102 -14.68 -17.88 0.50
N ILE H 103 -14.54 -18.90 -0.34
CA ILE H 103 -15.35 -20.10 -0.20
C ILE H 103 -15.01 -20.81 1.07
N ALA H 104 -13.75 -20.77 1.42
CA ALA H 104 -13.30 -21.42 2.65
C ALA H 104 -14.13 -20.82 3.77
N HIS H 105 -14.09 -19.50 3.82
CA HIS H 105 -14.77 -18.69 4.79
C HIS H 105 -16.31 -18.88 4.84
N LEU H 106 -16.94 -19.09 3.70
CA LEU H 106 -18.37 -19.34 3.64
C LEU H 106 -18.71 -20.75 4.22
N PHE H 107 -17.86 -21.72 3.94
CA PHE H 107 -18.00 -23.05 4.48
C PHE H 107 -17.96 -22.96 6.00
N LYS H 108 -17.09 -22.08 6.49
CA LYS H 108 -16.83 -21.91 7.89
C LYS H 108 -18.11 -21.42 8.52
N GLN H 109 -18.72 -20.37 7.98
CA GLN H 109 -19.88 -19.78 8.63
C GLN H 109 -21.14 -20.58 8.48
N ASN H 110 -21.35 -21.14 7.30
CA ASN H 110 -22.46 -22.05 7.10
C ASN H 110 -22.22 -23.45 7.71
N LYS H 111 -21.10 -23.62 8.39
CA LYS H 111 -20.83 -24.90 9.04
C LYS H 111 -20.78 -26.13 8.11
N VAL H 112 -20.11 -25.94 6.97
CA VAL H 112 -19.83 -27.02 6.04
C VAL H 112 -18.51 -27.65 6.48
N VAL H 113 -18.54 -28.95 6.69
CA VAL H 113 -17.36 -29.67 7.06
C VAL H 113 -16.60 -29.99 5.80
N HIS H 114 -15.41 -29.40 5.66
CA HIS H 114 -14.64 -29.48 4.42
C HIS H 114 -13.67 -30.57 4.65
N VAL H 115 -13.66 -31.57 3.81
CA VAL H 115 -12.77 -32.72 3.99
C VAL H 115 -11.92 -32.77 2.76
N ASN H 116 -10.64 -32.56 2.94
CA ASN H 116 -9.77 -32.48 1.77
C ASN H 116 -9.32 -33.86 1.36
N GLY H 117 -9.33 -34.17 0.05
CA GLY H 117 -8.93 -35.50 -0.41
C GLY H 117 -9.83 -36.09 -1.49
N TYR H 118 -9.47 -37.27 -1.99
CA TYR H 118 -10.17 -37.78 -3.15
C TYR H 118 -11.32 -38.70 -2.70
N GLY H 119 -12.55 -38.26 -2.88
CA GLY H 119 -13.71 -39.00 -2.47
C GLY H 119 -14.10 -40.03 -3.49
N LYS H 120 -14.46 -41.22 -3.00
CA LYS H 120 -14.95 -42.30 -3.81
C LYS H 120 -16.06 -42.99 -3.04
N ILE H 121 -17.13 -43.26 -3.77
CA ILE H 121 -18.34 -43.76 -3.16
C ILE H 121 -18.15 -45.22 -2.77
N THR H 122 -18.20 -45.51 -1.49
CA THR H 122 -17.85 -46.87 -1.06
C THR H 122 -19.05 -47.74 -0.68
N GLY H 123 -20.24 -47.16 -0.78
CA GLY H 123 -21.47 -47.90 -0.59
C GLY H 123 -22.55 -46.89 -0.85
N LYS H 124 -23.82 -47.30 -1.02
CA LYS H 124 -24.95 -46.39 -1.25
C LYS H 124 -25.09 -45.32 -0.17
N ASN H 125 -24.55 -45.60 1.03
CA ASN H 125 -24.58 -44.60 2.08
C ASN H 125 -23.25 -44.27 2.69
N GLN H 126 -22.19 -44.45 1.93
CA GLN H 126 -20.88 -44.12 2.46
C GLN H 126 -19.93 -43.58 1.37
N VAL H 127 -19.26 -42.47 1.64
CA VAL H 127 -18.30 -41.95 0.73
C VAL H 127 -17.04 -42.01 1.53
N THR H 128 -15.95 -42.55 0.96
CA THR H 128 -14.60 -42.58 1.59
C THR H 128 -13.61 -41.68 0.89
N ALA H 129 -12.92 -40.86 1.64
CA ALA H 129 -11.98 -39.89 1.03
C ALA H 129 -10.56 -40.24 1.43
N THR H 130 -9.65 -40.48 0.49
CA THR H 130 -8.29 -40.65 0.92
C THR H 130 -7.51 -39.39 0.74
N LYS H 131 -6.92 -38.96 1.84
CA LYS H 131 -6.24 -37.70 1.90
C LYS H 131 -4.96 -37.94 1.09
N ALA H 132 -4.17 -36.91 0.85
CA ALA H 132 -2.97 -37.10 0.01
C ALA H 132 -1.76 -37.58 0.81
N ASP H 133 -1.85 -37.59 2.15
CA ASP H 133 -0.83 -38.24 3.01
C ASP H 133 -1.17 -39.73 3.24
N GLY H 134 -1.81 -40.34 2.27
CA GLY H 134 -2.28 -41.69 2.46
C GLY H 134 -3.57 -41.85 3.26
N GLY H 135 -3.74 -41.06 4.34
CA GLY H 135 -4.84 -41.15 5.30
C GLY H 135 -6.30 -41.03 4.83
N THR H 136 -7.14 -41.92 5.31
CA THR H 136 -8.54 -41.96 4.90
C THR H 136 -9.59 -41.49 5.92
N GLN H 137 -10.71 -41.00 5.38
CA GLN H 137 -11.77 -40.47 6.19
C GLN H 137 -13.02 -41.07 5.65
N VAL H 138 -13.70 -41.86 6.47
CA VAL H 138 -14.98 -42.44 6.07
C VAL H 138 -16.11 -41.49 6.35
N ILE H 139 -17.15 -41.50 5.51
CA ILE H 139 -18.31 -40.66 5.78
C ILE H 139 -19.56 -41.50 5.62
N ASP H 140 -20.36 -41.66 6.64
CA ASP H 140 -21.60 -42.34 6.45
C ASP H 140 -22.75 -41.31 6.28
N THR H 141 -23.22 -41.20 5.06
CA THR H 141 -24.01 -40.09 4.62
C THR H 141 -25.34 -40.60 4.09
N LYS H 142 -26.42 -39.94 4.48
CA LYS H 142 -27.76 -40.30 4.02
C LYS H 142 -27.93 -40.10 2.52
N ASN H 143 -27.52 -38.96 2.00
CA ASN H 143 -27.46 -38.71 0.55
C ASN H 143 -26.04 -38.39 0.10
N ILE H 144 -25.79 -38.46 -1.20
CA ILE H 144 -24.49 -38.07 -1.71
C ILE H 144 -24.62 -37.37 -3.07
N LEU H 145 -24.03 -36.20 -3.20
CA LEU H 145 -24.19 -35.35 -4.37
C LEU H 145 -22.88 -35.36 -5.14
N ILE H 146 -22.90 -35.77 -6.41
CA ILE H 146 -21.71 -35.85 -7.21
C ILE H 146 -21.55 -34.55 -8.03
N ALA H 147 -20.50 -33.79 -7.73
CA ALA H 147 -20.14 -32.62 -8.47
C ALA H 147 -18.70 -32.68 -8.93
N THR H 148 -18.26 -33.78 -9.50
CA THR H 148 -16.84 -33.83 -9.89
C THR H 148 -16.47 -33.02 -11.12
N GLY H 149 -17.42 -32.59 -11.95
CA GLY H 149 -17.06 -31.72 -13.07
C GLY H 149 -16.42 -32.21 -14.40
N SER H 150 -15.52 -31.41 -14.94
CA SER H 150 -14.98 -31.70 -16.24
C SER H 150 -13.47 -31.59 -16.23
N GLU H 151 -12.88 -31.75 -17.41
CA GLU H 151 -11.45 -31.86 -17.61
C GLU H 151 -11.21 -31.63 -19.09
N VAL H 152 -10.01 -31.22 -19.45
CA VAL H 152 -9.80 -30.97 -20.87
C VAL H 152 -9.87 -32.27 -21.60
N THR H 153 -10.56 -32.30 -22.74
CA THR H 153 -10.62 -33.44 -23.67
C THR H 153 -9.28 -33.38 -24.36
N PRO H 154 -8.52 -34.46 -24.46
CA PRO H 154 -7.21 -34.31 -25.09
C PRO H 154 -7.45 -34.46 -26.60
N PHE H 155 -6.52 -33.95 -27.41
CA PHE H 155 -6.64 -34.16 -28.84
C PHE H 155 -5.74 -35.36 -29.23
N PRO H 156 -6.39 -36.32 -29.88
CA PRO H 156 -5.77 -37.50 -30.45
C PRO H 156 -4.49 -37.27 -31.26
N GLY H 157 -3.32 -37.65 -30.76
CA GLY H 157 -2.10 -37.42 -31.53
C GLY H 157 -1.30 -36.19 -31.13
N ILE H 158 -1.97 -35.12 -30.70
CA ILE H 158 -1.22 -34.07 -30.05
C ILE H 158 -1.04 -34.37 -28.57
N THR H 159 0.12 -34.00 -28.02
CA THR H 159 0.32 -34.14 -26.58
C THR H 159 0.65 -32.85 -25.87
N ILE H 160 -0.26 -32.44 -24.97
CA ILE H 160 -0.10 -31.28 -24.07
C ILE H 160 0.96 -31.55 -23.04
N ASP H 161 1.87 -30.60 -22.85
CA ASP H 161 2.94 -30.72 -21.88
C ASP H 161 2.86 -29.47 -21.00
N GLU H 162 1.83 -28.66 -21.25
CA GLU H 162 1.65 -27.38 -20.58
C GLU H 162 2.91 -26.56 -20.61
N ASP H 163 3.53 -26.48 -21.76
CA ASP H 163 4.66 -25.62 -21.89
C ASP H 163 4.63 -24.88 -23.26
N THR H 164 4.68 -25.62 -24.38
CA THR H 164 4.51 -25.07 -25.72
C THR H 164 3.26 -25.63 -26.37
N ILE H 165 2.87 -26.84 -25.97
CA ILE H 165 1.60 -27.40 -26.41
C ILE H 165 0.71 -27.30 -25.16
N VAL H 166 0.16 -26.11 -24.94
CA VAL H 166 -0.68 -25.82 -23.78
C VAL H 166 -2.14 -26.17 -23.99
N SER H 167 -2.79 -26.35 -22.86
CA SER H 167 -4.23 -26.43 -22.81
C SER H 167 -4.70 -25.10 -22.20
N SER H 168 -6.01 -24.93 -22.15
CA SER H 168 -6.56 -23.74 -21.54
C SER H 168 -5.80 -23.35 -20.27
N THR H 169 -5.73 -24.28 -19.32
CA THR H 169 -5.16 -23.92 -18.07
C THR H 169 -3.74 -23.49 -18.30
N GLY H 170 -3.08 -24.12 -19.26
CA GLY H 170 -1.73 -23.72 -19.64
C GLY H 170 -1.69 -22.33 -20.22
N ALA H 171 -2.64 -22.04 -21.08
CA ALA H 171 -2.61 -20.78 -21.78
C ALA H 171 -2.74 -19.63 -20.84
N LEU H 172 -3.40 -19.81 -19.71
CA LEU H 172 -3.61 -18.71 -18.75
C LEU H 172 -2.38 -18.38 -17.90
N SER H 173 -1.28 -19.07 -18.09
CA SER H 173 -0.12 -18.74 -17.28
C SER H 173 1.12 -18.78 -18.17
N LEU H 174 0.93 -18.45 -19.42
CA LEU H 174 2.08 -18.28 -20.29
C LEU H 174 3.11 -17.39 -19.59
N LYS H 175 4.39 -17.70 -19.76
CA LYS H 175 5.45 -16.89 -19.14
C LYS H 175 5.79 -15.58 -19.86
N LYS H 176 5.50 -15.53 -21.16
CA LYS H 176 5.76 -14.33 -21.92
C LYS H 176 4.90 -14.34 -23.19
N VAL H 177 4.65 -13.18 -23.77
CA VAL H 177 3.73 -13.15 -24.87
C VAL H 177 4.39 -13.93 -25.98
N PRO H 178 3.71 -14.93 -26.51
CA PRO H 178 4.22 -15.67 -27.67
C PRO H 178 4.16 -14.94 -29.01
N GLU H 179 5.23 -14.96 -29.77
CA GLU H 179 5.18 -14.27 -31.02
C GLU H 179 4.02 -14.67 -31.92
N LYS H 180 3.82 -15.98 -32.14
CA LYS H 180 2.74 -16.55 -32.94
C LYS H 180 2.06 -17.66 -32.12
N MET H 181 0.74 -17.71 -32.17
CA MET H 181 -0.04 -18.70 -31.47
C MET H 181 -1.10 -19.31 -32.40
N VAL H 182 -1.18 -20.61 -32.44
CA VAL H 182 -2.26 -21.31 -33.14
C VAL H 182 -3.18 -21.94 -32.09
N VAL H 183 -4.49 -21.72 -32.24
CA VAL H 183 -5.54 -22.21 -31.33
C VAL H 183 -6.43 -23.22 -32.05
N ILE H 184 -6.43 -24.46 -31.59
CA ILE H 184 -7.21 -25.51 -32.25
C ILE H 184 -8.57 -25.53 -31.56
N GLY H 185 -9.63 -25.19 -32.28
CA GLY H 185 -10.93 -25.12 -31.65
C GLY H 185 -11.23 -23.65 -31.50
N ALA H 186 -12.24 -23.18 -32.24
CA ALA H 186 -12.70 -21.80 -32.20
C ALA H 186 -13.99 -21.70 -31.45
N GLY H 187 -14.12 -22.44 -30.36
CA GLY H 187 -15.31 -22.35 -29.53
C GLY H 187 -15.15 -21.15 -28.62
N VAL H 188 -15.84 -21.18 -27.50
CA VAL H 188 -15.81 -20.03 -26.60
C VAL H 188 -14.51 -19.96 -25.84
N ILE H 189 -14.09 -21.04 -25.17
CA ILE H 189 -12.82 -21.00 -24.45
C ILE H 189 -11.72 -20.57 -25.42
N GLY H 190 -11.77 -21.02 -26.66
CA GLY H 190 -10.70 -20.65 -27.58
C GLY H 190 -10.77 -19.20 -28.02
N VAL H 191 -11.92 -18.60 -28.22
CA VAL H 191 -11.86 -17.22 -28.77
C VAL H 191 -11.44 -16.32 -27.67
N GLU H 192 -11.92 -16.64 -26.45
CA GLU H 192 -11.69 -15.77 -25.33
C GLU H 192 -10.20 -15.72 -25.17
N LEU H 193 -9.58 -16.89 -25.09
CA LEU H 193 -8.15 -17.04 -24.89
C LEU H 193 -7.30 -16.39 -26.00
N GLY H 194 -7.66 -16.64 -27.25
CA GLY H 194 -6.90 -16.10 -28.36
C GLY H 194 -6.95 -14.60 -28.32
N SER H 195 -8.09 -14.05 -27.89
CA SER H 195 -8.26 -12.61 -27.83
C SER H 195 -7.25 -11.97 -26.92
N VAL H 196 -7.00 -12.59 -25.78
CA VAL H 196 -6.07 -12.05 -24.77
C VAL H 196 -4.64 -11.95 -25.32
N TRP H 197 -4.15 -13.10 -25.75
CA TRP H 197 -2.82 -13.17 -26.26
C TRP H 197 -2.64 -12.25 -27.50
N GLN H 198 -3.62 -12.25 -28.41
CA GLN H 198 -3.64 -11.35 -29.54
C GLN H 198 -3.63 -9.86 -29.15
N ARG H 199 -4.24 -9.52 -28.04
CA ARG H 199 -4.41 -8.13 -27.67
C ARG H 199 -3.09 -7.71 -27.10
N LEU H 200 -2.51 -8.66 -26.41
CA LEU H 200 -1.24 -8.45 -25.76
C LEU H 200 -0.09 -8.44 -26.76
N GLY H 201 -0.41 -8.66 -28.04
CA GLY H 201 0.60 -8.65 -29.08
C GLY H 201 0.97 -9.86 -29.89
N ALA H 202 0.43 -11.02 -29.59
CA ALA H 202 0.73 -12.20 -30.35
C ALA H 202 0.01 -12.26 -31.73
N ASP H 203 0.56 -13.03 -32.68
CA ASP H 203 -0.06 -13.15 -33.99
C ASP H 203 -0.83 -14.47 -33.88
N VAL H 204 -2.15 -14.35 -33.68
CA VAL H 204 -3.00 -15.49 -33.34
C VAL H 204 -3.90 -16.02 -34.45
N THR H 205 -3.95 -17.34 -34.57
CA THR H 205 -4.81 -17.94 -35.55
C THR H 205 -5.65 -19.03 -34.93
N ALA H 206 -6.90 -19.10 -35.33
CA ALA H 206 -7.72 -20.09 -34.77
C ALA H 206 -8.22 -20.99 -35.88
N VAL H 207 -8.05 -22.28 -35.64
CA VAL H 207 -8.39 -23.31 -36.58
C VAL H 207 -9.62 -24.10 -36.12
N GLU H 208 -10.74 -23.95 -36.82
CA GLU H 208 -11.99 -24.70 -36.48
C GLU H 208 -12.45 -25.67 -37.56
N PHE H 209 -12.86 -26.86 -37.12
CA PHE H 209 -13.47 -27.86 -38.00
C PHE H 209 -14.82 -27.47 -38.68
N LEU H 210 -15.70 -26.92 -37.85
CA LEU H 210 -16.96 -26.38 -38.31
C LEU H 210 -16.66 -25.05 -38.97
N GLY H 211 -17.69 -24.42 -39.53
CA GLY H 211 -17.56 -23.17 -40.26
C GLY H 211 -18.25 -21.94 -39.66
N HIS H 212 -18.22 -21.84 -38.33
CA HIS H 212 -18.63 -20.63 -37.60
C HIS H 212 -17.78 -20.46 -36.31
N VAL H 213 -17.60 -19.23 -35.81
CA VAL H 213 -16.92 -19.07 -34.50
C VAL H 213 -17.96 -18.91 -33.38
N GLY H 214 -17.57 -19.24 -32.15
CA GLY H 214 -18.46 -19.13 -31.01
C GLY H 214 -18.93 -20.53 -30.78
N GLY H 215 -19.59 -20.76 -29.65
CA GLY H 215 -19.84 -22.14 -29.28
C GLY H 215 -20.82 -22.85 -30.18
N VAL H 216 -21.82 -23.50 -29.57
CA VAL H 216 -22.96 -24.06 -30.31
C VAL H 216 -24.20 -23.32 -29.88
N GLY H 217 -25.26 -23.36 -30.68
CA GLY H 217 -26.51 -22.76 -30.28
C GLY H 217 -26.35 -21.27 -30.39
N ILE H 218 -25.16 -20.86 -30.84
CA ILE H 218 -24.90 -19.48 -31.12
C ILE H 218 -25.61 -19.20 -32.43
N ASP H 219 -26.18 -18.01 -32.53
CA ASP H 219 -26.81 -17.63 -33.76
C ASP H 219 -25.79 -17.36 -34.83
N MET H 220 -26.02 -17.98 -35.97
CA MET H 220 -25.09 -17.89 -37.06
C MET H 220 -24.93 -16.44 -37.56
N GLU H 221 -25.97 -15.64 -37.45
CA GLU H 221 -25.81 -14.27 -37.87
C GLU H 221 -24.88 -13.49 -36.97
N ILE H 222 -25.04 -13.59 -35.67
CA ILE H 222 -24.18 -12.78 -34.78
C ILE H 222 -22.74 -13.35 -34.82
N SER H 223 -22.72 -14.67 -34.93
CA SER H 223 -21.51 -15.44 -35.14
C SER H 223 -20.62 -15.02 -36.31
N LYS H 224 -21.21 -14.60 -37.43
CA LYS H 224 -20.44 -14.06 -38.55
C LYS H 224 -19.98 -12.65 -38.17
N ASN H 225 -20.92 -11.84 -37.68
CA ASN H 225 -20.59 -10.46 -37.40
C ASN H 225 -19.58 -10.44 -36.26
N PHE H 226 -19.74 -11.36 -35.32
CA PHE H 226 -18.71 -11.53 -34.31
C PHE H 226 -17.38 -11.79 -34.97
N GLN H 227 -17.31 -12.81 -35.81
CA GLN H 227 -16.05 -13.21 -36.40
C GLN H 227 -15.43 -12.12 -37.17
N ARG H 228 -16.24 -11.38 -37.92
CA ARG H 228 -15.74 -10.34 -38.82
C ARG H 228 -15.09 -9.25 -38.01
N ILE H 229 -15.61 -8.99 -36.83
CA ILE H 229 -15.09 -7.96 -35.97
C ILE H 229 -13.75 -8.36 -35.35
N LEU H 230 -13.63 -9.63 -34.95
CA LEU H 230 -12.36 -10.12 -34.42
C LEU H 230 -11.28 -10.03 -35.47
N GLN H 231 -11.72 -10.17 -36.72
CA GLN H 231 -10.78 -10.12 -37.78
C GLN H 231 -10.32 -8.68 -38.01
N LYS H 232 -11.21 -7.71 -37.98
CA LYS H 232 -10.76 -6.32 -38.12
C LYS H 232 -9.79 -6.07 -36.96
N GLN H 233 -9.82 -6.95 -35.96
CA GLN H 233 -9.08 -6.69 -34.74
C GLN H 233 -7.66 -7.26 -34.88
N GLY H 234 -7.46 -8.16 -35.85
CA GLY H 234 -6.23 -8.93 -35.96
C GLY H 234 -6.37 -10.45 -35.80
N PHE H 235 -7.48 -10.89 -35.22
CA PHE H 235 -7.65 -12.31 -34.94
C PHE H 235 -7.93 -13.04 -36.26
N LYS H 236 -7.13 -14.05 -36.60
CA LYS H 236 -7.24 -14.78 -37.89
C LYS H 236 -7.87 -16.16 -37.68
N PHE H 237 -8.76 -16.52 -38.62
CA PHE H 237 -9.46 -17.79 -38.57
C PHE H 237 -9.30 -18.64 -39.82
N LYS H 238 -9.33 -19.94 -39.61
CA LYS H 238 -9.21 -20.92 -40.66
C LYS H 238 -10.36 -21.87 -40.26
N LEU H 239 -11.56 -21.59 -40.76
CA LEU H 239 -12.72 -22.36 -40.43
C LEU H 239 -12.83 -23.46 -41.47
N ASN H 240 -13.68 -24.45 -41.18
CA ASN H 240 -13.89 -25.59 -42.01
C ASN H 240 -12.58 -26.16 -42.40
N THR H 241 -11.61 -26.23 -41.49
CA THR H 241 -10.35 -26.94 -41.77
C THR H 241 -10.07 -27.85 -40.59
N LYS H 242 -9.26 -28.89 -40.76
CA LYS H 242 -9.04 -29.85 -39.66
C LYS H 242 -7.57 -30.08 -39.43
N VAL H 243 -7.15 -30.16 -38.18
CA VAL H 243 -5.73 -30.29 -37.94
C VAL H 243 -5.43 -31.77 -38.11
N THR H 244 -4.41 -32.11 -38.89
CA THR H 244 -4.07 -33.54 -39.10
C THR H 244 -2.83 -33.99 -38.37
N GLY H 245 -2.47 -33.32 -37.28
CA GLY H 245 -1.16 -33.50 -36.65
C GLY H 245 -0.29 -32.22 -36.56
N ALA H 246 0.64 -32.25 -35.61
CA ALA H 246 1.56 -31.17 -35.38
C ALA H 246 2.89 -31.80 -34.99
N THR H 247 3.98 -31.14 -35.27
CA THR H 247 5.22 -31.71 -34.78
C THR H 247 6.08 -30.59 -34.22
N LYS H 248 7.08 -30.98 -33.43
CA LYS H 248 8.01 -30.01 -32.84
C LYS H 248 9.24 -29.75 -33.71
N LYS H 249 9.31 -28.67 -34.49
CA LYS H 249 10.52 -28.34 -35.27
C LYS H 249 11.75 -28.30 -34.36
N SER H 250 12.93 -28.52 -34.93
CA SER H 250 14.14 -28.65 -34.15
C SER H 250 14.41 -27.41 -33.30
N ASP H 251 14.24 -26.25 -33.93
CA ASP H 251 14.38 -24.97 -33.29
C ASP H 251 13.31 -24.60 -32.24
N GLY H 252 12.41 -25.51 -31.89
CA GLY H 252 11.52 -25.24 -30.77
C GLY H 252 10.06 -24.89 -31.07
N LYS H 253 9.79 -24.51 -32.32
CA LYS H 253 8.46 -24.10 -32.73
C LYS H 253 7.61 -25.31 -33.03
N ILE H 254 6.33 -25.09 -33.26
CA ILE H 254 5.44 -26.17 -33.58
C ILE H 254 4.87 -26.00 -34.94
N ASP H 255 4.93 -27.05 -35.73
CA ASP H 255 4.44 -27.02 -37.09
C ASP H 255 3.09 -27.80 -37.05
N VAL H 256 1.99 -27.10 -37.30
CA VAL H 256 0.74 -27.84 -37.41
C VAL H 256 0.22 -28.03 -38.82
N SER H 257 -0.03 -29.28 -39.17
CA SER H 257 -0.51 -29.59 -40.51
C SER H 257 -2.00 -29.57 -40.40
N ILE H 258 -2.61 -28.70 -41.20
CA ILE H 258 -4.04 -28.63 -41.35
C ILE H 258 -4.46 -29.01 -42.76
N GLU H 259 -5.72 -28.73 -43.08
CA GLU H 259 -6.31 -29.22 -44.31
C GLU H 259 -7.81 -29.14 -44.23
N ALA H 260 -8.41 -28.74 -45.34
CA ALA H 260 -9.85 -28.52 -45.43
C ALA H 260 -10.69 -29.67 -44.95
N ALA H 261 -11.51 -29.39 -43.98
CA ALA H 261 -12.29 -30.44 -43.37
C ALA H 261 -12.86 -31.44 -44.38
N SER H 262 -13.42 -30.89 -45.46
CA SER H 262 -14.14 -31.65 -46.50
C SER H 262 -13.14 -32.35 -47.39
N GLY H 263 -13.00 -31.83 -48.62
CA GLY H 263 -11.85 -32.16 -49.47
C GLY H 263 -10.51 -32.23 -48.71
N GLY H 264 -9.45 -31.68 -49.28
CA GLY H 264 -8.16 -31.74 -48.60
C GLY H 264 -7.12 -30.78 -49.13
N LYS H 265 -7.08 -29.55 -48.63
CA LYS H 265 -6.08 -28.58 -49.04
C LYS H 265 -4.98 -28.51 -47.97
N ALA H 266 -4.13 -29.54 -47.95
CA ALA H 266 -2.95 -29.63 -47.07
C ALA H 266 -2.21 -28.30 -46.89
N GLU H 267 -1.78 -27.99 -45.68
CA GLU H 267 -0.94 -26.82 -45.51
C GLU H 267 -0.34 -26.91 -44.11
N VAL H 268 0.58 -26.00 -43.77
CA VAL H 268 1.26 -26.07 -42.46
C VAL H 268 1.44 -24.69 -41.84
N ILE H 269 0.91 -24.48 -40.64
CA ILE H 269 1.14 -23.23 -39.93
C ILE H 269 2.09 -23.51 -38.77
N THR H 270 2.95 -22.55 -38.51
CA THR H 270 3.93 -22.70 -37.44
C THR H 270 3.68 -21.67 -36.34
N CYS H 271 3.92 -22.06 -35.11
CA CYS H 271 3.71 -21.12 -34.01
C CYS H 271 4.70 -21.40 -32.90
N ASP H 272 4.71 -20.54 -31.90
CA ASP H 272 5.62 -20.69 -30.80
C ASP H 272 4.87 -21.45 -29.73
N VAL H 273 3.56 -21.24 -29.73
CA VAL H 273 2.67 -21.82 -28.76
C VAL H 273 1.40 -22.36 -29.40
N LEU H 274 1.09 -23.65 -29.17
CA LEU H 274 -0.10 -24.27 -29.73
C LEU H 274 -1.05 -24.51 -28.60
N LEU H 275 -2.24 -23.94 -28.65
CA LEU H 275 -3.17 -24.17 -27.58
C LEU H 275 -4.29 -25.03 -28.06
N VAL H 276 -4.63 -26.07 -27.29
CA VAL H 276 -5.57 -27.11 -27.73
C VAL H 276 -6.91 -26.93 -27.08
N CYS H 277 -7.93 -26.64 -27.86
CA CYS H 277 -9.25 -26.36 -27.30
C CYS H 277 -10.44 -27.12 -27.88
N ILE H 278 -10.34 -28.42 -28.05
CA ILE H 278 -11.48 -29.15 -28.58
C ILE H 278 -12.66 -29.07 -27.65
N GLY H 279 -12.43 -29.02 -26.37
CA GLY H 279 -13.56 -28.96 -25.49
C GLY H 279 -13.30 -29.74 -24.24
N ARG H 280 -14.30 -29.77 -23.36
CA ARG H 280 -14.09 -30.36 -22.06
C ARG H 280 -15.00 -31.56 -21.96
N ARG H 281 -14.86 -32.34 -20.91
CA ARG H 281 -15.70 -33.51 -20.86
C ARG H 281 -15.79 -33.95 -19.43
N PRO H 282 -16.75 -34.81 -19.09
CA PRO H 282 -17.05 -35.14 -17.69
C PRO H 282 -15.94 -35.94 -17.05
N PHE H 283 -15.66 -35.61 -15.81
CA PHE H 283 -14.62 -36.29 -15.05
C PHE H 283 -15.18 -37.22 -13.99
N THR H 284 -14.83 -38.48 -13.95
CA THR H 284 -15.39 -39.32 -12.87
C THR H 284 -14.49 -40.44 -12.48
N LYS H 285 -13.19 -40.24 -12.62
CA LYS H 285 -12.28 -41.33 -12.43
C LYS H 285 -12.33 -41.74 -10.98
N ASN H 286 -12.31 -43.06 -10.77
CA ASN H 286 -12.29 -43.70 -9.44
C ASN H 286 -13.18 -42.98 -8.56
N LEU H 287 -14.43 -42.91 -8.97
CA LEU H 287 -15.50 -42.37 -8.16
C LEU H 287 -16.32 -43.48 -7.57
N GLY H 288 -16.26 -44.65 -8.17
CA GLY H 288 -17.03 -45.77 -7.66
C GLY H 288 -18.36 -46.00 -8.37
N LEU H 289 -18.60 -45.29 -9.46
CA LEU H 289 -19.79 -45.57 -10.25
C LEU H 289 -19.87 -47.04 -10.74
N GLU H 290 -18.70 -47.61 -11.10
CA GLU H 290 -18.64 -48.94 -11.70
C GLU H 290 -19.00 -49.92 -10.63
N GLU H 291 -18.36 -49.77 -9.49
CA GLU H 291 -18.63 -50.61 -8.32
C GLU H 291 -20.10 -50.61 -7.90
N LEU H 292 -20.85 -49.55 -8.17
CA LEU H 292 -22.27 -49.52 -7.74
C LEU H 292 -23.19 -49.81 -8.87
N GLY H 293 -22.65 -49.99 -10.06
CA GLY H 293 -23.50 -50.20 -11.20
C GLY H 293 -24.03 -48.99 -11.97
N ILE H 294 -23.52 -47.78 -11.74
CA ILE H 294 -24.08 -46.59 -12.43
C ILE H 294 -23.45 -46.43 -13.84
N GLU H 295 -24.14 -46.84 -14.90
CA GLU H 295 -23.59 -46.65 -16.26
C GLU H 295 -23.59 -45.20 -16.71
N LEU H 296 -22.58 -44.85 -17.46
CA LEU H 296 -22.51 -43.53 -18.04
C LEU H 296 -23.21 -43.51 -19.38
N ASP H 297 -23.72 -42.40 -19.80
CA ASP H 297 -24.09 -42.36 -21.20
C ASP H 297 -22.81 -42.31 -22.09
N PRO H 298 -22.98 -42.54 -23.40
CA PRO H 298 -21.85 -42.55 -24.35
C PRO H 298 -21.03 -41.23 -24.42
N ARG H 299 -21.55 -40.13 -23.88
CA ARG H 299 -20.76 -38.90 -23.91
C ARG H 299 -19.98 -38.79 -22.64
N GLY H 300 -20.22 -39.74 -21.73
CA GLY H 300 -19.49 -39.81 -20.48
C GLY H 300 -20.24 -39.25 -19.28
N ARG H 301 -21.42 -38.66 -19.50
CA ARG H 301 -22.21 -38.11 -18.42
C ARG H 301 -22.92 -39.13 -17.60
N ILE H 302 -23.32 -38.70 -16.42
CA ILE H 302 -24.10 -39.53 -15.53
C ILE H 302 -25.52 -39.16 -15.84
N PRO H 303 -26.29 -40.14 -16.23
CA PRO H 303 -27.69 -39.90 -16.53
C PRO H 303 -28.42 -39.70 -15.21
N VAL H 304 -29.23 -38.65 -15.09
CA VAL H 304 -30.02 -38.39 -13.87
C VAL H 304 -31.46 -37.97 -14.22
N ASN H 305 -32.40 -38.22 -13.33
CA ASN H 305 -33.80 -37.97 -13.62
C ASN H 305 -34.21 -36.49 -13.39
N THR H 306 -35.51 -36.19 -13.33
CA THR H 306 -35.92 -34.82 -13.15
C THR H 306 -35.49 -34.24 -11.84
N ARG H 307 -35.24 -35.03 -10.79
CA ARG H 307 -34.69 -34.42 -9.56
C ARG H 307 -33.18 -34.64 -9.36
N PHE H 308 -32.49 -35.19 -10.33
CA PHE H 308 -31.03 -35.32 -10.33
C PHE H 308 -30.51 -36.57 -9.69
N GLN H 309 -31.42 -37.46 -9.40
CA GLN H 309 -31.08 -38.76 -8.85
C GLN H 309 -30.55 -39.70 -9.92
N THR H 310 -29.63 -40.59 -9.56
CA THR H 310 -29.14 -41.65 -10.46
C THR H 310 -30.06 -42.91 -10.35
N LYS H 311 -29.71 -44.00 -11.03
CA LYS H 311 -30.30 -45.31 -10.70
C LYS H 311 -30.42 -45.62 -9.17
N ILE H 312 -29.47 -45.13 -8.38
CA ILE H 312 -29.54 -45.30 -6.94
C ILE H 312 -30.10 -44.05 -6.30
N PRO H 313 -31.31 -44.20 -5.75
CA PRO H 313 -32.22 -43.07 -5.42
C PRO H 313 -31.59 -41.98 -4.55
N ASN H 314 -30.80 -42.31 -3.53
CA ASN H 314 -30.23 -41.23 -2.72
C ASN H 314 -28.91 -40.75 -3.28
N ILE H 315 -28.56 -41.21 -4.47
CA ILE H 315 -27.35 -40.68 -5.13
C ILE H 315 -27.69 -39.75 -6.32
N TYR H 316 -27.26 -38.49 -6.20
CA TYR H 316 -27.52 -37.45 -7.16
C TYR H 316 -26.27 -36.99 -7.94
N ALA H 317 -26.45 -36.15 -8.95
CA ALA H 317 -25.34 -35.59 -9.71
C ALA H 317 -25.77 -34.31 -10.41
N ILE H 318 -24.85 -33.36 -10.56
CA ILE H 318 -25.17 -32.09 -11.18
C ILE H 318 -23.90 -31.48 -11.72
N GLY H 319 -24.02 -30.34 -12.43
CA GLY H 319 -22.86 -29.63 -12.91
C GLY H 319 -22.42 -30.30 -14.17
N ASP H 320 -21.11 -30.18 -14.51
CA ASP H 320 -20.55 -30.58 -15.83
C ASP H 320 -20.68 -32.05 -16.08
N VAL H 321 -20.86 -32.81 -15.01
CA VAL H 321 -20.90 -34.23 -15.07
C VAL H 321 -22.27 -34.73 -15.50
N VAL H 322 -23.27 -33.86 -15.60
CA VAL H 322 -24.55 -34.37 -16.14
C VAL H 322 -24.96 -33.55 -17.32
N ALA H 323 -25.98 -34.02 -18.05
CA ALA H 323 -26.49 -33.33 -19.27
C ALA H 323 -26.75 -31.88 -19.07
N GLY H 324 -26.81 -31.14 -20.18
CA GLY H 324 -27.05 -29.70 -20.17
C GLY H 324 -25.77 -28.97 -20.57
N PRO H 325 -25.80 -27.63 -20.66
CA PRO H 325 -24.61 -26.84 -21.03
C PRO H 325 -23.55 -26.74 -19.91
N MET H 326 -22.29 -27.06 -20.22
CA MET H 326 -21.23 -26.97 -19.19
C MET H 326 -20.97 -25.53 -18.79
N LEU H 327 -21.71 -25.09 -17.79
CA LEU H 327 -21.58 -23.69 -17.44
C LEU H 327 -21.69 -23.57 -15.96
N ALA H 328 -21.00 -22.56 -15.44
CA ALA H 328 -20.89 -22.31 -14.02
C ALA H 328 -22.29 -22.13 -13.45
N HIS H 329 -23.01 -21.17 -13.98
CA HIS H 329 -24.30 -20.88 -13.44
C HIS H 329 -25.30 -21.99 -13.66
N LYS H 330 -25.07 -22.83 -14.66
CA LYS H 330 -25.93 -24.03 -14.85
C LYS H 330 -25.71 -25.02 -13.75
N ALA H 331 -24.50 -25.07 -13.26
CA ALA H 331 -24.11 -25.96 -12.20
C ALA H 331 -24.64 -25.44 -10.90
N GLU H 332 -24.51 -24.13 -10.74
CA GLU H 332 -24.98 -23.46 -9.54
C GLU H 332 -26.47 -23.64 -9.30
N ASP H 333 -27.25 -23.59 -10.38
CA ASP H 333 -28.70 -23.69 -10.24
C ASP H 333 -28.99 -25.14 -9.99
N GLU H 334 -28.36 -26.04 -10.73
CA GLU H 334 -28.68 -27.45 -10.57
C GLU H 334 -28.34 -27.87 -9.14
N GLY H 335 -27.25 -27.33 -8.62
CA GLY H 335 -26.86 -27.60 -7.28
C GLY H 335 -27.92 -27.15 -6.31
N ILE H 336 -28.21 -25.87 -6.36
CA ILE H 336 -29.19 -25.28 -5.46
C ILE H 336 -30.54 -25.94 -5.47
N ILE H 337 -31.10 -26.26 -6.64
CA ILE H 337 -32.41 -26.94 -6.65
C ILE H 337 -32.38 -28.44 -6.36
N CYS H 338 -31.23 -29.06 -6.45
CA CYS H 338 -31.09 -30.47 -6.17
C CYS H 338 -31.32 -30.69 -4.68
N VAL H 339 -30.72 -29.79 -3.89
CA VAL H 339 -30.76 -29.91 -2.47
C VAL H 339 -32.11 -29.47 -2.03
N GLU H 340 -32.70 -28.48 -2.69
CA GLU H 340 -34.02 -28.08 -2.24
C GLU H 340 -34.94 -29.26 -2.39
N GLY H 341 -34.64 -30.13 -3.36
CA GLY H 341 -35.46 -31.27 -3.66
C GLY H 341 -35.23 -32.35 -2.67
N MET H 342 -33.97 -32.56 -2.31
CA MET H 342 -33.61 -33.48 -1.27
C MET H 342 -34.33 -33.10 -0.01
N ALA H 343 -34.71 -31.83 0.10
CA ALA H 343 -35.41 -31.38 1.26
C ALA H 343 -36.90 -31.22 1.00
N GLY H 344 -37.44 -31.88 -0.03
CA GLY H 344 -38.89 -31.88 -0.25
C GLY H 344 -39.40 -30.81 -1.21
N GLY H 345 -38.57 -29.83 -1.48
CA GLY H 345 -38.93 -28.88 -2.52
C GLY H 345 -39.35 -29.43 -3.90
N ALA H 346 -39.61 -28.46 -4.78
CA ALA H 346 -39.89 -28.75 -6.17
C ALA H 346 -38.58 -28.52 -6.91
N VAL H 347 -38.40 -29.27 -7.98
CA VAL H 347 -37.11 -29.28 -8.65
C VAL H 347 -37.32 -28.93 -10.09
N HIS H 348 -37.56 -27.66 -10.39
CA HIS H 348 -37.81 -27.38 -11.78
C HIS H 348 -36.71 -26.58 -12.40
N ILE H 349 -36.30 -27.00 -13.60
CA ILE H 349 -35.38 -26.19 -14.41
C ILE H 349 -35.60 -26.14 -15.93
N ASP H 350 -35.60 -24.94 -16.48
CA ASP H 350 -35.80 -24.75 -17.94
C ASP H 350 -34.47 -24.48 -18.58
N TYR H 351 -33.82 -25.49 -19.20
CA TYR H 351 -32.50 -25.18 -19.74
C TYR H 351 -32.55 -24.15 -20.85
N ASN H 352 -33.74 -23.84 -21.28
CA ASN H 352 -33.80 -22.96 -22.38
C ASN H 352 -33.60 -21.49 -22.02
N CYS H 353 -33.60 -21.23 -20.73
CA CYS H 353 -33.50 -19.91 -20.28
C CYS H 353 -32.18 -19.63 -19.70
N VAL H 354 -31.17 -20.40 -20.02
CA VAL H 354 -29.89 -20.15 -19.40
C VAL H 354 -28.99 -19.50 -20.39
N PRO H 355 -28.48 -18.33 -20.01
CA PRO H 355 -27.74 -17.44 -20.91
C PRO H 355 -26.34 -17.99 -21.12
N SER H 356 -25.66 -17.50 -22.15
CA SER H 356 -24.28 -17.82 -22.46
C SER H 356 -23.66 -16.47 -22.82
N VAL H 357 -22.37 -16.35 -22.50
CA VAL H 357 -21.70 -15.10 -22.67
C VAL H 357 -20.33 -15.42 -23.10
N ILE H 358 -19.85 -14.70 -24.09
CA ILE H 358 -18.46 -14.73 -24.42
C ILE H 358 -18.02 -13.34 -24.00
N TYR H 359 -17.01 -13.28 -23.13
CA TYR H 359 -16.54 -11.98 -22.64
C TYR H 359 -15.36 -11.50 -23.39
N THR H 360 -15.45 -11.51 -24.71
CA THR H 360 -14.51 -10.79 -25.54
C THR H 360 -14.88 -9.29 -25.57
N HIS H 361 -14.20 -8.48 -26.35
CA HIS H 361 -14.74 -7.13 -26.58
C HIS H 361 -14.67 -6.84 -28.07
N PRO H 362 -15.84 -6.82 -28.74
CA PRO H 362 -17.18 -6.73 -28.10
C PRO H 362 -17.70 -8.10 -27.66
N GLU H 363 -18.61 -8.15 -26.70
CA GLU H 363 -18.95 -9.45 -26.12
C GLU H 363 -20.17 -9.97 -26.77
N VAL H 364 -20.44 -11.23 -26.56
CA VAL H 364 -21.60 -11.83 -27.17
C VAL H 364 -22.43 -12.47 -26.08
N ALA H 365 -23.75 -12.53 -26.24
CA ALA H 365 -24.54 -13.12 -25.17
C ALA H 365 -25.86 -13.51 -25.76
N TRP H 366 -26.42 -14.65 -25.34
CA TRP H 366 -27.74 -15.09 -25.84
C TRP H 366 -28.40 -16.00 -24.89
N VAL H 367 -29.70 -16.19 -25.11
CA VAL H 367 -30.49 -17.06 -24.28
C VAL H 367 -31.72 -17.30 -25.12
N GLY H 368 -32.26 -18.49 -25.01
CA GLY H 368 -33.39 -18.86 -25.83
C GLY H 368 -32.82 -19.46 -27.11
N LYS H 369 -33.47 -19.18 -28.24
CA LYS H 369 -33.18 -19.93 -29.44
C LYS H 369 -32.65 -19.09 -30.53
N SER H 370 -31.82 -19.68 -31.39
CA SER H 370 -31.34 -18.99 -32.59
C SER H 370 -32.24 -19.29 -33.76
N GLU H 371 -32.03 -18.55 -34.85
CA GLU H 371 -32.88 -18.73 -35.98
C GLU H 371 -32.71 -20.20 -36.42
N GLU H 372 -31.48 -20.67 -36.55
CA GLU H 372 -31.31 -22.03 -37.09
C GLU H 372 -32.09 -23.04 -36.24
N GLN H 373 -32.14 -22.83 -34.94
CA GLN H 373 -32.94 -23.69 -34.11
C GLN H 373 -34.41 -23.57 -34.37
N LEU H 374 -34.91 -22.35 -34.26
CA LEU H 374 -36.31 -22.10 -34.57
C LEU H 374 -36.72 -22.68 -35.94
N LYS H 375 -35.94 -22.44 -36.98
CA LYS H 375 -36.18 -23.04 -38.29
C LYS H 375 -36.28 -24.55 -38.23
N GLU H 376 -35.36 -25.21 -37.52
CA GLU H 376 -35.26 -26.67 -37.60
C GLU H 376 -36.57 -27.13 -37.08
N GLU H 377 -36.99 -26.61 -35.94
CA GLU H 377 -38.23 -27.09 -35.35
C GLU H 377 -39.47 -26.42 -35.85
N GLY H 378 -39.32 -25.49 -36.77
CA GLY H 378 -40.49 -25.05 -37.49
C GLY H 378 -41.37 -24.05 -36.76
N ILE H 379 -40.79 -23.24 -35.92
CA ILE H 379 -41.60 -22.22 -35.33
C ILE H 379 -41.56 -20.95 -36.19
N GLU H 380 -42.73 -20.37 -36.30
CA GLU H 380 -42.98 -19.10 -36.94
C GLU H 380 -42.41 -17.94 -36.11
N TYR H 381 -41.38 -17.24 -36.56
CA TYR H 381 -40.98 -16.03 -35.84
C TYR H 381 -40.88 -14.85 -36.79
N LYS H 382 -40.67 -13.72 -36.15
CA LYS H 382 -40.39 -12.49 -36.80
C LYS H 382 -39.18 -11.98 -36.01
N VAL H 383 -38.31 -11.18 -36.60
CA VAL H 383 -37.12 -10.81 -35.88
C VAL H 383 -36.95 -9.30 -35.79
N GLY H 384 -36.36 -8.83 -34.70
CA GLY H 384 -36.19 -7.42 -34.46
C GLY H 384 -34.73 -7.19 -34.19
N LYS H 385 -34.09 -6.32 -34.99
CA LYS H 385 -32.65 -6.03 -34.87
C LYS H 385 -32.46 -4.60 -34.52
N PHE H 386 -31.38 -4.26 -33.84
CA PHE H 386 -31.07 -2.90 -33.45
C PHE H 386 -29.58 -2.76 -33.23
N PRO H 387 -28.93 -1.92 -34.03
CA PRO H 387 -27.46 -1.71 -33.91
C PRO H 387 -27.01 -0.73 -32.79
N PHE H 388 -25.90 -1.04 -32.18
CA PHE H 388 -25.47 -0.24 -31.05
C PHE H 388 -24.98 1.08 -31.59
N ALA H 389 -24.79 1.12 -32.91
CA ALA H 389 -24.42 2.30 -33.63
C ALA H 389 -25.49 3.32 -33.44
N ALA H 390 -26.75 2.92 -33.50
CA ALA H 390 -27.86 3.83 -33.16
C ALA H 390 -28.29 3.96 -31.68
N ASN H 391 -27.55 3.38 -30.69
CA ASN H 391 -27.83 3.51 -29.23
C ASN H 391 -27.04 4.64 -28.63
N SER H 392 -27.69 5.61 -27.99
CA SER H 392 -26.99 6.82 -27.52
C SER H 392 -25.80 6.51 -26.64
N ARG H 393 -25.93 5.64 -25.64
CA ARG H 393 -24.76 5.49 -24.78
C ARG H 393 -23.58 4.92 -25.53
N ALA H 394 -23.84 3.83 -26.24
CA ALA H 394 -22.85 3.27 -27.11
C ALA H 394 -22.21 4.36 -27.98
N LYS H 395 -22.98 5.30 -28.46
CA LYS H 395 -22.38 6.26 -29.34
C LYS H 395 -21.47 7.27 -28.61
N THR H 396 -21.81 7.68 -27.38
CA THR H 396 -21.02 8.69 -26.68
C THR H 396 -19.82 8.09 -25.98
N ASN H 397 -19.84 6.82 -25.64
CA ASN H 397 -18.58 6.21 -25.26
C ASN H 397 -17.74 5.80 -26.47
N ALA H 398 -18.19 6.06 -27.71
CA ALA H 398 -17.52 5.58 -28.94
C ALA H 398 -17.21 4.10 -28.76
N ASP H 399 -18.26 3.29 -28.82
CA ASP H 399 -18.16 1.88 -28.51
C ASP H 399 -19.36 1.22 -29.22
N THR H 400 -19.48 1.48 -30.52
CA THR H 400 -20.67 1.12 -31.24
C THR H 400 -20.62 -0.21 -31.97
N ASP H 401 -19.75 -1.14 -31.63
CA ASP H 401 -19.76 -2.39 -32.42
C ASP H 401 -21.02 -3.16 -32.12
N GLY H 402 -21.72 -3.63 -33.15
CA GLY H 402 -22.72 -4.69 -32.92
C GLY H 402 -24.22 -4.39 -32.92
N MET H 403 -25.01 -5.31 -32.36
CA MET H 403 -26.45 -5.17 -32.37
C MET H 403 -27.16 -6.12 -31.45
N VAL H 404 -28.46 -5.90 -31.35
CA VAL H 404 -29.32 -6.73 -30.54
C VAL H 404 -30.32 -7.38 -31.47
N LYS H 405 -30.42 -8.71 -31.43
CA LYS H 405 -31.30 -9.39 -32.37
C LYS H 405 -32.21 -10.16 -31.50
N ILE H 406 -33.48 -9.80 -31.45
CA ILE H 406 -34.40 -10.63 -30.70
C ILE H 406 -35.49 -11.23 -31.62
N LEU H 407 -35.80 -12.52 -31.43
CA LEU H 407 -36.66 -13.25 -32.32
C LEU H 407 -37.83 -13.58 -31.49
N GLY H 408 -39.03 -13.36 -32.01
CA GLY H 408 -40.20 -13.71 -31.26
C GLY H 408 -41.30 -14.27 -32.15
N GLN H 409 -41.97 -15.31 -31.64
CA GLN H 409 -43.05 -16.05 -32.25
C GLN H 409 -44.07 -15.16 -32.96
N LYS H 410 -44.20 -15.34 -34.28
CA LYS H 410 -44.96 -14.43 -35.15
C LYS H 410 -46.40 -14.27 -34.69
N SER H 411 -46.99 -15.36 -34.24
CA SER H 411 -48.37 -15.39 -33.78
C SER H 411 -48.53 -14.73 -32.42
N THR H 412 -47.76 -15.15 -31.40
CA THR H 412 -48.01 -14.67 -30.02
C THR H 412 -47.09 -13.52 -29.53
N ASP H 413 -46.17 -13.07 -30.36
CA ASP H 413 -45.29 -11.97 -29.98
C ASP H 413 -44.35 -12.36 -28.87
N ARG H 414 -44.44 -13.61 -28.50
CA ARG H 414 -43.72 -14.12 -27.39
C ARG H 414 -42.27 -14.13 -27.77
N VAL H 415 -41.42 -13.34 -27.11
CA VAL H 415 -39.99 -13.48 -27.41
C VAL H 415 -39.45 -14.93 -27.14
N LEU H 416 -38.92 -15.56 -28.21
CA LEU H 416 -38.30 -16.89 -28.19
C LEU H 416 -36.79 -16.94 -28.08
N GLY H 417 -36.08 -15.81 -28.26
CA GLY H 417 -34.63 -15.81 -28.27
C GLY H 417 -34.06 -14.41 -28.32
N ALA H 418 -32.96 -14.13 -27.62
CA ALA H 418 -32.34 -12.80 -27.62
C ALA H 418 -30.85 -12.96 -27.74
N HIS H 419 -30.24 -12.16 -28.59
CA HIS H 419 -28.90 -12.33 -29.00
C HIS H 419 -28.25 -10.91 -29.10
N ILE H 420 -27.13 -10.75 -28.38
CA ILE H 420 -26.45 -9.46 -28.23
C ILE H 420 -24.98 -9.59 -28.53
N LEU H 421 -24.59 -8.77 -29.50
CA LEU H 421 -23.22 -8.64 -29.89
C LEU H 421 -22.95 -7.18 -29.61
N GLY H 422 -21.99 -6.88 -28.75
CA GLY H 422 -21.60 -5.51 -28.52
C GLY H 422 -21.35 -5.16 -27.05
N PRO H 423 -21.12 -3.89 -26.77
CA PRO H 423 -20.65 -3.51 -25.44
C PRO H 423 -21.69 -3.95 -24.43
N GLY H 424 -21.16 -4.44 -23.33
CA GLY H 424 -21.95 -4.86 -22.18
C GLY H 424 -23.02 -5.89 -22.40
N ALA H 425 -22.83 -6.77 -23.37
CA ALA H 425 -23.76 -7.85 -23.62
C ALA H 425 -23.88 -8.68 -22.40
N GLY H 426 -22.77 -8.90 -21.73
CA GLY H 426 -22.82 -9.86 -20.68
C GLY H 426 -23.80 -9.50 -19.59
N GLU H 427 -24.09 -8.23 -19.45
CA GLU H 427 -24.97 -7.87 -18.36
C GLU H 427 -26.39 -7.94 -18.88
N MET H 428 -26.57 -7.30 -20.05
CA MET H 428 -27.85 -7.13 -20.72
C MET H 428 -28.62 -8.48 -20.84
N VAL H 429 -27.88 -9.57 -21.02
CA VAL H 429 -28.47 -10.88 -21.23
C VAL H 429 -29.24 -11.32 -20.00
N ASN H 430 -28.88 -10.84 -18.82
CA ASN H 430 -29.72 -11.24 -17.70
C ASN H 430 -31.13 -10.65 -17.65
N GLU H 431 -31.30 -9.48 -18.26
CA GLU H 431 -32.62 -8.93 -18.40
C GLU H 431 -33.43 -9.87 -19.28
N ALA H 432 -32.87 -10.30 -20.41
CA ALA H 432 -33.61 -11.19 -21.28
C ALA H 432 -33.94 -12.49 -20.56
N ALA H 433 -32.98 -12.96 -19.79
CA ALA H 433 -33.17 -14.22 -19.11
C ALA H 433 -34.39 -14.08 -18.19
N LEU H 434 -34.51 -12.90 -17.58
CA LEU H 434 -35.63 -12.65 -16.70
C LEU H 434 -36.91 -12.57 -17.54
N ALA H 435 -36.87 -11.85 -18.64
CA ALA H 435 -38.02 -11.77 -19.52
C ALA H 435 -38.51 -13.13 -20.00
N LEU H 436 -37.63 -14.10 -20.27
CA LEU H 436 -38.11 -15.42 -20.73
C LEU H 436 -38.69 -16.18 -19.58
N GLU H 437 -38.14 -15.99 -18.40
CA GLU H 437 -38.68 -16.65 -17.24
C GLU H 437 -40.13 -16.28 -17.04
N TYR H 438 -40.45 -15.00 -17.34
CA TYR H 438 -41.83 -14.52 -17.24
C TYR H 438 -42.60 -14.71 -18.53
N GLY H 439 -42.04 -15.51 -19.45
CA GLY H 439 -42.73 -15.74 -20.72
C GLY H 439 -43.05 -14.46 -21.47
N ALA H 440 -42.24 -13.44 -21.26
CA ALA H 440 -42.47 -12.16 -21.95
C ALA H 440 -42.68 -12.23 -23.47
N SER H 441 -43.43 -11.24 -23.95
CA SER H 441 -43.67 -10.88 -25.35
C SER H 441 -42.81 -9.70 -25.67
N CYS H 442 -42.62 -9.43 -26.94
CA CYS H 442 -41.82 -8.30 -27.29
C CYS H 442 -42.46 -6.99 -26.79
N GLU H 443 -43.80 -6.93 -26.86
CA GLU H 443 -44.55 -5.80 -26.32
C GLU H 443 -44.31 -5.62 -24.84
N ASP H 444 -44.14 -6.68 -24.06
CA ASP H 444 -43.80 -6.43 -22.65
C ASP H 444 -42.49 -5.73 -22.48
N ILE H 445 -41.43 -6.21 -23.12
CA ILE H 445 -40.16 -5.54 -22.97
C ILE H 445 -40.26 -4.11 -23.53
N ALA H 446 -40.90 -3.97 -24.68
CA ALA H 446 -41.14 -2.65 -25.28
C ALA H 446 -41.71 -1.66 -24.25
N ARG H 447 -42.77 -2.09 -23.56
CA ARG H 447 -43.49 -1.25 -22.63
C ARG H 447 -42.62 -0.90 -21.43
N VAL H 448 -41.68 -1.74 -20.99
CA VAL H 448 -40.86 -1.38 -19.80
C VAL H 448 -40.00 -0.11 -20.00
N CYS H 449 -39.98 0.78 -19.03
CA CYS H 449 -39.29 2.00 -19.20
C CYS H 449 -37.87 1.75 -18.85
N HIS H 450 -36.93 2.11 -19.73
CA HIS H 450 -35.52 1.85 -19.52
C HIS H 450 -34.77 3.13 -19.32
N ALA H 451 -33.76 3.03 -18.48
CA ALA H 451 -32.98 4.16 -18.06
C ALA H 451 -32.38 4.72 -19.34
N HIS H 452 -32.20 6.05 -19.37
CA HIS H 452 -31.55 6.73 -20.47
C HIS H 452 -30.37 7.63 -20.01
N PRO H 453 -29.25 7.58 -20.72
CA PRO H 453 -29.03 6.64 -21.82
C PRO H 453 -28.39 5.34 -21.31
N THR H 454 -28.80 4.22 -21.85
CA THR H 454 -28.12 2.97 -21.47
C THR H 454 -28.02 2.05 -22.67
N LEU H 455 -26.98 1.19 -22.72
CA LEU H 455 -26.87 0.21 -23.79
C LEU H 455 -28.19 -0.59 -23.90
N SER H 456 -28.89 -0.62 -22.78
CA SER H 456 -30.05 -1.47 -22.54
C SER H 456 -31.21 -0.96 -23.36
N GLU H 457 -31.13 0.30 -23.72
CA GLU H 457 -32.09 0.86 -24.63
C GLU H 457 -32.02 0.12 -25.96
N ALA H 458 -30.81 -0.30 -26.35
CA ALA H 458 -30.64 -1.05 -27.58
C ALA H 458 -31.57 -2.22 -27.55
N PHE H 459 -31.90 -2.72 -26.38
CA PHE H 459 -32.54 -4.00 -26.32
C PHE H 459 -34.01 -3.74 -26.29
N ARG H 460 -34.35 -2.60 -25.70
CA ARG H 460 -35.74 -2.18 -25.67
C ARG H 460 -36.16 -2.00 -27.09
N GLU H 461 -35.39 -1.18 -27.80
CA GLU H 461 -35.77 -0.76 -29.13
C GLU H 461 -35.83 -1.93 -30.11
N ALA H 462 -35.10 -2.99 -29.82
CA ALA H 462 -35.17 -4.15 -30.66
C ALA H 462 -36.48 -4.93 -30.43
N ASN H 463 -37.00 -4.94 -29.23
CA ASN H 463 -38.28 -5.65 -29.06
C ASN H 463 -39.42 -4.82 -29.66
N LEU H 464 -39.17 -3.51 -29.79
CA LEU H 464 -40.09 -2.56 -30.38
C LEU H 464 -40.14 -2.94 -31.84
N ALA H 465 -38.96 -3.13 -32.41
CA ALA H 465 -38.88 -3.53 -33.82
C ALA H 465 -39.59 -4.86 -34.04
N ALA H 466 -39.30 -5.86 -33.22
CA ALA H 466 -39.94 -7.16 -33.37
C ALA H 466 -41.44 -7.10 -33.25
N SER H 467 -41.87 -6.41 -32.22
CA SER H 467 -43.25 -6.48 -31.87
C SER H 467 -44.13 -5.59 -32.70
N PHE H 468 -43.80 -4.31 -32.76
CA PHE H 468 -44.50 -3.33 -33.59
C PHE H 468 -43.77 -3.36 -34.93
N GLY H 469 -44.01 -2.39 -35.79
CA GLY H 469 -43.19 -2.30 -37.02
C GLY H 469 -41.66 -2.13 -36.87
N LYS H 470 -41.27 -1.16 -36.08
CA LYS H 470 -39.89 -0.74 -36.03
C LYS H 470 -39.60 0.12 -34.80
N SER H 471 -38.32 0.32 -34.52
CA SER H 471 -37.87 1.17 -33.42
C SER H 471 -37.95 2.66 -33.80
N ILE H 472 -37.78 3.52 -32.80
CA ILE H 472 -37.78 4.94 -33.06
C ILE H 472 -36.43 5.38 -33.59
N ASN H 473 -35.35 4.88 -33.00
CA ASN H 473 -34.03 5.41 -33.34
C ASN H 473 -33.34 4.81 -34.53
N PHE H 474 -33.97 3.82 -35.14
CA PHE H 474 -33.39 3.21 -36.34
C PHE H 474 -34.42 2.87 -37.49
N ALA I 1 80.83 1.22 -84.17
CA ALA I 1 80.89 2.15 -85.33
C ALA I 1 81.49 3.50 -84.93
N ASP I 2 82.82 3.60 -84.89
CA ASP I 2 83.53 4.83 -84.52
C ASP I 2 83.40 5.93 -85.58
N GLN I 3 82.93 5.54 -86.78
CA GLN I 3 82.67 6.51 -87.85
C GLN I 3 81.57 7.48 -87.43
N PRO I 4 81.80 8.77 -87.65
CA PRO I 4 80.82 9.82 -87.36
C PRO I 4 79.37 9.41 -87.56
N ILE I 5 78.45 9.88 -86.70
CA ILE I 5 77.03 9.54 -86.83
C ILE I 5 76.15 10.71 -87.32
N ASP I 6 75.12 10.35 -88.09
CA ASP I 6 74.15 11.32 -88.62
C ASP I 6 72.86 11.30 -87.78
N ALA I 7 72.48 12.45 -87.24
CA ALA I 7 71.19 12.62 -86.57
C ALA I 7 70.64 14.04 -86.76
N ASP I 8 69.38 14.26 -86.41
CA ASP I 8 68.75 15.51 -86.79
C ASP I 8 68.76 16.51 -85.68
N VAL I 9 68.99 16.02 -84.47
CA VAL I 9 68.97 16.83 -83.26
C VAL I 9 69.83 16.17 -82.21
N THR I 10 70.76 16.94 -81.68
CA THR I 10 71.71 16.43 -80.72
C THR I 10 71.56 17.20 -79.43
N VAL I 11 71.39 16.46 -78.35
CA VAL I 11 71.21 17.07 -77.06
C VAL I 11 72.44 16.93 -76.22
N ILE I 12 72.92 18.07 -75.75
CA ILE I 12 74.04 18.10 -74.82
C ILE I 12 73.54 18.10 -73.35
N GLY I 13 73.59 16.95 -72.69
CA GLY I 13 73.26 16.90 -71.27
C GLY I 13 72.00 16.13 -70.90
N SER I 14 72.06 15.46 -69.75
CA SER I 14 70.97 14.62 -69.27
C SER I 14 70.05 15.25 -68.25
N GLY I 15 70.29 16.49 -67.86
CA GLY I 15 69.40 17.11 -66.91
C GLY I 15 67.92 17.00 -67.28
N PRO I 16 67.06 17.33 -66.33
CA PRO I 16 65.61 17.30 -66.53
C PRO I 16 65.26 18.34 -67.54
N GLY I 17 65.57 18.11 -68.80
CA GLY I 17 65.52 19.16 -69.81
C GLY I 17 66.28 18.58 -70.96
N GLY I 18 67.55 18.35 -70.74
CA GLY I 18 68.33 17.54 -71.64
C GLY I 18 67.62 16.25 -72.02
N TYR I 19 67.38 15.36 -71.06
CA TYR I 19 66.94 14.02 -71.41
C TYR I 19 65.51 14.03 -71.84
N VAL I 20 64.73 14.97 -71.31
CA VAL I 20 63.29 14.92 -71.51
C VAL I 20 62.98 15.55 -72.85
N ALA I 21 63.84 16.46 -73.28
CA ALA I 21 63.74 17.03 -74.63
C ALA I 21 64.17 15.97 -75.64
N ALA I 22 65.19 15.21 -75.25
CA ALA I 22 65.72 14.12 -76.06
C ALA I 22 64.72 12.98 -76.30
N ILE I 23 63.80 12.82 -75.38
CA ILE I 23 62.77 11.82 -75.52
C ILE I 23 61.58 12.41 -76.33
N LYS I 24 61.32 13.70 -76.14
CA LYS I 24 60.23 14.39 -76.83
C LYS I 24 60.52 14.67 -78.29
N ALA I 25 61.80 14.56 -78.68
CA ALA I 25 62.17 14.76 -80.07
C ALA I 25 62.02 13.48 -80.90
N ALA I 26 62.56 12.37 -80.39
CA ALA I 26 62.47 11.07 -81.05
C ALA I 26 61.04 10.60 -81.03
N GLN I 27 60.32 10.93 -79.96
CA GLN I 27 58.90 10.61 -79.92
C GLN I 27 58.20 11.27 -81.07
N LEU I 28 58.72 12.41 -81.52
CA LEU I 28 58.09 13.19 -82.59
C LEU I 28 58.48 12.77 -84.02
N GLY I 29 59.52 11.94 -84.14
CA GLY I 29 59.99 11.50 -85.44
C GLY I 29 61.48 11.73 -85.67
N PHE I 30 62.02 12.78 -85.07
CA PHE I 30 63.45 13.06 -85.11
C PHE I 30 64.31 11.86 -84.69
N LYS I 31 65.50 11.74 -85.26
CA LYS I 31 66.47 10.72 -84.84
C LYS I 31 67.54 11.41 -83.97
N THR I 32 67.35 11.33 -82.64
CA THR I 32 68.13 12.14 -81.71
C THR I 32 69.25 11.39 -81.03
N VAL I 33 70.34 12.11 -80.84
CA VAL I 33 71.42 11.66 -79.98
C VAL I 33 71.50 12.57 -78.77
N CYS I 34 71.89 11.97 -77.65
CA CYS I 34 72.09 12.69 -76.42
C CYS I 34 73.41 12.29 -75.78
N ILE I 35 74.19 13.30 -75.41
CA ILE I 35 75.50 13.05 -74.84
C ILE I 35 75.49 13.46 -73.38
N GLU I 36 76.32 12.81 -72.58
CA GLU I 36 76.51 13.21 -71.19
C GLU I 36 77.92 12.87 -70.72
N LYS I 37 78.64 13.83 -70.14
CA LYS I 37 79.97 13.53 -69.57
C LYS I 37 79.80 12.50 -68.46
N ASN I 38 78.88 12.76 -67.54
CA ASN I 38 78.66 11.91 -66.37
C ASN I 38 78.43 10.40 -66.65
N GLU I 39 78.75 9.55 -65.68
CA GLU I 39 78.54 8.10 -65.80
C GLU I 39 77.08 7.83 -65.69
N THR I 40 76.33 8.83 -65.28
CA THR I 40 74.89 8.70 -65.05
C THR I 40 74.14 9.89 -65.63
N LEU I 41 72.90 9.64 -66.03
CA LEU I 41 72.04 10.66 -66.64
C LEU I 41 71.12 11.30 -65.63
N GLY I 42 70.35 12.27 -66.04
CA GLY I 42 69.39 12.81 -65.10
C GLY I 42 69.94 14.10 -64.57
N GLY I 43 71.27 14.13 -64.44
CA GLY I 43 72.00 15.37 -64.26
C GLY I 43 72.08 15.79 -62.83
N THR I 44 72.01 17.09 -62.60
CA THR I 44 72.12 17.50 -61.23
C THR I 44 70.84 17.19 -60.48
N CYS I 45 69.70 17.65 -60.99
CA CYS I 45 68.44 17.40 -60.32
C CYS I 45 68.29 15.93 -59.86
N LEU I 46 68.75 14.97 -60.64
CA LEU I 46 68.58 13.59 -60.22
C LEU I 46 69.76 13.03 -59.42
N ASN I 47 70.95 13.50 -59.68
CA ASN I 47 72.11 12.88 -59.09
C ASN I 47 72.65 13.55 -57.80
N VAL I 48 72.43 14.85 -57.66
CA VAL I 48 73.05 15.58 -56.58
C VAL I 48 72.22 16.80 -56.30
N GLY I 49 70.94 16.71 -56.60
CA GLY I 49 70.05 17.80 -56.33
C GLY I 49 68.68 17.44 -55.81
N CYS I 50 67.68 17.81 -56.59
CA CYS I 50 66.31 17.65 -56.25
C CYS I 50 66.03 16.29 -55.61
N ILE I 51 66.40 15.22 -56.32
CA ILE I 51 66.06 13.88 -55.89
C ILE I 51 66.73 13.40 -54.62
N PRO I 52 68.05 13.52 -54.49
CA PRO I 52 68.73 13.15 -53.24
C PRO I 52 68.30 14.00 -52.08
N SER I 53 68.10 15.30 -52.25
CA SER I 53 67.67 16.10 -51.11
C SER I 53 66.20 15.88 -50.79
N LYS I 54 65.43 15.38 -51.72
CA LYS I 54 64.07 15.09 -51.31
C LYS I 54 64.00 13.81 -50.44
N ALA I 55 64.73 12.75 -50.77
CA ALA I 55 64.67 11.50 -49.98
C ALA I 55 65.09 11.77 -48.53
N LEU I 56 66.09 12.62 -48.40
CA LEU I 56 66.63 12.88 -47.11
C LEU I 56 65.66 13.75 -46.31
N LEU I 57 65.04 14.73 -46.96
CA LEU I 57 64.09 15.60 -46.24
C LEU I 57 63.01 14.68 -45.72
N ASN I 58 62.55 13.77 -46.58
CA ASN I 58 61.55 12.83 -46.22
C ASN I 58 61.95 11.89 -45.05
N ASN I 59 63.14 11.29 -45.10
CA ASN I 59 63.49 10.42 -43.95
C ASN I 59 63.72 11.19 -42.65
N SER I 60 64.48 12.27 -42.74
CA SER I 60 64.76 13.08 -41.55
C SER I 60 63.48 13.58 -40.87
N HIS I 61 62.47 13.96 -41.66
CA HIS I 61 61.21 14.33 -41.07
C HIS I 61 60.54 13.17 -40.28
N TYR I 62 60.59 11.93 -40.81
CA TYR I 62 60.00 10.78 -40.10
C TYR I 62 60.77 10.51 -38.82
N TYR I 63 62.09 10.59 -38.91
CA TYR I 63 62.94 10.37 -37.76
C TYR I 63 62.52 11.38 -36.76
N HIS I 64 62.48 12.62 -37.20
CA HIS I 64 62.09 13.70 -36.33
C HIS I 64 60.79 13.44 -35.58
N MET I 65 59.72 13.08 -36.29
CA MET I 65 58.51 12.61 -35.65
C MET I 65 58.73 11.37 -34.71
N ALA I 66 59.53 10.37 -35.04
CA ALA I 66 59.68 9.30 -34.03
C ALA I 66 60.40 9.74 -32.76
N HIS I 67 61.38 10.60 -32.93
CA HIS I 67 62.32 10.98 -31.88
C HIS I 67 61.74 12.05 -30.98
N GLY I 68 61.06 13.02 -31.59
CA GLY I 68 60.39 14.10 -30.88
C GLY I 68 59.08 13.66 -30.26
N LYS I 69 58.15 14.56 -30.04
CA LYS I 69 56.99 14.24 -29.22
C LYS I 69 55.80 13.84 -30.03
N ASP I 70 55.90 13.99 -31.34
CA ASP I 70 54.79 13.65 -32.20
C ASP I 70 54.25 12.20 -32.16
N PHE I 71 55.11 11.21 -32.17
CA PHE I 71 54.65 9.83 -32.22
C PHE I 71 54.16 9.38 -30.84
N ALA I 72 54.81 9.89 -29.82
CA ALA I 72 54.39 9.65 -28.46
C ALA I 72 52.98 10.17 -28.29
N SER I 73 52.69 11.39 -28.75
CA SER I 73 51.36 12.00 -28.54
C SER I 73 50.29 11.24 -29.26
N ARG I 74 50.71 10.37 -30.17
CA ARG I 74 49.82 9.61 -31.04
C ARG I 74 49.53 8.24 -30.47
N GLY I 75 50.25 7.87 -29.42
CA GLY I 75 50.08 6.61 -28.78
C GLY I 75 51.07 5.63 -29.35
N ILE I 76 51.91 6.08 -30.25
CA ILE I 76 53.04 5.25 -30.72
C ILE I 76 54.22 5.42 -29.77
N GLU I 77 54.44 4.42 -28.97
CA GLU I 77 55.43 4.55 -27.93
C GLU I 77 56.60 3.67 -28.24
N MET I 78 57.79 4.27 -28.34
CA MET I 78 59.06 3.52 -28.40
C MET I 78 59.79 3.54 -27.06
N SER I 79 60.97 2.92 -26.94
CA SER I 79 61.75 3.15 -25.70
C SER I 79 62.98 4.00 -26.00
N GLU I 80 63.62 3.68 -27.14
CA GLU I 80 64.67 4.51 -27.73
C GLU I 80 64.42 4.62 -29.21
N VAL I 81 65.02 5.62 -29.86
CA VAL I 81 64.89 5.77 -31.30
C VAL I 81 66.23 6.16 -31.85
N ARG I 82 66.90 5.27 -32.57
CA ARG I 82 68.26 5.45 -33.11
C ARG I 82 68.14 5.78 -34.55
N LEU I 83 69.16 6.50 -35.02
CA LEU I 83 69.39 6.81 -36.41
C LEU I 83 70.42 5.86 -36.95
N ASN I 84 70.28 5.42 -38.19
CA ASN I 84 71.33 4.67 -38.86
C ASN I 84 71.66 5.35 -40.15
N LEU I 85 72.62 6.26 -40.18
CA LEU I 85 72.72 7.20 -41.29
C LEU I 85 73.08 6.38 -42.48
N ASP I 86 73.81 5.31 -42.22
CA ASP I 86 74.21 4.42 -43.30
C ASP I 86 72.94 3.98 -44.04
N LYS I 87 71.99 3.33 -43.34
CA LYS I 87 70.77 2.89 -43.99
C LYS I 87 69.96 4.06 -44.53
N MET I 88 70.04 5.21 -43.90
CA MET I 88 69.22 6.29 -44.41
C MET I 88 69.76 6.73 -45.74
N MET I 89 71.08 6.78 -45.78
CA MET I 89 71.81 7.24 -46.94
C MET I 89 71.63 6.33 -48.15
N GLU I 90 71.68 5.02 -47.87
CA GLU I 90 71.35 3.94 -48.80
C GLU I 90 69.95 4.09 -49.41
N GLN I 91 68.94 4.35 -48.59
CA GLN I 91 67.59 4.47 -49.16
C GLN I 91 67.62 5.50 -50.24
N LYS I 92 68.23 6.65 -49.94
CA LYS I 92 68.42 7.75 -50.88
C LYS I 92 69.14 7.23 -52.15
N SER I 93 70.32 6.61 -51.98
CA SER I 93 71.05 6.04 -53.10
C SER I 93 70.28 5.05 -53.91
N THR I 94 69.38 4.34 -53.30
CA THR I 94 68.66 3.37 -54.06
C THR I 94 67.64 4.11 -54.86
N ALA I 95 66.92 5.02 -54.25
CA ALA I 95 66.03 5.83 -55.09
C ALA I 95 66.77 6.35 -56.31
N VAL I 96 67.98 6.89 -56.14
CA VAL I 96 68.60 7.65 -57.22
C VAL I 96 68.83 6.68 -58.33
N LYS I 97 69.55 5.62 -57.98
CA LYS I 97 70.01 4.62 -58.92
C LYS I 97 68.86 4.07 -59.78
N ALA I 98 67.70 3.91 -59.16
CA ALA I 98 66.60 3.31 -59.86
C ALA I 98 66.06 4.31 -60.84
N LEU I 99 66.25 5.58 -60.53
CA LEU I 99 65.74 6.67 -61.33
C LEU I 99 66.68 6.94 -62.45
N THR I 100 67.96 6.73 -62.22
CA THR I 100 68.93 7.02 -63.28
C THR I 100 68.89 5.97 -64.35
N GLY I 101 68.76 4.71 -63.95
CA GLY I 101 68.56 3.63 -64.90
C GLY I 101 67.20 3.80 -65.58
N GLY I 102 66.29 4.45 -64.88
CA GLY I 102 64.96 4.65 -65.41
C GLY I 102 64.98 5.52 -66.64
N ILE I 103 65.83 6.54 -66.62
CA ILE I 103 65.98 7.40 -67.79
C ILE I 103 66.67 6.63 -68.89
N ALA I 104 67.68 5.86 -68.53
CA ALA I 104 68.30 5.03 -69.55
C ALA I 104 67.26 4.12 -70.25
N HIS I 105 66.32 3.52 -69.51
CA HIS I 105 65.29 2.70 -70.15
C HIS I 105 64.49 3.51 -71.17
N LEU I 106 64.06 4.72 -70.80
CA LEU I 106 63.30 5.57 -71.71
C LEU I 106 64.06 5.76 -73.01
N PHE I 107 65.37 5.99 -72.88
CA PHE I 107 66.21 6.26 -74.04
C PHE I 107 66.08 5.08 -75.02
N LYS I 108 66.51 3.89 -74.60
CA LYS I 108 66.34 2.68 -75.41
C LYS I 108 64.90 2.54 -75.96
N GLN I 109 63.91 2.65 -75.09
CA GLN I 109 62.52 2.49 -75.56
C GLN I 109 62.15 3.34 -76.78
N ASN I 110 62.51 4.64 -76.79
CA ASN I 110 62.29 5.46 -77.99
C ASN I 110 63.55 5.64 -78.85
N LYS I 111 64.45 4.67 -78.73
CA LYS I 111 65.66 4.51 -79.57
C LYS I 111 66.64 5.70 -79.60
N VAL I 112 66.35 6.74 -78.82
CA VAL I 112 67.27 7.84 -78.50
C VAL I 112 68.69 7.32 -78.24
N VAL I 113 69.70 7.82 -78.95
CA VAL I 113 71.09 7.32 -78.79
C VAL I 113 71.91 8.09 -77.73
N HIS I 114 72.44 7.36 -76.74
CA HIS I 114 73.24 7.94 -75.67
C HIS I 114 74.73 7.72 -75.91
N VAL I 115 75.51 8.80 -75.93
CA VAL I 115 76.97 8.69 -76.00
C VAL I 115 77.64 9.22 -74.75
N ASN I 116 78.49 8.39 -74.17
CA ASN I 116 79.13 8.69 -72.90
C ASN I 116 80.37 9.63 -73.02
N GLY I 117 80.15 10.90 -73.33
CA GLY I 117 81.29 11.78 -73.51
C GLY I 117 81.11 13.27 -73.31
N TYR I 118 82.23 13.96 -73.09
CA TYR I 118 82.27 15.41 -72.98
C TYR I 118 82.08 16.06 -74.37
N GLY I 119 80.97 16.76 -74.55
CA GLY I 119 80.63 17.30 -75.85
C GLY I 119 80.89 18.78 -76.01
N LYS I 120 81.87 19.08 -76.87
CA LYS I 120 82.16 20.43 -77.34
C LYS I 120 81.66 20.55 -78.77
N ILE I 121 81.12 21.72 -79.15
CA ILE I 121 80.54 21.90 -80.50
C ILE I 121 81.53 22.46 -81.57
N THR I 122 81.90 21.61 -82.53
CA THR I 122 82.99 21.94 -83.46
C THR I 122 82.58 22.87 -84.58
N GLY I 123 81.29 22.95 -84.89
CA GLY I 123 80.85 23.88 -85.91
C GLY I 123 79.40 23.80 -86.34
N LYS I 124 79.00 24.76 -87.18
CA LYS I 124 77.62 24.92 -87.61
C LYS I 124 76.72 23.68 -87.46
N ASN I 125 77.23 22.52 -87.85
CA ASN I 125 76.47 21.27 -87.83
C ASN I 125 77.32 20.07 -87.43
N GLN I 126 78.00 20.17 -86.29
CA GLN I 126 78.75 19.04 -85.74
C GLN I 126 79.18 19.19 -84.28
N VAL I 127 79.01 18.13 -83.48
CA VAL I 127 79.60 18.06 -82.16
C VAL I 127 80.40 16.79 -82.05
N THR I 128 81.53 16.88 -81.36
CA THR I 128 82.32 15.70 -81.07
C THR I 128 82.22 15.34 -79.57
N ALA I 129 82.23 14.03 -79.27
CA ALA I 129 82.23 13.50 -77.89
C ALA I 129 83.53 12.81 -77.52
N THR I 130 84.20 13.32 -76.51
CA THR I 130 85.41 12.68 -76.05
C THR I 130 85.15 11.93 -74.75
N LYS I 131 85.55 10.66 -74.71
CA LYS I 131 85.42 9.85 -73.51
C LYS I 131 86.67 10.05 -72.67
N ALA I 132 86.85 9.25 -71.62
CA ALA I 132 88.04 9.32 -70.77
C ALA I 132 89.19 8.61 -71.47
N ASP I 133 88.85 7.48 -72.05
CA ASP I 133 89.75 6.64 -72.83
C ASP I 133 90.69 7.41 -73.77
N GLY I 134 90.13 8.31 -74.57
CA GLY I 134 90.87 9.03 -75.59
C GLY I 134 90.01 9.26 -76.81
N GLY I 135 89.30 8.21 -77.25
CA GLY I 135 88.54 8.18 -78.51
C GLY I 135 87.58 9.32 -78.77
N THR I 136 87.32 9.60 -80.05
CA THR I 136 86.45 10.70 -80.46
C THR I 136 85.31 10.22 -81.37
N GLN I 137 84.13 10.11 -80.78
CA GLN I 137 82.92 9.77 -81.52
C GLN I 137 82.25 11.04 -82.01
N VAL I 138 82.12 11.16 -83.32
CA VAL I 138 81.63 12.39 -83.94
C VAL I 138 80.13 12.35 -84.20
N ILE I 139 79.50 13.52 -84.23
CA ILE I 139 78.09 13.61 -84.60
C ILE I 139 77.76 14.82 -85.46
N ASP I 140 77.20 14.53 -86.65
CA ASP I 140 76.84 15.52 -87.65
C ASP I 140 75.33 15.72 -87.60
N THR I 141 74.92 16.89 -87.14
CA THR I 141 73.51 17.11 -86.83
C THR I 141 73.01 18.33 -87.54
N LYS I 142 71.68 18.49 -87.57
CA LYS I 142 71.00 19.62 -88.21
C LYS I 142 70.58 20.68 -87.17
N ASN I 143 70.32 20.23 -85.95
CA ASN I 143 70.02 21.12 -84.81
C ASN I 143 70.75 20.70 -83.54
N ILE I 144 71.19 21.69 -82.77
CA ILE I 144 71.82 21.45 -81.49
C ILE I 144 71.03 22.00 -80.31
N LEU I 145 70.91 21.15 -79.30
CA LEU I 145 70.21 21.48 -78.08
C LEU I 145 71.18 21.56 -76.93
N ILE I 146 71.40 22.76 -76.43
CA ILE I 146 72.32 22.93 -75.30
C ILE I 146 71.59 22.79 -74.00
N ALA I 147 71.90 21.75 -73.26
CA ALA I 147 71.42 21.63 -71.90
C ALA I 147 72.57 21.13 -71.04
N THR I 148 73.60 21.97 -70.91
CA THR I 148 74.76 21.59 -70.12
C THR I 148 74.47 21.94 -68.67
N GLY I 149 73.28 22.48 -68.43
CA GLY I 149 72.91 22.93 -67.10
C GLY I 149 73.86 23.90 -66.38
N SER I 150 74.19 23.58 -65.12
CA SER I 150 74.83 24.54 -64.25
C SER I 150 75.72 23.82 -63.30
N GLU I 151 76.16 24.57 -62.29
CA GLU I 151 77.22 24.19 -61.36
C GLU I 151 77.15 25.10 -60.11
N VAL I 152 77.90 24.74 -59.06
CA VAL I 152 77.98 25.50 -57.81
C VAL I 152 78.78 26.83 -57.93
N THR I 153 78.19 27.93 -57.45
CA THR I 153 78.81 29.26 -57.36
C THR I 153 79.78 29.24 -56.16
N PRO I 154 81.10 29.26 -56.39
CA PRO I 154 82.06 29.16 -55.28
C PRO I 154 82.21 30.50 -54.59
N PHE I 155 82.34 30.45 -53.26
CA PHE I 155 82.48 31.63 -52.44
C PHE I 155 83.95 31.99 -52.45
N PRO I 156 84.30 33.03 -53.18
CA PRO I 156 85.72 33.41 -53.39
C PRO I 156 86.37 33.75 -52.05
N GLY I 157 87.47 33.08 -51.75
CA GLY I 157 87.98 33.05 -50.41
C GLY I 157 87.88 31.64 -49.86
N ILE I 158 86.69 31.06 -49.78
CA ILE I 158 86.55 29.71 -49.20
C ILE I 158 86.71 28.55 -50.19
N THR I 159 87.61 27.62 -49.90
CA THR I 159 87.81 26.46 -50.78
C THR I 159 87.02 25.22 -50.33
N ILE I 160 86.00 24.84 -51.13
CA ILE I 160 85.22 23.63 -50.89
C ILE I 160 86.08 22.37 -51.07
N ASP I 161 85.92 21.37 -50.23
CA ASP I 161 86.62 20.12 -50.48
C ASP I 161 85.74 18.87 -50.30
N GLU I 162 84.44 19.09 -50.07
CA GLU I 162 83.46 18.02 -49.95
C GLU I 162 83.96 17.14 -48.87
N ASP I 163 84.38 17.77 -47.81
CA ASP I 163 84.92 17.04 -46.68
C ASP I 163 84.40 17.69 -45.38
N THR I 164 85.00 18.81 -44.99
CA THR I 164 84.50 19.67 -43.93
C THR I 164 83.86 20.88 -44.57
N ILE I 165 84.41 21.34 -45.68
CA ILE I 165 83.84 22.51 -46.32
C ILE I 165 83.17 21.97 -47.53
N VAL I 166 81.83 21.94 -47.48
CA VAL I 166 81.03 21.17 -48.45
C VAL I 166 80.12 22.05 -49.25
N SER I 167 79.63 21.47 -50.35
CA SER I 167 78.69 22.18 -51.24
C SER I 167 77.43 21.46 -51.02
N SER I 168 76.43 21.84 -51.83
CA SER I 168 75.13 21.23 -51.72
C SER I 168 75.36 19.73 -51.74
N THR I 169 76.29 19.29 -52.60
CA THR I 169 76.36 17.87 -52.86
C THR I 169 77.07 17.05 -51.78
N GLY I 170 78.07 17.65 -51.14
CA GLY I 170 78.80 16.95 -50.12
C GLY I 170 77.92 16.89 -48.89
N ALA I 171 76.98 17.82 -48.81
CA ALA I 171 76.12 17.86 -47.62
C ALA I 171 75.15 16.76 -47.72
N LEU I 172 74.85 16.30 -48.94
CA LEU I 172 73.90 15.23 -49.11
C LEU I 172 74.58 13.90 -48.84
N SER I 173 75.85 13.92 -48.51
CA SER I 173 76.51 12.66 -48.29
C SER I 173 77.38 12.57 -47.04
N LEU I 174 77.12 13.37 -46.01
CA LEU I 174 77.94 13.32 -44.80
C LEU I 174 77.91 11.91 -44.22
N LYS I 175 78.95 11.51 -43.53
CA LYS I 175 79.07 10.11 -43.16
C LYS I 175 78.63 9.97 -41.70
N LYS I 176 78.42 11.11 -41.05
CA LYS I 176 77.96 11.19 -39.68
C LYS I 176 77.37 12.60 -39.37
N VAL I 177 76.39 12.70 -38.50
CA VAL I 177 75.72 13.97 -38.38
C VAL I 177 76.56 14.91 -37.59
N PRO I 178 76.84 16.06 -38.20
CA PRO I 178 77.72 17.09 -37.61
C PRO I 178 77.22 17.61 -36.26
N GLU I 179 78.12 17.66 -35.27
CA GLU I 179 77.71 18.20 -33.99
C GLU I 179 77.20 19.64 -34.20
N LYS I 180 77.88 20.42 -35.04
CA LYS I 180 77.58 21.86 -35.25
C LYS I 180 77.85 22.30 -36.68
N MET I 181 76.86 22.80 -37.38
CA MET I 181 77.15 23.17 -38.75
C MET I 181 76.72 24.58 -39.14
N VAL I 182 77.54 25.32 -39.89
CA VAL I 182 76.92 26.52 -40.46
C VAL I 182 76.72 26.45 -41.93
N VAL I 183 75.54 26.91 -42.34
CA VAL I 183 75.18 27.11 -43.72
C VAL I 183 75.48 28.53 -44.12
N ILE I 184 76.20 28.72 -45.22
CA ILE I 184 76.29 30.05 -45.75
C ILE I 184 75.29 30.16 -46.84
N GLY I 185 74.24 30.92 -46.59
CA GLY I 185 73.33 31.29 -47.64
C GLY I 185 72.01 30.69 -47.24
N ALA I 186 70.94 31.47 -47.20
CA ALA I 186 69.68 30.91 -46.77
C ALA I 186 68.71 30.77 -47.96
N GLY I 187 69.25 30.28 -49.08
CA GLY I 187 68.49 30.04 -50.29
C GLY I 187 67.66 28.79 -50.09
N VAL I 188 66.95 28.33 -51.12
CA VAL I 188 66.04 27.20 -50.98
C VAL I 188 66.93 26.04 -50.53
N ILE I 189 67.85 25.67 -51.41
CA ILE I 189 68.78 24.62 -51.14
C ILE I 189 69.25 24.74 -49.70
N GLY I 190 69.70 25.91 -49.34
CA GLY I 190 70.27 26.10 -48.01
C GLY I 190 69.38 25.80 -46.82
N VAL I 191 68.12 26.26 -46.88
CA VAL I 191 67.17 25.98 -45.83
C VAL I 191 66.79 24.53 -45.81
N GLU I 192 66.62 23.94 -47.00
CA GLU I 192 66.36 22.49 -47.08
C GLU I 192 67.44 21.68 -46.32
N LEU I 193 68.63 21.68 -46.88
CA LEU I 193 69.73 20.88 -46.33
C LEU I 193 70.03 21.23 -44.89
N GLY I 194 69.84 22.48 -44.50
CA GLY I 194 70.14 22.84 -43.14
C GLY I 194 69.13 22.15 -42.23
N SER I 195 67.89 22.15 -42.70
CA SER I 195 66.80 21.58 -41.96
C SER I 195 66.95 20.04 -41.71
N VAL I 196 67.42 19.33 -42.74
CA VAL I 196 67.74 17.90 -42.71
C VAL I 196 68.71 17.60 -41.56
N TRP I 197 69.88 18.21 -41.57
CA TRP I 197 70.81 17.89 -40.51
C TRP I 197 70.28 18.40 -39.17
N GLN I 198 69.58 19.53 -39.28
CA GLN I 198 68.99 20.07 -38.07
C GLN I 198 68.15 18.95 -37.46
N ARG I 199 67.26 18.37 -38.24
CA ARG I 199 66.35 17.31 -37.75
C ARG I 199 67.09 16.08 -37.22
N LEU I 200 68.17 15.72 -37.89
CA LEU I 200 68.93 14.56 -37.51
C LEU I 200 69.74 14.75 -36.21
N GLY I 201 69.56 15.90 -35.57
CA GLY I 201 70.31 16.18 -34.36
C GLY I 201 71.44 17.20 -34.40
N ALA I 202 71.71 17.89 -35.52
CA ALA I 202 72.83 18.87 -35.61
C ALA I 202 72.47 20.24 -35.14
N ASP I 203 73.42 20.95 -34.52
CA ASP I 203 73.23 22.40 -34.25
C ASP I 203 73.50 23.25 -35.52
N VAL I 204 72.46 23.84 -36.10
CA VAL I 204 72.64 24.39 -37.44
C VAL I 204 72.36 25.81 -37.41
N THR I 205 73.13 26.58 -38.16
CA THR I 205 72.94 28.03 -38.26
C THR I 205 73.19 28.49 -39.67
N ALA I 206 72.28 29.28 -40.22
CA ALA I 206 72.48 29.85 -41.56
C ALA I 206 72.83 31.33 -41.49
N VAL I 207 73.88 31.74 -42.18
CA VAL I 207 74.23 33.14 -42.26
C VAL I 207 73.84 33.59 -43.65
N GLU I 208 72.82 34.45 -43.75
CA GLU I 208 72.42 35.14 -45.00
C GLU I 208 72.76 36.65 -45.07
N PHE I 209 73.41 37.04 -46.18
CA PHE I 209 73.64 38.45 -46.57
C PHE I 209 72.36 39.30 -46.64
N LEU I 210 71.35 38.80 -47.33
CA LEU I 210 70.05 39.48 -47.39
C LEU I 210 69.23 39.34 -46.08
N GLY I 211 68.08 40.00 -46.04
CA GLY I 211 67.31 40.16 -44.82
C GLY I 211 66.15 39.21 -44.60
N HIS I 212 66.14 38.12 -45.35
CA HIS I 212 65.08 37.13 -45.25
C HIS I 212 65.57 35.79 -45.79
N VAL I 213 64.84 34.75 -45.44
CA VAL I 213 65.15 33.40 -45.85
C VAL I 213 64.21 33.09 -46.99
N GLY I 214 64.61 32.28 -47.96
CA GLY I 214 63.71 31.89 -49.02
C GLY I 214 64.13 32.04 -50.45
N GLY I 215 65.15 32.83 -50.76
CA GLY I 215 65.52 33.01 -52.15
C GLY I 215 64.95 34.27 -52.78
N VAL I 216 64.54 34.19 -54.03
CA VAL I 216 63.92 35.37 -54.65
C VAL I 216 62.49 35.06 -55.03
N GLY I 217 61.55 35.92 -54.69
CA GLY I 217 60.16 35.66 -55.02
C GLY I 217 59.26 35.30 -53.84
N ILE I 218 59.85 34.86 -52.73
CA ILE I 218 59.06 34.57 -51.54
C ILE I 218 58.28 35.80 -51.15
N ASP I 219 57.04 35.58 -50.78
CA ASP I 219 56.30 36.66 -50.23
C ASP I 219 56.91 36.95 -48.88
N MET I 220 57.42 38.16 -48.70
CA MET I 220 57.91 38.62 -47.41
C MET I 220 56.99 38.23 -46.27
N GLU I 221 55.74 38.69 -46.33
CA GLU I 221 54.82 38.35 -45.27
C GLU I 221 54.93 36.87 -44.87
N ILE I 222 55.18 35.95 -45.83
CA ILE I 222 55.26 34.52 -45.44
C ILE I 222 56.67 34.09 -45.14
N SER I 223 57.62 34.68 -45.82
CA SER I 223 59.00 34.40 -45.48
C SER I 223 59.25 34.56 -43.98
N LYS I 224 58.78 35.69 -43.44
CA LYS I 224 59.03 36.02 -42.05
C LYS I 224 58.39 34.99 -41.18
N ASN I 225 57.30 34.44 -41.66
CA ASN I 225 56.58 33.40 -40.93
C ASN I 225 57.27 32.03 -40.99
N PHE I 226 57.68 31.69 -42.21
CA PHE I 226 58.49 30.53 -42.46
C PHE I 226 59.68 30.48 -41.49
N GLN I 227 60.38 31.60 -41.41
CA GLN I 227 61.51 31.77 -40.52
C GLN I 227 61.17 31.54 -39.08
N ARG I 228 60.02 32.03 -38.64
CA ARG I 228 59.65 31.88 -37.24
C ARG I 228 59.30 30.40 -36.95
N ILE I 229 58.68 29.75 -37.93
CA ILE I 229 58.31 28.35 -37.79
C ILE I 229 59.62 27.61 -37.66
N LEU I 230 60.53 27.88 -38.58
CA LEU I 230 61.83 27.22 -38.56
C LEU I 230 62.55 27.34 -37.23
N GLN I 231 62.51 28.50 -36.61
CA GLN I 231 63.27 28.69 -35.36
C GLN I 231 62.65 27.94 -34.14
N LYS I 232 61.31 27.83 -34.06
CA LYS I 232 60.74 27.04 -32.97
C LYS I 232 61.29 25.62 -33.12
N GLN I 233 61.59 25.22 -34.36
CA GLN I 233 62.11 23.88 -34.65
C GLN I 233 63.52 23.73 -34.11
N GLY I 234 64.29 24.83 -34.09
CA GLY I 234 65.65 24.86 -33.56
C GLY I 234 66.69 25.46 -34.48
N PHE I 235 66.29 25.78 -35.71
CA PHE I 235 67.14 26.28 -36.81
C PHE I 235 67.45 27.73 -36.52
N LYS I 236 68.72 28.07 -36.37
CA LYS I 236 69.15 29.42 -36.10
C LYS I 236 69.57 30.19 -37.37
N PHE I 237 69.33 31.51 -37.34
CA PHE I 237 69.64 32.37 -38.47
C PHE I 237 70.38 33.66 -38.15
N LYS I 238 71.34 34.00 -38.99
CA LYS I 238 72.00 35.29 -38.91
C LYS I 238 71.64 35.99 -40.22
N LEU I 239 70.68 36.93 -40.21
CA LEU I 239 70.34 37.59 -41.47
C LEU I 239 71.21 38.81 -41.65
N ASN I 240 71.13 39.45 -42.81
CA ASN I 240 71.86 40.70 -42.99
C ASN I 240 73.29 40.65 -42.49
N THR I 241 73.95 39.51 -42.72
CA THR I 241 75.37 39.38 -42.42
C THR I 241 76.18 38.75 -43.62
N LYS I 242 77.45 39.13 -43.73
CA LYS I 242 78.34 38.57 -44.75
C LYS I 242 79.31 37.77 -43.93
N VAL I 243 80.21 37.09 -44.60
CA VAL I 243 81.29 36.44 -43.89
C VAL I 243 82.62 37.06 -44.35
N THR I 244 83.36 37.59 -43.38
CA THR I 244 84.75 37.99 -43.55
C THR I 244 85.60 36.87 -44.20
N GLY I 245 85.47 35.66 -43.69
CA GLY I 245 86.27 34.57 -44.22
C GLY I 245 86.06 33.34 -43.35
N ALA I 246 86.89 32.33 -43.58
CA ALA I 246 86.78 31.08 -42.86
C ALA I 246 88.22 30.61 -42.69
N THR I 247 88.46 29.71 -41.74
CA THR I 247 89.81 29.13 -41.54
C THR I 247 89.74 27.78 -40.78
N LYS I 248 90.63 26.86 -41.13
CA LYS I 248 90.57 25.54 -40.51
C LYS I 248 91.31 25.37 -39.17
N LYS I 249 90.65 24.80 -38.18
CA LYS I 249 91.28 24.66 -36.83
C LYS I 249 92.16 23.42 -36.63
N SER I 250 93.07 23.50 -35.66
CA SER I 250 93.97 22.40 -35.38
C SER I 250 93.28 21.10 -35.04
N ASP I 251 92.12 21.16 -34.39
CA ASP I 251 91.30 20.00 -34.00
C ASP I 251 90.34 19.58 -35.08
N GLY I 252 90.43 20.20 -36.24
CA GLY I 252 89.53 19.81 -37.29
C GLY I 252 88.35 20.72 -37.46
N LYS I 253 87.96 21.51 -36.43
CA LYS I 253 86.84 22.49 -36.57
C LYS I 253 87.14 23.64 -37.52
N ILE I 254 86.15 24.50 -37.73
CA ILE I 254 86.30 25.62 -38.66
C ILE I 254 85.83 26.94 -38.06
N ASP I 255 86.68 27.95 -38.01
CA ASP I 255 86.22 29.25 -37.51
C ASP I 255 85.75 30.15 -38.66
N VAL I 256 84.47 30.53 -38.71
CA VAL I 256 84.07 31.50 -39.74
C VAL I 256 83.83 32.86 -39.11
N SER I 257 84.06 33.91 -39.89
CA SER I 257 83.93 35.30 -39.47
C SER I 257 82.77 36.00 -40.10
N ILE I 258 81.82 36.36 -39.28
CA ILE I 258 80.62 36.98 -39.77
C ILE I 258 80.78 38.44 -39.39
N GLU I 259 79.99 39.29 -40.04
CA GLU I 259 79.97 40.69 -39.66
C GLU I 259 78.78 41.32 -40.41
N ALA I 260 77.93 42.05 -39.70
CA ALA I 260 76.75 42.63 -40.36
C ALA I 260 77.06 43.37 -41.68
N ALA I 261 76.27 43.07 -42.71
CA ALA I 261 76.49 43.49 -44.10
C ALA I 261 76.90 44.96 -44.25
N SER I 262 76.17 45.82 -43.53
CA SER I 262 76.36 47.28 -43.57
C SER I 262 77.61 47.69 -42.78
N GLY I 263 77.39 47.99 -41.49
CA GLY I 263 78.42 48.35 -40.53
C GLY I 263 79.40 47.20 -40.33
N GLY I 264 79.72 46.87 -39.09
CA GLY I 264 80.75 45.89 -38.88
C GLY I 264 80.85 45.44 -37.44
N LYS I 265 79.86 44.66 -37.00
CA LYS I 265 79.90 44.03 -35.67
C LYS I 265 80.58 42.69 -35.79
N ALA I 266 81.92 42.73 -35.82
CA ALA I 266 82.78 41.55 -36.01
C ALA I 266 82.24 40.37 -35.19
N GLU I 267 82.81 39.17 -35.32
CA GLU I 267 82.29 38.01 -34.56
C GLU I 267 82.62 36.73 -35.32
N VAL I 268 82.86 35.65 -34.57
CA VAL I 268 83.40 34.39 -35.12
C VAL I 268 82.56 33.19 -34.74
N ILE I 269 82.18 32.40 -35.72
CA ILE I 269 81.36 31.24 -35.42
C ILE I 269 82.12 29.97 -35.69
N THR I 270 82.13 29.12 -34.69
CA THR I 270 82.91 27.93 -34.84
C THR I 270 82.03 26.69 -35.16
N CYS I 271 82.38 25.94 -36.20
CA CYS I 271 81.55 24.81 -36.64
C CYS I 271 82.32 23.55 -37.07
N ASP I 272 81.61 22.43 -37.11
CA ASP I 272 82.22 21.14 -37.45
C ASP I 272 82.21 20.94 -38.95
N VAL I 273 81.16 21.40 -39.62
CA VAL I 273 81.01 21.34 -41.09
C VAL I 273 80.51 22.69 -41.55
N LEU I 274 81.01 23.17 -42.68
CA LEU I 274 80.56 24.46 -43.20
C LEU I 274 80.06 24.23 -44.63
N LEU I 275 78.82 24.66 -44.92
CA LEU I 275 78.13 24.31 -46.16
C LEU I 275 77.97 25.53 -47.03
N VAL I 276 78.55 25.51 -48.23
CA VAL I 276 78.48 26.69 -49.06
C VAL I 276 77.36 26.65 -50.09
N CYS I 277 76.26 27.34 -49.81
CA CYS I 277 75.16 27.49 -50.79
C CYS I 277 74.96 28.91 -51.20
N ILE I 278 75.97 29.51 -51.81
CA ILE I 278 75.90 30.90 -52.19
C ILE I 278 75.09 30.96 -53.44
N GLY I 279 75.10 29.90 -54.21
CA GLY I 279 74.40 29.95 -55.46
C GLY I 279 74.72 28.88 -56.49
N ARG I 280 74.11 29.05 -57.65
CA ARG I 280 74.36 28.14 -58.74
C ARG I 280 74.55 29.01 -59.97
N ARG I 281 75.31 28.51 -60.92
CA ARG I 281 75.53 29.33 -62.08
C ARG I 281 75.61 28.49 -63.35
N PRO I 282 75.38 29.14 -64.49
CA PRO I 282 75.19 28.42 -65.73
C PRO I 282 76.52 27.85 -66.10
N PHE I 283 76.55 26.60 -66.55
CA PHE I 283 77.81 25.89 -66.81
C PHE I 283 78.12 25.72 -68.28
N THR I 284 79.08 26.51 -68.75
CA THR I 284 79.46 26.52 -70.15
C THR I 284 80.86 25.91 -70.37
N LYS I 285 81.69 25.92 -69.32
CA LYS I 285 83.08 25.45 -69.42
C LYS I 285 83.28 24.55 -70.64
N ASN I 286 84.14 25.01 -71.55
CA ASN I 286 84.65 24.15 -72.61
C ASN I 286 83.60 23.65 -73.60
N LEU I 287 82.59 24.47 -73.87
CA LEU I 287 81.59 24.08 -74.85
C LEU I 287 82.02 24.39 -76.27
N GLY I 288 82.86 25.41 -76.41
CA GLY I 288 83.25 25.90 -77.72
C GLY I 288 82.27 26.91 -78.28
N LEU I 289 81.54 27.57 -77.39
CA LEU I 289 80.60 28.61 -77.82
C LEU I 289 81.15 30.03 -77.62
N GLU I 290 82.46 30.18 -77.72
CA GLU I 290 83.09 31.50 -77.71
C GLU I 290 83.71 31.82 -79.06
N GLU I 291 84.46 30.86 -79.61
CA GLU I 291 84.96 30.94 -80.99
C GLU I 291 83.83 30.63 -81.94
N LEU I 292 82.62 30.95 -81.51
CA LEU I 292 81.46 30.77 -82.35
C LEU I 292 80.52 31.90 -82.06
N GLY I 293 81.09 33.10 -82.00
CA GLY I 293 80.35 34.35 -81.88
C GLY I 293 79.16 34.39 -80.93
N ILE I 294 79.19 33.57 -79.87
CA ILE I 294 78.11 33.55 -78.87
C ILE I 294 78.46 34.25 -77.55
N GLU I 295 77.77 35.37 -77.32
CA GLU I 295 77.96 36.17 -76.11
C GLU I 295 77.45 35.37 -74.93
N LEU I 296 77.42 36.01 -73.77
CA LEU I 296 76.84 35.42 -72.58
C LEU I 296 76.37 36.55 -71.66
N ASP I 297 75.21 36.40 -71.06
CA ASP I 297 74.83 37.29 -69.98
C ASP I 297 76.09 37.80 -69.40
N PRO I 298 76.11 39.06 -68.99
CA PRO I 298 77.23 39.54 -68.19
C PRO I 298 77.18 38.67 -66.94
N ARG I 299 76.13 37.85 -66.83
CA ARG I 299 76.10 36.88 -65.75
C ARG I 299 75.99 35.41 -66.14
N GLY I 300 76.77 35.03 -67.13
CA GLY I 300 77.15 33.64 -67.27
C GLY I 300 76.26 32.79 -68.13
N ARG I 301 75.00 33.19 -68.27
CA ARG I 301 74.00 32.36 -68.97
C ARG I 301 73.86 32.77 -70.41
N ILE I 302 73.30 31.90 -71.23
CA ILE I 302 73.03 32.21 -72.64
C ILE I 302 71.76 33.07 -72.88
N PRO I 303 71.85 34.02 -73.80
CA PRO I 303 70.67 34.75 -74.26
C PRO I 303 70.06 34.08 -75.49
N VAL I 304 68.73 34.01 -75.52
CA VAL I 304 68.02 33.32 -76.59
C VAL I 304 66.82 34.13 -77.04
N ASN I 305 66.25 33.78 -78.19
CA ASN I 305 64.96 34.28 -78.61
C ASN I 305 63.93 33.33 -78.03
N THR I 306 62.68 33.78 -77.91
CA THR I 306 61.65 32.97 -77.24
C THR I 306 61.14 31.78 -78.06
N ARG I 307 61.92 31.35 -79.05
CA ARG I 307 61.75 30.02 -79.65
C ARG I 307 62.99 29.25 -79.21
N PHE I 308 63.72 29.89 -78.29
CA PHE I 308 64.90 29.34 -77.64
C PHE I 308 66.08 29.16 -78.59
N GLN I 309 66.26 30.21 -79.38
CA GLN I 309 67.29 30.28 -80.41
C GLN I 309 68.42 31.21 -80.03
N THR I 310 69.58 30.88 -80.56
CA THR I 310 70.77 31.68 -80.35
C THR I 310 70.97 32.55 -81.59
N LYS I 311 71.99 33.40 -81.55
CA LYS I 311 72.32 34.23 -82.70
C LYS I 311 72.71 33.37 -83.90
N ILE I 312 72.80 32.05 -83.71
CA ILE I 312 72.95 31.13 -84.84
C ILE I 312 71.78 30.12 -84.91
N PRO I 313 70.74 30.55 -85.62
CA PRO I 313 69.39 29.98 -85.54
C PRO I 313 69.15 28.46 -85.61
N ASN I 314 70.14 27.62 -85.84
CA ASN I 314 69.87 26.18 -85.79
C ASN I 314 70.44 25.57 -84.51
N ILE I 315 70.86 26.45 -83.62
CA ILE I 315 71.46 26.06 -82.35
C ILE I 315 70.59 26.58 -81.19
N TYR I 316 69.93 25.70 -80.48
CA TYR I 316 69.02 26.16 -79.44
C TYR I 316 69.68 25.94 -78.07
N ALA I 317 69.23 26.65 -77.04
CA ALA I 317 69.72 26.40 -75.68
C ALA I 317 68.66 26.55 -74.56
N ILE I 318 68.56 25.56 -73.66
CA ILE I 318 67.58 25.57 -72.55
C ILE I 318 68.09 25.01 -71.21
N GLY I 319 67.50 25.49 -70.11
CA GLY I 319 67.74 24.91 -68.81
C GLY I 319 68.14 25.93 -67.76
N ASP I 320 69.08 25.55 -66.92
CA ASP I 320 69.72 26.48 -66.00
C ASP I 320 70.70 27.35 -66.78
N VAL I 321 71.21 26.75 -67.86
CA VAL I 321 72.20 27.41 -68.71
C VAL I 321 71.59 28.61 -69.47
N VAL I 322 70.34 28.95 -69.14
CA VAL I 322 69.59 30.01 -69.85
C VAL I 322 68.73 30.80 -68.87
N ALA I 323 68.48 32.10 -69.12
CA ALA I 323 67.80 33.00 -68.16
C ALA I 323 66.44 32.56 -67.59
N GLY I 324 66.10 33.07 -66.39
CA GLY I 324 64.90 32.71 -65.62
C GLY I 324 65.14 31.74 -64.45
N PRO I 325 64.10 31.28 -63.75
CA PRO I 325 64.26 30.37 -62.59
C PRO I 325 65.16 29.16 -62.89
N MET I 326 65.92 28.69 -61.91
CA MET I 326 66.81 27.54 -62.14
C MET I 326 66.18 26.27 -61.57
N LEU I 327 64.99 25.98 -62.05
CA LEU I 327 64.21 24.91 -61.49
C LEU I 327 64.08 23.82 -62.51
N ALA I 328 63.82 22.61 -62.06
CA ALA I 328 63.88 21.43 -62.90
C ALA I 328 62.71 21.44 -63.82
N HIS I 329 61.55 21.83 -63.30
CA HIS I 329 60.31 21.70 -64.04
C HIS I 329 60.20 22.75 -65.12
N LYS I 330 61.04 23.78 -65.01
CA LYS I 330 61.20 24.78 -66.07
C LYS I 330 62.12 24.29 -67.21
N ALA I 331 63.27 23.74 -66.86
CA ALA I 331 64.16 23.16 -67.83
C ALA I 331 63.52 22.05 -68.64
N GLU I 332 62.52 21.39 -68.06
CA GLU I 332 61.81 20.30 -68.71
C GLU I 332 60.86 20.81 -69.81
N ASP I 333 60.18 21.92 -69.55
CA ASP I 333 59.21 22.48 -70.49
C ASP I 333 59.95 23.17 -71.60
N GLU I 334 60.91 23.99 -71.22
CA GLU I 334 61.72 24.63 -72.21
C GLU I 334 62.09 23.56 -73.21
N GLY I 335 62.66 22.45 -72.76
CA GLY I 335 63.11 21.40 -73.67
C GLY I 335 62.01 20.55 -74.30
N ILE I 336 60.79 20.71 -73.80
CA ILE I 336 59.66 19.99 -74.35
C ILE I 336 59.26 20.78 -75.56
N ILE I 337 58.90 22.04 -75.35
CA ILE I 337 58.38 22.86 -76.44
C ILE I 337 59.47 23.30 -77.38
N CYS I 338 60.72 23.10 -76.96
CA CYS I 338 61.80 23.49 -77.81
C CYS I 338 61.89 22.52 -78.95
N VAL I 339 61.92 21.23 -78.65
CA VAL I 339 61.90 20.23 -79.71
C VAL I 339 60.54 20.28 -80.44
N GLU I 340 59.56 20.90 -79.80
CA GLU I 340 58.26 21.06 -80.43
C GLU I 340 58.31 22.18 -81.47
N GLY I 341 58.90 23.31 -81.08
CA GLY I 341 58.99 24.46 -81.96
C GLY I 341 59.85 24.23 -83.18
N MET I 342 60.64 23.16 -83.18
CA MET I 342 61.46 22.81 -84.35
C MET I 342 60.65 21.95 -85.32
N ALA I 343 59.42 21.67 -84.95
CA ALA I 343 58.56 20.81 -85.75
C ALA I 343 57.28 21.53 -86.16
N GLY I 344 57.23 22.84 -85.92
CA GLY I 344 56.16 23.63 -86.47
C GLY I 344 55.18 24.24 -85.50
N GLY I 345 55.18 23.80 -84.23
CA GLY I 345 54.26 24.34 -83.23
C GLY I 345 54.64 25.73 -82.69
N ALA I 346 53.77 26.31 -81.85
CA ALA I 346 54.03 27.63 -81.24
C ALA I 346 55.00 27.50 -80.07
N VAL I 347 55.38 28.64 -79.49
CA VAL I 347 56.33 28.63 -78.37
C VAL I 347 55.96 29.64 -77.27
N HIS I 348 54.83 29.42 -76.61
CA HIS I 348 54.42 30.25 -75.47
C HIS I 348 54.67 29.50 -74.14
N ILE I 349 55.30 30.18 -73.19
CA ILE I 349 55.53 29.62 -71.86
C ILE I 349 55.53 30.77 -70.87
N ASP I 350 54.36 31.08 -70.34
CA ASP I 350 54.25 32.19 -69.41
C ASP I 350 55.10 31.81 -68.20
N TYR I 351 55.91 32.76 -67.71
CA TYR I 351 56.87 32.46 -66.64
C TYR I 351 56.30 32.69 -65.23
N ASN I 352 55.53 33.76 -65.09
CA ASN I 352 54.77 34.04 -63.89
C ASN I 352 54.03 32.81 -63.34
N CYS I 353 53.68 31.87 -64.22
CA CYS I 353 53.02 30.66 -63.74
C CYS I 353 53.88 29.39 -63.67
N VAL I 354 55.15 29.56 -63.36
CA VAL I 354 55.92 28.41 -62.93
C VAL I 354 56.06 28.47 -61.43
N PRO I 355 55.69 27.35 -60.79
CA PRO I 355 55.51 27.29 -59.35
C PRO I 355 56.87 27.15 -58.72
N SER I 356 57.00 27.65 -57.50
CA SER I 356 58.24 27.45 -56.80
C SER I 356 57.95 26.70 -55.53
N VAL I 357 58.74 25.65 -55.31
CA VAL I 357 58.58 24.91 -54.10
C VAL I 357 59.83 24.82 -53.25
N ILE I 358 59.62 24.86 -51.93
CA ILE I 358 60.65 24.49 -50.97
C ILE I 358 60.16 23.46 -49.92
N TYR I 359 60.64 22.24 -50.08
CA TYR I 359 60.15 21.06 -49.39
C TYR I 359 60.58 20.84 -47.94
N THR I 360 60.72 21.88 -47.13
CA THR I 360 61.00 21.58 -45.74
C THR I 360 59.69 21.14 -45.20
N HIS I 361 59.52 21.28 -43.90
CA HIS I 361 58.27 20.97 -43.27
C HIS I 361 58.12 21.90 -42.09
N PRO I 362 57.13 22.77 -42.09
CA PRO I 362 56.17 22.95 -43.19
C PRO I 362 56.79 23.16 -44.55
N GLU I 363 56.07 22.74 -45.60
CA GLU I 363 56.48 22.98 -47.00
C GLU I 363 56.18 24.44 -47.33
N VAL I 364 56.77 24.95 -48.39
CA VAL I 364 56.40 26.27 -48.86
C VAL I 364 56.26 26.16 -50.36
N ALA I 365 55.16 26.68 -50.90
CA ALA I 365 54.92 26.69 -52.35
C ALA I 365 54.30 27.97 -52.73
N TRP I 366 54.60 28.42 -53.93
CA TRP I 366 54.00 29.64 -54.46
C TRP I 366 54.12 29.70 -55.95
N VAL I 367 53.06 30.16 -56.59
CA VAL I 367 53.11 30.41 -58.00
C VAL I 367 52.53 31.82 -58.17
N GLY I 368 52.94 32.54 -59.20
CA GLY I 368 52.42 33.88 -59.36
C GLY I 368 53.31 35.05 -58.97
N LYS I 369 52.74 36.03 -58.28
CA LYS I 369 53.46 37.27 -58.03
C LYS I 369 53.40 37.67 -56.56
N SER I 370 54.58 37.92 -55.98
CA SER I 370 54.70 38.18 -54.54
C SER I 370 54.18 39.57 -54.21
N GLU I 371 53.67 39.77 -53.01
CA GLU I 371 53.06 41.04 -52.68
C GLU I 371 53.95 42.29 -52.96
N GLU I 372 55.21 42.24 -52.54
CA GLU I 372 56.14 43.30 -52.91
C GLU I 372 55.98 43.41 -54.41
N GLN I 373 56.53 42.44 -55.12
CA GLN I 373 56.42 42.35 -56.56
C GLN I 373 55.17 42.96 -57.16
N LEU I 374 54.22 43.37 -56.33
CA LEU I 374 53.01 44.01 -56.87
C LEU I 374 52.96 45.51 -56.58
N LYS I 375 53.01 45.91 -55.30
CA LYS I 375 53.08 47.34 -54.95
C LYS I 375 54.23 47.95 -55.72
N GLU I 376 55.18 47.08 -56.05
CA GLU I 376 56.30 47.39 -56.91
C GLU I 376 55.83 47.68 -58.34
N GLU I 377 55.47 46.66 -59.11
CA GLU I 377 54.88 46.87 -60.43
C GLU I 377 53.69 47.84 -60.35
N GLY I 378 53.40 48.30 -59.15
CA GLY I 378 52.36 49.30 -58.93
C GLY I 378 50.97 48.85 -59.26
N ILE I 379 50.48 47.83 -58.56
CA ILE I 379 49.17 47.21 -58.83
C ILE I 379 48.31 47.19 -57.57
N GLU I 380 47.07 47.63 -57.71
CA GLU I 380 46.14 47.57 -56.61
C GLU I 380 45.57 46.16 -56.52
N TYR I 381 45.71 45.51 -55.35
CA TYR I 381 45.16 44.16 -55.13
C TYR I 381 44.37 44.05 -53.84
N LYS I 382 43.82 42.87 -53.63
CA LYS I 382 43.23 42.51 -52.35
C LYS I 382 43.86 41.18 -51.94
N VAL I 383 43.86 40.89 -50.64
CA VAL I 383 44.45 39.66 -50.18
C VAL I 383 43.56 38.81 -49.33
N GLY I 384 43.53 37.53 -49.62
CA GLY I 384 42.73 36.59 -48.87
C GLY I 384 43.59 35.57 -48.15
N LYS I 385 43.30 35.41 -46.86
CA LYS I 385 44.12 34.57 -46.01
C LYS I 385 43.30 33.47 -45.39
N PHE I 386 43.88 32.27 -45.34
CA PHE I 386 43.31 31.16 -44.57
C PHE I 386 44.41 30.37 -43.89
N PRO I 387 44.24 30.21 -42.58
CA PRO I 387 45.21 29.53 -41.71
C PRO I 387 45.01 28.01 -41.59
N PHE I 388 46.05 27.26 -41.94
CA PHE I 388 45.96 25.85 -41.81
C PHE I 388 45.50 25.52 -40.43
N ALA I 389 45.74 26.37 -39.44
CA ALA I 389 45.20 26.13 -38.07
C ALA I 389 43.71 25.80 -38.06
N ALA I 390 42.97 26.49 -38.90
CA ALA I 390 41.54 26.26 -39.03
C ALA I 390 41.19 25.33 -40.21
N ASN I 391 42.00 24.31 -40.41
CA ASN I 391 41.67 23.33 -41.43
C ASN I 391 41.36 21.97 -40.84
N SER I 392 40.28 21.40 -41.29
CA SER I 392 39.82 20.17 -40.66
C SER I 392 40.86 19.06 -40.71
N ARG I 393 41.37 18.79 -41.89
CA ARG I 393 42.37 17.77 -42.02
C ARG I 393 43.62 18.19 -41.26
N ALA I 394 44.13 19.37 -41.56
CA ALA I 394 45.33 19.84 -40.89
C ALA I 394 45.09 19.81 -39.39
N LYS I 395 43.93 20.22 -38.90
CA LYS I 395 43.65 20.07 -37.46
C LYS I 395 43.55 18.60 -36.89
N THR I 396 43.09 17.65 -37.68
CA THR I 396 43.01 16.28 -37.25
C THR I 396 44.39 15.63 -37.29
N ASN I 397 44.90 15.48 -38.50
CA ASN I 397 46.30 15.15 -38.70
C ASN I 397 47.26 15.78 -37.65
N ALA I 398 46.75 16.73 -36.88
CA ALA I 398 47.59 17.39 -35.91
C ALA I 398 48.78 18.08 -36.56
N ASP I 399 48.63 18.52 -37.81
CA ASP I 399 49.65 19.33 -38.44
C ASP I 399 49.21 20.74 -38.81
N THR I 400 49.24 21.70 -37.90
CA THR I 400 48.53 22.97 -38.13
C THR I 400 49.25 24.24 -38.62
N ASP I 401 50.56 24.20 -38.74
CA ASP I 401 51.33 25.40 -38.99
C ASP I 401 51.14 26.13 -40.33
N GLY I 402 51.19 27.45 -40.29
CA GLY I 402 51.06 28.19 -41.53
C GLY I 402 49.65 28.47 -42.04
N MET I 403 49.58 28.76 -43.33
CA MET I 403 48.41 29.39 -43.94
C MET I 403 48.53 29.62 -45.46
N VAL I 404 47.38 29.78 -46.08
CA VAL I 404 47.32 29.95 -47.52
C VAL I 404 47.01 31.40 -47.76
N LYS I 405 47.61 31.97 -48.79
CA LYS I 405 47.47 33.41 -49.02
C LYS I 405 47.27 33.70 -50.48
N ILE I 406 46.12 34.26 -50.77
CA ILE I 406 45.74 34.39 -52.14
C ILE I 406 45.68 35.84 -52.57
N LEU I 407 46.33 36.11 -53.69
CA LEU I 407 46.57 37.48 -54.16
C LEU I 407 45.80 37.83 -55.42
N GLY I 408 44.64 38.48 -55.23
CA GLY I 408 43.79 38.82 -56.35
C GLY I 408 43.71 40.28 -56.74
N GLN I 409 43.45 40.50 -58.02
CA GLN I 409 43.19 41.81 -58.60
C GLN I 409 42.09 42.59 -57.84
N LYS I 410 42.31 43.89 -57.65
CA LYS I 410 41.40 44.72 -56.85
C LYS I 410 39.96 44.87 -57.41
N SER I 411 39.81 44.90 -58.74
CA SER I 411 38.48 44.94 -59.32
C SER I 411 38.19 43.64 -60.06
N THR I 412 39.08 43.26 -61.00
CA THR I 412 38.79 42.10 -61.86
C THR I 412 38.67 40.81 -61.03
N ASP I 413 39.14 40.88 -59.79
CA ASP I 413 39.14 39.75 -58.90
C ASP I 413 40.02 38.57 -59.38
N ARG I 414 40.66 38.70 -60.54
CA ARG I 414 41.54 37.67 -61.10
C ARG I 414 42.66 37.22 -60.16
N VAL I 415 43.14 35.98 -60.31
CA VAL I 415 44.22 35.53 -59.43
C VAL I 415 45.53 35.91 -60.03
N LEU I 416 46.33 36.60 -59.22
CA LEU I 416 47.63 37.12 -59.59
C LEU I 416 48.77 36.31 -58.99
N GLY I 417 48.63 35.89 -57.72
CA GLY I 417 49.61 35.01 -57.06
C GLY I 417 49.09 34.14 -55.89
N ALA I 418 49.64 32.94 -55.73
CA ALA I 418 49.20 32.05 -54.65
C ALA I 418 50.41 31.83 -53.80
N HIS I 419 50.20 31.68 -52.50
CA HIS I 419 51.31 31.47 -51.59
C HIS I 419 50.85 30.60 -50.49
N ILE I 420 51.44 29.42 -50.40
CA ILE I 420 51.02 28.47 -49.40
C ILE I 420 52.17 28.13 -48.46
N LEU I 421 51.98 28.39 -47.18
CA LEU I 421 52.94 27.96 -46.20
C LEU I 421 52.26 27.04 -45.21
N GLY I 422 52.46 25.74 -45.39
CA GLY I 422 51.82 24.74 -44.57
C GLY I 422 52.10 23.35 -45.08
N PRO I 423 51.49 22.36 -44.47
CA PRO I 423 51.44 21.01 -45.01
C PRO I 423 50.94 20.89 -46.49
N GLY I 424 51.54 20.01 -47.27
CA GLY I 424 51.03 19.70 -48.61
C GLY I 424 51.01 20.83 -49.63
N ALA I 425 51.79 21.88 -49.36
CA ALA I 425 52.02 23.00 -50.27
C ALA I 425 52.46 22.56 -51.64
N GLY I 426 53.53 21.77 -51.68
CA GLY I 426 54.09 21.23 -52.91
C GLY I 426 53.01 20.84 -53.95
N GLU I 427 52.06 20.00 -53.52
CA GLU I 427 51.02 19.50 -54.39
C GLU I 427 49.96 20.57 -54.62
N MET I 428 49.42 21.10 -53.53
CA MET I 428 48.43 22.16 -53.60
C MET I 428 48.78 23.25 -54.59
N VAL I 429 50.07 23.41 -54.88
CA VAL I 429 50.46 24.57 -55.68
C VAL I 429 50.25 24.22 -57.13
N ASN I 430 50.07 22.95 -57.41
CA ASN I 430 49.93 22.59 -58.79
C ASN I 430 48.52 22.90 -59.24
N GLU I 431 47.59 22.93 -58.28
CA GLU I 431 46.26 23.45 -58.50
C GLU I 431 46.32 24.93 -58.95
N ALA I 432 46.87 25.79 -58.10
CA ALA I 432 46.96 27.19 -58.44
C ALA I 432 47.63 27.42 -59.76
N ALA I 433 48.62 26.59 -60.06
CA ALA I 433 49.32 26.67 -61.33
C ALA I 433 48.37 26.37 -62.49
N LEU I 434 47.38 25.52 -62.25
CA LEU I 434 46.40 25.19 -63.27
C LEU I 434 45.42 26.30 -63.36
N ALA I 435 44.69 26.51 -62.27
CA ALA I 435 43.75 27.60 -62.17
C ALA I 435 44.37 28.89 -62.72
N LEU I 436 45.59 29.17 -62.31
CA LEU I 436 46.20 30.38 -62.72
C LEU I 436 46.30 30.44 -64.22
N GLU I 437 46.72 29.34 -64.82
CA GLU I 437 46.88 29.28 -66.26
C GLU I 437 45.54 29.34 -67.03
N TYR I 438 44.44 29.47 -66.28
CA TYR I 438 43.08 29.50 -66.83
C TYR I 438 42.50 30.84 -66.49
N GLY I 439 43.39 31.80 -66.21
CA GLY I 439 42.95 33.12 -65.78
C GLY I 439 42.03 33.10 -64.56
N ALA I 440 41.79 31.93 -64.00
CA ALA I 440 40.91 31.80 -62.85
C ALA I 440 40.92 33.03 -61.98
N SER I 441 39.74 33.59 -61.77
CA SER I 441 39.55 34.60 -60.78
C SER I 441 39.31 33.88 -59.48
N CYS I 442 39.31 34.64 -58.39
CA CYS I 442 39.19 34.04 -57.09
C CYS I 442 37.85 33.34 -56.87
N GLU I 443 36.81 33.77 -57.57
CA GLU I 443 35.50 33.15 -57.37
C GLU I 443 35.47 31.89 -58.20
N ASP I 444 36.11 31.93 -59.36
CA ASP I 444 36.24 30.76 -60.20
C ASP I 444 36.56 29.54 -59.34
N ILE I 445 37.46 29.74 -58.39
CA ILE I 445 38.04 28.64 -57.66
C ILE I 445 37.20 28.39 -56.40
N ALA I 446 36.67 29.48 -55.84
CA ALA I 446 35.88 29.40 -54.62
C ALA I 446 34.69 28.54 -54.92
N ARG I 447 34.40 28.43 -56.21
CA ARG I 447 33.28 27.63 -56.73
C ARG I 447 33.53 26.14 -56.98
N VAL I 448 34.73 25.77 -57.43
CA VAL I 448 35.07 24.35 -57.64
C VAL I 448 34.83 23.63 -56.34
N CYS I 449 34.16 22.47 -56.39
CA CYS I 449 33.96 21.70 -55.17
C CYS I 449 35.26 20.98 -54.63
N HIS I 450 35.62 21.20 -53.38
CA HIS I 450 36.83 20.56 -52.87
C HIS I 450 36.49 19.57 -51.81
N ALA I 451 37.05 18.37 -51.92
CA ALA I 451 36.67 17.25 -51.05
C ALA I 451 36.90 17.58 -49.59
N HIS I 452 36.38 16.71 -48.74
CA HIS I 452 36.43 16.96 -47.32
C HIS I 452 36.59 15.63 -46.59
N PRO I 453 37.59 15.61 -45.71
CA PRO I 453 38.40 16.80 -45.43
C PRO I 453 39.71 16.79 -46.17
N THR I 454 40.18 17.97 -46.55
CA THR I 454 41.45 18.09 -47.23
C THR I 454 42.16 19.41 -47.01
N LEU I 455 43.47 19.35 -47.19
CA LEU I 455 44.35 20.48 -47.10
C LEU I 455 43.87 21.50 -48.09
N SER I 456 43.51 21.06 -49.29
CA SER I 456 43.10 22.01 -50.29
C SER I 456 41.87 22.78 -49.98
N GLU I 457 41.25 22.55 -48.84
CA GLU I 457 40.09 23.36 -48.51
C GLU I 457 40.56 24.74 -48.22
N ALA I 458 41.79 24.85 -47.74
CA ALA I 458 42.37 26.14 -47.38
C ALA I 458 42.54 27.01 -48.63
N PHE I 459 42.97 26.36 -49.69
CA PHE I 459 43.27 27.05 -50.95
C PHE I 459 41.99 27.54 -51.49
N ARG I 460 40.91 27.05 -50.90
CA ARG I 460 39.59 27.42 -51.37
C ARG I 460 39.05 28.59 -50.54
N GLU I 461 38.95 28.43 -49.23
CA GLU I 461 38.47 29.49 -48.36
C GLU I 461 39.37 30.73 -48.46
N ALA I 462 40.55 30.57 -49.05
CA ALA I 462 41.42 31.72 -49.34
C ALA I 462 40.89 32.49 -50.56
N ASN I 463 40.82 31.81 -51.70
CA ASN I 463 40.17 32.34 -52.86
C ASN I 463 38.78 32.87 -52.53
N LEU I 464 38.12 32.32 -51.50
CA LEU I 464 36.78 32.80 -51.17
C LEU I 464 36.96 34.17 -50.62
N ALA I 465 37.74 34.23 -49.54
CA ALA I 465 37.98 35.48 -48.82
C ALA I 465 38.47 36.56 -49.76
N ALA I 466 39.18 36.19 -50.81
CA ALA I 466 39.67 37.18 -51.78
C ALA I 466 38.54 37.65 -52.67
N SER I 467 37.53 36.80 -52.88
CA SER I 467 36.35 37.22 -53.61
C SER I 467 35.37 37.80 -52.63
N PHE I 468 34.43 36.99 -52.14
CA PHE I 468 33.47 37.40 -51.12
C PHE I 468 34.20 37.88 -49.85
N GLY I 469 33.76 38.99 -49.25
CA GLY I 469 34.40 39.50 -48.03
C GLY I 469 35.29 38.55 -47.22
N LYS I 470 34.75 37.42 -46.79
CA LYS I 470 35.44 36.53 -45.86
C LYS I 470 35.28 35.05 -46.19
N SER I 471 35.73 34.19 -45.30
CA SER I 471 35.59 32.74 -45.49
C SER I 471 34.50 32.16 -44.60
N ILE I 472 34.22 30.89 -44.74
CA ILE I 472 33.25 30.32 -43.82
C ILE I 472 33.99 29.89 -42.59
N ASN I 473 34.81 28.85 -42.72
CA ASN I 473 35.45 28.23 -41.56
C ASN I 473 36.50 29.11 -40.82
N PHE I 474 36.85 30.27 -41.39
CA PHE I 474 37.70 31.18 -40.64
C PHE I 474 37.35 32.63 -40.82
N ALA J 1 8.27 27.48 -22.68
CA ALA J 1 8.87 28.40 -21.67
C ALA J 1 9.30 29.78 -22.24
N ASP J 2 10.05 29.80 -23.35
CA ASP J 2 10.76 31.02 -23.85
C ASP J 2 10.16 31.86 -25.00
N GLN J 3 9.98 33.15 -24.75
CA GLN J 3 9.45 34.08 -25.74
C GLN J 3 10.01 33.79 -27.16
N PRO J 4 9.10 33.58 -28.11
CA PRO J 4 9.45 33.19 -29.49
C PRO J 4 10.44 34.14 -30.17
N ILE J 5 11.46 33.59 -30.84
CA ILE J 5 12.46 34.42 -31.48
C ILE J 5 12.19 34.57 -32.99
N ASP J 6 12.55 35.71 -33.56
CA ASP J 6 12.21 36.01 -34.95
C ASP J 6 13.40 35.91 -35.87
N ALA J 7 13.67 34.70 -36.37
CA ALA J 7 14.78 34.51 -37.33
C ALA J 7 14.29 34.00 -38.66
N ASP J 8 14.68 34.70 -39.72
CA ASP J 8 14.08 34.50 -41.05
C ASP J 8 14.65 33.31 -41.83
N VAL J 9 15.61 32.61 -41.23
CA VAL J 9 16.04 31.29 -41.68
C VAL J 9 16.29 30.47 -40.45
N THR J 10 15.66 29.30 -40.38
CA THR J 10 15.92 28.34 -39.31
C THR J 10 16.47 27.04 -39.90
N VAL J 11 17.55 26.51 -39.31
CA VAL J 11 18.21 25.31 -39.80
C VAL J 11 18.16 24.16 -38.81
N ILE J 12 17.60 23.03 -39.22
CA ILE J 12 17.59 21.83 -38.38
C ILE J 12 18.75 20.88 -38.68
N GLY J 13 19.58 20.63 -37.69
CA GLY J 13 20.83 19.92 -37.92
C GLY J 13 22.02 20.87 -38.09
N SER J 14 23.18 20.47 -37.60
CA SER J 14 24.32 21.35 -37.61
C SER J 14 25.57 20.68 -38.08
N GLY J 15 25.52 20.09 -39.25
CA GLY J 15 26.69 19.41 -39.72
C GLY J 15 27.22 20.22 -40.84
N PRO J 16 27.97 19.57 -41.72
CA PRO J 16 28.36 20.19 -42.99
C PRO J 16 27.06 20.49 -43.75
N GLY J 17 26.97 21.70 -44.29
CA GLY J 17 25.67 22.09 -44.84
C GLY J 17 24.63 22.50 -43.77
N GLY J 18 24.53 21.78 -42.67
CA GLY J 18 23.85 22.36 -41.51
C GLY J 18 24.48 23.67 -41.05
N TYR J 19 25.64 23.61 -40.42
CA TYR J 19 26.29 24.84 -39.96
C TYR J 19 26.92 25.63 -41.10
N VAL J 20 27.39 24.97 -42.14
CA VAL J 20 27.99 25.71 -43.24
C VAL J 20 27.00 26.65 -43.89
N ALA J 21 25.74 26.27 -43.82
CA ALA J 21 24.70 27.09 -44.41
C ALA J 21 24.22 28.04 -43.37
N ALA J 22 23.94 27.55 -42.16
CA ALA J 22 23.54 28.43 -41.09
C ALA J 22 24.45 29.67 -41.11
N ILE J 23 25.71 29.49 -41.46
CA ILE J 23 26.61 30.63 -41.46
C ILE J 23 26.48 31.48 -42.73
N LYS J 24 26.62 30.84 -43.90
CA LYS J 24 26.63 31.59 -45.14
C LYS J 24 25.39 32.43 -45.26
N ALA J 25 24.33 32.01 -44.58
CA ALA J 25 23.11 32.80 -44.53
C ALA J 25 23.35 34.06 -43.71
N ALA J 26 23.95 33.92 -42.54
CA ALA J 26 24.21 35.10 -41.73
C ALA J 26 25.10 36.09 -42.44
N GLN J 27 26.11 35.60 -43.17
CA GLN J 27 27.03 36.48 -43.93
C GLN J 27 26.32 37.20 -45.09
N LEU J 28 25.09 36.80 -45.36
CA LEU J 28 24.31 37.29 -46.51
C LEU J 28 23.28 38.32 -46.03
N GLY J 29 23.09 38.40 -44.72
CA GLY J 29 22.26 39.46 -44.16
C GLY J 29 21.04 38.89 -43.48
N PHE J 30 20.76 37.63 -43.77
CA PHE J 30 19.62 36.93 -43.17
C PHE J 30 19.94 36.69 -41.70
N LYS J 31 18.99 36.99 -40.83
CA LYS J 31 19.14 36.62 -39.44
C LYS J 31 19.01 35.09 -39.40
N THR J 32 19.96 34.39 -38.78
CA THR J 32 19.97 32.93 -38.85
C THR J 32 19.83 32.20 -37.54
N VAL J 33 19.20 31.04 -37.58
CA VAL J 33 19.04 30.22 -36.41
C VAL J 33 19.39 28.79 -36.74
N CYS J 34 19.81 28.02 -35.75
CA CYS J 34 20.26 26.67 -36.03
C CYS J 34 20.00 25.66 -34.94
N ILE J 35 19.17 24.68 -35.24
CA ILE J 35 18.83 23.67 -34.26
C ILE J 35 19.81 22.52 -34.26
N GLU J 36 20.32 22.18 -33.11
CA GLU J 36 21.04 20.96 -33.01
C GLU J 36 20.50 20.27 -31.80
N LYS J 37 20.22 18.99 -31.96
CA LYS J 37 19.70 18.22 -30.89
C LYS J 37 20.81 17.69 -30.00
N ASN J 38 21.98 17.41 -30.57
CA ASN J 38 23.04 16.79 -29.77
C ASN J 38 23.78 17.83 -28.94
N GLU J 39 24.50 17.38 -27.91
CA GLU J 39 25.17 18.29 -26.98
C GLU J 39 26.40 18.93 -27.60
N THR J 40 26.61 18.68 -28.89
CA THR J 40 27.73 19.30 -29.59
C THR J 40 27.57 19.39 -31.11
N LEU J 41 27.89 20.56 -31.65
CA LEU J 41 27.80 20.85 -33.06
C LEU J 41 28.75 20.00 -33.87
N GLY J 42 28.57 19.90 -35.17
CA GLY J 42 29.50 19.14 -35.99
C GLY J 42 28.80 18.12 -36.87
N GLY J 43 27.89 17.35 -36.25
CA GLY J 43 27.07 16.41 -36.96
C GLY J 43 27.83 15.12 -37.05
N THR J 44 27.41 14.17 -37.90
CA THR J 44 28.15 12.93 -37.96
C THR J 44 29.60 13.17 -38.49
N CYS J 45 29.75 13.88 -39.60
CA CYS J 45 31.08 14.09 -40.21
C CYS J 45 32.20 14.32 -39.17
N LEU J 46 31.93 15.20 -38.23
CA LEU J 46 32.91 15.60 -37.25
C LEU J 46 32.76 14.88 -35.86
N ASN J 47 31.57 14.49 -35.48
CA ASN J 47 31.53 13.84 -34.19
C ASN J 47 31.78 12.31 -34.26
N VAL J 48 31.36 11.67 -35.36
CA VAL J 48 31.49 10.22 -35.47
C VAL J 48 31.69 9.72 -36.91
N GLY J 49 32.36 10.50 -37.74
CA GLY J 49 32.46 10.21 -39.15
C GLY J 49 33.84 10.48 -39.71
N CYS J 50 33.95 11.34 -40.73
CA CYS J 50 35.23 11.69 -41.33
C CYS J 50 36.27 11.92 -40.29
N ILE J 51 36.06 12.97 -39.49
CA ILE J 51 37.10 13.44 -38.57
C ILE J 51 37.74 12.33 -37.73
N PRO J 52 36.96 11.70 -36.87
CA PRO J 52 37.48 10.61 -36.03
C PRO J 52 38.21 9.58 -36.84
N SER J 53 37.54 8.97 -37.83
CA SER J 53 38.23 7.95 -38.66
C SER J 53 39.48 8.53 -39.39
N LYS J 54 39.41 9.75 -39.86
CA LYS J 54 40.60 10.31 -40.49
C LYS J 54 41.77 10.37 -39.51
N ALA J 55 41.47 10.77 -38.26
CA ALA J 55 42.48 10.83 -37.19
C ALA J 55 43.12 9.44 -36.92
N LEU J 56 42.28 8.42 -36.75
CA LEU J 56 42.80 7.12 -36.45
C LEU J 56 43.49 6.50 -37.68
N LEU J 57 43.01 6.84 -38.88
CA LEU J 57 43.55 6.20 -40.08
C LEU J 57 44.97 6.63 -40.10
N ASN J 58 45.08 7.95 -39.91
CA ASN J 58 46.36 8.62 -39.77
C ASN J 58 47.36 8.03 -38.78
N ASN J 59 47.00 8.00 -37.51
CA ASN J 59 47.86 7.42 -36.48
C ASN J 59 48.13 5.95 -36.70
N SER J 60 47.14 5.21 -37.19
CA SER J 60 47.29 3.78 -37.34
C SER J 60 48.28 3.58 -38.44
N HIS J 61 48.31 4.53 -39.36
CA HIS J 61 49.25 4.47 -40.47
C HIS J 61 50.67 4.69 -39.95
N TYR J 62 50.87 5.70 -39.15
CA TYR J 62 52.21 5.95 -38.69
C TYR J 62 52.64 4.76 -37.89
N TYR J 63 51.78 4.26 -37.03
CA TYR J 63 52.17 3.11 -36.26
C TYR J 63 52.63 2.01 -37.16
N HIS J 64 51.84 1.69 -38.20
CA HIS J 64 52.22 0.58 -39.07
C HIS J 64 53.59 0.77 -39.70
N MET J 65 53.91 1.99 -40.10
CA MET J 65 55.23 2.25 -40.61
C MET J 65 56.28 2.00 -39.50
N ALA J 66 56.05 2.47 -38.30
CA ALA J 66 57.08 2.35 -37.33
C ALA J 66 57.21 0.87 -36.85
N HIS J 67 56.06 0.25 -36.60
CA HIS J 67 56.00 -1.14 -36.20
C HIS J 67 56.49 -2.09 -37.32
N GLY J 68 56.48 -1.59 -38.55
CA GLY J 68 56.61 -2.43 -39.70
C GLY J 68 58.03 -2.41 -40.17
N LYS J 69 58.22 -2.51 -41.47
CA LYS J 69 59.58 -2.57 -41.92
C LYS J 69 59.92 -1.27 -42.62
N ASP J 70 58.93 -0.41 -42.79
CA ASP J 70 59.16 0.86 -43.45
C ASP J 70 60.20 1.78 -42.77
N PHE J 71 60.04 2.13 -41.49
CA PHE J 71 61.05 3.00 -40.91
C PHE J 71 62.43 2.37 -40.86
N ALA J 72 62.48 1.07 -40.62
CA ALA J 72 63.75 0.40 -40.55
C ALA J 72 64.54 0.59 -41.87
N SER J 73 63.86 0.62 -43.01
CA SER J 73 64.56 0.88 -44.25
C SER J 73 64.85 2.38 -44.50
N ARG J 74 64.56 3.27 -43.54
CA ARG J 74 64.87 4.68 -43.71
C ARG J 74 65.87 4.97 -42.62
N GLY J 75 66.34 3.91 -42.02
CA GLY J 75 67.41 4.06 -41.07
C GLY J 75 66.93 4.67 -39.78
N ILE J 76 65.67 4.47 -39.43
CA ILE J 76 65.15 4.92 -38.16
C ILE J 76 64.88 3.67 -37.29
N GLU J 77 65.74 3.42 -36.28
CA GLU J 77 65.77 2.12 -35.59
C GLU J 77 65.21 2.19 -34.19
N MET J 78 64.11 1.51 -33.98
CA MET J 78 63.51 1.50 -32.69
C MET J 78 63.75 0.20 -32.00
N SER J 79 63.99 0.29 -30.70
CA SER J 79 64.07 -0.86 -29.77
C SER J 79 62.86 -1.79 -29.97
N GLU J 80 61.72 -1.39 -29.41
CA GLU J 80 60.46 -2.09 -29.52
C GLU J 80 59.37 -1.05 -29.62
N VAL J 81 58.66 -1.00 -30.76
CA VAL J 81 57.55 -0.09 -30.87
C VAL J 81 56.34 -0.76 -30.20
N ARG J 82 55.43 0.04 -29.62
CA ARG J 82 54.24 -0.51 -28.97
C ARG J 82 53.05 0.44 -28.94
N LEU J 83 51.87 -0.13 -28.94
CA LEU J 83 50.66 0.62 -29.05
C LEU J 83 50.18 1.07 -27.69
N ASN J 84 49.79 2.34 -27.59
CA ASN J 84 49.07 2.83 -26.42
C ASN J 84 47.73 3.34 -26.93
N LEU J 85 46.83 2.40 -27.17
CA LEU J 85 45.58 2.65 -27.89
C LEU J 85 44.83 3.72 -27.15
N ASP J 86 44.99 3.72 -25.83
CA ASP J 86 44.39 4.77 -25.03
C ASP J 86 44.76 6.18 -25.51
N LYS J 87 46.06 6.39 -25.70
CA LYS J 87 46.59 7.65 -26.02
C LYS J 87 46.24 7.95 -27.45
N MET J 88 46.21 6.90 -28.27
CA MET J 88 45.90 7.10 -29.68
C MET J 88 44.47 7.69 -29.85
N MET J 89 43.54 7.18 -29.05
CA MET J 89 42.20 7.70 -29.01
C MET J 89 42.15 9.11 -28.47
N GLU J 90 42.93 9.40 -27.42
CA GLU J 90 42.92 10.74 -26.85
C GLU J 90 43.33 11.82 -27.86
N GLN J 91 44.25 11.53 -28.77
CA GLN J 91 44.63 12.55 -29.73
C GLN J 91 43.44 12.77 -30.66
N LYS J 92 42.72 11.72 -31.03
CA LYS J 92 41.58 11.92 -31.91
C LYS J 92 40.49 12.64 -31.16
N SER J 93 40.22 12.22 -29.92
CA SER J 93 39.18 12.82 -29.09
C SER J 93 39.45 14.30 -28.97
N THR J 94 40.73 14.65 -28.85
CA THR J 94 41.17 16.05 -28.79
C THR J 94 40.73 16.78 -30.07
N ALA J 95 41.32 16.40 -31.19
CA ALA J 95 40.92 16.87 -32.50
C ALA J 95 39.43 17.14 -32.61
N VAL J 96 38.61 16.26 -32.04
CA VAL J 96 37.18 16.41 -32.24
C VAL J 96 36.66 17.53 -31.35
N LYS J 97 37.01 17.55 -30.07
CA LYS J 97 36.69 18.67 -29.20
C LYS J 97 37.10 19.98 -29.89
N ALA J 98 38.39 20.18 -30.04
CA ALA J 98 38.88 21.33 -30.78
C ALA J 98 37.92 21.77 -31.87
N LEU J 99 37.65 20.85 -32.79
CA LEU J 99 36.91 21.20 -33.99
C LEU J 99 35.47 21.46 -33.69
N THR J 100 34.90 20.82 -32.68
CA THR J 100 33.48 21.08 -32.39
C THR J 100 33.31 22.40 -31.70
N GLY J 101 34.20 22.71 -30.77
CA GLY J 101 34.25 24.06 -30.25
C GLY J 101 34.41 25.07 -31.39
N GLY J 102 35.32 24.79 -32.32
CA GLY J 102 35.58 25.71 -33.42
C GLY J 102 34.31 26.23 -34.07
N ILE J 103 33.34 25.33 -34.20
CA ILE J 103 32.09 25.65 -34.89
C ILE J 103 31.32 26.59 -33.99
N ALA J 104 31.08 26.11 -32.77
CA ALA J 104 30.38 26.90 -31.78
C ALA J 104 30.98 28.27 -31.76
N HIS J 105 32.25 28.38 -32.09
CA HIS J 105 32.86 29.69 -32.12
C HIS J 105 32.60 30.46 -33.42
N LEU J 106 32.51 29.76 -34.55
CA LEU J 106 32.20 30.46 -35.80
C LEU J 106 30.79 31.08 -35.76
N PHE J 107 29.92 30.47 -34.95
CA PHE J 107 28.53 30.90 -34.77
C PHE J 107 28.48 32.20 -33.98
N LYS J 108 29.07 32.19 -32.79
CA LYS J 108 29.27 33.44 -32.05
C LYS J 108 29.81 34.54 -32.98
N GLN J 109 30.80 34.24 -33.79
CA GLN J 109 31.31 35.22 -34.75
C GLN J 109 30.23 35.70 -35.74
N ASN J 110 29.97 34.95 -36.78
CA ASN J 110 29.00 35.37 -37.77
C ASN J 110 27.62 35.75 -37.27
N LYS J 111 27.39 35.67 -35.95
CA LYS J 111 26.11 36.07 -35.34
C LYS J 111 25.01 35.09 -35.73
N VAL J 112 24.97 33.95 -35.05
CA VAL J 112 24.01 32.87 -35.33
C VAL J 112 23.53 32.29 -34.01
N VAL J 113 22.22 32.07 -33.89
CA VAL J 113 21.68 31.59 -32.63
C VAL J 113 21.57 30.08 -32.62
N HIS J 114 22.36 29.50 -31.73
CA HIS J 114 22.39 28.07 -31.52
C HIS J 114 21.25 27.71 -30.58
N VAL J 115 20.35 26.88 -31.07
CA VAL J 115 19.21 26.48 -30.27
C VAL J 115 19.26 25.03 -29.99
N ASN J 116 19.65 24.68 -28.77
CA ASN J 116 19.81 23.28 -28.49
C ASN J 116 18.55 22.53 -28.09
N GLY J 117 18.23 21.48 -28.83
CA GLY J 117 17.06 20.67 -28.55
C GLY J 117 16.49 19.97 -29.78
N TYR J 118 15.56 19.05 -29.55
CA TYR J 118 15.04 18.26 -30.66
C TYR J 118 14.00 19.01 -31.50
N GLY J 119 14.34 19.30 -32.74
CA GLY J 119 13.44 20.03 -33.63
C GLY J 119 12.20 19.27 -34.10
N LYS J 120 11.35 19.98 -34.84
CA LYS J 120 10.09 19.45 -35.35
C LYS J 120 9.34 20.63 -35.92
N ILE J 121 8.86 20.51 -37.14
CA ILE J 121 8.10 21.58 -37.80
C ILE J 121 6.65 21.60 -37.31
N THR J 122 6.30 22.60 -36.50
CA THR J 122 4.96 22.73 -35.94
C THR J 122 4.06 23.59 -36.84
N GLY J 123 4.67 24.24 -37.84
CA GLY J 123 3.96 25.18 -38.68
C GLY J 123 4.46 25.23 -40.10
N LYS J 124 4.19 26.32 -40.80
CA LYS J 124 4.70 26.49 -42.14
C LYS J 124 5.81 27.50 -42.02
N ASN J 125 5.70 28.34 -41.01
CA ASN J 125 6.66 29.40 -40.78
C ASN J 125 7.05 29.32 -39.30
N GLN J 126 6.85 28.13 -38.74
CA GLN J 126 7.11 27.90 -37.33
C GLN J 126 7.79 26.55 -37.03
N VAL J 127 8.90 26.62 -36.29
CA VAL J 127 9.70 25.46 -35.93
C VAL J 127 9.79 25.47 -34.41
N THR J 128 9.63 24.31 -33.79
CA THR J 128 9.72 24.22 -32.35
C THR J 128 10.67 23.14 -31.91
N ALA J 129 11.47 23.49 -30.92
CA ALA J 129 12.55 22.66 -30.47
C ALA J 129 12.30 22.22 -29.05
N THR J 130 11.86 20.98 -28.88
CA THR J 130 11.74 20.35 -27.58
C THR J 130 13.09 20.26 -26.86
N LYS J 131 13.37 21.21 -25.98
CA LYS J 131 14.69 21.27 -25.32
C LYS J 131 14.97 20.01 -24.50
N ALA J 132 16.10 20.05 -23.80
CA ALA J 132 16.58 18.95 -22.96
C ALA J 132 15.44 18.11 -22.32
N ASP J 133 14.90 18.61 -21.20
CA ASP J 133 13.87 17.93 -20.40
C ASP J 133 12.59 18.73 -20.47
N GLY J 134 12.03 18.89 -21.66
CA GLY J 134 10.96 19.86 -21.88
C GLY J 134 11.41 21.32 -21.81
N GLY J 135 10.55 22.21 -22.29
CA GLY J 135 10.82 23.63 -22.22
C GLY J 135 11.06 24.22 -23.60
N THR J 136 10.34 23.66 -24.57
CA THR J 136 10.50 23.98 -26.00
C THR J 136 10.89 25.43 -26.28
N GLN J 137 11.21 25.74 -27.53
CA GLN J 137 11.52 27.10 -27.93
C GLN J 137 10.97 27.28 -29.33
N VAL J 138 10.02 28.19 -29.49
CA VAL J 138 9.35 28.31 -30.77
C VAL J 138 10.10 29.33 -31.65
N ILE J 139 10.27 29.01 -32.93
CA ILE J 139 10.98 29.89 -33.84
C ILE J 139 10.12 30.21 -35.06
N ASP J 140 9.83 31.50 -35.24
CA ASP J 140 9.06 31.99 -36.38
C ASP J 140 10.02 32.38 -37.47
N THR J 141 9.74 31.95 -38.68
CA THR J 141 10.76 32.04 -39.69
C THR J 141 10.17 32.10 -41.10
N LYS J 142 10.72 33.02 -41.92
CA LYS J 142 10.38 33.15 -43.35
C LYS J 142 10.63 31.84 -44.13
N ASN J 143 11.90 31.47 -44.28
CA ASN J 143 12.30 30.21 -44.90
C ASN J 143 12.79 29.24 -43.83
N ILE J 144 12.54 27.94 -44.01
CA ILE J 144 13.05 26.93 -43.05
C ILE J 144 13.80 25.74 -43.72
N LEU J 145 15.08 25.58 -43.37
CA LEU J 145 16.04 24.65 -44.04
C LEU J 145 16.43 23.38 -43.27
N ILE J 146 16.14 22.24 -43.87
CA ILE J 146 16.35 20.93 -43.26
C ILE J 146 17.70 20.31 -43.55
N ALA J 147 18.52 20.10 -42.53
CA ALA J 147 19.74 19.33 -42.72
C ALA J 147 19.94 18.28 -41.60
N THR J 148 19.10 17.26 -41.59
CA THR J 148 19.07 16.31 -40.51
C THR J 148 19.94 15.06 -40.81
N GLY J 149 20.47 15.04 -42.02
CA GLY J 149 21.45 14.05 -42.40
C GLY J 149 20.99 12.61 -42.35
N SER J 150 21.81 11.77 -41.72
CA SER J 150 21.62 10.35 -41.84
C SER J 150 21.90 9.60 -40.58
N GLU J 151 21.59 8.30 -40.61
CA GLU J 151 21.93 7.38 -39.53
C GLU J 151 22.39 6.07 -40.18
N VAL J 152 22.85 5.13 -39.36
CA VAL J 152 23.32 3.82 -39.83
C VAL J 152 22.14 2.95 -40.21
N THR J 153 22.14 2.43 -41.44
CA THR J 153 21.18 1.40 -41.86
C THR J 153 21.43 0.09 -41.09
N PRO J 154 20.52 -0.39 -40.26
CA PRO J 154 20.71 -1.74 -39.65
C PRO J 154 20.64 -2.96 -40.60
N PHE J 155 21.45 -3.94 -40.25
CA PHE J 155 21.37 -5.24 -40.86
C PHE J 155 20.34 -6.06 -40.13
N PRO J 156 19.42 -6.58 -40.93
CA PRO J 156 18.35 -7.52 -40.53
C PRO J 156 18.70 -8.80 -39.71
N GLY J 157 18.39 -8.83 -38.42
CA GLY J 157 18.68 -9.99 -37.60
C GLY J 157 19.86 -9.79 -36.67
N ILE J 158 20.89 -9.17 -37.19
CA ILE J 158 22.00 -8.77 -36.38
C ILE J 158 21.60 -7.44 -35.68
N THR J 159 21.56 -7.45 -34.34
CA THR J 159 21.28 -6.25 -33.54
C THR J 159 22.50 -5.53 -33.01
N ILE J 160 22.74 -4.31 -33.51
CA ILE J 160 23.86 -3.48 -33.04
C ILE J 160 23.79 -3.13 -31.56
N ASP J 161 24.54 -3.77 -30.69
CA ASP J 161 24.57 -3.33 -29.30
C ASP J 161 25.74 -2.38 -29.02
N GLU J 162 26.32 -1.83 -30.10
CA GLU J 162 27.46 -0.90 -30.04
C GLU J 162 28.54 -1.27 -29.05
N ASP J 163 28.62 -2.57 -28.76
CA ASP J 163 29.64 -3.07 -27.85
C ASP J 163 30.52 -4.21 -28.41
N THR J 164 29.94 -5.36 -28.63
CA THR J 164 30.71 -6.43 -29.16
C THR J 164 30.26 -6.50 -30.62
N ILE J 165 29.04 -6.08 -30.87
CA ILE J 165 28.59 -5.86 -32.26
C ILE J 165 28.43 -4.37 -32.56
N VAL J 166 29.20 -3.82 -33.48
CA VAL J 166 29.27 -2.35 -33.54
C VAL J 166 29.00 -1.83 -34.90
N SER J 167 28.76 -0.53 -34.98
CA SER J 167 28.71 0.22 -36.25
C SER J 167 29.90 1.13 -36.26
N SER J 168 30.09 1.90 -37.36
CA SER J 168 31.26 2.84 -37.51
C SER J 168 31.61 3.54 -36.19
N THR J 169 30.57 3.96 -35.46
CA THR J 169 30.76 4.73 -34.21
C THR J 169 31.37 3.99 -33.03
N GLY J 170 30.91 2.77 -32.78
CA GLY J 170 31.43 1.95 -31.70
C GLY J 170 32.82 1.51 -32.13
N ALA J 171 32.99 1.35 -33.45
CA ALA J 171 34.27 0.98 -33.99
C ALA J 171 35.33 2.08 -33.90
N LEU J 172 34.97 3.37 -33.90
CA LEU J 172 36.06 4.34 -33.68
C LEU J 172 36.46 4.50 -32.21
N SER J 173 35.94 3.63 -31.34
CA SER J 173 36.31 3.70 -29.93
C SER J 173 36.37 2.36 -29.22
N LEU J 174 36.84 1.34 -29.89
CA LEU J 174 37.15 0.13 -29.20
C LEU J 174 38.15 0.35 -28.05
N LYS J 175 38.08 -0.45 -27.01
CA LYS J 175 38.92 -0.18 -25.86
C LYS J 175 40.22 -0.95 -25.92
N LYS J 176 40.35 -1.84 -26.91
CA LYS J 176 41.52 -2.67 -27.06
C LYS J 176 41.51 -3.17 -28.47
N VAL J 177 42.66 -3.42 -29.04
CA VAL J 177 42.73 -4.10 -30.34
C VAL J 177 42.14 -5.55 -30.33
N PRO J 178 41.09 -5.80 -31.09
CA PRO J 178 40.52 -7.14 -31.21
C PRO J 178 41.37 -8.15 -31.95
N GLU J 179 41.45 -9.37 -31.41
CA GLU J 179 42.12 -10.48 -32.04
C GLU J 179 41.65 -10.57 -33.49
N LYS J 180 40.39 -10.93 -33.72
CA LYS J 180 39.81 -11.01 -35.06
C LYS J 180 38.61 -10.10 -35.10
N MET J 181 38.32 -9.54 -36.26
CA MET J 181 37.15 -8.64 -36.41
C MET J 181 36.42 -8.93 -37.75
N VAL J 182 35.10 -8.95 -37.78
CA VAL J 182 34.50 -9.09 -39.12
C VAL J 182 33.83 -7.79 -39.58
N VAL J 183 33.98 -7.46 -40.85
CA VAL J 183 33.27 -6.30 -41.37
C VAL J 183 32.13 -6.77 -42.26
N ILE J 184 30.90 -6.34 -41.97
CA ILE J 184 29.77 -6.48 -42.89
C ILE J 184 29.71 -5.30 -43.81
N GLY J 185 30.07 -5.55 -45.06
CA GLY J 185 30.01 -4.55 -46.13
C GLY J 185 31.36 -3.91 -46.50
N ALA J 186 31.91 -4.15 -47.69
CA ALA J 186 33.17 -3.48 -48.04
C ALA J 186 33.02 -2.11 -48.72
N GLY J 187 32.37 -1.14 -48.06
CA GLY J 187 32.23 0.18 -48.64
C GLY J 187 33.36 1.12 -48.23
N VAL J 188 33.26 2.40 -48.54
CA VAL J 188 34.30 3.30 -48.05
C VAL J 188 34.41 3.17 -46.54
N ILE J 189 33.28 3.14 -45.82
CA ILE J 189 33.34 3.01 -44.36
C ILE J 189 34.10 1.75 -43.88
N GLY J 190 33.74 0.60 -44.47
CA GLY J 190 34.27 -0.71 -44.10
C GLY J 190 35.78 -0.87 -44.24
N VAL J 191 36.31 -0.64 -45.44
CA VAL J 191 37.74 -0.73 -45.64
C VAL J 191 38.48 0.37 -44.83
N GLU J 192 37.85 1.52 -44.60
CA GLU J 192 38.59 2.59 -43.96
C GLU J 192 38.76 2.06 -42.57
N LEU J 193 37.68 1.54 -41.99
CA LEU J 193 37.77 1.21 -40.59
C LEU J 193 38.52 -0.07 -40.36
N GLY J 194 38.34 -1.04 -41.24
CA GLY J 194 39.04 -2.31 -41.16
C GLY J 194 40.55 -2.17 -41.33
N SER J 195 40.92 -1.23 -42.20
CA SER J 195 42.29 -0.95 -42.44
C SER J 195 42.89 -0.38 -41.16
N VAL J 196 42.10 0.38 -40.41
CA VAL J 196 42.63 0.86 -39.14
C VAL J 196 42.94 -0.31 -38.17
N TRP J 197 41.92 -1.13 -37.91
CA TRP J 197 42.11 -2.15 -36.89
C TRP J 197 43.13 -3.13 -37.40
N GLN J 198 43.13 -3.33 -38.72
CA GLN J 198 44.19 -4.12 -39.30
C GLN J 198 45.61 -3.66 -39.01
N ARG J 199 45.90 -2.40 -39.30
CA ARG J 199 47.23 -1.88 -38.99
C ARG J 199 47.54 -1.89 -37.47
N LEU J 200 46.56 -1.64 -36.59
CA LEU J 200 46.85 -1.81 -35.16
C LEU J 200 47.06 -3.29 -34.69
N GLY J 201 46.49 -4.32 -35.36
CA GLY J 201 46.85 -5.70 -35.07
C GLY J 201 45.77 -6.72 -35.35
N ALA J 202 44.60 -6.25 -35.73
CA ALA J 202 43.44 -7.12 -35.87
C ALA J 202 43.66 -7.88 -37.14
N ASP J 203 43.11 -9.08 -37.16
CA ASP J 203 42.99 -9.88 -38.33
C ASP J 203 41.57 -9.59 -38.82
N VAL J 204 41.45 -8.78 -39.88
CA VAL J 204 40.16 -8.27 -40.33
C VAL J 204 39.73 -8.77 -41.72
N THR J 205 38.49 -9.25 -41.78
CA THR J 205 37.88 -9.77 -43.03
C THR J 205 36.66 -8.92 -43.32
N ALA J 206 36.46 -8.56 -44.59
CA ALA J 206 35.31 -7.75 -45.01
C ALA J 206 34.51 -8.61 -45.97
N VAL J 207 33.21 -8.66 -45.75
CA VAL J 207 32.33 -9.58 -46.44
C VAL J 207 31.36 -8.66 -47.12
N GLU J 208 31.23 -8.78 -48.45
CA GLU J 208 30.44 -7.89 -49.28
C GLU J 208 29.63 -8.69 -50.25
N PHE J 209 28.37 -8.37 -50.32
CA PHE J 209 27.47 -9.10 -51.19
C PHE J 209 27.71 -8.79 -52.68
N LEU J 210 28.23 -7.60 -52.99
CA LEU J 210 28.72 -7.31 -54.34
C LEU J 210 30.05 -7.97 -54.64
N GLY J 211 30.57 -7.72 -55.84
CA GLY J 211 31.79 -8.37 -56.28
C GLY J 211 32.98 -7.41 -56.35
N HIS J 212 32.96 -6.28 -55.66
CA HIS J 212 34.13 -5.42 -55.68
C HIS J 212 34.23 -4.51 -54.46
N VAL J 213 35.39 -3.95 -54.18
CA VAL J 213 35.44 -3.10 -53.00
C VAL J 213 35.39 -1.68 -53.42
N GLY J 214 35.10 -0.79 -52.49
CA GLY J 214 35.10 0.62 -52.85
C GLY J 214 33.65 0.92 -52.83
N GLY J 215 33.26 2.19 -52.93
CA GLY J 215 31.82 2.46 -52.83
C GLY J 215 30.91 2.08 -54.01
N VAL J 216 30.31 3.13 -54.58
CA VAL J 216 29.59 3.02 -55.83
C VAL J 216 30.10 4.15 -56.73
N GLY J 217 30.40 3.79 -57.97
CA GLY J 217 30.85 4.80 -58.92
C GLY J 217 32.35 4.76 -59.09
N ILE J 218 32.98 3.93 -58.25
CA ILE J 218 34.39 3.67 -58.33
C ILE J 218 34.75 2.86 -59.60
N ASP J 219 35.75 3.32 -60.36
CA ASP J 219 36.18 2.51 -61.50
C ASP J 219 36.54 1.09 -61.03
N MET J 220 36.31 0.14 -61.92
CA MET J 220 36.49 -1.26 -61.62
C MET J 220 37.94 -1.67 -61.62
N GLU J 221 38.73 -1.12 -62.53
CA GLU J 221 40.15 -1.45 -62.59
C GLU J 221 40.79 -0.88 -61.34
N ILE J 222 40.50 0.37 -60.98
CA ILE J 222 41.21 0.87 -59.80
C ILE J 222 40.69 0.14 -58.58
N SER J 223 39.48 -0.40 -58.63
CA SER J 223 38.95 -1.12 -57.47
C SER J 223 39.66 -2.45 -57.26
N LYS J 224 39.71 -3.26 -58.29
CA LYS J 224 40.43 -4.51 -58.22
C LYS J 224 41.88 -4.20 -57.87
N ASN J 225 42.40 -3.07 -58.36
CA ASN J 225 43.83 -2.76 -58.13
C ASN J 225 44.06 -2.34 -56.70
N PHE J 226 43.04 -1.67 -56.16
CA PHE J 226 42.94 -1.33 -54.75
C PHE J 226 42.79 -2.56 -53.85
N GLN J 227 41.82 -3.41 -54.12
CA GLN J 227 41.65 -4.66 -53.36
C GLN J 227 42.93 -5.49 -53.30
N ARG J 228 43.66 -5.51 -54.42
CA ARG J 228 44.91 -6.28 -54.46
C ARG J 228 45.90 -5.73 -53.43
N ILE J 229 46.07 -4.41 -53.38
CA ILE J 229 46.91 -3.76 -52.36
C ILE J 229 46.52 -4.17 -50.90
N LEU J 230 45.26 -3.97 -50.55
CA LEU J 230 44.84 -4.21 -49.21
C LEU J 230 45.05 -5.70 -48.89
N GLN J 231 44.90 -6.56 -49.89
CA GLN J 231 45.17 -7.97 -49.60
C GLN J 231 46.65 -8.27 -49.32
N LYS J 232 47.56 -7.56 -49.97
CA LYS J 232 48.97 -7.69 -49.68
C LYS J 232 49.19 -7.29 -48.22
N GLN J 233 48.34 -6.41 -47.70
CA GLN J 233 48.58 -5.71 -46.43
C GLN J 233 48.08 -6.57 -45.32
N GLY J 234 47.24 -7.54 -45.65
CA GLY J 234 46.85 -8.54 -44.67
C GLY J 234 45.34 -8.58 -44.58
N PHE J 235 44.71 -7.55 -45.15
CA PHE J 235 43.25 -7.45 -45.25
C PHE J 235 42.59 -8.66 -46.00
N LYS J 236 41.80 -9.51 -45.36
CA LYS J 236 41.09 -10.53 -46.16
C LYS J 236 39.69 -10.03 -46.61
N PHE J 237 39.20 -10.53 -47.76
CA PHE J 237 37.81 -10.30 -48.20
C PHE J 237 36.97 -11.53 -48.49
N LYS J 238 35.69 -11.29 -48.62
CA LYS J 238 34.80 -12.30 -49.11
C LYS J 238 33.82 -11.57 -50.00
N LEU J 239 34.22 -11.33 -51.25
CA LEU J 239 33.31 -10.67 -52.17
C LEU J 239 32.20 -11.67 -52.58
N ASN J 240 31.10 -11.22 -53.21
CA ASN J 240 30.00 -12.07 -53.71
C ASN J 240 29.50 -13.04 -52.70
N THR J 241 29.42 -12.59 -51.45
CA THR J 241 28.95 -13.45 -50.40
C THR J 241 27.95 -12.68 -49.56
N LYS J 242 27.02 -13.42 -48.96
CA LYS J 242 25.97 -12.80 -48.15
C LYS J 242 26.05 -13.41 -46.76
N VAL J 243 25.46 -12.73 -45.80
CA VAL J 243 25.43 -13.32 -44.47
C VAL J 243 24.07 -13.81 -44.19
N THR J 244 23.99 -15.00 -43.65
CA THR J 244 22.71 -15.51 -43.23
C THR J 244 22.40 -15.04 -41.80
N GLY J 245 23.39 -14.50 -41.06
CA GLY J 245 23.15 -14.06 -39.68
C GLY J 245 24.18 -14.45 -38.61
N ALA J 246 24.07 -13.88 -37.42
CA ALA J 246 25.16 -13.99 -36.47
C ALA J 246 24.57 -14.11 -35.13
N THR J 247 25.36 -14.67 -34.22
CA THR J 247 24.84 -15.18 -32.97
C THR J 247 25.99 -15.11 -31.93
N LYS J 248 25.70 -14.60 -30.73
CA LYS J 248 26.76 -14.38 -29.77
C LYS J 248 27.06 -15.66 -29.03
N LYS J 249 28.34 -15.87 -28.68
CA LYS J 249 28.84 -17.18 -28.23
C LYS J 249 29.17 -17.25 -26.75
N SER J 250 29.32 -18.49 -26.24
CA SER J 250 29.46 -18.73 -24.79
C SER J 250 30.64 -18.00 -24.19
N ASP J 251 31.68 -17.81 -24.98
CA ASP J 251 32.84 -17.11 -24.47
C ASP J 251 32.85 -15.63 -24.84
N GLY J 252 31.80 -15.14 -25.50
CA GLY J 252 31.80 -13.74 -25.81
C GLY J 252 31.98 -13.39 -27.28
N LYS J 253 32.74 -14.21 -28.02
CA LYS J 253 32.85 -14.13 -29.50
C LYS J 253 31.52 -14.11 -30.31
N ILE J 254 31.63 -14.05 -31.61
CA ILE J 254 30.48 -13.91 -32.48
C ILE J 254 30.71 -14.78 -33.66
N ASP J 255 29.80 -15.73 -33.92
CA ASP J 255 29.90 -16.65 -35.07
C ASP J 255 29.08 -15.97 -36.11
N VAL J 256 29.66 -15.51 -37.22
CA VAL J 256 28.81 -15.08 -38.35
C VAL J 256 28.77 -16.08 -39.54
N SER J 257 27.54 -16.48 -39.85
CA SER J 257 27.23 -17.44 -40.88
C SER J 257 27.20 -16.73 -42.20
N ILE J 258 27.96 -17.24 -43.17
CA ILE J 258 27.95 -16.67 -44.49
C ILE J 258 27.58 -17.70 -45.56
N GLU J 259 27.36 -17.22 -46.78
CA GLU J 259 27.09 -18.08 -47.91
C GLU J 259 27.61 -17.37 -49.15
N ALA J 260 27.84 -18.10 -50.22
CA ALA J 260 28.07 -17.39 -51.47
C ALA J 260 26.75 -16.72 -51.79
N ALA J 261 26.80 -15.56 -52.46
CA ALA J 261 25.59 -14.78 -52.76
C ALA J 261 24.63 -15.53 -53.68
N SER J 262 25.20 -16.13 -54.72
CA SER J 262 24.41 -16.92 -55.66
C SER J 262 24.17 -18.32 -55.14
N GLY J 263 25.19 -19.17 -55.24
CA GLY J 263 25.14 -20.48 -54.65
C GLY J 263 24.91 -20.48 -53.15
N GLY J 264 25.20 -21.64 -52.54
CA GLY J 264 25.19 -21.84 -51.10
C GLY J 264 26.42 -22.67 -50.70
N LYS J 265 27.59 -22.03 -50.50
CA LYS J 265 28.74 -22.70 -49.87
C LYS J 265 28.73 -22.23 -48.44
N ALA J 266 28.06 -22.97 -47.56
CA ALA J 266 27.90 -22.55 -46.17
C ALA J 266 29.25 -22.41 -45.47
N GLU J 267 29.26 -21.57 -44.44
CA GLU J 267 30.48 -21.27 -43.73
C GLU J 267 30.13 -20.45 -42.54
N VAL J 268 30.87 -20.71 -41.46
CA VAL J 268 30.77 -19.86 -40.30
C VAL J 268 32.10 -19.18 -40.04
N ILE J 269 32.03 -17.92 -39.67
CA ILE J 269 33.24 -17.19 -39.41
C ILE J 269 33.14 -16.46 -38.10
N THR J 270 34.07 -16.76 -37.22
CA THR J 270 33.94 -16.30 -35.85
C THR J 270 34.92 -15.17 -35.57
N CYS J 271 34.51 -14.25 -34.71
CA CYS J 271 35.32 -13.06 -34.41
C CYS J 271 35.07 -12.47 -33.04
N ASP J 272 35.78 -11.40 -32.75
CA ASP J 272 35.83 -10.84 -31.42
C ASP J 272 34.93 -9.61 -31.50
N VAL J 273 34.97 -8.90 -32.63
CA VAL J 273 34.08 -7.79 -32.87
C VAL J 273 33.58 -7.88 -34.30
N LEU J 274 32.26 -7.69 -34.42
CA LEU J 274 31.60 -7.63 -35.71
C LEU J 274 31.19 -6.17 -35.99
N LEU J 275 31.77 -5.51 -36.99
CA LEU J 275 31.38 -4.16 -37.34
C LEU J 275 30.39 -4.22 -38.46
N VAL J 276 29.21 -3.70 -38.21
CA VAL J 276 28.19 -3.66 -39.27
C VAL J 276 28.13 -2.33 -40.02
N CYS J 277 28.33 -2.37 -41.32
CA CYS J 277 28.12 -1.16 -42.07
C CYS J 277 27.86 -1.50 -43.50
N ILE J 278 26.63 -1.93 -43.77
CA ILE J 278 26.21 -2.04 -45.14
C ILE J 278 25.68 -0.67 -45.56
N GLY J 279 25.42 0.20 -44.61
CA GLY J 279 24.73 1.42 -45.03
C GLY J 279 24.50 2.68 -44.20
N ARG J 280 24.22 3.73 -44.96
CA ARG J 280 23.82 4.98 -44.36
C ARG J 280 22.42 5.29 -44.97
N ARG J 281 21.53 5.87 -44.19
CA ARG J 281 20.19 6.27 -44.66
C ARG J 281 19.73 7.63 -44.08
N PRO J 282 18.79 8.30 -44.78
CA PRO J 282 18.31 9.63 -44.38
C PRO J 282 17.44 9.61 -43.15
N PHE J 283 17.72 10.54 -42.27
CA PHE J 283 17.12 10.62 -40.96
C PHE J 283 16.14 11.75 -40.98
N THR J 284 14.85 11.45 -40.94
CA THR J 284 13.87 12.53 -40.81
C THR J 284 12.99 12.38 -39.59
N LYS J 285 13.20 11.36 -38.77
CA LYS J 285 12.28 11.06 -37.67
C LYS J 285 11.77 12.29 -36.89
N ASN J 286 10.45 12.30 -36.63
CA ASN J 286 9.75 13.29 -35.79
C ASN J 286 10.08 14.75 -36.07
N LEU J 287 10.07 15.01 -37.36
CA LEU J 287 10.20 16.31 -37.93
C LEU J 287 8.80 16.57 -38.44
N GLY J 288 8.01 15.50 -38.50
CA GLY J 288 6.62 15.56 -38.90
C GLY J 288 6.40 16.20 -40.26
N LEU J 289 6.70 15.46 -41.33
CA LEU J 289 6.56 16.02 -42.66
C LEU J 289 5.32 15.41 -43.25
N GLU J 290 4.71 14.52 -42.49
CA GLU J 290 3.48 13.91 -42.93
C GLU J 290 2.38 14.83 -42.55
N GLU J 291 2.39 15.25 -41.28
CA GLU J 291 1.47 16.28 -40.82
C GLU J 291 1.51 17.53 -41.75
N LEU J 292 2.61 17.69 -42.48
CA LEU J 292 2.79 18.81 -43.38
C LEU J 292 2.60 18.44 -44.88
N GLY J 293 2.50 17.14 -45.19
CA GLY J 293 2.32 16.71 -46.57
C GLY J 293 3.52 16.60 -47.50
N ILE J 294 4.74 16.63 -46.96
CA ILE J 294 5.92 16.37 -47.78
C ILE J 294 6.20 14.89 -47.82
N GLU J 295 6.43 14.38 -49.02
CA GLU J 295 6.34 12.96 -49.25
C GLU J 295 7.71 12.35 -49.48
N LEU J 296 8.07 11.38 -48.65
CA LEU J 296 9.41 10.83 -48.74
C LEU J 296 9.60 9.89 -49.94
N ASP J 297 10.82 9.93 -50.49
CA ASP J 297 11.38 8.99 -51.47
C ASP J 297 11.03 7.56 -51.10
N PRO J 298 11.07 6.66 -52.08
CA PRO J 298 11.12 5.24 -51.75
C PRO J 298 12.21 4.96 -50.71
N ARG J 299 13.30 5.74 -50.62
CA ARG J 299 14.39 5.45 -49.64
C ARG J 299 14.60 6.40 -48.45
N GLY J 300 13.64 7.26 -48.17
CA GLY J 300 13.66 7.98 -46.92
C GLY J 300 14.12 9.39 -47.18
N ARG J 301 14.37 9.70 -48.45
CA ARG J 301 14.90 11.02 -48.83
C ARG J 301 13.79 12.01 -49.13
N ILE J 302 14.15 13.30 -49.15
CA ILE J 302 13.19 14.38 -49.38
C ILE J 302 13.36 14.91 -50.78
N PRO J 303 12.30 14.80 -51.56
CA PRO J 303 12.31 15.38 -52.88
C PRO J 303 12.44 16.91 -52.77
N VAL J 304 13.35 17.47 -53.53
CA VAL J 304 13.50 18.91 -53.57
C VAL J 304 13.80 19.28 -55.02
N ASN J 305 13.64 20.55 -55.37
CA ASN J 305 13.91 20.92 -56.74
C ASN J 305 15.30 21.53 -56.88
N THR J 306 15.56 22.09 -58.05
CA THR J 306 16.83 22.72 -58.35
C THR J 306 17.15 23.78 -57.32
N ARG J 307 16.14 24.50 -56.85
CA ARG J 307 16.42 25.52 -55.85
C ARG J 307 16.54 24.94 -54.41
N PHE J 308 16.35 23.61 -54.29
CA PHE J 308 16.44 22.87 -53.03
C PHE J 308 15.26 23.04 -52.09
N GLN J 309 14.07 23.26 -52.64
CA GLN J 309 12.87 23.44 -51.82
C GLN J 309 11.94 22.26 -51.91
N THR J 310 11.31 21.87 -50.80
CA THR J 310 10.39 20.75 -50.76
C THR J 310 9.09 20.98 -51.56
N LYS J 311 8.03 20.27 -51.22
CA LYS J 311 6.72 20.53 -51.85
C LYS J 311 6.21 21.93 -51.46
N ILE J 312 6.60 22.36 -50.28
CA ILE J 312 6.27 23.66 -49.71
C ILE J 312 7.38 24.71 -50.05
N PRO J 313 7.06 25.69 -50.90
CA PRO J 313 8.06 26.64 -51.41
C PRO J 313 9.09 27.25 -50.43
N ASN J 314 8.67 27.62 -49.22
CA ASN J 314 9.62 28.17 -48.23
C ASN J 314 10.51 27.12 -47.47
N ILE J 315 10.12 25.84 -47.47
CA ILE J 315 10.87 24.86 -46.73
C ILE J 315 11.90 24.16 -47.61
N TYR J 316 13.19 24.37 -47.34
CA TYR J 316 14.19 23.71 -48.16
C TYR J 316 14.85 22.60 -47.37
N ALA J 317 15.68 21.81 -48.05
CA ALA J 317 16.36 20.64 -47.48
C ALA J 317 17.63 20.41 -48.25
N ILE J 318 18.73 20.26 -47.51
CA ILE J 318 20.00 19.82 -48.09
C ILE J 318 20.66 18.75 -47.24
N GLY J 319 21.75 18.21 -47.75
CA GLY J 319 22.54 17.23 -47.01
C GLY J 319 22.24 15.85 -47.53
N ASP J 320 22.57 14.83 -46.75
CA ASP J 320 22.28 13.48 -47.23
C ASP J 320 20.89 13.09 -46.81
N VAL J 321 20.16 14.06 -46.28
CA VAL J 321 18.75 13.82 -46.08
C VAL J 321 18.07 13.96 -47.43
N VAL J 322 18.81 14.34 -48.47
CA VAL J 322 18.26 14.32 -49.82
C VAL J 322 19.09 13.45 -50.78
N ALA J 323 18.72 13.47 -52.04
CA ALA J 323 19.42 12.74 -53.10
C ALA J 323 20.82 13.23 -53.35
N GLY J 324 21.54 12.45 -54.15
CA GLY J 324 22.96 12.63 -54.38
C GLY J 324 23.84 11.74 -53.49
N PRO J 325 25.15 11.86 -53.65
CA PRO J 325 26.10 11.13 -52.80
C PRO J 325 26.04 11.52 -51.29
N MET J 326 26.19 10.53 -50.40
CA MET J 326 26.19 10.85 -48.97
C MET J 326 27.57 11.34 -48.49
N LEU J 327 27.87 12.57 -48.85
CA LEU J 327 29.17 13.11 -48.58
C LEU J 327 29.01 14.49 -47.96
N ALA J 328 29.99 14.86 -47.14
CA ALA J 328 30.01 16.11 -46.45
C ALA J 328 30.27 17.25 -47.42
N HIS J 329 31.16 17.05 -48.40
CA HIS J 329 31.54 18.18 -49.24
C HIS J 329 30.46 18.51 -50.23
N LYS J 330 29.56 17.56 -50.40
CA LYS J 330 28.40 17.80 -51.22
C LYS J 330 27.48 18.58 -50.29
N ALA J 331 27.09 18.00 -49.17
CA ALA J 331 26.18 18.69 -48.29
C ALA J 331 26.64 20.12 -48.06
N GLU J 332 27.92 20.37 -48.15
CA GLU J 332 28.41 21.65 -47.71
C GLU J 332 28.16 22.66 -48.82
N ASP J 333 28.65 22.32 -50.01
CA ASP J 333 28.44 23.10 -51.23
C ASP J 333 26.94 23.15 -51.55
N GLU J 334 26.18 22.29 -50.88
CA GLU J 334 24.73 22.22 -51.11
C GLU J 334 23.97 23.23 -50.25
N GLY J 335 24.27 23.27 -48.95
CA GLY J 335 23.70 24.25 -48.06
C GLY J 335 24.18 25.65 -48.39
N ILE J 336 25.19 25.79 -49.22
CA ILE J 336 25.61 27.15 -49.60
C ILE J 336 24.83 27.68 -50.76
N ILE J 337 24.83 26.96 -51.87
CA ILE J 337 24.07 27.38 -53.04
C ILE J 337 22.57 27.21 -52.78
N CYS J 338 22.22 26.81 -51.57
CA CYS J 338 20.83 26.70 -51.17
C CYS J 338 20.37 28.00 -50.61
N VAL J 339 21.29 28.69 -49.94
CA VAL J 339 21.08 30.01 -49.35
C VAL J 339 21.45 31.23 -50.27
N GLU J 340 22.45 31.06 -51.12
CA GLU J 340 22.64 32.01 -52.18
C GLU J 340 21.39 31.99 -53.02
N GLY J 341 20.75 30.84 -53.11
CA GLY J 341 19.52 30.74 -53.87
C GLY J 341 18.39 31.58 -53.30
N MET J 342 18.34 31.67 -51.96
CA MET J 342 17.27 32.31 -51.24
C MET J 342 17.43 33.79 -51.28
N ALA J 343 18.61 34.25 -51.65
CA ALA J 343 18.82 35.66 -51.93
C ALA J 343 19.04 35.87 -53.42
N GLY J 344 18.39 35.05 -54.24
CA GLY J 344 18.36 35.26 -55.68
C GLY J 344 19.64 35.11 -56.46
N GLY J 345 20.52 34.24 -56.02
CA GLY J 345 21.66 33.87 -56.83
C GLY J 345 21.35 32.57 -57.54
N ALA J 346 22.36 31.96 -58.13
CA ALA J 346 22.22 30.73 -58.92
C ALA J 346 22.24 29.46 -58.05
N VAL J 347 21.96 28.32 -58.68
CA VAL J 347 21.82 27.02 -58.00
C VAL J 347 22.11 25.83 -58.93
N HIS J 348 22.94 26.06 -59.94
CA HIS J 348 23.42 24.97 -60.79
C HIS J 348 24.59 24.28 -60.06
N ILE J 349 24.43 22.99 -59.81
CA ILE J 349 25.43 22.24 -59.08
C ILE J 349 25.60 20.92 -59.80
N ASP J 350 26.83 20.64 -60.19
CA ASP J 350 27.08 19.64 -61.22
C ASP J 350 27.68 18.38 -60.57
N TYR J 351 26.79 17.54 -60.06
CA TYR J 351 27.10 16.43 -59.15
C TYR J 351 27.99 15.41 -59.75
N ASN J 352 28.51 15.68 -60.93
CA ASN J 352 29.52 14.85 -61.54
C ASN J 352 30.94 15.41 -61.22
N CYS J 353 31.02 16.73 -61.00
CA CYS J 353 32.29 17.31 -60.63
C CYS J 353 32.60 17.25 -59.14
N VAL J 354 31.85 16.45 -58.37
CA VAL J 354 32.11 16.29 -56.95
C VAL J 354 32.95 15.04 -56.76
N PRO J 355 34.09 15.20 -56.11
CA PRO J 355 35.08 14.13 -55.95
C PRO J 355 34.78 13.19 -54.81
N SER J 356 35.30 11.98 -54.96
CA SER J 356 35.20 10.90 -53.94
C SER J 356 36.58 10.44 -53.43
N VAL J 357 36.67 10.22 -52.11
CA VAL J 357 37.92 9.78 -51.50
C VAL J 357 37.84 8.66 -50.45
N ILE J 358 38.67 7.63 -50.57
CA ILE J 358 38.84 6.69 -49.48
C ILE J 358 40.23 6.89 -48.91
N TYR J 359 40.34 7.23 -47.62
CA TYR J 359 41.60 7.62 -46.98
C TYR J 359 42.41 6.47 -46.33
N THR J 360 42.57 5.39 -47.08
CA THR J 360 43.41 4.31 -46.63
C THR J 360 44.77 4.72 -47.13
N HIS J 361 45.71 3.81 -46.90
CA HIS J 361 46.99 3.91 -47.55
C HIS J 361 47.32 2.66 -48.32
N PRO J 362 47.37 2.77 -49.65
CA PRO J 362 47.29 4.07 -50.37
C PRO J 362 45.90 4.64 -50.45
N GLU J 363 45.80 5.97 -50.50
CA GLU J 363 44.52 6.63 -50.73
C GLU J 363 43.97 6.27 -52.11
N VAL J 364 42.64 6.29 -52.23
CA VAL J 364 41.97 6.24 -53.54
C VAL J 364 41.14 7.49 -53.68
N ALA J 365 40.98 8.00 -54.91
CA ALA J 365 40.12 9.20 -55.14
C ALA J 365 39.79 9.37 -56.60
N TRP J 366 38.56 9.80 -56.90
CA TRP J 366 38.08 9.98 -58.30
C TRP J 366 36.98 11.05 -58.51
N VAL J 367 36.97 11.64 -59.70
CA VAL J 367 35.95 12.63 -59.99
C VAL J 367 35.56 12.40 -61.45
N GLY J 368 34.27 12.54 -61.79
CA GLY J 368 33.82 12.22 -63.13
C GLY J 368 33.27 10.83 -63.24
N LYS J 369 33.24 10.31 -64.45
CA LYS J 369 32.60 9.04 -64.69
C LYS J 369 33.63 7.94 -64.74
N SER J 370 33.20 6.70 -64.45
CA SER J 370 34.07 5.53 -64.57
C SER J 370 33.94 4.86 -65.92
N GLU J 371 34.80 3.89 -66.18
CA GLU J 371 34.80 3.17 -67.44
C GLU J 371 33.49 2.45 -67.62
N GLU J 372 32.93 1.92 -66.56
CA GLU J 372 31.62 1.32 -66.65
C GLU J 372 30.69 2.42 -67.09
N GLN J 373 30.44 3.39 -66.25
CA GLN J 373 29.55 4.48 -66.63
C GLN J 373 29.67 4.98 -68.07
N LEU J 374 30.89 4.96 -68.62
CA LEU J 374 31.14 5.46 -69.97
C LEU J 374 30.67 4.47 -71.04
N LYS J 375 30.75 3.18 -70.72
CA LYS J 375 30.23 2.14 -71.58
C LYS J 375 28.71 2.10 -71.47
N GLU J 376 28.21 1.98 -70.24
CA GLU J 376 26.78 2.00 -69.91
C GLU J 376 25.98 3.12 -70.61
N GLU J 377 26.63 4.20 -71.01
CA GLU J 377 25.92 5.20 -71.81
C GLU J 377 26.54 5.43 -73.21
N GLY J 378 27.34 4.47 -73.65
CA GLY J 378 27.87 4.48 -75.01
C GLY J 378 28.46 5.79 -75.45
N ILE J 379 29.61 6.15 -74.84
CA ILE J 379 30.41 7.29 -75.27
C ILE J 379 31.77 6.71 -75.58
N GLU J 380 32.35 7.10 -76.72
CA GLU J 380 33.58 6.49 -77.16
C GLU J 380 34.78 7.25 -76.60
N TYR J 381 35.67 6.53 -75.89
CA TYR J 381 36.72 7.18 -75.11
C TYR J 381 38.07 6.54 -75.35
N LYS J 382 39.09 7.13 -74.75
CA LYS J 382 40.42 6.61 -74.80
C LYS J 382 40.99 6.61 -73.39
N VAL J 383 42.07 5.88 -73.16
CA VAL J 383 42.56 5.75 -71.78
C VAL J 383 43.96 6.33 -71.59
N GLY J 384 44.14 7.12 -70.54
CA GLY J 384 45.47 7.61 -70.21
C GLY J 384 45.99 7.07 -68.90
N LYS J 385 47.09 6.32 -68.94
CA LYS J 385 47.55 5.66 -67.73
C LYS J 385 49.00 5.98 -67.34
N PHE J 386 49.21 6.48 -66.11
CA PHE J 386 50.57 6.67 -65.56
C PHE J 386 50.74 5.99 -64.17
N PRO J 387 51.58 4.96 -64.05
CA PRO J 387 51.75 4.28 -62.78
C PRO J 387 52.58 5.18 -61.90
N PHE J 388 52.47 5.09 -60.57
CA PHE J 388 53.25 5.95 -59.66
C PHE J 388 54.65 5.44 -59.49
N ALA J 389 54.83 4.14 -59.74
CA ALA J 389 56.12 3.44 -59.70
C ALA J 389 57.08 4.20 -60.52
N ALA J 390 56.57 5.07 -61.39
CA ALA J 390 57.43 5.78 -62.30
C ALA J 390 57.44 7.31 -62.07
N ASN J 391 56.99 7.70 -60.89
CA ASN J 391 56.95 9.09 -60.46
C ASN J 391 58.09 9.45 -59.50
N SER J 392 58.70 10.63 -59.70
CA SER J 392 59.84 11.06 -58.88
C SER J 392 59.57 11.00 -57.37
N ARG J 393 58.66 11.86 -56.90
CA ARG J 393 58.39 11.88 -55.48
C ARG J 393 58.05 10.48 -55.04
N ALA J 394 57.05 9.83 -55.62
CA ALA J 394 56.72 8.44 -55.22
C ALA J 394 57.90 7.51 -55.04
N LYS J 395 58.75 7.38 -56.06
CA LYS J 395 59.98 6.56 -55.92
C LYS J 395 60.97 7.12 -54.90
N THR J 396 61.06 8.43 -54.89
CA THR J 396 61.90 9.12 -53.97
C THR J 396 61.39 8.93 -52.52
N ASN J 397 60.10 8.69 -52.36
CA ASN J 397 59.57 8.52 -51.01
C ASN J 397 59.38 7.06 -50.64
N ALA J 398 59.94 6.16 -51.46
CA ALA J 398 59.87 4.72 -51.26
C ALA J 398 58.43 4.26 -51.07
N ASP J 399 57.56 4.90 -51.85
CA ASP J 399 56.13 4.71 -51.69
C ASP J 399 55.41 4.83 -53.05
N THR J 400 55.24 3.72 -53.73
CA THR J 400 54.93 3.81 -55.15
C THR J 400 53.81 2.88 -55.56
N ASP J 401 52.67 3.02 -54.92
CA ASP J 401 51.60 2.09 -55.16
C ASP J 401 50.62 2.72 -56.10
N GLY J 402 50.07 1.92 -57.01
CA GLY J 402 48.98 2.37 -57.87
C GLY J 402 49.31 3.21 -59.07
N MET J 403 48.32 3.98 -59.51
CA MET J 403 48.41 4.76 -60.76
C MET J 403 47.52 6.01 -60.87
N VAL J 404 47.60 6.68 -62.00
CA VAL J 404 46.58 7.69 -62.36
C VAL J 404 45.97 7.35 -63.70
N LYS J 405 44.64 7.32 -63.77
CA LYS J 405 43.94 6.93 -64.99
C LYS J 405 42.95 7.99 -65.33
N ILE J 406 43.06 8.52 -66.53
CA ILE J 406 42.16 9.59 -66.98
C ILE J 406 41.46 9.06 -68.20
N LEU J 407 40.16 9.34 -68.25
CA LEU J 407 39.30 8.92 -69.35
C LEU J 407 39.02 10.14 -70.19
N GLY J 408 39.43 10.04 -71.44
CA GLY J 408 39.35 11.14 -72.36
C GLY J 408 38.46 10.76 -73.52
N GLN J 409 37.47 11.62 -73.79
CA GLN J 409 36.62 11.52 -74.96
C GLN J 409 37.41 11.54 -76.25
N LYS J 410 37.10 10.60 -77.14
CA LYS J 410 37.94 10.38 -78.31
C LYS J 410 37.91 11.58 -79.23
N SER J 411 36.78 12.25 -79.28
CA SER J 411 36.61 13.34 -80.23
C SER J 411 37.25 14.64 -79.75
N THR J 412 36.81 15.15 -78.60
CA THR J 412 37.27 16.45 -78.09
C THR J 412 38.53 16.44 -77.23
N ASP J 413 39.05 15.24 -76.93
CA ASP J 413 40.15 15.07 -75.98
C ASP J 413 39.78 15.63 -74.59
N ARG J 414 38.50 15.80 -74.34
CA ARG J 414 38.03 16.37 -73.09
C ARG J 414 37.84 15.32 -71.98
N VAL J 415 38.21 15.71 -70.75
CA VAL J 415 38.28 14.83 -69.58
C VAL J 415 36.92 14.35 -69.07
N LEU J 416 36.75 13.06 -68.98
CA LEU J 416 35.41 12.56 -68.69
C LEU J 416 35.38 12.07 -67.27
N GLY J 417 36.51 11.44 -66.90
CA GLY J 417 36.77 10.88 -65.58
C GLY J 417 38.23 10.76 -65.16
N ALA J 418 38.52 11.09 -63.90
CA ALA J 418 39.86 10.91 -63.34
C ALA J 418 39.82 10.07 -62.09
N HIS J 419 40.73 9.10 -62.09
CA HIS J 419 40.78 8.14 -61.05
C HIS J 419 42.19 8.02 -60.56
N ILE J 420 42.37 8.35 -59.29
CA ILE J 420 43.68 8.30 -58.66
C ILE J 420 43.67 7.25 -57.60
N LEU J 421 44.69 6.39 -57.61
CA LEU J 421 44.90 5.42 -56.55
C LEU J 421 46.37 5.39 -56.18
N GLY J 422 46.68 5.87 -54.97
CA GLY J 422 48.05 5.82 -54.48
C GLY J 422 48.34 6.91 -53.46
N PRO J 423 49.61 7.22 -53.25
CA PRO J 423 50.03 8.25 -52.30
C PRO J 423 49.41 9.60 -52.64
N GLY J 424 48.85 10.23 -51.61
CA GLY J 424 48.38 11.61 -51.74
C GLY J 424 47.36 11.85 -52.84
N ALA J 425 46.46 10.89 -52.99
CA ALA J 425 45.48 10.90 -54.05
C ALA J 425 44.20 11.52 -53.56
N GLY J 426 44.20 11.95 -52.31
CA GLY J 426 43.11 12.75 -51.80
C GLY J 426 43.29 14.23 -52.16
N GLU J 427 44.53 14.71 -52.16
CA GLU J 427 44.70 16.12 -52.50
C GLU J 427 44.70 16.34 -54.01
N MET J 428 45.13 15.33 -54.75
CA MET J 428 45.26 15.47 -56.20
C MET J 428 43.88 15.67 -56.85
N VAL J 429 42.95 14.77 -56.48
CA VAL J 429 41.59 14.80 -56.97
C VAL J 429 41.01 16.20 -56.99
N ASN J 430 41.43 17.08 -56.07
CA ASN J 430 40.99 18.49 -56.11
C ASN J 430 41.40 19.25 -57.39
N GLU J 431 42.60 18.93 -57.88
CA GLU J 431 43.07 19.48 -59.12
C GLU J 431 42.25 18.90 -60.26
N ALA J 432 42.01 17.60 -60.25
CA ALA J 432 41.18 17.10 -61.32
C ALA J 432 39.81 17.80 -61.20
N ALA J 433 39.31 17.91 -59.98
CA ALA J 433 38.00 18.51 -59.79
C ALA J 433 37.98 19.86 -60.44
N LEU J 434 39.02 20.63 -60.19
CA LEU J 434 39.12 21.97 -60.76
C LEU J 434 39.08 21.92 -62.27
N ALA J 435 39.86 21.02 -62.87
CA ALA J 435 39.87 20.85 -64.31
C ALA J 435 38.46 20.50 -64.82
N LEU J 436 37.86 19.48 -64.25
CA LEU J 436 36.50 19.15 -64.62
C LEU J 436 35.59 20.38 -64.75
N GLU J 437 35.58 21.29 -63.77
CA GLU J 437 34.65 22.41 -63.80
C GLU J 437 34.93 23.40 -64.93
N TYR J 438 36.09 23.24 -65.57
CA TYR J 438 36.57 24.16 -66.60
C TYR J 438 36.41 23.43 -67.92
N GLY J 439 36.04 22.17 -67.84
CA GLY J 439 35.86 21.36 -69.03
C GLY J 439 37.18 20.92 -69.63
N ALA J 440 38.26 21.50 -69.13
CA ALA J 440 39.60 21.25 -69.62
C ALA J 440 39.71 19.92 -70.31
N SER J 441 40.61 19.83 -71.28
CA SER J 441 40.82 18.56 -71.95
C SER J 441 42.13 17.96 -71.48
N CYS J 442 42.34 16.69 -71.78
CA CYS J 442 43.64 16.08 -71.54
C CYS J 442 44.80 17.02 -71.81
N GLU J 443 44.83 17.62 -73.00
CA GLU J 443 46.00 18.41 -73.39
C GLU J 443 46.10 19.72 -72.61
N ASP J 444 44.98 20.31 -72.25
CA ASP J 444 44.93 21.48 -71.39
C ASP J 444 45.79 21.31 -70.16
N ILE J 445 45.65 20.15 -69.52
CA ILE J 445 46.40 19.89 -68.32
C ILE J 445 47.84 19.51 -68.64
N ALA J 446 48.04 18.63 -69.62
CA ALA J 446 49.38 18.23 -70.06
C ALA J 446 50.25 19.47 -70.36
N ARG J 447 49.58 20.60 -70.51
CA ARG J 447 50.25 21.82 -70.97
C ARG J 447 50.65 22.72 -69.81
N VAL J 448 50.16 22.40 -68.60
CA VAL J 448 50.46 23.12 -67.34
C VAL J 448 51.84 22.81 -66.81
N CYS J 449 52.46 23.78 -66.14
CA CYS J 449 53.75 23.53 -65.52
C CYS J 449 53.62 22.87 -64.15
N HIS J 450 54.12 21.65 -64.03
CA HIS J 450 54.00 20.96 -62.75
C HIS J 450 55.30 20.85 -61.95
N ALA J 451 55.31 21.49 -60.79
CA ALA J 451 56.46 21.54 -59.94
C ALA J 451 56.99 20.13 -59.92
N HIS J 452 58.31 20.01 -60.05
CA HIS J 452 59.00 18.73 -60.05
C HIS J 452 59.91 18.75 -58.85
N PRO J 453 59.97 17.66 -58.08
CA PRO J 453 59.09 16.51 -58.25
C PRO J 453 57.92 16.62 -57.29
N THR J 454 56.75 16.22 -57.77
CA THR J 454 55.52 16.20 -56.96
C THR J 454 54.66 15.07 -57.46
N LEU J 455 53.73 14.62 -56.64
CA LEU J 455 52.92 13.51 -57.08
C LEU J 455 51.96 14.01 -58.16
N SER J 456 51.81 15.32 -58.27
CA SER J 456 50.83 15.85 -59.20
C SER J 456 51.34 15.80 -60.62
N GLU J 457 52.53 15.22 -60.75
CA GLU J 457 53.12 14.97 -62.04
C GLU J 457 52.59 13.71 -62.64
N ALA J 458 52.22 12.76 -61.80
CA ALA J 458 51.67 11.54 -62.30
C ALA J 458 50.38 11.90 -63.06
N PHE J 459 49.76 12.97 -62.63
CA PHE J 459 48.47 13.37 -63.17
C PHE J 459 48.55 14.01 -64.58
N ARG J 460 49.44 14.98 -64.75
CA ARG J 460 49.74 15.60 -66.03
C ARG J 460 50.12 14.57 -67.10
N GLU J 461 50.99 13.62 -66.72
CA GLU J 461 51.52 12.60 -67.64
C GLU J 461 50.50 11.48 -67.88
N ALA J 462 49.46 11.47 -67.09
CA ALA J 462 48.36 10.59 -67.43
C ALA J 462 47.61 11.34 -68.52
N ASN J 463 47.35 12.61 -68.28
CA ASN J 463 46.70 13.43 -69.27
C ASN J 463 47.42 13.53 -70.60
N LEU J 464 48.74 13.47 -70.56
CA LEU J 464 49.47 13.44 -71.81
C LEU J 464 49.22 12.10 -72.54
N ALA J 465 49.16 10.99 -71.79
CA ALA J 465 49.02 9.62 -72.35
C ALA J 465 47.64 9.46 -72.98
N ALA J 466 46.66 10.12 -72.40
CA ALA J 466 45.38 10.21 -73.02
C ALA J 466 45.44 11.13 -74.23
N SER J 467 46.09 12.30 -74.11
CA SER J 467 46.11 13.32 -75.18
C SER J 467 46.95 12.92 -76.38
N PHE J 468 48.25 13.20 -76.33
CA PHE J 468 49.26 12.65 -77.26
C PHE J 468 49.24 11.11 -77.17
N GLY J 469 50.02 10.42 -78.00
CA GLY J 469 50.05 8.95 -77.95
C GLY J 469 50.42 8.26 -76.63
N LYS J 470 51.33 8.86 -75.85
CA LYS J 470 51.95 8.26 -74.65
C LYS J 470 52.59 9.37 -73.79
N SER J 471 53.34 9.02 -72.73
CA SER J 471 53.98 10.07 -71.89
C SER J 471 55.51 10.13 -72.04
N ILE J 472 56.14 11.10 -71.37
CA ILE J 472 57.61 11.22 -71.33
C ILE J 472 58.28 10.13 -70.47
N ASN J 473 57.71 9.82 -69.31
CA ASN J 473 58.41 8.98 -68.34
C ASN J 473 57.94 7.54 -68.31
N PHE J 474 56.90 7.28 -69.09
CA PHE J 474 56.41 5.95 -69.24
C PHE J 474 55.99 5.73 -70.70
N ARG K 130 30.47 -1.73 -0.10
CA ARG K 130 30.47 -0.31 -0.57
C ARG K 130 31.89 0.12 -0.95
N LEU K 131 32.58 0.82 -0.04
CA LEU K 131 33.89 1.39 -0.36
C LEU K 131 34.86 0.27 -0.78
N SER K 132 36.08 0.62 -1.17
CA SER K 132 37.12 -0.39 -1.50
C SER K 132 38.35 -0.10 -0.71
N PRO K 133 39.02 -1.13 -0.22
CA PRO K 133 40.11 -0.88 0.71
C PRO K 133 40.77 0.48 0.36
N ALA K 134 40.92 0.79 -0.93
CA ALA K 134 41.49 2.08 -1.35
C ALA K 134 40.56 3.27 -1.16
N ALA K 135 39.37 3.20 -1.74
CA ALA K 135 38.42 4.30 -1.70
C ALA K 135 38.09 4.88 -0.30
N ARG K 136 37.92 4.03 0.71
CA ARG K 136 37.77 4.54 2.08
C ARG K 136 39.15 4.87 2.66
N ASN K 137 40.13 4.86 1.77
CA ASN K 137 41.49 5.30 2.09
C ASN K 137 41.85 6.62 1.40
N ILE K 138 41.31 6.83 0.20
CA ILE K 138 41.59 8.06 -0.55
C ILE K 138 40.58 9.18 -0.28
N LEU K 139 39.36 8.81 0.08
CA LEU K 139 38.31 9.78 0.29
C LEU K 139 38.29 10.19 1.77
N GLU K 140 38.42 9.20 2.65
CA GLU K 140 38.59 9.42 4.09
C GLU K 140 39.60 10.54 4.40
N LYS K 141 40.61 10.68 3.54
CA LYS K 141 41.67 11.69 3.67
C LYS K 141 41.17 13.09 3.31
N HIS K 142 40.50 13.19 2.16
CA HIS K 142 39.98 14.47 1.69
C HIS K 142 38.59 14.69 2.28
N SER K 143 38.44 14.38 3.57
CA SER K 143 37.13 14.40 4.20
C SER K 143 36.05 14.45 3.13
N LEU K 144 35.70 13.28 2.59
CA LEU K 144 34.64 13.17 1.58
C LEU K 144 33.85 11.87 1.70
N ASP K 145 32.55 11.91 1.36
CA ASP K 145 31.70 10.72 1.41
C ASP K 145 31.30 10.20 0.01
N ALA K 146 31.34 8.90 -0.16
CA ALA K 146 30.99 8.30 -1.45
C ALA K 146 29.58 8.66 -1.90
N SER K 147 28.73 9.05 -0.94
CA SER K 147 27.37 9.44 -1.27
C SER K 147 27.41 10.60 -2.26
N GLN K 148 28.54 11.32 -2.29
CA GLN K 148 28.66 12.48 -3.16
C GLN K 148 28.91 12.12 -4.63
N GLY K 149 29.65 11.04 -4.89
CA GLY K 149 29.92 10.59 -6.26
C GLY K 149 29.15 9.35 -6.71
N THR K 150 29.46 8.85 -7.91
CA THR K 150 28.78 7.67 -8.46
C THR K 150 29.57 6.40 -8.27
N ALA K 151 28.86 5.27 -8.14
CA ALA K 151 29.47 3.98 -7.77
C ALA K 151 29.58 2.98 -8.94
N THR K 152 30.79 2.80 -9.44
CA THR K 152 31.06 1.95 -10.60
C THR K 152 31.85 0.73 -10.20
N GLY K 153 31.46 -0.43 -10.70
CA GLY K 153 32.23 -1.63 -10.47
C GLY K 153 31.42 -2.79 -9.97
N PRO K 154 32.00 -3.98 -10.12
CA PRO K 154 31.35 -5.24 -9.71
C PRO K 154 30.12 -5.14 -8.78
N ARG K 155 30.18 -5.60 -7.52
CA ARG K 155 28.97 -5.70 -6.70
C ARG K 155 28.51 -4.36 -6.12
N GLY K 156 28.63 -3.31 -6.92
CA GLY K 156 28.23 -1.98 -6.49
C GLY K 156 29.17 -1.47 -5.40
N ILE K 157 30.44 -1.30 -5.78
CA ILE K 157 31.48 -0.87 -4.85
C ILE K 157 32.07 0.46 -5.30
N PHE K 158 32.23 1.37 -4.35
CA PHE K 158 32.85 2.67 -4.63
C PHE K 158 34.33 2.47 -4.91
N THR K 159 34.66 2.30 -6.19
CA THR K 159 36.00 1.90 -6.59
C THR K 159 37.02 3.04 -6.46
N LYS K 160 38.30 2.67 -6.30
CA LYS K 160 39.39 3.66 -6.18
C LYS K 160 39.31 4.62 -7.36
N GLU K 161 39.05 4.04 -8.53
CA GLU K 161 38.76 4.77 -9.76
C GLU K 161 37.63 5.80 -9.56
N ASP K 162 36.64 5.47 -8.74
CA ASP K 162 35.51 6.36 -8.44
C ASP K 162 35.89 7.30 -7.31
N ALA K 163 36.82 6.83 -6.47
CA ALA K 163 37.40 7.62 -5.39
C ALA K 163 38.42 8.62 -5.94
N LEU K 164 38.94 8.35 -7.13
CA LEU K 164 39.77 9.30 -7.87
C LEU K 164 38.91 10.41 -8.51
N LYS K 165 37.93 10.02 -9.32
CA LYS K 165 37.07 10.97 -10.04
C LYS K 165 36.54 12.09 -9.12
N LEU K 166 36.17 11.72 -7.90
CA LEU K 166 35.74 12.67 -6.89
C LEU K 166 36.82 13.68 -6.50
N VAL K 167 38.08 13.27 -6.52
CA VAL K 167 39.19 14.19 -6.30
C VAL K 167 39.46 15.05 -7.56
N GLN K 168 38.90 14.63 -8.69
CA GLN K 168 39.06 15.39 -9.92
C GLN K 168 37.91 16.35 -10.05
N LEU K 169 36.86 16.12 -9.25
CA LEU K 169 35.69 17.01 -9.26
C LEU K 169 35.98 18.29 -8.47
N LYS K 170 36.79 18.18 -7.41
CA LYS K 170 37.14 19.35 -6.60
C LYS K 170 38.43 19.98 -7.09
N GLN K 171 39.56 19.39 -6.67
CA GLN K 171 40.89 19.87 -7.05
C GLN K 171 40.94 20.43 -8.48
N ARG L 130 -87.80 10.05 43.33
CA ARG L 130 -88.94 10.87 43.88
C ARG L 130 -88.57 12.25 44.43
N LEU L 131 -87.29 12.61 44.37
CA LEU L 131 -86.79 13.77 45.08
C LEU L 131 -85.52 14.31 44.39
N SER L 132 -85.41 15.63 44.22
CA SER L 132 -84.30 16.19 43.43
C SER L 132 -83.14 16.78 44.26
N PRO L 133 -81.90 16.43 43.93
CA PRO L 133 -80.80 16.96 44.71
C PRO L 133 -81.09 18.45 45.03
N ALA L 134 -81.57 19.20 44.05
CA ALA L 134 -81.81 20.62 44.27
C ALA L 134 -83.19 20.90 44.85
N ALA L 135 -84.15 20.10 44.44
CA ALA L 135 -85.48 20.00 45.06
C ALA L 135 -85.38 19.97 46.58
N ARG L 136 -84.67 18.99 47.15
CA ARG L 136 -84.56 18.89 48.61
C ARG L 136 -83.79 20.08 49.22
N ASN L 137 -82.71 20.50 48.60
CA ASN L 137 -81.91 21.56 49.20
C ASN L 137 -82.68 22.88 49.38
N ILE L 138 -83.34 23.37 48.32
CA ILE L 138 -84.17 24.58 48.43
C ILE L 138 -85.31 24.41 49.45
N LEU L 139 -85.73 23.15 49.59
CA LEU L 139 -86.67 22.75 50.64
C LEU L 139 -86.06 22.92 52.03
N GLU L 140 -85.14 22.04 52.44
CA GLU L 140 -84.51 22.18 53.77
C GLU L 140 -84.17 23.62 54.06
N LYS L 141 -83.75 24.33 53.00
CA LYS L 141 -83.40 25.76 53.03
C LYS L 141 -84.46 26.63 53.72
N HIS L 142 -85.73 26.47 53.31
CA HIS L 142 -86.87 27.15 53.95
C HIS L 142 -87.83 26.22 54.76
N SER L 143 -87.27 25.37 55.62
CA SER L 143 -88.05 24.50 56.52
C SER L 143 -89.39 24.10 55.95
N LEU L 144 -89.41 23.51 54.76
CA LEU L 144 -90.69 23.01 54.26
C LEU L 144 -90.66 21.53 53.90
N ASP L 145 -91.84 20.98 53.64
CA ASP L 145 -92.04 19.57 53.32
C ASP L 145 -92.60 19.38 51.91
N ALA L 146 -92.34 18.20 51.35
CA ALA L 146 -92.77 17.84 49.99
C ALA L 146 -94.28 17.60 49.83
N SER L 147 -94.90 17.06 50.89
CA SER L 147 -96.32 16.67 50.89
C SER L 147 -97.26 17.84 50.56
N GLN L 148 -96.79 19.08 50.72
CA GLN L 148 -97.56 20.29 50.42
C GLN L 148 -98.24 20.27 49.04
N GLY L 149 -97.61 20.90 48.05
CA GLY L 149 -98.07 20.82 46.67
C GLY L 149 -97.52 19.58 45.98
N THR L 150 -97.46 19.57 44.65
CA THR L 150 -96.90 18.44 43.91
C THR L 150 -96.36 18.80 42.52
N ALA L 151 -95.42 18.00 42.01
CA ALA L 151 -94.78 18.28 40.71
C ALA L 151 -95.27 17.46 39.51
N THR L 152 -94.97 17.95 38.31
CA THR L 152 -95.21 17.24 37.06
C THR L 152 -93.88 16.71 36.51
N GLY L 153 -92.91 16.48 37.38
CA GLY L 153 -91.56 16.11 36.95
C GLY L 153 -91.41 14.70 36.41
N PRO L 154 -90.69 14.56 35.31
CA PRO L 154 -90.64 13.30 34.55
C PRO L 154 -91.17 12.01 35.22
N ARG L 155 -90.26 11.24 35.85
CA ARG L 155 -90.62 9.99 36.52
C ARG L 155 -91.15 10.27 37.91
N GLY L 156 -92.03 11.26 38.00
CA GLY L 156 -92.63 11.58 39.27
C GLY L 156 -91.57 12.19 40.16
N ILE L 157 -90.95 13.24 39.66
CA ILE L 157 -89.98 13.94 40.49
C ILE L 157 -90.34 15.40 40.75
N PHE L 158 -90.00 15.84 41.96
CA PHE L 158 -90.19 17.22 42.41
C PHE L 158 -89.03 18.07 41.86
N THR L 159 -89.08 18.47 40.59
CA THR L 159 -87.95 19.20 40.03
C THR L 159 -87.69 20.49 40.79
N LYS L 160 -86.46 20.99 40.70
CA LYS L 160 -86.13 22.30 41.23
C LYS L 160 -87.36 23.16 40.96
N GLU L 161 -87.76 23.16 39.68
CA GLU L 161 -88.95 23.87 39.16
C GLU L 161 -90.15 23.86 40.11
N ASP L 162 -90.74 22.68 40.28
CA ASP L 162 -91.97 22.51 41.06
C ASP L 162 -91.62 22.59 42.55
N ALA L 163 -90.33 22.77 42.83
CA ALA L 163 -89.89 22.94 44.21
C ALA L 163 -89.56 24.40 44.54
N LEU L 164 -89.28 25.19 43.50
CA LEU L 164 -89.31 26.64 43.63
C LEU L 164 -90.76 27.09 43.83
N LYS L 165 -91.60 26.81 42.82
CA LYS L 165 -93.05 27.05 42.89
C LYS L 165 -93.55 27.05 44.33
N LEU L 166 -93.53 25.88 44.97
CA LEU L 166 -93.86 25.83 46.41
C LEU L 166 -93.24 26.99 47.18
N VAL L 167 -91.91 27.03 47.27
CA VAL L 167 -91.24 28.14 47.96
C VAL L 167 -91.88 29.48 47.58
N GLN L 168 -92.21 29.64 46.31
CA GLN L 168 -92.83 30.87 45.85
C GLN L 168 -94.22 31.09 46.48
N LEU L 169 -95.11 30.10 46.36
CA LEU L 169 -96.46 30.23 46.96
C LEU L 169 -96.40 30.78 48.39
N LYS L 170 -96.06 29.93 49.36
CA LYS L 170 -96.13 30.30 50.78
C LYS L 170 -95.27 31.50 51.16
N GLN L 171 -94.21 31.75 50.40
CA GLN L 171 -93.34 32.91 50.65
C GLN L 171 -94.12 34.23 50.58
N ARG M 130 -19.62 14.47 47.31
CA ARG M 130 -20.01 15.22 48.56
C ARG M 130 -19.25 14.77 49.83
N LEU M 131 -19.12 13.48 50.05
CA LEU M 131 -18.49 13.02 51.30
C LEU M 131 -17.23 12.22 50.96
N SER M 132 -16.30 12.11 51.91
CA SER M 132 -15.12 11.27 51.72
C SER M 132 -15.23 9.95 52.47
N PRO M 133 -14.71 8.89 51.89
CA PRO M 133 -14.79 7.58 52.50
C PRO M 133 -14.60 7.72 54.01
N ALA M 134 -13.71 8.65 54.40
CA ALA M 134 -13.25 8.74 55.79
C ALA M 134 -14.08 9.73 56.58
N ALA M 135 -14.46 10.80 55.87
CA ALA M 135 -15.26 11.87 56.41
C ALA M 135 -16.70 11.40 56.56
N ARG M 136 -17.25 10.81 55.50
CA ARG M 136 -18.56 10.15 55.68
C ARG M 136 -18.51 9.04 56.75
N ASN M 137 -17.33 8.43 56.93
CA ASN M 137 -17.11 7.43 57.99
C ASN M 137 -17.00 8.07 59.37
N ILE M 138 -16.40 9.26 59.42
CA ILE M 138 -16.15 9.91 60.70
C ILE M 138 -17.40 10.48 61.34
N LEU M 139 -18.39 10.88 60.53
CA LEU M 139 -19.67 11.36 61.03
C LEU M 139 -20.51 10.24 61.63
N GLU M 140 -20.72 9.17 60.88
CA GLU M 140 -21.54 8.04 61.33
C GLU M 140 -21.18 7.56 62.77
N LYS M 141 -19.89 7.30 63.00
CA LYS M 141 -19.44 6.87 64.30
C LYS M 141 -19.99 7.82 65.34
N HIS M 142 -20.12 9.09 64.97
CA HIS M 142 -20.43 10.13 65.95
C HIS M 142 -21.85 10.71 65.77
N SER M 143 -22.76 9.89 65.22
CA SER M 143 -24.16 10.30 65.02
C SER M 143 -24.30 11.82 64.75
N LEU M 144 -24.29 12.18 63.47
CA LEU M 144 -24.18 13.57 63.10
C LEU M 144 -24.63 13.82 61.66
N ASP M 145 -24.37 15.04 61.18
CA ASP M 145 -24.74 15.52 59.87
C ASP M 145 -23.82 16.68 59.45
N ALA M 146 -23.37 16.65 58.20
CA ALA M 146 -22.61 17.75 57.61
C ALA M 146 -23.53 18.93 57.33
N SER M 147 -24.81 18.65 57.10
CA SER M 147 -25.82 19.71 56.94
C SER M 147 -25.70 20.67 58.11
N GLN M 148 -25.00 20.24 59.13
CA GLN M 148 -24.68 21.09 60.27
C GLN M 148 -23.20 21.51 60.25
N GLY M 149 -22.55 21.34 59.10
CA GLY M 149 -21.15 21.71 58.96
C GLY M 149 -20.85 22.45 57.65
N THR M 150 -19.61 22.92 57.51
CA THR M 150 -19.11 23.48 56.26
C THR M 150 -18.26 22.45 55.57
N ALA M 151 -18.05 22.60 54.26
CA ALA M 151 -17.16 21.70 53.53
C ALA M 151 -16.05 22.42 52.71
N THR M 152 -14.81 22.31 53.17
CA THR M 152 -13.72 22.93 52.45
C THR M 152 -12.86 21.92 51.68
N GLY M 153 -13.50 21.13 50.82
CA GLY M 153 -12.76 20.18 50.01
C GLY M 153 -12.61 20.64 48.58
N PRO M 154 -11.49 20.31 47.94
CA PRO M 154 -11.29 20.68 46.54
C PRO M 154 -12.61 20.72 45.76
N ARG M 155 -12.88 19.67 44.98
CA ARG M 155 -14.07 19.67 44.16
C ARG M 155 -15.22 20.31 44.91
N GLY M 156 -15.14 20.32 46.24
CA GLY M 156 -16.25 20.76 47.06
C GLY M 156 -16.78 19.64 47.97
N ILE M 157 -16.18 18.47 47.88
CA ILE M 157 -16.48 17.41 48.82
C ILE M 157 -16.28 17.91 50.24
N PHE M 158 -16.69 17.09 51.19
CA PHE M 158 -16.57 17.42 52.60
C PHE M 158 -15.34 16.66 53.12
N THR M 159 -14.25 17.40 53.30
CA THR M 159 -12.95 16.86 53.67
C THR M 159 -12.96 15.95 54.92
N LYS M 160 -11.89 15.17 55.12
CA LYS M 160 -11.71 14.39 56.35
C LYS M 160 -11.53 15.35 57.50
N GLU M 161 -10.79 16.43 57.23
CA GLU M 161 -10.52 17.51 58.19
C GLU M 161 -11.75 18.41 58.44
N ASP M 162 -12.74 18.31 57.56
CA ASP M 162 -14.04 18.95 57.78
C ASP M 162 -14.84 18.15 58.77
N ALA M 163 -14.56 16.87 58.85
CA ALA M 163 -15.32 16.02 59.74
C ALA M 163 -14.77 16.21 61.13
N LEU M 164 -13.45 16.29 61.21
CA LEU M 164 -12.79 16.37 62.51
C LEU M 164 -13.07 17.73 63.13
N LYS M 165 -13.35 18.72 62.28
CA LYS M 165 -13.66 20.07 62.76
C LYS M 165 -15.03 20.11 63.44
N LEU M 166 -15.88 19.16 63.02
CA LEU M 166 -17.24 19.07 63.50
C LEU M 166 -17.27 18.21 64.73
N VAL M 167 -16.36 17.23 64.77
CA VAL M 167 -16.14 16.42 65.97
C VAL M 167 -15.77 17.27 67.21
N GLN M 168 -15.17 18.43 66.97
CA GLN M 168 -14.72 19.30 68.04
C GLN M 168 -15.84 20.25 68.46
N LEU M 169 -16.31 21.11 67.53
CA LEU M 169 -17.52 21.89 67.77
C LEU M 169 -18.56 20.98 68.44
N LYS M 170 -18.60 19.71 68.04
CA LYS M 170 -19.58 18.76 68.57
C LYS M 170 -19.71 18.87 70.07
N GLN M 171 -18.65 18.49 70.79
CA GLN M 171 -18.69 18.49 72.27
C GLN M 171 -18.38 19.87 72.83
N THR M 172 -18.53 20.08 74.15
CA THR M 172 -18.27 21.38 74.72
C THR M 172 -18.07 22.34 73.50
N ARG N 130 -49.47 -8.77 -11.86
CA ARG N 130 -50.65 -9.64 -12.14
C ARG N 130 -50.72 -9.89 -13.62
N LEU N 131 -50.94 -8.82 -14.37
CA LEU N 131 -50.91 -8.89 -15.81
C LEU N 131 -49.51 -8.42 -16.23
N SER N 132 -49.25 -8.37 -17.54
CA SER N 132 -47.92 -8.04 -18.05
C SER N 132 -47.98 -6.69 -18.70
N PRO N 133 -46.88 -5.96 -18.77
CA PRO N 133 -46.94 -4.60 -19.34
C PRO N 133 -47.70 -4.57 -20.70
N ALA N 134 -47.56 -5.61 -21.51
CA ALA N 134 -48.39 -5.70 -22.70
C ALA N 134 -49.87 -5.87 -22.38
N ALA N 135 -50.24 -6.85 -21.57
CA ALA N 135 -51.65 -7.14 -21.39
C ALA N 135 -52.28 -6.04 -20.54
N ARG N 136 -51.53 -5.50 -19.59
CA ARG N 136 -52.10 -4.41 -18.80
C ARG N 136 -52.67 -3.41 -19.80
N ASN N 137 -52.03 -3.35 -20.97
CA ASN N 137 -52.42 -2.43 -22.04
C ASN N 137 -53.58 -2.95 -22.86
N ILE N 138 -53.26 -3.81 -23.82
CA ILE N 138 -54.25 -4.57 -24.57
C ILE N 138 -55.66 -4.50 -23.93
N LEU N 139 -55.78 -5.09 -22.74
CA LEU N 139 -57.05 -5.15 -22.01
C LEU N 139 -57.73 -3.78 -21.81
N GLU N 140 -56.97 -2.84 -21.27
CA GLU N 140 -57.37 -1.46 -21.15
C GLU N 140 -57.86 -0.98 -22.51
N LYS N 141 -57.02 -1.17 -23.54
CA LYS N 141 -57.26 -0.70 -24.91
C LYS N 141 -58.53 -1.32 -25.48
N HIS N 142 -59.12 -2.23 -24.74
CA HIS N 142 -60.38 -2.82 -25.16
C HIS N 142 -61.46 -2.71 -24.07
N SER N 143 -61.18 -1.88 -23.07
CA SER N 143 -62.13 -1.57 -22.00
C SER N 143 -62.47 -2.79 -21.14
N LEU N 144 -61.94 -3.96 -21.49
CA LEU N 144 -62.22 -5.18 -20.73
C LEU N 144 -61.50 -5.16 -19.39
N ASP N 145 -61.56 -6.27 -18.66
CA ASP N 145 -60.82 -6.34 -17.40
C ASP N 145 -60.20 -7.70 -17.19
N ALA N 146 -58.99 -7.71 -16.63
CA ALA N 146 -58.29 -8.96 -16.32
C ALA N 146 -59.22 -9.96 -15.64
N SER N 147 -60.25 -9.45 -14.96
CA SER N 147 -61.14 -10.27 -14.15
C SER N 147 -61.76 -11.47 -14.87
N GLN N 148 -62.07 -11.33 -16.16
CA GLN N 148 -62.81 -12.38 -16.87
C GLN N 148 -62.01 -13.66 -17.17
N GLY N 149 -61.49 -13.78 -18.40
CA GLY N 149 -60.76 -14.96 -18.84
C GLY N 149 -59.97 -15.72 -17.79
N THR N 150 -59.06 -16.59 -18.26
CA THR N 150 -58.22 -17.43 -17.40
C THR N 150 -56.76 -17.02 -17.54
N ALA N 151 -55.99 -17.15 -16.45
CA ALA N 151 -54.61 -16.65 -16.43
C ALA N 151 -53.52 -17.73 -16.59
N THR N 152 -52.88 -17.71 -17.75
CA THR N 152 -51.77 -18.61 -18.07
C THR N 152 -50.44 -17.89 -17.90
N GLY N 153 -49.36 -18.58 -18.22
CA GLY N 153 -48.04 -17.96 -18.20
C GLY N 153 -47.23 -18.42 -17.02
N PRO N 154 -45.90 -18.53 -17.17
CA PRO N 154 -45.06 -19.09 -16.10
C PRO N 154 -45.63 -18.65 -14.74
N ARG N 155 -44.93 -17.81 -13.97
CA ARG N 155 -45.51 -17.26 -12.74
C ARG N 155 -46.91 -16.73 -13.06
N GLY N 156 -47.91 -17.15 -12.28
CA GLY N 156 -49.30 -16.81 -12.54
C GLY N 156 -49.64 -15.36 -12.91
N ILE N 157 -49.14 -14.89 -14.05
CA ILE N 157 -49.51 -13.58 -14.59
C ILE N 157 -50.59 -13.73 -15.66
N PHE N 158 -51.26 -12.62 -16.00
CA PHE N 158 -52.10 -12.58 -17.19
C PHE N 158 -51.25 -12.27 -18.44
N THR N 159 -50.92 -13.35 -19.12
CA THR N 159 -50.08 -13.37 -20.29
C THR N 159 -50.69 -12.53 -21.44
N LYS N 160 -49.82 -11.87 -22.19
CA LYS N 160 -50.25 -11.10 -23.33
C LYS N 160 -51.02 -12.11 -24.20
N GLU N 161 -50.62 -13.37 -24.06
CA GLU N 161 -51.23 -14.48 -24.82
C GLU N 161 -52.67 -14.82 -24.33
N ASP N 162 -52.95 -14.53 -23.05
CA ASP N 162 -54.30 -14.65 -22.47
C ASP N 162 -55.07 -13.37 -22.67
N ALA N 163 -54.33 -12.26 -22.78
CA ALA N 163 -54.90 -10.94 -23.11
C ALA N 163 -55.59 -10.98 -24.48
N LEU N 164 -54.84 -11.36 -25.50
CA LEU N 164 -55.41 -11.40 -26.83
C LEU N 164 -56.51 -12.46 -27.04
N LYS N 165 -56.46 -13.60 -26.35
CA LYS N 165 -57.57 -14.60 -26.44
C LYS N 165 -58.86 -14.08 -25.79
N LEU N 166 -58.71 -13.32 -24.71
CA LEU N 166 -59.82 -12.58 -24.16
C LEU N 166 -60.32 -11.60 -25.22
N VAL N 167 -59.40 -10.86 -25.84
CA VAL N 167 -59.71 -9.92 -26.92
C VAL N 167 -60.32 -10.64 -28.12
N GLN N 168 -59.56 -11.57 -28.71
CA GLN N 168 -60.09 -12.39 -29.80
C GLN N 168 -61.59 -12.56 -29.58
N LEU N 169 -61.92 -13.34 -28.55
CA LEU N 169 -63.29 -13.67 -28.16
C LEU N 169 -64.40 -12.70 -28.65
N LYS N 170 -64.59 -11.59 -27.93
CA LYS N 170 -65.65 -10.62 -28.27
C LYS N 170 -65.67 -10.18 -29.76
N GLN N 171 -64.71 -9.36 -30.17
CA GLN N 171 -64.57 -9.02 -31.60
C GLN N 171 -64.65 -7.52 -31.89
PA FAD P . 35.96 -34.92 -18.86
O1A FAD P . 36.67 -35.08 -17.59
O2A FAD P . 36.78 -35.28 -20.07
O5B FAD P . 34.72 -35.90 -18.77
C5B FAD P . 33.98 -36.31 -19.91
C4B FAD P . 33.28 -37.57 -19.43
O4B FAD P . 32.28 -38.00 -20.33
C3B FAD P . 34.17 -38.77 -19.27
O3B FAD P . 33.67 -39.27 -18.05
C2B FAD P . 33.83 -39.66 -20.48
O2B FAD P . 33.85 -41.02 -20.27
C1B FAD P . 32.38 -39.37 -20.60
N9A FAD P . 31.83 -39.46 -21.95
C8A FAD P . 32.29 -38.91 -23.13
N7A FAD P . 31.42 -39.15 -24.11
C5A FAD P . 30.42 -39.82 -23.55
C6A FAD P . 29.28 -40.30 -24.05
N6A FAD P . 29.04 -40.11 -25.32
N1A FAD P . 28.41 -40.95 -23.20
C2A FAD P . 28.64 -41.13 -21.84
N3A FAD P . 29.78 -40.64 -21.34
C4A FAD P . 30.63 -40.00 -22.18
N1 FAD P . 42.70 -29.39 -15.13
C2 FAD P . 42.84 -28.47 -14.13
O2 FAD P . 42.04 -27.56 -13.98
N3 FAD P . 43.89 -28.57 -13.28
C4 FAD P . 44.79 -29.60 -13.42
O4 FAD P . 45.66 -29.72 -12.56
C4X FAD P . 44.67 -30.54 -14.44
N5 FAD P . 45.57 -31.57 -14.57
C5X FAD P . 45.44 -32.50 -15.57
C6 FAD P . 46.35 -33.52 -15.69
C7 FAD P . 46.20 -34.46 -16.69
C7M FAD P . 47.20 -35.53 -16.91
C8 FAD P . 45.15 -34.39 -17.56
C8M FAD P . 44.74 -35.65 -18.26
C9 FAD P . 44.24 -33.34 -17.44
C9A FAD P . 44.36 -32.39 -16.45
N10 FAD P . 43.43 -31.34 -16.31
C10 FAD P . 43.59 -30.43 -15.30
C1' FAD P . 42.36 -31.09 -17.34
C2' FAD P . 41.00 -31.37 -16.75
O2' FAD P . 40.86 -32.74 -16.53
C3' FAD P . 39.87 -31.04 -17.69
O3' FAD P . 39.72 -29.66 -17.77
C4' FAD P . 38.57 -31.69 -17.21
O4' FAD P . 38.81 -33.05 -17.06
C5' FAD P . 37.42 -31.50 -18.20
O5' FAD P . 36.27 -31.91 -17.51
P FAD P . 35.00 -32.20 -18.37
O1P FAD P . 33.82 -32.30 -17.48
O2P FAD P . 35.00 -31.18 -19.48
O3P FAD P . 35.36 -33.51 -19.18
PA FAD Q . -55.34 17.79 53.46
O1A FAD Q . -55.05 17.61 52.03
O2A FAD Q . -54.62 16.81 54.36
O5B FAD Q . -54.88 19.25 53.82
C5B FAD Q . -54.67 19.69 55.14
C4B FAD Q . -53.78 20.91 54.97
O4B FAD Q . -53.66 21.67 56.16
C3B FAD Q . -52.36 20.62 54.58
O3B FAD Q . -52.17 21.61 53.60
C2B FAD Q . -51.56 20.85 55.86
O2B FAD Q . -50.29 21.39 55.72
C1B FAD Q . -52.33 21.98 56.44
N9A FAD Q . -52.33 22.07 57.90
C8A FAD Q . -52.57 21.11 58.84
N7A FAD Q . -52.60 21.64 60.06
C5A FAD Q . -52.38 22.94 59.87
C6A FAD Q . -52.28 23.96 60.74
N6A FAD Q . -52.45 23.70 62.01
N1A FAD Q . -52.04 25.22 60.23
C2A FAD Q . -51.91 25.51 58.89
N3A FAD Q . -52.00 24.50 58.02
C4A FAD Q . -52.22 23.26 58.52
N1 FAD Q . -58.42 11.04 47.54
C2 FAD Q . -59.31 10.91 46.50
O2 FAD Q . -60.45 11.33 46.59
N3 FAD Q . -58.91 10.29 45.36
C4 FAD Q . -57.62 9.82 45.25
O4 FAD Q . -57.27 9.37 44.16
C4X FAD Q . -56.71 9.95 46.30
N5 FAD Q . -55.42 9.48 46.17
C5X FAD Q . -54.52 9.62 47.19
C6 FAD Q . -53.23 9.15 47.06
C7 FAD Q . -52.34 9.30 48.09
C7M FAD Q . -50.97 8.74 48.02
C8 FAD Q . -52.70 9.93 49.25
C8M FAD Q . -51.62 10.52 50.10
C9 FAD Q . -54.00 10.39 49.38
C9A FAD Q . -54.93 10.25 48.37
N10 FAD Q . -56.25 10.73 48.50
C10 FAD Q . -57.13 10.58 47.45
C1' FAD Q . -56.78 11.27 49.80
C2' FAD Q . -57.04 12.75 49.70
O2' FAD Q . -55.83 13.42 49.59
C3' FAD Q . -57.67 13.32 50.94
O3' FAD Q . -59.02 12.93 51.00
C4' FAD Q . -57.57 14.85 50.93
O4' FAD Q . -56.23 15.18 50.77
C5' FAD Q . -58.07 15.49 52.22
O5' FAD Q . -58.15 16.85 51.95
P FAD Q . -58.26 17.80 53.19
O1P FAD Q . -58.66 19.15 52.72
O2P FAD Q . -59.12 17.09 54.20
O3P FAD Q . -56.86 17.70 53.89
PA FAD R . -77.51 -0.35 8.93
O1A FAD R . -76.46 -0.24 9.91
O2A FAD R . -77.05 0.28 7.64
O5B FAD R . -77.90 -1.82 8.61
C5B FAD R . -78.63 -2.10 7.45
C4B FAD R . -78.42 -3.58 7.23
O4B FAD R . -79.48 -4.15 6.50
C3B FAD R . -77.17 -3.81 6.39
O3B FAD R . -76.45 -4.88 6.93
C2B FAD R . -77.65 -4.22 5.03
O2B FAD R . -76.84 -5.22 4.52
C1B FAD R . -78.97 -4.83 5.35
N9A FAD R . -80.00 -4.69 4.32
C8A FAD R . -80.47 -3.52 3.76
N7A FAD R . -81.47 -3.83 2.91
C5A FAD R . -81.65 -5.19 2.95
C6A FAD R . -82.53 -6.02 2.28
N6A FAD R . -83.55 -5.49 1.62
N1A FAD R . -82.48 -7.37 2.52
C2A FAD R . -81.57 -7.89 3.39
N3A FAD R . -80.71 -7.05 4.05
C4A FAD R . -80.75 -5.73 3.82
N1 FAD R . -73.21 5.96 14.10
C2 FAD R . -73.06 6.30 15.41
O2 FAD R . -74.03 6.27 16.17
N3 FAD R . -71.81 6.70 15.88
C4 FAD R . -70.71 6.75 15.05
O4 FAD R . -69.59 6.92 15.54
C4X FAD R . -70.89 6.36 13.73
N5 FAD R . -69.85 6.37 12.86
C5X FAD R . -70.04 6.02 11.55
C6 FAD R . -68.96 6.06 10.68
C7 FAD R . -69.07 5.67 9.36
C7M FAD R . -67.82 5.51 8.54
C8 FAD R . -70.33 5.26 8.90
C8M FAD R . -70.48 4.60 7.55
C9 FAD R . -71.40 5.22 9.78
C9A FAD R . -71.27 5.61 11.10
N10 FAD R . -72.35 5.59 11.98
C10 FAD R . -72.14 5.98 13.27
C1' FAD R . -73.79 5.48 11.54
C2' FAD R . -74.35 4.11 11.90
O2' FAD R . -73.54 3.13 11.30
C3' FAD R . -75.76 3.90 11.45
O3' FAD R . -76.46 4.94 12.01
C4' FAD R . -76.35 2.62 12.01
O4' FAD R . -75.54 1.61 11.52
C5' FAD R . -77.84 2.50 11.65
O5' FAD R . -78.32 1.20 11.78
P FAD R . -79.41 0.57 10.83
O1P FAD R . -80.00 -0.65 11.40
O2P FAD R . -80.44 1.64 10.48
O3P FAD R . -78.85 0.25 9.40
PA FAD S . -13.20 -18.67 52.56
O1A FAD S . -11.97 -18.37 51.81
O2A FAD S . -14.08 -19.71 51.89
O5B FAD S . -12.75 -19.21 53.96
C5B FAD S . -13.59 -19.92 54.83
C4B FAD S . -12.62 -20.66 55.75
O4B FAD S . -13.26 -21.23 56.87
C3B FAD S . -11.89 -21.81 55.13
O3B FAD S . -10.60 -21.59 55.64
C2B FAD S . -12.57 -23.04 55.70
O2B FAD S . -11.76 -24.14 55.95
C1B FAD S . -12.88 -22.56 57.08
N9A FAD S . -14.06 -23.14 57.71
C8A FAD S . -15.33 -23.30 57.21
N7A FAD S . -16.14 -23.77 58.16
C5A FAD S . -15.37 -23.87 59.25
C6A FAD S . -15.65 -24.29 60.49
N6A FAD S . -16.88 -24.65 60.75
N1A FAD S . -14.62 -24.28 61.42
C2A FAD S . -13.34 -23.86 61.15
N3A FAD S . -13.06 -23.44 59.92
C4A FAD S . -14.07 -23.46 59.01
N1 FAD S . -12.13 -13.59 44.61
C2 FAD S . -11.65 -12.36 44.24
O2 FAD S . -11.97 -11.34 44.82
N3 FAD S . -10.80 -12.28 43.18
C4 FAD S . -10.42 -13.43 42.52
O4 FAD S . -9.55 -13.32 41.64
C4X FAD S . -10.90 -14.68 42.90
N5 FAD S . -10.51 -15.82 42.23
C5X FAD S . -10.97 -17.05 42.61
C6 FAD S . -10.57 -18.17 41.93
C7 FAD S . -11.03 -19.41 42.33
C7M FAD S . -10.70 -20.65 41.59
C8 FAD S . -11.88 -19.53 43.39
C8M FAD S . -11.95 -20.86 44.10
C9 FAD S . -12.29 -18.39 44.06
C9A FAD S . -11.85 -17.13 43.69
N10 FAD S . -12.25 -15.97 44.38
C10 FAD S . -11.75 -14.75 43.96
C1' FAD S . -13.32 -16.00 45.43
C2' FAD S . -12.73 -15.68 46.79
O2' FAD S . -11.91 -16.74 47.18
C3' FAD S . -13.76 -15.60 47.87
O3' FAD S . -14.47 -14.39 47.74
C4' FAD S . -13.10 -15.67 49.25
O4' FAD S . -12.33 -16.82 49.29
C5' FAD S . -14.10 -15.71 50.39
O5' FAD S . -13.37 -15.51 51.55
P FAD S . -14.05 -15.89 52.91
O1P FAD S . -13.27 -15.31 54.03
O2P FAD S . -15.51 -15.51 52.76
O3P FAD S . -14.16 -17.46 52.87
PA FAD T . 8.89 17.93 22.03
O1A FAD T . 8.55 16.51 22.06
O2A FAD T . 10.37 18.23 22.17
O5B FAD T . 8.40 18.47 20.62
C5B FAD T . 8.84 19.68 20.05
C4B FAD T . 8.56 19.50 18.57
O4B FAD T . 8.67 20.71 17.85
C3B FAD T . 9.47 18.56 17.84
O3B FAD T . 8.52 17.87 17.06
C2B FAD T . 10.39 19.47 17.04
O2B FAD T . 10.78 19.00 15.79
C1B FAD T . 9.44 20.55 16.69
N9A FAD T . 10.03 21.87 16.52
C8A FAD T . 10.91 22.56 17.31
N7A FAD T . 11.09 23.80 16.84
C5A FAD T . 10.33 23.87 15.76
C6A FAD T . 10.12 24.87 14.89
N6A FAD T . 10.74 26.00 15.10
N1A FAD T . 9.24 24.65 13.84
C2A FAD T . 8.54 23.47 13.65
N3A FAD T . 8.74 22.48 14.51
C4A FAD T . 9.62 22.69 15.53
N1 FAD T . 8.62 12.09 29.48
C2 FAD T . 7.68 11.46 30.27
O2 FAD T . 6.73 12.06 30.73
N3 FAD T . 7.83 10.14 30.52
C4 FAD T . 8.89 9.44 30.00
O4 FAD T . 8.92 8.21 30.18
C4X FAD T . 9.84 10.07 29.21
N5 FAD T . 10.90 9.36 28.68
C5X FAD T . 11.82 9.97 27.89
C6 FAD T . 12.89 9.25 27.37
C7 FAD T . 13.81 9.88 26.56
C7M FAD T . 15.00 9.16 26.04
C8 FAD T . 13.69 11.21 26.27
C8M FAD T . 14.38 11.71 25.03
C9 FAD T . 12.64 11.93 26.82
C9A FAD T . 11.69 11.33 27.63
N10 FAD T . 10.60 12.06 28.16
C10 FAD T . 9.69 11.41 28.95
C1' FAD T . 10.52 13.56 28.03
C2' FAD T . 9.36 13.93 27.14
O2' FAD T . 9.64 13.55 25.84
C3' FAD T . 9.15 15.42 27.06
O3' FAD T . 8.57 15.88 28.25
C4' FAD T . 8.23 15.77 25.87
O4' FAD T . 8.79 15.20 24.73
C5' FAD T . 8.08 17.26 25.65
O5' FAD T . 7.05 17.40 24.74
P FAD T . 6.92 18.79 24.02
O1P FAD T . 5.61 18.86 23.35
O2P FAD T . 7.28 19.82 25.06
O3P FAD T . 8.18 18.87 23.08
PA FAD U . -35.87 19.32 -23.61
O1A FAD U . -34.72 18.39 -23.72
O2A FAD U . -35.46 20.55 -22.78
O5B FAD U . -36.50 19.77 -25.03
C5B FAD U . -37.29 20.92 -25.22
C4B FAD U . -36.80 21.67 -26.47
O4B FAD U . -37.79 22.53 -26.98
C3B FAD U . -35.55 22.55 -26.30
O3B FAD U . -34.60 22.27 -27.31
C2B FAD U . -36.06 23.98 -26.45
O2B FAD U . -35.17 24.86 -27.12
C1B FAD U . -37.26 23.79 -27.34
N9A FAD U . -38.31 24.78 -27.15
C8A FAD U . -38.73 25.32 -25.97
N7A FAD U . -39.74 26.16 -26.25
C5A FAD U . -39.97 26.18 -27.59
C6A FAD U . -40.89 26.84 -28.42
N6A FAD U . -41.75 27.70 -27.93
N1A FAD U . -40.89 26.60 -29.76
C2A FAD U . -39.99 25.73 -30.32
N3A FAD U . -39.07 25.08 -29.52
C4A FAD U . -39.07 25.29 -28.17
N1 FAD U . -31.90 13.02 -17.92
C2 FAD U . -31.78 11.68 -17.82
O2 FAD U . -32.76 11.00 -17.95
N3 FAD U . -30.57 11.09 -17.58
C4 FAD U . -29.45 11.86 -17.45
O4 FAD U . -28.34 11.34 -17.35
C4X FAD U . -29.55 13.24 -17.53
N5 FAD U . -28.46 14.01 -17.40
C5X FAD U . -28.57 15.37 -17.50
C6 FAD U . -27.43 16.15 -17.35
C7 FAD U . -27.53 17.53 -17.45
C7M FAD U . -26.32 18.41 -17.62
C8 FAD U . -28.74 18.13 -17.69
C8M FAD U . -28.71 19.57 -18.09
C9 FAD U . -29.89 17.34 -17.84
C9A FAD U . -29.80 15.97 -17.72
N10 FAD U . -30.91 15.19 -17.87
C10 FAD U . -30.79 13.83 -17.76
C1' FAD U . -32.25 15.83 -17.98
C2' FAD U . -32.81 15.70 -19.36
O2' FAD U . -32.05 16.46 -20.20
C3' FAD U . -34.17 16.31 -19.49
O3' FAD U . -35.05 15.74 -18.53
C4' FAD U . -34.70 15.96 -20.86
O4' FAD U . -33.87 16.56 -21.81
C5' FAD U . -36.13 16.45 -21.05
O5' FAD U . -36.45 16.45 -22.41
P FAD U . -37.69 17.24 -22.92
O1P FAD U . -38.03 16.80 -24.27
O2P FAD U . -38.89 17.11 -22.01
O3P FAD U . -37.15 18.71 -22.87
PA FAD V . -15.86 -28.32 -11.66
O1A FAD V . -15.66 -26.89 -11.86
O2A FAD V . -15.12 -29.24 -12.63
O5B FAD V . -15.50 -28.70 -10.18
C5B FAD V . -15.36 -30.02 -9.80
C4B FAD V . -14.43 -30.14 -8.60
O4B FAD V . -14.38 -31.51 -8.31
C3B FAD V . -12.98 -29.82 -8.88
O3B FAD V . -12.42 -29.03 -7.86
C2B FAD V . -12.24 -31.14 -8.89
O2B FAD V . -11.00 -30.95 -8.28
C1B FAD V . -13.08 -31.87 -7.92
N9A FAD V . -13.08 -33.32 -7.91
C8A FAD V . -13.38 -34.08 -8.97
N7A FAD V . -13.44 -35.33 -8.53
C5A FAD V . -13.24 -35.36 -7.20
C6A FAD V . -13.18 -36.37 -6.30
N6A FAD V . -13.50 -37.57 -6.71
N1A FAD V . -12.94 -36.15 -5.00
C2A FAD V . -12.74 -34.87 -4.57
N3A FAD V . -12.80 -33.84 -5.49
C4A FAD V . -13.04 -34.09 -6.80
N1 FAD V . -18.43 -21.28 -17.45
C2 FAD V . -19.30 -20.22 -17.44
O2 FAD V . -20.47 -20.41 -17.12
N3 FAD V . -18.87 -18.97 -17.82
C4 FAD V . -17.58 -18.78 -18.21
O4 FAD V . -17.29 -17.66 -18.55
C4X FAD V . -16.67 -19.84 -18.21
N5 FAD V . -15.36 -19.68 -18.62
C5X FAD V . -14.52 -20.77 -18.61
C6 FAD V . -13.19 -20.58 -18.98
C7 FAD V . -12.33 -21.68 -18.95
C7M FAD V . -10.95 -21.61 -19.52
C8 FAD V . -12.80 -22.93 -18.57
C8M FAD V . -11.83 -24.06 -18.47
C9 FAD V . -14.12 -23.11 -18.20
C9A FAD V . -14.98 -22.04 -18.22
N10 FAD V . -16.29 -22.20 -17.84
C10 FAD V . -17.12 -21.11 -17.84
C1' FAD V . -16.86 -23.53 -17.52
C2' FAD V . -17.12 -23.57 -16.03
O2' FAD V . -15.89 -23.25 -15.40
C3' FAD V . -17.61 -24.92 -15.59
O3' FAD V . -18.80 -25.13 -16.28
C4' FAD V . -17.94 -24.97 -14.14
O4' FAD V . -16.70 -24.92 -13.56
C5' FAD V . -18.51 -26.31 -13.78
O5' FAD V . -18.38 -26.55 -12.40
P FAD V . -18.68 -27.98 -11.81
O1P FAD V . -19.07 -27.86 -10.44
O2P FAD V . -19.69 -28.77 -12.58
O3P FAD V . -17.34 -28.78 -11.83
PA FAD W . 71.35 19.97 -64.80
O1A FAD W . 70.62 19.11 -63.88
O2A FAD W . 72.44 20.80 -64.13
O5B FAD W . 72.02 19.02 -65.87
C5B FAD W . 73.08 19.41 -66.70
C4B FAD W . 73.70 18.09 -67.14
O4B FAD W . 74.62 18.25 -68.19
C3B FAD W . 74.50 17.38 -66.07
O3B FAD W . 74.05 16.06 -66.29
C2B FAD W . 75.95 17.61 -66.47
O2B FAD W . 76.82 16.56 -66.22
C1B FAD W . 75.83 17.58 -67.95
N9A FAD W . 76.79 18.39 -68.68
C8A FAD W . 77.18 19.69 -68.50
N7A FAD W . 78.00 20.07 -69.46
C5A FAD W . 78.12 19.02 -70.26
C6A FAD W . 78.82 18.82 -71.39
N6A FAD W . 79.53 19.82 -71.84
N1A FAD W . 78.74 17.59 -72.01
C2A FAD W . 77.96 16.54 -71.54
N3A FAD W . 77.26 16.73 -70.43
C4A FAD W . 77.35 17.94 -69.82
N1 FAD W . 64.75 22.31 -58.40
C2 FAD W . 63.39 22.21 -58.24
O2 FAD W . 62.63 22.52 -59.13
N3 FAD W . 62.90 21.74 -57.06
C4 FAD W . 63.77 21.37 -56.06
O4 FAD W . 63.28 20.84 -55.05
C4X FAD W . 65.15 21.46 -56.21
N5 FAD W . 66.00 21.07 -55.19
C5X FAD W . 67.36 21.16 -55.36
C6 FAD W . 68.19 20.78 -54.34
C7 FAD W . 69.56 20.86 -54.52
C7M FAD W . 70.50 20.53 -53.41
C8 FAD W . 70.09 21.32 -55.69
C8M FAD W . 71.50 20.92 -56.03
C9 FAD W . 69.24 21.71 -56.70
C9A FAD W . 67.85 21.65 -56.56
N10 FAD W . 66.99 22.04 -57.60
C10 FAD W . 65.63 21.93 -57.41
C1' FAD W . 67.49 22.73 -58.85
C2' FAD W . 67.31 21.82 -60.04
O2' FAD W . 68.18 20.74 -59.94
C3' FAD W . 67.69 22.49 -61.34
O3' FAD W . 66.70 23.42 -61.69
C4' FAD W . 67.85 21.44 -62.44
O4' FAD W . 68.76 20.49 -62.00
C5' FAD W . 68.37 22.03 -63.75
O5' FAD W . 68.22 21.03 -64.71
P FAD W . 69.01 21.20 -66.04
O1P FAD W . 68.47 20.23 -67.04
O2P FAD W . 68.98 22.67 -66.35
O3P FAD W . 70.51 21.01 -65.64
PA FAD X . 25.10 14.81 -40.69
O1A FAD X . 26.52 14.82 -40.40
O2A FAD X . 24.46 13.43 -40.59
O5B FAD X . 24.42 15.76 -39.63
C5B FAD X . 23.04 15.75 -39.35
C4B FAD X . 22.95 16.41 -37.99
O4B FAD X . 21.62 16.75 -37.63
C3B FAD X . 23.43 15.56 -36.84
O3B FAD X . 24.15 16.52 -36.12
C2B FAD X . 22.15 15.11 -36.14
O2B FAD X . 22.20 15.00 -34.76
C1B FAD X . 21.31 16.32 -36.33
N9A FAD X . 19.87 16.09 -36.43
C8A FAD X . 19.17 15.18 -37.17
N7A FAD X . 17.86 15.39 -37.04
C5A FAD X . 17.75 16.43 -36.22
C6A FAD X . 16.68 17.07 -35.74
N6A FAD X . 15.50 16.66 -36.11
N1A FAD X . 16.89 18.15 -34.89
C2A FAD X . 18.14 18.62 -34.52
N3A FAD X . 19.21 17.98 -35.00
C4A FAD X . 19.00 16.92 -35.83
N1 FAD X . 32.31 11.76 -46.05
C2 FAD X . 33.32 12.29 -46.82
O2 FAD X . 33.11 13.18 -47.62
N3 FAD X . 34.58 11.83 -46.65
C4 FAD X . 34.83 10.83 -45.73
O4 FAD X . 36.01 10.51 -45.53
C4X FAD X . 33.80 10.28 -44.95
N5 FAD X . 34.07 9.30 -44.02
C5X FAD X . 33.06 8.78 -43.26
C6 FAD X . 33.34 7.79 -42.34
C7 FAD X . 32.32 7.27 -41.57
C7M FAD X . 32.55 6.15 -40.62
C8 FAD X . 31.04 7.73 -41.69
C8M FAD X . 30.11 7.54 -40.53
C9 FAD X . 30.77 8.71 -42.63
C9A FAD X . 31.76 9.26 -43.43
N10 FAD X . 31.50 10.27 -44.37
C10 FAD X . 32.54 10.77 -45.12
C1' FAD X . 30.09 10.70 -44.70
C2' FAD X . 29.85 12.11 -44.23
O2' FAD X . 29.84 12.13 -42.84
C3' FAD X . 28.50 12.63 -44.62
O3' FAD X . 28.49 12.93 -45.99
C4' FAD X . 28.16 13.90 -43.81
O4' FAD X . 28.28 13.57 -42.46
C5' FAD X . 26.75 14.40 -44.06
O5' FAD X . 26.69 15.66 -43.48
P FAD X . 25.27 16.27 -43.23
O1P FAD X . 25.41 17.71 -42.91
O2P FAD X . 24.43 15.85 -44.40
O3P FAD X . 24.64 15.37 -42.10
PA FAD Y . 58.62 -6.83 19.32
O1A FAD Y . 58.89 -7.92 18.39
O2A FAD Y . 58.40 -7.29 20.75
O5B FAD Y . 59.89 -5.88 19.28
C5B FAD Y . 60.17 -4.93 20.27
C4B FAD Y . 61.66 -4.66 20.09
O4B FAD Y . 62.10 -3.53 20.81
C3B FAD Y . 62.56 -5.77 20.56
O3B FAD Y . 63.48 -5.78 19.49
C2B FAD Y . 63.16 -5.24 21.86
O2B FAD Y . 64.46 -5.59 22.13
C1B FAD Y . 63.26 -3.80 21.56
N9A FAD Y . 63.14 -2.88 22.67
C8A FAD Y . 62.21 -2.84 23.69
N7A FAD Y . 62.40 -1.78 24.45
C5A FAD Y . 63.44 -1.15 23.92
C6A FAD Y . 64.08 -0.02 24.27
N6A FAD Y . 63.63 0.64 25.30
N1A FAD Y . 65.15 0.40 23.49
C2A FAD Y . 65.60 -0.27 22.37
N3A FAD Y . 64.96 -1.39 22.01
C4A FAD Y . 63.92 -1.79 22.78
N1 FAD Y . 52.61 -13.21 15.70
C2 FAD Y . 51.99 -13.47 14.51
O2 FAD Y . 51.41 -12.60 13.89
N3 FAD Y . 52.03 -14.73 14.00
C4 FAD Y . 52.68 -15.72 14.71
O4 FAD Y . 52.78 -16.84 14.15
C4X FAD Y . 53.31 -15.47 15.91
N5 FAD Y . 53.99 -16.47 16.59
C5X FAD Y . 54.61 -16.22 17.77
C6 FAD Y . 55.28 -17.23 18.43
C7 FAD Y . 55.92 -16.95 19.62
C7M FAD Y . 56.57 -18.01 20.42
C8 FAD Y . 55.92 -15.68 20.14
C8M FAD Y . 57.01 -15.33 21.11
C9 FAD Y . 55.23 -14.68 19.48
C9A FAD Y . 54.58 -14.92 18.28
N10 FAD Y . 53.91 -13.89 17.59
C10 FAD Y . 53.29 -14.19 16.40
C1' FAD Y . 53.71 -12.52 18.19
C2' FAD Y . 54.50 -11.49 17.43
O2' FAD Y . 55.85 -11.71 17.64
C3' FAD Y . 54.25 -10.10 17.91
O3' FAD Y . 52.99 -9.67 17.47
C4' FAD Y . 55.34 -9.15 17.37
O4' FAD Y . 56.58 -9.68 17.75
C5' FAD Y . 55.23 -7.74 17.93
O5' FAD Y . 56.10 -6.97 17.18
P FAD Y . 56.50 -5.57 17.75
O1P FAD Y . 57.14 -4.76 16.69
O2P FAD Y . 55.26 -5.03 18.43
O3P FAD Y . 57.39 -5.90 19.01
#